data_5I8I
#
_entry.id   5I8I
#
_cell.length_a   105.740
_cell.length_b   181.940
_cell.length_c   549.820
_cell.angle_alpha   90.000
_cell.angle_beta   90.000
_cell.angle_gamma   90.000
#
_symmetry.space_group_name_H-M   'P 21 21 21'
#
_entity_poly.entity_id   1
_entity_poly.type   'polypeptide(L)'
_entity_poly.pdbx_seq_one_letter_code
;MESTLGWSVQDWLSFHSKSTPTKSLELLENLLKSQKPAPEDPAWISLIPVEDLHHQWNILQSKSNKEELPLYGVPIAVKD
NIDYKGLPTTAACPSYLYQPTRDSYVVELLRDAGAVVIGKTNLDQFATGLVGTRSPYGKTPCVFNDKYVSGGSSAGSASV
VGRGIVPLSLGTDTAGSGRVPAALNNLIGLKPTKGAFSCRGVVPACKSLDCVSVFALNLSDAEIAFKVMNKPDLLEDEYS
REFPKNPISQYPKDLTIAIPKEVPWFGETENPKLYTKAVASLKNTGAKIVVVDFEPLLELARCLYEGAWVAERYCATRDF
LATNPPESSLDETVVNIIKGAVKFDAADAFKFEYKRQGILQKVNLLLKDIDVLCVPTCPLNPKLEEVAQEPVLVNSRQGT
WTNFVNLADLAALAVPSGFRSDGLPNGITLIGKKFSDYALLDLAKRFFSVAFPNNSRTYGKFVDRRITVEDELDGPSKDT
LNGVKLAVVGAHLKGLPLHWQLQKCNATYLSSPKTSNNYKLYALPKVGPVLKPGLRRVNDGTGSQIQLEVYSVPYDRFGD
FIAMVPEPLGIGSVELESGEWVKSFICEEFGYTQQGTVDITKFGGFKPYIEHIQVTEAQKKKPFETVLIANRGEIAVRIM
KTLKRMGIKSVAVYSDPDKYSQHVTDADFSVALHGRTAAETYLDIDKIINAAKKTGAQAIIPGYGFLSENADFSDRCSQE
NIVFVGPSGDAIRKLGLKHSAREIAERAKVPLVPGSGLIKDAKEAKEVAKKLEYPVMVKSTAGGGGIGLQKVDSEDDIER
VFETVQHQGKSYFGDAGVFMERFVNNARHVEIQMMGDGFGKAIAIGERDCSLQRRNQKVIEETPAPNLPEATRAKMRAAS
ERLGSLLKYKCAGTVEFIYDEQRDEFYFLEVNARLQVEHPITEMVTGLDLVEWMLRIAANDSPDFDNTKIEVSGASIEAR
LYAENPVKDFRPSPGQLTSVSFPSWARVDTWVKKGTNVSAEYDPTLAKIIVHGKDRNDAIMKLNQALNETAVYGCITNID
YLRSIASSKMFKEAKVATKVLDSFDYKPCAFEVLAPGANTSVQDYPGRTGYWRIGVPPSGPMDSYSFRLANRVVGNNSKS
PALEITLNGPKLLFHTETVIAVSGGTVSCTLNDAQIAQNEPIEVKRGDILSVGKVTVGCRAYLSIRGGIDVPEYLGSRST
FAMGNMGGYNGRILKLGDVLFLNQPELSVSSLPAPDFEPQAAPKSLLPTLSTNKDWKIGVTCGPHGSIDLFKEEYIEQFF
NDKWKVHYNSNRFGVRLIGPKPKWARSDGGEAGLHPSNAHDYVYSLGAINFTGDEPVIITCDGPSLGGFVCQAVVAEAEL
WKVGQLTPGDTIQFVPLSYGVARQLKESQDKSIDNFEEGSLLELSDDKILPKYENPILAVLPKKSDLSPKVTYRQAGDRY
ILVEYGELEFDLNICYRINRLIHQVERHQTVGIVEMSQGVRSVLIEFDGSKINQKALLKCLIAYESEIQFDKNWNVKSKI
FKLPMAFEDSKTLDCVTRYRETIRSEAPWLPNNVDFIADVNDIDRNDVKNMLYSAKFMVLGLGDVFLGSPCAVPLDPRHR
YLGTKYNPSRTYTARGVVGIGGMYMCIYNAEGSPGGYQLVGRTITAWDKLVIGDHPIDHPWLLTPFDQVEFYPVTEEELE
VIIEDNDNGKFKIDVEESIFDHKEYLAWINENIDSIVAFQEAQGGEKADEFARLIQVANAELKKSGDDKPQDVEEYPDDA
ELLYSEYTGRFWKPVAAVGDHVEAGDGVIIIEAMKTEMVVGATKSGKVYKILHKNGDMVEAGDLVAVIV
;
_entity_poly.pdbx_strand_id   A,B,C,D
#
# COMPACT_ATOMS: atom_id res chain seq x y z
N MET A 1 -56.51 39.98 -72.21
CA MET A 1 -55.17 40.44 -71.87
C MET A 1 -54.42 39.51 -70.92
N GLU A 2 -54.06 40.03 -69.74
CA GLU A 2 -52.95 39.50 -68.94
C GLU A 2 -53.32 39.26 -67.47
N SER A 3 -52.88 38.13 -66.92
CA SER A 3 -53.23 37.76 -65.55
C SER A 3 -52.51 38.59 -64.50
N THR A 4 -53.29 38.98 -63.51
CA THR A 4 -52.91 39.96 -62.52
C THR A 4 -52.91 39.34 -61.11
N LEU A 5 -53.49 38.15 -61.01
CA LEU A 5 -53.55 37.38 -59.76
C LEU A 5 -52.18 37.08 -59.13
N GLY A 6 -51.93 37.63 -57.95
CA GLY A 6 -50.71 37.30 -57.22
C GLY A 6 -49.57 38.24 -57.53
N TRP A 7 -49.88 39.40 -58.09
CA TRP A 7 -48.89 40.45 -58.30
C TRP A 7 -48.49 41.14 -56.99
N SER A 8 -47.19 41.26 -56.75
CA SER A 8 -46.68 42.22 -55.76
C SER A 8 -47.01 43.65 -56.12
N VAL A 9 -46.90 44.54 -55.14
CA VAL A 9 -46.89 45.97 -55.40
C VAL A 9 -45.92 46.33 -56.53
N GLN A 10 -44.72 45.77 -56.50
CA GLN A 10 -43.70 46.10 -57.51
C GLN A 10 -44.15 45.66 -58.90
N ASP A 11 -44.73 44.47 -58.98
CA ASP A 11 -45.32 44.00 -60.24
C ASP A 11 -46.28 45.02 -60.83
N TRP A 12 -47.21 45.51 -60.01
CA TRP A 12 -48.13 46.55 -60.44
C TRP A 12 -47.47 47.84 -60.89
N LEU A 13 -46.47 48.32 -60.16
CA LEU A 13 -45.80 49.58 -60.51
C LEU A 13 -45.05 49.44 -61.82
N SER A 14 -44.40 48.30 -62.01
CA SER A 14 -43.68 48.04 -63.24
C SER A 14 -44.64 48.11 -64.42
N PHE A 15 -45.78 47.44 -64.33
CA PHE A 15 -46.78 47.56 -65.39
C PHE A 15 -47.11 49.01 -65.71
N HIS A 16 -47.38 49.81 -64.68
CA HIS A 16 -47.83 51.18 -64.88
C HIS A 16 -46.76 52.03 -65.57
N SER A 17 -45.50 51.81 -65.22
CA SER A 17 -44.45 52.63 -65.81
C SER A 17 -44.33 52.39 -67.31
N LYS A 18 -44.14 51.13 -67.70
CA LYS A 18 -44.10 50.77 -69.12
C LYS A 18 -45.43 50.77 -69.87
N SER A 19 -46.55 50.99 -69.19
CA SER A 19 -47.83 51.10 -69.91
C SER A 19 -48.32 52.54 -70.01
N THR A 20 -49.47 52.68 -70.66
CA THR A 20 -50.04 53.99 -70.94
C THR A 20 -51.14 54.18 -69.92
N PRO A 21 -51.44 55.44 -69.57
CA PRO A 21 -52.59 55.74 -68.72
C PRO A 21 -53.89 55.02 -69.10
N THR A 22 -54.06 54.59 -70.34
CA THR A 22 -55.33 53.97 -70.72
C THR A 22 -55.31 52.45 -70.57
N LYS A 23 -54.23 51.81 -71.01
CA LYS A 23 -54.10 50.36 -70.81
C LYS A 23 -53.85 49.96 -69.38
N SER A 24 -53.33 50.87 -68.55
CA SER A 24 -53.31 50.58 -67.14
C SER A 24 -54.66 50.81 -66.47
N LEU A 25 -55.42 51.83 -66.88
CA LEU A 25 -56.82 51.92 -66.42
C LEU A 25 -57.60 50.65 -66.78
N GLU A 26 -57.31 50.06 -67.94
CA GLU A 26 -58.08 48.92 -68.40
C GLU A 26 -57.80 47.72 -67.49
N LEU A 27 -56.55 47.56 -67.11
CA LEU A 27 -56.16 46.46 -66.24
C LEU A 27 -56.91 46.47 -64.91
N LEU A 28 -57.16 47.66 -64.37
CA LEU A 28 -57.86 47.78 -63.10
C LEU A 28 -59.35 47.59 -63.32
N GLU A 29 -59.87 48.14 -64.40
CA GLU A 29 -61.26 47.89 -64.80
C GLU A 29 -61.52 46.40 -64.96
N ASN A 30 -60.56 45.72 -65.55
CA ASN A 30 -60.65 44.29 -65.76
C ASN A 30 -60.59 43.50 -64.46
N LEU A 31 -59.67 43.89 -63.59
CA LEU A 31 -59.65 43.32 -62.24
C LEU A 31 -60.99 43.54 -61.53
N LEU A 32 -61.50 44.78 -61.54
CA LEU A 32 -62.79 45.06 -60.91
C LEU A 32 -63.92 44.19 -61.45
N LYS A 33 -63.99 44.03 -62.77
CA LYS A 33 -64.99 43.16 -63.38
C LYS A 33 -64.99 41.71 -62.89
N SER A 34 -63.81 41.15 -62.64
CA SER A 34 -63.72 39.76 -62.21
C SER A 34 -64.18 39.51 -60.77
N GLN A 35 -64.42 40.57 -60.01
CA GLN A 35 -64.82 40.42 -58.62
C GLN A 35 -66.33 40.45 -58.45
N LYS A 36 -66.82 39.67 -57.50
CA LYS A 36 -68.25 39.57 -57.28
C LYS A 36 -68.54 39.85 -55.81
N PRO A 37 -69.62 40.59 -55.54
CA PRO A 37 -69.94 41.01 -54.16
C PRO A 37 -70.74 40.04 -53.30
N ALA A 38 -71.38 40.63 -52.30
CA ALA A 38 -72.59 40.08 -51.67
C ALA A 38 -72.46 38.56 -51.26
N PRO A 39 -73.44 37.65 -51.55
CA PRO A 39 -73.08 36.31 -51.05
C PRO A 39 -72.28 35.45 -52.04
N GLU A 40 -72.22 35.89 -53.30
CA GLU A 40 -71.53 35.11 -54.33
C GLU A 40 -70.07 34.96 -53.95
N ASP A 41 -69.38 36.07 -53.69
CA ASP A 41 -68.07 36.00 -53.04
C ASP A 41 -68.23 36.58 -51.65
N PRO A 42 -68.19 35.72 -50.63
CA PRO A 42 -68.34 36.21 -49.25
C PRO A 42 -67.24 37.19 -48.82
N ALA A 43 -66.07 37.13 -49.46
CA ALA A 43 -64.97 38.04 -49.14
C ALA A 43 -65.27 39.54 -49.32
N TRP A 44 -66.21 39.87 -50.20
CA TRP A 44 -66.51 41.27 -50.48
C TRP A 44 -67.91 41.64 -49.98
N ILE A 45 -68.00 42.59 -49.06
CA ILE A 45 -69.29 43.15 -48.71
C ILE A 45 -69.73 44.01 -49.89
N SER A 46 -68.82 44.83 -50.40
CA SER A 46 -69.16 45.72 -51.51
C SER A 46 -67.93 46.04 -52.38
N LEU A 47 -68.20 46.47 -53.60
CA LEU A 47 -67.17 46.70 -54.59
C LEU A 47 -67.46 48.06 -55.20
N ILE A 48 -66.43 48.79 -55.63
CA ILE A 48 -66.66 50.08 -56.27
C ILE A 48 -67.33 49.97 -57.64
N PRO A 49 -68.18 50.95 -57.96
CA PRO A 49 -68.70 51.14 -59.32
C PRO A 49 -67.60 51.53 -60.28
N VAL A 50 -67.83 51.27 -61.55
CA VAL A 50 -66.85 51.61 -62.58
C VAL A 50 -66.62 53.12 -62.59
N GLU A 51 -67.69 53.89 -62.36
CA GLU A 51 -67.55 55.35 -62.28
C GLU A 51 -66.56 55.76 -61.19
N ASP A 52 -66.69 55.17 -60.01
CA ASP A 52 -65.74 55.45 -58.92
C ASP A 52 -64.31 55.10 -59.26
N LEU A 53 -64.09 53.95 -59.91
CA LEU A 53 -62.76 53.65 -60.41
C LEU A 53 -62.23 54.74 -61.32
N HIS A 54 -63.08 55.24 -62.19
CA HIS A 54 -62.68 56.37 -63.01
C HIS A 54 -62.33 57.59 -62.16
N HIS A 55 -63.22 57.96 -61.23
CA HIS A 55 -62.98 59.09 -60.33
C HIS A 55 -61.62 58.99 -59.63
N GLN A 56 -61.34 57.85 -59.03
CA GLN A 56 -60.08 57.65 -58.32
C GLN A 56 -58.92 57.80 -59.27
N TRP A 57 -59.08 57.27 -60.48
CA TRP A 57 -58.02 57.31 -61.48
C TRP A 57 -57.78 58.68 -62.07
N ASN A 58 -58.84 59.47 -62.24
CA ASN A 58 -58.71 60.85 -62.66
C ASN A 58 -57.97 61.59 -61.57
N ILE A 59 -58.48 61.52 -60.34
CA ILE A 59 -57.77 61.94 -59.13
C ILE A 59 -56.29 61.61 -59.16
N LEU A 60 -55.98 60.37 -59.47
CA LEU A 60 -54.61 59.92 -59.60
C LEU A 60 -53.69 60.59 -60.68
N GLN A 61 -54.24 60.77 -61.88
CA GLN A 61 -53.55 61.38 -63.03
C GLN A 61 -53.20 62.77 -62.78
N SER A 62 -54.12 63.29 -62.01
CA SER A 62 -54.04 64.60 -61.46
C SER A 62 -52.72 64.71 -60.74
N LYS A 63 -52.08 63.62 -60.28
CA LYS A 63 -50.85 63.84 -59.48
C LYS A 63 -49.48 64.05 -60.34
N SER A 64 -48.50 64.94 -60.01
CA SER A 64 -47.38 65.37 -60.98
C SER A 64 -46.04 64.88 -60.55
N ASN A 65 -45.98 63.73 -59.93
CA ASN A 65 -44.72 63.27 -59.44
C ASN A 65 -44.97 61.82 -59.24
N LYS A 66 -45.97 61.36 -59.97
CA LYS A 66 -46.23 59.95 -60.07
C LYS A 66 -44.87 59.42 -60.44
N GLU A 67 -44.52 58.23 -59.94
CA GLU A 67 -43.17 57.67 -60.11
C GLU A 67 -42.34 58.19 -58.93
N GLU A 68 -43.06 58.62 -57.91
CA GLU A 68 -42.51 58.96 -56.60
C GLU A 68 -43.57 58.61 -55.59
N LEU A 69 -44.67 58.11 -56.12
CA LEU A 69 -45.80 57.67 -55.32
C LEU A 69 -45.64 56.16 -55.13
N PRO A 70 -45.34 55.74 -53.90
CA PRO A 70 -44.90 54.34 -53.76
C PRO A 70 -46.01 53.32 -53.96
N LEU A 71 -47.26 53.76 -54.05
CA LEU A 71 -48.36 52.86 -54.37
C LEU A 71 -49.16 53.28 -55.59
N TYR A 72 -48.51 53.90 -56.56
CA TYR A 72 -49.18 54.39 -57.77
C TYR A 72 -50.05 53.35 -58.46
N GLY A 73 -51.36 53.63 -58.50
CA GLY A 73 -52.33 52.79 -59.18
C GLY A 73 -52.36 51.35 -58.73
N VAL A 74 -52.11 51.16 -57.44
CA VAL A 74 -52.03 49.82 -56.87
C VAL A 74 -53.34 49.50 -56.17
N PRO A 75 -53.99 48.40 -56.57
CA PRO A 75 -55.29 48.22 -55.94
C PRO A 75 -55.18 47.63 -54.53
N ILE A 76 -56.10 48.01 -53.64
CA ILE A 76 -56.11 47.50 -52.27
C ILE A 76 -57.54 47.22 -51.80
N ALA A 77 -57.72 46.31 -50.84
CA ALA A 77 -59.03 46.13 -50.24
C ALA A 77 -59.01 46.75 -48.83
N VAL A 78 -60.14 47.26 -48.35
CA VAL A 78 -60.21 47.71 -46.95
C VAL A 78 -61.40 47.15 -46.18
N LYS A 79 -61.09 46.61 -45.01
CA LYS A 79 -62.08 46.04 -44.09
C LYS A 79 -63.25 47.02 -43.95
N ASP A 80 -64.46 46.49 -44.03
CA ASP A 80 -65.69 47.29 -44.03
C ASP A 80 -65.96 47.80 -42.63
N ASN A 81 -64.89 48.28 -42.04
CA ASN A 81 -64.64 48.58 -40.65
C ASN A 81 -64.13 49.98 -40.68
N ILE A 82 -63.61 50.31 -41.85
CA ILE A 82 -62.72 51.42 -42.08
C ILE A 82 -63.33 52.27 -43.20
N ASP A 83 -63.45 53.57 -43.00
CA ASP A 83 -64.16 54.39 -43.99
C ASP A 83 -63.36 54.62 -45.26
N TYR A 84 -64.02 54.38 -46.38
CA TYR A 84 -63.66 54.94 -47.67
C TYR A 84 -64.89 55.68 -48.16
N LYS A 85 -64.70 56.92 -48.60
CA LYS A 85 -65.83 57.78 -48.92
C LYS A 85 -66.61 57.33 -50.17
N GLY A 86 -65.93 56.74 -51.15
CA GLY A 86 -66.60 56.14 -52.29
C GLY A 86 -67.55 54.96 -52.07
N LEU A 87 -67.54 54.38 -50.89
CA LEU A 87 -68.39 53.22 -50.61
C LEU A 87 -69.06 53.31 -49.24
N PRO A 88 -70.16 52.56 -49.03
CA PRO A 88 -70.72 52.57 -47.66
C PRO A 88 -69.87 51.82 -46.65
N THR A 89 -70.10 52.11 -45.37
CA THR A 89 -69.44 51.38 -44.30
C THR A 89 -70.48 50.63 -43.48
N THR A 90 -70.18 49.38 -43.18
CA THR A 90 -71.20 48.46 -42.73
C THR A 90 -70.88 47.75 -41.38
N ALA A 91 -69.60 47.46 -41.10
CA ALA A 91 -69.18 46.65 -39.92
C ALA A 91 -69.79 45.25 -39.93
N ALA A 92 -70.05 44.76 -41.14
CA ALA A 92 -70.72 43.50 -41.42
C ALA A 92 -72.10 43.47 -40.79
N CYS A 93 -72.75 44.63 -40.73
CA CYS A 93 -74.11 44.71 -40.20
C CYS A 93 -75.04 45.51 -41.11
N PRO A 94 -75.81 44.82 -41.96
CA PRO A 94 -76.70 45.46 -42.94
C PRO A 94 -77.48 46.71 -42.48
N SER A 95 -78.17 46.70 -41.33
CA SER A 95 -78.90 47.90 -40.88
C SER A 95 -78.01 48.94 -40.18
N TYR A 96 -76.72 48.65 -40.01
CA TYR A 96 -75.82 49.62 -39.36
C TYR A 96 -75.25 50.54 -40.44
N LEU A 97 -75.40 50.10 -41.69
CA LEU A 97 -74.84 50.76 -42.87
C LEU A 97 -74.93 52.27 -42.78
N TYR A 98 -73.84 52.92 -43.15
CA TYR A 98 -73.82 54.37 -43.25
C TYR A 98 -72.83 54.81 -44.31
N GLN A 99 -73.02 56.03 -44.83
CA GLN A 99 -72.15 56.57 -45.87
C GLN A 99 -71.21 57.62 -45.29
N PRO A 100 -69.92 57.29 -45.20
CA PRO A 100 -68.98 58.31 -44.72
C PRO A 100 -68.74 59.38 -45.80
N THR A 101 -68.59 60.63 -45.37
CA THR A 101 -68.40 61.75 -46.29
C THR A 101 -66.94 62.06 -46.43
N ARG A 102 -66.11 61.20 -45.84
CA ARG A 102 -64.71 61.47 -45.66
C ARG A 102 -63.94 60.15 -45.56
N ASP A 103 -62.69 60.13 -46.00
CA ASP A 103 -61.86 58.93 -45.89
C ASP A 103 -61.32 58.73 -44.49
N SER A 104 -61.24 57.48 -44.02
CA SER A 104 -60.26 57.13 -42.99
C SER A 104 -58.98 57.92 -43.21
N TYR A 105 -58.29 58.29 -42.13
CA TYR A 105 -57.04 59.01 -42.32
C TYR A 105 -56.06 58.09 -42.98
N VAL A 106 -56.24 56.84 -42.59
CA VAL A 106 -55.41 55.75 -43.02
C VAL A 106 -55.60 55.50 -44.52
N VAL A 107 -56.85 55.42 -44.97
CA VAL A 107 -57.22 55.32 -46.39
C VAL A 107 -56.73 56.50 -47.19
N GLU A 108 -56.98 57.68 -46.65
CA GLU A 108 -56.55 58.93 -47.24
C GLU A 108 -55.05 58.94 -47.46
N LEU A 109 -54.29 58.47 -46.48
CA LEU A 109 -52.85 58.35 -46.66
C LEU A 109 -52.46 57.41 -47.80
N LEU A 110 -53.11 56.26 -47.88
CA LEU A 110 -52.76 55.29 -48.93
C LEU A 110 -53.09 55.83 -50.31
N ARG A 111 -54.24 56.49 -50.45
CA ARG A 111 -54.58 57.20 -51.68
C ARG A 111 -53.57 58.29 -52.04
N ASP A 112 -53.19 59.13 -51.07
CA ASP A 112 -52.10 60.10 -51.27
C ASP A 112 -50.85 59.43 -51.82
N ALA A 113 -50.68 58.15 -51.50
CA ALA A 113 -49.50 57.42 -51.93
C ALA A 113 -49.79 56.69 -53.24
N GLY A 114 -51.00 56.87 -53.76
CA GLY A 114 -51.34 56.40 -55.09
C GLY A 114 -52.24 55.18 -55.21
N ALA A 115 -52.67 54.61 -54.09
CA ALA A 115 -53.42 53.37 -54.16
C ALA A 115 -54.87 53.63 -54.58
N VAL A 116 -55.49 52.62 -55.17
CA VAL A 116 -56.92 52.64 -55.49
C VAL A 116 -57.69 51.56 -54.72
N VAL A 117 -58.72 52.01 -54.02
CA VAL A 117 -59.60 51.16 -53.23
C VAL A 117 -60.57 50.42 -54.15
N ILE A 118 -60.68 49.10 -54.00
CA ILE A 118 -61.52 48.30 -54.90
C ILE A 118 -62.84 47.89 -54.27
N GLY A 119 -62.85 47.74 -52.96
CA GLY A 119 -64.08 47.34 -52.29
C GLY A 119 -63.93 47.31 -50.79
N LYS A 120 -65.05 47.17 -50.10
CA LYS A 120 -65.00 46.94 -48.67
C LYS A 120 -65.10 45.45 -48.46
N THR A 121 -64.44 44.95 -47.42
CA THR A 121 -64.18 43.52 -47.31
C THR A 121 -64.88 42.99 -46.05
N ASN A 122 -65.34 41.74 -46.12
CA ASN A 122 -66.21 41.19 -45.08
C ASN A 122 -65.43 40.86 -43.80
N LEU A 123 -66.14 40.80 -42.67
CA LEU A 123 -65.51 40.65 -41.35
C LEU A 123 -66.54 40.07 -40.40
N ASP A 124 -66.10 39.41 -39.33
CA ASP A 124 -66.98 39.18 -38.19
C ASP A 124 -67.68 40.48 -37.82
N GLN A 125 -68.98 40.39 -37.54
CA GLN A 125 -69.79 41.57 -37.27
C GLN A 125 -69.21 42.37 -36.12
N PHE A 126 -69.10 43.69 -36.33
CA PHE A 126 -68.46 44.63 -35.42
C PHE A 126 -67.05 44.18 -34.99
N ALA A 127 -66.35 43.52 -35.91
CA ALA A 127 -64.96 43.10 -35.70
C ALA A 127 -64.77 42.21 -34.47
N THR A 128 -65.83 41.49 -34.11
CA THR A 128 -65.82 40.64 -32.92
C THR A 128 -65.67 39.14 -33.20
N GLY A 129 -64.43 38.68 -33.22
CA GLY A 129 -64.16 37.25 -33.28
C GLY A 129 -62.85 36.95 -33.97
N LEU A 130 -62.40 35.70 -33.91
CA LEU A 130 -61.18 35.32 -34.61
C LEU A 130 -61.42 34.29 -35.69
N VAL A 131 -62.69 34.08 -36.03
CA VAL A 131 -63.07 32.95 -36.87
C VAL A 131 -63.51 33.39 -38.27
N GLY A 132 -64.18 34.54 -38.38
CA GLY A 132 -64.57 34.99 -39.70
C GLY A 132 -65.91 34.45 -40.17
N THR A 133 -66.57 33.68 -39.31
CA THR A 133 -67.87 33.09 -39.61
C THR A 133 -69.07 33.93 -39.21
N ARG A 134 -68.83 35.06 -38.56
CA ARG A 134 -69.88 35.71 -37.81
C ARG A 134 -70.43 36.91 -38.56
N SER A 135 -70.78 36.68 -39.82
CA SER A 135 -71.24 37.74 -40.73
C SER A 135 -72.54 37.31 -41.43
N PRO A 136 -73.57 38.16 -41.38
CA PRO A 136 -74.74 37.85 -42.20
C PRO A 136 -74.47 37.97 -43.71
N TYR A 137 -73.28 38.44 -44.09
CA TYR A 137 -72.92 38.48 -45.50
C TYR A 137 -72.28 37.21 -46.02
N GLY A 138 -72.02 36.25 -45.15
CA GLY A 138 -71.39 35.03 -45.62
C GLY A 138 -70.15 34.65 -44.84
N LYS A 139 -69.86 33.35 -44.82
CA LYS A 139 -68.66 32.85 -44.18
C LYS A 139 -67.53 32.71 -45.19
N THR A 140 -66.46 33.45 -44.97
CA THR A 140 -65.35 33.43 -45.92
C THR A 140 -64.52 32.20 -45.66
N PRO A 141 -64.24 31.45 -46.72
CA PRO A 141 -63.46 30.24 -46.53
C PRO A 141 -61.96 30.47 -46.53
N CYS A 142 -61.24 29.54 -45.92
CA CYS A 142 -59.81 29.46 -46.06
C CYS A 142 -59.45 29.42 -47.54
N VAL A 143 -58.50 30.27 -47.91
CA VAL A 143 -58.07 30.40 -49.28
C VAL A 143 -57.55 29.10 -49.91
N PHE A 144 -57.35 28.07 -49.09
CA PHE A 144 -56.74 26.81 -49.54
C PHE A 144 -57.70 25.63 -49.63
N ASN A 145 -58.77 25.68 -48.86
CA ASN A 145 -59.68 24.54 -48.72
C ASN A 145 -61.01 25.06 -48.16
N ASP A 146 -62.06 25.04 -48.96
CA ASP A 146 -63.34 25.61 -48.54
C ASP A 146 -64.06 24.92 -47.37
N LYS A 147 -63.50 23.83 -46.85
CA LYS A 147 -64.08 23.23 -45.65
C LYS A 147 -63.68 24.04 -44.42
N TYR A 148 -62.56 24.76 -44.55
CA TYR A 148 -61.98 25.54 -43.46
C TYR A 148 -62.29 27.02 -43.43
N VAL A 149 -62.28 27.52 -42.20
CA VAL A 149 -62.44 28.93 -41.85
C VAL A 149 -61.29 29.81 -42.33
N SER A 150 -61.59 31.06 -42.67
CA SER A 150 -60.56 31.97 -43.15
C SER A 150 -59.83 32.63 -42.00
N GLY A 151 -60.44 32.62 -40.82
CA GLY A 151 -59.90 33.32 -39.68
C GLY A 151 -60.54 34.69 -39.63
N GLY A 152 -60.61 35.30 -38.46
CA GLY A 152 -61.14 36.65 -38.40
C GLY A 152 -60.41 37.49 -37.38
N SER A 153 -60.97 38.66 -37.05
CA SER A 153 -62.20 39.16 -37.67
C SER A 153 -62.02 39.74 -39.08
N SER A 154 -60.78 39.93 -39.51
CA SER A 154 -60.49 40.54 -40.82
C SER A 154 -60.57 39.56 -41.98
N ALA A 155 -61.69 38.84 -42.09
CA ALA A 155 -61.78 37.68 -43.00
C ALA A 155 -61.68 37.98 -44.49
N GLY A 156 -62.47 38.92 -44.96
CA GLY A 156 -62.39 39.34 -46.35
C GLY A 156 -60.98 39.73 -46.75
N SER A 157 -60.32 40.51 -45.91
CA SER A 157 -59.01 41.05 -46.25
C SER A 157 -57.94 39.99 -46.43
N ALA A 158 -58.02 38.93 -45.64
CA ALA A 158 -57.06 37.85 -45.78
C ALA A 158 -57.30 37.07 -47.05
N SER A 159 -58.57 36.71 -47.27
CA SER A 159 -58.99 35.93 -48.43
C SER A 159 -58.49 36.58 -49.69
N VAL A 160 -58.97 37.79 -49.86
CA VAL A 160 -58.61 38.63 -50.98
C VAL A 160 -57.11 38.75 -51.26
N VAL A 161 -56.29 38.94 -50.22
CA VAL A 161 -54.84 38.97 -50.42
C VAL A 161 -54.30 37.58 -50.70
N GLY A 162 -54.67 36.62 -49.86
CA GLY A 162 -54.29 35.23 -50.07
C GLY A 162 -54.40 34.64 -51.46
N ARG A 163 -55.39 35.08 -52.26
CA ARG A 163 -55.50 34.59 -53.63
C ARG A 163 -55.04 35.66 -54.63
N GLY A 164 -54.45 36.74 -54.13
CA GLY A 164 -53.73 37.67 -54.99
C GLY A 164 -54.54 38.58 -55.88
N ILE A 165 -55.81 38.78 -55.51
CA ILE A 165 -56.67 39.74 -56.18
C ILE A 165 -55.99 41.09 -56.07
N VAL A 166 -55.38 41.30 -54.91
CA VAL A 166 -54.94 42.61 -54.48
C VAL A 166 -53.70 42.36 -53.59
N PRO A 167 -52.62 43.15 -53.74
CA PRO A 167 -51.39 42.78 -53.02
C PRO A 167 -51.33 43.29 -51.58
N LEU A 168 -52.26 44.16 -51.20
CA LEU A 168 -52.33 44.68 -49.85
C LEU A 168 -53.77 44.86 -49.41
N SER A 169 -54.04 44.58 -48.14
CA SER A 169 -55.34 44.95 -47.59
C SER A 169 -55.25 45.41 -46.14
N LEU A 170 -56.24 46.19 -45.73
CA LEU A 170 -56.37 46.68 -44.35
C LEU A 170 -57.29 45.82 -43.50
N GLY A 171 -56.84 45.54 -42.28
CA GLY A 171 -57.71 44.97 -41.27
C GLY A 171 -57.64 45.78 -39.99
N THR A 172 -58.13 45.18 -38.92
CA THR A 172 -58.03 45.77 -37.60
C THR A 172 -57.71 44.64 -36.63
N ASP A 173 -57.11 44.98 -35.50
CA ASP A 173 -56.66 43.97 -34.55
C ASP A 173 -56.73 44.52 -33.14
N THR A 174 -57.60 43.91 -32.34
CA THR A 174 -57.65 44.21 -30.92
C THR A 174 -56.93 43.08 -30.19
N ALA A 175 -57.30 41.84 -30.54
CA ALA A 175 -56.81 40.69 -29.81
C ALA A 175 -56.60 39.53 -30.77
N GLY A 176 -56.12 39.83 -31.99
CA GLY A 176 -55.77 38.79 -32.93
C GLY A 176 -56.24 38.92 -34.37
N SER A 177 -57.14 39.86 -34.64
CA SER A 177 -57.84 39.93 -35.92
C SER A 177 -56.98 40.27 -37.14
N GLY A 178 -55.73 40.64 -36.90
CA GLY A 178 -54.84 40.89 -38.01
C GLY A 178 -53.71 39.87 -38.05
N ARG A 179 -53.73 38.94 -37.10
CA ARG A 179 -52.70 37.90 -37.04
C ARG A 179 -53.19 36.50 -37.39
N VAL A 180 -54.31 36.09 -36.80
CA VAL A 180 -54.84 34.75 -37.06
C VAL A 180 -55.13 34.51 -38.55
N PRO A 181 -55.84 35.44 -39.22
CA PRO A 181 -56.10 35.17 -40.64
C PRO A 181 -54.85 35.13 -41.54
N ALA A 182 -53.72 35.65 -41.04
CA ALA A 182 -52.49 35.61 -41.81
C ALA A 182 -51.94 34.20 -41.78
N ALA A 183 -51.98 33.59 -40.60
CA ALA A 183 -51.49 32.23 -40.44
C ALA A 183 -52.30 31.27 -41.30
N LEU A 184 -53.63 31.36 -41.21
CA LEU A 184 -54.51 30.45 -41.94
C LEU A 184 -54.53 30.65 -43.45
N ASN A 185 -53.82 31.65 -43.93
CA ASN A 185 -53.89 31.94 -45.35
C ASN A 185 -52.52 32.20 -45.99
N ASN A 186 -51.46 31.85 -45.26
CA ASN A 186 -50.10 31.96 -45.76
C ASN A 186 -49.71 33.40 -46.11
N LEU A 187 -50.13 34.33 -45.26
CA LEU A 187 -49.83 35.73 -45.46
C LEU A 187 -48.86 36.32 -44.43
N ILE A 188 -48.36 37.52 -44.74
CA ILE A 188 -47.78 38.41 -43.73
C ILE A 188 -48.86 39.31 -43.13
N GLY A 189 -48.96 39.27 -41.81
CA GLY A 189 -49.89 40.11 -41.07
C GLY A 189 -49.15 41.03 -40.12
N LEU A 190 -49.23 42.32 -40.39
CA LEU A 190 -48.50 43.28 -39.60
C LEU A 190 -49.46 43.97 -38.64
N LYS A 191 -49.16 43.86 -37.36
CA LYS A 191 -49.96 44.50 -36.33
C LYS A 191 -49.10 45.56 -35.67
N PRO A 192 -49.24 46.83 -36.09
CA PRO A 192 -48.25 47.83 -35.75
C PRO A 192 -48.37 48.27 -34.30
N THR A 193 -47.33 48.93 -33.80
CA THR A 193 -47.38 49.57 -32.49
C THR A 193 -48.65 50.39 -32.34
N LYS A 194 -49.31 50.28 -31.19
CA LYS A 194 -50.54 51.01 -30.95
C LYS A 194 -50.39 52.47 -31.27
N GLY A 195 -51.38 53.06 -31.94
CA GLY A 195 -51.40 54.49 -32.14
C GLY A 195 -50.54 54.99 -33.30
N ALA A 196 -49.72 54.11 -33.85
CA ALA A 196 -48.94 54.41 -35.05
C ALA A 196 -49.79 54.71 -36.28
N PHE A 197 -50.76 53.83 -36.56
CA PHE A 197 -51.73 54.10 -37.60
C PHE A 197 -52.92 54.80 -36.94
N SER A 198 -53.37 55.89 -37.52
CA SER A 198 -54.56 56.54 -37.01
C SER A 198 -55.79 55.64 -37.08
N CYS A 199 -56.69 55.81 -36.13
CA CYS A 199 -57.99 55.14 -36.18
C CYS A 199 -59.11 56.11 -36.49
N ARG A 200 -58.76 57.32 -36.89
CA ARG A 200 -59.76 58.24 -37.41
C ARG A 200 -60.47 57.60 -38.60
N GLY A 201 -61.78 57.55 -38.50
CA GLY A 201 -62.62 56.95 -39.52
C GLY A 201 -62.72 55.44 -39.54
N VAL A 202 -62.36 54.78 -38.44
CA VAL A 202 -62.69 53.38 -38.29
C VAL A 202 -63.73 53.33 -37.18
N VAL A 203 -64.70 52.42 -37.27
CA VAL A 203 -65.76 52.35 -36.27
C VAL A 203 -65.13 51.79 -35.00
N PRO A 204 -65.27 52.53 -33.89
CA PRO A 204 -64.69 52.11 -32.63
C PRO A 204 -65.26 50.80 -32.17
N ALA A 205 -64.37 49.92 -31.73
CA ALA A 205 -64.76 48.67 -31.12
C ALA A 205 -63.68 48.17 -30.15
N CYS A 206 -63.54 48.78 -28.97
CA CYS A 206 -62.37 48.62 -28.07
C CYS A 206 -61.35 49.68 -28.46
N LYS A 207 -61.85 50.90 -28.56
CA LYS A 207 -61.05 52.06 -28.92
C LYS A 207 -59.69 52.08 -28.24
N SER A 208 -59.65 51.83 -26.94
CA SER A 208 -58.39 51.94 -26.20
C SER A 208 -57.35 50.87 -26.59
N LEU A 209 -57.77 49.82 -27.28
CA LEU A 209 -56.85 48.73 -27.56
C LEU A 209 -56.61 48.55 -29.07
N ASP A 210 -57.53 49.07 -29.87
CA ASP A 210 -57.64 48.75 -31.28
C ASP A 210 -56.50 49.28 -32.16
N CYS A 211 -56.09 48.47 -33.15
CA CYS A 211 -55.16 48.91 -34.18
C CYS A 211 -55.65 48.61 -35.60
N VAL A 212 -55.36 49.50 -36.54
CA VAL A 212 -55.46 49.19 -37.96
C VAL A 212 -54.30 48.25 -38.30
N SER A 213 -54.50 47.33 -39.24
CA SER A 213 -53.49 46.32 -39.51
C SER A 213 -53.36 46.10 -41.01
N VAL A 214 -52.30 45.40 -41.42
CA VAL A 214 -52.07 45.17 -42.83
C VAL A 214 -51.81 43.70 -43.16
N PHE A 215 -52.40 43.28 -44.28
CA PHE A 215 -52.03 42.02 -44.89
C PHE A 215 -51.24 42.22 -46.17
N ALA A 216 -50.26 41.35 -46.40
CA ALA A 216 -49.44 41.42 -47.59
C ALA A 216 -48.97 40.02 -47.92
N LEU A 217 -48.44 39.84 -49.13
CA LEU A 217 -47.91 38.54 -49.51
C LEU A 217 -46.44 38.44 -49.15
N ASN A 218 -45.81 39.59 -48.98
CA ASN A 218 -44.38 39.64 -48.75
C ASN A 218 -43.96 40.80 -47.85
N LEU A 219 -42.76 40.69 -47.28
CA LEU A 219 -42.21 41.70 -46.39
C LEU A 219 -42.12 43.08 -47.03
N SER A 220 -41.60 43.13 -48.27
CA SER A 220 -41.44 44.40 -48.98
C SER A 220 -42.71 45.24 -49.01
N ASP A 221 -43.85 44.60 -49.25
CA ASP A 221 -45.09 45.33 -49.46
C ASP A 221 -45.65 45.77 -48.12
N ALA A 222 -45.60 44.88 -47.14
CA ALA A 222 -45.91 45.24 -45.75
C ALA A 222 -45.12 46.45 -45.27
N GLU A 223 -43.83 46.48 -45.60
CA GLU A 223 -43.00 47.63 -45.28
C GLU A 223 -43.47 48.93 -45.96
N ILE A 224 -43.69 48.91 -47.26
CA ILE A 224 -44.15 50.11 -47.95
C ILE A 224 -45.46 50.62 -47.33
N ALA A 225 -46.40 49.71 -47.07
CA ALA A 225 -47.68 50.08 -46.45
C ALA A 225 -47.50 50.70 -45.06
N PHE A 226 -46.62 50.11 -44.26
CA PHE A 226 -46.28 50.67 -42.96
C PHE A 226 -45.73 52.08 -43.07
N LYS A 227 -44.77 52.29 -43.96
CA LYS A 227 -44.19 53.62 -44.11
C LYS A 227 -45.26 54.63 -44.48
N VAL A 228 -46.16 54.25 -45.39
CA VAL A 228 -47.27 55.12 -45.74
C VAL A 228 -48.21 55.44 -44.57
N MET A 229 -48.64 54.46 -43.79
CA MET A 229 -49.68 54.76 -42.80
C MET A 229 -49.19 55.13 -41.41
N ASN A 230 -47.90 54.96 -41.16
CA ASN A 230 -47.37 55.28 -39.84
C ASN A 230 -47.21 56.78 -39.72
N LYS A 231 -48.28 57.43 -39.27
CA LYS A 231 -48.39 58.88 -39.30
C LYS A 231 -49.26 59.33 -38.14
N PRO A 232 -48.82 60.41 -37.46
CA PRO A 232 -49.59 60.92 -36.33
C PRO A 232 -50.86 61.64 -36.76
N ASP A 233 -51.78 61.80 -35.83
CA ASP A 233 -53.10 62.34 -36.10
C ASP A 233 -53.71 62.68 -34.76
N LEU A 234 -52.94 63.43 -33.97
CA LEU A 234 -53.18 63.54 -32.54
C LEU A 234 -54.52 64.16 -32.22
N LEU A 235 -54.88 65.21 -32.96
CA LEU A 235 -56.06 66.00 -32.63
C LEU A 235 -57.36 65.35 -33.12
N GLU A 236 -57.27 64.26 -33.88
CA GLU A 236 -58.49 63.66 -34.40
C GLU A 236 -58.68 62.21 -33.98
N ASP A 237 -57.65 61.64 -33.37
CA ASP A 237 -57.72 60.28 -32.86
C ASP A 237 -57.10 60.34 -31.48
N GLU A 238 -57.92 60.17 -30.44
CA GLU A 238 -57.44 60.34 -29.08
C GLU A 238 -56.35 59.33 -28.69
N TYR A 239 -56.23 58.21 -29.42
CA TYR A 239 -55.17 57.24 -29.11
C TYR A 239 -54.00 57.25 -30.10
N SER A 240 -53.91 58.30 -30.92
CA SER A 240 -52.83 58.39 -31.89
C SER A 240 -51.57 58.73 -31.11
N ARG A 241 -50.44 58.15 -31.51
CA ARG A 241 -49.16 58.60 -30.98
C ARG A 241 -47.97 58.46 -31.93
N GLU A 242 -47.20 59.53 -31.96
CA GLU A 242 -46.11 59.71 -32.91
C GLU A 242 -44.99 58.72 -32.66
N PHE A 243 -44.48 58.15 -33.73
CA PHE A 243 -43.35 57.23 -33.67
C PHE A 243 -42.15 58.06 -33.23
N PRO A 244 -41.24 57.47 -32.43
CA PRO A 244 -40.14 58.37 -32.07
C PRO A 244 -39.07 58.38 -33.15
N LYS A 245 -38.10 59.27 -33.00
CA LYS A 245 -36.99 59.33 -33.94
C LYS A 245 -36.01 58.20 -33.71
N ASN A 246 -35.22 57.90 -34.75
CA ASN A 246 -34.22 56.84 -34.68
C ASN A 246 -34.77 55.46 -34.31
N PRO A 247 -35.89 55.04 -34.93
CA PRO A 247 -36.40 53.68 -34.69
C PRO A 247 -35.37 52.58 -34.97
N ILE A 248 -35.29 51.56 -34.13
CA ILE A 248 -34.34 50.49 -34.38
C ILE A 248 -34.75 49.84 -35.69
N SER A 249 -33.76 49.32 -36.42
CA SER A 249 -34.01 48.75 -37.74
C SER A 249 -33.59 47.30 -37.86
N GLN A 250 -32.76 46.86 -36.93
CA GLN A 250 -32.33 45.47 -36.89
C GLN A 250 -32.10 45.09 -35.45
N TYR A 251 -32.62 43.94 -35.05
CA TYR A 251 -32.15 43.32 -33.83
C TYR A 251 -30.76 42.79 -34.01
N PRO A 252 -30.01 42.65 -32.90
CA PRO A 252 -28.73 42.00 -33.08
C PRO A 252 -28.97 40.54 -33.48
N LYS A 253 -27.99 39.97 -34.15
CA LYS A 253 -27.95 38.56 -34.52
C LYS A 253 -28.11 37.76 -33.22
N ASP A 254 -27.67 38.40 -32.14
CA ASP A 254 -27.62 37.90 -30.76
C ASP A 254 -28.91 37.88 -29.96
N LEU A 255 -29.98 38.41 -30.52
CA LEU A 255 -31.11 38.80 -29.70
C LEU A 255 -31.68 37.69 -28.85
N THR A 256 -32.29 38.09 -27.75
CA THR A 256 -32.94 37.14 -26.87
C THR A 256 -34.37 36.98 -27.35
N ILE A 257 -34.68 35.79 -27.85
CA ILE A 257 -36.05 35.42 -28.20
C ILE A 257 -36.61 34.49 -27.14
N ALA A 258 -37.63 34.96 -26.43
CA ALA A 258 -38.37 34.16 -25.49
C ALA A 258 -39.45 33.30 -26.14
N ILE A 259 -39.57 32.05 -25.69
CA ILE A 259 -40.68 31.20 -26.09
C ILE A 259 -41.38 30.67 -24.83
N PRO A 260 -42.65 30.22 -24.96
CA PRO A 260 -43.36 29.84 -23.73
C PRO A 260 -42.94 28.47 -23.19
N LYS A 261 -42.94 28.36 -21.87
CA LYS A 261 -42.64 27.12 -21.16
C LYS A 261 -43.72 26.09 -21.43
N GLU A 262 -44.98 26.53 -21.46
CA GLU A 262 -46.10 25.63 -21.69
C GLU A 262 -46.84 26.07 -22.93
N VAL A 263 -46.96 25.16 -23.89
CA VAL A 263 -47.63 25.44 -25.15
C VAL A 263 -48.85 24.56 -25.36
N PRO A 264 -50.04 25.02 -24.93
CA PRO A 264 -51.21 24.14 -25.11
C PRO A 264 -51.60 24.07 -26.57
N TRP A 265 -51.87 22.86 -27.06
CA TRP A 265 -52.33 22.68 -28.44
C TRP A 265 -53.76 22.18 -28.57
N PHE A 266 -54.38 21.85 -27.45
CA PHE A 266 -55.79 21.45 -27.43
C PHE A 266 -56.09 20.30 -28.40
N GLY A 267 -55.26 19.25 -28.38
CA GLY A 267 -55.51 18.07 -29.18
C GLY A 267 -54.89 18.05 -30.56
N GLU A 268 -54.57 19.23 -31.07
CA GLU A 268 -54.00 19.41 -32.40
C GLU A 268 -52.57 18.88 -32.50
N THR A 269 -52.29 18.08 -33.54
CA THR A 269 -50.99 17.41 -33.65
C THR A 269 -50.10 17.87 -34.80
N GLU A 270 -50.68 18.42 -35.85
CA GLU A 270 -49.85 18.88 -36.97
C GLU A 270 -49.12 20.18 -36.67
N ASN A 271 -49.84 21.23 -36.27
CA ASN A 271 -49.22 22.52 -35.95
C ASN A 271 -48.01 22.53 -35.00
N PRO A 272 -48.01 21.71 -33.93
CA PRO A 272 -46.78 21.63 -33.14
C PRO A 272 -45.50 21.39 -33.94
N LYS A 273 -45.60 20.68 -35.05
CA LYS A 273 -44.43 20.31 -35.85
C LYS A 273 -43.86 21.56 -36.51
N LEU A 274 -44.74 22.43 -36.98
CA LEU A 274 -44.32 23.65 -37.66
C LEU A 274 -43.64 24.58 -36.67
N TYR A 275 -44.16 24.61 -35.45
CA TYR A 275 -43.63 25.49 -34.41
C TYR A 275 -42.24 25.12 -33.94
N THR A 276 -42.11 23.88 -33.47
CA THR A 276 -40.82 23.29 -33.20
C THR A 276 -39.77 23.58 -34.27
N LYS A 277 -40.14 23.40 -35.52
CA LYS A 277 -39.21 23.55 -36.62
C LYS A 277 -38.85 25.03 -36.77
N ALA A 278 -39.85 25.88 -36.59
CA ALA A 278 -39.68 27.34 -36.67
C ALA A 278 -38.73 27.86 -35.61
N VAL A 279 -38.80 27.26 -34.43
CA VAL A 279 -37.93 27.60 -33.32
C VAL A 279 -36.49 27.18 -33.61
N ALA A 280 -36.36 26.00 -34.18
CA ALA A 280 -35.08 25.52 -34.66
C ALA A 280 -34.45 26.50 -35.63
N SER A 281 -35.26 26.96 -36.58
CA SER A 281 -34.81 27.92 -37.57
C SER A 281 -34.36 29.26 -36.99
N LEU A 282 -35.12 29.82 -36.05
CA LEU A 282 -34.65 31.03 -35.37
C LEU A 282 -33.30 30.82 -34.70
N LYS A 283 -33.18 29.74 -33.94
CA LYS A 283 -31.90 29.39 -33.33
C LYS A 283 -30.79 29.49 -34.39
N ASN A 284 -31.04 28.93 -35.57
CA ASN A 284 -30.06 28.93 -36.67
C ASN A 284 -29.74 30.31 -37.28
N THR A 285 -30.53 31.34 -36.95
CA THR A 285 -30.19 32.69 -37.42
C THR A 285 -29.11 33.26 -36.50
N GLY A 286 -28.87 32.55 -35.40
CA GLY A 286 -27.96 33.00 -34.37
C GLY A 286 -28.59 33.61 -33.14
N ALA A 287 -29.92 33.64 -33.11
CA ALA A 287 -30.68 34.17 -31.97
C ALA A 287 -30.48 33.34 -30.69
N LYS A 288 -30.47 33.99 -29.53
CA LYS A 288 -30.52 33.23 -28.28
C LYS A 288 -31.98 32.95 -27.96
N ILE A 289 -32.30 31.66 -27.92
CA ILE A 289 -33.64 31.21 -27.59
C ILE A 289 -33.72 30.90 -26.11
N VAL A 290 -34.68 31.50 -25.43
CA VAL A 290 -34.80 31.33 -23.99
C VAL A 290 -36.22 30.88 -23.69
N VAL A 291 -36.36 29.89 -22.80
CA VAL A 291 -37.69 29.38 -22.49
C VAL A 291 -38.19 30.05 -21.23
N VAL A 292 -39.40 30.58 -21.27
CA VAL A 292 -39.82 31.50 -20.24
C VAL A 292 -41.26 31.23 -19.84
N ASP A 293 -41.56 31.37 -18.55
CA ASP A 293 -42.91 31.14 -18.08
C ASP A 293 -43.75 32.36 -18.46
N PHE A 294 -44.74 32.13 -19.32
CA PHE A 294 -45.61 33.20 -19.79
C PHE A 294 -46.77 33.49 -18.85
N GLU A 295 -46.69 32.97 -17.62
CA GLU A 295 -47.74 33.22 -16.63
C GLU A 295 -48.28 34.65 -16.62
N PRO A 296 -47.43 35.65 -16.32
CA PRO A 296 -47.97 37.01 -16.29
C PRO A 296 -48.72 37.43 -17.57
N LEU A 297 -48.23 37.01 -18.73
CA LEU A 297 -48.88 37.38 -19.99
C LEU A 297 -50.24 36.71 -20.11
N LEU A 298 -50.36 35.50 -19.60
CA LEU A 298 -51.64 34.82 -19.66
C LEU A 298 -52.59 35.36 -18.61
N GLU A 299 -52.06 35.79 -17.46
CA GLU A 299 -52.88 36.51 -16.50
C GLU A 299 -53.43 37.75 -17.16
N LEU A 300 -52.60 38.43 -17.94
CA LEU A 300 -53.05 39.62 -18.67
C LEU A 300 -54.14 39.25 -19.67
N ALA A 301 -53.93 38.17 -20.43
CA ALA A 301 -54.96 37.69 -21.34
C ALA A 301 -56.27 37.41 -20.61
N ARG A 302 -56.18 36.76 -19.45
CA ARG A 302 -57.39 36.45 -18.69
C ARG A 302 -58.11 37.70 -18.19
N CYS A 303 -57.33 38.72 -17.85
CA CYS A 303 -57.89 39.99 -17.43
C CYS A 303 -58.76 40.58 -18.55
N LEU A 304 -58.33 40.40 -19.80
CA LEU A 304 -59.10 40.88 -20.96
C LEU A 304 -60.46 40.20 -20.99
N TYR A 305 -60.43 38.89 -20.87
CA TYR A 305 -61.61 38.06 -20.98
C TYR A 305 -62.55 38.22 -19.78
N GLU A 306 -61.97 38.30 -18.58
CA GLU A 306 -62.76 38.45 -17.37
C GLU A 306 -63.29 39.86 -17.19
N GLY A 307 -62.59 40.83 -17.79
CA GLY A 307 -62.81 42.21 -17.45
C GLY A 307 -63.95 42.90 -18.14
N ALA A 308 -63.94 44.23 -18.10
CA ALA A 308 -65.01 45.04 -18.66
C ALA A 308 -64.70 45.64 -20.01
N TRP A 309 -63.60 45.24 -20.63
CA TRP A 309 -63.26 45.75 -21.95
C TRP A 309 -64.40 45.53 -22.96
N VAL A 310 -65.22 44.50 -22.75
CA VAL A 310 -66.41 44.33 -23.60
C VAL A 310 -67.28 45.59 -23.59
N ALA A 311 -67.18 46.38 -22.54
CA ALA A 311 -67.99 47.60 -22.45
C ALA A 311 -67.55 48.63 -23.45
N GLU A 312 -66.34 48.48 -23.97
CA GLU A 312 -65.91 49.34 -25.05
C GLU A 312 -66.70 49.09 -26.32
N ARG A 313 -66.85 47.82 -26.69
CA ARG A 313 -67.69 47.47 -27.83
C ARG A 313 -69.13 47.93 -27.61
N TYR A 314 -69.64 47.68 -26.40
CA TYR A 314 -70.98 48.09 -26.02
C TYR A 314 -71.13 49.61 -26.09
N CYS A 315 -70.06 50.32 -25.72
CA CYS A 315 -70.11 51.79 -25.70
C CYS A 315 -70.27 52.30 -27.11
N ALA A 316 -69.59 51.63 -28.04
CA ALA A 316 -69.65 52.02 -29.44
C ALA A 316 -70.94 51.60 -30.14
N THR A 317 -71.72 50.69 -29.54
CA THR A 317 -72.90 50.20 -30.24
C THR A 317 -74.26 50.29 -29.55
N ARG A 318 -74.31 50.71 -28.29
CA ARG A 318 -75.56 50.60 -27.52
C ARG A 318 -76.68 51.50 -28.07
N ASP A 319 -76.34 52.71 -28.49
CA ASP A 319 -77.32 53.61 -29.09
C ASP A 319 -77.99 52.93 -30.27
N PHE A 320 -77.16 52.24 -31.04
CA PHE A 320 -77.62 51.54 -32.21
C PHE A 320 -78.47 50.33 -31.84
N LEU A 321 -78.03 49.57 -30.85
CA LEU A 321 -78.74 48.34 -30.48
C LEU A 321 -80.14 48.70 -29.97
N ALA A 322 -80.25 49.86 -29.36
CA ALA A 322 -81.50 50.29 -28.75
C ALA A 322 -82.47 50.76 -29.83
N THR A 323 -81.93 51.09 -31.01
CA THR A 323 -82.73 51.29 -32.22
C THR A 323 -83.60 50.08 -32.59
N ASN A 324 -83.37 48.97 -31.90
CA ASN A 324 -83.93 47.67 -32.27
C ASN A 324 -84.08 47.45 -33.77
N PRO A 325 -82.98 47.10 -34.44
CA PRO A 325 -82.90 46.78 -35.86
C PRO A 325 -83.30 45.33 -36.09
N PRO A 326 -83.67 44.98 -37.33
CA PRO A 326 -84.17 43.63 -37.65
C PRO A 326 -83.21 42.53 -37.17
N GLU A 327 -83.70 41.53 -36.45
CA GLU A 327 -82.87 40.43 -35.99
C GLU A 327 -81.96 39.84 -37.08
N SER A 328 -82.48 39.71 -38.29
CA SER A 328 -81.73 39.07 -39.38
C SER A 328 -80.46 39.84 -39.76
N SER A 329 -80.43 41.11 -39.39
CA SER A 329 -79.24 41.95 -39.54
C SER A 329 -78.09 41.59 -38.61
N LEU A 330 -78.43 40.91 -37.52
CA LEU A 330 -77.48 40.67 -36.43
C LEU A 330 -76.88 39.28 -36.40
N ASP A 331 -75.63 39.20 -35.93
CA ASP A 331 -75.08 37.92 -35.54
C ASP A 331 -75.34 37.83 -34.05
N GLU A 332 -75.83 36.68 -33.62
CA GLU A 332 -76.35 36.56 -32.27
C GLU A 332 -75.21 36.33 -31.31
N THR A 333 -74.18 35.64 -31.78
CA THR A 333 -73.03 35.36 -30.93
C THR A 333 -72.34 36.68 -30.60
N VAL A 334 -72.10 37.48 -31.62
CA VAL A 334 -71.54 38.82 -31.43
C VAL A 334 -72.39 39.63 -30.44
N VAL A 335 -73.67 39.82 -30.77
CA VAL A 335 -74.56 40.62 -29.93
C VAL A 335 -74.66 40.14 -28.48
N ASN A 336 -74.71 38.83 -28.26
CA ASN A 336 -74.73 38.34 -26.89
C ASN A 336 -73.44 38.70 -26.14
N ILE A 337 -72.31 38.62 -26.83
CA ILE A 337 -71.03 39.02 -26.25
C ILE A 337 -71.07 40.48 -25.83
N ILE A 338 -71.39 41.33 -26.80
CA ILE A 338 -71.46 42.76 -26.56
C ILE A 338 -72.41 43.16 -25.42
N LYS A 339 -73.48 42.39 -25.23
CA LYS A 339 -74.45 42.75 -24.20
C LYS A 339 -74.01 42.26 -22.82
N GLY A 340 -73.07 41.33 -22.80
CA GLY A 340 -72.36 41.00 -21.57
C GLY A 340 -71.81 42.21 -20.82
N ALA A 341 -71.67 43.33 -21.52
CA ALA A 341 -71.20 44.58 -20.94
C ALA A 341 -72.17 45.24 -19.96
N VAL A 342 -73.46 44.99 -20.14
CA VAL A 342 -74.47 45.55 -19.26
C VAL A 342 -74.26 45.18 -17.77
N LYS A 343 -73.78 43.97 -17.48
CA LYS A 343 -73.54 43.59 -16.08
C LYS A 343 -72.32 44.22 -15.39
N PHE A 344 -71.68 45.20 -16.02
CA PHE A 344 -70.51 45.84 -15.42
C PHE A 344 -70.77 47.32 -15.20
N ASP A 345 -70.67 47.78 -13.96
CA ASP A 345 -70.75 49.23 -13.74
C ASP A 345 -69.37 49.85 -13.87
N ALA A 346 -69.33 51.17 -13.78
CA ALA A 346 -68.08 51.93 -13.72
C ALA A 346 -67.10 51.44 -12.65
N ALA A 347 -67.59 51.27 -11.43
CA ALA A 347 -66.78 50.68 -10.38
C ALA A 347 -66.12 49.37 -10.84
N ASP A 348 -66.85 48.51 -11.55
CA ASP A 348 -66.26 47.26 -12.04
C ASP A 348 -65.13 47.53 -13.02
N ALA A 349 -65.34 48.48 -13.91
CA ALA A 349 -64.37 48.75 -14.97
C ALA A 349 -63.04 49.12 -14.34
N PHE A 350 -63.10 49.99 -13.34
CA PHE A 350 -61.91 50.35 -12.56
C PHE A 350 -61.24 49.17 -11.84
N LYS A 351 -62.02 48.36 -11.13
CA LYS A 351 -61.44 47.22 -10.40
C LYS A 351 -60.56 46.38 -11.31
N PHE A 352 -60.97 46.26 -12.57
CA PHE A 352 -60.26 45.39 -13.47
C PHE A 352 -59.08 46.13 -14.06
N GLU A 353 -59.23 47.44 -14.25
CA GLU A 353 -58.12 48.28 -14.69
C GLU A 353 -57.01 48.24 -13.65
N TYR A 354 -57.38 48.25 -12.37
CA TYR A 354 -56.41 48.12 -11.30
C TYR A 354 -55.64 46.83 -11.48
N LYS A 355 -56.36 45.72 -11.60
CA LYS A 355 -55.75 44.40 -11.72
C LYS A 355 -54.83 44.34 -12.95
N ARG A 356 -55.28 44.92 -14.05
CA ARG A 356 -54.49 45.04 -15.27
C ARG A 356 -53.14 45.75 -15.07
N GLN A 357 -53.18 46.93 -14.45
CA GLN A 357 -51.96 47.63 -14.09
C GLN A 357 -51.02 46.81 -13.21
N GLY A 358 -51.59 46.04 -12.28
CA GLY A 358 -50.80 45.19 -11.42
C GLY A 358 -50.10 44.09 -12.19
N ILE A 359 -50.81 43.51 -13.14
CA ILE A 359 -50.23 42.47 -13.96
C ILE A 359 -49.11 43.04 -14.81
N LEU A 360 -49.32 44.23 -15.36
CA LEU A 360 -48.31 44.88 -16.20
C LEU A 360 -46.99 45.12 -15.49
N GLN A 361 -47.04 45.45 -14.20
CA GLN A 361 -45.82 45.56 -13.40
C GLN A 361 -45.00 44.27 -13.57
N LYS A 362 -45.69 43.14 -13.50
CA LYS A 362 -45.06 41.84 -13.56
C LYS A 362 -44.57 41.61 -14.99
N VAL A 363 -45.42 41.96 -15.95
CA VAL A 363 -45.08 41.84 -17.35
C VAL A 363 -43.87 42.68 -17.74
N ASN A 364 -43.78 43.91 -17.23
CA ASN A 364 -42.63 44.76 -17.57
C ASN A 364 -41.35 44.28 -16.90
N LEU A 365 -41.47 43.60 -15.76
CA LEU A 365 -40.28 43.05 -15.12
C LEU A 365 -39.77 41.87 -15.96
N LEU A 366 -40.71 41.04 -16.39
CA LEU A 366 -40.41 39.92 -17.27
C LEU A 366 -39.74 40.26 -18.60
N LEU A 367 -40.17 41.35 -19.23
CA LEU A 367 -39.69 41.66 -20.56
C LEU A 367 -38.40 42.45 -20.56
N LYS A 368 -37.98 42.94 -19.39
CA LYS A 368 -36.79 43.80 -19.30
C LYS A 368 -35.55 43.20 -19.99
N ASP A 369 -35.35 41.90 -19.85
CA ASP A 369 -34.16 41.29 -20.46
C ASP A 369 -34.46 40.42 -21.68
N ILE A 370 -35.59 40.68 -22.33
CA ILE A 370 -36.02 39.90 -23.49
C ILE A 370 -36.18 40.88 -24.65
N ASP A 371 -35.81 40.46 -25.87
CA ASP A 371 -35.96 41.34 -27.02
C ASP A 371 -37.27 41.08 -27.74
N VAL A 372 -37.60 39.79 -27.91
CA VAL A 372 -38.71 39.38 -28.75
C VAL A 372 -39.37 38.12 -28.18
N LEU A 373 -40.68 38.02 -28.31
CA LEU A 373 -41.38 36.76 -28.06
C LEU A 373 -41.66 36.06 -29.37
N CYS A 374 -41.46 34.75 -29.39
CA CYS A 374 -41.89 33.98 -30.55
C CYS A 374 -42.92 32.96 -30.14
N VAL A 375 -44.08 33.11 -30.75
CA VAL A 375 -45.32 32.51 -30.32
C VAL A 375 -46.00 31.86 -31.53
N PRO A 376 -46.68 30.71 -31.32
CA PRO A 376 -47.48 30.20 -32.45
C PRO A 376 -48.57 31.22 -32.76
N THR A 377 -48.85 31.47 -34.04
CA THR A 377 -49.87 32.47 -34.35
C THR A 377 -51.21 32.07 -33.74
N CYS A 378 -51.57 30.81 -33.92
CA CYS A 378 -52.79 30.27 -33.35
C CYS A 378 -52.61 28.76 -33.22
N PRO A 379 -53.26 28.14 -32.23
CA PRO A 379 -53.12 26.68 -32.14
C PRO A 379 -53.85 25.89 -33.22
N LEU A 380 -54.94 26.40 -33.82
CA LEU A 380 -55.72 25.55 -34.72
C LEU A 380 -55.85 26.08 -36.16
N ASN A 381 -56.24 25.18 -37.07
CA ASN A 381 -56.81 25.53 -38.36
C ASN A 381 -58.26 25.07 -38.37
N PRO A 382 -59.17 25.87 -37.80
CA PRO A 382 -60.55 25.41 -37.62
C PRO A 382 -61.33 25.10 -38.91
N LYS A 383 -62.10 24.02 -38.86
CA LYS A 383 -62.99 23.63 -39.94
C LYS A 383 -64.25 24.50 -39.79
N LEU A 384 -64.85 24.92 -40.90
CA LEU A 384 -66.13 25.64 -40.84
C LEU A 384 -67.19 25.05 -39.92
N GLU A 385 -67.25 23.72 -39.90
CA GLU A 385 -68.29 23.02 -39.16
C GLU A 385 -67.87 22.92 -37.69
N GLU A 386 -66.56 22.93 -37.43
CA GLU A 386 -66.07 22.86 -36.04
C GLU A 386 -66.50 24.10 -35.21
N VAL A 387 -66.49 25.28 -35.84
CA VAL A 387 -66.87 26.50 -35.14
C VAL A 387 -68.40 26.64 -35.17
N ALA A 388 -69.06 25.95 -36.10
CA ALA A 388 -70.51 25.87 -36.02
C ALA A 388 -70.92 25.05 -34.79
N GLN A 389 -70.18 23.97 -34.51
CA GLN A 389 -70.45 23.11 -33.35
C GLN A 389 -70.17 23.82 -32.03
N GLU A 390 -69.00 24.44 -31.92
CA GLU A 390 -68.55 25.09 -30.69
C GLU A 390 -68.21 26.54 -31.04
N PRO A 391 -69.23 27.41 -31.11
CA PRO A 391 -69.05 28.76 -31.67
C PRO A 391 -68.33 29.76 -30.77
N VAL A 392 -67.91 29.33 -29.60
CA VAL A 392 -67.26 30.23 -28.67
C VAL A 392 -65.91 29.66 -28.24
N LEU A 393 -65.88 28.36 -27.99
CA LEU A 393 -64.69 27.68 -27.47
C LEU A 393 -63.55 27.69 -28.48
N VAL A 394 -63.88 27.63 -29.77
CA VAL A 394 -62.86 27.64 -30.82
C VAL A 394 -62.21 29.01 -30.86
N ASN A 395 -63.09 30.01 -30.85
CA ASN A 395 -62.67 31.39 -30.71
C ASN A 395 -61.71 31.62 -29.54
N SER A 396 -62.07 31.16 -28.34
CA SER A 396 -61.25 31.36 -27.15
C SER A 396 -59.84 30.82 -27.37
N ARG A 397 -59.79 29.61 -27.93
CA ARG A 397 -58.53 28.92 -28.18
C ARG A 397 -57.69 29.60 -29.25
N GLN A 398 -58.35 30.26 -30.21
CA GLN A 398 -57.62 30.91 -31.28
C GLN A 398 -56.96 32.18 -30.77
N GLY A 399 -57.41 32.62 -29.60
CA GLY A 399 -56.81 33.78 -28.95
C GLY A 399 -55.77 33.46 -27.87
N THR A 400 -55.29 32.22 -27.84
CA THR A 400 -54.33 31.80 -26.82
C THR A 400 -53.10 32.69 -26.84
N TRP A 401 -52.60 32.93 -28.04
CA TRP A 401 -51.36 33.68 -28.21
C TRP A 401 -51.51 35.14 -28.64
N THR A 402 -52.75 35.64 -28.77
CA THR A 402 -52.94 36.98 -29.34
C THR A 402 -53.47 38.03 -28.35
N ASN A 403 -54.19 37.57 -27.34
CA ASN A 403 -54.95 38.47 -26.47
C ASN A 403 -54.16 39.45 -25.61
N PHE A 404 -52.91 39.16 -25.30
CA PHE A 404 -52.17 40.04 -24.39
C PHE A 404 -51.33 41.13 -25.06
N VAL A 405 -51.22 41.10 -26.39
CA VAL A 405 -50.28 41.99 -27.07
C VAL A 405 -50.62 43.49 -26.93
N ASN A 406 -51.81 43.89 -27.36
CA ASN A 406 -52.23 45.28 -27.17
C ASN A 406 -52.36 45.77 -25.74
N LEU A 407 -52.72 44.90 -24.81
CA LEU A 407 -52.83 45.35 -23.42
C LEU A 407 -51.45 45.69 -22.89
N ALA A 408 -50.42 45.11 -23.50
CA ALA A 408 -49.04 45.24 -23.03
C ALA A 408 -48.25 46.23 -23.88
N ASP A 409 -48.95 46.94 -24.76
CA ASP A 409 -48.36 47.93 -25.66
C ASP A 409 -47.20 47.35 -26.47
N LEU A 410 -47.44 46.18 -27.06
CA LEU A 410 -46.43 45.52 -27.88
C LEU A 410 -46.79 45.60 -29.35
N ALA A 411 -45.82 45.32 -30.21
CA ALA A 411 -46.07 45.20 -31.64
C ALA A 411 -45.88 43.75 -32.07
N ALA A 412 -46.28 43.44 -33.30
CA ALA A 412 -46.42 42.03 -33.69
C ALA A 412 -46.47 41.84 -35.19
N LEU A 413 -45.92 40.71 -35.63
CA LEU A 413 -45.84 40.39 -37.04
C LEU A 413 -46.07 38.89 -37.16
N ALA A 414 -47.17 38.54 -37.83
CA ALA A 414 -47.51 37.15 -38.10
C ALA A 414 -46.97 36.74 -39.44
N VAL A 415 -46.23 35.64 -39.45
CA VAL A 415 -45.37 35.30 -40.56
C VAL A 415 -45.42 33.79 -40.77
N PRO A 416 -45.48 33.34 -42.04
CA PRO A 416 -45.60 31.91 -42.31
C PRO A 416 -44.47 31.05 -41.74
N SER A 417 -44.78 29.81 -41.36
CA SER A 417 -43.73 28.86 -40.99
C SER A 417 -43.77 27.57 -41.81
N GLY A 418 -44.71 27.48 -42.73
CA GLY A 418 -44.80 26.31 -43.60
C GLY A 418 -46.16 25.62 -43.62
N PHE A 419 -46.16 24.37 -44.06
CA PHE A 419 -47.41 23.65 -44.30
C PHE A 419 -47.49 22.35 -43.51
N ARG A 420 -48.71 22.03 -43.05
CA ARG A 420 -49.00 20.76 -42.40
C ARG A 420 -49.16 19.66 -43.45
N SER A 421 -49.25 18.41 -42.99
CA SER A 421 -49.47 17.26 -43.87
C SER A 421 -50.60 17.46 -44.87
N ASP A 422 -51.69 18.08 -44.41
CA ASP A 422 -52.90 18.19 -45.23
C ASP A 422 -52.89 19.42 -46.14
N GLY A 423 -51.70 20.02 -46.32
CA GLY A 423 -51.53 21.15 -47.22
C GLY A 423 -52.09 22.51 -46.83
N LEU A 424 -52.57 22.64 -45.60
CA LEU A 424 -52.89 23.94 -45.01
C LEU A 424 -51.67 24.62 -44.40
N PRO A 425 -51.66 25.98 -44.38
CA PRO A 425 -50.50 26.66 -43.79
C PRO A 425 -50.70 27.01 -42.31
N ASN A 426 -49.62 27.33 -41.62
CA ASN A 426 -49.69 28.10 -40.38
C ASN A 426 -48.40 28.87 -40.22
N GLY A 427 -48.18 29.43 -39.04
CA GLY A 427 -46.96 30.18 -38.86
C GLY A 427 -46.79 30.74 -37.47
N ILE A 428 -45.82 31.65 -37.35
CA ILE A 428 -45.45 32.17 -36.06
C ILE A 428 -45.73 33.66 -36.12
N THR A 429 -46.06 34.25 -34.96
CA THR A 429 -46.00 35.70 -34.79
C THR A 429 -44.85 36.07 -33.83
N LEU A 430 -44.10 37.08 -34.22
CA LEU A 430 -42.95 37.61 -33.50
C LEU A 430 -43.44 38.87 -32.84
N ILE A 431 -43.24 38.93 -31.54
CA ILE A 431 -43.76 40.04 -30.75
C ILE A 431 -42.65 40.90 -30.20
N GLY A 432 -42.69 42.19 -30.54
CA GLY A 432 -41.65 43.10 -30.10
C GLY A 432 -42.21 44.23 -29.27
N LYS A 433 -41.32 44.97 -28.61
CA LYS A 433 -41.71 46.07 -27.76
C LYS A 433 -42.12 47.24 -28.62
N LYS A 434 -42.79 48.20 -27.99
CA LYS A 434 -43.08 49.50 -28.58
C LYS A 434 -42.09 49.98 -29.65
N PHE A 435 -42.60 50.27 -30.85
CA PHE A 435 -41.78 50.87 -31.91
C PHE A 435 -40.73 49.97 -32.56
N SER A 436 -40.85 48.65 -32.41
CA SER A 436 -39.89 47.75 -33.05
C SER A 436 -40.28 47.24 -34.43
N ASP A 437 -41.35 47.78 -34.97
CA ASP A 437 -41.98 47.26 -36.18
C ASP A 437 -41.00 47.02 -37.34
N TYR A 438 -40.07 47.95 -37.54
CA TYR A 438 -39.04 47.79 -38.57
C TYR A 438 -38.11 46.62 -38.28
N ALA A 439 -37.73 46.46 -37.02
CA ALA A 439 -36.84 45.37 -36.67
C ALA A 439 -37.52 44.01 -36.76
N LEU A 440 -38.81 43.96 -36.40
CA LEU A 440 -39.57 42.72 -36.59
C LEU A 440 -39.56 42.28 -38.04
N LEU A 441 -39.75 43.24 -38.95
CA LEU A 441 -39.80 42.93 -40.36
C LEU A 441 -38.48 42.27 -40.73
N ASP A 442 -37.38 42.86 -40.28
CA ASP A 442 -36.05 42.42 -40.64
C ASP A 442 -35.81 41.04 -40.04
N LEU A 443 -36.36 40.81 -38.85
CA LEU A 443 -36.14 39.55 -38.16
C LEU A 443 -36.87 38.45 -38.93
N ALA A 444 -38.03 38.79 -39.48
CA ALA A 444 -38.75 37.88 -40.34
C ALA A 444 -37.89 37.52 -41.55
N LYS A 445 -37.26 38.53 -42.14
CA LYS A 445 -36.41 38.39 -43.32
C LYS A 445 -35.35 37.34 -43.00
N ARG A 446 -34.72 37.50 -41.84
CA ARG A 446 -33.66 36.60 -41.43
C ARG A 446 -34.20 35.21 -41.12
N PHE A 447 -35.30 35.13 -40.39
CA PHE A 447 -36.03 33.87 -40.23
C PHE A 447 -36.36 33.20 -41.55
N PHE A 448 -36.90 33.94 -42.51
CA PHE A 448 -37.25 33.38 -43.81
C PHE A 448 -36.07 32.72 -44.50
N SER A 449 -34.93 33.40 -44.54
CA SER A 449 -33.76 32.93 -45.27
C SER A 449 -33.22 31.60 -44.73
N VAL A 450 -33.53 31.27 -43.48
CA VAL A 450 -33.21 29.94 -42.96
C VAL A 450 -34.35 28.94 -43.15
N ALA A 451 -35.56 29.35 -42.80
CA ALA A 451 -36.72 28.45 -42.87
C ALA A 451 -37.11 28.13 -44.31
N PHE A 452 -36.80 29.05 -45.21
CA PHE A 452 -37.13 28.87 -46.61
C PHE A 452 -35.91 29.08 -47.48
N PRO A 453 -34.88 28.22 -47.28
CA PRO A 453 -33.59 28.38 -47.95
C PRO A 453 -33.74 28.25 -49.44
N ASN A 454 -32.81 28.82 -50.20
CA ASN A 454 -32.75 28.67 -51.65
C ASN A 454 -33.98 29.30 -52.31
N ASN A 455 -34.46 30.40 -51.75
CA ASN A 455 -35.63 31.12 -52.27
C ASN A 455 -36.86 30.23 -52.44
N SER A 456 -37.06 29.32 -51.48
CA SER A 456 -38.15 28.35 -51.55
C SER A 456 -39.42 28.83 -50.88
N ARG A 457 -39.64 30.13 -50.77
CA ARG A 457 -40.75 30.57 -49.94
C ARG A 457 -41.98 30.84 -50.80
N THR A 458 -43.09 30.20 -50.42
CA THR A 458 -44.41 30.36 -51.01
C THR A 458 -45.14 31.61 -50.48
N TYR A 459 -46.21 32.03 -51.14
CA TYR A 459 -47.04 33.11 -50.61
C TYR A 459 -48.49 32.96 -51.06
N GLY A 460 -49.42 33.31 -50.16
CA GLY A 460 -50.83 33.13 -50.40
C GLY A 460 -51.17 31.71 -50.83
N LYS A 461 -52.18 31.57 -51.69
CA LYS A 461 -52.50 30.27 -52.27
C LYS A 461 -51.49 29.80 -53.32
N PHE A 462 -50.53 30.67 -53.65
CA PHE A 462 -49.60 30.43 -54.76
C PHE A 462 -48.46 29.52 -54.38
N VAL A 463 -48.86 28.28 -54.10
CA VAL A 463 -48.03 27.20 -53.59
C VAL A 463 -46.86 26.80 -54.51
N ASP A 464 -46.90 27.24 -55.77
CA ASP A 464 -45.81 26.91 -56.70
C ASP A 464 -45.13 28.15 -57.34
N ARG A 465 -45.34 29.32 -56.76
CA ARG A 465 -44.45 30.46 -56.98
C ARG A 465 -43.44 30.62 -55.84
N ARG A 466 -42.31 31.28 -56.12
CA ARG A 466 -41.24 31.46 -55.13
C ARG A 466 -40.93 32.94 -54.91
N ILE A 467 -40.75 33.33 -53.65
CA ILE A 467 -40.21 34.65 -53.35
C ILE A 467 -38.78 34.71 -53.88
N THR A 468 -38.49 35.70 -54.70
CA THR A 468 -37.10 35.97 -55.07
C THR A 468 -36.59 37.18 -54.31
N VAL A 469 -37.18 38.31 -54.65
CA VAL A 469 -36.66 39.63 -54.34
C VAL A 469 -37.63 40.36 -53.43
N GLU A 470 -38.85 39.83 -53.36
CA GLU A 470 -39.98 40.53 -52.72
C GLU A 470 -39.98 40.56 -51.19
N ASP A 471 -39.12 39.79 -50.53
CA ASP A 471 -39.06 39.89 -49.07
C ASP A 471 -37.98 40.85 -48.57
N GLU A 472 -37.22 41.44 -49.49
CA GLU A 472 -36.22 42.43 -49.11
C GLU A 472 -36.80 43.76 -48.63
N LEU A 473 -36.03 44.41 -47.75
CA LEU A 473 -36.47 45.62 -47.04
C LEU A 473 -35.54 46.82 -47.26
N ASP A 474 -36.11 48.02 -47.32
CA ASP A 474 -35.32 49.24 -47.34
C ASP A 474 -34.82 49.66 -45.96
N GLY A 475 -35.52 49.21 -44.93
CA GLY A 475 -35.32 49.72 -43.59
C GLY A 475 -36.01 51.07 -43.45
N PRO A 476 -35.90 51.70 -42.28
CA PRO A 476 -36.51 53.02 -42.10
C PRO A 476 -35.82 54.08 -42.94
N SER A 477 -36.61 55.01 -43.43
CA SER A 477 -36.07 56.02 -44.31
C SER A 477 -35.35 57.09 -43.49
N LYS A 478 -34.41 57.78 -44.13
CA LYS A 478 -33.59 58.81 -43.50
C LYS A 478 -34.44 59.89 -42.83
N ASP A 479 -35.63 60.15 -43.38
CA ASP A 479 -36.72 60.85 -42.68
C ASP A 479 -36.74 60.77 -41.16
N THR A 480 -36.37 59.60 -40.66
CA THR A 480 -36.59 59.22 -39.27
C THR A 480 -35.38 59.42 -38.39
N LEU A 481 -34.25 59.75 -39.00
CA LEU A 481 -33.07 59.98 -38.20
C LEU A 481 -33.04 61.33 -37.50
N ASN A 482 -32.28 61.36 -36.43
CA ASN A 482 -32.03 62.55 -35.64
C ASN A 482 -30.86 62.19 -34.77
N GLY A 483 -29.68 62.44 -35.31
CA GLY A 483 -28.46 62.08 -34.63
C GLY A 483 -27.29 62.92 -35.09
N VAL A 484 -26.14 62.62 -34.52
CA VAL A 484 -24.94 63.34 -34.83
C VAL A 484 -24.37 62.71 -36.07
N LYS A 485 -23.95 63.52 -37.04
CA LYS A 485 -23.24 62.96 -38.18
C LYS A 485 -21.80 62.70 -37.74
N LEU A 486 -21.40 61.43 -37.72
CA LEU A 486 -20.08 61.11 -37.19
C LEU A 486 -19.23 60.37 -38.20
N ALA A 487 -18.02 60.86 -38.39
CA ALA A 487 -17.07 60.25 -39.31
C ALA A 487 -16.12 59.38 -38.50
N VAL A 488 -15.98 58.13 -38.92
CA VAL A 488 -14.99 57.24 -38.34
C VAL A 488 -13.91 56.97 -39.38
N VAL A 489 -12.68 56.77 -38.91
CA VAL A 489 -11.54 56.58 -39.79
C VAL A 489 -10.84 55.26 -39.50
N GLY A 490 -11.03 54.75 -38.29
CA GLY A 490 -10.26 53.62 -37.84
C GLY A 490 -10.95 52.31 -37.59
N ALA A 491 -10.78 51.82 -36.37
CA ALA A 491 -11.25 50.49 -36.01
C ALA A 491 -12.77 50.38 -36.00
N HIS A 492 -13.45 51.50 -36.16
CA HIS A 492 -14.90 51.49 -36.25
C HIS A 492 -15.44 51.35 -37.66
N LEU A 493 -14.54 51.24 -38.64
CA LEU A 493 -14.95 51.08 -40.02
C LEU A 493 -15.59 49.72 -40.18
N LYS A 494 -16.60 49.65 -41.06
CA LYS A 494 -17.15 48.39 -41.52
C LYS A 494 -16.09 47.33 -41.71
N GLY A 495 -16.23 46.23 -40.99
CA GLY A 495 -15.33 45.09 -41.15
C GLY A 495 -14.15 45.04 -40.20
N LEU A 496 -13.89 46.11 -39.48
CA LEU A 496 -12.78 46.09 -38.53
C LEU A 496 -13.35 45.79 -37.14
N PRO A 497 -12.48 45.60 -36.12
CA PRO A 497 -13.09 45.01 -34.92
C PRO A 497 -13.77 45.93 -33.90
N LEU A 498 -14.12 47.15 -34.26
CA LEU A 498 -14.93 47.98 -33.36
C LEU A 498 -16.20 48.48 -34.03
N HIS A 499 -16.49 47.98 -35.24
CA HIS A 499 -17.73 48.33 -35.93
C HIS A 499 -18.94 48.07 -35.03
N TRP A 500 -18.88 47.01 -34.23
CA TRP A 500 -20.01 46.58 -33.41
C TRP A 500 -20.49 47.70 -32.50
N GLN A 501 -19.54 48.47 -32.01
CA GLN A 501 -19.81 49.62 -31.14
C GLN A 501 -20.78 50.62 -31.77
N LEU A 502 -20.71 50.77 -33.08
CA LEU A 502 -21.69 51.59 -33.79
C LEU A 502 -23.05 50.92 -33.80
N GLN A 503 -23.08 49.61 -33.97
CA GLN A 503 -24.35 48.91 -34.04
C GLN A 503 -25.03 48.92 -32.67
N LYS A 504 -24.25 48.74 -31.61
CA LYS A 504 -24.74 48.80 -30.23
C LYS A 504 -25.47 50.11 -29.92
N CYS A 505 -24.96 51.20 -30.48
CA CYS A 505 -25.57 52.49 -30.28
C CYS A 505 -26.53 52.88 -31.39
N ASN A 506 -26.94 51.91 -32.21
CA ASN A 506 -28.05 52.10 -33.17
C ASN A 506 -27.71 53.15 -34.23
N ALA A 507 -26.44 53.21 -34.59
CA ALA A 507 -25.97 54.05 -35.68
C ALA A 507 -26.56 53.64 -37.03
N THR A 508 -26.54 54.58 -37.97
CA THR A 508 -27.01 54.30 -39.30
C THR A 508 -25.98 54.80 -40.31
N TYR A 509 -25.59 53.91 -41.22
CA TYR A 509 -24.65 54.30 -42.25
C TYR A 509 -25.23 55.39 -43.14
N LEU A 510 -24.49 56.46 -43.32
CA LEU A 510 -24.90 57.51 -44.22
C LEU A 510 -24.19 57.50 -45.57
N SER A 511 -22.85 57.43 -45.53
CA SER A 511 -22.04 57.61 -46.73
C SER A 511 -20.58 57.32 -46.45
N SER A 512 -19.75 57.34 -47.50
CA SER A 512 -18.32 57.10 -47.35
C SER A 512 -17.40 58.11 -48.03
N PRO A 513 -17.43 59.37 -47.59
CA PRO A 513 -16.64 60.39 -48.27
C PRO A 513 -15.20 60.47 -47.76
N LYS A 514 -14.44 61.36 -48.37
CA LYS A 514 -13.06 61.59 -47.96
C LYS A 514 -12.95 62.96 -47.32
N THR A 515 -11.94 63.13 -46.48
CA THR A 515 -11.58 64.45 -45.98
C THR A 515 -11.19 65.39 -47.11
N SER A 516 -11.01 66.66 -46.78
CA SER A 516 -10.41 67.60 -47.72
C SER A 516 -8.90 67.31 -47.78
N ASN A 517 -8.17 68.09 -48.57
CA ASN A 517 -6.73 67.90 -48.76
C ASN A 517 -5.83 68.21 -47.56
N ASN A 518 -6.37 68.09 -46.36
CA ASN A 518 -5.71 68.71 -45.21
C ASN A 518 -5.24 67.77 -44.12
N TYR A 519 -5.19 66.47 -44.38
CA TYR A 519 -5.08 65.50 -43.30
C TYR A 519 -3.97 64.47 -43.53
N LYS A 520 -3.30 64.11 -42.44
CA LYS A 520 -2.41 62.97 -42.38
C LYS A 520 -3.07 61.89 -41.54
N LEU A 521 -2.65 60.64 -41.72
CA LEU A 521 -3.18 59.54 -40.94
C LEU A 521 -2.05 58.68 -40.40
N TYR A 522 -2.14 58.34 -39.12
CA TYR A 522 -1.06 57.61 -38.46
C TYR A 522 -1.55 56.26 -37.98
N ALA A 523 -0.63 55.32 -37.85
CA ALA A 523 -0.93 54.12 -37.11
C ALA A 523 -0.23 54.32 -35.78
N LEU A 524 -0.95 54.14 -34.68
CA LEU A 524 -0.37 54.36 -33.36
C LEU A 524 0.27 53.06 -32.87
N PRO A 525 1.22 53.16 -31.92
CA PRO A 525 1.75 51.96 -31.29
C PRO A 525 0.64 51.06 -30.73
N LYS A 526 0.53 49.85 -31.27
CA LYS A 526 -0.44 48.87 -30.76
C LYS A 526 -0.11 48.50 -29.32
N VAL A 527 -1.15 48.47 -28.48
CA VAL A 527 -1.00 48.06 -27.09
C VAL A 527 -2.01 46.94 -26.80
N GLY A 528 -3.28 47.22 -27.06
CA GLY A 528 -4.29 46.17 -27.06
C GLY A 528 -4.05 45.24 -28.24
N PRO A 529 -4.92 44.24 -28.42
CA PRO A 529 -4.78 43.47 -29.66
C PRO A 529 -5.48 44.13 -30.86
N VAL A 530 -5.84 45.40 -30.70
CA VAL A 530 -6.38 46.19 -31.79
C VAL A 530 -5.41 47.32 -32.11
N LEU A 531 -5.09 47.51 -33.39
CA LEU A 531 -4.29 48.64 -33.83
C LEU A 531 -5.18 49.85 -34.11
N LYS A 532 -4.70 51.04 -33.79
CA LYS A 532 -5.55 52.25 -33.83
C LYS A 532 -4.92 53.46 -34.51
N PRO A 533 -5.62 54.00 -35.53
CA PRO A 533 -5.25 55.22 -36.26
C PRO A 533 -5.62 56.50 -35.54
N GLY A 534 -4.87 57.56 -35.84
CA GLY A 534 -5.26 58.90 -35.47
C GLY A 534 -5.18 59.87 -36.64
N LEU A 535 -6.25 60.65 -36.82
CA LEU A 535 -6.30 61.72 -37.81
C LEU A 535 -5.59 62.99 -37.35
N ARG A 536 -4.92 63.68 -38.27
CA ARG A 536 -4.28 64.94 -37.94
C ARG A 536 -4.62 66.02 -38.95
N ARG A 537 -5.29 67.08 -38.53
CA ARG A 537 -5.43 68.22 -39.43
C ARG A 537 -4.15 68.99 -39.43
N VAL A 538 -3.75 69.36 -40.64
CA VAL A 538 -2.42 69.84 -40.96
C VAL A 538 -2.54 71.10 -41.79
N ASN A 539 -1.65 72.06 -41.59
CA ASN A 539 -1.44 73.04 -42.65
C ASN A 539 -0.08 73.71 -42.66
N ASP A 540 0.90 72.89 -42.99
CA ASP A 540 2.05 73.34 -43.73
C ASP A 540 1.57 73.40 -45.17
N GLY A 541 0.90 72.34 -45.60
CA GLY A 541 0.27 72.28 -46.91
C GLY A 541 0.11 70.84 -47.33
N THR A 542 0.93 70.00 -46.71
CA THR A 542 1.24 68.67 -47.20
C THR A 542 0.28 67.56 -46.80
N GLY A 543 -1.03 67.82 -46.85
CA GLY A 543 -1.99 66.81 -46.47
C GLY A 543 -2.57 66.02 -47.65
N SER A 544 -3.16 64.86 -47.37
CA SER A 544 -3.94 64.13 -48.37
C SER A 544 -5.41 64.08 -47.99
N GLN A 545 -6.20 63.55 -48.92
CA GLN A 545 -7.59 63.17 -48.65
C GLN A 545 -7.62 61.80 -47.99
N ILE A 546 -8.00 61.74 -46.71
CA ILE A 546 -8.19 60.46 -46.03
C ILE A 546 -9.63 59.95 -46.15
N GLN A 547 -9.75 58.64 -46.34
CA GLN A 547 -11.03 57.96 -46.46
C GLN A 547 -11.81 57.80 -45.15
N LEU A 548 -13.12 58.01 -45.23
CA LEU A 548 -13.99 58.00 -44.05
C LEU A 548 -15.29 57.24 -44.28
N GLU A 549 -15.90 56.76 -43.20
CA GLU A 549 -17.29 56.33 -43.26
C GLU A 549 -18.07 57.23 -42.32
N VAL A 550 -19.26 57.64 -42.73
CA VAL A 550 -20.05 58.56 -41.92
C VAL A 550 -21.35 57.92 -41.47
N TYR A 551 -21.62 58.04 -40.17
CA TYR A 551 -22.77 57.44 -39.55
C TYR A 551 -23.63 58.44 -38.82
N SER A 552 -24.95 58.24 -38.86
CA SER A 552 -25.83 58.95 -37.95
C SER A 552 -25.96 58.21 -36.63
N VAL A 553 -25.52 58.86 -35.57
CA VAL A 553 -25.60 58.30 -34.22
C VAL A 553 -26.64 59.05 -33.40
N PRO A 554 -27.73 58.37 -33.03
CA PRO A 554 -28.85 59.01 -32.33
C PRO A 554 -28.37 59.87 -31.18
N TYR A 555 -28.99 61.03 -30.97
CA TYR A 555 -28.57 61.92 -29.90
C TYR A 555 -28.61 61.32 -28.51
N ASP A 556 -29.66 60.58 -28.19
CA ASP A 556 -29.75 60.00 -26.86
C ASP A 556 -28.75 58.85 -26.64
N ARG A 557 -28.02 58.47 -27.69
CA ARG A 557 -27.16 57.29 -27.64
C ARG A 557 -25.69 57.67 -27.76
N PHE A 558 -25.41 58.93 -28.06
CA PHE A 558 -24.04 59.34 -28.33
C PHE A 558 -23.18 59.23 -27.07
N GLY A 559 -23.80 59.47 -25.92
CA GLY A 559 -23.16 59.27 -24.63
C GLY A 559 -22.61 57.87 -24.49
N ASP A 560 -23.40 56.89 -24.88
CA ASP A 560 -22.98 55.50 -24.77
C ASP A 560 -21.80 55.24 -25.70
N PHE A 561 -21.79 55.88 -26.86
CA PHE A 561 -20.71 55.64 -27.81
C PHE A 561 -19.40 56.28 -27.38
N ILE A 562 -19.44 57.55 -26.99
CA ILE A 562 -18.21 58.23 -26.62
C ILE A 562 -17.58 57.64 -25.36
N ALA A 563 -18.39 56.98 -24.54
CA ALA A 563 -17.88 56.42 -23.30
C ALA A 563 -16.95 55.26 -23.59
N MET A 564 -17.02 54.73 -24.82
CA MET A 564 -16.18 53.62 -25.23
C MET A 564 -14.88 54.08 -25.90
N VAL A 565 -14.64 55.38 -25.89
CA VAL A 565 -13.53 55.97 -26.64
C VAL A 565 -12.41 56.44 -25.72
N PRO A 566 -11.34 55.65 -25.64
CA PRO A 566 -10.22 55.86 -24.72
C PRO A 566 -9.21 56.85 -25.27
N GLU A 567 -8.44 57.47 -24.37
CA GLU A 567 -7.24 58.19 -24.75
C GLU A 567 -6.41 57.32 -25.69
N PRO A 568 -5.75 57.93 -26.70
CA PRO A 568 -5.61 59.35 -27.03
C PRO A 568 -6.61 59.87 -28.04
N LEU A 569 -7.60 59.05 -28.40
CA LEU A 569 -8.59 59.47 -29.38
C LEU A 569 -9.62 60.35 -28.69
N GLY A 570 -10.45 60.98 -29.50
CA GLY A 570 -11.50 61.84 -29.00
C GLY A 570 -12.41 62.17 -30.16
N ILE A 571 -13.55 62.78 -29.85
CA ILE A 571 -14.45 63.20 -30.91
C ILE A 571 -14.46 64.71 -31.00
N GLY A 572 -14.01 65.18 -32.16
CA GLY A 572 -14.04 66.59 -32.54
C GLY A 572 -14.74 66.73 -33.88
N SER A 573 -14.26 67.66 -34.69
CA SER A 573 -14.86 67.88 -36.01
C SER A 573 -13.81 67.64 -37.10
N VAL A 574 -14.28 67.30 -38.31
CA VAL A 574 -13.40 67.12 -39.47
C VAL A 574 -14.00 67.74 -40.73
N GLU A 575 -13.13 68.10 -41.66
CA GLU A 575 -13.58 68.69 -42.92
C GLU A 575 -13.58 67.66 -44.03
N LEU A 576 -14.74 67.50 -44.67
CA LEU A 576 -14.89 66.58 -45.79
C LEU A 576 -14.46 67.25 -47.08
N GLU A 577 -14.27 66.43 -48.11
CA GLU A 577 -13.97 66.89 -49.45
C GLU A 577 -14.87 68.04 -49.88
N SER A 578 -16.18 67.86 -49.65
CA SER A 578 -17.19 68.82 -50.08
C SER A 578 -17.19 70.13 -49.30
N GLY A 579 -16.39 70.23 -48.25
CA GLY A 579 -16.40 71.43 -47.43
C GLY A 579 -17.29 71.41 -46.21
N GLU A 580 -18.24 70.48 -46.15
CA GLU A 580 -19.01 70.27 -44.94
C GLU A 580 -18.12 69.84 -43.76
N TRP A 581 -18.39 70.41 -42.59
CA TRP A 581 -17.81 69.89 -41.34
C TRP A 581 -18.76 68.93 -40.68
N VAL A 582 -18.17 67.93 -40.03
CA VAL A 582 -18.90 66.78 -39.53
C VAL A 582 -18.12 66.26 -38.33
N LYS A 583 -18.82 65.85 -37.28
CA LYS A 583 -18.15 65.24 -36.13
C LYS A 583 -17.29 64.06 -36.55
N SER A 584 -16.21 63.84 -35.83
CA SER A 584 -15.29 62.80 -36.23
C SER A 584 -14.30 62.43 -35.15
N PHE A 585 -13.65 61.29 -35.33
CA PHE A 585 -12.56 60.92 -34.46
C PHE A 585 -11.40 61.85 -34.73
N ILE A 586 -10.77 62.32 -33.66
CA ILE A 586 -9.52 63.05 -33.77
C ILE A 586 -8.53 62.39 -32.84
N CYS A 587 -7.37 62.99 -32.69
CA CYS A 587 -6.31 62.41 -31.89
C CYS A 587 -5.49 63.51 -31.25
N GLU A 588 -5.29 63.39 -29.93
CA GLU A 588 -4.36 64.26 -29.23
C GLU A 588 -3.01 64.20 -29.91
N GLU A 589 -2.32 65.33 -29.97
CA GLU A 589 -0.99 65.34 -30.57
C GLU A 589 -0.09 64.31 -29.92
N PHE A 590 -0.12 64.23 -28.58
CA PHE A 590 0.61 63.21 -27.84
C PHE A 590 0.44 61.79 -28.42
N GLY A 591 -0.70 61.52 -29.05
CA GLY A 591 -1.03 60.18 -29.51
C GLY A 591 -0.11 59.71 -30.62
N TYR A 592 -0.03 60.51 -31.68
CA TYR A 592 0.75 60.17 -32.88
C TYR A 592 2.17 60.76 -32.82
N THR A 593 2.64 61.05 -31.61
CA THR A 593 3.91 61.73 -31.38
C THR A 593 4.75 60.82 -30.44
N GLN A 594 4.30 59.57 -30.33
CA GLN A 594 5.02 58.52 -29.62
C GLN A 594 6.05 57.78 -30.49
N GLN A 595 7.04 57.15 -29.87
CA GLN A 595 7.87 56.17 -30.57
C GLN A 595 6.96 55.01 -30.98
N GLY A 596 6.96 54.68 -32.25
CA GLY A 596 6.21 53.53 -32.72
C GLY A 596 5.17 54.00 -33.72
N THR A 597 4.95 55.32 -33.74
CA THR A 597 4.00 55.92 -34.66
C THR A 597 4.49 55.83 -36.10
N VAL A 598 3.58 55.54 -37.01
CA VAL A 598 3.92 55.26 -38.41
C VAL A 598 3.06 56.17 -39.28
N ASP A 599 3.68 56.93 -40.17
CA ASP A 599 2.91 57.80 -41.05
C ASP A 599 2.28 57.00 -42.19
N ILE A 600 0.96 56.98 -42.20
CA ILE A 600 0.20 56.03 -42.98
C ILE A 600 -0.56 56.72 -44.14
N THR A 601 -0.41 58.03 -44.21
CA THR A 601 -1.16 58.89 -45.13
C THR A 601 -1.17 58.35 -46.56
N LYS A 602 -0.01 57.81 -46.96
CA LYS A 602 0.19 57.15 -48.25
C LYS A 602 -1.01 56.35 -48.76
N PHE A 603 -1.60 55.54 -47.87
CA PHE A 603 -2.63 54.58 -48.27
C PHE A 603 -4.00 55.22 -48.46
N GLY A 604 -4.11 56.50 -48.09
CA GLY A 604 -5.35 57.23 -48.25
C GLY A 604 -6.48 56.80 -47.33
N GLY A 605 -6.31 55.65 -46.68
CA GLY A 605 -7.30 55.13 -45.76
C GLY A 605 -6.68 54.13 -44.79
N PHE A 606 -7.49 53.63 -43.86
CA PHE A 606 -7.00 52.69 -42.85
C PHE A 606 -7.18 51.24 -43.31
N LYS A 607 -8.18 50.98 -44.14
CA LYS A 607 -8.36 49.64 -44.70
C LYS A 607 -7.07 49.23 -45.48
N PRO A 608 -6.76 49.89 -46.63
CA PRO A 608 -5.52 49.57 -47.37
C PRO A 608 -4.35 49.11 -46.52
N TYR A 609 -4.10 49.84 -45.43
CA TYR A 609 -2.98 49.57 -44.55
C TYR A 609 -3.11 48.32 -43.69
N ILE A 610 -4.32 48.00 -43.22
CA ILE A 610 -4.49 46.79 -42.41
C ILE A 610 -4.63 45.55 -43.32
N GLU A 611 -4.31 45.72 -44.60
CA GLU A 611 -4.26 44.59 -45.52
C GLU A 611 -2.82 44.33 -45.93
N HIS A 612 -2.02 45.40 -46.08
CA HIS A 612 -0.58 45.25 -46.25
C HIS A 612 0.11 44.74 -44.99
N ILE A 613 -0.64 44.00 -44.18
CA ILE A 613 -0.12 43.30 -43.02
C ILE A 613 -0.78 41.92 -42.97
N GLN A 614 -2.11 41.89 -43.00
CA GLN A 614 -2.87 40.64 -42.96
C GLN A 614 -4.12 40.75 -43.82
N LYS A 621 4.30 30.23 -41.67
CA LYS A 621 5.01 30.78 -40.51
C LYS A 621 4.51 30.17 -39.20
N LYS A 622 3.92 28.98 -39.28
CA LYS A 622 3.76 28.12 -38.10
C LYS A 622 4.68 26.89 -38.22
N PRO A 623 5.77 26.85 -37.43
CA PRO A 623 6.81 25.80 -37.48
C PRO A 623 6.25 24.39 -37.33
N PHE A 624 5.29 24.22 -36.43
CA PHE A 624 4.74 22.93 -36.04
C PHE A 624 3.29 23.11 -35.62
N GLU A 625 2.51 22.05 -35.72
CA GLU A 625 1.07 22.14 -35.52
C GLU A 625 0.80 21.77 -34.07
N THR A 626 1.34 20.63 -33.67
CA THR A 626 1.33 20.20 -32.27
C THR A 626 2.77 19.84 -31.81
N VAL A 627 3.11 20.22 -30.58
CA VAL A 627 4.45 20.04 -29.97
C VAL A 627 4.34 19.45 -28.57
N LEU A 628 5.12 18.41 -28.29
CA LEU A 628 5.14 17.81 -26.95
C LEU A 628 6.28 18.35 -26.07
N ILE A 629 6.01 18.51 -24.78
CA ILE A 629 7.06 18.98 -23.88
C ILE A 629 7.58 17.81 -23.07
N ALA A 630 8.81 17.41 -23.32
CA ALA A 630 9.41 16.33 -22.53
C ALA A 630 9.89 16.85 -21.19
N ASN A 631 9.00 17.51 -20.44
CA ASN A 631 9.38 18.10 -19.17
C ASN A 631 8.21 18.44 -18.25
N ARG A 632 8.54 18.94 -17.08
CA ARG A 632 7.59 19.21 -16.03
C ARG A 632 7.84 20.59 -15.49
N GLY A 633 7.18 20.91 -14.38
CA GLY A 633 7.46 22.14 -13.67
C GLY A 633 7.39 23.42 -14.47
N GLU A 634 8.36 24.29 -14.18
CA GLU A 634 8.36 25.70 -14.53
C GLU A 634 8.72 25.92 -15.99
N ILE A 635 9.71 25.19 -16.49
CA ILE A 635 10.03 25.23 -17.92
C ILE A 635 8.87 24.75 -18.81
N ALA A 636 8.12 23.73 -18.38
CA ALA A 636 7.00 23.22 -19.16
C ALA A 636 5.98 24.36 -19.29
N VAL A 637 5.67 25.01 -18.17
CA VAL A 637 4.70 26.12 -18.18
C VAL A 637 5.15 27.27 -19.07
N ARG A 638 6.45 27.59 -19.03
CA ARG A 638 6.98 28.70 -19.80
C ARG A 638 7.00 28.36 -21.28
N ILE A 639 7.29 27.11 -21.61
CA ILE A 639 7.36 26.73 -23.01
C ILE A 639 5.94 26.82 -23.58
N MET A 640 4.95 26.35 -22.81
CA MET A 640 3.54 26.42 -23.21
C MET A 640 3.00 27.84 -23.44
N LYS A 641 3.52 28.84 -22.74
CA LYS A 641 3.02 30.20 -22.97
C LYS A 641 3.38 30.61 -24.37
N THR A 642 4.59 30.25 -24.80
CA THR A 642 5.07 30.65 -26.10
C THR A 642 4.24 29.89 -27.12
N LEU A 643 4.06 28.58 -26.88
CA LEU A 643 3.33 27.72 -27.81
C LEU A 643 1.93 28.29 -28.02
N LYS A 644 1.20 28.50 -26.91
CA LYS A 644 -0.11 29.14 -26.94
C LYS A 644 -0.06 30.41 -27.82
N ARG A 645 0.83 31.36 -27.51
CA ARG A 645 0.89 32.63 -28.24
C ARG A 645 1.10 32.39 -29.74
N MET A 646 1.80 31.31 -30.06
CA MET A 646 2.09 30.97 -31.45
C MET A 646 0.98 30.15 -32.13
N GLY A 647 -0.05 29.76 -31.38
CA GLY A 647 -1.19 29.06 -31.96
C GLY A 647 -0.83 27.61 -32.23
N ILE A 648 0.19 27.14 -31.52
CA ILE A 648 0.65 25.77 -31.62
C ILE A 648 0.07 24.93 -30.51
N LYS A 649 -0.51 23.79 -30.86
CA LYS A 649 -1.18 22.97 -29.85
C LYS A 649 -0.07 22.34 -29.02
N SER A 650 -0.26 22.26 -27.70
CA SER A 650 0.78 21.71 -26.83
C SER A 650 0.38 20.41 -26.15
N VAL A 651 1.38 19.58 -25.85
CA VAL A 651 1.13 18.30 -25.17
C VAL A 651 1.98 18.17 -23.91
N ALA A 652 1.30 17.99 -22.78
CA ALA A 652 1.95 17.67 -21.52
C ALA A 652 2.27 16.19 -21.39
N VAL A 653 3.27 15.90 -20.57
CA VAL A 653 3.45 14.56 -20.02
C VAL A 653 3.70 14.69 -18.52
N TYR A 654 3.16 13.78 -17.74
CA TYR A 654 3.31 13.88 -16.30
C TYR A 654 3.49 12.55 -15.61
N SER A 655 4.29 12.57 -14.55
CA SER A 655 4.32 11.48 -13.60
C SER A 655 3.03 11.48 -12.80
N ASP A 656 2.93 10.59 -11.83
CA ASP A 656 1.75 10.56 -10.97
C ASP A 656 1.73 11.68 -9.91
N PRO A 657 2.87 11.97 -9.23
CA PRO A 657 2.75 13.16 -8.37
C PRO A 657 2.45 14.47 -9.10
N ASP A 658 2.79 14.55 -10.39
CA ASP A 658 2.53 15.76 -11.17
C ASP A 658 1.16 15.82 -11.83
N LYS A 659 0.30 14.82 -11.62
CA LYS A 659 -0.96 14.78 -12.37
C LYS A 659 -1.82 16.03 -12.13
N TYR A 660 -1.53 16.77 -11.05
CA TYR A 660 -2.25 18.00 -10.76
C TYR A 660 -1.47 19.30 -10.99
N SER A 661 -0.34 19.24 -11.71
CA SER A 661 0.52 20.43 -11.85
C SER A 661 0.09 21.34 -13.01
N GLN A 662 0.40 22.64 -12.84
CA GLN A 662 0.11 23.72 -13.79
C GLN A 662 0.27 23.32 -15.27
N HIS A 663 1.38 22.66 -15.59
CA HIS A 663 1.74 22.38 -16.98
C HIS A 663 0.77 21.36 -17.59
N VAL A 664 0.17 20.54 -16.74
CA VAL A 664 -0.86 19.59 -17.16
C VAL A 664 -2.15 20.34 -17.49
N THR A 665 -2.56 21.21 -16.57
CA THR A 665 -3.65 22.15 -16.81
C THR A 665 -3.47 23.01 -18.06
N ASP A 666 -2.33 23.67 -18.21
CA ASP A 666 -2.11 24.63 -19.31
C ASP A 666 -2.16 24.03 -20.69
N ALA A 667 -1.80 22.76 -20.80
CA ALA A 667 -1.64 22.13 -22.11
C ALA A 667 -2.98 21.87 -22.80
N ASP A 668 -2.94 21.73 -24.12
CA ASP A 668 -4.13 21.36 -24.87
C ASP A 668 -4.43 19.88 -24.71
N PHE A 669 -3.38 19.07 -24.65
CA PHE A 669 -3.52 17.63 -24.43
C PHE A 669 -2.48 17.16 -23.42
N SER A 670 -2.65 15.94 -22.92
CA SER A 670 -1.72 15.43 -21.92
C SER A 670 -1.72 13.92 -21.90
N VAL A 671 -0.61 13.37 -21.46
CA VAL A 671 -0.46 11.93 -21.45
C VAL A 671 0.12 11.56 -20.10
N ALA A 672 -0.60 10.74 -19.37
CA ALA A 672 -0.07 10.15 -18.16
C ALA A 672 1.01 9.16 -18.50
N LEU A 673 2.20 9.42 -17.95
CA LEU A 673 3.18 8.38 -17.90
C LEU A 673 2.81 7.82 -16.55
N HIS A 674 3.03 6.55 -16.32
CA HIS A 674 2.61 6.04 -15.03
C HIS A 674 3.82 5.72 -14.17
N GLY A 675 3.78 6.21 -12.93
CA GLY A 675 4.86 6.00 -11.99
C GLY A 675 5.20 7.27 -11.22
N ARG A 676 6.23 7.19 -10.39
CA ARG A 676 6.56 8.27 -9.45
C ARG A 676 7.96 8.86 -9.78
N THR A 677 8.97 8.01 -9.96
CA THR A 677 10.36 8.50 -10.01
C THR A 677 10.71 9.13 -11.35
N ALA A 678 11.74 9.96 -11.35
CA ALA A 678 12.34 10.49 -12.58
C ALA A 678 12.59 9.39 -13.62
N ALA A 679 13.12 8.26 -13.17
CA ALA A 679 13.49 7.17 -14.05
C ALA A 679 12.26 6.45 -14.60
N GLU A 680 11.24 6.33 -13.76
CA GLU A 680 9.99 5.66 -14.11
C GLU A 680 9.19 6.38 -15.20
N THR A 681 9.42 7.68 -15.34
CA THR A 681 8.54 8.51 -16.16
C THR A 681 9.26 9.43 -17.13
N TYR A 682 9.63 10.64 -16.70
CA TYR A 682 10.24 11.64 -17.58
C TYR A 682 11.47 11.15 -18.33
N LEU A 683 12.21 10.22 -17.72
CA LEU A 683 13.46 9.74 -18.30
C LEU A 683 13.27 8.53 -19.23
N ASP A 684 12.06 7.98 -19.28
CA ASP A 684 11.82 6.74 -20.01
C ASP A 684 11.50 7.12 -21.46
N ILE A 685 12.53 7.02 -22.31
CA ILE A 685 12.41 7.42 -23.72
C ILE A 685 11.23 6.76 -24.42
N ASP A 686 10.97 5.50 -24.06
CA ASP A 686 10.00 4.71 -24.79
C ASP A 686 8.62 5.32 -24.54
N LYS A 687 8.33 5.58 -23.27
CA LYS A 687 7.09 6.25 -22.86
C LYS A 687 6.91 7.60 -23.55
N ILE A 688 7.92 8.45 -23.48
CA ILE A 688 7.90 9.78 -24.09
C ILE A 688 7.56 9.72 -25.57
N ILE A 689 8.27 8.87 -26.30
CA ILE A 689 8.13 8.79 -27.75
C ILE A 689 6.76 8.22 -28.10
N ASN A 690 6.29 7.25 -27.30
CA ASN A 690 4.92 6.75 -27.42
C ASN A 690 3.90 7.84 -27.17
N ALA A 691 4.16 8.66 -26.16
CA ALA A 691 3.35 9.84 -25.86
C ALA A 691 3.22 10.80 -27.05
N ALA A 692 4.33 11.02 -27.76
CA ALA A 692 4.31 11.94 -28.89
C ALA A 692 3.59 11.30 -30.09
N LYS A 693 3.75 9.98 -30.21
CA LYS A 693 3.05 9.18 -31.20
C LYS A 693 1.53 9.30 -31.03
N LYS A 694 1.12 8.89 -29.84
CA LYS A 694 -0.27 8.82 -29.38
C LYS A 694 -1.04 10.15 -29.58
N THR A 695 -0.35 11.29 -29.53
CA THR A 695 -1.00 12.60 -29.64
C THR A 695 -0.74 13.28 -30.99
N GLY A 696 -0.06 12.57 -31.87
CA GLY A 696 0.44 13.11 -33.14
C GLY A 696 1.26 14.40 -33.08
N ALA A 697 2.20 14.45 -32.15
CA ALA A 697 3.09 15.61 -32.06
C ALA A 697 4.19 15.51 -33.11
N GLN A 698 4.35 16.52 -33.96
CA GLN A 698 5.44 16.50 -34.94
C GLN A 698 6.80 16.80 -34.31
N ALA A 699 6.82 17.40 -33.13
CA ALA A 699 8.08 17.79 -32.53
C ALA A 699 8.08 17.59 -31.01
N ILE A 700 9.27 17.37 -30.45
CA ILE A 700 9.44 17.33 -28.99
C ILE A 700 10.45 18.37 -28.54
N ILE A 701 10.06 19.18 -27.55
CA ILE A 701 10.98 20.14 -27.01
C ILE A 701 11.24 19.71 -25.57
N PRO A 702 12.52 19.57 -25.20
CA PRO A 702 12.91 18.87 -23.98
C PRO A 702 13.08 19.74 -22.74
N GLY A 703 13.26 21.05 -22.91
CA GLY A 703 13.62 21.86 -21.77
C GLY A 703 15.09 21.71 -21.38
N TYR A 704 15.30 21.65 -20.07
CA TYR A 704 16.61 21.32 -19.48
C TYR A 704 16.43 20.33 -18.34
N GLY A 705 17.49 19.57 -18.05
CA GLY A 705 17.38 18.37 -17.24
C GLY A 705 16.84 17.21 -18.06
N PHE A 706 16.59 16.07 -17.42
CA PHE A 706 15.92 14.93 -18.08
C PHE A 706 16.54 14.57 -19.44
N LEU A 707 15.74 14.35 -20.47
CA LEU A 707 16.27 13.82 -21.73
C LEU A 707 16.95 14.89 -22.60
N SER A 708 17.17 16.08 -22.03
CA SER A 708 17.57 17.30 -22.74
C SER A 708 18.88 17.15 -23.50
N GLU A 709 19.89 16.74 -22.76
CA GLU A 709 21.22 16.48 -23.29
C GLU A 709 21.49 14.99 -23.46
N ASN A 710 20.46 14.23 -23.76
CA ASN A 710 20.58 12.79 -23.97
C ASN A 710 20.55 12.46 -25.47
N ALA A 711 21.70 12.02 -26.00
CA ALA A 711 21.86 11.87 -27.44
C ALA A 711 21.17 10.65 -28.03
N ASP A 712 21.01 9.59 -27.25
CA ASP A 712 20.21 8.45 -27.70
C ASP A 712 18.81 8.95 -28.01
N PHE A 713 18.26 9.69 -27.04
CA PHE A 713 16.96 10.32 -27.20
C PHE A 713 16.86 11.22 -28.43
N SER A 714 17.81 12.14 -28.63
CA SER A 714 17.79 12.99 -29.82
C SER A 714 17.75 12.11 -31.06
N ASP A 715 18.56 11.06 -31.04
CA ASP A 715 18.61 10.11 -32.15
C ASP A 715 17.31 9.30 -32.30
N ARG A 716 16.74 8.80 -31.20
CA ARG A 716 15.39 8.18 -31.23
C ARG A 716 14.33 9.07 -31.89
N CYS A 717 14.30 10.34 -31.55
CA CYS A 717 13.38 11.27 -32.21
C CYS A 717 13.59 11.23 -33.73
N SER A 718 14.83 11.43 -34.17
CA SER A 718 15.15 11.45 -35.60
C SER A 718 14.72 10.14 -36.28
N GLN A 719 15.09 8.99 -35.69
CA GLN A 719 14.82 7.69 -36.32
C GLN A 719 13.32 7.34 -36.22
N GLU A 720 12.53 8.26 -35.66
CA GLU A 720 11.09 8.05 -35.47
C GLU A 720 10.23 9.08 -36.23
N ASN A 721 10.87 9.97 -36.97
CA ASN A 721 10.20 11.07 -37.67
C ASN A 721 9.50 12.05 -36.71
N ILE A 722 10.06 12.22 -35.52
CA ILE A 722 9.70 13.31 -34.62
C ILE A 722 10.88 14.30 -34.49
N VAL A 723 10.62 15.58 -34.77
CA VAL A 723 11.65 16.62 -34.68
C VAL A 723 12.01 17.04 -33.25
N PHE A 724 13.16 16.56 -32.78
CA PHE A 724 13.80 17.03 -31.55
C PHE A 724 14.19 18.51 -31.59
N VAL A 725 13.56 19.33 -30.75
CA VAL A 725 13.88 20.75 -30.76
C VAL A 725 15.13 20.92 -29.91
N GLY A 726 16.27 20.77 -30.57
CA GLY A 726 17.55 20.76 -29.89
C GLY A 726 18.60 20.36 -30.90
N PRO A 727 19.87 20.29 -30.47
CA PRO A 727 20.95 19.87 -31.36
C PRO A 727 20.99 18.35 -31.61
N SER A 728 21.76 17.95 -32.62
CA SER A 728 21.90 16.54 -33.01
C SER A 728 22.49 15.64 -31.91
N GLY A 729 22.19 14.35 -31.99
CA GLY A 729 22.70 13.37 -31.04
C GLY A 729 24.23 13.36 -31.05
N ASP A 730 24.79 13.72 -32.19
CA ASP A 730 26.24 13.77 -32.38
C ASP A 730 26.87 14.92 -31.61
N ALA A 731 26.43 16.13 -31.92
CA ALA A 731 26.82 17.31 -31.17
C ALA A 731 26.75 17.09 -29.66
N ILE A 732 25.64 16.52 -29.20
CA ILE A 732 25.50 16.20 -27.78
C ILE A 732 26.56 15.23 -27.26
N ARG A 733 26.82 14.15 -27.99
CA ARG A 733 27.93 13.25 -27.69
C ARG A 733 29.28 13.96 -27.69
N LYS A 734 29.58 14.66 -28.78
CA LYS A 734 30.78 15.48 -28.92
C LYS A 734 30.95 16.50 -27.79
N LEU A 735 29.86 16.98 -27.20
CA LEU A 735 29.94 17.91 -26.07
C LEU A 735 29.83 17.26 -24.68
N GLY A 736 29.34 16.03 -24.61
CA GLY A 736 29.19 15.34 -23.34
C GLY A 736 30.47 14.93 -22.63
N LEU A 737 31.48 14.55 -23.41
CA LEU A 737 32.73 14.08 -22.84
C LEU A 737 33.69 15.24 -22.68
N LYS A 738 34.23 15.39 -21.47
CA LYS A 738 35.02 16.55 -21.11
C LYS A 738 36.18 16.85 -22.08
N HIS A 739 36.63 15.84 -22.80
CA HIS A 739 37.85 15.95 -23.60
C HIS A 739 37.60 16.13 -25.09
N SER A 740 36.57 15.48 -25.62
CA SER A 740 36.15 15.76 -27.00
C SER A 740 35.73 17.21 -27.09
N ALA A 741 35.07 17.70 -26.04
CA ALA A 741 34.65 19.08 -25.98
C ALA A 741 35.84 20.05 -26.02
N ARG A 742 36.95 19.67 -25.39
CA ARG A 742 38.16 20.53 -25.41
C ARG A 742 38.77 20.65 -26.83
N GLU A 743 38.81 19.56 -27.59
CA GLU A 743 39.34 19.61 -28.96
C GLU A 743 38.56 20.58 -29.85
N ILE A 744 37.24 20.43 -29.90
CA ILE A 744 36.36 21.32 -30.66
C ILE A 744 36.67 22.77 -30.32
N ALA A 745 36.73 23.06 -29.02
CA ALA A 745 37.07 24.38 -28.51
C ALA A 745 38.41 24.88 -29.04
N GLU A 746 39.43 24.02 -28.95
CA GLU A 746 40.75 24.30 -29.48
C GLU A 746 40.68 24.67 -30.95
N ARG A 747 40.20 23.72 -31.76
CA ARG A 747 39.96 23.93 -33.19
C ARG A 747 39.14 25.20 -33.51
N ALA A 748 38.22 25.57 -32.63
CA ALA A 748 37.40 26.80 -32.77
C ALA A 748 38.11 28.09 -32.35
N LYS A 749 39.32 27.95 -31.81
CA LYS A 749 40.16 29.08 -31.41
C LYS A 749 39.53 29.76 -30.20
N VAL A 750 39.26 28.95 -29.19
CA VAL A 750 38.62 29.39 -27.97
C VAL A 750 39.63 29.22 -26.84
N PRO A 751 40.03 30.33 -26.20
CA PRO A 751 41.10 30.22 -25.19
C PRO A 751 40.72 29.26 -24.07
N LEU A 752 41.56 28.26 -23.82
CA LEU A 752 41.35 27.32 -22.72
C LEU A 752 42.33 27.50 -21.56
N VAL A 753 41.99 26.89 -20.42
CA VAL A 753 42.87 26.85 -19.26
C VAL A 753 44.17 26.12 -19.57
N PRO A 754 45.31 26.83 -19.57
CA PRO A 754 46.57 26.20 -19.96
C PRO A 754 47.19 25.41 -18.81
N ASN A 826 40.37 34.01 -8.07
CA ASN A 826 38.99 34.10 -7.57
C ASN A 826 37.96 34.26 -8.69
N ALA A 827 37.50 33.11 -9.15
CA ALA A 827 36.96 32.90 -10.49
C ALA A 827 35.48 33.24 -10.64
N ARG A 828 35.16 33.97 -11.71
CA ARG A 828 33.77 34.23 -12.09
C ARG A 828 33.27 33.22 -13.13
N HIS A 829 31.96 33.23 -13.35
CA HIS A 829 31.34 32.33 -14.33
C HIS A 829 30.55 33.16 -15.32
N VAL A 830 31.14 33.38 -16.49
CA VAL A 830 30.50 34.18 -17.53
C VAL A 830 30.19 33.22 -18.68
N GLU A 831 28.93 33.19 -19.11
CA GLU A 831 28.54 32.27 -20.16
C GLU A 831 27.94 33.06 -21.31
N ILE A 832 28.01 32.49 -22.51
CA ILE A 832 27.43 33.15 -23.67
C ILE A 832 26.24 32.35 -24.13
N GLN A 833 25.12 33.03 -24.34
CA GLN A 833 23.96 32.37 -24.90
C GLN A 833 24.09 32.46 -26.40
N MET A 834 24.09 31.32 -27.06
CA MET A 834 24.29 31.30 -28.49
C MET A 834 23.13 30.57 -29.17
N MET A 835 22.84 30.95 -30.41
CA MET A 835 21.85 30.29 -31.25
C MET A 835 22.54 29.78 -32.52
N GLY A 836 22.25 28.55 -32.91
CA GLY A 836 22.78 27.98 -34.13
C GLY A 836 21.66 27.49 -35.02
N ASP A 837 21.83 27.56 -36.33
CA ASP A 837 20.74 27.22 -37.23
C ASP A 837 20.84 25.78 -37.76
N GLY A 838 21.88 25.07 -37.36
CA GLY A 838 22.04 23.67 -37.74
C GLY A 838 22.69 23.50 -39.10
N PHE A 839 23.20 24.61 -39.64
CA PHE A 839 23.71 24.63 -41.00
C PHE A 839 24.96 25.53 -41.10
N GLY A 840 25.63 25.71 -39.97
CA GLY A 840 26.88 26.44 -39.94
C GLY A 840 26.81 27.88 -39.46
N LYS A 841 25.62 28.44 -39.45
CA LYS A 841 25.45 29.77 -38.89
C LYS A 841 25.21 29.75 -37.39
N ALA A 842 25.86 30.67 -36.69
CA ALA A 842 25.74 30.79 -35.24
C ALA A 842 25.78 32.26 -34.85
N ILE A 843 25.08 32.58 -33.76
CA ILE A 843 24.99 33.96 -33.31
C ILE A 843 25.03 34.10 -31.79
N ALA A 844 25.78 35.07 -31.29
CA ALA A 844 25.90 35.22 -29.86
C ALA A 844 24.89 36.26 -29.42
N ILE A 845 24.01 35.86 -28.51
CA ILE A 845 22.85 36.66 -28.18
C ILE A 845 23.17 37.56 -26.99
N GLY A 846 24.10 37.13 -26.15
CA GLY A 846 24.52 37.94 -25.02
C GLY A 846 25.25 37.12 -23.99
N GLU A 847 25.71 37.76 -22.91
CA GLU A 847 26.41 37.02 -21.87
C GLU A 847 25.72 37.20 -20.52
N ARG A 848 25.91 36.21 -19.65
CA ARG A 848 25.27 36.21 -18.35
C ARG A 848 26.38 35.89 -17.35
N ASP A 849 26.30 36.50 -16.18
CA ASP A 849 27.16 36.13 -15.07
C ASP A 849 26.42 35.21 -14.11
N CYS A 850 27.02 34.09 -13.77
CA CYS A 850 26.35 33.07 -12.97
C CYS A 850 27.27 32.67 -11.84
N SER A 851 28.07 33.63 -11.39
CA SER A 851 29.00 33.43 -10.29
C SER A 851 28.38 33.06 -8.94
N LEU A 852 27.19 33.56 -8.65
CA LEU A 852 26.64 33.36 -7.31
C LEU A 852 26.09 31.94 -7.15
N GLN A 853 26.99 31.01 -6.88
CA GLN A 853 26.70 29.59 -6.80
C GLN A 853 27.00 29.07 -5.40
N ARG A 854 26.20 28.12 -4.93
CA ARG A 854 26.41 27.50 -3.62
C ARG A 854 26.71 26.03 -3.85
N ARG A 855 27.88 25.57 -3.39
CA ARG A 855 28.38 24.23 -3.67
C ARG A 855 28.08 23.91 -5.14
N ASN A 856 28.37 24.90 -5.99
CA ASN A 856 28.20 24.83 -7.45
C ASN A 856 26.78 24.89 -7.99
N GLN A 857 25.80 25.21 -7.15
CA GLN A 857 24.42 25.25 -7.62
C GLN A 857 23.94 26.69 -7.69
N LYS A 858 23.58 27.16 -8.88
CA LYS A 858 23.31 28.56 -9.13
C LYS A 858 22.07 29.02 -8.37
N VAL A 859 22.08 30.24 -7.85
CA VAL A 859 20.93 30.80 -7.15
C VAL A 859 20.54 32.19 -7.68
N ILE A 860 21.55 32.98 -8.03
CA ILE A 860 21.32 34.26 -8.67
C ILE A 860 22.18 34.48 -9.92
N GLU A 861 21.55 34.95 -11.00
CA GLU A 861 22.24 35.27 -12.26
C GLU A 861 21.90 36.69 -12.77
N GLU A 862 22.77 37.26 -13.59
CA GLU A 862 22.56 38.62 -14.09
C GLU A 862 23.16 38.86 -15.48
N THR A 863 22.65 39.89 -16.13
CA THR A 863 23.12 40.30 -17.45
C THR A 863 22.88 41.80 -17.55
N PRO A 864 23.81 42.53 -18.22
CA PRO A 864 25.13 42.09 -18.69
C PRO A 864 26.05 41.67 -17.54
N ALA A 865 27.12 40.94 -17.84
CA ALA A 865 28.14 40.67 -16.84
C ALA A 865 28.67 42.00 -16.32
N PRO A 866 28.80 42.15 -14.99
CA PRO A 866 29.42 43.35 -14.45
C PRO A 866 30.93 43.31 -14.65
N ASN A 867 31.56 44.48 -14.70
CA ASN A 867 33.02 44.59 -14.69
C ASN A 867 33.67 43.73 -15.77
N LEU A 868 33.18 43.89 -16.99
CA LEU A 868 33.72 43.18 -18.13
C LEU A 868 33.82 44.16 -19.30
N PRO A 869 35.04 44.36 -19.80
CA PRO A 869 35.28 45.27 -20.93
C PRO A 869 34.83 44.66 -22.26
N GLU A 870 34.25 45.50 -23.10
CA GLU A 870 33.94 45.18 -24.50
C GLU A 870 34.98 44.32 -25.26
N ALA A 871 36.25 44.72 -25.22
CA ALA A 871 37.32 43.93 -25.84
C ALA A 871 37.19 42.42 -25.57
N THR A 872 36.93 42.08 -24.31
CA THR A 872 36.89 40.69 -23.90
C THR A 872 35.46 40.11 -24.04
N ARG A 873 34.42 40.93 -23.89
CA ARG A 873 33.05 40.47 -24.23
C ARG A 873 32.88 40.16 -25.72
N ALA A 874 33.28 41.08 -26.59
CA ALA A 874 33.15 40.87 -28.03
C ALA A 874 33.94 39.66 -28.52
N LYS A 875 34.99 39.28 -27.79
CA LYS A 875 35.82 38.13 -28.16
C LYS A 875 35.35 36.86 -27.44
N MET A 876 34.44 37.04 -26.49
CA MET A 876 33.72 35.90 -25.92
C MET A 876 32.63 35.51 -26.89
N ARG A 877 31.94 36.53 -27.42
CA ARG A 877 30.91 36.36 -28.45
C ARG A 877 31.48 35.61 -29.66
N ALA A 878 32.50 36.19 -30.31
CA ALA A 878 33.04 35.64 -31.54
C ALA A 878 33.59 34.21 -31.37
N ALA A 879 34.14 33.90 -30.20
CA ALA A 879 34.68 32.57 -29.95
C ALA A 879 33.54 31.58 -29.87
N SER A 880 32.46 32.00 -29.21
CA SER A 880 31.24 31.22 -29.10
C SER A 880 30.60 30.94 -30.46
N GLU A 881 30.60 31.95 -31.35
CA GLU A 881 30.03 31.75 -32.68
C GLU A 881 30.90 30.80 -33.52
N ARG A 882 32.21 30.76 -33.27
CA ARG A 882 33.08 29.86 -34.05
C ARG A 882 32.82 28.43 -33.62
N LEU A 883 32.65 28.25 -32.31
CA LEU A 883 32.37 26.94 -31.75
C LEU A 883 31.05 26.42 -32.27
N GLY A 884 30.04 27.29 -32.30
CA GLY A 884 28.71 26.88 -32.73
C GLY A 884 28.66 26.62 -34.22
N SER A 885 29.35 27.48 -34.97
CA SER A 885 29.49 27.31 -36.41
C SER A 885 30.20 26.02 -36.77
N LEU A 886 31.36 25.79 -36.15
CA LEU A 886 32.14 24.59 -36.38
C LEU A 886 31.29 23.33 -36.24
N LEU A 887 30.52 23.25 -35.18
CA LEU A 887 29.64 22.09 -34.98
C LEU A 887 28.46 21.98 -35.93
N LYS A 888 28.18 23.04 -36.68
CA LYS A 888 26.87 23.18 -37.35
C LYS A 888 25.82 23.03 -36.26
N TYR A 889 26.03 23.71 -35.13
CA TYR A 889 25.11 23.62 -33.98
C TYR A 889 23.67 24.06 -34.29
N LYS A 890 22.71 23.30 -33.76
CA LYS A 890 21.29 23.58 -33.93
C LYS A 890 20.51 23.92 -32.66
N CYS A 891 19.77 25.02 -32.75
CA CYS A 891 18.95 25.59 -31.69
C CYS A 891 19.81 26.31 -30.65
N ALA A 892 19.53 26.09 -29.37
CA ALA A 892 20.12 26.93 -28.33
C ALA A 892 21.19 26.18 -27.56
N GLY A 893 22.32 26.85 -27.35
CA GLY A 893 23.36 26.30 -26.51
C GLY A 893 24.06 27.40 -25.77
N THR A 894 24.75 27.03 -24.71
CA THR A 894 25.50 27.98 -23.93
C THR A 894 26.96 27.61 -23.80
N VAL A 895 27.84 28.57 -24.02
CA VAL A 895 29.26 28.36 -23.86
C VAL A 895 29.63 29.01 -22.54
N GLU A 896 29.98 28.20 -21.56
CA GLU A 896 30.44 28.72 -20.27
C GLU A 896 31.93 28.97 -20.28
N PHE A 897 32.32 30.08 -19.67
CA PHE A 897 33.72 30.41 -19.47
C PHE A 897 34.03 30.69 -18.00
N ILE A 898 35.27 30.42 -17.62
CA ILE A 898 35.84 30.96 -16.40
C ILE A 898 36.41 32.35 -16.69
N TYR A 899 36.30 33.31 -15.76
CA TYR A 899 36.81 34.66 -16.02
C TYR A 899 37.64 35.23 -14.86
N ASP A 900 38.90 35.56 -15.15
CA ASP A 900 39.73 36.24 -14.17
C ASP A 900 39.55 37.74 -14.36
N GLU A 901 38.77 38.34 -13.46
CA GLU A 901 38.41 39.74 -13.52
C GLU A 901 39.65 40.62 -13.53
N GLN A 902 40.58 40.28 -12.66
CA GLN A 902 41.85 41.00 -12.52
C GLN A 902 42.74 40.88 -13.76
N ARG A 903 43.09 39.65 -14.13
CA ARG A 903 43.92 39.38 -15.30
C ARG A 903 43.24 39.80 -16.64
N ASP A 904 41.95 40.08 -16.58
CA ASP A 904 41.07 40.27 -17.76
C ASP A 904 41.09 39.11 -18.78
N GLU A 905 41.10 37.88 -18.29
CA GLU A 905 41.18 36.70 -19.15
C GLU A 905 40.00 35.75 -18.95
N PHE A 906 39.58 35.07 -20.02
CA PHE A 906 38.54 34.04 -19.89
C PHE A 906 38.99 32.71 -20.49
N TYR A 907 38.45 31.61 -19.96
CA TYR A 907 38.86 30.26 -20.41
C TYR A 907 37.68 29.29 -20.51
N PHE A 908 37.59 28.60 -21.65
CA PHE A 908 36.56 27.58 -21.91
C PHE A 908 36.31 26.68 -20.69
N LEU A 909 35.04 26.45 -20.39
CA LEU A 909 34.67 25.54 -19.31
C LEU A 909 33.86 24.37 -19.90
N GLU A 910 32.76 24.69 -20.59
CA GLU A 910 31.90 23.65 -21.18
C GLU A 910 30.82 24.27 -22.03
N VAL A 911 30.23 23.45 -22.90
CA VAL A 911 29.01 23.85 -23.60
C VAL A 911 27.85 23.08 -23.02
N ASN A 912 26.79 23.79 -22.63
CA ASN A 912 25.52 23.12 -22.38
C ASN A 912 24.71 23.03 -23.66
N ALA A 913 24.40 21.80 -24.05
CA ALA A 913 23.81 21.56 -25.36
C ALA A 913 22.30 21.60 -25.25
N ARG A 914 21.78 22.73 -24.77
CA ARG A 914 20.38 22.85 -24.40
C ARG A 914 20.09 24.29 -24.00
N LEU A 915 18.81 24.60 -23.81
CA LEU A 915 18.42 25.85 -23.18
C LEU A 915 18.78 25.78 -21.71
N GLN A 916 18.91 26.94 -21.05
CA GLN A 916 19.28 26.94 -19.64
C GLN A 916 18.25 27.62 -18.78
N VAL A 917 18.18 27.18 -17.52
CA VAL A 917 17.29 27.78 -16.53
C VAL A 917 17.33 29.32 -16.52
N GLU A 918 18.53 29.90 -16.49
CA GLU A 918 18.66 31.37 -16.45
C GLU A 918 18.34 32.11 -17.74
N HIS A 919 17.89 31.42 -18.77
CA HIS A 919 17.66 32.07 -20.06
C HIS A 919 16.73 33.33 -20.02
N PRO A 920 15.78 33.42 -19.07
CA PRO A 920 14.94 34.63 -19.16
C PRO A 920 15.59 36.00 -18.99
N ILE A 921 16.72 36.14 -18.32
CA ILE A 921 17.32 37.48 -18.17
C ILE A 921 17.79 37.97 -19.55
N THR A 922 18.36 37.06 -20.32
CA THR A 922 18.70 37.34 -21.70
C THR A 922 17.48 37.82 -22.48
N GLU A 923 16.35 37.16 -22.26
CA GLU A 923 15.11 37.54 -22.92
C GLU A 923 14.65 38.94 -22.51
N MET A 924 15.03 39.40 -21.32
CA MET A 924 14.51 40.69 -20.87
C MET A 924 15.25 41.80 -21.61
N VAL A 925 16.57 41.70 -21.66
CA VAL A 925 17.41 42.74 -22.21
C VAL A 925 17.38 42.80 -23.75
N THR A 926 16.86 41.75 -24.39
CA THR A 926 16.88 41.71 -25.85
C THR A 926 15.48 41.73 -26.45
N GLY A 927 14.50 41.29 -25.67
CA GLY A 927 13.12 41.19 -26.11
C GLY A 927 12.85 39.99 -27.00
N LEU A 928 13.79 39.05 -27.02
CA LEU A 928 13.64 37.85 -27.82
C LEU A 928 12.93 36.76 -27.04
N ASP A 929 12.10 35.98 -27.71
CA ASP A 929 11.55 34.79 -27.08
C ASP A 929 12.41 33.67 -27.64
N LEU A 930 13.34 33.19 -26.81
CA LEU A 930 14.27 32.13 -27.20
C LEU A 930 13.63 30.80 -27.58
N VAL A 931 12.65 30.34 -26.79
CA VAL A 931 11.81 29.20 -27.19
C VAL A 931 11.22 29.39 -28.58
N GLU A 932 10.75 30.60 -28.91
CA GLU A 932 10.15 30.83 -30.22
C GLU A 932 11.21 30.56 -31.28
N TRP A 933 12.36 31.20 -31.12
CA TRP A 933 13.54 30.95 -31.95
C TRP A 933 13.88 29.48 -32.12
N MET A 934 14.03 28.77 -30.99
CA MET A 934 14.31 27.34 -31.03
C MET A 934 13.31 26.63 -31.94
N LEU A 935 12.02 26.89 -31.75
CA LEU A 935 10.98 26.20 -32.50
C LEU A 935 11.17 26.51 -33.98
N ARG A 936 11.44 27.76 -34.30
CA ARG A 936 11.47 28.17 -35.71
C ARG A 936 12.70 27.56 -36.38
N ILE A 937 13.82 27.52 -35.66
CA ILE A 937 15.07 26.97 -36.19
C ILE A 937 14.93 25.47 -36.42
N ALA A 938 14.29 24.78 -35.47
CA ALA A 938 14.16 23.32 -35.47
C ALA A 938 13.30 22.84 -36.64
N ALA A 939 12.55 23.76 -37.24
CA ALA A 939 11.64 23.44 -38.35
C ALA A 939 12.20 24.04 -39.65
N ASN A 940 13.46 24.45 -39.61
CA ASN A 940 14.20 24.96 -40.77
C ASN A 940 13.58 26.23 -41.33
N ASP A 941 13.00 27.05 -40.45
CA ASP A 941 12.43 28.32 -40.84
C ASP A 941 13.14 29.29 -39.90
N SER A 942 14.47 29.19 -39.91
CA SER A 942 15.34 29.99 -39.04
C SER A 942 15.26 31.48 -39.39
N PRO A 943 15.34 32.35 -38.36
CA PRO A 943 15.60 33.78 -38.59
C PRO A 943 16.84 33.89 -39.46
N ASP A 944 16.84 34.86 -40.36
CA ASP A 944 18.02 35.06 -41.20
C ASP A 944 19.14 35.73 -40.38
N PHE A 945 20.11 34.92 -39.94
CA PHE A 945 21.13 35.33 -38.96
C PHE A 945 22.01 36.52 -39.30
N ASP A 946 22.44 36.61 -40.55
CA ASP A 946 23.39 37.64 -40.94
C ASP A 946 22.76 39.02 -40.91
N ASN A 947 21.44 39.04 -40.87
CA ASN A 947 20.68 40.28 -40.92
C ASN A 947 19.89 40.53 -39.63
N THR A 948 20.28 39.83 -38.58
CA THR A 948 19.59 39.95 -37.32
C THR A 948 20.42 40.85 -36.40
N LYS A 949 19.84 41.99 -36.04
CA LYS A 949 20.47 42.96 -35.17
C LYS A 949 19.95 42.81 -33.76
N ILE A 950 20.80 42.33 -32.87
CA ILE A 950 20.40 42.22 -31.46
C ILE A 950 20.81 43.45 -30.62
N GLU A 951 19.82 44.13 -30.06
CA GLU A 951 20.07 45.22 -29.11
C GLU A 951 19.76 44.86 -27.67
N VAL A 952 20.78 45.00 -26.84
CA VAL A 952 20.68 44.73 -25.41
C VAL A 952 20.34 46.04 -24.73
N SER A 953 19.40 45.99 -23.81
CA SER A 953 18.67 47.17 -23.35
C SER A 953 18.42 47.04 -21.86
N GLY A 954 19.17 47.83 -21.09
CA GLY A 954 19.08 47.81 -19.65
C GLY A 954 19.86 46.65 -19.05
N ALA A 955 19.45 46.26 -17.85
CA ALA A 955 20.07 45.15 -17.17
C ALA A 955 18.99 44.34 -16.48
N SER A 956 19.24 43.06 -16.28
CA SER A 956 18.21 42.16 -15.78
C SER A 956 18.81 41.08 -14.91
N ILE A 957 18.12 40.74 -13.83
CA ILE A 957 18.62 39.74 -12.89
C ILE A 957 17.51 38.81 -12.40
N GLU A 958 17.89 37.58 -12.05
CA GLU A 958 17.00 36.45 -11.74
C GLU A 958 17.40 35.84 -10.41
N ALA A 959 16.41 35.55 -9.58
CA ALA A 959 16.64 34.82 -8.34
C ALA A 959 15.82 33.55 -8.36
N ARG A 960 16.39 32.48 -7.83
CA ARG A 960 15.72 31.18 -7.89
C ARG A 960 15.07 30.83 -6.55
N LEU A 961 13.74 30.89 -6.51
CA LEU A 961 13.02 30.48 -5.31
C LEU A 961 12.91 28.96 -5.22
N TYR A 962 13.55 28.41 -4.20
CA TYR A 962 13.52 26.98 -3.94
C TYR A 962 12.72 26.62 -2.69
N ALA A 963 12.01 25.50 -2.75
CA ALA A 963 11.45 24.90 -1.55
C ALA A 963 12.58 24.21 -0.80
N GLU A 964 13.31 24.98 0.00
CA GLU A 964 14.50 24.48 0.70
C GLU A 964 14.65 25.18 2.04
N ASN A 965 15.37 24.54 2.96
CA ASN A 965 15.69 25.19 4.24
C ASN A 965 17.15 25.63 4.34
N PRO A 966 17.44 26.92 4.14
CA PRO A 966 18.82 27.41 4.28
C PRO A 966 19.42 27.20 5.68
N VAL A 967 18.58 27.13 6.71
CA VAL A 967 19.07 26.96 8.08
C VAL A 967 19.47 25.52 8.41
N LYS A 968 18.81 24.55 7.79
CA LYS A 968 19.18 23.15 7.93
C LYS A 968 19.72 22.55 6.63
N ASP A 969 20.77 23.17 6.10
CA ASP A 969 21.58 22.58 5.02
C ASP A 969 20.90 22.52 3.65
N PHE A 970 19.93 23.41 3.41
CA PHE A 970 19.24 23.46 2.11
C PHE A 970 18.59 22.12 1.81
N ARG A 971 18.04 21.56 2.88
CA ARG A 971 17.25 20.34 2.86
C ARG A 971 15.90 20.63 2.24
N PRO A 972 15.50 19.82 1.25
CA PRO A 972 14.24 20.07 0.53
C PRO A 972 13.06 20.07 1.47
N SER A 973 12.10 20.94 1.20
CA SER A 973 10.98 21.16 2.09
C SER A 973 9.65 20.98 1.37
N PRO A 974 9.12 19.75 1.40
CA PRO A 974 7.84 19.42 0.76
C PRO A 974 6.62 19.93 1.53
N GLY A 975 5.48 19.97 0.85
CA GLY A 975 4.24 20.35 1.50
C GLY A 975 3.30 21.15 0.63
N GLN A 976 2.09 21.43 1.14
CA GLN A 976 1.11 22.24 0.41
C GLN A 976 1.29 23.74 0.58
N LEU A 977 1.37 24.47 -0.53
CA LEU A 977 1.42 25.92 -0.47
C LEU A 977 0.06 26.45 -0.07
N THR A 978 0.09 27.43 0.81
CA THR A 978 -1.09 27.80 1.58
C THR A 978 -1.51 29.22 1.18
N SER A 979 -0.55 29.93 0.62
CA SER A 979 -0.75 31.29 0.15
C SER A 979 0.44 31.57 -0.74
N VAL A 980 0.18 32.12 -1.92
CA VAL A 980 1.23 32.35 -2.91
C VAL A 980 0.99 33.70 -3.57
N SER A 981 1.85 34.67 -3.28
CA SER A 981 1.79 35.96 -3.95
C SER A 981 3.12 36.41 -4.58
N PHE A 982 3.05 36.87 -5.82
CA PHE A 982 4.22 37.37 -6.56
C PHE A 982 4.00 38.79 -7.05
N PRO A 983 5.07 39.60 -7.10
CA PRO A 983 4.96 40.92 -7.73
C PRO A 983 4.50 40.74 -9.18
N SER A 984 3.40 41.37 -9.54
CA SER A 984 2.85 41.22 -10.89
C SER A 984 3.64 41.99 -11.94
N TRP A 985 4.54 42.86 -11.49
CA TRP A 985 5.25 43.72 -12.41
C TRP A 985 6.58 43.15 -12.85
N ALA A 986 7.10 42.22 -12.06
CA ALA A 986 8.23 41.44 -12.50
C ALA A 986 7.76 40.33 -13.40
N ARG A 987 8.70 39.69 -14.07
CA ARG A 987 8.39 38.45 -14.73
C ARG A 987 8.72 37.35 -13.75
N VAL A 988 7.77 36.48 -13.48
CA VAL A 988 8.06 35.32 -12.65
C VAL A 988 7.63 34.06 -13.39
N ASP A 989 8.59 33.18 -13.64
CA ASP A 989 8.32 31.92 -14.31
C ASP A 989 8.17 30.96 -13.20
N THR A 990 6.98 30.41 -13.08
CA THR A 990 6.66 29.50 -11.99
C THR A 990 5.68 28.46 -12.48
N TRP A 991 5.30 27.57 -11.58
CA TRP A 991 4.31 26.54 -11.88
C TRP A 991 3.42 26.30 -10.67
N VAL A 992 3.46 27.24 -9.72
CA VAL A 992 2.77 27.08 -8.45
C VAL A 992 1.80 28.22 -8.15
N LYS A 993 0.82 27.90 -7.31
CA LYS A 993 -0.13 28.86 -6.78
C LYS A 993 -0.69 28.36 -5.45
N LYS A 994 -1.55 29.15 -4.83
CA LYS A 994 -2.26 28.73 -3.62
C LYS A 994 -2.79 27.33 -3.93
N GLY A 995 -2.48 26.33 -3.09
CA GLY A 995 -3.06 25.01 -3.30
C GLY A 995 -2.10 23.91 -3.72
N THR A 996 -1.12 24.27 -4.54
CA THR A 996 -0.10 23.36 -5.06
C THR A 996 0.62 22.54 -3.98
N ASN A 997 0.72 21.24 -4.23
CA ASN A 997 1.52 20.33 -3.42
C ASN A 997 2.94 20.19 -3.95
N VAL A 998 3.91 20.64 -3.17
CA VAL A 998 5.29 20.61 -3.60
C VAL A 998 5.95 19.38 -3.01
N SER A 999 6.43 18.49 -3.88
CA SER A 999 7.04 17.26 -3.42
C SER A 999 8.56 17.34 -3.42
N ALA A 1000 9.19 16.35 -2.80
CA ALA A 1000 10.65 16.32 -2.65
C ALA A 1000 11.27 15.50 -3.76
N GLU A 1001 10.43 14.90 -4.60
CA GLU A 1001 10.89 13.97 -5.65
C GLU A 1001 11.90 14.54 -6.64
N TYR A 1002 11.54 15.59 -7.38
CA TYR A 1002 12.27 15.93 -8.61
C TYR A 1002 13.35 16.98 -8.46
N ASP A 1003 13.04 18.07 -7.77
CA ASP A 1003 13.80 19.32 -7.84
C ASP A 1003 12.92 20.38 -7.18
N PRO A 1004 13.50 21.13 -6.23
CA PRO A 1004 12.62 21.96 -5.42
C PRO A 1004 12.39 23.37 -5.95
N THR A 1005 12.58 23.61 -7.24
CA THR A 1005 12.30 24.92 -7.83
C THR A 1005 10.83 25.27 -7.67
N LEU A 1006 10.57 26.47 -7.15
CA LEU A 1006 9.22 26.97 -6.99
C LEU A 1006 8.91 27.96 -8.07
N ALA A 1007 9.87 28.84 -8.32
CA ALA A 1007 9.64 30.06 -9.08
C ALA A 1007 10.96 30.72 -9.44
N LYS A 1008 10.95 31.46 -10.55
CA LYS A 1008 12.10 32.25 -10.91
C LYS A 1008 11.60 33.67 -11.01
N ILE A 1009 12.24 34.53 -10.27
CA ILE A 1009 11.79 35.90 -10.14
C ILE A 1009 12.73 36.79 -10.95
N ILE A 1010 12.19 37.35 -12.01
CA ILE A 1010 12.99 38.08 -12.99
C ILE A 1010 12.60 39.54 -13.15
N VAL A 1011 13.62 40.38 -13.01
CA VAL A 1011 13.48 41.83 -12.94
C VAL A 1011 14.30 42.53 -14.04
N HIS A 1012 13.79 43.65 -14.55
CA HIS A 1012 14.41 44.34 -15.70
C HIS A 1012 14.57 45.82 -15.34
N GLY A 1013 15.82 46.25 -15.19
CA GLY A 1013 16.08 47.64 -14.86
C GLY A 1013 16.88 48.39 -15.91
N LYS A 1014 16.94 49.70 -15.74
CA LYS A 1014 17.66 50.59 -16.65
C LYS A 1014 19.16 50.28 -16.70
N ASP A 1015 19.66 49.77 -15.58
CA ASP A 1015 21.07 49.42 -15.45
C ASP A 1015 21.22 48.61 -14.17
N ARG A 1016 22.41 48.07 -13.93
CA ARG A 1016 22.65 47.19 -12.79
C ARG A 1016 22.05 47.70 -11.47
N ASN A 1017 22.28 48.96 -11.12
CA ASN A 1017 21.77 49.45 -9.84
C ASN A 1017 20.25 49.47 -9.79
N ASP A 1018 19.63 49.88 -10.89
CA ASP A 1018 18.17 49.91 -10.96
C ASP A 1018 17.61 48.51 -10.82
N ALA A 1019 18.35 47.53 -11.33
CA ALA A 1019 17.90 46.15 -11.36
C ALA A 1019 18.04 45.51 -9.98
N ILE A 1020 19.11 45.86 -9.26
CA ILE A 1020 19.36 45.34 -7.93
C ILE A 1020 18.30 45.85 -6.97
N MET A 1021 17.90 47.11 -7.14
CA MET A 1021 16.84 47.65 -6.31
C MET A 1021 15.53 46.97 -6.65
N LYS A 1022 15.25 46.82 -7.94
CA LYS A 1022 14.02 46.17 -8.38
C LYS A 1022 13.95 44.76 -7.83
N LEU A 1023 15.12 44.13 -7.69
CA LEU A 1023 15.14 42.72 -7.37
C LEU A 1023 14.83 42.61 -5.89
N ASN A 1024 15.39 43.52 -5.10
CA ASN A 1024 15.07 43.56 -3.68
C ASN A 1024 13.57 43.79 -3.46
N GLN A 1025 12.96 44.76 -4.14
CA GLN A 1025 11.53 45.01 -3.95
C GLN A 1025 10.77 43.72 -4.31
N ALA A 1026 11.06 43.14 -5.47
CA ALA A 1026 10.38 41.90 -5.91
C ALA A 1026 10.45 40.80 -4.83
N LEU A 1027 11.64 40.55 -4.30
CA LEU A 1027 11.84 39.56 -3.24
C LEU A 1027 11.01 39.90 -2.00
N ASN A 1028 10.91 41.19 -1.70
CA ASN A 1028 10.16 41.69 -0.55
C ASN A 1028 8.68 41.45 -0.72
N GLU A 1029 8.29 41.33 -1.97
CA GLU A 1029 6.90 41.39 -2.39
C GLU A 1029 6.45 39.98 -2.72
N THR A 1030 7.37 39.04 -2.52
CA THR A 1030 7.13 37.63 -2.77
C THR A 1030 6.71 36.94 -1.47
N ALA A 1031 5.44 36.54 -1.40
CA ALA A 1031 4.93 35.82 -0.23
C ALA A 1031 4.48 34.41 -0.57
N VAL A 1032 5.28 33.43 -0.18
CA VAL A 1032 4.97 32.02 -0.40
C VAL A 1032 5.05 31.22 0.90
N TYR A 1033 3.94 30.58 1.28
CA TYR A 1033 3.84 29.96 2.60
C TYR A 1033 3.23 28.56 2.48
N GLY A 1034 3.66 27.64 3.34
CA GLY A 1034 3.24 26.25 3.23
C GLY A 1034 4.42 25.31 3.10
N CYS A 1035 5.51 25.84 2.57
CA CYS A 1035 6.80 25.15 2.51
C CYS A 1035 7.83 26.10 3.07
N ILE A 1036 8.93 25.55 3.58
CA ILE A 1036 10.07 26.40 3.82
C ILE A 1036 10.68 26.77 2.47
N THR A 1037 11.02 28.05 2.31
CA THR A 1037 11.60 28.54 1.05
C THR A 1037 12.96 29.16 1.32
N ASN A 1038 13.62 29.64 0.30
CA ASN A 1038 14.93 30.26 0.49
C ASN A 1038 14.83 31.77 0.32
N ILE A 1039 13.62 32.28 0.51
CA ILE A 1039 13.30 33.67 0.20
C ILE A 1039 14.14 34.59 1.07
N ASP A 1040 14.24 34.29 2.36
CA ASP A 1040 14.97 35.13 3.31
C ASP A 1040 16.45 35.14 2.98
N TYR A 1041 16.97 33.94 2.73
CA TYR A 1041 18.31 33.74 2.21
C TYR A 1041 18.57 34.55 0.95
N LEU A 1042 17.65 34.49 -0.01
CA LEU A 1042 17.72 35.31 -1.23
C LEU A 1042 17.78 36.79 -0.92
N ARG A 1043 16.96 37.20 0.04
CA ARG A 1043 16.77 38.60 0.37
C ARG A 1043 18.05 39.19 0.91
N SER A 1044 18.64 38.47 1.86
CA SER A 1044 19.95 38.77 2.43
C SER A 1044 21.05 38.90 1.37
N ILE A 1045 21.12 37.95 0.44
CA ILE A 1045 22.08 38.06 -0.66
C ILE A 1045 21.82 39.27 -1.55
N ALA A 1046 20.64 39.33 -2.18
CA ALA A 1046 20.22 40.48 -2.98
C ALA A 1046 20.47 41.84 -2.30
N SER A 1047 20.55 41.84 -0.96
CA SER A 1047 20.69 43.04 -0.14
C SER A 1047 22.15 43.34 0.23
N SER A 1048 23.04 42.34 0.07
CA SER A 1048 24.39 42.43 0.63
C SER A 1048 25.19 43.57 0.01
N LYS A 1049 26.23 43.99 0.72
CA LYS A 1049 27.16 44.99 0.23
C LYS A 1049 27.93 44.32 -0.90
N MET A 1050 28.32 43.07 -0.66
CA MET A 1050 28.95 42.20 -1.65
C MET A 1050 28.28 42.33 -3.01
N PHE A 1051 27.04 41.85 -3.13
CA PHE A 1051 26.34 41.81 -4.42
C PHE A 1051 26.33 43.19 -5.09
N LYS A 1052 26.09 44.23 -4.30
CA LYS A 1052 25.97 45.56 -4.88
C LYS A 1052 27.31 46.07 -5.41
N GLU A 1053 28.38 45.81 -4.69
CA GLU A 1053 29.69 46.29 -5.12
C GLU A 1053 30.23 45.38 -6.22
N ALA A 1054 29.49 44.30 -6.45
CA ALA A 1054 29.76 43.33 -7.51
C ALA A 1054 30.98 42.48 -7.22
N LYS A 1055 31.38 42.39 -5.95
CA LYS A 1055 32.49 41.52 -5.60
C LYS A 1055 32.02 40.07 -5.55
N VAL A 1056 31.50 39.62 -6.68
CA VAL A 1056 30.93 38.30 -6.88
C VAL A 1056 31.95 37.32 -7.45
N ALA A 1057 31.95 36.09 -6.93
CA ALA A 1057 32.78 35.03 -7.47
C ALA A 1057 32.15 33.66 -7.20
N THR A 1058 32.49 32.67 -8.03
CA THR A 1058 31.97 31.30 -7.90
C THR A 1058 32.15 30.74 -6.47
N LYS A 1059 32.87 31.48 -5.64
CA LYS A 1059 33.28 31.01 -4.32
C LYS A 1059 32.48 31.69 -3.19
N VAL A 1060 32.03 32.91 -3.44
CA VAL A 1060 31.42 33.77 -2.42
C VAL A 1060 30.32 33.13 -1.56
N LEU A 1061 29.27 32.62 -2.20
CA LEU A 1061 28.14 32.04 -1.45
C LEU A 1061 28.51 30.88 -0.53
N ASP A 1062 29.65 30.25 -0.81
CA ASP A 1062 30.14 29.18 0.03
C ASP A 1062 30.67 29.65 1.38
N SER A 1063 31.05 30.92 1.47
CA SER A 1063 31.41 31.47 2.76
C SER A 1063 30.59 32.70 3.08
N PHE A 1064 29.29 32.63 2.82
CA PHE A 1064 28.41 33.77 3.00
C PHE A 1064 27.75 33.72 4.37
N ASP A 1065 27.84 34.81 5.11
CA ASP A 1065 27.29 34.88 6.45
C ASP A 1065 25.78 35.08 6.42
N TYR A 1066 25.03 33.99 6.55
CA TYR A 1066 23.58 34.07 6.60
C TYR A 1066 23.03 33.85 8.00
N LYS A 1067 22.44 34.90 8.55
CA LYS A 1067 21.76 34.82 9.83
C LYS A 1067 20.28 35.23 9.75
N PRO A 1068 19.39 34.24 9.88
CA PRO A 1068 17.93 34.40 9.98
C PRO A 1068 17.51 35.18 11.21
N CYS A 1069 16.75 36.25 11.03
CA CYS A 1069 16.17 36.95 12.18
C CYS A 1069 15.01 36.13 12.71
N ALA A 1070 15.31 35.12 13.50
CA ALA A 1070 14.38 34.01 13.72
C ALA A 1070 14.86 33.13 14.88
N PHE A 1071 14.01 32.25 15.40
CA PHE A 1071 14.52 31.20 16.29
C PHE A 1071 14.38 29.82 15.64
N GLU A 1072 14.86 28.78 16.31
CA GLU A 1072 14.88 27.43 15.75
C GLU A 1072 14.54 26.42 16.83
N VAL A 1073 13.73 25.43 16.47
CA VAL A 1073 13.21 24.47 17.44
C VAL A 1073 14.14 23.26 17.61
N LEU A 1074 14.95 23.31 18.66
CA LEU A 1074 15.81 22.19 19.00
C LEU A 1074 14.99 21.01 19.52
N ALA A 1075 13.86 21.32 20.13
CA ALA A 1075 12.91 20.31 20.59
C ALA A 1075 11.55 20.96 20.69
N PRO A 1076 10.49 20.22 20.38
CA PRO A 1076 9.19 20.88 20.18
C PRO A 1076 8.35 21.14 21.43
N GLY A 1077 8.47 20.30 22.45
CA GLY A 1077 7.51 20.33 23.53
C GLY A 1077 6.30 19.50 23.12
N ALA A 1078 5.47 19.11 24.10
CA ALA A 1078 4.32 18.25 23.84
C ALA A 1078 3.25 18.81 22.91
N ASN A 1079 3.08 20.12 22.91
CA ASN A 1079 2.01 20.74 22.12
C ASN A 1079 2.17 22.24 22.06
N THR A 1080 3.16 22.68 21.29
CA THR A 1080 3.53 24.09 21.27
C THR A 1080 2.96 24.75 20.02
N SER A 1081 2.12 25.78 20.21
CA SER A 1081 1.45 26.45 19.09
C SER A 1081 1.51 27.97 19.09
N VAL A 1082 1.72 28.54 17.92
CA VAL A 1082 1.52 29.97 17.74
C VAL A 1082 0.05 30.32 17.99
N GLN A 1083 -0.19 31.31 18.85
CA GLN A 1083 -1.54 31.76 19.13
C GLN A 1083 -1.58 33.29 19.17
N ASP A 1084 -2.76 33.89 18.96
CA ASP A 1084 -2.94 35.31 19.24
C ASP A 1084 -4.31 35.58 19.85
N TYR A 1085 -4.54 36.82 20.24
CA TYR A 1085 -5.68 37.17 21.07
C TYR A 1085 -6.33 38.45 20.55
N PRO A 1086 -7.66 38.47 20.43
CA PRO A 1086 -8.65 37.46 20.87
C PRO A 1086 -8.72 36.18 20.06
N GLY A 1087 -8.01 36.13 18.95
CA GLY A 1087 -8.00 34.92 18.14
C GLY A 1087 -8.83 35.09 16.89
N ARG A 1088 -9.36 33.98 16.38
CA ARG A 1088 -10.05 33.96 15.09
C ARG A 1088 -11.51 34.29 15.34
N THR A 1089 -11.80 35.56 15.58
CA THR A 1089 -13.17 35.94 15.87
C THR A 1089 -13.86 36.31 14.57
N GLY A 1090 -15.19 36.29 14.60
CA GLY A 1090 -15.95 36.76 13.45
C GLY A 1090 -16.80 35.70 12.80
N TYR A 1091 -16.62 34.44 13.20
CA TYR A 1091 -17.10 33.31 12.41
C TYR A 1091 -17.68 32.14 13.21
N TRP A 1092 -18.08 32.38 14.46
CA TRP A 1092 -18.73 31.34 15.27
C TRP A 1092 -20.01 30.77 14.65
N ARG A 1093 -20.74 31.60 13.91
CA ARG A 1093 -21.98 31.16 13.26
C ARG A 1093 -21.67 30.13 12.19
N ILE A 1094 -20.41 30.12 11.74
CA ILE A 1094 -19.94 29.14 10.77
C ILE A 1094 -19.36 27.92 11.47
N GLY A 1095 -18.91 28.09 12.71
CA GLY A 1095 -18.29 26.99 13.42
C GLY A 1095 -16.79 27.05 13.22
N VAL A 1096 -16.27 28.26 13.08
CA VAL A 1096 -14.85 28.49 13.12
C VAL A 1096 -14.58 28.97 14.53
N PRO A 1097 -13.83 28.17 15.30
CA PRO A 1097 -13.62 28.62 16.68
C PRO A 1097 -12.58 29.70 16.70
N PRO A 1098 -12.52 30.45 17.81
CA PRO A 1098 -11.54 31.53 17.90
C PRO A 1098 -10.12 31.00 17.99
N SER A 1099 -9.96 29.82 18.57
CA SER A 1099 -8.63 29.31 18.88
C SER A 1099 -7.98 30.31 19.81
N GLY A 1100 -6.75 30.72 19.54
CA GLY A 1100 -6.08 31.59 20.50
C GLY A 1100 -5.75 30.86 21.78
N PRO A 1101 -5.25 31.60 22.78
CA PRO A 1101 -4.80 30.95 24.01
C PRO A 1101 -5.94 30.39 24.84
N MET A 1102 -5.67 29.21 25.40
CA MET A 1102 -6.60 28.54 26.29
C MET A 1102 -6.76 29.23 27.63
N ASP A 1103 -5.70 29.91 28.07
CA ASP A 1103 -5.74 30.75 29.26
C ASP A 1103 -5.34 32.11 28.73
N SER A 1104 -6.33 32.94 28.47
CA SER A 1104 -6.04 34.19 27.81
C SER A 1104 -5.37 35.22 28.72
N TYR A 1105 -5.56 35.11 30.03
CA TYR A 1105 -4.95 36.09 30.93
C TYR A 1105 -3.43 35.99 30.96
N SER A 1106 -2.90 34.81 31.27
CA SER A 1106 -1.46 34.61 31.21
C SER A 1106 -0.87 35.00 29.86
N PHE A 1107 -1.60 34.72 28.80
CA PHE A 1107 -1.11 34.97 27.46
C PHE A 1107 -0.86 36.46 27.32
N ARG A 1108 -1.81 37.25 27.78
CA ARG A 1108 -1.76 38.69 27.58
C ARG A 1108 -0.78 39.32 28.57
N LEU A 1109 -0.64 38.73 29.75
CA LEU A 1109 0.42 39.14 30.65
C LEU A 1109 1.72 38.96 29.92
N ALA A 1110 1.95 37.75 29.38
CA ALA A 1110 3.24 37.45 28.78
C ALA A 1110 3.56 38.48 27.69
N ASN A 1111 2.59 38.73 26.81
CA ASN A 1111 2.76 39.77 25.81
C ASN A 1111 3.11 41.13 26.41
N ARG A 1112 2.32 41.57 27.39
CA ARG A 1112 2.52 42.88 28.00
C ARG A 1112 3.89 43.05 28.65
N VAL A 1113 4.39 41.98 29.28
CA VAL A 1113 5.63 42.05 30.05
C VAL A 1113 6.75 42.46 29.10
N VAL A 1114 6.56 42.16 27.82
CA VAL A 1114 7.59 42.43 26.85
C VAL A 1114 7.24 43.68 26.04
N GLY A 1115 6.08 44.27 26.34
CA GLY A 1115 5.69 45.50 25.67
C GLY A 1115 5.11 45.32 24.29
N ASN A 1116 4.68 44.11 23.95
CA ASN A 1116 4.00 43.85 22.68
C ASN A 1116 2.65 44.55 22.61
N ASN A 1117 2.32 45.10 21.45
CA ASN A 1117 0.92 45.27 21.07
C ASN A 1117 0.14 43.99 21.36
N SER A 1118 -1.13 44.12 21.76
CA SER A 1118 -1.87 42.96 22.26
C SER A 1118 -2.24 41.98 21.16
N LYS A 1119 -2.06 42.40 19.91
CA LYS A 1119 -2.31 41.54 18.76
C LYS A 1119 -1.10 40.67 18.38
N SER A 1120 -0.02 40.76 19.15
CA SER A 1120 1.19 40.04 18.81
C SER A 1120 1.00 38.55 19.06
N PRO A 1121 1.57 37.71 18.18
CA PRO A 1121 1.46 36.28 18.48
C PRO A 1121 2.58 35.75 19.35
N ALA A 1122 2.28 34.67 20.06
CA ALA A 1122 3.14 34.14 21.11
C ALA A 1122 2.99 32.63 21.06
N LEU A 1123 3.78 31.90 21.83
CA LEU A 1123 3.60 30.46 21.88
C LEU A 1123 2.85 29.98 23.10
N GLU A 1124 1.87 29.11 22.86
CA GLU A 1124 1.22 28.40 23.94
C GLU A 1124 1.98 27.10 24.16
N ILE A 1125 2.50 26.95 25.37
CA ILE A 1125 3.11 25.69 25.79
C ILE A 1125 2.15 24.86 26.62
N THR A 1126 2.00 23.58 26.26
CA THR A 1126 1.14 22.70 27.03
C THR A 1126 1.92 21.54 27.65
N LEU A 1127 1.82 21.41 28.97
CA LEU A 1127 2.42 20.33 29.77
C LEU A 1127 3.96 20.31 29.84
N ASN A 1128 4.63 20.46 28.70
CA ASN A 1128 6.06 20.79 28.74
C ASN A 1128 6.52 21.45 27.45
N GLY A 1129 7.53 22.31 27.58
CA GLY A 1129 7.86 23.22 26.50
C GLY A 1129 9.01 22.80 25.62
N PRO A 1130 9.36 23.66 24.67
CA PRO A 1130 10.42 23.43 23.68
C PRO A 1130 11.78 23.87 24.19
N LYS A 1131 12.86 23.45 23.52
CA LYS A 1131 14.11 24.20 23.71
C LYS A 1131 14.38 24.87 22.36
N LEU A 1132 14.68 26.17 22.42
CA LEU A 1132 14.80 26.99 21.22
C LEU A 1132 16.18 27.59 21.12
N LEU A 1133 16.72 27.63 19.90
CA LEU A 1133 17.97 28.31 19.63
C LEU A 1133 17.64 29.63 18.97
N PHE A 1134 18.18 30.72 19.51
CA PHE A 1134 17.90 32.04 18.96
C PHE A 1134 19.05 32.47 18.05
N HIS A 1135 18.70 32.96 16.87
CA HIS A 1135 19.69 33.26 15.84
C HIS A 1135 19.88 34.77 15.75
N THR A 1136 19.19 35.46 16.64
CA THR A 1136 19.16 36.92 16.63
C THR A 1136 18.85 37.35 18.06
N GLU A 1137 18.78 38.65 18.31
CA GLU A 1137 18.58 39.10 19.67
C GLU A 1137 17.18 39.64 19.88
N THR A 1138 16.68 39.49 21.09
CA THR A 1138 15.33 39.93 21.41
C THR A 1138 15.09 39.87 22.92
N VAL A 1139 13.87 40.20 23.31
CA VAL A 1139 13.41 40.03 24.68
C VAL A 1139 12.34 38.96 24.77
N ILE A 1140 12.29 38.29 25.90
CA ILE A 1140 11.45 37.11 26.04
C ILE A 1140 10.78 37.18 27.42
N ALA A 1141 9.64 36.50 27.55
CA ALA A 1141 9.02 36.31 28.86
C ALA A 1141 8.17 35.05 28.87
N VAL A 1142 7.96 34.52 30.06
CA VAL A 1142 7.13 33.35 30.21
C VAL A 1142 6.13 33.61 31.33
N SER A 1143 4.89 33.21 31.10
CA SER A 1143 3.84 33.46 32.07
C SER A 1143 2.86 32.30 31.99
N GLY A 1144 2.13 32.07 33.08
CA GLY A 1144 1.18 30.99 33.14
C GLY A 1144 1.52 30.05 34.27
N GLY A 1145 1.51 28.75 33.97
CA GLY A 1145 1.84 27.74 34.95
C GLY A 1145 3.27 27.87 35.46
N THR A 1146 3.56 27.14 36.52
CA THR A 1146 4.91 27.03 37.00
C THR A 1146 5.69 26.06 36.13
N VAL A 1147 6.75 26.58 35.53
CA VAL A 1147 7.65 25.82 34.67
C VAL A 1147 9.05 26.31 34.96
N SER A 1148 9.99 25.37 35.10
CA SER A 1148 11.38 25.76 35.19
C SER A 1148 11.80 26.22 33.80
N CYS A 1149 12.47 27.35 33.72
CA CYS A 1149 12.89 27.91 32.44
C CYS A 1149 14.36 28.26 32.43
N THR A 1150 15.01 27.83 31.36
CA THR A 1150 16.45 27.86 31.24
C THR A 1150 16.90 28.87 30.19
N LEU A 1151 17.89 29.69 30.51
CA LEU A 1151 18.62 30.36 29.44
C LEU A 1151 20.10 30.04 29.54
N ASN A 1152 20.61 29.35 28.52
CA ASN A 1152 21.95 28.78 28.54
C ASN A 1152 22.22 28.13 29.89
N ASP A 1153 21.18 27.45 30.40
CA ASP A 1153 21.24 26.59 31.58
C ASP A 1153 21.04 27.30 32.92
N ALA A 1154 21.14 28.62 32.95
CA ALA A 1154 20.78 29.34 34.17
C ALA A 1154 19.27 29.56 34.24
N GLN A 1155 18.64 29.07 35.31
CA GLN A 1155 17.25 29.42 35.61
C GLN A 1155 16.93 30.88 35.38
N ILE A 1156 15.73 31.11 34.88
CA ILE A 1156 15.32 32.41 34.44
C ILE A 1156 13.94 32.64 35.09
N ALA A 1157 13.57 33.89 35.36
CA ALA A 1157 12.31 34.17 36.05
C ALA A 1157 11.12 34.30 35.11
N GLN A 1158 9.96 33.87 35.59
CA GLN A 1158 8.69 34.12 34.91
C GLN A 1158 8.24 35.57 35.12
N ASN A 1159 7.51 36.11 34.14
CA ASN A 1159 6.85 37.42 34.26
C ASN A 1159 7.84 38.58 34.20
N GLU A 1160 9.09 38.29 33.89
CA GLU A 1160 10.08 39.35 33.74
C GLU A 1160 10.58 39.37 32.30
N PRO A 1161 10.96 40.56 31.80
CA PRO A 1161 11.56 40.63 30.46
C PRO A 1161 12.99 40.12 30.47
N ILE A 1162 13.19 38.94 29.92
CA ILE A 1162 14.53 38.42 29.72
C ILE A 1162 15.15 38.80 28.36
N GLU A 1163 16.32 39.41 28.42
CA GLU A 1163 17.11 39.75 27.23
C GLU A 1163 17.90 38.56 26.67
N VAL A 1164 17.64 38.21 25.42
CA VAL A 1164 18.21 37.01 24.82
C VAL A 1164 19.24 37.45 23.80
N LYS A 1165 20.35 36.73 23.66
CA LYS A 1165 21.48 37.28 22.92
C LYS A 1165 21.63 36.89 21.43
N ARG A 1166 21.60 35.59 21.12
CA ARG A 1166 22.04 34.97 19.82
C ARG A 1166 23.08 33.86 20.05
N GLY A 1167 22.73 32.63 19.69
CA GLY A 1167 23.40 31.45 20.22
C GLY A 1167 22.79 31.01 21.54
N ASP A 1168 21.86 31.81 22.06
CA ASP A 1168 21.20 31.49 23.32
C ASP A 1168 20.24 30.33 23.11
N ILE A 1169 20.24 29.41 24.07
CA ILE A 1169 19.21 28.39 24.10
C ILE A 1169 18.26 28.62 25.27
N LEU A 1170 17.04 28.98 24.93
CA LEU A 1170 15.94 29.04 25.87
C LEU A 1170 15.30 27.68 25.94
N SER A 1171 15.00 27.22 27.14
CA SER A 1171 14.33 25.95 27.29
C SER A 1171 13.35 26.03 28.44
N VAL A 1172 12.11 25.67 28.17
CA VAL A 1172 11.12 25.61 29.23
C VAL A 1172 10.59 24.19 29.34
N GLY A 1173 10.64 23.68 30.57
CA GLY A 1173 10.50 22.27 30.88
C GLY A 1173 9.06 21.89 31.17
N LYS A 1174 8.85 21.18 32.27
CA LYS A 1174 7.57 20.59 32.56
C LYS A 1174 6.77 21.60 33.37
N VAL A 1175 5.46 21.62 33.15
CA VAL A 1175 4.58 22.48 33.92
C VAL A 1175 4.18 21.77 35.18
N THR A 1176 4.66 22.30 36.30
CA THR A 1176 4.45 21.70 37.61
C THR A 1176 3.08 22.04 38.18
N VAL A 1177 2.62 23.26 37.95
CA VAL A 1177 1.38 23.74 38.53
C VAL A 1177 0.60 24.33 37.36
N GLY A 1178 -0.62 23.86 37.15
CA GLY A 1178 -1.38 24.23 35.98
C GLY A 1178 -1.04 23.38 34.78
N CYS A 1179 -1.61 23.75 33.62
CA CYS A 1179 -1.41 23.00 32.39
C CYS A 1179 -0.52 23.70 31.36
N ARG A 1180 -0.56 25.03 31.36
CA ARG A 1180 -0.09 25.76 30.20
C ARG A 1180 0.71 27.00 30.60
N ALA A 1181 1.68 27.36 29.77
CA ALA A 1181 2.39 28.62 29.94
C ALA A 1181 2.56 29.30 28.60
N TYR A 1182 3.09 30.51 28.62
CA TYR A 1182 3.14 31.32 27.42
C TYR A 1182 4.46 32.02 27.24
N LEU A 1183 5.02 31.88 26.06
CA LEU A 1183 6.33 32.43 25.76
C LEU A 1183 6.21 33.54 24.71
N SER A 1184 6.40 34.78 25.16
CA SER A 1184 6.25 35.91 24.28
C SER A 1184 7.61 36.40 23.82
N ILE A 1185 7.63 37.08 22.68
CA ILE A 1185 8.85 37.53 22.02
C ILE A 1185 8.56 38.95 21.63
N ARG A 1186 9.45 39.88 21.99
CA ARG A 1186 9.20 41.27 21.61
C ARG A 1186 9.02 41.33 20.10
N GLY A 1187 7.94 41.97 19.68
CA GLY A 1187 7.65 42.10 18.28
C GLY A 1187 6.79 41.00 17.70
N GLY A 1188 6.65 39.89 18.44
CA GLY A 1188 5.73 38.84 18.02
C GLY A 1188 6.38 37.90 17.03
N ILE A 1189 5.67 36.83 16.68
CA ILE A 1189 6.20 35.85 15.74
C ILE A 1189 5.62 36.05 14.34
N ASP A 1190 6.43 35.85 13.30
CA ASP A 1190 6.00 36.23 11.96
C ASP A 1190 5.44 35.09 11.13
N VAL A 1191 4.12 35.04 11.08
CA VAL A 1191 3.41 33.93 10.50
C VAL A 1191 2.19 34.52 9.80
N PRO A 1192 1.80 33.96 8.64
CA PRO A 1192 0.67 34.56 7.93
C PRO A 1192 -0.67 34.41 8.64
N GLU A 1193 -1.54 35.41 8.46
CA GLU A 1193 -2.91 35.31 8.95
C GLU A 1193 -3.73 34.35 8.12
N TYR A 1194 -4.74 33.77 8.76
CA TYR A 1194 -5.79 33.09 8.04
C TYR A 1194 -7.09 33.52 8.69
N LEU A 1195 -8.03 33.98 7.88
CA LEU A 1195 -9.31 34.50 8.38
C LEU A 1195 -9.19 35.50 9.53
N GLY A 1196 -8.21 36.39 9.44
CA GLY A 1196 -8.10 37.51 10.37
C GLY A 1196 -7.14 37.32 11.52
N SER A 1197 -6.60 36.11 11.65
CA SER A 1197 -5.86 35.74 12.85
C SER A 1197 -4.70 34.80 12.54
N ARG A 1198 -3.64 34.95 13.32
CA ARG A 1198 -2.47 34.09 13.25
C ARG A 1198 -2.59 32.89 14.19
N SER A 1199 -3.77 32.66 14.77
CA SER A 1199 -3.93 31.56 15.72
C SER A 1199 -3.96 30.22 15.00
N THR A 1200 -3.37 29.23 15.64
CA THR A 1200 -3.38 27.86 15.15
C THR A 1200 -4.65 27.12 15.52
N PHE A 1201 -5.37 26.61 14.51
CA PHE A 1201 -6.45 25.64 14.73
C PHE A 1201 -6.00 24.29 14.16
N ALA A 1202 -5.43 23.43 15.01
CA ALA A 1202 -4.69 22.27 14.52
C ALA A 1202 -5.58 21.28 13.78
N MET A 1203 -6.69 20.94 14.43
CA MET A 1203 -7.73 20.14 13.83
C MET A 1203 -8.02 20.50 12.36
N GLY A 1204 -8.04 21.80 12.07
CA GLY A 1204 -8.34 22.25 10.73
C GLY A 1204 -7.11 22.59 9.90
N ASN A 1205 -5.92 22.27 10.40
CA ASN A 1205 -4.65 22.62 9.73
C ASN A 1205 -4.64 24.07 9.26
N MET A 1206 -5.06 24.95 10.16
CA MET A 1206 -5.35 26.34 9.88
C MET A 1206 -4.49 27.25 10.77
N GLY A 1207 -3.84 28.24 10.17
CA GLY A 1207 -3.23 29.31 10.95
C GLY A 1207 -1.94 28.85 11.60
N GLY A 1208 -1.40 29.69 12.48
CA GLY A 1208 -0.16 29.40 13.18
C GLY A 1208 1.02 29.10 12.29
N TYR A 1209 1.93 28.27 12.78
CA TYR A 1209 3.00 27.77 11.93
C TYR A 1209 2.51 26.63 11.07
N ASN A 1210 2.10 26.97 9.84
CA ASN A 1210 1.58 26.03 8.86
C ASN A 1210 0.56 25.03 9.41
N GLY A 1211 -0.42 25.54 10.14
CA GLY A 1211 -1.52 24.72 10.60
C GLY A 1211 -1.30 23.65 11.66
N ARG A 1212 -0.17 23.67 12.36
CA ARG A 1212 0.11 22.59 13.32
C ARG A 1212 1.01 23.03 14.47
N ILE A 1213 1.12 22.18 15.49
CA ILE A 1213 2.09 22.32 16.57
C ILE A 1213 3.52 22.25 16.05
N LEU A 1214 4.45 22.85 16.79
CA LEU A 1214 5.84 22.91 16.36
C LEU A 1214 6.50 21.53 16.32
N LYS A 1215 7.53 21.42 15.49
CA LYS A 1215 8.27 20.18 15.30
C LYS A 1215 9.77 20.42 15.38
N LEU A 1216 10.51 19.37 15.74
CA LEU A 1216 11.96 19.44 15.76
C LEU A 1216 12.44 19.96 14.41
N GLY A 1217 13.26 20.99 14.42
CA GLY A 1217 13.75 21.54 13.18
C GLY A 1217 13.06 22.78 12.62
N ASP A 1218 11.82 23.04 13.02
CA ASP A 1218 11.15 24.26 12.58
C ASP A 1218 11.96 25.53 12.85
N VAL A 1219 11.67 26.55 12.06
CA VAL A 1219 12.37 27.82 12.11
C VAL A 1219 11.38 28.98 12.06
N LEU A 1220 11.22 29.70 13.17
CA LEU A 1220 10.23 30.77 13.21
C LEU A 1220 10.83 32.17 13.21
N PHE A 1221 10.30 33.01 12.33
CA PHE A 1221 10.84 34.34 12.09
C PHE A 1221 10.26 35.42 13.00
N LEU A 1222 11.10 36.40 13.35
CA LEU A 1222 10.69 37.50 14.20
C LEU A 1222 10.55 38.80 13.42
N ASN A 1223 10.28 39.87 14.15
CA ASN A 1223 9.99 41.16 13.54
C ASN A 1223 10.96 42.24 14.07
N GLN A 1224 12.25 42.07 13.78
CA GLN A 1224 13.23 43.11 14.06
C GLN A 1224 13.01 44.29 13.09
N PRO A 1225 12.57 45.46 13.59
CA PRO A 1225 12.23 46.57 12.69
C PRO A 1225 13.29 46.93 11.64
N GLU A 1226 14.57 46.93 12.01
CA GLU A 1226 15.64 47.22 11.05
C GLU A 1226 15.90 46.09 10.03
N LEU A 1227 15.95 44.83 10.48
CA LEU A 1227 16.14 43.70 9.57
C LEU A 1227 14.83 43.05 9.06
N SER A 1228 13.73 43.79 9.04
CA SER A 1228 12.45 43.21 8.60
C SER A 1228 11.55 44.05 7.69
N VAL A 1229 10.92 43.32 6.76
CA VAL A 1229 9.72 43.73 6.04
C VAL A 1229 8.59 42.84 6.58
N SER A 1230 7.80 43.41 7.47
CA SER A 1230 6.75 42.64 8.15
C SER A 1230 5.49 43.47 8.38
N SER A 1231 4.35 42.79 8.44
CA SER A 1231 3.09 43.47 8.75
C SER A 1231 2.62 43.31 10.19
N LEU A 1232 3.44 42.66 11.02
CA LEU A 1232 3.22 42.56 12.46
C LEU A 1232 3.20 43.91 13.18
N PRO A 1233 2.30 44.06 14.16
CA PRO A 1233 2.25 45.32 14.89
C PRO A 1233 3.44 45.52 15.85
N ALA A 1234 4.21 46.56 15.60
CA ALA A 1234 5.29 47.03 16.47
C ALA A 1234 4.89 47.16 17.93
N PRO A 1235 5.83 46.91 18.85
CA PRO A 1235 5.50 46.96 20.27
C PRO A 1235 5.07 48.35 20.72
N ASP A 1236 4.28 48.39 21.78
CA ASP A 1236 3.65 49.61 22.23
C ASP A 1236 4.34 50.19 23.45
N PHE A 1237 5.08 49.34 24.16
CA PHE A 1237 5.42 49.61 25.54
C PHE A 1237 6.87 49.22 25.76
N GLU A 1238 7.52 49.81 26.76
CA GLU A 1238 8.86 49.37 27.11
C GLU A 1238 8.60 48.09 27.90
N PRO A 1239 9.49 47.08 27.79
CA PRO A 1239 9.18 45.90 28.61
C PRO A 1239 9.18 46.21 30.11
N GLN A 1240 8.57 45.34 30.89
CA GLN A 1240 8.41 45.56 32.33
C GLN A 1240 7.92 44.32 33.04
N ALA A 1241 8.60 43.93 34.12
CA ALA A 1241 8.10 42.87 34.98
C ALA A 1241 6.63 43.13 35.32
N ALA A 1242 5.81 42.10 35.26
CA ALA A 1242 4.41 42.21 35.62
C ALA A 1242 4.30 42.55 37.09
N PRO A 1243 3.56 43.62 37.43
CA PRO A 1243 3.25 43.85 38.84
C PRO A 1243 2.72 42.54 39.41
N LYS A 1244 3.06 42.23 40.65
CA LYS A 1244 2.72 40.91 41.15
C LYS A 1244 1.27 40.80 41.61
N SER A 1245 0.63 41.93 41.90
CA SER A 1245 -0.78 41.90 42.28
C SER A 1245 -1.64 41.57 41.05
N LEU A 1246 -1.09 41.83 39.86
CA LEU A 1246 -1.77 41.49 38.61
C LEU A 1246 -1.64 40.04 38.15
N LEU A 1247 -0.77 39.26 38.80
CA LEU A 1247 -0.66 37.84 38.45
C LEU A 1247 -1.90 37.09 38.89
N PRO A 1248 -2.32 36.11 38.09
CA PRO A 1248 -3.47 35.28 38.46
C PRO A 1248 -3.11 34.29 39.55
N THR A 1249 -4.09 33.91 40.36
CA THR A 1249 -3.87 32.94 41.41
C THR A 1249 -4.31 31.57 40.92
N LEU A 1250 -3.32 30.80 40.50
CA LEU A 1250 -3.50 29.41 40.15
C LEU A 1250 -3.76 28.61 41.42
N SER A 1251 -4.56 27.54 41.32
CA SER A 1251 -4.74 26.63 42.44
C SER A 1251 -3.41 26.08 42.91
N THR A 1252 -3.40 25.56 44.12
CA THR A 1252 -2.17 25.18 44.79
C THR A 1252 -2.20 23.67 45.05
N ASN A 1253 -3.35 23.05 44.74
CA ASN A 1253 -3.66 21.70 45.21
C ASN A 1253 -4.68 20.99 44.34
N LYS A 1254 -4.62 21.26 43.03
CA LYS A 1254 -5.36 20.54 41.99
C LYS A 1254 -6.85 20.63 42.28
N ASP A 1255 -7.27 21.78 42.79
CA ASP A 1255 -8.65 22.00 43.19
C ASP A 1255 -8.99 23.46 42.99
N TRP A 1256 -10.18 23.71 42.43
CA TRP A 1256 -10.50 25.01 41.86
C TRP A 1256 -11.96 25.40 42.02
N LYS A 1257 -12.21 26.70 42.20
CA LYS A 1257 -13.58 27.18 42.16
C LYS A 1257 -13.68 27.95 40.85
N ILE A 1258 -14.72 27.68 40.08
CA ILE A 1258 -14.81 28.24 38.74
C ILE A 1258 -16.17 28.93 38.54
N GLY A 1259 -16.15 30.25 38.35
CA GLY A 1259 -17.37 31.02 38.27
C GLY A 1259 -18.09 30.84 36.95
N VAL A 1260 -19.41 30.71 37.01
CA VAL A 1260 -20.22 30.54 35.80
C VAL A 1260 -21.50 31.35 35.89
N THR A 1261 -22.09 31.65 34.74
CA THR A 1261 -23.46 32.15 34.69
C THR A 1261 -24.39 30.98 34.44
N CYS A 1262 -25.46 30.90 35.22
CA CYS A 1262 -26.46 29.86 35.04
C CYS A 1262 -27.13 29.96 33.67
N GLY A 1263 -27.42 28.83 33.05
CA GLY A 1263 -27.98 28.85 31.71
C GLY A 1263 -27.08 28.37 30.59
N PRO A 1264 -27.70 27.93 29.48
CA PRO A 1264 -29.11 28.17 29.13
C PRO A 1264 -30.14 27.20 29.75
N HIS A 1265 -29.73 25.95 29.94
CA HIS A 1265 -30.70 24.90 30.22
C HIS A 1265 -30.75 24.39 31.68
N GLY A 1266 -30.08 25.10 32.59
CA GLY A 1266 -30.14 24.77 34.00
C GLY A 1266 -31.51 25.10 34.60
N SER A 1267 -32.56 24.53 34.04
CA SER A 1267 -33.94 24.81 34.43
C SER A 1267 -34.77 23.53 34.42
N ILE A 1268 -35.90 23.53 35.09
CA ILE A 1268 -36.53 22.26 35.40
C ILE A 1268 -37.40 21.71 34.26
N ASP A 1269 -37.45 22.41 33.13
CA ASP A 1269 -38.06 21.86 31.92
C ASP A 1269 -37.19 20.72 31.33
N LEU A 1270 -35.91 20.70 31.72
CA LEU A 1270 -34.91 19.74 31.23
C LEU A 1270 -34.23 18.87 32.33
N PHE A 1271 -33.71 19.50 33.39
CA PHE A 1271 -33.12 18.78 34.53
C PHE A 1271 -34.03 18.80 35.76
N LYS A 1272 -34.03 17.72 36.55
CA LYS A 1272 -34.68 17.79 37.86
C LYS A 1272 -33.98 18.79 38.77
N GLU A 1273 -34.78 19.54 39.53
CA GLU A 1273 -34.30 20.37 40.63
C GLU A 1273 -33.07 19.91 41.40
N GLU A 1274 -33.15 18.72 42.01
CA GLU A 1274 -32.05 18.28 42.85
C GLU A 1274 -30.76 18.10 42.03
N TYR A 1275 -30.86 17.63 40.80
CA TYR A 1275 -29.64 17.51 40.00
C TYR A 1275 -28.97 18.88 39.74
N ILE A 1276 -29.77 19.92 39.46
CA ILE A 1276 -29.26 21.29 39.43
C ILE A 1276 -28.54 21.68 40.73
N GLU A 1277 -29.14 21.38 41.88
CA GLU A 1277 -28.43 21.53 43.13
C GLU A 1277 -27.13 20.75 43.12
N GLN A 1278 -27.19 19.43 42.85
CA GLN A 1278 -25.99 18.59 42.89
C GLN A 1278 -24.91 19.14 41.94
N PHE A 1279 -25.34 19.69 40.81
CA PHE A 1279 -24.42 20.20 39.80
C PHE A 1279 -23.50 21.24 40.46
N PHE A 1280 -24.08 22.10 41.29
CA PHE A 1280 -23.33 23.18 41.92
C PHE A 1280 -22.79 22.80 43.29
N ASN A 1281 -23.40 21.82 43.95
CA ASN A 1281 -22.90 21.36 45.25
C ASN A 1281 -21.67 20.44 45.18
N ASP A 1282 -21.72 19.41 44.33
CA ASP A 1282 -20.61 18.46 44.17
C ASP A 1282 -19.43 18.97 43.35
N LYS A 1283 -18.31 18.29 43.51
CA LYS A 1283 -17.10 18.59 42.77
C LYS A 1283 -16.98 17.73 41.52
N TRP A 1284 -16.27 18.26 40.54
CA TRP A 1284 -16.12 17.56 39.27
C TRP A 1284 -14.66 17.22 39.07
N LYS A 1285 -14.40 16.03 38.57
CA LYS A 1285 -13.04 15.63 38.32
C LYS A 1285 -12.71 15.70 36.85
N VAL A 1286 -11.55 16.26 36.53
CA VAL A 1286 -11.09 16.36 35.15
C VAL A 1286 -10.62 15.01 34.53
N HIS A 1287 -11.20 14.70 33.37
CA HIS A 1287 -11.05 13.41 32.74
C HIS A 1287 -9.84 13.46 31.80
N TYR A 1288 -9.17 12.34 31.68
CA TYR A 1288 -7.95 12.34 30.89
C TYR A 1288 -8.22 12.78 29.39
N ASN A 1289 -9.40 12.48 28.81
CA ASN A 1289 -9.79 12.99 27.46
C ASN A 1289 -10.21 14.44 27.48
N SER A 1290 -9.22 15.30 27.67
CA SER A 1290 -9.43 16.74 27.65
C SER A 1290 -8.36 17.40 26.77
N ASN A 1291 -8.76 18.42 26.03
CA ASN A 1291 -7.83 19.18 25.21
C ASN A 1291 -8.48 20.48 24.79
N ARG A 1292 -7.90 21.15 23.82
CA ARG A 1292 -8.45 22.44 23.41
C ARG A 1292 -9.86 22.36 22.80
N PHE A 1293 -10.35 21.17 22.43
CA PHE A 1293 -11.73 21.11 21.92
C PHE A 1293 -12.67 21.27 23.10
N GLY A 1294 -12.16 20.94 24.28
CA GLY A 1294 -12.97 20.90 25.47
C GLY A 1294 -12.45 20.01 26.58
N VAL A 1295 -12.87 20.32 27.80
CA VAL A 1295 -12.32 19.67 28.98
C VAL A 1295 -13.44 18.83 29.61
N ARG A 1296 -13.25 17.52 29.53
CA ARG A 1296 -14.24 16.55 29.96
C ARG A 1296 -14.22 16.37 31.47
N LEU A 1297 -15.39 16.12 32.05
CA LEU A 1297 -15.54 16.11 33.50
C LEU A 1297 -16.13 14.79 34.01
N ILE A 1298 -15.70 14.37 35.19
CA ILE A 1298 -16.29 13.20 35.84
C ILE A 1298 -17.01 13.69 37.10
N GLY A 1299 -18.29 13.32 37.24
CA GLY A 1299 -19.02 13.57 38.46
C GLY A 1299 -20.43 13.01 38.41
N PRO A 1300 -21.36 13.64 39.15
CA PRO A 1300 -22.68 13.01 39.35
C PRO A 1300 -23.46 12.93 38.05
N LYS A 1301 -24.25 11.86 37.93
CA LYS A 1301 -24.97 11.60 36.70
C LYS A 1301 -26.28 12.37 36.74
N PRO A 1302 -26.74 12.86 35.58
CA PRO A 1302 -27.92 13.72 35.58
C PRO A 1302 -29.26 13.02 35.82
N LYS A 1303 -30.21 13.75 36.37
CA LYS A 1303 -31.58 13.28 36.47
C LYS A 1303 -32.38 14.19 35.55
N TRP A 1304 -32.99 13.59 34.53
CA TRP A 1304 -33.63 14.30 33.44
C TRP A 1304 -35.11 14.56 33.72
N ALA A 1305 -35.60 15.71 33.24
CA ALA A 1305 -36.98 16.09 33.46
C ALA A 1305 -37.85 15.46 32.38
N ARG A 1306 -37.21 15.07 31.27
CA ARG A 1306 -37.94 14.47 30.17
C ARG A 1306 -37.51 13.02 30.06
N SER A 1307 -38.34 12.21 29.40
CA SER A 1307 -38.08 10.78 29.29
C SER A 1307 -37.20 10.54 28.08
N ASP A 1308 -37.33 11.42 27.10
CA ASP A 1308 -36.49 11.41 25.93
C ASP A 1308 -36.47 12.81 25.29
N GLY A 1309 -35.67 12.99 24.24
CA GLY A 1309 -35.62 14.25 23.50
C GLY A 1309 -36.39 14.35 22.20
N GLY A 1310 -37.33 13.43 21.99
CA GLY A 1310 -38.16 13.42 20.79
C GLY A 1310 -37.37 13.33 19.50
N GLU A 1311 -37.91 13.88 18.42
CA GLU A 1311 -37.23 13.92 17.13
C GLU A 1311 -35.74 14.35 17.11
N ALA A 1312 -35.27 15.14 18.08
CA ALA A 1312 -33.87 15.57 18.08
C ALA A 1312 -32.92 14.51 18.63
N GLY A 1313 -33.48 13.36 18.99
CA GLY A 1313 -32.71 12.25 19.53
C GLY A 1313 -33.39 11.72 20.78
N LEU A 1314 -33.23 10.43 21.06
CA LEU A 1314 -33.93 9.80 22.18
C LEU A 1314 -33.35 10.14 23.56
N HIS A 1315 -32.04 10.31 23.67
CA HIS A 1315 -31.46 10.55 25.00
C HIS A 1315 -31.93 11.92 25.51
N PRO A 1316 -32.34 12.03 26.78
CA PRO A 1316 -33.00 13.27 27.23
C PRO A 1316 -32.13 14.55 27.21
N SER A 1317 -30.81 14.41 27.06
CA SER A 1317 -29.94 15.58 26.88
C SER A 1317 -29.95 16.07 25.46
N ASN A 1318 -30.52 15.26 24.57
CA ASN A 1318 -30.54 15.60 23.16
C ASN A 1318 -31.50 16.75 22.88
N ALA A 1319 -31.06 17.65 22.01
CA ALA A 1319 -31.75 18.91 21.83
C ALA A 1319 -31.74 19.25 20.36
N HIS A 1320 -32.78 19.92 19.91
CA HIS A 1320 -32.74 20.45 18.57
C HIS A 1320 -31.54 21.36 18.48
N ASP A 1321 -30.61 20.97 17.62
CA ASP A 1321 -29.30 21.59 17.53
C ASP A 1321 -29.37 23.11 17.49
N TYR A 1322 -28.52 23.72 18.30
CA TYR A 1322 -28.54 25.16 18.56
C TYR A 1322 -27.09 25.50 18.84
N VAL A 1323 -26.74 26.77 18.84
CA VAL A 1323 -25.32 27.15 18.86
C VAL A 1323 -24.90 27.40 20.30
N TYR A 1324 -23.71 26.93 20.64
CA TYR A 1324 -23.30 26.87 22.04
C TYR A 1324 -22.55 28.13 22.37
N SER A 1325 -22.36 28.37 23.66
CA SER A 1325 -21.55 29.49 24.11
C SER A 1325 -20.15 29.01 24.45
N LEU A 1326 -19.14 29.77 24.05
CA LEU A 1326 -17.81 29.60 24.61
C LEU A 1326 -17.92 29.45 26.12
N GLY A 1327 -17.42 28.34 26.65
CA GLY A 1327 -17.40 28.13 28.07
C GLY A 1327 -18.55 27.28 28.55
N ALA A 1328 -19.46 26.94 27.64
CA ALA A 1328 -20.67 26.23 28.04
C ALA A 1328 -20.31 24.87 28.59
N ILE A 1329 -21.16 24.36 29.47
CA ILE A 1329 -20.93 23.07 30.05
C ILE A 1329 -21.95 22.15 29.41
N ASN A 1330 -21.47 21.39 28.44
CA ASN A 1330 -22.30 20.65 27.52
C ASN A 1330 -22.47 19.22 27.97
N PHE A 1331 -23.71 18.79 28.09
CA PHE A 1331 -23.98 17.43 28.50
C PHE A 1331 -24.12 16.48 27.32
N THR A 1332 -23.01 15.88 26.90
CA THR A 1332 -23.03 14.97 25.76
C THR A 1332 -23.50 13.65 26.32
N GLY A 1333 -24.81 13.43 26.28
CA GLY A 1333 -25.42 12.34 27.02
C GLY A 1333 -25.36 12.62 28.52
N ASP A 1334 -24.80 11.68 29.28
CA ASP A 1334 -24.86 11.71 30.74
C ASP A 1334 -23.57 12.26 31.37
N GLU A 1335 -22.68 12.76 30.52
CA GLU A 1335 -21.41 13.29 30.98
C GLU A 1335 -21.18 14.66 30.36
N PRO A 1336 -20.64 15.59 31.14
CA PRO A 1336 -20.46 16.95 30.67
C PRO A 1336 -19.02 17.29 30.27
N VAL A 1337 -18.86 18.36 29.50
CA VAL A 1337 -17.54 18.76 29.03
C VAL A 1337 -17.57 20.26 28.85
N ILE A 1338 -16.48 20.93 29.21
CA ILE A 1338 -16.44 22.37 29.01
C ILE A 1338 -15.94 22.74 27.62
N ILE A 1339 -16.80 23.41 26.87
CA ILE A 1339 -16.48 23.91 25.54
C ILE A 1339 -15.42 25.01 25.57
N THR A 1340 -14.24 24.76 25.02
CA THR A 1340 -13.17 25.75 25.11
C THR A 1340 -12.85 26.35 23.75
N CYS A 1341 -11.73 27.07 23.64
CA CYS A 1341 -11.47 27.90 22.45
C CYS A 1341 -11.29 27.20 21.10
N ASP A 1342 -10.97 25.91 21.09
CA ASP A 1342 -11.00 25.10 19.84
C ASP A 1342 -12.27 24.27 19.73
N GLY A 1343 -13.34 24.73 20.36
CA GLY A 1343 -14.47 23.87 20.65
C GLY A 1343 -15.62 23.97 19.68
N PRO A 1344 -16.59 23.07 19.81
CA PRO A 1344 -17.72 23.02 18.89
C PRO A 1344 -18.72 24.14 19.12
N SER A 1345 -19.56 24.37 18.11
CA SER A 1345 -20.36 25.58 17.99
C SER A 1345 -21.81 25.14 17.90
N LEU A 1346 -22.24 24.69 16.72
CA LEU A 1346 -23.61 24.19 16.56
C LEU A 1346 -23.66 22.74 17.02
N GLY A 1347 -24.44 22.47 18.05
CA GLY A 1347 -24.38 21.17 18.70
C GLY A 1347 -25.73 20.65 19.15
N GLY A 1348 -25.77 19.38 19.53
CA GLY A 1348 -27.02 18.66 19.64
C GLY A 1348 -27.44 18.27 21.06
N PHE A 1349 -26.78 18.84 22.07
CA PHE A 1349 -27.09 18.53 23.47
C PHE A 1349 -27.33 19.78 24.31
N VAL A 1350 -28.00 19.61 25.43
CA VAL A 1350 -28.28 20.73 26.33
C VAL A 1350 -27.02 21.18 27.06
N CYS A 1351 -26.95 22.46 27.37
CA CYS A 1351 -25.86 23.02 28.16
C CYS A 1351 -26.40 23.54 29.47
N GLN A 1352 -25.71 23.26 30.58
CA GLN A 1352 -26.27 23.55 31.90
C GLN A 1352 -25.95 24.99 32.30
N ALA A 1353 -24.68 25.37 32.12
CA ALA A 1353 -24.18 26.63 32.61
C ALA A 1353 -23.03 27.04 31.70
N VAL A 1354 -22.52 28.26 31.85
CA VAL A 1354 -21.40 28.70 31.04
C VAL A 1354 -20.36 29.44 31.84
N VAL A 1355 -19.14 28.93 31.81
CA VAL A 1355 -18.02 29.55 32.48
C VAL A 1355 -17.93 31.00 32.04
N ALA A 1356 -17.67 31.89 32.99
CA ALA A 1356 -17.71 33.30 32.67
C ALA A 1356 -16.47 33.58 31.84
N GLU A 1357 -16.59 34.49 30.87
CA GLU A 1357 -15.50 34.82 29.95
C GLU A 1357 -14.19 34.83 30.70
N ALA A 1358 -14.19 35.54 31.82
CA ALA A 1358 -12.99 35.91 32.52
C ALA A 1358 -12.55 34.77 33.44
N GLU A 1359 -13.43 33.79 33.60
CA GLU A 1359 -13.08 32.58 34.33
C GLU A 1359 -12.52 31.45 33.45
N LEU A 1360 -12.70 31.57 32.13
CA LEU A 1360 -12.22 30.53 31.21
C LEU A 1360 -10.72 30.23 31.34
N TRP A 1361 -9.90 31.22 31.69
CA TRP A 1361 -8.47 31.00 31.89
C TRP A 1361 -8.18 29.87 32.88
N LYS A 1362 -9.05 29.69 33.87
CA LYS A 1362 -8.88 28.61 34.84
C LYS A 1362 -8.95 27.26 34.13
N VAL A 1363 -9.94 27.14 33.25
CA VAL A 1363 -10.17 25.92 32.53
C VAL A 1363 -8.95 25.58 31.66
N GLY A 1364 -8.29 26.62 31.16
CA GLY A 1364 -7.01 26.43 30.49
C GLY A 1364 -5.82 25.97 31.34
N GLN A 1365 -6.03 25.74 32.63
CA GLN A 1365 -4.94 25.32 33.51
C GLN A 1365 -5.26 24.04 34.25
N LEU A 1366 -6.46 23.54 33.99
CA LEU A 1366 -6.88 22.24 34.47
C LEU A 1366 -6.02 21.13 33.87
N THR A 1367 -5.77 20.08 34.65
CA THR A 1367 -5.01 18.92 34.23
C THR A 1367 -5.84 17.72 34.68
N PRO A 1368 -5.67 16.55 34.04
CA PRO A 1368 -6.50 15.42 34.50
C PRO A 1368 -6.32 15.17 35.99
N GLY A 1369 -7.41 14.78 36.65
CA GLY A 1369 -7.37 14.58 38.08
C GLY A 1369 -7.68 15.81 38.90
N ASP A 1370 -7.65 17.00 38.30
CA ASP A 1370 -7.99 18.20 39.07
C ASP A 1370 -9.44 18.06 39.50
N THR A 1371 -9.79 18.69 40.61
CA THR A 1371 -11.18 18.82 41.00
C THR A 1371 -11.63 20.25 40.81
N ILE A 1372 -12.90 20.43 40.48
CA ILE A 1372 -13.45 21.77 40.31
C ILE A 1372 -14.85 21.84 40.89
N GLN A 1373 -15.28 23.06 41.18
CA GLN A 1373 -16.65 23.31 41.59
C GLN A 1373 -17.14 24.55 40.88
N PHE A 1374 -18.32 24.46 40.30
CA PHE A 1374 -18.88 25.58 39.58
C PHE A 1374 -19.65 26.46 40.52
N VAL A 1375 -19.32 27.76 40.43
CA VAL A 1375 -19.76 28.71 41.40
C VAL A 1375 -20.62 29.71 40.64
N PRO A 1376 -21.89 29.85 41.07
CA PRO A 1376 -22.81 30.74 40.35
C PRO A 1376 -22.46 32.23 40.46
N LEU A 1377 -22.68 32.95 39.37
CA LEU A 1377 -22.19 34.30 39.24
C LEU A 1377 -23.25 35.08 38.47
N SER A 1378 -23.53 36.29 38.93
CA SER A 1378 -24.46 37.18 38.25
C SER A 1378 -23.82 37.76 37.01
N TYR A 1379 -24.63 38.15 36.02
CA TYR A 1379 -24.12 38.84 34.84
C TYR A 1379 -23.15 39.98 35.21
N GLY A 1380 -23.54 40.77 36.20
CA GLY A 1380 -22.77 41.96 36.53
C GLY A 1380 -21.41 41.65 37.12
N VAL A 1381 -21.38 40.71 38.07
CA VAL A 1381 -20.13 40.27 38.69
C VAL A 1381 -19.19 39.75 37.59
N ALA A 1382 -19.77 39.03 36.64
CA ALA A 1382 -19.01 38.45 35.54
C ALA A 1382 -18.35 39.53 34.68
N ARG A 1383 -19.04 40.64 34.50
CA ARG A 1383 -18.50 41.78 33.78
C ARG A 1383 -17.38 42.45 34.56
N GLN A 1384 -17.53 42.48 35.88
CA GLN A 1384 -16.58 43.14 36.74
C GLN A 1384 -15.22 42.48 36.61
N LEU A 1385 -15.21 41.16 36.74
CA LEU A 1385 -14.00 40.38 36.62
C LEU A 1385 -13.36 40.69 35.29
N LYS A 1386 -14.16 40.64 34.23
CA LYS A 1386 -13.66 40.81 32.87
C LYS A 1386 -13.00 42.17 32.72
N GLU A 1387 -13.73 43.21 33.07
CA GLU A 1387 -13.22 44.57 32.96
C GLU A 1387 -11.95 44.77 33.77
N SER A 1388 -11.85 44.11 34.92
CA SER A 1388 -10.64 44.19 35.74
C SER A 1388 -9.43 43.59 35.03
N GLN A 1389 -9.65 42.58 34.19
CA GLN A 1389 -8.51 42.00 33.47
C GLN A 1389 -8.07 42.97 32.37
N ASP A 1390 -9.01 43.62 31.70
CA ASP A 1390 -8.64 44.57 30.65
C ASP A 1390 -7.89 45.79 31.22
N LYS A 1391 -8.33 46.30 32.36
CA LYS A 1391 -7.66 47.43 33.01
C LYS A 1391 -6.29 47.01 33.51
N SER A 1392 -6.19 45.77 33.97
CA SER A 1392 -4.93 45.25 34.47
C SER A 1392 -3.93 45.21 33.30
N ILE A 1393 -4.32 44.67 32.16
CA ILE A 1393 -3.44 44.62 31.00
C ILE A 1393 -3.18 45.99 30.37
N ASP A 1394 -4.17 46.87 30.38
CA ASP A 1394 -4.02 48.12 29.64
C ASP A 1394 -3.14 49.11 30.38
N ASN A 1395 -3.27 49.17 31.70
CA ASN A 1395 -2.53 50.14 32.49
C ASN A 1395 -1.29 49.53 33.10
N PHE A 1396 -1.44 48.31 33.58
CA PHE A 1396 -0.34 47.49 34.12
C PHE A 1396 0.11 48.09 35.45
N GLU A 1397 -0.81 48.18 36.39
CA GLU A 1397 -0.65 48.96 37.62
C GLU A 1397 -1.16 48.14 38.81
N GLU A 1398 -0.34 48.02 39.87
CA GLU A 1398 -0.71 47.21 41.05
C GLU A 1398 -2.14 47.40 41.52
N GLY A 1399 -2.81 46.29 41.83
CA GLY A 1399 -4.10 46.32 42.50
C GLY A 1399 -5.39 46.32 41.68
N SER A 1400 -5.28 46.38 40.35
CA SER A 1400 -6.45 46.50 39.48
C SER A 1400 -7.09 45.17 39.06
N LEU A 1401 -6.52 44.04 39.49
CA LEU A 1401 -7.07 42.73 39.13
C LEU A 1401 -8.04 42.22 40.18
N LEU A 1402 -9.25 41.93 39.76
CA LEU A 1402 -10.25 41.33 40.64
C LEU A 1402 -10.35 39.82 40.43
N GLU A 1403 -10.61 39.10 41.50
CA GLU A 1403 -10.70 37.67 41.42
C GLU A 1403 -11.87 37.21 42.25
N LEU A 1404 -12.35 36.02 41.94
CA LEU A 1404 -13.35 35.32 42.72
C LEU A 1404 -13.14 35.53 44.23
N SER A 1405 -14.21 35.85 44.94
CA SER A 1405 -14.22 35.89 46.39
C SER A 1405 -15.67 35.75 46.83
N ASP A 1406 -15.90 35.22 48.03
CA ASP A 1406 -17.24 34.85 48.48
C ASP A 1406 -18.34 35.92 48.30
N ASP A 1407 -18.00 37.19 48.50
CA ASP A 1407 -19.01 38.25 48.35
C ASP A 1407 -19.34 38.55 46.89
N LYS A 1408 -18.62 37.92 45.96
CA LYS A 1408 -18.93 38.03 44.53
C LYS A 1408 -19.92 36.94 44.06
N ILE A 1409 -20.14 35.92 44.89
CA ILE A 1409 -20.89 34.73 44.48
C ILE A 1409 -22.37 34.74 44.92
N LEU A 1410 -23.28 34.61 43.94
CA LEU A 1410 -24.70 34.32 44.20
C LEU A 1410 -24.91 33.22 45.22
N PRO A 1411 -25.86 33.41 46.14
CA PRO A 1411 -26.21 32.45 47.20
C PRO A 1411 -26.71 31.10 46.66
N LYS A 1412 -27.41 31.14 45.53
CA LYS A 1412 -28.00 29.96 44.93
C LYS A 1412 -28.06 30.17 43.42
N TYR A 1413 -28.01 29.08 42.66
CA TYR A 1413 -28.16 29.18 41.21
C TYR A 1413 -29.45 29.94 40.93
N GLU A 1414 -29.44 30.71 39.85
CA GLU A 1414 -30.62 31.44 39.48
C GLU A 1414 -31.27 30.82 38.25
N ASN A 1415 -32.44 31.33 37.90
CA ASN A 1415 -33.19 30.87 36.74
C ASN A 1415 -32.63 31.40 35.41
N PRO A 1416 -32.27 30.50 34.48
CA PRO A 1416 -31.64 31.00 33.25
C PRO A 1416 -32.63 31.60 32.26
N ILE A 1417 -33.92 31.39 32.48
CA ILE A 1417 -34.95 31.89 31.57
C ILE A 1417 -35.26 33.37 31.84
N LEU A 1418 -34.85 34.22 30.90
CA LEU A 1418 -34.88 35.66 31.08
C LEU A 1418 -36.26 36.24 30.79
N ALA A 1419 -36.95 35.63 29.81
CA ALA A 1419 -38.34 36.00 29.51
C ALA A 1419 -38.99 35.02 28.53
N VAL A 1420 -40.30 34.88 28.65
CA VAL A 1420 -41.09 34.07 27.73
C VAL A 1420 -42.17 34.90 27.05
N LEU A 1421 -42.13 34.96 25.73
CA LEU A 1421 -43.25 35.48 24.94
C LEU A 1421 -44.22 34.36 24.59
N PRO A 1422 -45.51 34.58 24.82
CA PRO A 1422 -46.46 33.51 24.53
C PRO A 1422 -46.69 33.30 23.04
N LYS A 1423 -47.17 32.12 22.67
CA LYS A 1423 -47.49 31.86 21.27
C LYS A 1423 -48.65 32.75 20.88
N LYS A 1424 -48.58 33.35 19.69
CA LYS A 1424 -49.61 34.28 19.28
C LYS A 1424 -50.37 33.69 18.11
N SER A 1425 -49.62 33.16 17.15
CA SER A 1425 -50.21 32.59 15.96
C SER A 1425 -49.34 31.48 15.38
N ASP A 1426 -49.74 30.97 14.23
CA ASP A 1426 -49.06 29.86 13.61
C ASP A 1426 -47.63 30.20 13.17
N LEU A 1427 -47.44 31.40 12.62
CA LEU A 1427 -46.10 31.83 12.19
C LEU A 1427 -45.36 32.69 13.21
N SER A 1428 -45.99 32.92 14.36
CA SER A 1428 -45.37 33.74 15.39
C SER A 1428 -45.46 33.00 16.71
N PRO A 1429 -44.56 32.03 16.91
CA PRO A 1429 -44.55 31.05 18.01
C PRO A 1429 -44.09 31.67 19.30
N LYS A 1430 -44.15 30.87 20.37
CA LYS A 1430 -43.62 31.32 21.64
C LYS A 1430 -42.10 31.50 21.55
N VAL A 1431 -41.59 32.42 22.35
CA VAL A 1431 -40.19 32.77 22.29
C VAL A 1431 -39.64 32.62 23.69
N THR A 1432 -38.52 31.93 23.78
CA THR A 1432 -37.89 31.78 25.06
C THR A 1432 -36.48 32.33 25.00
N TYR A 1433 -36.22 33.26 25.91
CA TYR A 1433 -34.92 33.95 25.98
C TYR A 1433 -34.13 33.39 27.14
N ARG A 1434 -32.99 32.79 26.85
CA ARG A 1434 -32.15 32.21 27.90
C ARG A 1434 -30.77 32.83 27.99
N GLN A 1435 -30.35 33.04 29.23
CA GLN A 1435 -29.04 33.56 29.51
C GLN A 1435 -28.05 32.48 29.13
N ALA A 1436 -27.06 32.84 28.33
CA ALA A 1436 -26.15 31.83 27.86
C ALA A 1436 -24.75 32.34 27.89
N GLY A 1437 -24.25 32.57 29.09
CA GLY A 1437 -22.93 33.14 29.19
C GLY A 1437 -22.94 34.63 29.32
N ASP A 1438 -21.88 35.08 30.00
CA ASP A 1438 -21.37 36.44 30.05
C ASP A 1438 -21.59 37.26 28.79
N ARG A 1439 -21.61 36.57 27.64
CA ARG A 1439 -21.49 37.19 26.33
C ARG A 1439 -22.68 36.93 25.41
N TYR A 1440 -23.74 36.26 25.85
CA TYR A 1440 -24.80 35.89 24.92
C TYR A 1440 -26.16 35.65 25.53
N ILE A 1441 -27.16 35.82 24.67
CA ILE A 1441 -28.53 35.49 24.99
C ILE A 1441 -28.95 34.50 23.91
N LEU A 1442 -29.48 33.37 24.33
CA LEU A 1442 -30.01 32.40 23.38
C LEU A 1442 -31.51 32.63 23.13
N VAL A 1443 -31.90 32.80 21.88
CA VAL A 1443 -33.31 32.97 21.57
C VAL A 1443 -33.89 31.66 21.04
N GLU A 1444 -34.87 31.10 21.72
CA GLU A 1444 -35.47 29.84 21.27
C GLU A 1444 -36.92 29.94 20.83
N TYR A 1445 -37.18 29.57 19.57
CA TYR A 1445 -38.54 29.55 19.07
C TYR A 1445 -39.30 28.24 19.28
N GLY A 1446 -40.59 28.39 19.58
CA GLY A 1446 -41.55 27.31 19.51
C GLY A 1446 -41.53 26.44 20.75
N GLU A 1447 -42.31 25.36 20.71
CA GLU A 1447 -42.09 24.24 21.61
C GLU A 1447 -40.89 23.45 21.08
N LEU A 1448 -40.43 22.43 21.81
CA LEU A 1448 -39.23 21.69 21.40
C LEU A 1448 -39.58 20.79 20.23
N GLU A 1449 -39.39 21.32 19.02
CA GLU A 1449 -40.14 20.93 17.82
C GLU A 1449 -39.53 21.56 16.59
N PHE A 1450 -39.55 20.86 15.47
CA PHE A 1450 -39.04 21.49 14.26
C PHE A 1450 -40.22 22.01 13.47
N ASP A 1451 -39.98 23.10 12.76
CA ASP A 1451 -40.98 23.75 11.93
C ASP A 1451 -40.18 24.63 11.00
N LEU A 1452 -40.19 24.33 9.69
CA LEU A 1452 -39.48 25.16 8.71
C LEU A 1452 -39.71 26.66 8.81
N ASN A 1453 -40.93 27.06 9.13
CA ASN A 1453 -41.26 28.49 9.20
C ASN A 1453 -40.39 29.24 10.18
N ILE A 1454 -40.23 28.64 11.35
CA ILE A 1454 -39.32 29.12 12.38
C ILE A 1454 -37.90 29.37 11.84
N CYS A 1455 -37.47 28.61 10.84
CA CYS A 1455 -36.14 28.83 10.27
C CYS A 1455 -36.12 30.14 9.48
N TYR A 1456 -37.18 30.40 8.73
CA TYR A 1456 -37.25 31.66 7.99
C TYR A 1456 -37.35 32.80 8.98
N ARG A 1457 -38.04 32.54 10.08
CA ARG A 1457 -38.27 33.53 11.11
C ARG A 1457 -36.98 33.98 11.76
N ILE A 1458 -36.09 33.03 11.97
CA ILE A 1458 -34.81 33.35 12.56
C ILE A 1458 -34.05 34.26 11.61
N ASN A 1459 -34.21 33.98 10.32
CA ASN A 1459 -33.57 34.78 9.27
C ASN A 1459 -34.13 36.20 9.33
N ARG A 1460 -35.38 36.32 9.72
CA ARG A 1460 -36.05 37.62 9.72
C ARG A 1460 -35.63 38.42 10.95
N LEU A 1461 -35.58 37.75 12.11
CA LEU A 1461 -35.03 38.34 13.32
C LEU A 1461 -33.66 38.93 13.03
N ILE A 1462 -32.81 38.16 12.38
CA ILE A 1462 -31.45 38.62 12.08
C ILE A 1462 -31.56 39.87 11.23
N HIS A 1463 -32.51 39.85 10.30
CA HIS A 1463 -32.71 40.96 9.39
C HIS A 1463 -33.18 42.19 10.13
N GLN A 1464 -33.99 41.98 11.16
CA GLN A 1464 -34.47 43.09 11.97
C GLN A 1464 -33.35 43.75 12.76
N VAL A 1465 -32.35 42.99 13.19
CA VAL A 1465 -31.23 43.62 13.87
C VAL A 1465 -30.37 44.42 12.90
N GLU A 1466 -30.24 43.93 11.66
CA GLU A 1466 -29.44 44.63 10.65
C GLU A 1466 -30.11 45.89 10.20
N ARG A 1467 -31.44 45.84 10.08
CA ARG A 1467 -32.26 46.95 9.65
C ARG A 1467 -32.11 47.95 10.66
N HIS A 1468 -32.19 47.38 11.86
CA HIS A 1468 -31.96 48.17 12.99
C HIS A 1468 -30.53 48.30 13.19
N GLN A 1469 -29.61 47.55 12.52
CA GLN A 1469 -28.27 47.96 12.85
C GLN A 1469 -27.95 48.03 14.35
N THR A 1470 -28.41 47.16 15.25
CA THR A 1470 -28.15 47.39 16.70
C THR A 1470 -26.69 47.69 17.14
N VAL A 1471 -26.46 48.76 17.92
CA VAL A 1471 -25.11 48.91 18.52
C VAL A 1471 -24.93 47.86 19.60
N GLY A 1472 -23.74 47.26 19.67
CA GLY A 1472 -23.38 46.35 20.73
C GLY A 1472 -23.43 44.88 20.35
N ILE A 1473 -24.19 44.56 19.31
CA ILE A 1473 -24.35 43.17 18.89
C ILE A 1473 -23.14 42.71 18.05
N VAL A 1474 -22.53 41.59 18.48
CA VAL A 1474 -21.30 41.11 17.86
C VAL A 1474 -21.52 40.07 16.75
N GLU A 1475 -22.43 39.12 16.97
CA GLU A 1475 -22.62 38.03 16.02
C GLU A 1475 -23.87 37.23 16.36
N MET A 1476 -24.67 36.95 15.34
CA MET A 1476 -25.86 36.15 15.52
C MET A 1476 -25.68 34.82 14.80
N SER A 1477 -25.86 33.74 15.54
CA SER A 1477 -25.58 32.40 15.06
C SER A 1477 -26.81 31.49 14.91
N GLN A 1478 -27.19 31.19 13.66
CA GLN A 1478 -28.35 30.34 13.40
C GLN A 1478 -28.27 28.89 13.83
N GLY A 1479 -29.27 28.46 14.58
CA GLY A 1479 -29.49 27.04 14.80
C GLY A 1479 -30.83 26.63 14.22
N VAL A 1480 -31.31 25.45 14.61
CA VAL A 1480 -32.49 24.83 13.99
C VAL A 1480 -33.76 25.58 14.32
N ARG A 1481 -33.89 26.01 15.57
CA ARG A 1481 -35.09 26.70 15.98
C ARG A 1481 -34.72 27.83 16.91
N SER A 1482 -33.48 28.28 16.78
CA SER A 1482 -32.90 29.23 17.71
C SER A 1482 -31.86 30.07 17.01
N VAL A 1483 -31.39 31.08 17.73
CA VAL A 1483 -30.28 31.86 17.25
C VAL A 1483 -29.56 32.37 18.48
N LEU A 1484 -28.24 32.38 18.41
CA LEU A 1484 -27.47 32.80 19.57
C LEU A 1484 -26.93 34.17 19.26
N ILE A 1485 -27.11 35.07 20.21
CA ILE A 1485 -26.75 36.44 20.00
C ILE A 1485 -25.59 36.83 20.92
N GLU A 1486 -24.45 37.17 20.34
CA GLU A 1486 -23.30 37.53 21.15
C GLU A 1486 -23.29 39.05 21.25
N PHE A 1487 -23.08 39.57 22.45
CA PHE A 1487 -22.99 41.02 22.60
C PHE A 1487 -21.73 41.50 23.30
N ASP A 1488 -21.49 42.80 23.15
CA ASP A 1488 -20.43 43.54 23.82
C ASP A 1488 -21.05 44.32 24.97
N GLY A 1489 -20.86 43.80 26.18
CA GLY A 1489 -21.41 44.39 27.38
C GLY A 1489 -20.96 45.81 27.66
N SER A 1490 -19.83 46.20 27.09
CA SER A 1490 -19.39 47.59 27.18
C SER A 1490 -20.17 48.51 26.25
N LYS A 1491 -20.91 47.94 25.31
CA LYS A 1491 -21.76 48.73 24.41
C LYS A 1491 -23.26 48.59 24.67
N ILE A 1492 -23.67 47.47 25.27
CA ILE A 1492 -25.08 47.21 25.52
C ILE A 1492 -25.14 46.16 26.62
N ASN A 1493 -25.99 46.37 27.61
CA ASN A 1493 -26.04 45.38 28.67
C ASN A 1493 -27.11 44.35 28.42
N GLN A 1494 -27.08 43.30 29.23
CA GLN A 1494 -27.99 42.18 29.10
C GLN A 1494 -29.45 42.66 29.05
N LYS A 1495 -29.84 43.51 30.00
CA LYS A 1495 -31.24 43.91 30.12
C LYS A 1495 -31.69 44.66 28.87
N ALA A 1496 -30.82 45.55 28.39
CA ALA A 1496 -31.10 46.34 27.21
C ALA A 1496 -31.27 45.51 25.95
N LEU A 1497 -30.38 44.53 25.78
CA LEU A 1497 -30.45 43.70 24.60
C LEU A 1497 -31.70 42.85 24.59
N LEU A 1498 -32.04 42.29 25.75
CA LEU A 1498 -33.30 41.58 25.96
C LEU A 1498 -34.48 42.39 25.47
N LYS A 1499 -34.61 43.63 25.96
CA LYS A 1499 -35.72 44.45 25.52
C LYS A 1499 -35.74 44.79 24.02
N CYS A 1500 -34.59 45.12 23.42
CA CYS A 1500 -34.61 45.41 21.98
C CYS A 1500 -35.12 44.18 21.23
N LEU A 1501 -34.68 43.01 21.68
CA LEU A 1501 -35.00 41.76 21.01
C LEU A 1501 -36.50 41.48 21.11
N ILE A 1502 -37.04 41.60 22.33
CA ILE A 1502 -38.47 41.42 22.58
C ILE A 1502 -39.23 42.29 21.62
N ALA A 1503 -38.65 43.46 21.37
CA ALA A 1503 -39.34 44.48 20.64
C ALA A 1503 -39.20 44.28 19.14
N TYR A 1504 -38.01 44.01 18.65
CA TYR A 1504 -37.87 43.72 17.24
C TYR A 1504 -38.68 42.51 16.86
N GLU A 1505 -38.90 41.64 17.85
CA GLU A 1505 -39.60 40.41 17.60
C GLU A 1505 -41.00 40.68 17.08
N SER A 1506 -41.61 41.76 17.54
CA SER A 1506 -42.95 42.07 17.07
C SER A 1506 -42.96 42.75 15.69
N GLU A 1507 -41.79 43.08 15.15
CA GLU A 1507 -41.74 43.75 13.84
C GLU A 1507 -41.60 42.76 12.72
N ILE A 1508 -41.35 41.52 13.08
CA ILE A 1508 -41.15 40.53 12.06
C ILE A 1508 -42.50 40.28 11.40
N GLN A 1509 -42.59 40.54 10.09
CA GLN A 1509 -43.79 40.26 9.33
C GLN A 1509 -43.46 39.38 8.15
N PHE A 1510 -44.17 38.26 7.99
CA PHE A 1510 -44.08 37.45 6.78
C PHE A 1510 -45.24 36.46 6.72
N ASP A 1511 -45.50 35.90 5.54
CA ASP A 1511 -46.57 34.91 5.40
C ASP A 1511 -46.03 33.54 5.01
N LYS A 1512 -46.87 32.54 5.18
CA LYS A 1512 -46.53 31.16 4.86
C LYS A 1512 -45.92 30.97 3.46
N ASN A 1513 -46.10 31.92 2.55
CA ASN A 1513 -45.63 31.78 1.16
C ASN A 1513 -44.20 32.29 0.87
N TRP A 1514 -43.35 32.39 1.89
CA TRP A 1514 -42.02 32.97 1.73
C TRP A 1514 -41.13 32.17 0.76
N ASN A 1515 -40.11 32.82 0.21
CA ASN A 1515 -39.04 32.12 -0.52
C ASN A 1515 -37.62 32.60 -0.18
N VAL A 1516 -36.62 31.79 -0.54
CA VAL A 1516 -35.21 32.09 -0.26
C VAL A 1516 -34.32 31.57 -1.37
N LYS A 1517 -33.18 32.24 -1.60
CA LYS A 1517 -32.18 31.70 -2.50
C LYS A 1517 -31.72 30.39 -1.89
N SER A 1518 -31.60 29.35 -2.71
CA SER A 1518 -31.14 28.06 -2.22
C SER A 1518 -30.24 27.35 -3.23
N LYS A 1519 -28.99 27.14 -2.83
CA LYS A 1519 -28.07 26.31 -3.61
C LYS A 1519 -28.26 24.80 -3.39
N ILE A 1520 -28.34 24.04 -4.49
CA ILE A 1520 -28.55 22.60 -4.46
C ILE A 1520 -27.26 21.88 -4.75
N PHE A 1521 -26.75 21.19 -3.74
CA PHE A 1521 -25.52 20.45 -3.87
C PHE A 1521 -25.82 18.98 -4.09
N LYS A 1522 -25.24 18.38 -5.13
CA LYS A 1522 -25.28 16.93 -5.28
C LYS A 1522 -23.91 16.29 -5.02
N LEU A 1523 -23.82 15.51 -3.95
CA LEU A 1523 -22.54 15.09 -3.39
C LEU A 1523 -22.39 13.56 -3.34
N PRO A 1524 -21.23 13.05 -3.80
CA PRO A 1524 -21.02 11.59 -3.82
C PRO A 1524 -20.88 11.02 -2.41
N MET A 1525 -21.50 9.89 -2.12
CA MET A 1525 -21.28 9.30 -0.80
C MET A 1525 -21.13 7.78 -0.86
N ALA A 1526 -20.05 7.30 -0.27
CA ALA A 1526 -19.88 5.89 0.04
C ALA A 1526 -20.63 5.44 1.29
N PHE A 1527 -21.62 4.58 1.09
CA PHE A 1527 -22.30 3.90 2.19
C PHE A 1527 -21.41 2.97 3.01
N GLU A 1528 -21.22 3.29 4.29
CA GLU A 1528 -20.58 2.41 5.27
C GLU A 1528 -19.21 1.91 4.80
N ASP A 1529 -18.36 2.86 4.42
CA ASP A 1529 -17.03 2.56 3.94
C ASP A 1529 -16.13 2.20 5.12
N SER A 1530 -14.86 1.89 4.85
CA SER A 1530 -13.99 1.40 5.91
C SER A 1530 -13.67 2.44 6.99
N LYS A 1531 -13.55 3.70 6.59
CA LYS A 1531 -13.12 4.75 7.51
C LYS A 1531 -14.28 5.16 8.42
N THR A 1532 -15.50 5.12 7.88
CA THR A 1532 -16.71 5.33 8.68
C THR A 1532 -16.86 4.22 9.74
N LEU A 1533 -16.81 2.95 9.33
CA LEU A 1533 -16.89 1.81 10.26
C LEU A 1533 -15.76 1.84 11.27
N ASP A 1534 -14.55 2.16 10.83
CA ASP A 1534 -13.44 2.17 11.75
C ASP A 1534 -13.62 3.23 12.85
N CYS A 1535 -14.46 4.24 12.60
CA CYS A 1535 -14.64 5.36 13.55
C CYS A 1535 -15.46 4.79 14.71
N VAL A 1536 -16.44 3.93 14.38
CA VAL A 1536 -17.24 3.22 15.39
C VAL A 1536 -16.39 2.19 16.14
N THR A 1537 -15.54 1.49 15.40
CA THR A 1537 -14.64 0.49 16.00
C THR A 1537 -13.80 1.14 17.08
N ARG A 1538 -13.13 2.24 16.71
CA ARG A 1538 -12.32 3.00 17.66
C ARG A 1538 -13.15 3.40 18.86
N TYR A 1539 -14.42 3.75 18.63
CA TYR A 1539 -15.29 4.18 19.73
C TYR A 1539 -15.62 2.97 20.61
N ARG A 1540 -15.84 1.80 20.00
CA ARG A 1540 -16.07 0.58 20.79
C ARG A 1540 -14.89 0.13 21.64
N GLU A 1541 -13.68 0.31 21.14
CA GLU A 1541 -12.54 -0.22 21.86
C GLU A 1541 -11.91 0.83 22.74
N THR A 1542 -12.32 2.08 22.59
CA THR A 1542 -11.70 3.13 23.39
C THR A 1542 -12.67 3.78 24.39
N ILE A 1543 -13.99 3.69 24.27
CA ILE A 1543 -14.83 4.60 25.10
C ILE A 1543 -16.02 3.86 25.69
N ARG A 1544 -16.80 3.28 24.81
CA ARG A 1544 -17.98 2.52 25.17
C ARG A 1544 -18.06 1.35 24.21
N SER A 1545 -17.96 0.11 24.70
CA SER A 1545 -17.86 -0.92 23.69
C SER A 1545 -19.18 -1.49 23.23
N GLU A 1546 -20.21 -1.27 24.05
CA GLU A 1546 -21.65 -1.56 23.86
C GLU A 1546 -22.64 -0.53 24.28
N ALA A 1547 -23.67 -0.42 23.47
CA ALA A 1547 -24.72 0.56 23.68
C ALA A 1547 -25.82 0.18 22.72
N PRO A 1548 -27.04 0.66 22.97
CA PRO A 1548 -28.10 0.23 22.04
C PRO A 1548 -27.86 0.67 20.57
N TRP A 1549 -26.88 1.54 20.31
CA TRP A 1549 -26.61 2.07 18.96
C TRP A 1549 -25.34 1.39 18.44
N LEU A 1550 -24.90 0.38 19.18
CA LEU A 1550 -23.67 -0.34 18.88
C LEU A 1550 -24.11 -1.80 18.67
N PRO A 1551 -23.33 -2.56 17.90
CA PRO A 1551 -22.02 -2.32 17.29
C PRO A 1551 -22.10 -1.56 15.96
N ASN A 1552 -23.26 -1.54 15.34
CA ASN A 1552 -23.40 -0.92 14.02
C ASN A 1552 -24.49 0.15 14.03
N ASN A 1553 -24.10 1.39 13.74
CA ASN A 1553 -25.02 2.54 13.87
C ASN A 1553 -26.21 2.47 12.91
N VAL A 1554 -26.01 1.97 11.69
CA VAL A 1554 -27.10 1.94 10.70
C VAL A 1554 -28.17 0.91 11.11
N ASP A 1555 -27.72 -0.21 11.66
CA ASP A 1555 -28.62 -1.23 12.21
C ASP A 1555 -29.49 -0.73 13.34
N PHE A 1556 -28.89 0.02 14.28
CA PHE A 1556 -29.64 0.84 15.22
C PHE A 1556 -30.70 1.73 14.56
N ILE A 1557 -30.36 2.56 13.56
CA ILE A 1557 -31.38 3.40 12.90
C ILE A 1557 -32.51 2.45 12.42
N ALA A 1558 -32.10 1.41 11.69
CA ALA A 1558 -33.02 0.44 11.10
C ALA A 1558 -33.92 -0.20 12.14
N ASP A 1559 -33.31 -0.68 13.21
CA ASP A 1559 -34.04 -1.39 14.23
C ASP A 1559 -35.06 -0.53 15.01
N VAL A 1560 -34.65 0.68 15.43
CA VAL A 1560 -35.51 1.55 16.28
C VAL A 1560 -36.66 2.15 15.45
N ASN A 1561 -36.46 2.23 14.13
CA ASN A 1561 -37.51 2.70 13.20
C ASN A 1561 -38.31 1.56 12.56
N ASP A 1562 -37.96 0.30 12.86
CA ASP A 1562 -38.58 -0.89 12.26
C ASP A 1562 -38.48 -0.99 10.72
N ILE A 1563 -37.31 -0.74 10.17
CA ILE A 1563 -37.13 -0.91 8.74
C ILE A 1563 -35.90 -1.77 8.47
N ASP A 1564 -35.63 -2.06 7.21
CA ASP A 1564 -34.41 -2.77 6.86
C ASP A 1564 -33.30 -1.76 6.76
N ARG A 1565 -32.06 -2.16 7.05
CA ARG A 1565 -30.90 -1.27 6.88
C ARG A 1565 -30.82 -0.64 5.49
N ASN A 1566 -31.28 -1.35 4.46
CA ASN A 1566 -31.21 -0.83 3.10
C ASN A 1566 -32.31 0.21 2.84
N ASP A 1567 -33.36 0.21 3.65
CA ASP A 1567 -34.30 1.34 3.66
C ASP A 1567 -33.60 2.62 4.11
N VAL A 1568 -32.72 2.50 5.11
CA VAL A 1568 -31.90 3.63 5.56
C VAL A 1568 -31.01 4.08 4.42
N LYS A 1569 -30.34 3.12 3.78
CA LYS A 1569 -29.45 3.45 2.66
C LYS A 1569 -30.28 4.14 1.60
N ASN A 1570 -31.50 3.65 1.36
CA ASN A 1570 -32.33 4.26 0.33
C ASN A 1570 -32.73 5.70 0.56
N MET A 1571 -33.03 6.06 1.80
CA MET A 1571 -33.45 7.42 2.09
C MET A 1571 -32.26 8.39 1.97
N LEU A 1572 -31.08 7.98 2.41
CA LEU A 1572 -29.87 8.79 2.24
C LEU A 1572 -29.64 9.16 0.78
N TYR A 1573 -30.08 8.30 -0.13
CA TYR A 1573 -29.89 8.57 -1.54
C TYR A 1573 -31.14 9.08 -2.24
N SER A 1574 -32.22 9.32 -1.50
CA SER A 1574 -33.38 9.97 -2.09
C SER A 1574 -33.85 11.21 -1.32
N ALA A 1575 -33.32 11.42 -0.12
CA ALA A 1575 -33.77 12.53 0.71
C ALA A 1575 -33.25 13.85 0.18
N LYS A 1576 -33.96 14.93 0.49
CA LYS A 1576 -33.52 16.27 0.14
C LYS A 1576 -33.23 16.99 1.45
N PHE A 1577 -31.95 17.16 1.76
CA PHE A 1577 -31.53 17.69 3.05
C PHE A 1577 -31.37 19.21 3.01
N MET A 1578 -32.25 19.94 3.70
CA MET A 1578 -32.12 21.39 3.83
C MET A 1578 -31.20 21.79 4.99
N VAL A 1579 -30.11 22.48 4.67
CA VAL A 1579 -29.23 23.02 5.70
C VAL A 1579 -29.96 24.03 6.58
N LEU A 1580 -29.98 23.78 7.89
CA LEU A 1580 -30.62 24.69 8.82
C LEU A 1580 -29.62 25.60 9.54
N GLY A 1581 -28.39 25.14 9.66
CA GLY A 1581 -27.36 25.91 10.35
C GLY A 1581 -25.98 25.38 10.01
N LEU A 1582 -24.93 26.13 10.33
CA LEU A 1582 -23.57 25.69 10.06
C LEU A 1582 -22.72 25.45 11.33
N GLY A 1583 -21.70 24.61 11.19
CA GLY A 1583 -20.79 24.27 12.27
C GLY A 1583 -21.30 23.19 13.20
N ASP A 1584 -22.02 22.22 12.62
CA ASP A 1584 -22.40 20.98 13.31
C ASP A 1584 -21.70 19.75 12.75
N VAL A 1585 -20.42 19.54 13.04
CA VAL A 1585 -19.69 20.30 14.02
C VAL A 1585 -18.33 20.67 13.36
N PHE A 1586 -18.00 21.97 13.45
CA PHE A 1586 -16.74 22.58 12.94
C PHE A 1586 -16.74 22.90 11.46
N LEU A 1587 -15.97 23.93 11.11
CA LEU A 1587 -15.75 24.38 9.74
C LEU A 1587 -16.91 24.17 8.77
N GLY A 1588 -18.03 24.83 9.07
CA GLY A 1588 -19.20 24.84 8.19
C GLY A 1588 -19.91 23.51 8.02
N SER A 1589 -19.60 22.56 8.91
CA SER A 1589 -20.35 21.31 8.99
C SER A 1589 -21.85 21.61 9.16
N PRO A 1590 -22.67 21.06 8.26
CA PRO A 1590 -24.09 21.44 8.27
C PRO A 1590 -24.92 20.65 9.29
N CYS A 1591 -26.00 21.26 9.73
CA CYS A 1591 -27.08 20.51 10.34
C CYS A 1591 -28.30 20.59 9.45
N ALA A 1592 -28.70 19.46 8.87
CA ALA A 1592 -29.69 19.44 7.81
C ALA A 1592 -30.84 18.52 8.19
N VAL A 1593 -31.96 18.65 7.48
CA VAL A 1593 -33.16 17.89 7.81
C VAL A 1593 -33.88 17.47 6.54
N PRO A 1594 -34.35 16.22 6.48
CA PRO A 1594 -34.95 15.88 5.18
C PRO A 1594 -36.20 16.73 4.95
N LEU A 1595 -36.42 17.14 3.70
CA LEU A 1595 -37.57 17.98 3.36
C LEU A 1595 -38.83 17.14 3.33
N ASP A 1596 -38.63 15.84 3.12
CA ASP A 1596 -39.70 14.87 3.19
C ASP A 1596 -39.82 14.38 4.63
N PRO A 1597 -40.98 14.64 5.27
CA PRO A 1597 -41.19 14.24 6.67
C PRO A 1597 -41.12 12.72 6.84
N ARG A 1598 -41.40 11.96 5.78
CA ARG A 1598 -41.26 10.50 5.83
C ARG A 1598 -39.82 10.04 5.78
N HIS A 1599 -38.89 10.99 5.77
CA HIS A 1599 -37.49 10.67 5.75
C HIS A 1599 -36.85 10.94 7.10
N ARG A 1600 -37.67 11.20 8.11
CA ARG A 1600 -37.15 11.64 9.39
C ARG A 1600 -37.29 10.45 10.33
N TYR A 1601 -36.14 9.92 10.73
CA TYR A 1601 -36.05 8.69 11.48
C TYR A 1601 -35.72 8.99 12.92
N LEU A 1602 -36.27 8.18 13.82
CA LEU A 1602 -35.86 8.23 15.21
C LEU A 1602 -34.40 7.83 15.28
N GLY A 1603 -33.79 8.12 16.42
CA GLY A 1603 -32.37 7.89 16.59
C GLY A 1603 -31.92 8.40 17.94
N THR A 1604 -30.63 8.71 18.03
CA THR A 1604 -30.04 9.30 19.22
C THR A 1604 -28.62 9.72 18.89
N LYS A 1605 -28.08 10.60 19.71
CA LYS A 1605 -26.71 11.05 19.55
C LYS A 1605 -25.95 10.19 20.55
N TYR A 1606 -24.65 10.05 20.37
CA TYR A 1606 -23.88 9.13 21.23
C TYR A 1606 -23.92 9.56 22.68
N ASN A 1607 -23.78 8.58 23.57
CA ASN A 1607 -23.68 8.82 25.01
C ASN A 1607 -22.55 7.98 25.60
N PRO A 1608 -21.37 8.57 25.82
CA PRO A 1608 -20.96 9.94 25.50
C PRO A 1608 -20.51 10.07 24.06
N SER A 1609 -20.19 11.28 23.60
CA SER A 1609 -19.77 11.49 22.22
C SER A 1609 -18.40 10.87 21.93
N ARG A 1610 -18.14 10.64 20.65
CA ARG A 1610 -16.83 10.19 20.20
C ARG A 1610 -15.80 11.28 20.41
N THR A 1611 -14.52 10.92 20.39
CA THR A 1611 -13.49 11.96 20.40
C THR A 1611 -12.92 12.14 19.00
N TYR A 1612 -13.26 11.20 18.12
CA TYR A 1612 -12.69 11.18 16.79
C TYR A 1612 -13.70 10.80 15.73
N THR A 1613 -13.65 11.51 14.61
CA THR A 1613 -14.47 11.19 13.46
C THR A 1613 -13.68 11.52 12.19
N ALA A 1614 -13.96 10.83 11.09
CA ALA A 1614 -13.12 10.95 9.91
C ALA A 1614 -13.67 12.07 9.04
N ARG A 1615 -12.80 12.74 8.30
CA ARG A 1615 -13.20 13.80 7.38
C ARG A 1615 -14.18 13.29 6.32
N GLY A 1616 -15.30 14.00 6.20
CA GLY A 1616 -16.30 13.70 5.20
C GLY A 1616 -17.37 12.71 5.63
N VAL A 1617 -17.20 12.09 6.79
CA VAL A 1617 -18.20 11.19 7.34
C VAL A 1617 -19.57 11.85 7.43
N VAL A 1618 -20.60 11.13 7.01
CA VAL A 1618 -21.97 11.62 7.10
C VAL A 1618 -22.67 11.02 8.30
N GLY A 1619 -23.37 11.86 9.06
CA GLY A 1619 -24.05 11.36 10.23
C GLY A 1619 -25.55 11.61 10.29
N ILE A 1620 -26.21 10.88 11.17
CA ILE A 1620 -27.62 11.05 11.44
C ILE A 1620 -27.80 11.09 12.93
N GLY A 1621 -28.33 12.21 13.42
CA GLY A 1621 -28.52 12.48 14.83
C GLY A 1621 -29.97 12.82 15.03
N GLY A 1622 -30.70 11.89 15.65
CA GLY A 1622 -32.15 11.93 15.70
C GLY A 1622 -32.58 11.97 14.25
N MET A 1623 -33.35 12.97 13.87
CA MET A 1623 -33.73 13.10 12.47
C MET A 1623 -32.80 13.97 11.62
N TYR A 1624 -31.73 14.49 12.22
CA TYR A 1624 -30.90 15.47 11.50
C TYR A 1624 -29.71 14.80 10.86
N MET A 1625 -29.21 15.43 9.79
CA MET A 1625 -28.05 14.93 9.06
C MET A 1625 -26.86 15.90 9.17
N CYS A 1626 -25.65 15.38 9.32
CA CYS A 1626 -24.47 16.23 9.28
C CYS A 1626 -23.34 15.65 8.44
N ILE A 1627 -22.49 16.52 7.91
CA ILE A 1627 -21.24 16.14 7.27
C ILE A 1627 -20.13 16.72 8.11
N TYR A 1628 -19.25 15.86 8.59
CA TYR A 1628 -18.17 16.31 9.42
C TYR A 1628 -17.11 16.91 8.51
N ASN A 1629 -17.07 18.22 8.36
CA ASN A 1629 -16.14 18.82 7.41
C ASN A 1629 -14.67 18.73 7.80
N ALA A 1630 -14.40 18.45 9.06
CA ALA A 1630 -13.01 18.41 9.50
C ALA A 1630 -12.50 17.04 9.96
N GLU A 1631 -11.22 16.78 9.68
CA GLU A 1631 -10.57 15.52 10.09
C GLU A 1631 -10.22 15.50 11.58
N GLY A 1632 -10.67 14.46 12.28
CA GLY A 1632 -10.33 14.30 13.68
C GLY A 1632 -11.19 15.13 14.61
N SER A 1633 -12.48 15.25 14.31
CA SER A 1633 -13.36 16.00 15.18
C SER A 1633 -14.24 15.12 16.02
N PRO A 1634 -14.47 15.55 17.28
CA PRO A 1634 -15.42 14.87 18.16
C PRO A 1634 -16.77 14.86 17.47
N GLY A 1635 -17.63 13.93 17.83
CA GLY A 1635 -18.86 13.76 17.10
C GLY A 1635 -19.80 12.85 17.85
N GLY A 1636 -21.08 13.01 17.61
CA GLY A 1636 -22.08 12.33 18.38
C GLY A 1636 -23.16 11.73 17.54
N TYR A 1637 -23.19 12.08 16.25
CA TYR A 1637 -24.19 11.54 15.34
C TYR A 1637 -23.93 10.07 14.98
N GLN A 1638 -25.00 9.36 14.64
CA GLN A 1638 -24.90 8.00 14.10
C GLN A 1638 -24.24 7.99 12.72
N LEU A 1639 -23.19 7.18 12.57
CA LEU A 1639 -22.36 7.23 11.37
C LEU A 1639 -22.86 6.26 10.32
N VAL A 1640 -22.89 6.76 9.10
CA VAL A 1640 -23.70 6.21 8.04
C VAL A 1640 -22.98 6.04 6.70
N GLY A 1641 -21.94 6.83 6.47
CA GLY A 1641 -21.20 6.81 5.22
C GLY A 1641 -20.31 8.03 5.10
N ARG A 1642 -19.73 8.26 3.93
CA ARG A 1642 -18.78 9.36 3.78
C ARG A 1642 -18.86 10.07 2.42
N THR A 1643 -18.83 11.40 2.49
CA THR A 1643 -18.69 12.31 1.35
C THR A 1643 -17.34 13.00 1.31
N ILE A 1644 -17.34 14.13 0.61
CA ILE A 1644 -16.23 15.03 0.58
C ILE A 1644 -16.54 16.13 1.57
N THR A 1645 -15.50 16.68 2.19
CA THR A 1645 -15.69 17.80 3.10
C THR A 1645 -16.36 19.00 2.41
N ALA A 1646 -17.29 19.64 3.11
CA ALA A 1646 -17.88 20.85 2.57
C ALA A 1646 -17.16 22.04 3.16
N TRP A 1647 -15.86 21.87 3.39
CA TRP A 1647 -14.99 22.98 3.76
C TRP A 1647 -13.76 22.98 2.86
N ASP A 1648 -13.54 24.11 2.19
CA ASP A 1648 -12.50 24.20 1.21
C ASP A 1648 -11.54 25.25 1.76
N LYS A 1649 -10.66 24.81 2.67
CA LYS A 1649 -9.76 25.70 3.41
C LYS A 1649 -9.12 26.79 2.57
N LEU A 1650 -8.61 26.43 1.40
CA LEU A 1650 -7.92 27.39 0.55
C LEU A 1650 -8.75 27.93 -0.61
N VAL A 1651 -10.05 27.62 -0.58
CA VAL A 1651 -11.00 28.09 -1.58
C VAL A 1651 -10.45 27.78 -2.98
N ILE A 1652 -9.92 26.57 -3.14
CA ILE A 1652 -9.38 26.20 -4.44
C ILE A 1652 -10.28 25.24 -5.19
N GLY A 1653 -11.41 24.88 -4.58
CA GLY A 1653 -12.24 23.82 -5.11
C GLY A 1653 -12.81 24.27 -6.44
N ASP A 1654 -13.43 23.36 -7.17
CA ASP A 1654 -14.02 23.74 -8.46
C ASP A 1654 -15.52 23.93 -8.23
N HIS A 1655 -15.86 25.13 -7.79
CA HIS A 1655 -17.23 25.48 -7.43
C HIS A 1655 -17.35 26.99 -7.47
N PRO A 1656 -18.58 27.53 -7.40
CA PRO A 1656 -18.62 28.99 -7.39
C PRO A 1656 -18.75 29.63 -6.00
N ILE A 1657 -18.18 29.04 -4.96
CA ILE A 1657 -18.32 29.63 -3.63
C ILE A 1657 -17.05 30.44 -3.29
N ASP A 1658 -17.25 31.64 -2.74
CA ASP A 1658 -16.16 32.59 -2.53
C ASP A 1658 -15.45 32.53 -1.15
N HIS A 1659 -16.04 31.82 -0.20
CA HIS A 1659 -15.36 31.53 1.08
C HIS A 1659 -15.20 30.02 1.34
N PRO A 1660 -14.41 29.63 2.38
CA PRO A 1660 -14.22 28.20 2.68
C PRO A 1660 -15.46 27.37 2.98
N TRP A 1661 -16.46 27.93 3.66
CA TRP A 1661 -17.66 27.14 3.94
C TRP A 1661 -18.56 27.11 2.71
N LEU A 1662 -18.75 25.92 2.16
CA LEU A 1662 -19.44 25.78 0.87
C LEU A 1662 -20.94 25.94 1.01
N LEU A 1663 -21.47 25.63 2.19
CA LEU A 1663 -22.92 25.65 2.38
C LEU A 1663 -23.45 26.89 3.09
N THR A 1664 -24.75 27.15 2.90
CA THR A 1664 -25.45 28.24 3.57
C THR A 1664 -26.79 27.68 4.06
N PRO A 1665 -27.31 28.19 5.19
CA PRO A 1665 -28.65 27.78 5.59
C PRO A 1665 -29.67 27.96 4.47
N PHE A 1666 -30.59 27.00 4.35
CA PHE A 1666 -31.59 26.93 3.27
C PHE A 1666 -31.06 26.28 2.00
N ASP A 1667 -29.75 26.11 1.87
CA ASP A 1667 -29.24 25.22 0.83
C ASP A 1667 -29.74 23.79 0.96
N GLN A 1668 -29.59 23.03 -0.11
CA GLN A 1668 -30.00 21.63 -0.15
C GLN A 1668 -28.87 20.71 -0.56
N VAL A 1669 -28.72 19.61 0.19
CA VAL A 1669 -27.73 18.59 -0.12
C VAL A 1669 -28.48 17.30 -0.51
N GLU A 1670 -28.13 16.73 -1.67
CA GLU A 1670 -28.61 15.40 -2.07
C GLU A 1670 -27.43 14.45 -2.23
N PHE A 1671 -27.59 13.20 -1.78
CA PHE A 1671 -26.52 12.23 -1.97
C PHE A 1671 -26.77 11.31 -3.18
N TYR A 1672 -25.69 10.99 -3.88
CA TYR A 1672 -25.69 9.95 -4.91
C TYR A 1672 -24.60 8.93 -4.61
N PRO A 1673 -24.87 7.65 -4.92
CA PRO A 1673 -24.00 6.50 -4.61
C PRO A 1673 -22.67 6.41 -5.36
N VAL A 1674 -21.58 6.33 -4.61
CA VAL A 1674 -20.30 5.86 -5.14
C VAL A 1674 -19.66 4.77 -4.28
N THR A 1675 -18.75 4.04 -4.91
CA THR A 1675 -17.96 2.99 -4.26
C THR A 1675 -16.92 3.69 -3.35
N GLU A 1676 -16.44 3.03 -2.29
CA GLU A 1676 -15.33 3.58 -1.48
C GLU A 1676 -14.14 4.02 -2.34
N GLU A 1677 -13.65 3.15 -3.22
CA GLU A 1677 -12.52 3.49 -4.08
C GLU A 1677 -12.85 4.63 -5.06
N GLU A 1678 -14.08 4.69 -5.57
CA GLU A 1678 -14.49 5.81 -6.44
C GLU A 1678 -14.49 7.13 -5.66
N LEU A 1679 -14.79 7.03 -4.37
CA LEU A 1679 -14.80 8.18 -3.49
C LEU A 1679 -13.41 8.68 -3.13
N GLU A 1680 -12.44 7.77 -2.97
CA GLU A 1680 -11.07 8.20 -2.71
C GLU A 1680 -10.49 8.89 -3.94
N VAL A 1681 -11.00 8.55 -5.11
CA VAL A 1681 -10.50 9.17 -6.33
C VAL A 1681 -11.01 10.61 -6.29
N ILE A 1682 -12.32 10.74 -6.13
CA ILE A 1682 -12.96 12.03 -6.00
C ILE A 1682 -12.35 12.92 -4.90
N ILE A 1683 -12.06 12.33 -3.75
CA ILE A 1683 -11.53 13.07 -2.60
C ILE A 1683 -10.18 13.71 -2.95
N GLU A 1684 -9.25 12.91 -3.48
CA GLU A 1684 -7.96 13.46 -3.93
C GLU A 1684 -8.14 14.53 -5.00
N ASP A 1685 -8.99 14.24 -5.99
CA ASP A 1685 -9.24 15.20 -7.06
C ASP A 1685 -9.76 16.52 -6.48
N ASN A 1686 -10.66 16.42 -5.50
CA ASN A 1686 -11.29 17.62 -4.95
C ASN A 1686 -10.33 18.42 -4.06
N ASP A 1687 -9.37 17.75 -3.41
CA ASP A 1687 -8.37 18.44 -2.60
C ASP A 1687 -7.41 19.26 -3.45
N ASN A 1688 -7.39 18.97 -4.74
CA ASN A 1688 -6.51 19.66 -5.65
C ASN A 1688 -7.30 20.48 -6.66
N GLY A 1689 -8.59 20.67 -6.37
CA GLY A 1689 -9.48 21.46 -7.20
C GLY A 1689 -9.79 20.92 -8.58
N LYS A 1690 -9.56 19.62 -8.76
CA LYS A 1690 -9.90 18.97 -10.03
C LYS A 1690 -11.20 18.17 -10.01
N PHE A 1691 -12.05 18.41 -9.02
CA PHE A 1691 -13.34 17.76 -9.00
C PHE A 1691 -14.47 18.79 -9.07
N LYS A 1692 -15.39 18.58 -10.01
CA LYS A 1692 -16.42 19.56 -10.35
C LYS A 1692 -17.66 19.29 -9.53
N ILE A 1693 -17.77 19.99 -8.40
CA ILE A 1693 -18.94 19.92 -7.54
C ILE A 1693 -20.21 20.33 -8.28
N ASP A 1694 -21.24 19.52 -8.13
CA ASP A 1694 -22.49 19.73 -8.85
C ASP A 1694 -23.32 20.68 -7.98
N VAL A 1695 -23.29 21.95 -8.34
CA VAL A 1695 -24.04 22.97 -7.62
C VAL A 1695 -24.89 23.76 -8.60
N GLU A 1696 -26.16 23.92 -8.25
CA GLU A 1696 -27.05 24.79 -9.01
C GLU A 1696 -27.69 25.84 -8.10
N GLU A 1697 -27.59 27.11 -8.50
CA GLU A 1697 -28.34 28.18 -7.84
C GLU A 1697 -29.81 28.01 -8.15
N SER A 1698 -30.66 27.92 -7.13
CA SER A 1698 -32.09 28.10 -7.35
C SER A 1698 -32.81 28.79 -6.18
N ILE A 1699 -34.11 28.51 -6.07
CA ILE A 1699 -34.97 29.21 -5.13
C ILE A 1699 -35.86 28.20 -4.42
N PHE A 1700 -35.82 28.18 -3.09
CA PHE A 1700 -36.79 27.37 -2.35
C PHE A 1700 -38.04 28.15 -2.01
N ASP A 1701 -39.18 27.60 -2.41
CA ASP A 1701 -40.44 28.31 -2.35
C ASP A 1701 -41.37 27.64 -1.33
N HIS A 1702 -41.68 28.32 -0.23
CA HIS A 1702 -42.44 27.64 0.82
C HIS A 1702 -43.88 27.39 0.36
N LYS A 1703 -44.36 28.20 -0.59
CA LYS A 1703 -45.72 28.07 -1.11
C LYS A 1703 -45.79 26.76 -1.88
N GLU A 1704 -44.76 26.52 -2.68
CA GLU A 1704 -44.69 25.31 -3.50
C GLU A 1704 -44.53 24.09 -2.62
N TYR A 1705 -43.61 24.18 -1.67
CA TYR A 1705 -43.40 23.15 -0.66
C TYR A 1705 -44.68 22.78 0.10
N LEU A 1706 -45.42 23.78 0.58
CA LEU A 1706 -46.67 23.51 1.31
C LEU A 1706 -47.70 22.82 0.44
N ALA A 1707 -47.58 23.02 -0.87
CA ALA A 1707 -48.49 22.39 -1.81
C ALA A 1707 -48.07 20.96 -2.02
N TRP A 1708 -46.76 20.72 -1.99
CA TRP A 1708 -46.23 19.37 -2.03
C TRP A 1708 -46.62 18.56 -0.79
N ILE A 1709 -46.66 19.18 0.39
CA ILE A 1709 -47.10 18.46 1.58
C ILE A 1709 -48.54 17.99 1.39
N ASN A 1710 -49.40 18.85 0.84
CA ASN A 1710 -50.77 18.46 0.56
C ASN A 1710 -50.91 17.24 -0.37
N GLU A 1711 -50.38 17.29 -1.60
CA GLU A 1711 -50.45 16.11 -2.50
C GLU A 1711 -49.81 14.83 -1.94
N ASN A 1712 -49.59 14.79 -0.62
CA ASN A 1712 -48.88 13.71 0.04
C ASN A 1712 -49.22 13.68 1.52
N ILE A 1713 -50.08 14.61 1.96
CA ILE A 1713 -50.48 14.71 3.37
C ILE A 1713 -50.85 13.35 3.96
N ASP A 1714 -51.49 12.52 3.14
CA ASP A 1714 -52.05 11.26 3.58
C ASP A 1714 -50.95 10.30 4.00
N SER A 1715 -50.04 10.04 3.06
CA SER A 1715 -48.81 9.29 3.29
C SER A 1715 -47.96 9.82 4.45
N ILE A 1716 -47.81 11.14 4.49
CA ILE A 1716 -47.07 11.79 5.58
C ILE A 1716 -47.67 11.45 6.95
N VAL A 1717 -48.99 11.60 7.08
CA VAL A 1717 -49.67 11.40 8.37
C VAL A 1717 -49.65 9.93 8.80
N ALA A 1718 -50.01 9.01 7.90
CA ALA A 1718 -49.78 7.59 8.12
C ALA A 1718 -48.38 7.28 8.65
N PHE A 1719 -47.34 7.80 7.98
CA PHE A 1719 -45.98 7.61 8.45
C PHE A 1719 -45.78 8.13 9.88
N GLN A 1720 -46.29 9.34 10.16
CA GLN A 1720 -46.06 9.98 11.46
C GLN A 1720 -46.79 9.30 12.61
N GLU A 1721 -48.02 8.87 12.39
CA GLU A 1721 -48.83 8.31 13.47
C GLU A 1721 -48.18 7.00 13.90
N ALA A 1722 -47.58 6.32 12.93
CA ALA A 1722 -46.99 5.01 13.17
C ALA A 1722 -45.48 5.00 13.49
N GLN A 1723 -44.94 6.01 14.16
CA GLN A 1723 -43.48 6.10 14.24
C GLN A 1723 -42.90 5.55 15.57
N GLY A 1724 -43.40 6.00 16.71
CA GLY A 1724 -42.83 5.53 17.96
C GLY A 1724 -43.59 4.34 18.51
N GLY A 1725 -43.60 4.18 19.83
CA GLY A 1725 -44.29 3.06 20.45
C GLY A 1725 -43.50 2.50 21.60
N GLU A 1726 -43.85 1.29 22.05
CA GLU A 1726 -43.15 0.67 23.17
C GLU A 1726 -41.69 0.32 22.83
N LYS A 1727 -41.45 -0.02 21.58
CA LYS A 1727 -40.11 -0.43 21.16
C LYS A 1727 -39.12 0.72 21.21
N ALA A 1728 -39.52 1.87 20.67
CA ALA A 1728 -38.73 3.09 20.78
C ALA A 1728 -38.49 3.49 22.23
N ASP A 1729 -39.49 3.30 23.09
CA ASP A 1729 -39.33 3.62 24.51
C ASP A 1729 -38.35 2.71 25.26
N GLU A 1730 -38.30 1.43 24.93
CA GLU A 1730 -37.30 0.56 25.55
C GLU A 1730 -35.91 1.05 25.13
N PHE A 1731 -35.78 1.38 23.86
CA PHE A 1731 -34.54 1.97 23.38
C PHE A 1731 -34.19 3.24 24.14
N ALA A 1732 -35.15 4.15 24.28
CA ALA A 1732 -34.92 5.40 25.00
C ALA A 1732 -34.50 5.12 26.45
N ARG A 1733 -35.06 4.05 27.02
CA ARG A 1733 -34.69 3.63 28.38
C ARG A 1733 -33.25 3.09 28.40
N LEU A 1734 -32.95 2.11 27.55
CA LEU A 1734 -31.58 1.58 27.43
C LEU A 1734 -30.51 2.66 27.11
N ILE A 1735 -30.83 3.55 26.17
CA ILE A 1735 -29.90 4.61 25.68
C ILE A 1735 -29.44 5.51 26.84
N GLN A 1736 -30.32 5.67 27.83
CA GLN A 1736 -30.14 6.52 29.02
C GLN A 1736 -29.21 5.98 30.12
N VAL A 1737 -28.72 4.75 29.97
CA VAL A 1737 -27.87 4.16 30.99
C VAL A 1737 -26.48 4.78 30.94
N SER B 3 -41.88 75.72 23.38
CA SER B 3 -40.45 75.64 23.09
C SER B 3 -40.22 74.84 21.81
N THR B 4 -40.87 73.68 21.74
CA THR B 4 -40.55 72.73 20.68
C THR B 4 -41.43 73.06 19.50
N LEU B 5 -42.45 73.86 19.79
CA LEU B 5 -43.40 74.37 18.84
C LEU B 5 -42.69 75.16 17.72
N GLY B 6 -42.83 74.69 16.48
CA GLY B 6 -42.30 75.44 15.36
C GLY B 6 -40.90 75.02 15.04
N TRP B 7 -40.46 73.95 15.68
CA TRP B 7 -39.17 73.36 15.39
C TRP B 7 -39.16 72.78 13.98
N SER B 8 -38.05 73.03 13.30
CA SER B 8 -37.71 72.42 12.02
C SER B 8 -37.22 71.02 12.28
N VAL B 9 -37.20 70.18 11.25
CA VAL B 9 -36.48 68.92 11.28
C VAL B 9 -35.06 69.07 11.83
N GLN B 10 -34.32 70.10 11.36
CA GLN B 10 -32.93 70.31 11.77
C GLN B 10 -32.86 70.63 13.26
N ASP B 11 -33.77 71.48 13.73
CA ASP B 11 -33.87 71.79 15.16
C ASP B 11 -33.95 70.55 16.02
N TRP B 12 -34.86 69.65 15.64
CA TRP B 12 -35.00 68.37 16.33
C TRP B 12 -33.70 67.57 16.27
N LEU B 13 -33.06 67.53 15.11
CA LEU B 13 -31.84 66.73 14.98
C LEU B 13 -30.70 67.31 15.84
N SER B 14 -30.54 68.63 15.85
CA SER B 14 -29.52 69.29 16.66
C SER B 14 -29.75 69.01 18.14
N PHE B 15 -31.00 69.17 18.63
CA PHE B 15 -31.27 68.79 20.02
C PHE B 15 -30.81 67.38 20.35
N HIS B 16 -31.19 66.42 19.50
CA HIS B 16 -30.91 64.99 19.77
C HIS B 16 -29.40 64.75 19.76
N SER B 17 -28.65 65.42 18.88
CA SER B 17 -27.17 65.20 18.77
C SER B 17 -26.53 65.58 20.04
N LYS B 18 -26.78 66.83 20.51
CA LYS B 18 -26.21 67.29 21.79
C LYS B 18 -26.85 66.68 23.09
N SER B 19 -27.91 65.92 22.96
CA SER B 19 -28.56 65.24 24.10
C SER B 19 -28.42 63.73 24.37
N THR B 20 -29.06 63.25 25.46
CA THR B 20 -28.90 61.84 25.87
C THR B 20 -30.20 61.23 25.42
N PRO B 21 -30.20 59.93 25.06
CA PRO B 21 -31.39 59.14 24.73
C PRO B 21 -32.56 59.32 25.67
N THR B 22 -32.29 59.76 26.89
CA THR B 22 -33.33 59.90 27.91
C THR B 22 -33.98 61.26 27.89
N LYS B 23 -33.15 62.26 27.73
CA LYS B 23 -33.57 63.62 27.61
C LYS B 23 -34.29 63.84 26.29
N SER B 24 -33.96 62.99 25.32
CA SER B 24 -34.71 62.97 24.07
C SER B 24 -36.04 62.22 24.10
N LEU B 25 -36.11 61.10 24.80
CA LEU B 25 -37.39 60.48 25.04
C LEU B 25 -38.35 61.40 25.78
N GLU B 26 -37.82 62.17 26.72
CA GLU B 26 -38.66 62.99 27.56
C GLU B 26 -39.28 64.10 26.76
N LEU B 27 -38.44 64.66 25.89
CA LEU B 27 -38.83 65.75 25.02
C LEU B 27 -40.00 65.31 24.12
N LEU B 28 -39.98 64.05 23.66
CA LEU B 28 -41.08 63.54 22.81
C LEU B 28 -42.29 63.16 23.68
N GLU B 29 -42.03 62.56 24.83
CA GLU B 29 -43.10 62.27 25.76
C GLU B 29 -43.90 63.51 26.17
N ASN B 30 -43.19 64.62 26.41
CA ASN B 30 -43.85 65.86 26.77
C ASN B 30 -44.65 66.43 25.63
N LEU B 31 -44.06 66.44 24.44
CA LEU B 31 -44.82 66.79 23.25
C LEU B 31 -46.05 65.83 23.15
N LEU B 32 -45.90 64.51 23.27
CA LEU B 32 -47.08 63.60 23.23
C LEU B 32 -48.16 63.93 24.28
N LYS B 33 -47.72 64.19 25.51
CA LYS B 33 -48.58 64.59 26.64
C LYS B 33 -49.43 65.83 26.44
N SER B 34 -48.84 66.83 25.78
CA SER B 34 -49.50 68.10 25.52
C SER B 34 -50.59 68.02 24.45
N GLN B 35 -50.69 66.87 23.79
CA GLN B 35 -51.69 66.71 22.76
C GLN B 35 -52.96 66.01 23.26
N LYS B 36 -54.07 66.43 22.66
CA LYS B 36 -55.42 65.89 22.89
C LYS B 36 -56.09 65.36 21.65
N PRO B 37 -56.91 64.33 21.84
CA PRO B 37 -57.46 63.89 20.55
C PRO B 37 -58.67 64.69 20.06
N ALA B 38 -59.51 64.17 19.16
CA ALA B 38 -60.88 64.65 18.99
C ALA B 38 -61.91 64.09 19.92
N PRO B 39 -62.88 64.92 20.34
CA PRO B 39 -63.27 66.25 19.84
C PRO B 39 -62.55 67.44 20.49
N GLU B 40 -61.81 67.28 21.59
CA GLU B 40 -61.16 68.45 22.21
C GLU B 40 -60.19 69.03 21.17
N ASP B 41 -59.30 68.24 20.57
CA ASP B 41 -58.61 68.76 19.38
C ASP B 41 -59.08 68.00 18.14
N PRO B 42 -59.88 68.66 17.29
CA PRO B 42 -60.38 67.99 16.09
C PRO B 42 -59.28 67.53 15.12
N ALA B 43 -58.10 68.16 15.13
CA ALA B 43 -56.99 67.75 14.25
C ALA B 43 -56.50 66.31 14.42
N TRP B 44 -56.68 65.74 15.61
CA TRP B 44 -56.18 64.40 15.89
C TRP B 44 -57.33 63.43 16.06
N ILE B 45 -57.38 62.41 15.22
CA ILE B 45 -58.30 61.31 15.47
C ILE B 45 -57.80 60.44 16.61
N SER B 46 -56.51 60.09 16.59
CA SER B 46 -55.91 59.31 17.66
C SER B 46 -54.41 59.63 17.86
N LEU B 47 -53.94 59.38 19.08
CA LEU B 47 -52.55 59.65 19.44
C LEU B 47 -51.98 58.35 19.93
N ILE B 48 -50.68 58.13 19.75
CA ILE B 48 -50.11 56.90 20.27
C ILE B 48 -50.18 56.88 21.80
N PRO B 49 -50.38 55.67 22.37
CA PRO B 49 -50.20 55.51 23.80
C PRO B 49 -48.74 55.70 24.11
N VAL B 50 -48.42 56.05 25.34
CA VAL B 50 -47.04 56.28 25.76
C VAL B 50 -46.17 55.01 25.58
N GLU B 51 -46.73 53.84 25.81
CA GLU B 51 -46.00 52.58 25.59
C GLU B 51 -45.52 52.46 24.13
N ASP B 52 -46.38 52.77 23.15
CA ASP B 52 -45.99 52.78 21.73
C ASP B 52 -44.85 53.73 21.43
N LEU B 53 -44.88 54.92 22.03
CA LEU B 53 -43.76 55.83 21.92
C LEU B 53 -42.46 55.18 22.40
N HIS B 54 -42.52 54.46 23.51
CA HIS B 54 -41.37 53.71 23.97
C HIS B 54 -40.93 52.66 22.96
N HIS B 55 -41.88 51.85 22.51
CA HIS B 55 -41.61 50.83 21.50
C HIS B 55 -40.88 51.43 20.32
N GLN B 56 -41.43 52.52 19.82
CA GLN B 56 -40.85 53.18 18.67
C GLN B 56 -39.44 53.62 18.99
N TRP B 57 -39.25 54.15 20.20
CA TRP B 57 -37.95 54.65 20.61
C TRP B 57 -36.89 53.58 20.87
N ASN B 58 -37.27 52.43 21.39
CA ASN B 58 -36.34 51.30 21.55
C ASN B 58 -35.87 50.83 20.18
N ILE B 59 -36.87 50.52 19.35
CA ILE B 59 -36.68 50.33 17.92
C ILE B 59 -35.66 51.25 17.32
N LEU B 60 -35.84 52.53 17.57
CA LEU B 60 -34.87 53.53 17.12
C LEU B 60 -33.41 53.46 17.62
N GLN B 61 -33.25 53.20 18.93
CA GLN B 61 -31.95 53.10 19.61
C GLN B 61 -31.22 52.01 19.07
N SER B 62 -32.03 51.05 18.70
CA SER B 62 -31.54 49.93 18.00
C SER B 62 -30.74 50.29 16.75
N LYS B 63 -30.87 51.46 16.10
CA LYS B 63 -30.17 51.69 14.83
C LYS B 63 -28.61 52.13 14.97
N SER B 64 -27.61 51.70 14.13
CA SER B 64 -26.14 51.86 14.59
C SER B 64 -25.34 52.87 13.88
N ASN B 65 -26.09 53.86 13.48
CA ASN B 65 -25.45 54.81 12.66
C ASN B 65 -26.47 55.89 12.71
N LYS B 66 -27.22 55.89 13.82
CA LYS B 66 -28.25 56.91 13.85
C LYS B 66 -27.92 58.29 13.28
N GLU B 67 -26.72 58.79 13.39
CA GLU B 67 -26.58 60.13 12.87
C GLU B 67 -26.44 60.14 11.32
N GLU B 68 -26.85 59.06 10.64
CA GLU B 68 -26.98 59.02 9.16
C GLU B 68 -28.45 58.96 8.79
N LEU B 69 -29.27 58.97 9.83
CA LEU B 69 -30.69 58.91 9.64
C LEU B 69 -31.30 60.27 9.62
N PRO B 70 -31.78 60.67 8.43
CA PRO B 70 -32.09 62.09 8.23
C PRO B 70 -33.36 62.54 8.98
N LEU B 71 -34.11 61.61 9.54
CA LEU B 71 -35.25 62.01 10.35
C LEU B 71 -35.15 61.41 11.76
N TYR B 72 -33.94 61.23 12.27
CA TYR B 72 -33.71 60.63 13.59
C TYR B 72 -34.55 61.28 14.68
N GLY B 73 -35.45 60.50 15.28
CA GLY B 73 -36.24 60.98 16.39
C GLY B 73 -37.05 62.22 16.11
N VAL B 74 -37.51 62.36 14.87
CA VAL B 74 -38.24 63.52 14.43
C VAL B 74 -39.70 63.17 14.45
N PRO B 75 -40.49 63.95 15.18
CA PRO B 75 -41.87 63.51 15.29
C PRO B 75 -42.66 63.89 14.04
N ILE B 76 -43.62 63.06 13.66
CA ILE B 76 -44.46 63.32 12.48
C ILE B 76 -45.93 62.94 12.69
N ALA B 77 -46.84 63.60 11.96
CA ALA B 77 -48.23 63.15 11.96
C ALA B 77 -48.53 62.45 10.63
N VAL B 78 -49.44 61.48 10.65
CA VAL B 78 -49.92 60.88 9.42
C VAL B 78 -51.46 60.81 9.34
N LYS B 79 -51.95 61.27 8.19
CA LYS B 79 -53.37 61.26 7.84
C LYS B 79 -53.98 59.93 8.13
N ASP B 80 -55.15 59.92 8.76
CA ASP B 80 -55.81 58.69 9.21
C ASP B 80 -56.39 57.94 8.03
N ASN B 81 -55.55 57.85 6.99
CA ASN B 81 -55.81 57.49 5.60
C ASN B 81 -54.79 56.42 5.30
N ILE B 82 -53.76 56.47 6.11
CA ILE B 82 -52.48 55.86 5.85
C ILE B 82 -52.15 54.98 7.05
N ASP B 83 -51.79 53.72 6.79
CA ASP B 83 -51.58 52.79 7.88
C ASP B 83 -50.28 53.07 8.64
N TYR B 84 -50.41 53.12 9.96
CA TYR B 84 -49.31 52.92 10.88
C TYR B 84 -49.77 51.79 11.78
N LYS B 85 -48.94 50.78 11.98
CA LYS B 85 -49.37 49.58 12.68
C LYS B 85 -49.66 49.83 14.16
N GLY B 86 -48.94 50.78 14.76
CA GLY B 86 -49.27 51.17 16.11
C GLY B 86 -50.62 51.79 16.38
N LEU B 87 -51.36 52.19 15.34
CA LEU B 87 -52.66 52.82 15.53
C LEU B 87 -53.71 52.27 14.55
N PRO B 88 -55.02 52.41 14.86
CA PRO B 88 -56.05 52.00 13.91
C PRO B 88 -56.13 52.98 12.73
N THR B 89 -56.74 52.54 11.63
CA THR B 89 -57.00 53.39 10.47
C THR B 89 -58.49 53.54 10.31
N THR B 90 -58.90 54.77 10.06
CA THR B 90 -60.28 55.16 10.23
C THR B 90 -60.86 55.81 8.97
N ALA B 91 -60.07 56.58 8.21
CA ALA B 91 -60.61 57.36 7.08
C ALA B 91 -61.71 58.34 7.48
N ALA B 92 -61.62 58.78 8.72
CA ALA B 92 -62.59 59.64 9.39
C ALA B 92 -63.95 58.98 9.43
N CYS B 93 -63.99 57.65 9.52
CA CYS B 93 -65.27 56.93 9.62
C CYS B 93 -65.24 55.89 10.74
N PRO B 94 -65.77 56.23 11.92
CA PRO B 94 -65.77 55.39 13.13
C PRO B 94 -66.08 53.89 12.85
N SER B 95 -67.11 53.57 12.07
CA SER B 95 -67.40 52.17 11.79
C SER B 95 -66.55 51.57 10.74
N TYR B 96 -65.68 52.35 10.13
CA TYR B 96 -64.83 51.77 9.12
C TYR B 96 -63.57 51.24 9.76
N LEU B 97 -63.35 51.66 11.00
CA LEU B 97 -62.14 51.37 11.76
C LEU B 97 -61.60 49.99 11.54
N TYR B 98 -60.30 49.93 11.33
CA TYR B 98 -59.61 48.67 11.24
C TYR B 98 -58.18 48.83 11.73
N GLN B 99 -57.60 47.72 12.13
CA GLN B 99 -56.23 47.65 12.64
C GLN B 99 -55.31 46.99 11.61
N PRO B 100 -54.38 47.75 11.00
CA PRO B 100 -53.37 47.34 10.04
C PRO B 100 -52.27 46.52 10.72
N THR B 101 -51.75 45.54 9.99
CA THR B 101 -50.74 44.65 10.57
C THR B 101 -49.33 45.06 10.32
N ARG B 102 -49.25 46.10 9.53
CA ARG B 102 -47.99 46.52 8.96
C ARG B 102 -48.16 47.98 8.60
N ASP B 103 -47.05 48.67 8.57
CA ASP B 103 -47.04 50.05 8.22
C ASP B 103 -47.23 50.09 6.69
N SER B 104 -47.99 51.08 6.22
CA SER B 104 -47.86 51.64 4.87
C SER B 104 -46.39 51.61 4.55
N TYR B 105 -46.05 51.42 3.28
CA TYR B 105 -44.65 51.40 2.89
C TYR B 105 -44.04 52.76 3.13
N VAL B 106 -44.88 53.75 2.95
CA VAL B 106 -44.46 55.13 3.07
C VAL B 106 -44.07 55.44 4.53
N VAL B 107 -44.90 55.07 5.49
CA VAL B 107 -44.60 55.17 6.92
C VAL B 107 -43.36 54.38 7.27
N GLU B 108 -43.32 53.16 6.77
CA GLU B 108 -42.20 52.26 7.02
C GLU B 108 -40.90 52.90 6.60
N LEU B 109 -40.90 53.53 5.43
CA LEU B 109 -39.72 54.24 4.99
C LEU B 109 -39.31 55.37 5.91
N LEU B 110 -40.31 56.12 6.36
CA LEU B 110 -40.02 57.23 7.23
C LEU B 110 -39.49 56.81 8.58
N ARG B 111 -40.06 55.75 9.15
CA ARG B 111 -39.52 55.16 10.35
C ARG B 111 -38.07 54.67 10.17
N ASP B 112 -37.84 53.95 9.07
CA ASP B 112 -36.47 53.58 8.70
C ASP B 112 -35.52 54.75 8.65
N ALA B 113 -36.04 55.93 8.37
CA ALA B 113 -35.23 57.12 8.26
C ALA B 113 -35.21 57.82 9.61
N GLY B 114 -35.88 57.22 10.59
CA GLY B 114 -35.77 57.65 11.98
C GLY B 114 -36.96 58.37 12.62
N ALA B 115 -38.03 58.56 11.85
CA ALA B 115 -39.14 59.35 12.38
C ALA B 115 -39.98 58.54 13.35
N VAL B 116 -40.63 59.28 14.23
CA VAL B 116 -41.63 58.70 15.11
C VAL B 116 -43.00 59.27 14.88
N VAL B 117 -43.91 58.34 14.63
CA VAL B 117 -45.29 58.65 14.40
C VAL B 117 -45.96 58.95 15.74
N ILE B 118 -46.63 60.09 15.78
CA ILE B 118 -47.25 60.54 17.01
C ILE B 118 -48.75 60.33 16.99
N GLY B 119 -49.34 60.33 15.80
CA GLY B 119 -50.77 60.14 15.72
C GLY B 119 -51.32 60.06 14.33
N LYS B 120 -52.59 59.65 14.26
CA LYS B 120 -53.33 59.71 13.01
C LYS B 120 -54.13 61.01 13.04
N THR B 121 -54.30 61.62 11.88
CA THR B 121 -54.74 63.00 11.83
C THR B 121 -56.08 63.06 11.09
N ASN B 122 -56.96 63.97 11.46
CA ASN B 122 -58.33 63.95 10.98
C ASN B 122 -58.46 64.45 9.51
N LEU B 123 -59.54 64.07 8.83
CA LEU B 123 -59.69 64.34 7.39
C LEU B 123 -61.15 64.34 6.97
N ASP B 124 -61.50 65.01 5.87
CA ASP B 124 -62.79 64.74 5.23
C ASP B 124 -62.95 63.21 5.09
N GLN B 125 -64.15 62.69 5.38
CA GLN B 125 -64.39 61.25 5.39
C GLN B 125 -64.09 60.60 4.04
N PHE B 126 -63.35 59.51 4.09
CA PHE B 126 -62.87 58.87 2.87
C PHE B 126 -62.16 59.82 1.89
N ALA B 127 -61.45 60.81 2.44
CA ALA B 127 -60.66 61.76 1.66
C ALA B 127 -61.44 62.52 0.62
N THR B 128 -62.74 62.69 0.86
CA THR B 128 -63.59 63.37 -0.10
C THR B 128 -63.97 64.82 0.28
N GLY B 129 -63.15 65.76 -0.18
CA GLY B 129 -63.44 67.19 -0.10
C GLY B 129 -62.21 68.06 -0.01
N LEU B 130 -62.38 69.36 -0.14
CA LEU B 130 -61.28 70.29 -0.01
C LEU B 130 -61.48 71.25 1.16
N VAL B 131 -62.43 70.94 2.03
CA VAL B 131 -62.90 71.87 3.05
C VAL B 131 -62.47 71.44 4.45
N GLY B 132 -62.46 70.15 4.70
CA GLY B 132 -62.01 69.68 6.00
C GLY B 132 -63.10 69.65 7.05
N THR B 133 -64.31 69.99 6.61
CA THR B 133 -65.48 70.00 7.48
C THR B 133 -66.29 68.71 7.56
N ARG B 134 -65.93 67.71 6.77
CA ARG B 134 -66.85 66.61 6.49
C ARG B 134 -66.46 65.37 7.30
N SER B 135 -66.26 65.61 8.59
CA SER B 135 -65.81 64.59 9.50
C SER B 135 -66.65 64.59 10.75
N PRO B 136 -67.18 63.41 11.12
CA PRO B 136 -67.84 63.30 12.43
C PRO B 136 -66.89 63.38 13.64
N TYR B 137 -65.57 63.45 13.44
CA TYR B 137 -64.66 63.64 14.57
C TYR B 137 -64.45 65.11 14.86
N GLY B 138 -65.03 65.97 14.04
CA GLY B 138 -64.85 67.38 14.26
C GLY B 138 -64.38 68.14 13.04
N LYS B 139 -64.72 69.42 13.02
CA LYS B 139 -64.29 70.30 11.96
C LYS B 139 -63.00 71.02 12.38
N THR B 140 -61.93 70.77 11.63
CA THR B 140 -60.66 71.37 11.99
C THR B 140 -60.59 72.81 11.51
N PRO B 141 -60.24 73.70 12.43
CA PRO B 141 -60.16 75.11 12.09
C PRO B 141 -58.83 75.50 11.51
N CYS B 142 -58.88 76.53 10.67
CA CYS B 142 -57.71 77.24 10.20
C CYS B 142 -56.82 77.60 11.38
N VAL B 143 -55.54 77.36 11.19
CA VAL B 143 -54.51 77.61 12.19
C VAL B 143 -54.43 79.08 12.60
N PHE B 144 -55.02 79.95 11.80
CA PHE B 144 -54.98 81.40 12.02
C PHE B 144 -56.23 81.97 12.67
N ASN B 145 -57.38 81.31 12.49
CA ASN B 145 -58.65 81.88 12.95
C ASN B 145 -59.71 80.74 13.01
N ASP B 146 -60.15 80.35 14.21
CA ASP B 146 -61.07 79.18 14.27
C ASP B 146 -62.46 79.43 13.64
N LYS B 147 -62.72 80.64 13.16
CA LYS B 147 -63.96 80.88 12.41
C LYS B 147 -63.81 80.30 11.00
N TYR B 148 -62.55 80.17 10.57
CA TYR B 148 -62.24 79.68 9.23
C TYR B 148 -61.88 78.21 9.17
N VAL B 149 -62.22 77.66 8.00
CA VAL B 149 -61.94 76.29 7.61
C VAL B 149 -60.44 76.02 7.46
N SER B 150 -60.01 74.80 7.76
CA SER B 150 -58.60 74.51 7.61
C SER B 150 -58.24 74.09 6.19
N GLY B 151 -59.25 73.66 5.44
CA GLY B 151 -59.01 73.14 4.11
C GLY B 151 -58.90 71.64 4.27
N GLY B 152 -59.21 70.89 3.22
CA GLY B 152 -59.04 69.45 3.26
C GLY B 152 -58.56 68.87 1.94
N SER B 153 -58.61 67.55 1.79
CA SER B 153 -59.08 66.65 2.84
C SER B 153 -58.04 66.37 3.97
N SER B 154 -56.80 66.82 3.78
CA SER B 154 -55.73 66.58 4.76
C SER B 154 -55.75 67.57 5.92
N ALA B 155 -56.90 67.73 6.55
CA ALA B 155 -57.11 68.84 7.49
C ALA B 155 -56.25 68.77 8.75
N GLY B 156 -56.26 67.62 9.41
CA GLY B 156 -55.43 67.40 10.57
C GLY B 156 -53.96 67.68 10.32
N SER B 157 -53.46 67.16 9.20
CA SER B 157 -52.05 67.21 8.85
C SER B 157 -51.59 68.64 8.64
N ALA B 158 -52.48 69.46 8.10
CA ALA B 158 -52.15 70.86 7.90
C ALA B 158 -52.14 71.61 9.22
N SER B 159 -53.19 71.41 10.01
CA SER B 159 -53.37 72.07 11.30
C SER B 159 -52.17 71.87 12.18
N VAL B 160 -51.93 70.60 12.46
CA VAL B 160 -50.82 70.09 13.24
C VAL B 160 -49.47 70.66 12.85
N VAL B 161 -49.18 70.74 11.55
CA VAL B 161 -47.94 71.35 11.10
C VAL B 161 -48.00 72.87 11.27
N GLY B 162 -49.10 73.44 10.77
CA GLY B 162 -49.43 74.86 10.92
C GLY B 162 -49.21 75.41 12.34
N ARG B 163 -49.42 74.58 13.36
CA ARG B 163 -49.19 75.05 14.72
C ARG B 163 -47.87 74.53 15.26
N GLY B 164 -47.11 73.89 14.39
CA GLY B 164 -45.72 73.59 14.67
C GLY B 164 -45.65 72.50 15.73
N ILE B 165 -46.73 71.72 15.90
CA ILE B 165 -46.67 70.58 16.84
C ILE B 165 -45.59 69.67 16.36
N VAL B 166 -45.51 69.54 15.05
CA VAL B 166 -44.73 68.47 14.46
C VAL B 166 -44.27 69.08 13.11
N PRO B 167 -43.01 68.90 12.71
CA PRO B 167 -42.54 69.64 11.53
C PRO B 167 -42.90 69.01 10.16
N LEU B 168 -43.42 67.79 10.18
CA LEU B 168 -43.83 67.14 8.93
C LEU B 168 -45.10 66.34 9.11
N SER B 169 -45.96 66.33 8.11
CA SER B 169 -47.09 65.41 8.14
C SER B 169 -47.40 64.84 6.78
N LEU B 170 -48.05 63.67 6.77
CA LEU B 170 -48.48 63.04 5.55
C LEU B 170 -49.91 63.39 5.24
N GLY B 171 -50.17 63.73 4.00
CA GLY B 171 -51.53 63.79 3.58
C GLY B 171 -51.66 62.94 2.34
N THR B 172 -52.75 63.14 1.63
CA THR B 172 -52.99 62.49 0.36
C THR B 172 -53.63 63.53 -0.53
N ASP B 173 -53.50 63.33 -1.84
CA ASP B 173 -53.97 64.30 -2.83
C ASP B 173 -54.39 63.58 -4.09
N THR B 174 -55.69 63.68 -4.33
CA THR B 174 -56.27 63.23 -5.56
C THR B 174 -56.52 64.48 -6.40
N ALA B 175 -57.17 65.46 -5.79
CA ALA B 175 -57.63 66.64 -6.51
C ALA B 175 -57.57 67.94 -5.69
N GLY B 176 -56.52 68.08 -4.89
CA GLY B 176 -56.27 69.30 -4.16
C GLY B 176 -55.93 69.11 -2.69
N SER B 177 -56.15 67.91 -2.18
CA SER B 177 -56.10 67.67 -0.74
C SER B 177 -54.73 67.81 -0.10
N GLY B 178 -53.68 67.97 -0.90
CA GLY B 178 -52.37 68.20 -0.33
C GLY B 178 -51.89 69.57 -0.69
N ARG B 179 -52.74 70.28 -1.43
CA ARG B 179 -52.43 71.64 -1.84
C ARG B 179 -53.27 72.71 -1.18
N VAL B 180 -54.60 72.54 -1.14
CA VAL B 180 -55.49 73.54 -0.56
C VAL B 180 -55.21 73.83 0.93
N PRO B 181 -55.08 72.77 1.76
CA PRO B 181 -54.81 73.06 3.17
C PRO B 181 -53.45 73.72 3.46
N ALA B 182 -52.53 73.67 2.50
CA ALA B 182 -51.23 74.30 2.69
C ALA B 182 -51.37 75.81 2.56
N ALA B 183 -52.14 76.21 1.56
CA ALA B 183 -52.36 77.61 1.30
C ALA B 183 -53.06 78.25 2.48
N LEU B 184 -54.12 77.60 2.96
CA LEU B 184 -54.91 78.16 4.07
C LEU B 184 -54.22 78.17 5.43
N ASN B 185 -53.02 77.63 5.51
CA ASN B 185 -52.32 77.52 6.79
C ASN B 185 -50.88 77.95 6.71
N ASN B 186 -50.54 78.60 5.61
CA ASN B 186 -49.20 79.13 5.42
C ASN B 186 -48.14 78.04 5.43
N LEU B 187 -48.45 76.92 4.79
CA LEU B 187 -47.51 75.81 4.72
C LEU B 187 -46.95 75.59 3.34
N ILE B 188 -45.92 74.74 3.29
CA ILE B 188 -45.47 74.10 2.06
C ILE B 188 -46.24 72.79 1.84
N GLY B 189 -46.88 72.66 0.68
CA GLY B 189 -47.58 71.43 0.34
C GLY B 189 -47.00 70.79 -0.91
N LEU B 190 -46.38 69.63 -0.74
CA LEU B 190 -45.72 68.97 -1.87
C LEU B 190 -46.58 67.82 -2.35
N LYS B 191 -46.96 67.88 -3.60
CA LYS B 191 -47.76 66.84 -4.23
C LYS B 191 -46.91 66.18 -5.30
N PRO B 192 -46.30 65.04 -4.97
CA PRO B 192 -45.22 64.52 -5.80
C PRO B 192 -45.73 63.90 -7.08
N THR B 193 -44.83 63.70 -8.03
CA THR B 193 -45.13 62.96 -9.23
C THR B 193 -45.84 61.66 -8.88
N LYS B 194 -46.88 61.39 -9.67
CA LYS B 194 -47.67 60.21 -9.45
C LYS B 194 -46.79 58.98 -9.30
N GLY B 195 -47.05 58.08 -8.34
CA GLY B 195 -46.35 56.80 -8.28
C GLY B 195 -44.94 56.81 -7.67
N ALA B 196 -44.42 58.01 -7.45
CA ALA B 196 -43.16 58.20 -6.74
C ALA B 196 -43.25 57.73 -5.30
N PHE B 197 -44.26 58.17 -4.58
CA PHE B 197 -44.50 57.62 -3.25
C PHE B 197 -45.46 56.46 -3.42
N SER B 198 -45.13 55.33 -2.81
CA SER B 198 -46.03 54.18 -2.82
C SER B 198 -47.35 54.46 -2.12
N CYS B 199 -48.41 53.80 -2.60
CA CYS B 199 -49.71 53.84 -1.95
C CYS B 199 -50.04 52.53 -1.27
N ARG B 200 -49.07 51.64 -1.17
CA ARG B 200 -49.27 50.45 -0.34
C ARG B 200 -49.59 50.85 1.08
N GLY B 201 -50.70 50.32 1.55
CA GLY B 201 -51.20 50.60 2.88
C GLY B 201 -51.90 51.93 3.09
N VAL B 202 -52.35 52.59 2.03
CA VAL B 202 -53.27 53.71 2.23
C VAL B 202 -54.63 53.30 1.69
N VAL B 203 -55.72 53.74 2.31
CA VAL B 203 -57.05 53.34 1.83
C VAL B 203 -57.29 54.10 0.52
N PRO B 204 -57.58 53.35 -0.55
CA PRO B 204 -57.82 53.83 -1.92
C PRO B 204 -59.04 54.74 -1.95
N ALA B 205 -58.92 55.85 -2.67
CA ALA B 205 -60.02 56.78 -2.92
C ALA B 205 -59.79 57.52 -4.23
N CYS B 206 -59.99 56.83 -5.37
CA CYS B 206 -59.51 57.28 -6.70
C CYS B 206 -58.12 56.73 -6.95
N LYS B 207 -57.93 55.43 -6.77
CA LYS B 207 -56.62 54.82 -6.97
C LYS B 207 -55.76 55.21 -8.14
N SER B 208 -56.33 55.30 -9.32
CA SER B 208 -55.59 55.58 -10.53
C SER B 208 -54.99 56.98 -10.51
N LEU B 209 -55.47 57.79 -9.58
CA LEU B 209 -55.14 59.21 -9.46
C LEU B 209 -54.39 59.55 -8.17
N ASP B 210 -54.47 58.68 -7.16
CA ASP B 210 -54.06 59.04 -5.80
C ASP B 210 -52.57 59.29 -5.59
N CYS B 211 -52.24 60.28 -4.76
CA CYS B 211 -50.85 60.45 -4.32
C CYS B 211 -50.77 60.63 -2.82
N VAL B 212 -49.74 60.07 -2.21
CA VAL B 212 -49.37 60.44 -0.85
C VAL B 212 -48.72 61.82 -0.96
N SER B 213 -48.89 62.67 0.06
CA SER B 213 -48.40 64.04 -0.04
C SER B 213 -47.77 64.46 1.29
N VAL B 214 -47.05 65.59 1.27
CA VAL B 214 -46.37 66.07 2.48
C VAL B 214 -46.67 67.54 2.75
N PHE B 215 -46.87 67.85 4.03
CA PHE B 215 -46.86 69.22 4.51
C PHE B 215 -45.62 69.50 5.33
N ALA B 216 -45.09 70.71 5.18
CA ALA B 216 -43.91 71.12 5.90
C ALA B 216 -43.90 72.62 6.13
N LEU B 217 -42.98 73.09 6.99
CA LEU B 217 -42.91 74.58 7.16
C LEU B 217 -41.92 75.20 6.24
N ASN B 218 -41.04 74.41 5.71
CA ASN B 218 -39.99 74.97 4.90
C ASN B 218 -39.57 74.03 3.78
N LEU B 219 -38.90 74.57 2.76
CA LEU B 219 -38.43 73.76 1.63
C LEU B 219 -37.52 72.59 2.01
N SER B 220 -36.53 72.85 2.86
CA SER B 220 -35.55 71.84 3.31
C SER B 220 -36.20 70.57 3.80
N ASP B 221 -37.27 70.72 4.58
CA ASP B 221 -37.87 69.57 5.27
C ASP B 221 -38.73 68.80 4.27
N ALA B 222 -39.48 69.53 3.45
CA ALA B 222 -40.19 68.92 2.32
C ALA B 222 -39.27 68.09 1.41
N GLU B 223 -38.08 68.65 1.13
CA GLU B 223 -37.05 67.93 0.39
C GLU B 223 -36.59 66.68 1.10
N ILE B 224 -36.23 66.77 2.38
CA ILE B 224 -35.78 65.58 3.10
C ILE B 224 -36.86 64.50 3.06
N ALA B 225 -38.10 64.91 3.29
CA ALA B 225 -39.25 64.00 3.26
C ALA B 225 -39.46 63.36 1.90
N PHE B 226 -39.33 64.16 0.85
CA PHE B 226 -39.40 63.66 -0.50
C PHE B 226 -38.36 62.59 -0.79
N LYS B 227 -37.11 62.86 -0.44
CA LYS B 227 -36.04 61.92 -0.71
C LYS B 227 -36.27 60.56 -0.03
N VAL B 228 -36.73 60.60 1.23
CA VAL B 228 -37.05 59.37 1.95
C VAL B 228 -38.14 58.54 1.27
N MET B 229 -39.25 59.16 0.85
CA MET B 229 -40.38 58.35 0.38
C MET B 229 -40.40 58.09 -1.12
N ASN B 230 -39.54 58.78 -1.89
CA ASN B 230 -39.56 58.58 -3.33
C ASN B 230 -38.82 57.28 -3.66
N LYS B 231 -39.56 56.17 -3.64
CA LYS B 231 -38.95 54.86 -3.70
C LYS B 231 -39.95 53.93 -4.40
N PRO B 232 -39.48 53.05 -5.31
CA PRO B 232 -40.38 52.15 -6.03
C PRO B 232 -40.89 51.02 -5.13
N ASP B 233 -41.98 50.40 -5.57
CA ASP B 233 -42.70 49.42 -4.78
C ASP B 233 -43.65 48.74 -5.76
N LEU B 234 -43.06 48.29 -6.87
CA LEU B 234 -43.78 47.95 -8.09
C LEU B 234 -44.74 46.82 -7.83
N LEU B 235 -44.25 45.83 -7.09
CA LEU B 235 -44.98 44.60 -6.93
C LEU B 235 -46.10 44.67 -5.88
N GLU B 236 -46.19 45.77 -5.14
CA GLU B 236 -47.21 45.88 -4.10
C GLU B 236 -48.15 47.06 -4.31
N ASP B 237 -47.79 47.91 -5.25
CA ASP B 237 -48.63 49.06 -5.57
C ASP B 237 -48.69 49.12 -7.09
N GLU B 238 -49.85 48.82 -7.66
CA GLU B 238 -49.97 48.72 -9.10
C GLU B 238 -49.66 50.05 -9.81
N TYR B 239 -49.73 51.17 -9.09
CA TYR B 239 -49.40 52.46 -9.71
C TYR B 239 -48.05 53.02 -9.32
N SER B 240 -47.21 52.20 -8.72
CA SER B 240 -45.90 52.66 -8.32
C SER B 240 -45.10 52.80 -9.60
N ARG B 241 -44.27 53.83 -9.68
CA ARG B 241 -43.30 53.90 -10.74
C ARG B 241 -41.99 54.60 -10.42
N GLU B 242 -40.89 53.96 -10.82
CA GLU B 242 -39.56 54.39 -10.45
C GLU B 242 -39.21 55.71 -11.11
N PHE B 243 -38.60 56.61 -10.33
CA PHE B 243 -38.14 57.89 -10.81
C PHE B 243 -37.00 57.55 -11.78
N PRO B 244 -36.84 58.30 -12.87
CA PRO B 244 -35.73 57.88 -13.72
C PRO B 244 -34.42 58.50 -13.19
N LYS B 245 -33.28 58.12 -13.77
CA LYS B 245 -32.00 58.70 -13.39
C LYS B 245 -31.85 60.12 -13.95
N ASN B 246 -30.95 60.87 -13.31
CA ASN B 246 -30.68 62.25 -13.65
C ASN B 246 -31.90 63.16 -13.57
N PRO B 247 -32.68 63.07 -12.49
CA PRO B 247 -33.80 64.02 -12.33
C PRO B 247 -33.29 65.45 -12.40
N ILE B 248 -34.04 66.32 -13.11
CA ILE B 248 -33.65 67.72 -13.20
C ILE B 248 -33.69 68.26 -11.82
N SER B 249 -32.82 69.22 -11.61
CA SER B 249 -32.72 69.78 -10.28
C SER B 249 -32.96 71.30 -10.24
N GLN B 250 -32.87 71.86 -11.41
CA GLN B 250 -33.08 73.31 -11.62
C GLN B 250 -33.72 73.64 -12.98
N TYR B 251 -34.75 74.48 -12.95
CA TYR B 251 -35.20 75.14 -14.16
C TYR B 251 -34.19 76.18 -14.53
N PRO B 252 -34.14 76.53 -15.81
CA PRO B 252 -33.26 77.63 -16.18
C PRO B 252 -33.78 78.93 -15.59
N LYS B 253 -32.86 79.88 -15.40
CA LYS B 253 -33.19 81.21 -14.96
C LYS B 253 -34.26 81.68 -16.00
N ASP B 254 -34.19 81.16 -17.25
CA ASP B 254 -35.06 81.50 -18.35
C ASP B 254 -36.47 80.88 -18.40
N LEU B 255 -36.83 79.99 -17.52
CA LEU B 255 -37.96 79.11 -17.84
C LEU B 255 -39.24 79.82 -18.21
N THR B 256 -40.04 79.11 -18.99
CA THR B 256 -41.33 79.58 -19.42
C THR B 256 -42.35 79.18 -18.36
N ILE B 257 -42.91 80.18 -17.68
CA ILE B 257 -44.02 79.93 -16.75
C ILE B 257 -45.36 80.37 -17.33
N ALA B 258 -46.28 79.43 -17.56
CA ALA B 258 -47.65 79.75 -17.98
C ALA B 258 -48.63 80.13 -16.86
N ILE B 259 -49.45 81.16 -17.11
CA ILE B 259 -50.56 81.53 -16.22
C ILE B 259 -51.84 81.56 -17.04
N PRO B 260 -52.99 81.46 -16.38
CA PRO B 260 -54.23 81.36 -17.16
C PRO B 260 -54.71 82.68 -17.74
N LYS B 261 -55.29 82.60 -18.95
CA LYS B 261 -55.87 83.77 -19.61
C LYS B 261 -57.06 84.23 -18.76
N GLU B 262 -57.81 83.27 -18.24
CA GLU B 262 -58.99 83.57 -17.41
C GLU B 262 -58.85 82.99 -16.04
N VAL B 263 -58.96 83.90 -15.07
CA VAL B 263 -58.85 83.60 -13.65
C VAL B 263 -60.13 83.95 -12.87
N PRO B 264 -61.07 83.01 -12.76
CA PRO B 264 -62.33 83.30 -12.05
C PRO B 264 -62.07 83.39 -10.54
N TRP B 265 -62.60 84.40 -9.88
CA TRP B 265 -62.46 84.51 -8.43
C TRP B 265 -63.73 84.35 -7.63
N PHE B 266 -64.87 84.27 -8.31
CA PHE B 266 -66.16 84.03 -7.66
C PHE B 266 -66.43 85.04 -6.54
N GLY B 267 -66.20 86.32 -6.82
CA GLY B 267 -66.54 87.34 -5.85
C GLY B 267 -65.46 87.74 -4.88
N GLU B 268 -64.48 86.87 -4.70
CA GLU B 268 -63.40 87.10 -3.75
C GLU B 268 -62.53 88.22 -4.26
N THR B 269 -62.23 89.17 -3.36
CA THR B 269 -61.52 90.40 -3.70
C THR B 269 -60.12 90.52 -3.13
N GLU B 270 -59.86 89.83 -2.03
CA GLU B 270 -58.54 89.90 -1.43
C GLU B 270 -57.44 89.10 -2.13
N ASN B 271 -57.69 87.78 -2.31
CA ASN B 271 -56.77 86.83 -2.98
C ASN B 271 -56.19 87.17 -4.36
N PRO B 272 -56.98 87.76 -5.29
CA PRO B 272 -56.41 88.26 -6.54
C PRO B 272 -55.17 89.13 -6.36
N LYS B 273 -55.07 89.87 -5.24
CA LYS B 273 -53.97 90.82 -5.04
C LYS B 273 -52.66 90.09 -4.84
N LEU B 274 -52.73 89.01 -4.09
CA LEU B 274 -51.60 88.17 -3.77
C LEU B 274 -51.12 87.46 -5.02
N TYR B 275 -52.08 87.08 -5.87
CA TYR B 275 -51.75 86.33 -7.09
C TYR B 275 -50.98 87.24 -8.02
N THR B 276 -51.59 88.38 -8.35
CA THR B 276 -50.92 89.48 -9.03
C THR B 276 -49.50 89.73 -8.51
N LYS B 277 -49.34 89.80 -7.18
CA LYS B 277 -48.06 90.16 -6.62
C LYS B 277 -47.07 89.04 -6.86
N ALA B 278 -47.57 87.83 -6.71
CA ALA B 278 -46.80 86.63 -6.90
C ALA B 278 -46.27 86.44 -8.33
N VAL B 279 -47.09 86.83 -9.30
CA VAL B 279 -46.70 86.76 -10.70
C VAL B 279 -45.61 87.77 -10.99
N ALA B 280 -45.77 88.94 -10.40
CA ALA B 280 -44.77 89.99 -10.44
C ALA B 280 -43.45 89.46 -9.92
N SER B 281 -43.52 88.80 -8.78
CA SER B 281 -42.33 88.24 -8.20
C SER B 281 -41.68 87.20 -9.10
N LEU B 282 -42.48 86.30 -9.67
CA LEU B 282 -41.92 85.37 -10.65
C LEU B 282 -41.25 86.07 -11.81
N LYS B 283 -41.93 87.02 -12.45
CA LYS B 283 -41.29 87.79 -13.51
C LYS B 283 -39.91 88.28 -13.10
N ASN B 284 -39.84 88.84 -11.91
CA ASN B 284 -38.62 89.39 -11.38
C ASN B 284 -37.48 88.43 -11.09
N THR B 285 -37.73 87.14 -11.15
CA THR B 285 -36.66 86.14 -11.01
C THR B 285 -35.91 85.93 -12.32
N GLY B 286 -36.45 86.50 -13.39
CA GLY B 286 -35.98 86.36 -14.75
C GLY B 286 -36.79 85.38 -15.57
N ALA B 287 -37.82 84.78 -14.99
CA ALA B 287 -38.68 83.83 -15.72
C ALA B 287 -39.47 84.52 -16.83
N LYS B 288 -39.70 83.85 -17.96
CA LYS B 288 -40.63 84.33 -18.96
C LYS B 288 -42.08 83.87 -18.70
N ILE B 289 -42.98 84.84 -18.48
CA ILE B 289 -44.41 84.59 -18.27
C ILE B 289 -45.23 84.74 -19.55
N VAL B 290 -46.01 83.72 -19.85
CA VAL B 290 -46.83 83.64 -21.05
C VAL B 290 -48.24 83.38 -20.55
N VAL B 291 -49.19 84.07 -21.16
CA VAL B 291 -50.58 84.00 -20.79
C VAL B 291 -51.16 83.02 -21.76
N VAL B 292 -51.88 82.05 -21.22
CA VAL B 292 -52.20 80.84 -21.96
C VAL B 292 -53.63 80.42 -21.73
N ASP B 293 -54.32 79.89 -22.74
CA ASP B 293 -55.69 79.51 -22.49
C ASP B 293 -55.81 78.23 -21.71
N PHE B 294 -56.33 78.29 -20.49
CA PHE B 294 -56.44 77.03 -19.76
C PHE B 294 -57.72 76.24 -20.00
N GLU B 295 -58.52 76.61 -20.99
CA GLU B 295 -59.75 75.84 -21.26
C GLU B 295 -59.61 74.31 -21.20
N PRO B 296 -58.77 73.73 -22.10
CA PRO B 296 -58.67 72.26 -22.09
C PRO B 296 -58.35 71.73 -20.71
N LEU B 297 -57.51 72.41 -19.93
CA LEU B 297 -57.21 71.91 -18.59
C LEU B 297 -58.41 71.97 -17.66
N LEU B 298 -59.27 72.99 -17.80
CA LEU B 298 -60.44 73.07 -16.94
C LEU B 298 -61.47 72.05 -17.45
N GLU B 299 -61.45 71.83 -18.77
CA GLU B 299 -62.23 70.77 -19.38
C GLU B 299 -61.85 69.42 -18.78
N LEU B 300 -60.56 69.20 -18.59
CA LEU B 300 -60.06 67.99 -17.94
C LEU B 300 -60.53 67.91 -16.48
N ALA B 301 -60.41 69.03 -15.79
CA ALA B 301 -60.86 69.14 -14.41
C ALA B 301 -62.34 68.80 -14.18
N ARG B 302 -63.22 69.30 -15.06
CA ARG B 302 -64.64 69.01 -14.88
C ARG B 302 -64.95 67.49 -14.99
N CYS B 303 -64.16 66.79 -15.83
CA CYS B 303 -64.26 65.34 -16.05
C CYS B 303 -64.10 64.58 -14.77
N LEU B 304 -63.23 65.04 -13.90
CA LEU B 304 -63.05 64.39 -12.65
C LEU B 304 -64.45 64.47 -11.99
N TYR B 305 -65.06 65.66 -11.97
CA TYR B 305 -66.38 65.91 -11.33
C TYR B 305 -67.69 65.41 -11.95
N GLU B 306 -67.87 65.63 -13.24
CA GLU B 306 -69.05 65.20 -14.00
C GLU B 306 -68.95 63.73 -14.39
N GLY B 307 -67.69 63.30 -14.48
CA GLY B 307 -67.29 62.06 -15.13
C GLY B 307 -67.40 60.84 -14.26
N ALA B 308 -66.74 59.77 -14.65
CA ALA B 308 -66.95 58.62 -13.82
C ALA B 308 -65.87 58.26 -12.81
N TRP B 309 -64.87 59.12 -12.65
CA TRP B 309 -63.83 58.88 -11.65
C TRP B 309 -64.39 58.75 -10.26
N VAL B 310 -65.55 59.37 -10.02
CA VAL B 310 -66.26 59.21 -8.77
C VAL B 310 -66.51 57.71 -8.46
N ALA B 311 -66.56 56.89 -9.50
CA ALA B 311 -66.75 55.44 -9.37
C ALA B 311 -65.54 54.73 -8.75
N GLU B 312 -64.39 55.39 -8.78
CA GLU B 312 -63.19 54.86 -8.11
C GLU B 312 -63.46 54.86 -6.62
N ARG B 313 -63.98 55.97 -6.06
CA ARG B 313 -64.38 55.92 -4.64
C ARG B 313 -65.43 54.91 -4.35
N TYR B 314 -66.44 54.82 -5.20
CA TYR B 314 -67.45 53.81 -4.95
C TYR B 314 -66.82 52.42 -4.99
N CYS B 315 -65.85 52.21 -5.86
CA CYS B 315 -65.24 50.90 -5.99
C CYS B 315 -64.48 50.57 -4.73
N ALA B 316 -63.84 51.59 -4.19
CA ALA B 316 -63.05 51.46 -2.98
C ALA B 316 -63.91 51.40 -1.72
N THR B 317 -65.17 51.78 -1.83
CA THR B 317 -65.94 51.85 -0.60
C THR B 317 -67.27 51.05 -0.53
N ARG B 318 -67.71 50.45 -1.65
CA ARG B 318 -69.05 49.84 -1.76
C ARG B 318 -69.33 48.62 -0.90
N ASP B 319 -68.35 47.71 -0.78
CA ASP B 319 -68.53 46.53 0.06
C ASP B 319 -68.87 46.91 1.46
N PHE B 320 -68.24 47.97 1.94
CA PHE B 320 -68.47 48.49 3.28
C PHE B 320 -69.84 49.14 3.40
N LEU B 321 -70.21 49.93 2.41
CA LEU B 321 -71.45 50.71 2.42
C LEU B 321 -72.63 49.76 2.44
N ALA B 322 -72.45 48.56 1.86
CA ALA B 322 -73.57 47.65 1.73
C ALA B 322 -73.91 46.98 3.04
N THR B 323 -72.94 46.94 3.95
CA THR B 323 -73.18 46.63 5.35
C THR B 323 -74.19 47.60 6.06
N ASN B 324 -74.61 48.70 5.40
CA ASN B 324 -75.34 49.81 6.03
C ASN B 324 -74.88 50.08 7.45
N PRO B 325 -73.78 50.80 7.61
CA PRO B 325 -73.31 51.12 8.96
C PRO B 325 -74.08 52.31 9.48
N PRO B 326 -74.04 52.50 10.82
CA PRO B 326 -74.88 53.52 11.46
C PRO B 326 -74.66 54.89 10.75
N GLU B 327 -75.79 55.49 10.39
CA GLU B 327 -75.84 56.80 9.74
C GLU B 327 -74.94 57.84 10.42
N SER B 328 -74.91 57.84 11.76
CA SER B 328 -74.13 58.84 12.49
C SER B 328 -72.62 58.70 12.30
N SER B 329 -72.13 57.51 11.92
CA SER B 329 -70.71 57.30 11.55
C SER B 329 -70.34 57.93 10.18
N LEU B 330 -71.38 58.15 9.38
CA LEU B 330 -71.20 58.54 8.00
C LEU B 330 -71.45 60.04 7.95
N ASP B 331 -70.73 60.71 7.07
CA ASP B 331 -71.05 62.06 6.70
C ASP B 331 -71.92 61.98 5.42
N GLU B 332 -73.02 62.75 5.36
CA GLU B 332 -74.06 62.54 4.34
C GLU B 332 -73.64 63.13 3.01
N THR B 333 -72.86 64.21 3.04
CA THR B 333 -72.41 64.84 1.80
C THR B 333 -71.50 63.92 1.02
N VAL B 334 -70.50 63.40 1.71
CA VAL B 334 -69.58 62.41 1.18
C VAL B 334 -70.27 61.17 0.60
N VAL B 335 -71.04 60.46 1.43
CA VAL B 335 -71.68 59.22 0.99
C VAL B 335 -72.56 59.43 -0.23
N ASN B 336 -73.29 60.54 -0.27
CA ASN B 336 -74.07 60.88 -1.46
C ASN B 336 -73.23 61.15 -2.68
N ILE B 337 -72.09 61.82 -2.51
CA ILE B 337 -71.19 62.04 -3.64
C ILE B 337 -70.83 60.67 -4.13
N ILE B 338 -70.28 59.86 -3.22
CA ILE B 338 -69.88 58.50 -3.56
C ILE B 338 -70.96 57.56 -4.19
N LYS B 339 -72.23 57.75 -3.81
CA LYS B 339 -73.31 56.85 -4.30
C LYS B 339 -73.78 57.28 -5.70
N GLY B 340 -73.44 58.52 -6.04
CA GLY B 340 -73.51 59.04 -7.39
C GLY B 340 -72.89 58.22 -8.51
N ALA B 341 -71.96 57.35 -8.13
CA ALA B 341 -71.24 56.43 -9.00
C ALA B 341 -72.10 55.33 -9.63
N VAL B 342 -73.18 55.00 -8.94
CA VAL B 342 -74.15 53.99 -9.38
C VAL B 342 -74.69 54.35 -10.78
N LYS B 343 -74.77 55.65 -11.06
CA LYS B 343 -75.25 56.19 -12.35
C LYS B 343 -74.35 56.02 -13.59
N PHE B 344 -73.28 55.26 -13.44
CA PHE B 344 -72.30 55.04 -14.49
C PHE B 344 -72.08 53.60 -14.98
N ASP B 345 -72.19 53.39 -16.29
CA ASP B 345 -71.86 52.06 -16.76
C ASP B 345 -70.38 51.93 -16.93
N ALA B 346 -69.99 50.68 -17.17
CA ALA B 346 -68.65 50.35 -17.59
C ALA B 346 -68.35 51.17 -18.82
N ALA B 347 -69.31 51.03 -19.74
CA ALA B 347 -69.43 51.78 -20.98
C ALA B 347 -69.32 53.25 -20.76
N ASP B 348 -69.98 53.77 -19.72
CA ASP B 348 -69.88 55.19 -19.44
C ASP B 348 -68.44 55.53 -19.11
N ALA B 349 -67.81 54.68 -18.30
CA ALA B 349 -66.47 54.95 -17.79
C ALA B 349 -65.49 55.10 -18.93
N PHE B 350 -65.59 54.19 -19.89
CA PHE B 350 -64.82 54.26 -21.12
C PHE B 350 -65.13 55.54 -21.88
N LYS B 351 -66.40 55.85 -22.07
CA LYS B 351 -66.76 57.03 -22.82
C LYS B 351 -65.99 58.24 -22.27
N PHE B 352 -65.80 58.25 -20.95
CA PHE B 352 -65.16 59.40 -20.32
C PHE B 352 -63.64 59.26 -20.39
N GLU B 353 -63.15 58.04 -20.37
CA GLU B 353 -61.73 57.82 -20.56
C GLU B 353 -61.28 58.31 -21.92
N TYR B 354 -62.13 58.06 -22.92
CA TYR B 354 -61.88 58.56 -24.27
C TYR B 354 -61.73 60.05 -24.28
N LYS B 355 -62.72 60.75 -23.73
CA LYS B 355 -62.72 62.20 -23.72
C LYS B 355 -61.48 62.69 -22.99
N ARG B 356 -61.11 62.03 -21.90
CA ARG B 356 -59.88 62.36 -21.19
C ARG B 356 -58.61 62.29 -22.05
N GLN B 357 -58.43 61.19 -22.76
CA GLN B 357 -57.35 61.06 -23.72
C GLN B 357 -57.37 62.13 -24.82
N GLY B 358 -58.57 62.51 -25.27
CA GLY B 358 -58.64 63.54 -26.28
C GLY B 358 -58.16 64.87 -25.75
N ILE B 359 -58.54 65.19 -24.52
CA ILE B 359 -58.08 66.43 -23.91
C ILE B 359 -56.57 66.39 -23.69
N LEU B 360 -56.07 65.24 -23.21
CA LEU B 360 -54.63 65.12 -22.98
C LEU B 360 -53.79 65.34 -24.25
N GLN B 361 -54.27 64.90 -25.42
CA GLN B 361 -53.62 65.23 -26.69
C GLN B 361 -53.40 66.72 -26.78
N LYS B 362 -54.43 67.48 -26.44
CA LYS B 362 -54.38 68.93 -26.55
C LYS B 362 -53.46 69.52 -25.49
N VAL B 363 -53.61 69.03 -24.26
CA VAL B 363 -52.79 69.47 -23.16
C VAL B 363 -51.31 69.15 -23.33
N ASN B 364 -50.97 67.97 -23.85
CA ASN B 364 -49.55 67.69 -24.02
C ASN B 364 -48.96 68.55 -25.15
N LEU B 365 -49.74 68.96 -26.14
CA LEU B 365 -49.22 69.85 -27.19
C LEU B 365 -48.99 71.26 -26.67
N LEU B 366 -50.00 71.69 -25.90
CA LEU B 366 -50.00 72.96 -25.22
C LEU B 366 -48.78 73.03 -24.30
N LEU B 367 -48.42 71.93 -23.61
CA LEU B 367 -47.35 72.02 -22.60
C LEU B 367 -45.90 71.86 -23.10
N LYS B 368 -45.77 71.43 -24.35
CA LYS B 368 -44.51 71.15 -25.03
C LYS B 368 -43.65 72.39 -24.91
N ASP B 369 -44.28 73.54 -24.98
CA ASP B 369 -43.49 74.73 -24.95
C ASP B 369 -43.55 75.47 -23.63
N ILE B 370 -43.92 74.74 -22.60
CA ILE B 370 -44.05 75.30 -21.26
C ILE B 370 -43.22 74.51 -20.23
N ASP B 371 -42.60 75.19 -19.26
CA ASP B 371 -41.84 74.48 -18.23
C ASP B 371 -42.73 74.25 -17.03
N VAL B 372 -43.50 75.27 -16.65
CA VAL B 372 -44.26 75.28 -15.41
C VAL B 372 -45.58 76.04 -15.55
N LEU B 373 -46.62 75.55 -14.87
CA LEU B 373 -47.82 76.34 -14.71
C LEU B 373 -47.81 77.01 -13.36
N CYS B 374 -48.20 78.27 -13.31
CA CYS B 374 -48.39 78.95 -12.03
C CYS B 374 -49.82 79.44 -11.82
N VAL B 375 -50.39 78.91 -10.74
CA VAL B 375 -51.82 78.92 -10.48
C VAL B 375 -52.14 79.37 -9.04
N PRO B 376 -53.26 80.11 -8.85
CA PRO B 376 -53.66 80.37 -7.47
C PRO B 376 -53.96 79.01 -6.85
N THR B 377 -53.56 78.78 -5.61
CA THR B 377 -53.81 77.48 -5.00
C THR B 377 -55.28 77.16 -4.93
N CYS B 378 -56.04 78.15 -4.49
CA CYS B 378 -57.47 78.03 -4.39
C CYS B 378 -58.00 79.44 -4.47
N PRO B 379 -59.21 79.61 -5.00
CA PRO B 379 -59.71 80.98 -5.01
C PRO B 379 -60.13 81.57 -3.64
N LEU B 380 -60.55 80.76 -2.67
CA LEU B 380 -61.11 81.35 -1.44
C LEU B 380 -60.42 81.01 -0.11
N ASN B 381 -60.71 81.81 0.92
CA ASN B 381 -60.47 81.40 2.31
C ASN B 381 -61.81 81.26 3.01
N PRO B 382 -62.49 80.12 2.84
CA PRO B 382 -63.86 79.86 3.29
C PRO B 382 -64.06 79.89 4.82
N LYS B 383 -65.17 80.49 5.22
CA LYS B 383 -65.62 80.55 6.58
C LYS B 383 -66.29 79.24 6.89
N LEU B 384 -66.12 78.76 8.12
CA LEU B 384 -66.85 77.59 8.59
C LEU B 384 -68.32 77.67 8.25
N GLU B 385 -68.87 78.90 8.34
CA GLU B 385 -70.28 79.16 8.17
C GLU B 385 -70.62 79.22 6.69
N GLU B 386 -69.65 79.62 5.89
CA GLU B 386 -69.83 79.67 4.44
C GLU B 386 -70.02 78.29 3.94
N VAL B 387 -69.30 77.36 4.55
CA VAL B 387 -69.38 75.96 4.15
C VAL B 387 -70.55 75.19 4.78
N ALA B 388 -71.09 75.67 5.89
CA ALA B 388 -72.32 75.07 6.36
C ALA B 388 -73.50 75.33 5.45
N GLN B 389 -73.52 76.56 4.95
CA GLN B 389 -74.53 77.04 4.05
C GLN B 389 -74.38 76.36 2.68
N GLU B 390 -73.15 76.28 2.18
CA GLU B 390 -73.00 75.74 0.84
C GLU B 390 -72.07 74.56 0.91
N PRO B 391 -72.61 73.38 1.30
CA PRO B 391 -71.66 72.32 1.59
C PRO B 391 -71.03 71.63 0.34
N VAL B 392 -71.43 72.11 -0.84
CA VAL B 392 -70.95 71.56 -2.11
C VAL B 392 -70.40 72.67 -3.01
N LEU B 393 -71.12 73.75 -3.08
CA LEU B 393 -70.71 74.80 -4.01
C LEU B 393 -69.32 75.44 -3.56
N VAL B 394 -69.03 75.52 -2.27
CA VAL B 394 -67.70 76.07 -1.82
C VAL B 394 -66.55 75.11 -2.16
N ASN B 395 -66.75 73.85 -1.85
CA ASN B 395 -65.85 72.76 -2.23
C ASN B 395 -65.41 72.71 -3.71
N SER B 396 -66.40 72.71 -4.60
CA SER B 396 -66.17 72.64 -6.03
C SER B 396 -65.30 73.83 -6.42
N ARG B 397 -65.63 75.04 -5.93
CA ARG B 397 -64.88 76.27 -6.32
C ARG B 397 -63.49 76.22 -5.79
N GLN B 398 -63.29 75.54 -4.68
CA GLN B 398 -61.95 75.50 -4.15
C GLN B 398 -61.12 74.54 -4.98
N GLY B 399 -61.78 73.73 -5.81
CA GLY B 399 -61.07 72.86 -6.72
C GLY B 399 -60.88 73.29 -8.17
N THR B 400 -61.12 74.55 -8.46
CA THR B 400 -61.03 75.08 -9.83
C THR B 400 -59.61 74.81 -10.39
N TRP B 401 -58.57 75.07 -9.60
CA TRP B 401 -57.20 74.97 -10.08
C TRP B 401 -56.42 73.69 -9.72
N THR B 402 -57.05 72.72 -9.06
CA THR B 402 -56.30 71.56 -8.54
C THR B 402 -56.64 70.23 -9.21
N ASN B 403 -57.86 70.18 -9.72
CA ASN B 403 -58.48 68.94 -10.18
C ASN B 403 -57.87 68.30 -11.44
N PHE B 404 -57.14 69.07 -12.23
CA PHE B 404 -56.61 68.48 -13.47
C PHE B 404 -55.19 67.92 -13.33
N VAL B 405 -54.55 68.12 -12.20
CA VAL B 405 -53.12 67.77 -12.08
C VAL B 405 -52.83 66.28 -12.19
N ASN B 406 -53.41 65.48 -11.31
CA ASN B 406 -53.26 64.02 -11.40
C ASN B 406 -53.81 63.37 -12.64
N LEU B 407 -54.88 63.89 -13.23
CA LEU B 407 -55.41 63.29 -14.44
C LEU B 407 -54.43 63.49 -15.58
N ALA B 408 -53.60 64.51 -15.41
CA ALA B 408 -52.69 64.92 -16.46
C ALA B 408 -51.27 64.47 -16.19
N ASP B 409 -51.11 63.65 -15.17
CA ASP B 409 -49.80 63.13 -14.78
C ASP B 409 -48.77 64.24 -14.55
N LEU B 410 -49.16 65.26 -13.78
CA LEU B 410 -48.27 66.38 -13.48
C LEU B 410 -47.77 66.37 -12.04
N ALA B 411 -46.72 67.16 -11.74
CA ALA B 411 -46.34 67.33 -10.35
C ALA B 411 -46.63 68.75 -9.90
N ALA B 412 -46.52 68.97 -8.58
CA ALA B 412 -47.05 70.19 -8.01
C ALA B 412 -46.55 70.52 -6.62
N LEU B 413 -46.42 71.82 -6.34
CA LEU B 413 -45.89 72.30 -5.07
C LEU B 413 -46.69 73.55 -4.72
N ALA B 414 -47.40 73.46 -3.61
CA ALA B 414 -48.17 74.56 -3.06
C ALA B 414 -47.32 75.32 -2.05
N VAL B 415 -47.23 76.63 -2.25
CA VAL B 415 -46.20 77.44 -1.60
C VAL B 415 -46.81 78.82 -1.22
N PRO B 416 -46.50 79.33 -0.03
CA PRO B 416 -47.10 80.60 0.41
C PRO B 416 -46.79 81.77 -0.53
N SER B 417 -47.72 82.73 -0.66
CA SER B 417 -47.48 83.98 -1.40
C SER B 417 -47.71 85.25 -0.55
N GLY B 418 -48.10 85.07 0.70
CA GLY B 418 -48.31 86.18 1.62
C GLY B 418 -49.68 86.22 2.32
N PHE B 419 -50.05 87.40 2.82
CA PHE B 419 -51.22 87.58 3.68
C PHE B 419 -52.19 88.63 3.10
N ARG B 420 -53.48 88.44 3.28
CA ARG B 420 -54.43 89.45 2.88
C ARG B 420 -54.37 90.54 3.95
N SER B 421 -54.98 91.70 3.73
CA SER B 421 -55.04 92.75 4.75
C SER B 421 -55.52 92.09 6.05
N ASP B 422 -56.41 91.12 5.81
CA ASP B 422 -57.07 90.17 6.72
C ASP B 422 -56.27 89.46 7.78
N GLY B 423 -55.00 89.22 7.46
CA GLY B 423 -54.13 88.38 8.27
C GLY B 423 -54.31 86.90 7.99
N LEU B 424 -55.12 86.54 6.99
CA LEU B 424 -55.16 85.16 6.52
C LEU B 424 -54.18 84.95 5.39
N PRO B 425 -53.65 83.74 5.26
CA PRO B 425 -52.71 83.51 4.18
C PRO B 425 -53.37 82.96 2.93
N ASN B 426 -52.64 83.04 1.83
CA ASN B 426 -52.87 82.20 0.67
C ASN B 426 -51.58 82.01 -0.09
N GLY B 427 -51.66 81.48 -1.30
CA GLY B 427 -50.45 81.26 -2.01
C GLY B 427 -50.62 80.72 -3.39
N ILE B 428 -49.50 80.26 -3.92
CA ILE B 428 -49.48 79.86 -5.28
C ILE B 428 -49.12 78.39 -5.26
N THR B 429 -49.60 77.59 -6.22
CA THR B 429 -49.03 76.28 -6.50
C THR B 429 -48.35 76.28 -7.87
N LEU B 430 -47.14 75.71 -7.90
CA LEU B 430 -46.31 75.62 -9.11
C LEU B 430 -46.40 74.20 -9.61
N ILE B 431 -46.79 74.08 -10.88
CA ILE B 431 -47.03 72.80 -11.50
C ILE B 431 -46.02 72.46 -12.61
N GLY B 432 -45.31 71.35 -12.46
CA GLY B 432 -44.31 70.94 -13.44
C GLY B 432 -44.64 69.58 -13.99
N LYS B 433 -44.00 69.16 -15.07
CA LYS B 433 -44.35 67.84 -15.57
C LYS B 433 -43.72 66.79 -14.68
N LYS B 434 -44.20 65.56 -14.79
CA LYS B 434 -43.63 64.35 -14.18
C LYS B 434 -42.10 64.41 -13.96
N PHE B 435 -41.69 64.16 -12.72
CA PHE B 435 -40.28 64.07 -12.25
C PHE B 435 -39.57 65.43 -12.16
N SER B 436 -40.35 66.50 -12.12
CA SER B 436 -39.75 67.81 -11.95
C SER B 436 -39.68 68.24 -10.49
N ASP B 437 -40.03 67.33 -9.59
CA ASP B 437 -40.22 67.69 -8.17
C ASP B 437 -39.06 68.45 -7.54
N TYR B 438 -37.82 68.07 -7.83
CA TYR B 438 -36.64 68.78 -7.32
C TYR B 438 -36.56 70.18 -7.90
N ALA B 439 -36.85 70.33 -9.18
CA ALA B 439 -36.79 71.65 -9.77
C ALA B 439 -37.93 72.57 -9.29
N LEU B 440 -39.12 72.02 -9.05
CA LEU B 440 -40.18 72.83 -8.45
C LEU B 440 -39.72 73.39 -7.10
N LEU B 441 -39.07 72.54 -6.29
CA LEU B 441 -38.62 72.97 -4.96
C LEU B 441 -37.69 74.15 -5.15
N ASP B 442 -36.77 74.02 -6.10
CA ASP B 442 -35.75 75.03 -6.35
C ASP B 442 -36.41 76.30 -6.87
N LEU B 443 -37.47 76.14 -7.65
CA LEU B 443 -38.14 77.29 -8.25
C LEU B 443 -38.83 78.08 -7.13
N ALA B 444 -39.36 77.36 -6.14
CA ALA B 444 -39.94 77.97 -4.94
C ALA B 444 -38.91 78.79 -4.18
N LYS B 445 -37.72 78.24 -4.01
CA LYS B 445 -36.59 78.81 -3.33
C LYS B 445 -36.35 80.17 -3.99
N ARG B 446 -36.34 80.17 -5.32
CA ARG B 446 -36.06 81.36 -6.12
C ARG B 446 -37.14 82.42 -6.02
N PHE B 447 -38.36 81.93 -6.14
CA PHE B 447 -39.56 82.70 -5.88
C PHE B 447 -39.53 83.37 -4.52
N PHE B 448 -39.21 82.60 -3.49
CA PHE B 448 -39.15 83.13 -2.14
C PHE B 448 -38.21 84.31 -2.00
N SER B 449 -37.01 84.18 -2.55
CA SER B 449 -35.98 85.19 -2.38
C SER B 449 -36.37 86.53 -2.98
N VAL B 450 -37.32 86.55 -3.92
CA VAL B 450 -37.88 87.82 -4.39
C VAL B 450 -39.14 88.26 -3.64
N ALA B 451 -40.07 87.34 -3.44
CA ALA B 451 -41.33 87.67 -2.78
C ALA B 451 -41.19 87.96 -1.29
N PHE B 452 -40.16 87.36 -0.68
CA PHE B 452 -39.90 87.52 0.76
C PHE B 452 -38.46 87.95 1.01
N PRO B 453 -38.07 89.12 0.48
CA PRO B 453 -36.67 89.54 0.52
C PRO B 453 -36.08 89.75 1.92
N ASN B 454 -34.76 89.68 2.04
CA ASN B 454 -34.09 89.99 3.29
C ASN B 454 -34.48 89.02 4.39
N ASN B 455 -34.67 87.76 4.03
CA ASN B 455 -35.05 86.70 4.96
C ASN B 455 -36.34 86.97 5.75
N SER B 456 -37.32 87.58 5.09
CA SER B 456 -38.56 87.95 5.75
C SER B 456 -39.69 86.88 5.67
N ARG B 457 -39.37 85.61 5.49
CA ARG B 457 -40.50 84.67 5.22
C ARG B 457 -40.95 83.93 6.51
N THR B 458 -42.26 84.06 6.70
CA THR B 458 -43.02 83.44 7.75
C THR B 458 -43.32 81.96 7.40
N TYR B 459 -43.74 81.23 8.43
CA TYR B 459 -44.20 79.89 8.26
C TYR B 459 -45.23 79.51 9.32
N GLY B 460 -46.22 78.73 8.88
CA GLY B 460 -47.32 78.35 9.72
C GLY B 460 -47.97 79.56 10.36
N LYS B 461 -48.43 79.35 11.58
CA LYS B 461 -48.97 80.41 12.42
C LYS B 461 -47.90 81.35 12.96
N PHE B 462 -46.63 81.01 12.74
CA PHE B 462 -45.53 81.74 13.36
C PHE B 462 -45.16 83.03 12.65
N VAL B 463 -46.12 83.94 12.71
CA VAL B 463 -46.11 85.24 12.04
C VAL B 463 -44.96 86.12 12.54
N ASP B 464 -44.30 85.77 13.63
CA ASP B 464 -43.20 86.58 14.11
C ASP B 464 -41.91 85.85 14.19
N ARG B 465 -41.85 84.68 13.56
CA ARG B 465 -40.56 84.08 13.16
C ARG B 465 -40.20 84.25 11.71
N ARG B 466 -38.91 84.18 11.43
CA ARG B 466 -38.44 84.34 10.05
C ARG B 466 -37.63 83.13 9.56
N ILE B 467 -37.86 82.69 8.32
CA ILE B 467 -37.01 81.68 7.70
C ILE B 467 -35.60 82.24 7.52
N THR B 468 -34.62 81.52 8.04
CA THR B 468 -33.21 81.87 7.77
C THR B 468 -32.53 80.95 6.72
N VAL B 469 -32.34 79.66 7.06
CA VAL B 469 -31.43 78.74 6.36
C VAL B 469 -32.28 77.56 5.85
N GLU B 470 -33.49 77.50 6.39
CA GLU B 470 -34.37 76.34 6.24
C GLU B 470 -35.02 76.19 4.90
N ASP B 471 -34.92 77.21 4.06
CA ASP B 471 -35.44 77.06 2.71
C ASP B 471 -34.36 76.63 1.71
N GLU B 472 -33.10 76.49 2.12
CA GLU B 472 -32.02 75.99 1.26
C GLU B 472 -32.19 74.51 0.96
N LEU B 473 -31.70 74.11 -0.20
CA LEU B 473 -31.89 72.78 -0.73
C LEU B 473 -30.58 72.09 -1.05
N ASP B 474 -30.54 70.77 -0.83
CA ASP B 474 -29.42 69.96 -1.27
C ASP B 474 -29.47 69.59 -2.75
N GLY B 475 -30.67 69.61 -3.32
CA GLY B 475 -30.85 69.03 -4.64
C GLY B 475 -30.89 67.51 -4.58
N PRO B 476 -31.03 66.88 -5.75
CA PRO B 476 -31.03 65.42 -5.76
C PRO B 476 -29.67 64.87 -5.37
N SER B 477 -29.63 63.75 -4.66
CA SER B 477 -28.37 63.18 -4.15
C SER B 477 -27.68 62.47 -5.29
N LYS B 478 -26.36 62.34 -5.14
CA LYS B 478 -25.50 61.76 -6.15
C LYS B 478 -25.80 60.33 -6.69
N ASP B 479 -26.26 59.42 -5.83
CA ASP B 479 -26.99 58.17 -6.16
C ASP B 479 -27.90 58.32 -7.39
N THR B 480 -28.47 59.49 -7.66
CA THR B 480 -29.55 59.50 -8.66
C THR B 480 -29.14 59.83 -10.08
N LEU B 481 -27.90 60.28 -10.24
CA LEU B 481 -27.24 60.57 -11.51
C LEU B 481 -26.75 59.29 -12.20
N ASN B 482 -26.57 59.39 -13.50
CA ASN B 482 -26.05 58.32 -14.38
C ASN B 482 -25.63 58.97 -15.68
N GLY B 483 -24.36 59.40 -15.68
CA GLY B 483 -23.78 60.11 -16.79
C GLY B 483 -22.26 60.01 -16.89
N VAL B 484 -21.74 60.69 -17.91
CA VAL B 484 -20.32 60.71 -18.20
C VAL B 484 -19.70 61.77 -17.36
N LYS B 485 -18.58 61.38 -16.79
CA LYS B 485 -17.78 62.35 -16.08
C LYS B 485 -16.95 63.24 -17.02
N LEU B 486 -17.22 64.55 -17.08
CA LEU B 486 -16.55 65.40 -18.08
C LEU B 486 -15.76 66.57 -17.49
N ALA B 487 -14.50 66.73 -17.89
CA ALA B 487 -13.74 67.85 -17.37
C ALA B 487 -13.78 69.02 -18.36
N VAL B 488 -14.13 70.20 -17.89
CA VAL B 488 -14.05 71.40 -18.71
C VAL B 488 -12.92 72.29 -18.15
N VAL B 489 -12.28 73.01 -19.05
CA VAL B 489 -11.12 73.85 -18.73
C VAL B 489 -11.39 75.30 -19.17
N GLY B 490 -12.31 75.50 -20.10
CA GLY B 490 -12.46 76.81 -20.70
C GLY B 490 -13.75 77.56 -20.43
N ALA B 491 -14.45 77.95 -21.50
CA ALA B 491 -15.61 78.83 -21.40
C ALA B 491 -16.83 78.24 -20.71
N HIS B 492 -16.75 76.95 -20.39
CA HIS B 492 -17.81 76.25 -19.65
C HIS B 492 -17.63 76.28 -18.13
N LEU B 493 -16.58 76.94 -17.67
CA LEU B 493 -16.33 77.05 -16.24
C LEU B 493 -17.42 77.96 -15.70
N LYS B 494 -17.85 77.67 -14.47
CA LYS B 494 -18.70 78.47 -13.62
C LYS B 494 -18.36 79.97 -13.82
N GLY B 495 -19.33 80.77 -14.28
CA GLY B 495 -19.09 82.18 -14.42
C GLY B 495 -18.61 82.58 -15.82
N LEU B 496 -18.22 81.61 -16.64
CA LEU B 496 -17.77 81.99 -17.97
C LEU B 496 -18.84 81.89 -19.02
N PRO B 497 -18.53 82.36 -20.24
CA PRO B 497 -19.77 82.52 -21.00
C PRO B 497 -20.34 81.35 -21.81
N LEU B 498 -19.95 80.12 -21.59
CA LEU B 498 -20.62 78.98 -22.25
C LEU B 498 -21.07 78.02 -21.20
N HIS B 499 -20.95 78.42 -19.94
CA HIS B 499 -21.42 77.60 -18.83
C HIS B 499 -22.85 77.15 -19.02
N TRP B 500 -23.67 78.01 -19.60
CA TRP B 500 -25.10 77.75 -19.72
C TRP B 500 -25.34 76.43 -20.46
N GLN B 501 -24.47 76.16 -21.43
CA GLN B 501 -24.50 74.94 -22.21
C GLN B 501 -24.44 73.69 -21.34
N LEU B 502 -23.74 73.72 -20.20
CA LEU B 502 -23.81 72.59 -19.28
C LEU B 502 -25.18 72.49 -18.60
N GLN B 503 -25.80 73.61 -18.23
CA GLN B 503 -27.09 73.59 -17.53
C GLN B 503 -28.11 73.11 -18.56
N LYS B 504 -27.98 73.52 -19.83
CA LYS B 504 -28.92 73.06 -20.86
C LYS B 504 -29.02 71.56 -20.97
N CYS B 505 -27.86 70.91 -20.80
CA CYS B 505 -27.80 69.46 -20.89
C CYS B 505 -27.90 68.78 -19.53
N ASN B 506 -28.35 69.51 -18.52
CA ASN B 506 -28.72 68.92 -17.24
C ASN B 506 -27.51 68.27 -16.56
N ALA B 507 -26.34 68.86 -16.79
CA ALA B 507 -25.13 68.46 -16.11
C ALA B 507 -25.22 68.73 -14.62
N THR B 508 -24.38 68.04 -13.86
CA THR B 508 -24.31 68.25 -12.43
C THR B 508 -22.88 68.41 -11.98
N TYR B 509 -22.59 69.48 -11.26
CA TYR B 509 -21.23 69.67 -10.74
C TYR B 509 -20.76 68.61 -9.74
N LEU B 510 -19.59 68.06 -10.04
CA LEU B 510 -18.97 67.08 -9.15
C LEU B 510 -17.82 67.60 -8.27
N SER B 511 -16.87 68.29 -8.90
CA SER B 511 -15.64 68.67 -8.22
C SER B 511 -14.76 69.59 -9.08
N SER B 512 -13.66 70.04 -8.46
CA SER B 512 -12.72 70.94 -9.16
C SER B 512 -11.26 70.50 -9.09
N PRO B 513 -10.96 69.34 -9.68
CA PRO B 513 -9.58 68.86 -9.55
C PRO B 513 -8.62 69.43 -10.60
N LYS B 514 -7.33 69.08 -10.53
CA LYS B 514 -6.36 69.52 -11.56
C LYS B 514 -5.88 68.33 -12.38
N THR B 515 -5.42 68.59 -13.58
CA THR B 515 -4.70 67.56 -14.33
C THR B 515 -3.45 67.10 -13.62
N SER B 516 -2.81 66.04 -14.08
CA SER B 516 -1.47 65.84 -13.55
C SER B 516 -0.47 66.81 -14.22
N ASN B 517 0.82 66.86 -13.81
CA ASN B 517 1.73 67.81 -14.49
C ASN B 517 2.10 67.30 -15.90
N ASN B 518 1.21 67.37 -16.88
CA ASN B 518 1.44 66.69 -18.15
C ASN B 518 0.84 67.51 -19.22
N TYR B 519 0.13 68.52 -18.75
CA TYR B 519 -0.40 69.53 -19.60
C TYR B 519 0.08 70.99 -19.70
N LYS B 520 -0.31 71.52 -20.87
CA LYS B 520 -0.11 72.91 -21.31
C LYS B 520 -1.41 73.49 -21.86
N LEU B 521 -1.68 74.73 -21.46
CA LEU B 521 -2.92 75.39 -21.82
C LEU B 521 -2.52 76.60 -22.66
N TYR B 522 -3.11 76.62 -23.86
CA TYR B 522 -3.16 77.71 -24.84
C TYR B 522 -4.43 78.53 -25.09
N ALA B 523 -4.30 79.85 -25.13
CA ALA B 523 -5.46 80.66 -25.38
C ALA B 523 -5.47 80.76 -26.93
N LEU B 524 -6.56 80.34 -27.53
CA LEU B 524 -6.65 80.27 -28.97
C LEU B 524 -6.89 81.68 -29.54
N PRO B 525 -6.54 81.93 -30.81
CA PRO B 525 -6.84 83.21 -31.46
C PRO B 525 -8.32 83.54 -31.24
N LYS B 526 -8.60 84.66 -30.55
CA LYS B 526 -9.99 85.08 -30.35
C LYS B 526 -10.60 85.33 -31.71
N VAL B 527 -11.79 84.82 -31.94
CA VAL B 527 -12.46 85.12 -33.21
C VAL B 527 -13.84 85.65 -32.98
N GLY B 528 -14.59 84.84 -32.25
CA GLY B 528 -15.88 85.19 -31.67
C GLY B 528 -15.75 86.20 -30.55
N PRO B 529 -16.88 86.54 -29.94
CA PRO B 529 -16.68 87.35 -28.74
C PRO B 529 -16.38 86.47 -27.53
N VAL B 530 -16.20 85.18 -27.79
CA VAL B 530 -15.78 84.27 -26.73
C VAL B 530 -14.36 83.81 -26.96
N LEU B 531 -13.56 83.99 -25.93
CA LEU B 531 -12.21 83.49 -25.94
C LEU B 531 -12.20 82.03 -25.42
N LYS B 532 -11.41 81.20 -26.09
CA LYS B 532 -11.38 79.76 -25.87
C LYS B 532 -9.96 79.17 -25.73
N PRO B 533 -9.69 78.46 -24.62
CA PRO B 533 -8.46 77.72 -24.32
C PRO B 533 -8.40 76.35 -25.01
N GLY B 534 -7.21 75.84 -25.26
CA GLY B 534 -7.07 74.44 -25.64
C GLY B 534 -6.03 73.76 -24.79
N LEU B 535 -6.37 72.59 -24.26
CA LEU B 535 -5.39 71.78 -23.51
C LEU B 535 -4.41 70.96 -24.36
N ARG B 536 -3.13 70.85 -23.97
CA ARG B 536 -2.23 69.97 -24.74
C ARG B 536 -1.44 69.09 -23.76
N ARG B 537 -1.63 67.77 -23.86
CA ARG B 537 -0.84 66.76 -23.12
C ARG B 537 0.59 66.48 -23.75
N VAL B 538 1.65 66.32 -22.96
CA VAL B 538 3.00 66.34 -23.51
C VAL B 538 3.67 65.11 -22.98
N ASN B 539 4.51 64.49 -23.82
CA ASN B 539 5.51 63.62 -23.28
C ASN B 539 6.61 64.49 -22.76
N ASP B 540 6.29 65.28 -21.72
CA ASP B 540 7.19 65.74 -20.65
C ASP B 540 8.51 66.26 -21.20
N GLY B 541 9.47 66.78 -20.39
CA GLY B 541 9.39 67.14 -18.99
C GLY B 541 8.41 68.24 -18.63
N THR B 542 8.04 69.02 -19.64
CA THR B 542 7.46 70.33 -19.42
C THR B 542 6.00 70.55 -19.20
N GLY B 543 5.22 69.58 -18.74
CA GLY B 543 3.84 69.98 -18.60
C GLY B 543 3.67 70.42 -17.19
N SER B 544 2.62 71.19 -16.93
CA SER B 544 2.13 71.59 -15.63
C SER B 544 0.72 71.05 -15.29
N GLN B 545 0.30 71.28 -14.06
CA GLN B 545 -1.07 71.07 -13.61
C GLN B 545 -2.05 72.20 -13.90
N ILE B 546 -2.99 71.98 -14.81
CA ILE B 546 -4.11 72.92 -15.04
C ILE B 546 -5.42 72.65 -14.27
N GLN B 547 -6.11 73.68 -13.77
CA GLN B 547 -7.39 73.52 -13.05
C GLN B 547 -8.55 73.22 -13.99
N LEU B 548 -9.41 72.33 -13.49
CA LEU B 548 -10.51 71.80 -14.24
C LEU B 548 -11.75 71.81 -13.36
N GLU B 549 -12.92 71.82 -13.99
CA GLU B 549 -14.15 71.51 -13.31
C GLU B 549 -14.70 70.25 -13.97
N VAL B 550 -15.22 69.36 -13.13
CA VAL B 550 -15.72 68.08 -13.61
C VAL B 550 -17.22 67.98 -13.35
N TYR B 551 -17.92 67.59 -14.41
CA TYR B 551 -19.37 67.50 -14.41
C TYR B 551 -19.89 66.12 -14.81
N SER B 552 -20.99 65.71 -14.19
CA SER B 552 -21.73 64.56 -14.68
C SER B 552 -22.72 64.99 -15.75
N VAL B 553 -22.49 64.48 -16.96
CA VAL B 553 -23.38 64.74 -18.08
C VAL B 553 -24.17 63.51 -18.48
N PRO B 554 -25.50 63.58 -18.31
CA PRO B 554 -26.32 62.41 -18.59
C PRO B 554 -25.96 61.83 -19.95
N TYR B 555 -25.98 60.49 -20.00
CA TYR B 555 -25.66 59.67 -21.16
C TYR B 555 -26.61 60.13 -22.21
N ASP B 556 -27.80 60.44 -21.72
CA ASP B 556 -28.93 60.86 -22.49
C ASP B 556 -28.90 62.20 -23.17
N ARG B 557 -27.95 62.99 -22.72
CA ARG B 557 -27.78 64.39 -23.09
C ARG B 557 -26.45 64.74 -23.74
N PHE B 558 -25.55 63.76 -23.70
CA PHE B 558 -24.18 64.04 -24.06
C PHE B 558 -24.13 64.41 -25.53
N GLY B 559 -25.00 63.78 -26.30
CA GLY B 559 -25.21 64.11 -27.69
C GLY B 559 -25.53 65.57 -27.94
N ASP B 560 -26.44 66.10 -27.13
CA ASP B 560 -26.87 67.48 -27.24
C ASP B 560 -25.72 68.38 -26.92
N PHE B 561 -24.87 67.93 -26.00
CA PHE B 561 -23.76 68.76 -25.58
C PHE B 561 -22.67 68.85 -26.64
N ILE B 562 -22.25 67.71 -27.20
CA ILE B 562 -21.17 67.73 -28.19
C ILE B 562 -21.57 68.46 -29.47
N ALA B 563 -22.86 68.59 -29.75
CA ALA B 563 -23.26 69.26 -30.98
C ALA B 563 -22.93 70.74 -30.87
N MET B 564 -22.68 71.21 -29.66
CA MET B 564 -22.34 72.62 -29.46
C MET B 564 -20.83 72.83 -29.47
N VAL B 565 -20.06 71.79 -29.77
CA VAL B 565 -18.61 71.82 -29.66
C VAL B 565 -17.93 71.82 -31.04
N PRO B 566 -17.47 72.99 -31.45
CA PRO B 566 -16.91 73.31 -32.76
C PRO B 566 -15.42 73.01 -32.91
N GLU B 567 -15.02 72.85 -34.16
CA GLU B 567 -13.62 72.88 -34.47
C GLU B 567 -12.91 74.06 -33.81
N PRO B 568 -11.67 73.86 -33.33
CA PRO B 568 -10.71 72.75 -33.41
C PRO B 568 -10.78 71.91 -32.14
N LEU B 569 -11.79 72.17 -31.32
CA LEU B 569 -11.97 71.45 -30.07
C LEU B 569 -12.65 70.09 -30.26
N GLY B 570 -12.62 69.31 -29.19
CA GLY B 570 -13.23 67.99 -29.18
C GLY B 570 -13.29 67.42 -27.78
N ILE B 571 -13.98 66.29 -27.62
CA ILE B 571 -14.01 65.61 -26.33
C ILE B 571 -13.19 64.34 -26.45
N GLY B 572 -12.14 64.33 -25.63
CA GLY B 572 -11.28 63.16 -25.47
C GLY B 572 -11.22 62.84 -24.00
N SER B 573 -10.04 62.43 -23.58
CA SER B 573 -9.77 62.10 -22.23
C SER B 573 -8.67 62.89 -21.61
N VAL B 574 -8.71 63.05 -20.27
CA VAL B 574 -7.65 63.78 -19.57
C VAL B 574 -7.38 62.99 -18.28
N GLU B 575 -6.15 63.11 -17.77
CA GLU B 575 -5.67 62.44 -16.57
C GLU B 575 -5.71 63.39 -15.44
N LEU B 576 -6.37 63.06 -14.37
CA LEU B 576 -6.35 63.98 -13.26
C LEU B 576 -5.11 63.74 -12.38
N GLU B 577 -4.84 64.66 -11.47
CA GLU B 577 -3.80 64.62 -10.45
C GLU B 577 -3.83 63.22 -9.87
N SER B 578 -5.03 62.78 -9.53
CA SER B 578 -5.19 61.49 -8.84
C SER B 578 -4.91 60.25 -9.70
N GLY B 579 -4.67 60.44 -10.98
CA GLY B 579 -4.47 59.28 -11.83
C GLY B 579 -5.71 58.73 -12.53
N GLU B 580 -6.89 59.11 -12.06
CA GLU B 580 -8.11 58.76 -12.80
C GLU B 580 -8.12 59.40 -14.18
N TRP B 581 -8.55 58.62 -15.17
CA TRP B 581 -8.87 59.20 -16.49
C TRP B 581 -10.33 59.52 -16.58
N VAL B 582 -10.62 60.60 -17.31
CA VAL B 582 -11.93 61.21 -17.31
C VAL B 582 -12.16 61.94 -18.61
N LYS B 583 -13.36 61.86 -19.17
CA LYS B 583 -13.62 62.63 -20.40
C LYS B 583 -13.37 64.14 -20.20
N SER B 584 -12.93 64.79 -21.26
CA SER B 584 -12.56 66.20 -21.17
C SER B 584 -12.45 66.84 -22.55
N PHE B 585 -12.41 68.16 -22.57
CA PHE B 585 -12.10 68.87 -23.80
C PHE B 585 -10.66 68.63 -24.16
N ILE B 586 -10.42 68.40 -25.44
CA ILE B 586 -9.06 68.37 -25.94
C ILE B 586 -9.06 69.34 -27.10
N CYS B 587 -7.94 69.39 -27.80
CA CYS B 587 -7.78 70.34 -28.88
C CYS B 587 -6.89 69.79 -30.02
N GLU B 588 -7.36 69.89 -31.27
CA GLU B 588 -6.50 69.55 -32.44
C GLU B 588 -5.25 70.35 -32.46
N GLU B 589 -4.24 69.63 -32.96
CA GLU B 589 -2.93 70.19 -33.11
C GLU B 589 -2.97 71.51 -33.85
N PHE B 590 -3.70 71.49 -34.94
CA PHE B 590 -3.99 72.67 -35.77
C PHE B 590 -4.47 73.84 -34.94
N GLY B 591 -5.11 73.55 -33.82
CA GLY B 591 -5.79 74.53 -33.00
C GLY B 591 -4.86 75.52 -32.34
N TYR B 592 -3.92 74.97 -31.60
CA TYR B 592 -2.99 75.77 -30.86
C TYR B 592 -1.71 76.06 -31.66
N THR B 593 -1.81 75.99 -33.00
CA THR B 593 -0.66 76.12 -33.90
C THR B 593 -1.01 77.25 -34.90
N GLN B 594 -2.06 77.99 -34.54
CA GLN B 594 -2.43 79.19 -35.30
C GLN B 594 -1.67 80.41 -34.80
N GLN B 595 -1.54 81.38 -35.69
CA GLN B 595 -1.04 82.70 -35.34
C GLN B 595 -1.92 83.30 -34.28
N GLY B 596 -1.32 83.77 -33.20
CA GLY B 596 -2.09 84.45 -32.18
C GLY B 596 -2.32 83.61 -30.94
N THR B 597 -2.00 82.32 -31.02
CA THR B 597 -2.09 81.45 -29.87
C THR B 597 -1.13 81.85 -28.77
N VAL B 598 -1.64 81.94 -27.54
CA VAL B 598 -0.76 82.33 -26.45
C VAL B 598 -0.62 81.18 -25.45
N ASP B 599 0.61 80.98 -25.00
CA ASP B 599 0.91 79.86 -24.14
C ASP B 599 0.52 80.32 -22.76
N ILE B 600 -0.39 79.62 -22.15
CA ILE B 600 -1.01 80.19 -21.00
C ILE B 600 -0.76 79.42 -19.75
N THR B 601 -0.01 78.34 -19.92
CA THR B 601 0.23 77.40 -18.85
C THR B 601 0.67 78.04 -17.53
N LYS B 602 1.56 79.02 -17.58
CA LYS B 602 1.98 79.80 -16.38
C LYS B 602 0.83 80.06 -15.39
N PHE B 603 -0.33 80.44 -15.91
CA PHE B 603 -1.42 80.87 -15.03
C PHE B 603 -2.10 79.67 -14.38
N GLY B 604 -1.75 78.47 -14.82
CA GLY B 604 -2.31 77.27 -14.22
C GLY B 604 -3.76 76.95 -14.42
N GLY B 605 -4.50 77.92 -14.93
CA GLY B 605 -5.91 77.80 -15.23
C GLY B 605 -6.33 78.83 -16.24
N PHE B 606 -7.60 78.76 -16.66
CA PHE B 606 -8.12 79.69 -17.66
C PHE B 606 -8.77 80.90 -16.98
N LYS B 607 -9.32 80.73 -15.77
CA LYS B 607 -9.84 81.84 -14.99
C LYS B 607 -8.67 82.83 -14.78
N PRO B 608 -7.60 82.46 -14.03
CA PRO B 608 -6.46 83.38 -13.83
C PRO B 608 -6.13 84.29 -14.97
N TYR B 609 -6.11 83.71 -16.14
CA TYR B 609 -5.76 84.41 -17.36
C TYR B 609 -6.84 85.39 -17.83
N ILE B 610 -8.11 85.09 -17.62
CA ILE B 610 -9.13 86.05 -18.06
C ILE B 610 -9.30 87.14 -17.01
N GLU B 611 -8.43 87.12 -16.03
CA GLU B 611 -8.43 88.18 -15.03
C GLU B 611 -7.18 89.05 -15.18
N HIS B 612 -6.10 88.43 -15.58
CA HIS B 612 -4.92 89.19 -15.94
C HIS B 612 -5.14 90.01 -17.20
N ILE B 613 -6.26 89.82 -17.90
CA ILE B 613 -6.62 90.69 -19.02
C ILE B 613 -7.44 91.88 -18.50
N GLN B 614 -8.52 91.59 -17.79
CA GLN B 614 -9.35 92.65 -17.24
C GLN B 614 -8.77 93.10 -15.91
N LYS B 621 -11.42 104.49 -18.69
CA LYS B 621 -10.99 104.10 -20.03
C LYS B 621 -12.10 104.28 -21.09
N LYS B 622 -13.05 105.16 -20.81
CA LYS B 622 -13.92 105.71 -21.85
C LYS B 622 -13.61 107.21 -22.08
N PRO B 623 -12.93 107.53 -23.21
CA PRO B 623 -12.45 108.88 -23.54
C PRO B 623 -13.55 109.93 -23.49
N PHE B 624 -14.72 109.57 -23.99
CA PHE B 624 -15.84 110.49 -24.14
C PHE B 624 -17.14 109.72 -24.00
N GLU B 625 -18.20 110.41 -23.61
CA GLU B 625 -19.47 109.77 -23.31
C GLU B 625 -20.34 109.79 -24.56
N THR B 626 -20.47 110.99 -25.14
CA THR B 626 -21.12 111.16 -26.44
C THR B 626 -20.20 111.97 -27.38
N VAL B 627 -20.15 111.56 -28.66
CA VAL B 627 -19.27 112.16 -29.68
C VAL B 627 -20.07 112.47 -30.95
N LEU B 628 -19.91 113.68 -31.48
CA LEU B 628 -20.57 114.05 -32.74
C LEU B 628 -19.67 113.87 -33.96
N ILE B 629 -20.25 113.44 -35.08
CA ILE B 629 -19.45 113.27 -36.29
C ILE B 629 -19.74 114.42 -37.24
N ALA B 630 -18.77 115.29 -37.45
CA ALA B 630 -18.93 116.39 -38.39
C ALA B 630 -18.74 115.89 -39.83
N ASN B 631 -19.50 114.86 -40.21
CA ASN B 631 -19.34 114.26 -41.54
C ASN B 631 -20.50 113.40 -41.98
N ARG B 632 -20.39 112.89 -43.20
CA ARG B 632 -21.44 112.13 -43.84
C ARG B 632 -20.85 110.87 -44.43
N GLY B 633 -21.65 110.18 -45.23
CA GLY B 633 -21.15 109.06 -45.98
C GLY B 633 -20.44 107.97 -45.21
N GLU B 634 -19.35 107.51 -45.82
CA GLU B 634 -18.67 106.27 -45.50
C GLU B 634 -17.79 106.42 -44.27
N ILE B 635 -17.08 107.54 -44.17
CA ILE B 635 -16.31 107.82 -42.97
C ILE B 635 -17.21 107.93 -41.72
N ALA B 636 -18.39 108.52 -41.85
CA ALA B 636 -19.29 108.65 -40.71
C ALA B 636 -19.67 107.25 -40.23
N VAL B 637 -20.04 106.38 -41.16
CA VAL B 637 -20.42 105.01 -40.82
C VAL B 637 -19.27 104.27 -40.13
N ARG B 638 -18.06 104.47 -40.64
CA ARG B 638 -16.91 103.76 -40.10
C ARG B 638 -16.55 104.31 -38.72
N ILE B 639 -16.71 105.61 -38.52
CA ILE B 639 -16.35 106.19 -37.22
C ILE B 639 -17.33 105.65 -36.18
N MET B 640 -18.60 105.60 -36.55
CA MET B 640 -19.64 105.07 -35.67
C MET B 640 -19.47 103.60 -35.27
N LYS B 641 -18.85 102.76 -36.11
CA LYS B 641 -18.66 101.35 -35.72
C LYS B 641 -17.74 101.31 -34.52
N THR B 642 -16.71 102.15 -34.55
CA THR B 642 -15.71 102.16 -33.51
C THR B 642 -16.39 102.69 -32.26
N LEU B 643 -17.14 103.77 -32.43
CA LEU B 643 -17.80 104.43 -31.31
C LEU B 643 -18.69 103.40 -30.61
N LYS B 644 -19.58 102.79 -31.39
CA LYS B 644 -20.43 101.69 -30.89
C LYS B 644 -19.60 100.69 -30.09
N ARG B 645 -18.57 100.12 -30.72
CA ARG B 645 -17.77 99.09 -30.07
C ARG B 645 -17.20 99.62 -28.75
N MET B 646 -16.94 100.93 -28.70
CA MET B 646 -16.38 101.54 -27.50
C MET B 646 -17.43 101.96 -26.48
N GLY B 647 -18.71 101.80 -26.81
CA GLY B 647 -19.76 102.09 -25.85
C GLY B 647 -19.94 103.59 -25.72
N ILE B 648 -19.51 104.31 -26.74
CA ILE B 648 -19.63 105.75 -26.80
C ILE B 648 -20.83 106.18 -27.63
N LYS B 649 -21.67 107.07 -27.10
CA LYS B 649 -22.91 107.42 -27.80
C LYS B 649 -22.48 108.30 -28.97
N SER B 650 -23.11 108.10 -30.13
CA SER B 650 -22.72 108.85 -31.31
C SER B 650 -23.82 109.78 -31.79
N VAL B 651 -23.40 110.87 -32.43
CA VAL B 651 -24.34 111.84 -32.97
C VAL B 651 -24.08 112.10 -34.44
N ALA B 652 -25.11 111.84 -35.25
CA ALA B 652 -25.08 112.18 -36.67
C ALA B 652 -25.45 113.64 -36.91
N VAL B 653 -24.99 114.17 -38.04
CA VAL B 653 -25.55 115.37 -38.62
C VAL B 653 -25.79 115.14 -40.10
N TYR B 654 -26.88 115.67 -40.64
CA TYR B 654 -27.18 115.46 -42.05
C TYR B 654 -27.80 116.64 -42.76
N SER B 655 -27.47 116.77 -44.03
CA SER B 655 -28.19 117.63 -44.93
C SER B 655 -29.56 117.02 -45.23
N ASP B 656 -30.32 117.66 -46.11
CA ASP B 656 -31.62 117.12 -46.49
C ASP B 656 -31.52 115.93 -47.48
N PRO B 657 -30.65 116.00 -48.52
CA PRO B 657 -30.55 114.75 -49.28
C PRO B 657 -30.04 113.55 -48.49
N ASP B 658 -29.29 113.77 -47.40
CA ASP B 658 -28.78 112.66 -46.60
C ASP B 658 -29.71 112.19 -45.49
N LYS B 659 -30.91 112.75 -45.37
CA LYS B 659 -31.76 112.42 -44.22
C LYS B 659 -32.06 110.91 -44.13
N TYR B 660 -31.87 110.19 -45.24
CA TYR B 660 -32.08 108.75 -45.25
C TYR B 660 -30.81 107.89 -45.31
N SER B 661 -29.63 108.46 -45.04
CA SER B 661 -28.36 107.72 -45.22
C SER B 661 -27.98 106.89 -43.99
N GLN B 662 -27.24 105.80 -44.25
CA GLN B 662 -26.75 104.84 -43.27
C GLN B 662 -26.30 105.47 -41.95
N HIS B 663 -25.52 106.54 -42.04
CA HIS B 663 -24.88 107.14 -40.87
C HIS B 663 -25.91 107.79 -39.95
N VAL B 664 -27.03 108.20 -40.53
CA VAL B 664 -28.14 108.75 -39.76
C VAL B 664 -28.84 107.62 -39.01
N THR B 665 -29.13 106.54 -39.71
CA THR B 665 -29.62 105.31 -39.10
C THR B 665 -28.71 104.77 -37.98
N ASP B 666 -27.42 104.62 -38.25
CA ASP B 666 -26.49 103.99 -37.31
C ASP B 666 -26.31 104.72 -36.00
N ALA B 667 -26.48 106.03 -36.02
CA ALA B 667 -26.17 106.86 -34.87
C ALA B 667 -27.19 106.68 -33.74
N ASP B 668 -26.79 107.01 -32.51
CA ASP B 668 -27.72 107.02 -31.39
C ASP B 668 -28.63 108.23 -31.43
N PHE B 669 -28.06 109.35 -31.87
CA PHE B 669 -28.85 110.57 -32.01
C PHE B 669 -28.48 111.26 -33.32
N SER B 670 -29.28 112.23 -33.73
CA SER B 670 -29.03 112.91 -34.99
C SER B 670 -29.64 114.29 -35.01
N VAL B 671 -29.07 115.17 -35.82
CA VAL B 671 -29.51 116.54 -35.87
C VAL B 671 -29.60 116.89 -37.33
N ALA B 672 -30.79 117.26 -37.75
CA ALA B 672 -30.97 117.80 -39.07
C ALA B 672 -30.33 119.16 -39.17
N LEU B 673 -29.40 119.29 -40.10
CA LEU B 673 -28.99 120.61 -40.52
C LEU B 673 -29.98 120.80 -41.65
N HIS B 674 -30.40 122.03 -41.95
CA HIS B 674 -31.38 122.16 -43.00
C HIS B 674 -30.75 122.78 -44.25
N GLY B 675 -31.00 122.15 -45.39
CA GLY B 675 -30.47 122.61 -46.65
C GLY B 675 -29.90 121.48 -47.49
N ARG B 676 -29.33 121.82 -48.63
CA ARG B 676 -28.91 120.83 -49.61
C ARG B 676 -27.38 120.87 -49.81
N THR B 677 -26.81 122.06 -50.01
CA THR B 677 -25.41 122.15 -50.45
C THR B 677 -24.43 121.90 -49.31
N ALA B 678 -23.21 121.53 -49.67
CA ALA B 678 -22.07 121.46 -48.74
C ALA B 678 -21.96 122.71 -47.86
N ALA B 679 -22.11 123.87 -48.48
CA ALA B 679 -21.94 125.13 -47.78
C ALA B 679 -23.09 125.38 -46.83
N GLU B 680 -24.28 124.98 -47.25
CA GLU B 680 -25.50 125.16 -46.49
C GLU B 680 -25.54 124.37 -45.20
N THR B 681 -24.77 123.29 -45.13
CA THR B 681 -24.93 122.32 -44.05
C THR B 681 -23.63 121.91 -43.40
N TYR B 682 -22.97 120.87 -43.94
CA TYR B 682 -21.76 120.32 -43.34
C TYR B 682 -20.66 121.37 -43.10
N LEU B 683 -20.60 122.40 -43.94
CA LEU B 683 -19.54 123.40 -43.83
C LEU B 683 -19.89 124.55 -42.89
N ASP B 684 -21.13 124.59 -42.42
CA ASP B 684 -21.59 125.73 -41.65
C ASP B 684 -21.24 125.47 -40.20
N ILE B 685 -20.13 126.06 -39.75
CA ILE B 685 -19.61 125.85 -38.39
C ILE B 685 -20.65 126.11 -37.31
N ASP B 686 -21.52 127.11 -37.54
CA ASP B 686 -22.42 127.58 -36.50
C ASP B 686 -23.42 126.46 -36.23
N LYS B 687 -23.98 125.92 -37.32
CA LYS B 687 -24.90 124.79 -37.26
C LYS B 687 -24.29 123.58 -36.55
N ILE B 688 -23.09 123.19 -36.98
CA ILE B 688 -22.38 122.05 -36.40
C ILE B 688 -22.22 122.18 -34.89
N ILE B 689 -21.71 123.34 -34.45
CA ILE B 689 -21.40 123.57 -33.06
C ILE B 689 -22.68 123.62 -32.23
N ASN B 690 -23.73 124.20 -32.81
CA ASN B 690 -25.06 124.17 -32.21
C ASN B 690 -25.57 122.73 -32.08
N ALA B 691 -25.36 121.92 -33.11
CA ALA B 691 -25.67 120.48 -33.08
C ALA B 691 -25.01 119.73 -31.94
N ALA B 692 -23.74 120.04 -31.67
CA ALA B 692 -23.01 119.34 -30.61
C ALA B 692 -23.49 119.84 -29.26
N LYS B 693 -23.84 121.12 -29.20
CA LYS B 693 -24.43 121.74 -28.02
C LYS B 693 -25.74 121.04 -27.65
N LYS B 694 -26.64 121.09 -28.62
CA LYS B 694 -28.00 120.58 -28.56
C LYS B 694 -28.06 119.11 -28.10
N THR B 695 -27.01 118.35 -28.38
CA THR B 695 -27.00 116.92 -28.06
C THR B 695 -26.07 116.59 -26.88
N GLY B 696 -25.49 117.64 -26.30
CA GLY B 696 -24.45 117.51 -25.29
C GLY B 696 -23.25 116.63 -25.63
N ALA B 697 -22.72 116.79 -26.84
CA ALA B 697 -21.53 116.06 -27.24
C ALA B 697 -20.29 116.72 -26.66
N GLN B 698 -19.48 115.97 -25.93
CA GLN B 698 -18.23 116.54 -25.40
C GLN B 698 -17.17 116.70 -26.49
N ALA B 699 -17.31 115.99 -27.59
CA ALA B 699 -16.26 116.03 -28.60
C ALA B 699 -16.82 115.99 -30.02
N ILE B 700 -16.06 116.55 -30.96
CA ILE B 700 -16.41 116.43 -32.37
C ILE B 700 -15.27 115.79 -33.15
N ILE B 701 -15.59 114.76 -33.93
CA ILE B 701 -14.58 114.13 -34.76
C ILE B 701 -15.01 114.41 -36.20
N PRO B 702 -14.10 114.97 -37.01
CA PRO B 702 -14.46 115.57 -38.29
C PRO B 702 -14.36 114.68 -39.52
N GLY B 703 -13.63 113.57 -39.43
CA GLY B 703 -13.36 112.80 -40.63
C GLY B 703 -12.30 113.42 -41.52
N TYR B 704 -12.56 113.38 -42.83
CA TYR B 704 -11.76 114.08 -43.83
C TYR B 704 -12.68 114.77 -44.84
N GLY B 705 -12.20 115.82 -45.47
CA GLY B 705 -13.03 116.77 -46.19
C GLY B 705 -13.70 117.77 -45.26
N PHE B 706 -14.57 118.62 -45.77
CA PHE B 706 -15.38 119.51 -44.92
C PHE B 706 -14.56 120.26 -43.88
N LEU B 707 -15.01 120.31 -42.63
CA LEU B 707 -14.35 121.18 -41.64
C LEU B 707 -13.07 120.57 -41.05
N SER B 708 -12.58 119.49 -41.67
CA SER B 708 -11.52 118.63 -41.14
C SER B 708 -10.21 119.38 -40.90
N GLU B 709 -9.76 120.03 -41.96
CA GLU B 709 -8.55 120.86 -41.94
C GLU B 709 -8.86 122.36 -41.90
N ASN B 710 -9.95 122.71 -41.23
CA ASN B 710 -10.37 124.10 -41.07
C ASN B 710 -10.03 124.60 -39.67
N ALA B 711 -9.07 125.52 -39.57
CA ALA B 711 -8.52 125.90 -38.28
C ALA B 711 -9.42 126.83 -37.47
N ASP B 712 -10.24 127.63 -38.14
CA ASP B 712 -11.22 128.42 -37.42
C ASP B 712 -12.12 127.48 -36.64
N PHE B 713 -12.60 126.46 -37.35
CA PHE B 713 -13.40 125.42 -36.73
C PHE B 713 -12.72 124.74 -35.55
N SER B 714 -11.48 124.28 -35.71
CA SER B 714 -10.76 123.67 -34.58
C SER B 714 -10.75 124.64 -33.40
N ASP B 715 -10.49 125.90 -33.71
CA ASP B 715 -10.48 126.95 -32.69
C ASP B 715 -11.85 127.22 -32.07
N ARG B 716 -12.90 127.31 -32.91
CA ARG B 716 -14.28 127.37 -32.40
C ARG B 716 -14.62 126.27 -31.41
N CYS B 717 -14.24 125.03 -31.71
CA CYS B 717 -14.45 123.94 -30.76
C CYS B 717 -13.78 124.27 -29.42
N SER B 718 -12.50 124.62 -29.47
CA SER B 718 -11.75 124.92 -28.24
C SER B 718 -12.42 126.05 -27.47
N GLN B 719 -12.75 127.15 -28.16
CA GLN B 719 -13.33 128.31 -27.48
C GLN B 719 -14.77 128.05 -27.03
N GLU B 720 -15.25 126.83 -27.25
CA GLU B 720 -16.62 126.45 -26.91
C GLU B 720 -16.71 125.31 -25.89
N ASN B 721 -15.56 124.83 -25.43
CA ASN B 721 -15.45 123.67 -24.54
C ASN B 721 -15.98 122.37 -25.18
N ILE B 722 -15.82 122.25 -26.49
CA ILE B 722 -15.99 120.98 -27.21
C ILE B 722 -14.63 120.51 -27.77
N VAL B 723 -14.23 119.28 -27.42
CA VAL B 723 -12.97 118.73 -27.89
C VAL B 723 -12.96 118.26 -29.35
N PHE B 724 -12.33 119.09 -30.19
CA PHE B 724 -11.99 118.72 -31.56
C PHE B 724 -11.06 117.52 -31.67
N VAL B 725 -11.55 116.40 -32.22
CA VAL B 725 -10.69 115.23 -32.35
C VAL B 725 -9.82 115.42 -33.58
N GLY B 726 -8.69 116.09 -33.38
CA GLY B 726 -7.81 116.49 -34.46
C GLY B 726 -6.73 117.40 -33.90
N PRO B 727 -5.82 117.87 -34.76
CA PRO B 727 -4.77 118.78 -34.29
C PRO B 727 -5.26 120.22 -34.07
N SER B 728 -4.43 121.01 -33.39
CA SER B 728 -4.75 122.40 -33.07
C SER B 728 -4.97 123.29 -34.30
N GLY B 729 -5.74 124.38 -34.13
CA GLY B 729 -6.00 125.34 -35.19
C GLY B 729 -4.70 125.93 -35.73
N ASP B 730 -3.70 125.97 -34.85
CA ASP B 730 -2.38 126.51 -35.20
C ASP B 730 -1.62 125.59 -36.15
N ALA B 731 -1.41 124.35 -35.72
CA ALA B 731 -0.84 123.30 -36.55
C ALA B 731 -1.48 123.27 -37.94
N ILE B 732 -2.81 123.30 -37.98
CA ILE B 732 -3.52 123.35 -39.25
C ILE B 732 -3.19 124.57 -40.13
N ARG B 733 -3.16 125.76 -39.53
CA ARG B 733 -2.67 126.95 -40.20
C ARG B 733 -1.24 126.81 -40.69
N LYS B 734 -0.36 126.44 -39.77
CA LYS B 734 1.04 126.15 -40.07
C LYS B 734 1.24 125.11 -41.18
N LEU B 735 0.30 124.19 -41.34
CA LEU B 735 0.38 123.20 -42.42
C LEU B 735 -0.43 123.55 -43.67
N GLY B 736 -1.36 124.50 -43.54
CA GLY B 736 -2.20 124.89 -44.68
C GLY B 736 -1.51 125.65 -45.81
N LEU B 737 -0.53 126.48 -45.45
CA LEU B 737 0.16 127.31 -46.44
C LEU B 737 1.40 126.59 -46.94
N LYS B 738 1.53 126.48 -48.26
CA LYS B 738 2.56 125.66 -48.89
C LYS B 738 3.98 125.96 -48.39
N HIS B 739 4.20 127.17 -47.88
CA HIS B 739 5.55 127.64 -47.56
C HIS B 739 5.89 127.60 -46.06
N SER B 740 4.93 127.88 -45.19
CA SER B 740 5.14 127.66 -43.76
C SER B 740 5.39 126.18 -43.53
N ALA B 741 4.68 125.34 -44.27
CA ALA B 741 4.86 123.89 -44.18
C ALA B 741 6.28 123.47 -44.57
N ARG B 742 6.88 124.15 -45.55
CA ARG B 742 8.25 123.82 -45.96
C ARG B 742 9.28 124.14 -44.87
N GLU B 743 9.12 125.27 -44.17
CA GLU B 743 10.04 125.62 -43.07
C GLU B 743 10.06 124.56 -41.96
N ILE B 744 8.88 124.21 -41.44
CA ILE B 744 8.76 123.16 -40.41
C ILE B 744 9.49 121.90 -40.83
N ALA B 745 9.24 121.47 -42.06
CA ALA B 745 9.90 120.31 -42.67
C ALA B 745 11.42 120.44 -42.66
N GLU B 746 11.90 121.58 -43.11
CA GLU B 746 13.32 121.91 -43.09
C GLU B 746 13.89 121.76 -41.67
N ARG B 747 13.36 122.56 -40.75
CA ARG B 747 13.70 122.48 -39.32
C ARG B 747 13.61 121.07 -38.73
N ALA B 748 12.69 120.28 -39.24
CA ALA B 748 12.53 118.88 -38.81
C ALA B 748 13.52 117.92 -39.47
N LYS B 749 14.32 118.44 -40.40
CA LYS B 749 15.37 117.67 -41.07
C LYS B 749 14.72 116.63 -41.98
N VAL B 750 13.84 117.12 -42.84
CA VAL B 750 13.08 116.29 -43.77
C VAL B 750 13.50 116.66 -45.19
N PRO B 751 14.08 115.72 -45.95
CA PRO B 751 14.63 115.99 -47.28
C PRO B 751 13.59 116.56 -48.26
N LEU B 752 13.82 117.79 -48.75
CA LEU B 752 12.85 118.47 -49.62
C LEU B 752 13.34 118.46 -51.05
N VAL B 753 12.44 118.77 -51.99
CA VAL B 753 12.81 118.93 -53.39
C VAL B 753 13.73 120.14 -53.58
N PRO B 754 14.99 119.90 -53.98
CA PRO B 754 15.94 121.02 -54.06
C PRO B 754 15.78 121.82 -55.34
N ASN B 826 9.93 109.78 -62.97
CA ASN B 826 8.61 109.16 -62.96
C ASN B 826 8.16 108.86 -61.55
N ALA B 827 7.44 109.79 -60.94
CA ALA B 827 7.46 109.80 -59.48
C ALA B 827 6.40 108.92 -58.88
N ARG B 828 6.57 108.64 -57.59
CA ARG B 828 5.58 107.85 -56.88
C ARG B 828 5.13 108.61 -55.64
N HIS B 829 4.03 108.18 -55.06
CA HIS B 829 3.62 108.91 -53.90
C HIS B 829 3.73 107.93 -52.72
N VAL B 830 4.53 108.26 -51.71
CA VAL B 830 4.70 107.36 -50.56
C VAL B 830 4.37 108.24 -49.35
N GLU B 831 3.33 107.90 -48.62
CA GLU B 831 2.92 108.63 -47.43
C GLU B 831 3.04 107.89 -46.10
N ILE B 832 3.65 108.51 -45.10
CA ILE B 832 3.75 107.91 -43.77
C ILE B 832 2.56 108.20 -42.87
N GLN B 833 1.86 107.19 -42.34
CA GLN B 833 0.71 107.54 -41.53
C GLN B 833 1.44 107.73 -40.19
N MET B 834 1.21 108.87 -39.56
CA MET B 834 1.72 109.29 -38.25
C MET B 834 0.72 109.65 -37.13
N MET B 835 1.02 109.26 -35.88
CA MET B 835 0.15 109.63 -34.79
C MET B 835 0.98 110.44 -33.81
N GLY B 836 0.33 111.43 -33.20
CA GLY B 836 0.96 112.36 -32.30
C GLY B 836 0.10 112.52 -31.07
N ASP B 837 0.71 112.75 -29.92
CA ASP B 837 -0.07 112.83 -28.69
C ASP B 837 -0.40 114.25 -28.25
N GLY B 838 0.06 115.25 -29.00
CA GLY B 838 -0.23 116.65 -28.72
C GLY B 838 0.70 117.24 -27.68
N PHE B 839 1.76 116.50 -27.34
CA PHE B 839 2.65 116.86 -26.26
C PHE B 839 4.11 116.52 -26.61
N GLY B 840 4.39 116.45 -27.92
CA GLY B 840 5.74 116.25 -28.39
C GLY B 840 6.13 114.84 -28.83
N LYS B 841 5.34 113.86 -28.41
CA LYS B 841 5.55 112.50 -28.87
C LYS B 841 4.85 112.21 -30.19
N ALA B 842 5.54 111.51 -31.08
CA ALA B 842 5.01 111.17 -32.38
C ALA B 842 5.50 109.78 -32.76
N ILE B 843 4.69 109.05 -33.51
CA ILE B 843 5.02 107.68 -33.89
C ILE B 843 4.61 107.37 -35.34
N ALA B 844 5.47 106.69 -36.08
CA ALA B 844 5.18 106.39 -37.47
C ALA B 844 4.58 104.99 -37.51
N ILE B 845 3.38 104.88 -38.05
CA ILE B 845 2.59 103.66 -37.94
C ILE B 845 2.84 102.79 -39.17
N GLY B 846 3.19 103.43 -40.28
CA GLY B 846 3.51 102.70 -41.49
C GLY B 846 3.47 103.60 -42.71
N GLU B 847 3.76 103.04 -43.87
CA GLU B 847 3.72 103.83 -45.10
C GLU B 847 2.77 103.24 -46.12
N ARG B 848 2.26 104.09 -46.99
CA ARG B 848 1.30 103.66 -47.99
C ARG B 848 1.78 104.19 -49.32
N ASP B 849 1.58 103.42 -50.36
CA ASP B 849 1.80 103.90 -51.71
C ASP B 849 0.48 104.31 -52.33
N CYS B 850 0.43 105.52 -52.87
CA CYS B 850 -0.82 106.09 -53.38
C CYS B 850 -0.58 106.64 -54.77
N SER B 851 0.34 106.00 -55.50
CA SER B 851 0.71 106.38 -56.86
C SER B 851 -0.40 106.29 -57.91
N LEU B 852 -1.30 105.34 -57.77
CA LEU B 852 -2.30 105.13 -58.81
C LEU B 852 -3.39 106.20 -58.74
N GLN B 853 -3.08 107.36 -59.32
CA GLN B 853 -3.93 108.54 -59.29
C GLN B 853 -4.34 108.92 -60.70
N ARG B 854 -5.57 109.42 -60.86
CA ARG B 854 -6.06 109.87 -62.17
C ARG B 854 -6.31 111.36 -62.06
N ARG B 855 -5.65 112.14 -62.91
CA ARG B 855 -5.68 113.60 -62.82
C ARG B 855 -5.59 113.98 -61.34
N ASN B 856 -4.67 113.32 -60.63
CA ASN B 856 -4.38 113.54 -59.20
C ASN B 856 -5.39 113.03 -58.18
N GLN B 857 -6.38 112.25 -58.62
CA GLN B 857 -7.39 111.75 -57.68
C GLN B 857 -7.19 110.26 -57.47
N LYS B 858 -6.91 109.88 -56.22
CA LYS B 858 -6.49 108.53 -55.91
C LYS B 858 -7.62 107.52 -56.17
N VAL B 859 -7.28 106.35 -56.67
CA VAL B 859 -8.27 105.28 -56.92
C VAL B 859 -7.86 103.95 -56.28
N ILE B 860 -6.56 103.65 -56.31
CA ILE B 860 -6.02 102.48 -55.62
C ILE B 860 -4.80 102.80 -54.76
N GLU B 861 -4.80 102.28 -53.53
CA GLU B 861 -3.67 102.43 -52.61
C GLU B 861 -3.22 101.09 -52.01
N GLU B 862 -1.97 101.03 -51.54
CA GLU B 862 -1.45 99.79 -51.00
C GLU B 862 -0.39 99.99 -49.92
N THR B 863 -0.20 98.93 -49.13
CA THR B 863 0.78 98.91 -48.05
C THR B 863 1.24 97.46 -47.84
N PRO B 864 2.53 97.25 -47.56
CA PRO B 864 3.65 98.21 -47.59
C PRO B 864 3.88 98.75 -49.00
N ALA B 865 4.60 99.87 -49.13
CA ALA B 865 5.03 100.36 -50.43
C ALA B 865 5.87 99.28 -51.10
N PRO B 866 5.60 99.02 -52.39
CA PRO B 866 6.44 98.07 -53.13
C PRO B 866 7.78 98.70 -53.47
N ASN B 867 8.81 97.87 -53.65
CA ASN B 867 10.10 98.32 -54.17
C ASN B 867 10.65 99.51 -53.40
N LEU B 868 10.70 99.36 -52.08
CA LEU B 868 11.25 100.38 -51.21
C LEU B 868 12.12 99.69 -50.16
N PRO B 869 13.42 100.05 -50.12
CA PRO B 869 14.35 99.48 -49.15
C PRO B 869 14.16 100.06 -47.75
N GLU B 870 14.26 99.18 -46.75
CA GLU B 870 14.33 99.56 -45.33
C GLU B 870 15.12 100.84 -44.99
N ALA B 871 16.35 100.95 -45.49
CA ALA B 871 17.15 102.15 -45.30
C ALA B 871 16.35 103.44 -45.50
N THR B 872 15.58 103.46 -46.58
CA THR B 872 14.85 104.66 -46.95
C THR B 872 13.44 104.66 -46.31
N ARG B 873 12.83 103.50 -46.07
CA ARG B 873 11.59 103.46 -45.27
C ARG B 873 11.80 103.90 -43.81
N ALA B 874 12.80 103.34 -43.15
CA ALA B 874 13.08 103.69 -41.76
C ALA B 874 13.41 105.17 -41.57
N LYS B 875 13.91 105.81 -42.62
CA LYS B 875 14.26 107.24 -42.56
C LYS B 875 13.11 108.12 -43.07
N MET B 876 12.09 107.49 -43.63
CA MET B 876 10.84 108.18 -43.90
C MET B 876 10.06 108.25 -42.59
N ARG B 877 10.06 107.14 -41.86
CA ARG B 877 9.44 107.06 -40.53
C ARG B 877 10.03 108.12 -39.61
N ALA B 878 11.33 108.06 -39.37
CA ALA B 878 11.99 108.95 -38.41
C ALA B 878 11.81 110.43 -38.76
N ALA B 879 11.77 110.73 -40.05
CA ALA B 879 11.61 112.12 -40.48
C ALA B 879 10.20 112.58 -40.15
N SER B 880 9.24 111.69 -40.36
CA SER B 880 7.85 111.96 -40.04
C SER B 880 7.64 112.16 -38.54
N GLU B 881 8.34 111.38 -37.72
CA GLU B 881 8.22 111.53 -36.27
C GLU B 881 8.84 112.84 -35.79
N ARG B 882 9.87 113.34 -36.48
CA ARG B 882 10.51 114.59 -36.07
C ARG B 882 9.56 115.74 -36.38
N LEU B 883 8.93 115.65 -37.54
CA LEU B 883 7.99 116.66 -37.98
C LEU B 883 6.80 116.71 -37.03
N GLY B 884 6.30 115.54 -36.64
CA GLY B 884 5.14 115.47 -35.76
C GLY B 884 5.49 115.90 -34.34
N SER B 885 6.67 115.49 -33.89
CA SER B 885 7.20 115.91 -32.60
C SER B 885 7.38 117.42 -32.50
N LEU B 886 8.08 117.98 -33.50
CA LEU B 886 8.34 119.41 -33.55
C LEU B 886 7.06 120.21 -33.39
N LEU B 887 6.01 119.86 -34.12
CA LEU B 887 4.73 120.55 -33.99
C LEU B 887 3.98 120.33 -32.68
N LYS B 888 4.42 119.35 -31.89
CA LYS B 888 3.58 118.84 -30.80
C LYS B 888 2.25 118.43 -31.44
N TYR B 889 2.33 117.74 -32.58
CA TYR B 889 1.15 117.31 -33.33
C TYR B 889 0.21 116.43 -32.52
N LYS B 890 -1.10 116.68 -32.67
CA LYS B 890 -2.13 115.90 -32.00
C LYS B 890 -3.08 115.09 -32.91
N CYS B 891 -3.22 113.81 -32.56
CA CYS B 891 -4.04 112.80 -33.25
C CYS B 891 -3.36 112.32 -34.54
N ALA B 892 -4.11 112.23 -35.63
CA ALA B 892 -3.60 111.55 -36.80
C ALA B 892 -3.24 112.52 -37.90
N GLY B 893 -2.08 112.31 -38.50
CA GLY B 893 -1.69 113.08 -39.66
C GLY B 893 -0.87 112.24 -40.60
N THR B 894 -0.78 112.69 -41.83
CA THR B 894 -0.01 111.99 -42.84
C THR B 894 1.03 112.87 -43.47
N VAL B 895 2.25 112.34 -43.58
CA VAL B 895 3.33 113.06 -44.23
C VAL B 895 3.47 112.41 -45.60
N GLU B 896 3.12 113.15 -46.65
CA GLU B 896 3.30 112.66 -48.01
C GLU B 896 4.68 112.99 -48.54
N PHE B 897 5.26 112.02 -49.25
CA PHE B 897 6.53 112.22 -49.94
C PHE B 897 6.42 111.87 -51.42
N ILE B 898 7.23 112.53 -52.22
CA ILE B 898 7.52 112.09 -53.58
C ILE B 898 8.67 111.08 -53.51
N TYR B 899 8.67 110.03 -54.33
CA TYR B 899 9.74 109.02 -54.27
C TYR B 899 10.31 108.65 -55.65
N ASP B 900 11.61 108.87 -55.82
CA ASP B 900 12.28 108.42 -57.04
C ASP B 900 12.80 107.01 -56.80
N GLU B 901 12.09 106.05 -57.37
CA GLU B 901 12.37 104.63 -57.19
C GLU B 901 13.78 104.30 -57.63
N GLN B 902 14.16 104.83 -58.79
CA GLN B 902 15.47 104.63 -59.37
C GLN B 902 16.60 105.24 -58.52
N ARG B 903 16.51 106.55 -58.29
CA ARG B 903 17.50 107.28 -57.47
C ARG B 903 17.50 106.86 -55.98
N ASP B 904 16.47 106.12 -55.56
CA ASP B 904 16.21 105.77 -54.14
C ASP B 904 16.13 106.98 -53.22
N GLU B 905 15.46 108.03 -53.69
CA GLU B 905 15.34 109.26 -52.91
C GLU B 905 13.87 109.65 -52.67
N PHE B 906 13.59 110.28 -51.52
CA PHE B 906 12.25 110.81 -51.25
C PHE B 906 12.29 112.29 -50.86
N TYR B 907 11.21 113.03 -51.15
CA TYR B 907 11.15 114.46 -50.89
C TYR B 907 9.79 114.93 -50.38
N PHE B 908 9.81 115.71 -49.29
CA PHE B 908 8.59 116.30 -48.69
C PHE B 908 7.62 116.83 -49.74
N LEU B 909 6.34 116.53 -49.57
CA LEU B 909 5.31 117.07 -50.44
C LEU B 909 4.34 117.93 -49.61
N GLU B 910 3.75 117.33 -48.57
CA GLU B 910 2.79 118.02 -47.71
C GLU B 910 2.38 117.15 -46.52
N VAL B 911 1.84 117.80 -45.49
CA VAL B 911 1.18 117.06 -44.41
C VAL B 911 -0.32 117.25 -44.53
N ASN B 912 -1.06 116.15 -44.51
CA ASN B 912 -2.50 116.25 -44.31
C ASN B 912 -2.80 116.21 -42.82
N ALA B 913 -3.43 117.27 -42.33
CA ALA B 913 -3.59 117.45 -40.90
C ALA B 913 -4.91 116.84 -40.44
N ARG B 914 -5.06 115.54 -40.72
CA ARG B 914 -6.32 114.83 -40.56
C ARG B 914 -6.14 113.34 -40.84
N LEU B 915 -7.17 112.55 -40.55
CA LEU B 915 -7.20 111.17 -41.01
C LEU B 915 -7.40 111.18 -42.52
N GLN B 916 -7.04 110.09 -43.19
CA GLN B 916 -7.17 110.01 -44.65
C GLN B 916 -8.05 108.87 -45.10
N VAL B 917 -8.69 109.06 -46.25
CA VAL B 917 -9.53 108.02 -46.86
C VAL B 917 -8.88 106.63 -46.88
N GLU B 918 -7.62 106.55 -47.32
CA GLU B 918 -6.94 105.26 -47.40
C GLU B 918 -6.50 104.63 -46.08
N HIS B 919 -6.82 105.25 -44.95
CA HIS B 919 -6.33 104.75 -43.67
C HIS B 919 -6.63 103.26 -43.38
N PRO B 920 -7.72 102.68 -43.94
CA PRO B 920 -7.92 101.27 -43.57
C PRO B 920 -6.87 100.23 -43.96
N ILE B 921 -6.05 100.42 -45.00
CA ILE B 921 -5.06 99.40 -45.33
C ILE B 921 -4.02 99.32 -44.22
N THR B 922 -3.64 100.48 -43.70
CA THR B 922 -2.80 100.56 -42.51
C THR B 922 -3.37 99.77 -41.34
N GLU B 923 -4.68 99.91 -41.13
CA GLU B 923 -5.37 99.19 -40.05
C GLU B 923 -5.33 97.69 -40.29
N MET B 924 -5.22 97.25 -41.53
CA MET B 924 -5.30 95.83 -41.79
C MET B 924 -3.99 95.20 -41.36
N VAL B 925 -2.88 95.81 -41.79
CA VAL B 925 -1.55 95.25 -41.58
C VAL B 925 -1.04 95.42 -40.13
N THR B 926 -1.71 96.26 -39.34
CA THR B 926 -1.22 96.51 -37.98
C THR B 926 -2.22 96.04 -36.92
N GLY B 927 -3.49 95.97 -37.30
CA GLY B 927 -4.56 95.57 -36.40
C GLY B 927 -4.98 96.69 -35.47
N LEU B 928 -4.55 97.91 -35.79
CA LEU B 928 -4.89 99.07 -34.97
C LEU B 928 -6.19 99.67 -35.47
N ASP B 929 -7.01 100.16 -34.54
CA ASP B 929 -8.17 100.96 -34.93
C ASP B 929 -7.71 102.41 -34.72
N LEU B 930 -7.38 103.09 -35.82
CA LEU B 930 -6.89 104.47 -35.80
C LEU B 930 -7.86 105.50 -35.21
N VAL B 931 -9.13 105.42 -35.60
CA VAL B 931 -10.18 106.20 -34.93
C VAL B 931 -10.15 106.00 -33.42
N GLU B 932 -9.95 104.77 -32.94
CA GLU B 932 -9.94 104.53 -31.49
C GLU B 932 -8.81 105.33 -30.87
N TRP B 933 -7.62 105.15 -31.44
CA TRP B 933 -6.44 105.94 -31.08
C TRP B 933 -6.69 107.44 -31.06
N MET B 934 -7.21 107.99 -32.16
CA MET B 934 -7.54 109.41 -32.22
C MET B 934 -8.38 109.83 -31.01
N LEU B 935 -9.44 109.07 -30.72
CA LEU B 935 -10.37 109.41 -29.65
C LEU B 935 -9.62 109.42 -28.33
N ARG B 936 -8.77 108.41 -28.13
CA ARG B 936 -8.12 108.23 -26.84
C ARG B 936 -7.08 109.36 -26.65
N ILE B 937 -6.38 109.71 -27.72
CA ILE B 937 -5.37 110.76 -27.69
C ILE B 937 -6.02 112.11 -27.41
N ALA B 938 -7.15 112.33 -28.07
CA ALA B 938 -7.85 113.61 -28.02
C ALA B 938 -8.39 113.89 -26.61
N ALA B 939 -8.46 112.86 -25.78
CA ALA B 939 -8.99 112.99 -24.43
C ALA B 939 -7.87 112.84 -23.41
N ASN B 940 -6.62 112.93 -23.90
CA ASN B 940 -5.43 112.92 -23.05
C ASN B 940 -5.25 111.61 -22.30
N ASP B 941 -5.71 110.52 -22.92
CA ASP B 941 -5.56 109.18 -22.37
C ASP B 941 -4.84 108.41 -23.49
N SER B 942 -3.75 109.02 -23.96
CA SER B 942 -2.97 108.50 -25.08
C SER B 942 -2.31 107.18 -24.75
N PRO B 943 -2.22 106.27 -25.74
CA PRO B 943 -1.36 105.10 -25.63
C PRO B 943 0.04 105.58 -25.27
N ASP B 944 0.74 104.83 -24.44
CA ASP B 944 2.09 105.19 -24.05
C ASP B 944 3.04 104.87 -25.22
N PHE B 945 3.42 105.92 -25.96
CA PHE B 945 4.11 105.81 -27.25
C PHE B 945 5.46 105.09 -27.27
N ASP B 946 6.28 105.35 -26.25
CA ASP B 946 7.63 104.81 -26.23
C ASP B 946 7.64 103.31 -26.02
N ASN B 947 6.49 102.77 -25.58
CA ASN B 947 6.37 101.35 -25.26
C ASN B 947 5.35 100.66 -26.17
N THR B 948 5.06 101.30 -27.30
CA THR B 948 4.11 100.76 -28.26
C THR B 948 4.89 100.14 -29.42
N LYS B 949 4.75 98.82 -29.53
CA LYS B 949 5.41 98.03 -30.57
C LYS B 949 4.44 97.77 -31.70
N ILE B 950 4.68 98.38 -32.85
CA ILE B 950 3.83 98.15 -34.00
C ILE B 950 4.40 97.07 -34.94
N GLU B 951 3.65 95.98 -35.11
CA GLU B 951 4.02 94.94 -36.07
C GLU B 951 3.14 94.94 -37.31
N VAL B 952 3.79 95.08 -38.46
CA VAL B 952 3.13 95.06 -39.76
C VAL B 952 3.14 93.63 -40.25
N SER B 953 2.01 93.18 -40.77
CA SER B 953 1.72 91.76 -40.94
C SER B 953 0.98 91.57 -42.26
N GLY B 954 1.69 91.02 -43.25
CA GLY B 954 1.13 90.81 -44.57
C GLY B 954 1.12 92.08 -45.40
N ALA B 955 0.22 92.13 -46.38
CA ALA B 955 0.08 93.31 -47.23
C ALA B 955 -1.41 93.56 -47.49
N SER B 956 -1.79 94.81 -47.77
CA SER B 956 -3.20 95.17 -47.86
C SER B 956 -3.40 96.25 -48.89
N ILE B 957 -4.48 96.13 -49.64
CA ILE B 957 -4.77 97.08 -50.68
C ILE B 957 -6.25 97.43 -50.75
N GLU B 958 -6.54 98.66 -51.21
CA GLU B 958 -7.86 99.29 -51.19
C GLU B 958 -8.19 99.81 -52.58
N ALA B 959 -9.43 99.59 -53.02
CA ALA B 959 -9.93 100.16 -54.26
C ALA B 959 -11.14 101.02 -53.93
N ARG B 960 -11.26 102.14 -54.63
CA ARG B 960 -12.34 103.08 -54.34
C ARG B 960 -13.46 102.96 -55.35
N LEU B 961 -14.60 102.41 -54.92
CA LEU B 961 -15.78 102.34 -55.77
C LEU B 961 -16.51 103.67 -55.82
N TYR B 962 -16.51 104.29 -56.99
CA TYR B 962 -17.20 105.54 -57.22
C TYR B 962 -18.43 105.38 -58.10
N ALA B 963 -19.47 106.14 -57.80
CA ALA B 963 -20.59 106.29 -58.72
C ALA B 963 -20.14 107.24 -59.84
N GLU B 964 -19.47 106.68 -60.85
CA GLU B 964 -18.89 107.47 -61.94
C GLU B 964 -18.91 106.69 -63.24
N ASN B 965 -18.85 107.42 -64.35
CA ASN B 965 -18.73 106.78 -65.66
C ASN B 965 -17.34 106.91 -66.27
N PRO B 966 -16.51 105.87 -66.19
CA PRO B 966 -15.18 105.94 -66.81
C PRO B 966 -15.21 106.17 -68.33
N VAL B 967 -16.30 105.78 -68.99
CA VAL B 967 -16.39 105.92 -70.45
C VAL B 967 -16.73 107.34 -70.91
N LYS B 968 -17.49 108.06 -70.10
CA LYS B 968 -17.77 109.46 -70.37
C LYS B 968 -17.12 110.40 -69.35
N ASP B 969 -15.79 110.32 -69.22
CA ASP B 969 -14.99 111.31 -68.51
C ASP B 969 -15.15 111.32 -66.98
N PHE B 970 -15.55 110.18 -66.40
CA PHE B 970 -15.70 110.06 -64.95
C PHE B 970 -16.70 111.09 -64.43
N ARG B 971 -17.75 111.25 -65.21
CA ARG B 971 -18.91 112.08 -64.93
C ARG B 971 -19.75 111.38 -63.87
N PRO B 972 -20.12 112.11 -62.80
CA PRO B 972 -20.84 111.51 -61.68
C PRO B 972 -22.17 110.91 -62.14
N SER B 973 -22.54 109.79 -61.54
CA SER B 973 -23.71 109.04 -61.97
C SER B 973 -24.68 108.82 -60.83
N PRO B 974 -25.63 109.74 -60.66
CA PRO B 974 -26.63 109.65 -59.60
C PRO B 974 -27.72 108.60 -59.88
N GLY B 975 -28.46 108.21 -58.84
CA GLY B 975 -29.57 107.30 -58.98
C GLY B 975 -29.77 106.32 -57.83
N GLN B 976 -30.85 105.55 -57.89
CA GLN B 976 -31.13 104.54 -56.87
C GLN B 976 -30.43 103.22 -57.09
N LEU B 977 -29.71 102.76 -56.08
CA LEU B 977 -29.09 101.46 -56.17
C LEU B 977 -30.17 100.40 -56.05
N THR B 978 -30.05 99.38 -56.90
CA THR B 978 -31.15 98.47 -57.20
C THR B 978 -30.81 97.07 -56.69
N SER B 979 -29.52 96.83 -56.50
CA SER B 979 -28.98 95.59 -55.98
C SER B 979 -27.55 95.90 -55.57
N VAL B 980 -27.16 95.48 -54.37
CA VAL B 980 -25.85 95.82 -53.82
C VAL B 980 -25.30 94.60 -53.13
N SER B 981 -24.27 94.00 -53.72
CA SER B 981 -23.58 92.90 -53.07
C SER B 981 -22.08 93.10 -52.96
N PHE B 982 -21.53 92.82 -51.78
CA PHE B 982 -20.09 92.90 -51.50
C PHE B 982 -19.55 91.59 -50.96
N PRO B 983 -18.29 91.25 -51.30
CA PRO B 983 -17.65 90.09 -50.67
C PRO B 983 -17.64 90.28 -49.14
N SER B 984 -18.22 89.33 -48.41
CA SER B 984 -18.30 89.43 -46.95
C SER B 984 -16.96 89.17 -46.24
N TRP B 985 -15.98 88.67 -46.98
CA TRP B 985 -14.73 88.25 -46.37
C TRP B 985 -13.67 89.35 -46.43
N ALA B 986 -13.87 90.29 -47.34
CA ALA B 986 -13.09 91.51 -47.34
C ALA B 986 -13.65 92.49 -46.33
N ARG B 987 -12.88 93.55 -46.06
CA ARG B 987 -13.44 94.67 -45.32
C ARG B 987 -13.92 95.66 -46.37
N VAL B 988 -15.17 96.05 -46.28
CA VAL B 988 -15.66 97.10 -47.17
C VAL B 988 -16.29 98.19 -46.33
N ASP B 989 -15.74 99.40 -46.45
CA ASP B 989 -16.26 100.54 -45.72
C ASP B 989 -17.14 101.21 -46.73
N THR B 990 -18.43 101.25 -46.42
CA THR B 990 -19.41 101.80 -47.32
C THR B 990 -20.51 102.44 -46.51
N TRP B 991 -21.51 102.98 -47.20
CA TRP B 991 -22.66 103.57 -46.55
C TRP B 991 -23.90 103.28 -47.36
N VAL B 992 -23.80 102.31 -48.26
CA VAL B 992 -24.87 102.02 -49.19
C VAL B 992 -25.32 100.56 -49.14
N LYS B 993 -26.57 100.37 -49.55
CA LYS B 993 -27.17 99.05 -49.71
C LYS B 993 -28.29 99.13 -50.75
N LYS B 994 -28.91 97.99 -51.01
CA LYS B 994 -30.10 97.93 -51.89
C LYS B 994 -31.00 99.06 -51.41
N GLY B 995 -31.42 99.96 -52.30
CA GLY B 995 -32.37 100.99 -51.90
C GLY B 995 -31.84 102.41 -51.87
N THR B 996 -30.58 102.56 -51.45
CA THR B 996 -29.93 103.85 -51.35
C THR B 996 -29.98 104.69 -52.61
N ASN B 997 -30.35 105.96 -52.41
CA ASN B 997 -30.30 106.97 -53.45
C ASN B 997 -28.98 107.72 -53.46
N VAL B 998 -28.23 107.56 -54.54
CA VAL B 998 -26.91 108.18 -54.64
C VAL B 998 -27.04 109.49 -55.42
N SER B 999 -26.71 110.59 -54.78
CA SER B 999 -26.82 111.90 -55.43
C SER B 999 -25.49 112.40 -55.97
N ALA B 1000 -25.57 113.45 -56.79
CA ALA B 1000 -24.38 113.99 -57.43
C ALA B 1000 -23.81 115.14 -56.62
N GLU B 1001 -24.51 115.50 -55.54
CA GLU B 1001 -24.15 116.67 -54.73
C GLU B 1001 -22.72 116.67 -54.15
N TYR B 1002 -22.37 115.68 -53.33
CA TYR B 1002 -21.21 115.82 -52.42
C TYR B 1002 -19.91 115.24 -52.96
N ASP B 1003 -19.97 114.03 -53.49
CA ASP B 1003 -18.79 113.19 -53.69
C ASP B 1003 -19.33 111.80 -53.98
N PRO B 1004 -18.84 111.19 -55.07
CA PRO B 1004 -19.51 109.98 -55.53
C PRO B 1004 -18.96 108.67 -54.97
N THR B 1005 -18.29 108.72 -53.83
CA THR B 1005 -17.80 107.50 -53.19
C THR B 1005 -18.96 106.58 -52.81
N LEU B 1006 -18.87 105.32 -53.20
CA LEU B 1006 -19.88 104.33 -52.86
C LEU B 1006 -19.39 103.46 -51.72
N ALA B 1007 -18.13 103.05 -51.84
CA ALA B 1007 -17.61 101.97 -51.04
C ALA B 1007 -16.11 101.92 -51.17
N LYS B 1008 -15.45 101.40 -50.14
CA LYS B 1008 -14.02 101.19 -50.23
C LYS B 1008 -13.84 99.72 -49.95
N ILE B 1009 -13.18 99.05 -50.88
CA ILE B 1009 -13.04 97.61 -50.84
C ILE B 1009 -11.60 97.30 -50.42
N ILE B 1010 -11.47 96.72 -49.23
CA ILE B 1010 -10.18 96.52 -48.61
C ILE B 1010 -9.86 95.07 -48.34
N VAL B 1011 -8.69 94.66 -48.84
CA VAL B 1011 -8.26 93.27 -48.85
C VAL B 1011 -6.92 93.07 -48.11
N HIS B 1012 -6.76 91.91 -47.45
CA HIS B 1012 -5.59 91.64 -46.59
C HIS B 1012 -4.99 90.29 -46.97
N GLY B 1013 -3.79 90.33 -47.53
CA GLY B 1013 -3.10 89.12 -47.93
C GLY B 1013 -1.77 88.89 -47.24
N LYS B 1014 -1.24 87.70 -47.42
CA LYS B 1014 0.03 87.29 -46.85
C LYS B 1014 1.19 88.16 -47.34
N ASP B 1015 1.05 88.66 -48.57
CA ASP B 1015 2.07 89.49 -49.22
C ASP B 1015 1.46 90.12 -50.46
N ARG B 1016 2.18 91.03 -51.10
CA ARG B 1016 1.66 91.77 -52.25
C ARG B 1016 0.91 90.90 -53.27
N ASN B 1017 1.50 89.77 -53.68
CA ASN B 1017 0.86 88.94 -54.70
C ASN B 1017 -0.44 88.33 -54.20
N ASP B 1018 -0.46 87.87 -52.95
CA ASP B 1018 -1.66 87.30 -52.36
C ASP B 1018 -2.76 88.36 -52.31
N ALA B 1019 -2.35 89.60 -52.09
CA ALA B 1019 -3.27 90.72 -51.90
C ALA B 1019 -3.87 91.16 -53.23
N ILE B 1020 -3.03 91.13 -54.27
CA ILE B 1020 -3.47 91.50 -55.62
C ILE B 1020 -4.49 90.49 -56.13
N MET B 1021 -4.27 89.21 -55.84
CA MET B 1021 -5.23 88.18 -56.24
C MET B 1021 -6.51 88.37 -55.45
N LYS B 1022 -6.40 88.59 -54.14
CA LYS B 1022 -7.58 88.79 -53.30
C LYS B 1022 -8.38 89.99 -53.79
N LEU B 1023 -7.69 90.99 -54.33
CA LEU B 1023 -8.35 92.25 -54.63
C LEU B 1023 -9.14 92.03 -55.90
N ASN B 1024 -8.55 91.30 -56.84
CA ASN B 1024 -9.26 90.93 -58.05
C ASN B 1024 -10.53 90.12 -57.73
N GLN B 1025 -10.42 89.10 -56.87
CA GLN B 1025 -11.61 88.30 -56.54
C GLN B 1025 -12.66 89.22 -55.92
N ALA B 1026 -12.25 90.04 -54.94
CA ALA B 1026 -13.17 90.98 -54.30
C ALA B 1026 -13.92 91.85 -55.31
N LEU B 1027 -13.18 92.45 -56.24
CA LEU B 1027 -13.76 93.28 -57.31
C LEU B 1027 -14.74 92.48 -58.18
N ASN B 1028 -14.40 91.21 -58.42
CA ASN B 1028 -15.21 90.30 -59.23
C ASN B 1028 -16.53 90.00 -58.53
N GLU B 1029 -16.50 90.13 -57.22
CA GLU B 1029 -17.54 89.63 -56.33
C GLU B 1029 -18.40 90.79 -55.86
N THR B 1030 -18.06 91.97 -56.38
CA THR B 1030 -18.75 93.22 -56.05
C THR B 1030 -19.81 93.50 -57.13
N ALA B 1031 -21.07 93.39 -56.74
CA ALA B 1031 -22.18 93.69 -57.65
C ALA B 1031 -23.02 94.85 -57.16
N VAL B 1032 -22.85 95.99 -57.81
CA VAL B 1032 -23.61 97.17 -57.49
C VAL B 1032 -24.30 97.75 -58.74
N TYR B 1033 -25.62 97.86 -58.71
CA TYR B 1033 -26.40 98.19 -59.90
C TYR B 1033 -27.45 99.27 -59.60
N GLY B 1034 -27.72 100.14 -60.55
CA GLY B 1034 -28.62 101.26 -60.30
C GLY B 1034 -27.94 102.59 -60.59
N CYS B 1035 -26.62 102.58 -60.47
CA CYS B 1035 -25.79 103.70 -60.86
C CYS B 1035 -24.70 103.16 -61.77
N ILE B 1036 -24.15 104.00 -62.63
CA ILE B 1036 -22.90 103.63 -63.27
C ILE B 1036 -21.80 103.70 -62.23
N THR B 1037 -20.93 102.69 -62.22
CA THR B 1037 -19.83 102.65 -61.27
C THR B 1037 -18.52 102.57 -62.01
N ASN B 1038 -17.42 102.53 -61.27
CA ASN B 1038 -16.12 102.44 -61.91
C ASN B 1038 -15.55 101.03 -61.71
N ILE B 1039 -16.44 100.08 -61.47
CA ILE B 1039 -16.04 98.74 -61.05
C ILE B 1039 -15.23 98.08 -62.18
N ASP B 1040 -15.70 98.21 -63.42
CA ASP B 1040 -15.04 97.57 -64.56
C ASP B 1040 -13.66 98.17 -64.77
N TYR B 1041 -13.61 99.50 -64.72
CA TYR B 1041 -12.38 100.26 -64.72
C TYR B 1041 -11.41 99.80 -63.62
N LEU B 1042 -11.91 99.65 -62.39
CA LEU B 1042 -11.13 99.09 -61.28
C LEU B 1042 -10.58 97.72 -61.59
N ARG B 1043 -11.43 96.90 -62.20
CA ARG B 1043 -11.14 95.50 -62.44
C ARG B 1043 -9.99 95.37 -63.40
N SER B 1044 -10.08 96.10 -64.51
CA SER B 1044 -9.03 96.24 -65.50
C SER B 1044 -7.68 96.69 -64.90
N ILE B 1045 -7.70 97.72 -64.05
CA ILE B 1045 -6.48 98.15 -63.37
C ILE B 1045 -5.91 97.07 -62.42
N ALA B 1046 -6.70 96.68 -61.42
CA ALA B 1046 -6.33 95.57 -60.53
C ALA B 1046 -5.78 94.33 -61.26
N SER B 1047 -6.15 94.18 -62.53
CA SER B 1047 -5.81 93.00 -63.35
C SER B 1047 -4.57 93.23 -64.22
N SER B 1048 -4.17 94.48 -64.40
CA SER B 1048 -3.15 94.84 -65.40
C SER B 1048 -1.81 94.18 -65.12
N LYS B 1049 -0.99 94.09 -66.16
CA LYS B 1049 0.37 93.60 -66.03
C LYS B 1049 1.11 94.67 -65.24
N MET B 1050 0.87 95.92 -65.60
CA MET B 1050 1.38 97.10 -64.88
C MET B 1050 1.30 96.94 -63.37
N PHE B 1051 0.07 96.92 -62.82
CA PHE B 1051 -0.11 96.87 -61.37
C PHE B 1051 0.66 95.71 -60.74
N LYS B 1052 0.63 94.54 -61.39
CA LYS B 1052 1.27 93.36 -60.81
C LYS B 1052 2.79 93.46 -60.77
N GLU B 1053 3.39 94.00 -61.84
CA GLU B 1053 4.84 94.11 -61.91
C GLU B 1053 5.29 95.32 -61.07
N ALA B 1054 4.29 96.08 -60.59
CA ALA B 1054 4.48 97.22 -59.68
C ALA B 1054 5.08 98.43 -60.37
N LYS B 1055 4.96 98.49 -61.70
CA LYS B 1055 5.43 99.63 -62.46
C LYS B 1055 4.42 100.77 -62.29
N VAL B 1056 4.19 101.16 -61.04
CA VAL B 1056 3.23 102.19 -60.66
C VAL B 1056 3.88 103.57 -60.51
N ALA B 1057 3.21 104.59 -61.01
CA ALA B 1057 3.66 105.95 -60.81
C ALA B 1057 2.48 106.91 -60.83
N THR B 1058 2.64 108.06 -60.18
CA THR B 1058 1.60 109.10 -60.12
C THR B 1058 1.05 109.47 -61.52
N LYS B 1059 1.70 108.97 -62.55
CA LYS B 1059 1.42 109.35 -63.93
C LYS B 1059 0.66 108.27 -64.70
N VAL B 1060 0.85 107.02 -64.31
CA VAL B 1060 0.36 105.85 -65.04
C VAL B 1060 -1.11 105.91 -65.47
N LEU B 1061 -2.02 106.06 -64.50
CA LEU B 1061 -3.46 106.07 -64.78
C LEU B 1061 -3.90 107.15 -65.77
N ASP B 1062 -3.10 108.19 -65.92
CA ASP B 1062 -3.41 109.25 -66.88
C ASP B 1062 -3.20 108.81 -68.33
N SER B 1063 -2.38 107.77 -68.54
CA SER B 1063 -2.26 107.20 -69.88
C SER B 1063 -2.55 105.71 -69.88
N PHE B 1064 -3.61 105.32 -69.18
CA PHE B 1064 -3.96 103.91 -69.03
C PHE B 1064 -5.00 103.53 -70.08
N ASP B 1065 -4.72 102.45 -70.81
CA ASP B 1065 -5.62 102.01 -71.87
C ASP B 1065 -6.83 101.26 -71.31
N TYR B 1066 -7.95 101.95 -71.16
CA TYR B 1066 -9.17 101.33 -70.68
C TYR B 1066 -10.18 101.12 -71.80
N LYS B 1067 -10.44 99.86 -72.11
CA LYS B 1067 -11.47 99.49 -73.07
C LYS B 1067 -12.53 98.56 -72.46
N PRO B 1068 -13.75 99.11 -72.27
CA PRO B 1068 -14.96 98.39 -71.84
C PRO B 1068 -15.40 97.34 -72.84
N CYS B 1069 -15.58 96.10 -72.39
CA CYS B 1069 -16.15 95.09 -73.26
C CYS B 1069 -17.66 95.31 -73.34
N ALA B 1070 -18.07 96.25 -74.20
CA ALA B 1070 -19.38 96.90 -74.09
C ALA B 1070 -19.69 97.73 -75.33
N PHE B 1071 -20.95 98.13 -75.51
CA PHE B 1071 -21.23 99.15 -76.51
C PHE B 1071 -21.70 100.44 -75.84
N GLU B 1072 -21.93 101.48 -76.64
CA GLU B 1072 -22.28 102.80 -76.12
C GLU B 1072 -23.34 103.45 -77.01
N VAL B 1073 -24.31 104.10 -76.38
CA VAL B 1073 -25.45 104.63 -77.11
C VAL B 1073 -25.18 106.05 -77.60
N LEU B 1074 -24.81 106.17 -78.87
CA LEU B 1074 -24.63 107.48 -79.48
C LEU B 1074 -25.98 108.17 -79.67
N ALA B 1075 -27.03 107.36 -79.84
CA ALA B 1075 -28.40 107.85 -79.94
C ALA B 1075 -29.34 106.74 -79.54
N PRO B 1076 -30.45 107.07 -78.88
CA PRO B 1076 -31.23 106.02 -78.24
C PRO B 1076 -32.25 105.28 -79.11
N GLY B 1077 -32.82 105.94 -80.11
CA GLY B 1077 -33.99 105.41 -80.79
C GLY B 1077 -35.24 105.75 -79.99
N ALA B 1078 -36.41 105.66 -80.61
CA ALA B 1078 -37.67 106.05 -79.95
C ALA B 1078 -38.05 105.27 -78.69
N ASN B 1079 -37.67 104.00 -78.63
CA ASN B 1079 -38.07 103.14 -77.51
C ASN B 1079 -37.31 101.82 -77.48
N THR B 1080 -36.04 101.90 -77.12
CA THR B 1080 -35.15 100.76 -77.22
C THR B 1080 -34.96 100.13 -75.84
N SER B 1081 -35.30 98.85 -75.70
CA SER B 1081 -35.25 98.17 -74.41
C SER B 1081 -34.58 96.79 -74.44
N VAL B 1082 -33.78 96.52 -73.41
CA VAL B 1082 -33.32 95.15 -73.20
C VAL B 1082 -34.52 94.22 -72.92
N GLN B 1083 -34.60 93.12 -73.64
CA GLN B 1083 -35.67 92.15 -73.42
C GLN B 1083 -35.09 90.73 -73.46
N ASP B 1084 -35.78 89.79 -72.84
CA ASP B 1084 -35.46 88.37 -73.04
C ASP B 1084 -36.72 87.52 -73.12
N TYR B 1085 -36.52 86.23 -73.38
CA TYR B 1085 -37.63 85.34 -73.75
C TYR B 1085 -37.51 83.98 -73.06
N PRO B 1086 -38.59 83.51 -72.42
CA PRO B 1086 -39.99 83.98 -72.52
C PRO B 1086 -40.31 85.25 -71.72
N GLY B 1087 -39.36 85.74 -70.94
CA GLY B 1087 -39.60 86.97 -70.20
C GLY B 1087 -39.84 86.69 -68.73
N ARG B 1088 -40.58 87.58 -68.09
CA ARG B 1088 -40.74 87.51 -66.64
C ARG B 1088 -41.93 86.62 -66.36
N THR B 1089 -41.75 85.31 -66.48
CA THR B 1089 -42.87 84.41 -66.28
C THR B 1089 -42.90 84.00 -64.82
N GLY B 1090 -44.04 83.50 -64.36
CA GLY B 1090 -44.12 82.96 -63.01
C GLY B 1090 -45.05 83.72 -62.09
N TYR B 1091 -45.55 84.86 -62.53
CA TYR B 1091 -46.15 85.83 -61.61
C TYR B 1091 -47.38 86.55 -62.16
N TRP B 1092 -48.02 86.01 -63.17
CA TRP B 1092 -49.26 86.60 -63.70
C TRP B 1092 -50.39 86.72 -62.67
N ARG B 1093 -50.44 85.80 -61.71
CA ARG B 1093 -51.46 85.83 -60.67
C ARG B 1093 -51.28 87.05 -59.78
N ILE B 1094 -50.07 87.61 -59.82
CA ILE B 1094 -49.74 88.83 -59.09
C ILE B 1094 -49.95 90.07 -59.94
N GLY B 1095 -49.91 89.90 -61.25
CA GLY B 1095 -50.04 91.04 -62.14
C GLY B 1095 -48.67 91.58 -62.47
N VAL B 1096 -47.71 90.68 -62.52
CA VAL B 1096 -46.40 91.00 -63.06
C VAL B 1096 -46.44 90.46 -64.47
N PRO B 1097 -46.36 91.34 -65.46
CA PRO B 1097 -46.45 90.82 -66.82
C PRO B 1097 -45.12 90.19 -67.23
N PRO B 1098 -45.14 89.37 -68.28
CA PRO B 1098 -43.90 88.73 -68.73
C PRO B 1098 -42.91 89.73 -69.31
N SER B 1099 -43.44 90.80 -69.93
CA SER B 1099 -42.63 91.73 -70.69
C SER B 1099 -41.97 90.92 -71.78
N GLY B 1100 -40.66 91.06 -71.96
CA GLY B 1100 -40.03 90.39 -73.08
C GLY B 1100 -40.46 91.00 -74.39
N PRO B 1101 -40.07 90.39 -75.51
CA PRO B 1101 -40.34 90.98 -76.83
C PRO B 1101 -41.82 90.94 -77.19
N MET B 1102 -42.25 92.03 -77.83
CA MET B 1102 -43.60 92.18 -78.32
C MET B 1102 -43.90 91.29 -79.53
N ASP B 1103 -42.87 90.99 -80.30
CA ASP B 1103 -42.96 90.04 -81.39
C ASP B 1103 -41.92 89.01 -81.04
N SER B 1104 -42.33 87.90 -80.44
CA SER B 1104 -41.35 86.98 -79.93
C SER B 1104 -40.67 86.14 -81.02
N TYR B 1105 -41.30 85.98 -82.17
CA TYR B 1105 -40.67 85.18 -83.23
C TYR B 1105 -39.42 85.82 -83.81
N SER B 1106 -39.55 87.05 -84.30
CA SER B 1106 -38.39 87.79 -84.76
C SER B 1106 -37.30 87.86 -83.72
N PHE B 1107 -37.68 88.00 -82.45
CA PHE B 1107 -36.72 88.16 -81.37
C PHE B 1107 -35.86 86.90 -81.33
N ARG B 1108 -36.51 85.75 -81.43
CA ARG B 1108 -35.82 84.49 -81.27
C ARG B 1108 -35.05 84.14 -82.53
N LEU B 1109 -35.56 84.56 -83.69
CA LEU B 1109 -34.78 84.45 -84.91
C LEU B 1109 -33.49 85.21 -84.70
N ALA B 1110 -33.61 86.47 -84.28
CA ALA B 1110 -32.44 87.33 -84.17
C ALA B 1110 -31.39 86.67 -83.27
N ASN B 1111 -31.83 86.21 -82.11
CA ASN B 1111 -30.93 85.48 -81.22
C ASN B 1111 -30.29 84.28 -81.91
N ARG B 1112 -31.12 83.45 -82.56
CA ARG B 1112 -30.62 82.23 -83.19
C ARG B 1112 -29.58 82.52 -84.29
N VAL B 1113 -29.79 83.59 -85.04
CA VAL B 1113 -28.95 83.89 -86.20
C VAL B 1113 -27.51 84.07 -85.72
N VAL B 1114 -27.37 84.45 -84.47
CA VAL B 1114 -26.06 84.75 -83.93
C VAL B 1114 -25.58 83.59 -83.05
N GLY B 1115 -26.42 82.58 -82.91
CA GLY B 1115 -26.06 81.40 -82.15
C GLY B 1115 -26.17 81.53 -80.64
N ASN B 1116 -26.92 82.53 -80.17
CA ASN B 1116 -27.20 82.69 -78.73
C ASN B 1116 -28.05 81.56 -78.18
N ASN B 1117 -27.75 81.10 -76.97
CA ASN B 1117 -28.76 80.46 -76.12
C ASN B 1117 -30.04 81.30 -76.11
N SER B 1118 -31.21 80.65 -76.04
CA SER B 1118 -32.48 81.36 -76.25
C SER B 1118 -32.83 82.27 -75.08
N LYS B 1119 -32.09 82.11 -73.99
CA LYS B 1119 -32.28 82.96 -72.83
C LYS B 1119 -31.48 84.26 -72.91
N SER B 1120 -30.77 84.48 -74.01
CA SER B 1120 -29.91 85.67 -74.13
C SER B 1120 -30.74 86.93 -74.29
N PRO B 1121 -30.32 88.04 -73.66
CA PRO B 1121 -31.09 89.25 -73.90
C PRO B 1121 -30.62 90.02 -75.11
N ALA B 1122 -31.54 90.80 -75.67
CA ALA B 1122 -31.36 91.44 -76.95
C ALA B 1122 -32.07 92.78 -76.85
N LEU B 1123 -31.94 93.63 -77.86
CA LEU B 1123 -32.69 94.88 -77.84
C LEU B 1123 -33.92 94.85 -78.74
N GLU B 1124 -35.02 95.31 -78.17
CA GLU B 1124 -36.23 95.57 -78.96
C GLU B 1124 -36.18 97.02 -79.43
N ILE B 1125 -36.19 97.18 -80.74
CA ILE B 1125 -36.32 98.49 -81.34
C ILE B 1125 -37.75 98.78 -81.76
N THR B 1126 -38.27 99.94 -81.37
CA THR B 1126 -39.62 100.31 -81.77
C THR B 1126 -39.62 101.60 -82.63
N LEU B 1127 -40.20 101.49 -83.83
CA LEU B 1127 -40.38 102.61 -84.78
C LEU B 1127 -39.10 103.19 -85.38
N ASN B 1128 -38.10 103.48 -84.56
CA ASN B 1128 -36.75 103.71 -85.10
C ASN B 1128 -35.66 103.45 -84.07
N GLY B 1129 -34.50 103.03 -84.55
CA GLY B 1129 -33.49 102.48 -83.66
C GLY B 1129 -32.39 103.43 -83.24
N PRO B 1130 -31.43 102.91 -82.49
CA PRO B 1130 -30.29 103.66 -81.93
C PRO B 1130 -29.11 103.70 -82.88
N LYS B 1131 -28.15 104.59 -82.66
CA LYS B 1131 -26.85 104.35 -83.26
C LYS B 1131 -25.90 104.02 -82.12
N LEU B 1132 -25.14 102.94 -82.28
CA LEU B 1132 -24.32 102.41 -81.20
C LEU B 1132 -22.85 102.38 -81.59
N LEU B 1133 -21.99 102.74 -80.65
CA LEU B 1133 -20.56 102.61 -80.84
C LEU B 1133 -20.08 101.37 -80.11
N PHE B 1134 -19.36 100.51 -80.80
CA PHE B 1134 -18.90 99.28 -80.20
C PHE B 1134 -17.46 99.45 -79.75
N HIS B 1135 -17.17 99.04 -78.53
CA HIS B 1135 -15.87 99.28 -77.93
C HIS B 1135 -15.06 97.99 -77.92
N THR B 1136 -15.65 96.96 -78.50
CA THR B 1136 -15.08 95.63 -78.49
C THR B 1136 -15.63 94.91 -79.71
N GLU B 1137 -15.24 93.67 -79.93
CA GLU B 1137 -15.67 92.97 -81.14
C GLU B 1137 -16.72 91.92 -80.81
N THR B 1138 -17.62 91.68 -81.77
CA THR B 1138 -18.69 90.72 -81.59
C THR B 1138 -19.43 90.45 -82.90
N VAL B 1139 -20.47 89.62 -82.82
CA VAL B 1139 -21.37 89.42 -83.95
C VAL B 1139 -22.74 89.99 -83.64
N ILE B 1140 -23.43 90.44 -84.68
CA ILE B 1140 -24.68 91.18 -84.52
C ILE B 1140 -25.67 90.67 -85.56
N ALA B 1141 -26.96 90.83 -85.28
CA ALA B 1141 -27.98 90.59 -86.29
C ALA B 1141 -29.22 91.41 -85.99
N VAL B 1142 -29.99 91.65 -87.04
CA VAL B 1142 -31.21 92.38 -86.89
C VAL B 1142 -32.33 91.62 -87.57
N SER B 1143 -33.48 91.55 -86.92
CA SER B 1143 -34.60 90.79 -87.45
C SER B 1143 -35.89 91.50 -87.03
N GLY B 1144 -36.96 91.26 -87.79
CA GLY B 1144 -38.23 91.89 -87.50
C GLY B 1144 -38.70 92.72 -88.67
N GLY B 1145 -39.13 93.93 -88.39
CA GLY B 1145 -39.59 94.84 -89.41
C GLY B 1145 -38.49 95.18 -90.40
N THR B 1146 -38.88 95.83 -91.50
CA THR B 1146 -37.91 96.38 -92.44
C THR B 1146 -37.35 97.68 -91.89
N VAL B 1147 -36.04 97.68 -91.71
CA VAL B 1147 -35.30 98.85 -91.23
C VAL B 1147 -34.01 98.89 -91.99
N SER B 1148 -33.63 100.07 -92.45
CA SER B 1148 -32.31 100.23 -93.02
C SER B 1148 -31.31 100.16 -91.87
N CYS B 1149 -30.24 99.39 -92.03
CA CYS B 1149 -29.23 99.22 -90.98
C CYS B 1149 -27.84 99.45 -91.51
N THR B 1150 -27.09 100.23 -90.73
CA THR B 1150 -25.81 100.77 -91.14
C THR B 1150 -24.69 100.17 -90.31
N LEU B 1151 -23.61 99.74 -90.96
CA LEU B 1151 -22.37 99.55 -90.23
C LEU B 1151 -21.27 100.40 -90.86
N ASN B 1152 -20.78 101.36 -90.08
CA ASN B 1152 -19.87 102.38 -90.57
C ASN B 1152 -20.35 102.89 -91.93
N ASP B 1153 -21.67 103.05 -92.05
CA ASP B 1153 -22.37 103.69 -93.17
C ASP B 1153 -22.68 102.78 -94.37
N ALA B 1154 -22.07 101.61 -94.44
CA ALA B 1154 -22.47 100.65 -95.46
C ALA B 1154 -23.69 99.86 -94.98
N GLN B 1155 -24.78 99.90 -95.76
CA GLN B 1155 -25.93 99.02 -95.55
C GLN B 1155 -25.52 97.60 -95.21
N ILE B 1156 -26.30 97.01 -94.31
CA ILE B 1156 -25.98 95.72 -93.75
C ILE B 1156 -27.27 94.91 -93.86
N ALA B 1157 -27.17 93.58 -93.98
CA ALA B 1157 -28.37 92.74 -94.16
C ALA B 1157 -29.05 92.32 -92.87
N GLN B 1158 -30.37 92.21 -92.92
CA GLN B 1158 -31.13 91.57 -91.84
C GLN B 1158 -30.99 90.06 -91.89
N ASN B 1159 -31.08 89.42 -90.72
CA ASN B 1159 -31.16 87.96 -90.60
C ASN B 1159 -29.82 87.27 -90.90
N GLU B 1160 -28.76 88.05 -91.04
CA GLU B 1160 -27.43 87.48 -91.24
C GLU B 1160 -26.52 87.86 -90.07
N PRO B 1161 -25.56 86.98 -89.74
CA PRO B 1161 -24.57 87.33 -88.71
C PRO B 1161 -23.56 88.34 -89.23
N ILE B 1162 -23.69 89.60 -88.79
CA ILE B 1162 -22.69 90.61 -89.08
C ILE B 1162 -21.57 90.70 -88.03
N GLU B 1163 -20.34 90.58 -88.50
CA GLU B 1163 -19.14 90.74 -87.68
C GLU B 1163 -18.78 92.21 -87.42
N VAL B 1164 -18.72 92.61 -86.16
CA VAL B 1164 -18.53 94.02 -85.80
C VAL B 1164 -17.13 94.15 -85.20
N LYS B 1165 -16.42 95.25 -85.47
CA LYS B 1165 -14.99 95.27 -85.17
C LYS B 1165 -14.54 95.88 -83.84
N ARG B 1166 -14.99 97.11 -83.53
CA ARG B 1166 -14.44 98.02 -82.49
C ARG B 1166 -14.08 99.39 -83.07
N GLY B 1167 -14.76 100.45 -82.62
CA GLY B 1167 -14.86 101.69 -83.37
C GLY B 1167 -15.98 101.67 -84.38
N ASP B 1168 -16.61 100.51 -84.53
CA ASP B 1168 -17.73 100.38 -85.46
C ASP B 1168 -18.93 101.10 -84.93
N ILE B 1169 -19.62 101.80 -85.80
CA ILE B 1169 -20.91 102.35 -85.47
C ILE B 1169 -22.00 101.60 -86.23
N LEU B 1170 -22.79 100.86 -85.46
CA LEU B 1170 -24.00 100.26 -85.97
C LEU B 1170 -25.14 101.25 -85.79
N SER B 1171 -25.98 101.39 -86.81
CA SER B 1171 -27.11 102.29 -86.71
C SER B 1171 -28.29 101.68 -87.44
N VAL B 1172 -29.41 101.58 -86.75
CA VAL B 1172 -30.64 101.11 -87.39
C VAL B 1172 -31.70 102.20 -87.31
N GLY B 1173 -32.27 102.51 -88.47
CA GLY B 1173 -33.06 103.70 -88.71
C GLY B 1173 -34.53 103.46 -88.47
N LYS B 1174 -35.36 103.88 -89.41
CA LYS B 1174 -36.80 103.89 -89.23
C LYS B 1174 -37.34 102.56 -89.70
N VAL B 1175 -38.37 102.08 -89.02
CA VAL B 1175 -39.03 100.86 -89.42
C VAL B 1175 -40.07 101.18 -90.47
N THR B 1176 -39.81 100.71 -91.69
CA THR B 1176 -40.65 100.99 -92.84
C THR B 1176 -41.87 100.06 -92.89
N VAL B 1177 -41.69 98.80 -92.51
CA VAL B 1177 -42.74 97.79 -92.61
C VAL B 1177 -42.79 97.13 -91.23
N GLY B 1178 -43.95 97.14 -90.59
CA GLY B 1178 -44.06 96.67 -89.22
C GLY B 1178 -43.73 97.76 -88.20
N CYS B 1179 -43.69 97.37 -86.94
CA CYS B 1179 -43.44 98.30 -85.85
C CYS B 1179 -42.06 98.14 -85.21
N ARG B 1180 -41.55 96.92 -85.20
CA ARG B 1180 -40.48 96.59 -84.28
C ARG B 1180 -39.43 95.71 -84.94
N ALA B 1181 -38.18 95.88 -84.51
CA ALA B 1181 -37.11 94.97 -84.91
C ALA B 1181 -36.25 94.61 -83.72
N TYR B 1182 -35.32 93.69 -83.93
CA TYR B 1182 -34.55 93.15 -82.82
C TYR B 1182 -33.09 93.02 -83.13
N LEU B 1183 -32.28 93.54 -82.22
CA LEU B 1183 -30.85 93.57 -82.41
C LEU B 1183 -30.16 92.65 -81.41
N SER B 1184 -29.63 91.53 -81.91
CA SER B 1184 -29.00 90.56 -81.03
C SER B 1184 -27.49 90.71 -81.09
N ILE B 1185 -26.82 90.24 -80.03
CA ILE B 1185 -25.39 90.38 -79.85
C ILE B 1185 -24.92 89.02 -79.39
N ARG B 1186 -23.91 88.45 -80.03
CA ARG B 1186 -23.43 87.15 -79.61
C ARG B 1186 -23.07 87.23 -78.13
N GLY B 1187 -23.60 86.30 -77.35
CA GLY B 1187 -23.34 86.28 -75.93
C GLY B 1187 -24.34 87.06 -75.09
N GLY B 1188 -25.15 87.91 -75.73
CA GLY B 1188 -26.22 88.57 -75.01
C GLY B 1188 -25.74 89.83 -74.30
N ILE B 1189 -26.67 90.59 -73.73
CA ILE B 1189 -26.31 91.82 -73.04
C ILE B 1189 -26.26 91.62 -71.51
N ASP B 1190 -25.31 92.27 -70.82
CA ASP B 1190 -25.09 91.94 -69.41
C ASP B 1190 -25.75 92.91 -68.45
N VAL B 1191 -26.88 92.46 -67.93
CA VAL B 1191 -27.74 93.30 -67.14
C VAL B 1191 -28.31 92.39 -66.04
N PRO B 1192 -28.49 92.92 -64.82
CA PRO B 1192 -28.97 92.03 -63.75
C PRO B 1192 -30.40 91.55 -63.95
N GLU B 1193 -30.69 90.34 -63.48
CA GLU B 1193 -32.06 89.83 -63.44
C GLU B 1193 -32.89 90.52 -62.37
N TYR B 1194 -34.19 90.58 -62.61
CA TYR B 1194 -35.14 90.91 -61.57
C TYR B 1194 -36.29 89.93 -61.71
N LEU B 1195 -36.66 89.27 -60.62
CA LEU B 1195 -37.70 88.25 -60.63
C LEU B 1195 -37.56 87.22 -61.75
N GLY B 1196 -36.32 86.78 -62.01
CA GLY B 1196 -36.09 85.67 -62.91
C GLY B 1196 -35.71 86.05 -64.34
N SER B 1197 -35.79 87.34 -64.64
CA SER B 1197 -35.71 87.77 -66.04
C SER B 1197 -35.00 89.11 -66.15
N ARG B 1198 -34.28 89.25 -67.27
CA ARG B 1198 -33.61 90.50 -67.61
C ARG B 1198 -34.50 91.42 -68.45
N SER B 1199 -35.78 91.11 -68.58
CA SER B 1199 -36.67 91.92 -69.42
C SER B 1199 -37.02 93.25 -68.73
N THR B 1200 -37.13 94.29 -69.55
CA THR B 1200 -37.52 95.62 -69.07
C THR B 1200 -39.03 95.77 -68.95
N PHE B 1201 -39.50 96.09 -67.76
CA PHE B 1201 -40.89 96.54 -67.58
C PHE B 1201 -40.86 98.02 -67.21
N ALA B 1202 -41.01 98.88 -68.21
CA ALA B 1202 -40.69 100.28 -68.03
C ALA B 1202 -41.61 100.95 -67.03
N MET B 1203 -42.90 100.74 -67.22
CA MET B 1203 -43.92 101.16 -66.29
C MET B 1203 -43.53 100.94 -64.82
N GLY B 1204 -42.93 99.78 -64.53
CA GLY B 1204 -42.56 99.46 -63.16
C GLY B 1204 -41.11 99.73 -62.83
N ASN B 1205 -40.37 100.40 -63.72
CA ASN B 1205 -38.93 100.67 -63.54
C ASN B 1205 -38.19 99.43 -63.10
N MET B 1206 -38.49 98.34 -63.81
CA MET B 1206 -38.08 97.00 -63.44
C MET B 1206 -37.28 96.36 -64.56
N GLY B 1207 -36.12 95.80 -64.24
CA GLY B 1207 -35.42 94.94 -65.18
C GLY B 1207 -34.71 95.75 -66.24
N GLY B 1208 -34.19 95.05 -67.25
CA GLY B 1208 -33.50 95.69 -68.36
C GLY B 1208 -32.32 96.53 -67.94
N TYR B 1209 -32.03 97.57 -68.73
CA TYR B 1209 -31.05 98.56 -68.31
C TYR B 1209 -31.65 99.56 -67.33
N ASN B 1210 -31.46 99.27 -66.06
CA ASN B 1210 -31.96 100.08 -64.94
C ASN B 1210 -33.42 100.52 -65.10
N GLY B 1211 -34.28 99.57 -65.41
CA GLY B 1211 -35.71 99.82 -65.45
C GLY B 1211 -36.30 100.72 -66.52
N ARG B 1212 -35.55 101.03 -67.59
CA ARG B 1212 -36.05 101.98 -68.58
C ARG B 1212 -35.48 101.75 -69.98
N ILE B 1213 -36.07 102.43 -70.97
CA ILE B 1213 -35.53 102.52 -72.33
C ILE B 1213 -34.17 103.19 -72.34
N LEU B 1214 -33.37 102.89 -73.36
CA LEU B 1214 -32.02 103.42 -73.45
C LEU B 1214 -32.00 104.95 -73.65
N LYS B 1215 -30.89 105.55 -73.26
CA LYS B 1215 -30.70 106.99 -73.35
C LYS B 1215 -29.35 107.34 -73.96
N LEU B 1216 -29.27 108.51 -74.57
CA LEU B 1216 -28.01 109.01 -75.10
C LEU B 1216 -26.96 108.91 -74.00
N GLY B 1217 -25.84 108.27 -74.32
CA GLY B 1217 -24.79 108.12 -73.32
C GLY B 1217 -24.70 106.80 -72.57
N ASP B 1218 -25.80 106.04 -72.49
CA ASP B 1218 -25.72 104.72 -71.84
C ASP B 1218 -24.61 103.84 -72.40
N VAL B 1219 -24.17 102.92 -71.55
CA VAL B 1219 -23.08 102.01 -71.84
C VAL B 1219 -23.44 100.60 -71.44
N LEU B 1220 -23.65 99.72 -72.42
CA LEU B 1220 -24.06 98.36 -72.10
C LEU B 1220 -22.99 97.32 -72.32
N PHE B 1221 -22.81 96.47 -71.30
CA PHE B 1221 -21.74 95.49 -71.26
C PHE B 1221 -22.08 94.14 -71.90
N LEU B 1222 -21.09 93.52 -72.53
CA LEU B 1222 -21.27 92.23 -73.18
C LEU B 1222 -20.61 91.10 -72.41
N ASN B 1223 -20.65 89.92 -73.01
CA ASN B 1223 -20.18 88.73 -72.33
C ASN B 1223 -19.07 88.04 -73.16
N GLN B 1224 -17.95 88.71 -73.35
CA GLN B 1224 -16.78 88.08 -73.97
C GLN B 1224 -16.19 87.07 -72.98
N PRO B 1225 -16.26 85.75 -73.29
CA PRO B 1225 -15.81 84.73 -72.31
C PRO B 1225 -14.41 84.95 -71.71
N GLU B 1226 -13.44 85.36 -72.53
CA GLU B 1226 -12.10 85.64 -72.01
C GLU B 1226 -12.00 86.92 -71.16
N LEU B 1227 -12.63 88.02 -71.60
CA LEU B 1227 -12.62 89.27 -70.81
C LEU B 1227 -13.84 89.43 -69.87
N SER B 1228 -14.47 88.33 -69.45
CA SER B 1228 -15.66 88.43 -68.59
C SER B 1228 -15.77 87.47 -67.42
N VAL B 1229 -16.29 88.03 -66.34
CA VAL B 1229 -16.92 87.31 -65.25
C VAL B 1229 -18.41 87.63 -65.35
N SER B 1230 -19.16 86.68 -65.89
CA SER B 1230 -20.57 86.89 -66.16
C SER B 1230 -21.39 85.63 -65.92
N SER B 1231 -22.67 85.81 -65.56
CA SER B 1231 -23.57 84.66 -65.40
C SER B 1231 -24.52 84.42 -66.59
N LEU B 1232 -24.34 85.22 -67.63
CA LEU B 1232 -25.04 85.02 -68.90
C LEU B 1232 -24.76 83.68 -69.56
N PRO B 1233 -25.78 83.06 -70.17
CA PRO B 1233 -25.56 81.78 -70.83
C PRO B 1233 -24.77 81.92 -72.14
N ALA B 1234 -23.60 81.29 -72.18
CA ALA B 1234 -22.77 81.15 -73.38
C ALA B 1234 -23.55 80.67 -74.61
N PRO B 1235 -23.14 81.13 -75.80
CA PRO B 1235 -23.86 80.76 -77.02
C PRO B 1235 -23.81 79.25 -77.29
N ASP B 1236 -24.82 78.74 -78.00
CA ASP B 1236 -25.00 77.31 -78.20
C ASP B 1236 -24.58 76.86 -79.59
N PHE B 1237 -24.52 77.81 -80.51
CA PHE B 1237 -24.57 77.51 -81.93
C PHE B 1237 -23.56 78.40 -82.65
N GLU B 1238 -23.10 77.98 -83.82
CA GLU B 1238 -22.28 78.85 -84.64
C GLU B 1238 -23.29 79.79 -85.30
N PRO B 1239 -22.90 81.06 -85.51
CA PRO B 1239 -23.81 82.02 -86.18
C PRO B 1239 -24.18 81.50 -87.58
N GLN B 1240 -25.40 81.80 -88.01
CA GLN B 1240 -25.89 81.36 -89.31
C GLN B 1240 -27.09 82.12 -89.81
N ALA B 1241 -27.03 82.55 -91.07
CA ALA B 1241 -28.09 83.32 -91.68
C ALA B 1241 -29.38 82.53 -91.49
N ALA B 1242 -30.46 83.21 -91.11
CA ALA B 1242 -31.73 82.50 -90.95
C ALA B 1242 -32.17 81.95 -92.30
N PRO B 1243 -32.48 80.64 -92.35
CA PRO B 1243 -33.11 80.11 -93.56
C PRO B 1243 -34.28 81.01 -93.92
N LYS B 1244 -34.52 81.24 -95.20
CA LYS B 1244 -35.52 82.25 -95.54
C LYS B 1244 -36.96 81.74 -95.46
N SER B 1245 -37.15 80.43 -95.50
CA SER B 1245 -38.48 79.87 -95.35
C SER B 1245 -38.96 80.02 -93.90
N LEU B 1246 -38.00 80.14 -92.98
CA LEU B 1246 -38.31 80.37 -91.56
C LEU B 1246 -38.61 81.81 -91.19
N LEU B 1247 -38.41 82.75 -92.11
CA LEU B 1247 -38.76 84.13 -91.83
C LEU B 1247 -40.28 84.30 -91.78
N PRO B 1248 -40.77 85.15 -90.87
CA PRO B 1248 -42.21 85.41 -90.80
C PRO B 1248 -42.66 86.31 -91.94
N THR B 1249 -43.93 86.16 -92.34
CA THR B 1249 -44.47 86.99 -93.41
C THR B 1249 -45.22 88.16 -92.79
N LEU B 1250 -44.55 89.30 -92.75
CA LEU B 1250 -45.15 90.55 -92.37
C LEU B 1250 -46.12 91.00 -93.46
N SER B 1251 -47.19 91.67 -93.08
CA SER B 1251 -48.07 92.28 -94.06
C SER B 1251 -47.31 93.23 -94.98
N THR B 1252 -47.92 93.54 -96.12
CA THR B 1252 -47.24 94.26 -97.17
C THR B 1252 -47.96 95.60 -97.41
N ASN B 1253 -49.09 95.78 -96.72
CA ASN B 1253 -50.06 96.82 -97.05
C ASN B 1253 -50.93 97.22 -95.88
N LYS B 1254 -50.34 97.18 -94.67
CA LYS B 1254 -50.93 97.70 -93.44
C LYS B 1254 -52.26 97.03 -93.17
N ASP B 1255 -52.33 95.74 -93.49
CA ASP B 1255 -53.54 94.94 -93.37
C ASP B 1255 -53.18 93.49 -93.06
N TRP B 1256 -53.91 92.89 -92.11
CA TRP B 1256 -53.45 91.66 -91.46
C TRP B 1256 -54.60 90.73 -91.10
N LYS B 1257 -54.35 89.42 -91.18
CA LYS B 1257 -55.31 88.48 -90.65
C LYS B 1257 -54.66 87.93 -89.40
N ILE B 1258 -55.41 87.91 -88.32
CA ILE B 1258 -54.83 87.55 -87.04
C ILE B 1258 -55.65 86.44 -86.37
N GLY B 1259 -55.05 85.26 -86.21
CA GLY B 1259 -55.75 84.10 -85.68
C GLY B 1259 -56.00 84.17 -84.19
N VAL B 1260 -57.21 83.78 -83.76
CA VAL B 1260 -57.57 83.80 -82.34
C VAL B 1260 -58.35 82.56 -81.97
N THR B 1261 -58.36 82.23 -80.68
CA THR B 1261 -59.30 81.27 -80.14
C THR B 1261 -60.49 82.03 -79.58
N CYS B 1262 -61.69 81.60 -79.93
CA CYS B 1262 -62.91 82.19 -79.40
C CYS B 1262 -63.00 82.06 -77.89
N GLY B 1263 -63.50 83.09 -77.21
CA GLY B 1263 -63.51 83.06 -75.76
C GLY B 1263 -62.60 84.01 -75.03
N PRO B 1264 -62.94 84.33 -73.77
CA PRO B 1264 -63.93 83.62 -72.94
C PRO B 1264 -65.40 84.03 -73.16
N HIS B 1265 -65.62 85.29 -73.47
CA HIS B 1265 -66.98 85.84 -73.39
C HIS B 1265 -67.69 86.05 -74.72
N GLY B 1266 -67.12 85.53 -75.80
CA GLY B 1266 -67.79 85.61 -77.10
C GLY B 1266 -69.00 84.70 -77.17
N SER B 1267 -69.95 84.90 -76.27
CA SER B 1267 -71.15 84.07 -76.14
C SER B 1267 -72.36 84.94 -75.84
N ILE B 1268 -73.56 84.42 -76.06
CA ILE B 1268 -74.71 85.31 -76.13
C ILE B 1268 -75.31 85.63 -74.75
N ASP B 1269 -74.69 85.12 -73.69
CA ASP B 1269 -75.04 85.56 -72.34
C ASP B 1269 -74.58 87.02 -72.12
N LEU B 1270 -73.62 87.46 -72.93
CA LEU B 1270 -72.99 88.78 -72.84
C LEU B 1270 -73.12 89.68 -74.10
N PHE B 1271 -72.76 89.16 -75.27
CA PHE B 1271 -72.92 89.88 -76.55
C PHE B 1271 -74.08 89.33 -77.37
N LYS B 1272 -74.78 90.19 -78.10
CA LYS B 1272 -75.74 89.71 -79.09
C LYS B 1272 -75.05 88.92 -80.19
N GLU B 1273 -75.67 87.82 -80.61
CA GLU B 1273 -75.30 87.08 -81.82
C GLU B 1273 -74.69 87.86 -82.99
N GLU B 1274 -75.43 88.82 -83.54
CA GLU B 1274 -74.95 89.51 -84.71
C GLU B 1274 -73.65 90.27 -84.41
N TYR B 1275 -73.50 90.86 -83.22
CA TYR B 1275 -72.24 91.54 -82.89
C TYR B 1275 -71.04 90.58 -82.89
N ILE B 1276 -71.21 89.37 -82.35
CA ILE B 1276 -70.21 88.30 -82.51
C ILE B 1276 -69.86 88.03 -83.98
N GLU B 1277 -70.86 87.93 -84.84
CA GLU B 1277 -70.61 87.87 -86.27
C GLU B 1277 -69.81 89.08 -86.73
N GLN B 1278 -70.30 90.30 -86.46
CA GLN B 1278 -69.61 91.53 -86.92
C GLN B 1278 -68.17 91.58 -86.43
N PHE B 1279 -67.94 91.09 -85.21
CA PHE B 1279 -66.62 91.11 -84.59
C PHE B 1279 -65.63 90.41 -85.53
N PHE B 1280 -66.05 89.28 -86.09
CA PHE B 1280 -65.19 88.48 -86.95
C PHE B 1280 -65.32 88.83 -88.43
N ASN B 1281 -66.46 89.41 -88.82
CA ASN B 1281 -66.64 89.83 -90.22
C ASN B 1281 -65.93 91.15 -90.59
N ASP B 1282 -66.12 92.19 -89.77
CA ASP B 1282 -65.49 93.51 -90.02
C ASP B 1282 -64.02 93.59 -89.67
N LYS B 1283 -63.39 94.63 -90.23
CA LYS B 1283 -61.99 94.91 -89.97
C LYS B 1283 -61.84 95.92 -88.84
N TRP B 1284 -60.70 95.86 -88.17
CA TRP B 1284 -60.45 96.74 -87.04
C TRP B 1284 -59.26 97.62 -87.37
N LYS B 1285 -59.36 98.89 -87.00
CA LYS B 1285 -58.27 99.83 -87.27
C LYS B 1285 -57.46 100.08 -85.99
N VAL B 1286 -56.14 100.05 -86.10
CA VAL B 1286 -55.27 100.33 -84.98
C VAL B 1286 -55.20 101.82 -84.55
N HIS B 1287 -55.45 102.04 -83.27
CA HIS B 1287 -55.65 103.38 -82.71
C HIS B 1287 -54.31 103.93 -82.25
N TYR B 1288 -54.15 105.23 -82.33
CA TYR B 1288 -52.84 105.83 -82.03
C TYR B 1288 -52.39 105.53 -80.57
N ASN B 1289 -53.33 105.45 -79.63
CA ASN B 1289 -53.02 105.02 -78.25
C ASN B 1289 -52.80 103.52 -78.13
N SER B 1290 -51.67 103.06 -78.66
CA SER B 1290 -51.26 101.66 -78.58
C SER B 1290 -49.79 101.59 -78.14
N ASN B 1291 -49.48 100.61 -77.30
CA ASN B 1291 -48.11 100.41 -76.87
C ASN B 1291 -48.01 99.03 -76.25
N ARG B 1292 -46.92 98.78 -75.54
CA ARG B 1292 -46.73 97.46 -74.96
C ARG B 1292 -47.76 97.09 -73.87
N PHE B 1293 -48.55 98.04 -73.38
CA PHE B 1293 -49.58 97.65 -72.40
C PHE B 1293 -50.70 96.97 -73.16
N GLY B 1294 -50.78 97.31 -74.45
CA GLY B 1294 -51.87 96.88 -75.29
C GLY B 1294 -52.14 97.73 -76.51
N VAL B 1295 -52.77 97.11 -77.51
CA VAL B 1295 -52.96 97.73 -78.80
C VAL B 1295 -54.46 97.98 -78.99
N ARG B 1296 -54.81 99.27 -78.98
CA ARG B 1296 -56.19 99.71 -79.02
C ARG B 1296 -56.75 99.66 -80.43
N LEU B 1297 -58.03 99.35 -80.55
CA LEU B 1297 -58.64 99.09 -81.85
C LEU B 1297 -59.83 100.01 -82.12
N ILE B 1298 -60.03 100.40 -83.38
CA ILE B 1298 -61.22 101.16 -83.77
C ILE B 1298 -62.06 100.25 -84.68
N GLY B 1299 -63.34 100.10 -84.37
CA GLY B 1299 -64.26 99.41 -85.26
C GLY B 1299 -65.68 99.40 -84.71
N PRO B 1300 -66.45 98.36 -85.06
CA PRO B 1300 -67.88 98.39 -84.76
C PRO B 1300 -68.15 98.36 -83.28
N LYS B 1301 -69.22 99.07 -82.89
CA LYS B 1301 -69.63 99.26 -81.50
C LYS B 1301 -70.43 98.03 -81.08
N PRO B 1302 -70.31 97.61 -79.82
CA PRO B 1302 -70.94 96.37 -79.38
C PRO B 1302 -72.40 96.45 -78.93
N LYS B 1303 -73.14 95.37 -79.21
CA LYS B 1303 -74.53 95.36 -78.86
C LYS B 1303 -74.34 94.28 -77.75
N TRP B 1304 -74.85 94.66 -76.58
CA TRP B 1304 -74.88 93.82 -75.39
C TRP B 1304 -76.18 93.15 -75.05
N ALA B 1305 -75.98 91.96 -74.50
CA ALA B 1305 -77.03 91.04 -74.16
C ALA B 1305 -77.62 91.43 -72.81
N ARG B 1306 -76.86 92.20 -72.04
CA ARG B 1306 -77.35 92.63 -70.74
C ARG B 1306 -77.56 94.12 -70.79
N SER B 1307 -78.37 94.64 -69.89
CA SER B 1307 -78.69 96.05 -69.88
C SER B 1307 -77.63 96.78 -69.08
N ASP B 1308 -77.07 96.06 -68.11
CA ASP B 1308 -75.98 96.57 -67.31
C ASP B 1308 -75.18 95.40 -66.73
N GLY B 1309 -74.09 95.71 -66.01
CA GLY B 1309 -73.30 94.68 -65.36
C GLY B 1309 -73.51 94.48 -63.88
N GLY B 1310 -74.60 94.99 -63.33
CA GLY B 1310 -74.90 94.85 -61.92
C GLY B 1310 -73.85 95.43 -61.00
N GLU B 1311 -73.74 94.86 -59.80
CA GLU B 1311 -72.72 95.24 -58.83
C GLU B 1311 -71.27 95.43 -59.32
N ALA B 1312 -70.86 94.75 -60.41
CA ALA B 1312 -69.50 94.91 -60.91
C ALA B 1312 -69.30 96.17 -61.75
N GLY B 1313 -70.37 96.95 -61.90
CA GLY B 1313 -70.33 98.17 -62.67
C GLY B 1313 -71.53 98.20 -63.59
N LEU B 1314 -71.99 99.40 -63.92
CA LEU B 1314 -73.21 99.55 -64.72
C LEU B 1314 -73.02 99.25 -66.21
N HIS B 1315 -71.86 99.58 -66.78
CA HIS B 1315 -71.69 99.38 -68.22
C HIS B 1315 -71.71 97.88 -68.55
N PRO B 1316 -72.44 97.45 -69.59
CA PRO B 1316 -72.66 96.01 -69.78
C PRO B 1316 -71.40 95.18 -70.07
N SER B 1317 -70.29 95.84 -70.41
CA SER B 1317 -69.02 95.15 -70.56
C SER B 1317 -68.36 94.89 -69.21
N ASN B 1318 -68.87 95.54 -68.17
CA ASN B 1318 -68.29 95.41 -66.84
C ASN B 1318 -68.54 94.03 -66.27
N ALA B 1319 -67.51 93.47 -65.63
CA ALA B 1319 -67.52 92.08 -65.21
C ALA B 1319 -66.89 91.97 -63.82
N HIS B 1320 -67.36 91.01 -63.03
CA HIS B 1320 -66.69 90.73 -61.77
C HIS B 1320 -65.27 90.36 -62.11
N ASP B 1321 -64.36 91.21 -61.64
CA ASP B 1321 -62.96 91.16 -62.03
C ASP B 1321 -62.40 89.75 -61.95
N TYR B 1322 -61.69 89.39 -63.01
CA TYR B 1322 -61.22 88.04 -63.26
C TYR B 1322 -59.94 88.26 -64.03
N VAL B 1323 -59.11 87.23 -64.16
CA VAL B 1323 -57.77 87.41 -64.69
C VAL B 1323 -57.79 87.15 -66.18
N TYR B 1324 -57.06 87.98 -66.93
CA TYR B 1324 -57.19 87.99 -68.37
C TYR B 1324 -56.14 87.06 -68.95
N SER B 1325 -56.31 86.74 -70.22
CA SER B 1325 -55.32 85.96 -70.93
C SER B 1325 -54.41 86.89 -71.73
N LEU B 1326 -53.10 86.61 -71.73
CA LEU B 1326 -52.23 87.20 -72.73
C LEU B 1326 -52.87 87.10 -74.10
N GLY B 1327 -53.06 88.23 -74.77
CA GLY B 1327 -53.59 88.25 -76.13
C GLY B 1327 -55.08 88.52 -76.19
N ALA B 1328 -55.70 88.59 -75.01
CA ALA B 1328 -57.15 88.72 -74.94
C ALA B 1328 -57.56 90.04 -75.57
N ILE B 1329 -58.78 90.06 -76.09
CA ILE B 1329 -59.30 91.25 -76.72
C ILE B 1329 -60.34 91.79 -75.76
N ASN B 1330 -59.91 92.80 -75.02
CA ASN B 1330 -60.62 93.29 -73.86
C ASN B 1330 -61.49 94.46 -74.22
N PHE B 1331 -62.77 94.35 -73.89
CA PHE B 1331 -63.69 95.43 -74.18
C PHE B 1331 -63.81 96.41 -73.04
N THR B 1332 -62.98 97.44 -73.05
CA THR B 1332 -63.00 98.43 -71.98
C THR B 1332 -64.12 99.39 -72.32
N GLY B 1333 -65.31 99.10 -71.80
CA GLY B 1333 -66.51 99.75 -72.26
C GLY B 1333 -66.83 99.29 -73.68
N ASP B 1334 -66.98 100.25 -74.58
CA ASP B 1334 -67.47 99.98 -75.92
C ASP B 1334 -66.36 99.88 -76.94
N GLU B 1335 -65.11 99.90 -76.47
CA GLU B 1335 -63.97 99.82 -77.36
C GLU B 1335 -63.01 98.74 -76.87
N PRO B 1336 -62.43 97.98 -77.81
CA PRO B 1336 -61.57 96.85 -77.44
C PRO B 1336 -60.09 97.15 -77.59
N VAL B 1337 -59.27 96.35 -76.93
CA VAL B 1337 -57.84 96.55 -76.96
C VAL B 1337 -57.19 95.19 -76.78
N ILE B 1338 -56.12 94.92 -77.51
CA ILE B 1338 -55.43 93.65 -77.33
C ILE B 1338 -54.39 93.72 -76.23
N ILE B 1339 -54.61 92.90 -75.21
CA ILE B 1339 -53.70 92.75 -74.08
C ILE B 1339 -52.37 92.16 -74.50
N THR B 1340 -51.29 92.91 -74.40
CA THR B 1340 -49.99 92.40 -74.87
C THR B 1340 -49.01 92.18 -73.71
N CYS B 1341 -47.72 91.95 -74.00
CA CYS B 1341 -46.78 91.47 -72.98
C CYS B 1341 -46.46 92.38 -71.77
N ASP B 1342 -46.72 93.68 -71.88
CA ASP B 1342 -46.66 94.57 -70.72
C ASP B 1342 -48.04 94.87 -70.15
N GLY B 1343 -48.97 93.95 -70.36
CA GLY B 1343 -50.39 94.25 -70.22
C GLY B 1343 -50.99 93.87 -68.89
N PRO B 1344 -52.23 94.32 -68.68
CA PRO B 1344 -52.92 94.07 -67.42
C PRO B 1344 -53.39 92.63 -67.26
N SER B 1345 -53.68 92.26 -66.02
CA SER B 1345 -53.85 90.86 -65.63
C SER B 1345 -55.25 90.72 -65.02
N LEU B 1346 -55.40 91.14 -63.76
CA LEU B 1346 -56.71 91.09 -63.13
C LEU B 1346 -57.50 92.33 -63.54
N GLY B 1347 -58.63 92.14 -64.22
CA GLY B 1347 -59.31 93.25 -64.85
C GLY B 1347 -60.82 93.14 -64.81
N GLY B 1348 -61.49 94.25 -65.15
CA GLY B 1348 -62.89 94.41 -64.81
C GLY B 1348 -63.86 94.40 -65.99
N PHE B 1349 -63.40 93.98 -67.17
CA PHE B 1349 -64.23 93.94 -68.37
C PHE B 1349 -64.22 92.60 -69.07
N VAL B 1350 -65.24 92.34 -69.88
CA VAL B 1350 -65.31 91.09 -70.61
C VAL B 1350 -64.30 91.06 -71.75
N CYS B 1351 -63.82 89.86 -72.06
CA CYS B 1351 -62.92 89.64 -73.18
C CYS B 1351 -63.62 88.77 -74.22
N GLN B 1352 -63.50 89.11 -75.49
CA GLN B 1352 -64.28 88.45 -76.53
C GLN B 1352 -63.56 87.20 -77.02
N ALA B 1353 -62.28 87.35 -77.30
CA ALA B 1353 -61.49 86.33 -77.96
C ALA B 1353 -60.05 86.51 -77.51
N VAL B 1354 -59.17 85.58 -77.85
CA VAL B 1354 -57.78 85.71 -77.48
C VAL B 1354 -56.86 85.31 -78.60
N VAL B 1355 -56.01 86.25 -79.00
CA VAL B 1355 -55.02 86.02 -80.03
C VAL B 1355 -54.21 84.77 -79.66
N ALA B 1356 -53.92 83.91 -80.63
CA ALA B 1356 -53.28 82.65 -80.32
C ALA B 1356 -51.84 82.98 -79.99
N GLU B 1357 -51.26 82.25 -79.03
CA GLU B 1357 -49.89 82.50 -78.57
C GLU B 1357 -49.01 82.87 -79.75
N ALA B 1358 -49.09 82.06 -80.78
CA ALA B 1358 -48.13 82.09 -81.86
C ALA B 1358 -48.52 83.16 -82.87
N GLU B 1359 -49.72 83.70 -82.72
CA GLU B 1359 -50.13 84.84 -83.51
C GLU B 1359 -49.83 86.20 -82.89
N LEU B 1360 -49.51 86.24 -81.60
CA LEU B 1360 -49.22 87.51 -80.92
C LEU B 1360 -48.11 88.34 -81.57
N TRP B 1361 -47.11 87.69 -82.18
CA TRP B 1361 -46.04 88.42 -82.87
C TRP B 1361 -46.58 89.41 -83.90
N LYS B 1362 -47.72 89.10 -84.53
CA LYS B 1362 -48.34 90.01 -85.48
C LYS B 1362 -48.72 91.32 -84.79
N VAL B 1363 -49.31 91.18 -83.61
CA VAL B 1363 -49.78 92.31 -82.84
C VAL B 1363 -48.59 93.19 -82.47
N GLY B 1364 -47.44 92.56 -82.25
CA GLY B 1364 -46.20 93.31 -82.10
C GLY B 1364 -45.63 94.06 -83.30
N GLN B 1365 -46.33 94.03 -84.43
CA GLN B 1365 -45.85 94.69 -85.64
C GLN B 1365 -46.88 95.64 -86.20
N LEU B 1366 -48.04 95.69 -85.55
CA LEU B 1366 -49.08 96.66 -85.84
C LEU B 1366 -48.61 98.09 -85.59
N THR B 1367 -49.07 99.02 -86.41
CA THR B 1367 -48.74 100.44 -86.27
C THR B 1367 -50.08 101.14 -86.40
N PRO B 1368 -50.20 102.35 -85.86
CA PRO B 1368 -51.51 103.02 -85.98
C PRO B 1368 -51.95 103.09 -87.45
N GLY B 1369 -53.25 102.93 -87.68
CA GLY B 1369 -53.77 102.93 -89.04
C GLY B 1369 -53.81 101.56 -89.71
N ASP B 1370 -53.10 100.58 -89.16
CA ASP B 1370 -53.16 99.26 -89.76
C ASP B 1370 -54.60 98.77 -89.63
N THR B 1371 -55.00 97.90 -90.55
CA THR B 1371 -56.27 97.20 -90.43
C THR B 1371 -56.02 95.75 -90.08
N ILE B 1372 -56.93 95.16 -89.32
CA ILE B 1372 -56.81 93.75 -88.97
C ILE B 1372 -58.16 93.06 -89.00
N GLN B 1373 -58.12 91.74 -89.12
CA GLN B 1373 -59.32 90.93 -89.02
C GLN B 1373 -58.99 89.72 -88.19
N PHE B 1374 -59.86 89.44 -87.23
CA PHE B 1374 -59.66 88.31 -86.36
C PHE B 1374 -60.26 87.08 -86.98
N VAL B 1375 -59.45 86.03 -87.00
CA VAL B 1375 -59.75 84.86 -87.77
C VAL B 1375 -59.84 83.72 -86.74
N PRO B 1376 -61.00 83.06 -86.69
CA PRO B 1376 -61.19 82.01 -85.68
C PRO B 1376 -60.33 80.77 -85.91
N LEU B 1377 -59.87 80.19 -84.80
CA LEU B 1377 -58.87 79.15 -84.86
C LEU B 1377 -59.21 78.15 -83.76
N SER B 1378 -59.10 76.86 -84.09
CA SER B 1378 -59.31 75.79 -83.12
C SER B 1378 -58.12 75.68 -82.19
N TYR B 1379 -58.34 75.15 -80.99
CA TYR B 1379 -57.24 74.86 -80.06
C TYR B 1379 -56.07 74.15 -80.76
N GLY B 1380 -56.40 73.14 -81.55
CA GLY B 1380 -55.37 72.29 -82.14
C GLY B 1380 -54.51 72.99 -83.16
N VAL B 1381 -55.17 73.72 -84.07
CA VAL B 1381 -54.48 74.50 -85.09
C VAL B 1381 -53.53 75.48 -84.41
N ALA B 1382 -54.01 76.07 -83.31
CA ALA B 1382 -53.24 77.06 -82.54
C ALA B 1382 -51.96 76.44 -81.98
N ARG B 1383 -52.04 75.18 -81.58
CA ARG B 1383 -50.88 74.45 -81.09
C ARG B 1383 -49.91 74.14 -82.22
N GLN B 1384 -50.46 73.89 -83.40
CA GLN B 1384 -49.66 73.52 -84.56
C GLN B 1384 -48.72 74.64 -84.93
N LEU B 1385 -49.30 75.84 -85.04
CA LEU B 1385 -48.53 77.03 -85.37
C LEU B 1385 -47.41 77.19 -84.35
N LYS B 1386 -47.77 77.09 -83.07
CA LYS B 1386 -46.83 77.33 -81.98
C LYS B 1386 -45.66 76.35 -82.07
N GLU B 1387 -45.98 75.05 -82.15
CA GLU B 1387 -44.96 74.02 -82.22
C GLU B 1387 -44.06 74.19 -83.44
N SER B 1388 -44.63 74.68 -84.54
CA SER B 1388 -43.83 74.95 -85.73
C SER B 1388 -42.81 76.06 -85.49
N GLN B 1389 -43.12 77.04 -84.64
CA GLN B 1389 -42.16 78.10 -84.36
C GLN B 1389 -41.03 77.55 -83.50
N ASP B 1390 -41.35 76.68 -82.54
CA ASP B 1390 -40.31 76.09 -81.69
C ASP B 1390 -39.37 75.18 -82.49
N LYS B 1391 -39.94 74.38 -83.40
CA LYS B 1391 -39.12 73.50 -84.23
C LYS B 1391 -38.28 74.33 -85.17
N SER B 1392 -38.84 75.44 -85.64
CA SER B 1392 -38.11 76.32 -86.53
C SER B 1392 -36.88 76.91 -85.83
N ILE B 1393 -37.07 77.43 -84.61
CA ILE B 1393 -35.96 77.99 -83.85
C ILE B 1393 -34.96 76.93 -83.37
N ASP B 1394 -35.47 75.75 -83.01
CA ASP B 1394 -34.59 74.76 -82.37
C ASP B 1394 -33.68 74.08 -83.38
N ASN B 1395 -34.21 73.80 -84.57
CA ASN B 1395 -33.43 73.07 -85.56
C ASN B 1395 -32.81 74.01 -86.59
N PHE B 1396 -33.60 75.01 -86.99
CA PHE B 1396 -33.16 76.09 -87.88
C PHE B 1396 -32.95 75.52 -89.29
N GLU B 1397 -34.02 74.95 -89.85
CA GLU B 1397 -33.96 74.12 -91.05
C GLU B 1397 -35.12 74.49 -91.98
N GLU B 1398 -34.82 74.75 -93.27
CA GLU B 1398 -35.84 75.17 -94.23
C GLU B 1398 -37.16 74.39 -94.16
N GLY B 1399 -38.28 75.11 -94.21
CA GLY B 1399 -39.59 74.50 -94.39
C GLY B 1399 -40.42 74.14 -93.16
N SER B 1400 -39.88 74.33 -91.96
CA SER B 1400 -40.55 73.92 -90.72
C SER B 1400 -41.50 74.95 -90.10
N LEU B 1401 -41.62 76.13 -90.72
CA LEU B 1401 -42.51 77.16 -90.17
C LEU B 1401 -43.89 77.10 -90.82
N LEU B 1402 -44.89 76.98 -89.98
CA LEU B 1402 -46.26 77.02 -90.44
C LEU B 1402 -46.87 78.38 -90.20
N GLU B 1403 -47.73 78.79 -91.12
CA GLU B 1403 -48.37 80.08 -90.99
C GLU B 1403 -49.83 79.93 -91.35
N LEU B 1404 -50.62 80.89 -90.89
CA LEU B 1404 -52.03 81.02 -91.25
C LEU B 1404 -52.26 80.72 -92.74
N SER B 1405 -53.27 79.91 -93.01
CA SER B 1405 -53.74 79.66 -94.37
C SER B 1405 -55.17 79.19 -94.25
N ASP B 1406 -55.97 79.41 -95.30
CA ASP B 1406 -57.43 79.19 -95.23
C ASP B 1406 -57.87 77.82 -94.69
N ASP B 1407 -57.14 76.76 -95.01
CA ASP B 1407 -57.52 75.44 -94.51
C ASP B 1407 -57.20 75.24 -93.03
N LYS B 1408 -56.54 76.23 -92.43
CA LYS B 1408 -56.30 76.22 -91.00
C LYS B 1408 -57.43 76.91 -90.21
N ILE B 1409 -58.31 77.63 -90.91
CA ILE B 1409 -59.29 78.50 -90.24
C ILE B 1409 -60.69 77.87 -90.13
N LEU B 1410 -61.19 77.78 -88.89
CA LEU B 1410 -62.59 77.47 -88.60
C LEU B 1410 -63.57 78.25 -89.48
N PRO B 1411 -64.60 77.58 -90.00
CA PRO B 1411 -65.63 78.18 -90.86
C PRO B 1411 -66.41 79.29 -90.18
N LYS B 1412 -66.63 79.14 -88.88
CA LYS B 1412 -67.42 80.10 -88.11
C LYS B 1412 -66.90 80.09 -86.68
N TYR B 1413 -67.06 81.22 -85.98
CA TYR B 1413 -66.67 81.29 -84.58
C TYR B 1413 -67.36 80.14 -83.85
N GLU B 1414 -66.69 79.61 -82.84
CA GLU B 1414 -67.28 78.55 -82.06
C GLU B 1414 -67.69 79.04 -80.67
N ASN B 1415 -68.37 78.19 -79.93
CA ASN B 1415 -68.82 78.48 -78.59
C ASN B 1415 -67.69 78.40 -77.56
N PRO B 1416 -67.44 79.50 -76.81
CA PRO B 1416 -66.31 79.45 -75.89
C PRO B 1416 -66.58 78.67 -74.61
N ILE B 1417 -67.84 78.34 -74.36
CA ILE B 1417 -68.23 77.63 -73.15
C ILE B 1417 -67.97 76.12 -73.29
N LEU B 1418 -66.97 75.62 -72.56
CA LEU B 1418 -66.47 74.27 -72.73
C LEU B 1418 -67.32 73.25 -71.96
N ALA B 1419 -67.84 73.67 -70.81
CA ALA B 1419 -68.78 72.87 -70.03
C ALA B 1419 -69.42 73.66 -68.88
N VAL B 1420 -70.64 73.27 -68.51
CA VAL B 1420 -71.33 73.85 -67.36
C VAL B 1420 -71.70 72.77 -66.34
N LEU B 1421 -71.20 72.93 -65.12
CA LEU B 1421 -71.68 72.15 -63.99
C LEU B 1421 -72.86 72.86 -63.32
N PRO B 1422 -73.96 72.14 -63.08
CA PRO B 1422 -75.12 72.80 -62.48
C PRO B 1422 -74.90 73.11 -61.00
N LYS B 1423 -75.66 74.07 -60.48
CA LYS B 1423 -75.59 74.38 -59.05
C LYS B 1423 -76.09 73.16 -58.27
N LYS B 1424 -75.40 72.80 -57.19
CA LYS B 1424 -75.76 71.62 -56.41
C LYS B 1424 -76.26 72.05 -55.04
N SER B 1425 -75.52 72.96 -54.42
CA SER B 1425 -75.87 73.45 -53.10
C SER B 1425 -75.37 74.87 -52.88
N ASP B 1426 -75.56 75.36 -51.65
CA ASP B 1426 -75.23 76.73 -51.32
C ASP B 1426 -73.73 77.01 -51.43
N LEU B 1427 -72.90 76.07 -50.97
CA LEU B 1427 -71.45 76.25 -51.04
C LEU B 1427 -70.81 75.60 -52.26
N SER B 1428 -71.63 74.98 -53.10
CA SER B 1428 -71.08 74.33 -54.28
C SER B 1428 -71.89 74.76 -55.48
N PRO B 1429 -71.56 75.98 -56.00
CA PRO B 1429 -72.29 76.70 -57.04
C PRO B 1429 -72.08 76.13 -58.42
N LYS B 1430 -72.78 76.68 -59.39
CA LYS B 1430 -72.59 76.29 -60.77
C LYS B 1430 -71.19 76.69 -61.22
N VAL B 1431 -70.64 75.93 -62.16
CA VAL B 1431 -69.29 76.15 -62.60
C VAL B 1431 -69.35 76.29 -64.11
N THR B 1432 -68.71 77.34 -64.60
CA THR B 1432 -68.66 77.55 -66.02
C THR B 1432 -67.21 77.59 -66.47
N TYR B 1433 -66.89 76.71 -67.41
CA TYR B 1433 -65.53 76.57 -67.93
C TYR B 1433 -65.46 77.22 -69.29
N ARG B 1434 -64.62 78.23 -69.40
CA ARG B 1434 -64.49 78.92 -70.68
C ARG B 1434 -63.10 78.86 -71.26
N GLN B 1435 -63.07 78.64 -72.56
CA GLN B 1435 -61.81 78.60 -73.30
C GLN B 1435 -61.29 80.02 -73.31
N ALA B 1436 -60.05 80.20 -72.93
CA ALA B 1436 -59.52 81.53 -72.82
C ALA B 1436 -58.11 81.59 -73.36
N GLY B 1437 -57.99 81.40 -74.66
CA GLY B 1437 -56.67 81.36 -75.21
C GLY B 1437 -56.11 79.98 -75.34
N ASP B 1438 -55.25 79.90 -76.35
CA ASP B 1438 -54.29 78.84 -76.58
C ASP B 1438 -53.73 78.19 -75.31
N ARG B 1439 -53.67 78.97 -74.24
CA ARG B 1439 -52.89 78.63 -73.05
C ARG B 1439 -53.69 78.52 -71.76
N TYR B 1440 -55.01 78.67 -71.81
CA TYR B 1440 -55.75 78.72 -70.55
C TYR B 1440 -57.21 78.33 -70.62
N ILE B 1441 -57.71 77.93 -69.46
CA ILE B 1441 -59.11 77.67 -69.27
C ILE B 1441 -59.53 78.58 -68.12
N LEU B 1442 -60.59 79.36 -68.33
CA LEU B 1442 -61.12 80.19 -67.25
C LEU B 1442 -62.23 79.45 -66.51
N VAL B 1443 -62.09 79.32 -65.19
CA VAL B 1443 -63.12 78.67 -64.39
C VAL B 1443 -63.95 79.74 -63.68
N GLU B 1444 -65.26 79.78 -63.95
CA GLU B 1444 -66.12 80.78 -63.33
C GLU B 1444 -67.17 80.21 -62.38
N TYR B 1445 -67.13 80.63 -61.11
CA TYR B 1445 -68.15 80.20 -60.16
C TYR B 1445 -69.39 81.08 -60.10
N GLY B 1446 -70.53 80.43 -59.91
CA GLY B 1446 -71.78 81.07 -59.53
C GLY B 1446 -72.53 81.69 -60.69
N GLU B 1447 -73.62 82.38 -60.37
CA GLU B 1447 -74.18 83.36 -61.28
C GLU B 1447 -73.31 84.60 -61.22
N LEU B 1448 -73.56 85.59 -62.08
CA LEU B 1448 -72.69 86.75 -62.12
C LEU B 1448 -72.97 87.60 -60.88
N GLU B 1449 -72.18 87.35 -59.84
CA GLU B 1449 -72.56 87.62 -58.46
C GLU B 1449 -71.37 87.46 -57.54
N PHE B 1450 -71.30 88.26 -56.48
CA PHE B 1450 -70.23 88.07 -55.50
C PHE B 1450 -70.76 87.27 -54.33
N ASP B 1451 -69.91 86.45 -53.75
CA ASP B 1451 -70.30 85.68 -52.59
C ASP B 1451 -68.96 85.27 -52.04
N LEU B 1452 -68.65 85.70 -50.82
CA LEU B 1452 -67.39 85.37 -50.15
C LEU B 1452 -67.00 83.90 -50.17
N ASN B 1453 -67.97 83.00 -50.03
CA ASN B 1453 -67.68 81.57 -49.98
C ASN B 1453 -66.95 81.07 -51.21
N ILE B 1454 -67.44 81.51 -52.37
CA ILE B 1454 -66.79 81.26 -53.65
C ILE B 1454 -65.31 81.66 -53.67
N CYS B 1455 -64.91 82.65 -52.89
CA CYS B 1455 -63.50 83.04 -52.82
C CYS B 1455 -62.70 81.96 -52.10
N TYR B 1456 -63.25 81.42 -51.03
CA TYR B 1456 -62.57 80.35 -50.31
C TYR B 1456 -62.51 79.11 -51.18
N ARG B 1457 -63.57 78.93 -51.97
CA ARG B 1457 -63.69 77.77 -52.83
C ARG B 1457 -62.63 77.75 -53.89
N ILE B 1458 -62.32 78.93 -54.41
CA ILE B 1458 -61.29 79.05 -55.42
C ILE B 1458 -59.97 78.64 -54.81
N ASN B 1459 -59.80 79.03 -53.55
CA ASN B 1459 -58.60 78.72 -52.81
C ASN B 1459 -58.53 77.20 -52.67
N ARG B 1460 -59.69 76.56 -52.58
CA ARG B 1460 -59.74 75.12 -52.35
C ARG B 1460 -59.48 74.38 -53.64
N LEU B 1461 -60.07 74.85 -54.74
CA LEU B 1461 -59.74 74.34 -56.07
C LEU B 1461 -58.24 74.35 -56.29
N ILE B 1462 -57.58 75.47 -55.97
CA ILE B 1462 -56.15 75.60 -56.18
C ILE B 1462 -55.46 74.53 -55.35
N HIS B 1463 -55.97 74.32 -54.14
CA HIS B 1463 -55.40 73.36 -53.21
C HIS B 1463 -55.55 71.94 -53.75
N GLN B 1464 -56.66 71.67 -54.43
CA GLN B 1464 -56.88 70.35 -55.02
C GLN B 1464 -55.93 70.07 -56.16
N VAL B 1465 -55.52 71.08 -56.92
CA VAL B 1465 -54.53 70.83 -57.94
C VAL B 1465 -53.15 70.56 -57.33
N GLU B 1466 -52.83 71.23 -56.22
CA GLU B 1466 -51.53 71.05 -55.57
C GLU B 1466 -51.44 69.70 -54.88
N ARG B 1467 -52.55 69.26 -54.29
CA ARG B 1467 -52.65 68.00 -53.56
C ARG B 1467 -52.44 66.98 -54.53
N HIS B 1468 -53.15 67.29 -55.62
CA HIS B 1468 -53.00 66.48 -56.72
C HIS B 1468 -51.78 66.88 -57.43
N GLN B 1469 -51.08 68.00 -57.15
CA GLN B 1469 -49.88 68.10 -57.94
C GLN B 1469 -50.12 67.96 -59.48
N THR B 1470 -51.16 68.48 -60.15
CA THR B 1470 -51.29 68.15 -61.62
C THR B 1470 -50.06 68.32 -62.58
N VAL B 1471 -49.70 67.30 -63.39
CA VAL B 1471 -48.69 67.62 -64.44
C VAL B 1471 -49.30 68.50 -65.53
N GLY B 1472 -48.54 69.49 -66.00
CA GLY B 1472 -48.94 70.31 -67.13
C GLY B 1472 -49.46 71.70 -66.77
N ILE B 1473 -49.91 71.88 -65.53
CA ILE B 1473 -50.46 73.16 -65.09
C ILE B 1473 -49.35 74.14 -64.74
N VAL B 1474 -49.42 75.32 -65.35
CA VAL B 1474 -48.35 76.31 -65.22
C VAL B 1474 -48.60 77.30 -64.08
N GLU B 1475 -49.83 77.81 -63.96
CA GLU B 1475 -50.11 78.87 -62.98
C GLU B 1475 -51.61 79.09 -62.84
N MET B 1476 -52.07 79.18 -61.60
CA MET B 1476 -53.48 79.45 -61.36
C MET B 1476 -53.65 80.85 -60.75
N SER B 1477 -54.47 81.66 -61.39
CA SER B 1477 -54.63 83.08 -61.04
C SER B 1477 -56.01 83.46 -60.47
N GLN B 1478 -56.03 83.78 -59.17
CA GLN B 1478 -57.27 84.16 -58.51
C GLN B 1478 -57.93 85.47 -58.94
N GLY B 1479 -59.21 85.37 -59.30
CA GLY B 1479 -60.03 86.55 -59.44
C GLY B 1479 -61.16 86.52 -58.41
N VAL B 1480 -62.17 87.35 -58.61
CA VAL B 1480 -63.23 87.56 -57.62
C VAL B 1480 -64.12 86.34 -57.45
N ARG B 1481 -64.46 85.72 -58.57
CA ARG B 1481 -65.35 84.57 -58.53
C ARG B 1481 -64.88 83.54 -59.53
N SER B 1482 -63.60 83.62 -59.86
CA SER B 1482 -63.03 82.84 -60.93
C SER B 1482 -61.57 82.56 -60.65
N VAL B 1483 -60.98 81.71 -61.49
CA VAL B 1483 -59.56 81.47 -61.43
C VAL B 1483 -59.14 81.10 -62.83
N LEU B 1484 -57.99 81.60 -63.25
CA LEU B 1484 -57.56 81.34 -64.59
C LEU B 1484 -56.44 80.33 -64.51
N ILE B 1485 -56.56 79.30 -65.34
CA ILE B 1485 -55.62 78.21 -65.28
C ILE B 1485 -54.77 78.14 -66.55
N GLU B 1486 -53.47 78.34 -66.40
CA GLU B 1486 -52.59 78.32 -67.57
C GLU B 1486 -51.99 76.93 -67.66
N PHE B 1487 -52.00 76.37 -68.86
CA PHE B 1487 -51.37 75.07 -69.04
C PHE B 1487 -50.34 75.03 -70.14
N ASP B 1488 -49.55 73.96 -70.09
CA ASP B 1488 -48.56 73.60 -71.10
C ASP B 1488 -49.15 72.49 -71.96
N GLY B 1489 -49.59 72.87 -73.16
CA GLY B 1489 -50.21 71.95 -74.10
C GLY B 1489 -49.35 70.77 -74.51
N SER B 1490 -48.03 70.92 -74.38
CA SER B 1490 -47.12 69.80 -74.61
C SER B 1490 -47.13 68.76 -73.47
N LYS B 1491 -47.68 69.14 -72.31
CA LYS B 1491 -47.80 68.22 -71.16
C LYS B 1491 -49.22 67.73 -70.87
N ILE B 1492 -50.22 68.51 -71.26
CA ILE B 1492 -51.63 68.18 -71.01
C ILE B 1492 -52.45 68.96 -72.02
N ASN B 1493 -53.42 68.31 -72.65
CA ASN B 1493 -54.20 69.05 -73.63
C ASN B 1493 -55.44 69.62 -73.01
N GLN B 1494 -56.11 70.48 -73.77
CA GLN B 1494 -57.31 71.17 -73.32
C GLN B 1494 -58.35 70.21 -72.77
N LYS B 1495 -58.66 69.15 -73.51
CA LYS B 1495 -59.73 68.24 -73.12
C LYS B 1495 -59.39 67.56 -71.79
N ALA B 1496 -58.14 67.15 -71.65
CA ALA B 1496 -57.66 66.50 -70.44
C ALA B 1496 -57.72 67.37 -69.20
N LEU B 1497 -57.31 68.63 -69.35
CA LEU B 1497 -57.32 69.53 -68.23
C LEU B 1497 -58.74 69.83 -67.77
N LEU B 1498 -59.63 70.04 -68.73
CA LEU B 1498 -61.06 70.18 -68.48
C LEU B 1498 -61.59 69.06 -67.61
N LYS B 1499 -61.35 67.83 -68.02
CA LYS B 1499 -61.83 66.71 -67.22
C LYS B 1499 -61.21 66.62 -65.82
N CYS B 1500 -59.90 66.84 -65.66
CA CYS B 1500 -59.33 66.77 -64.32
C CYS B 1500 -60.01 67.81 -63.44
N LEU B 1501 -60.25 68.97 -64.02
CA LEU B 1501 -60.82 70.08 -63.28
C LEU B 1501 -62.24 69.76 -62.85
N ILE B 1502 -63.05 69.25 -63.80
CA ILE B 1502 -64.43 68.86 -63.51
C ILE B 1502 -64.42 67.92 -62.34
N ALA B 1503 -63.37 67.11 -62.29
CA ALA B 1503 -63.29 66.03 -61.36
C ALA B 1503 -62.78 66.50 -60.00
N TYR B 1504 -61.72 67.29 -59.97
CA TYR B 1504 -61.27 67.81 -58.70
C TYR B 1504 -62.33 68.64 -58.04
N GLU B 1505 -63.18 69.18 -58.89
CA GLU B 1505 -64.20 70.08 -58.41
C GLU B 1505 -65.11 69.39 -57.42
N SER B 1506 -65.35 68.10 -57.63
CA SER B 1506 -66.21 67.38 -56.71
C SER B 1506 -65.50 66.96 -55.43
N GLU B 1507 -64.19 67.19 -55.36
CA GLU B 1507 -63.44 66.78 -54.17
C GLU B 1507 -63.34 67.87 -53.16
N ILE B 1508 -63.76 69.05 -53.59
CA ILE B 1508 -63.67 70.19 -52.73
C ILE B 1508 -64.71 69.98 -51.63
N GLN B 1509 -64.24 69.93 -50.38
CA GLN B 1509 -65.13 69.82 -49.22
C GLN B 1509 -64.82 70.94 -48.23
N PHE B 1510 -65.83 71.70 -47.82
CA PHE B 1510 -65.69 72.65 -46.72
C PHE B 1510 -67.07 73.10 -46.24
N ASP B 1511 -67.13 73.68 -45.05
CA ASP B 1511 -68.38 74.19 -44.54
C ASP B 1511 -68.36 75.69 -44.37
N LYS B 1512 -69.54 76.26 -44.23
CA LYS B 1512 -69.70 77.70 -44.05
C LYS B 1512 -68.79 78.32 -42.96
N ASN B 1513 -68.27 77.51 -42.03
CA ASN B 1513 -67.46 78.03 -40.91
C ASN B 1513 -65.93 78.14 -41.14
N TRP B 1514 -65.49 78.23 -42.39
CA TRP B 1514 -64.07 78.24 -42.73
C TRP B 1514 -63.32 79.44 -42.15
N ASN B 1515 -62.00 79.31 -42.00
CA ASN B 1515 -61.14 80.47 -41.70
C ASN B 1515 -59.83 80.51 -42.52
N VAL B 1516 -59.19 81.69 -42.54
CA VAL B 1516 -57.96 81.91 -43.31
C VAL B 1516 -57.04 82.88 -42.58
N LYS B 1517 -55.73 82.74 -42.78
CA LYS B 1517 -54.80 83.74 -42.28
C LYS B 1517 -55.13 85.02 -43.03
N SER B 1518 -55.19 86.14 -42.31
CA SER B 1518 -55.49 87.42 -42.92
C SER B 1518 -54.67 88.57 -42.32
N LYS B 1519 -53.81 89.17 -43.14
CA LYS B 1519 -53.11 90.39 -42.74
C LYS B 1519 -53.95 91.66 -42.87
N ILE B 1520 -53.95 92.45 -41.81
CA ILE B 1520 -54.74 93.69 -41.77
C ILE B 1520 -53.84 94.89 -41.96
N PHE B 1521 -54.03 95.57 -43.08
CA PHE B 1521 -53.23 96.73 -43.40
C PHE B 1521 -54.01 98.00 -43.10
N LYS B 1522 -53.41 98.93 -42.33
CA LYS B 1522 -53.98 100.27 -42.17
C LYS B 1522 -53.15 101.33 -42.90
N LEU B 1523 -53.74 101.91 -43.93
CA LEU B 1523 -53.00 102.70 -44.91
C LEU B 1523 -53.50 104.14 -45.00
N PRO B 1524 -52.57 105.10 -44.97
CA PRO B 1524 -52.97 106.51 -45.03
C PRO B 1524 -53.53 106.89 -46.39
N MET B 1525 -54.62 107.64 -46.45
CA MET B 1525 -55.09 108.08 -47.75
C MET B 1525 -55.56 109.53 -47.76
N ALA B 1526 -55.03 110.31 -48.70
CA ALA B 1526 -55.57 111.64 -49.05
C ALA B 1526 -56.80 111.60 -49.94
N PHE B 1527 -57.93 112.05 -49.40
CA PHE B 1527 -59.14 112.26 -50.19
C PHE B 1527 -59.02 113.33 -51.26
N GLU B 1528 -59.14 112.90 -52.52
CA GLU B 1528 -59.26 113.81 -53.67
C GLU B 1528 -58.14 114.83 -53.72
N ASP B 1529 -56.92 114.35 -53.67
CA ASP B 1529 -55.75 115.20 -53.69
C ASP B 1529 -55.53 115.67 -55.12
N SER B 1530 -54.50 116.48 -55.33
CA SER B 1530 -54.30 117.11 -56.63
C SER B 1530 -53.96 116.13 -57.75
N LYS B 1531 -53.21 115.08 -57.42
CA LYS B 1531 -52.71 114.16 -58.44
C LYS B 1531 -53.83 113.22 -58.88
N THR B 1532 -54.71 112.86 -57.94
CA THR B 1532 -55.92 112.10 -58.26
C THR B 1532 -56.82 112.89 -59.19
N LEU B 1533 -57.15 114.11 -58.79
CA LEU B 1533 -57.98 114.97 -59.62
C LEU B 1533 -57.33 115.23 -60.97
N ASP B 1534 -56.02 115.47 -60.99
CA ASP B 1534 -55.36 115.76 -62.26
C ASP B 1534 -55.45 114.56 -63.22
N CYS B 1535 -55.70 113.35 -62.67
CA CYS B 1535 -55.71 112.14 -63.50
C CYS B 1535 -57.00 112.18 -64.30
N VAL B 1536 -58.08 112.65 -63.64
CA VAL B 1536 -59.37 112.87 -64.29
C VAL B 1536 -59.34 114.04 -65.30
N THR B 1537 -58.64 115.12 -64.92
CA THR B 1537 -58.49 116.27 -65.80
C THR B 1537 -57.85 115.84 -67.12
N ARG B 1538 -56.72 115.12 -67.01
CA ARG B 1538 -56.01 114.59 -68.18
C ARG B 1538 -56.95 113.73 -69.01
N TYR B 1539 -57.82 112.96 -68.34
CA TYR B 1539 -58.75 112.08 -69.06
C TYR B 1539 -59.81 112.94 -69.77
N ARG B 1540 -60.27 114.03 -69.14
CA ARG B 1540 -61.22 114.96 -69.78
C ARG B 1540 -60.68 115.71 -71.00
N GLU B 1541 -59.41 116.08 -70.98
CA GLU B 1541 -58.89 116.91 -72.05
C GLU B 1541 -58.21 116.05 -73.08
N THR B 1542 -58.02 114.78 -72.76
CA THR B 1542 -57.33 113.93 -73.73
C THR B 1542 -58.27 112.83 -74.26
N ILE B 1543 -59.38 112.43 -73.69
CA ILE B 1543 -59.96 111.16 -74.19
C ILE B 1543 -61.48 111.30 -74.31
N ARG B 1544 -62.09 111.67 -73.22
CA ARG B 1544 -63.52 111.86 -73.16
C ARG B 1544 -63.75 113.04 -72.25
N SER B 1545 -64.31 114.11 -72.78
CA SER B 1545 -64.34 115.29 -71.94
C SER B 1545 -65.56 115.31 -71.07
N GLU B 1546 -66.63 114.60 -71.42
CA GLU B 1546 -67.75 114.37 -70.46
C GLU B 1546 -68.43 113.04 -70.68
N ALA B 1547 -69.00 112.57 -69.58
CA ALA B 1547 -69.59 111.26 -69.45
C ALA B 1547 -70.37 111.36 -68.16
N PRO B 1548 -71.28 110.41 -67.92
CA PRO B 1548 -72.04 110.51 -66.67
C PRO B 1548 -71.17 110.44 -65.38
N TRP B 1549 -69.90 110.06 -65.50
CA TRP B 1549 -69.02 109.88 -64.33
C TRP B 1549 -68.03 111.04 -64.29
N LEU B 1550 -68.31 112.03 -65.12
CA LEU B 1550 -67.45 113.18 -65.30
C LEU B 1550 -68.35 114.37 -64.97
N PRO B 1551 -67.76 115.48 -64.47
CA PRO B 1551 -66.33 115.81 -64.41
C PRO B 1551 -65.66 115.30 -63.12
N ASN B 1552 -66.45 114.92 -62.12
CA ASN B 1552 -65.90 114.49 -60.83
C ASN B 1552 -66.40 113.10 -60.45
N ASN B 1553 -65.46 112.16 -60.32
CA ASN B 1553 -65.82 110.76 -60.12
C ASN B 1553 -66.56 110.52 -58.81
N VAL B 1554 -66.19 111.24 -57.75
CA VAL B 1554 -66.80 110.99 -56.44
C VAL B 1554 -68.27 111.48 -56.45
N ASP B 1555 -68.51 112.59 -57.13
CA ASP B 1555 -69.87 113.10 -57.32
C ASP B 1555 -70.78 112.14 -58.07
N PHE B 1556 -70.26 111.55 -59.15
CA PHE B 1556 -70.88 110.36 -59.75
C PHE B 1556 -71.23 109.24 -58.75
N ILE B 1557 -70.27 108.75 -57.94
CA ILE B 1557 -70.61 107.69 -56.95
C ILE B 1557 -71.78 108.19 -56.10
N ALA B 1558 -71.61 109.39 -55.56
CA ALA B 1558 -72.59 110.01 -54.67
C ALA B 1558 -73.97 110.12 -55.33
N ASP B 1559 -73.98 110.64 -56.55
CA ASP B 1559 -75.24 110.88 -57.25
C ASP B 1559 -75.99 109.59 -57.62
N VAL B 1560 -75.31 108.57 -58.16
CA VAL B 1560 -75.97 107.34 -58.66
C VAL B 1560 -76.45 106.49 -57.48
N ASN B 1561 -75.82 106.67 -56.31
CA ASN B 1561 -76.22 105.99 -55.06
C ASN B 1561 -77.14 106.82 -54.16
N ASP B 1562 -77.43 108.06 -54.56
CA ASP B 1562 -78.25 108.99 -53.78
C ASP B 1562 -77.72 109.32 -52.38
N ILE B 1563 -76.43 109.64 -52.29
CA ILE B 1563 -75.85 110.05 -51.01
C ILE B 1563 -75.08 111.35 -51.19
N ASP B 1564 -74.57 111.91 -50.10
CA ASP B 1564 -73.68 113.05 -50.21
C ASP B 1564 -72.29 112.55 -50.52
N ARG B 1565 -71.50 113.35 -51.23
CA ARG B 1565 -70.10 113.02 -51.51
C ARG B 1565 -69.32 112.67 -50.24
N ASN B 1566 -69.65 113.32 -49.13
CA ASN B 1566 -68.95 113.06 -47.87
C ASN B 1566 -69.39 111.75 -47.22
N ASP B 1567 -70.56 111.23 -47.63
CA ASP B 1567 -70.90 109.85 -47.30
C ASP B 1567 -69.93 108.89 -47.99
N VAL B 1568 -69.58 109.19 -49.24
CA VAL B 1568 -68.58 108.38 -49.91
C VAL B 1568 -67.23 108.49 -49.21
N LYS B 1569 -66.92 109.67 -48.69
CA LYS B 1569 -65.62 109.79 -48.04
C LYS B 1569 -65.63 109.16 -46.65
N ASN B 1570 -66.81 109.07 -46.04
CA ASN B 1570 -66.99 108.28 -44.82
C ASN B 1570 -66.82 106.77 -44.87
N MET B 1571 -67.35 106.17 -45.93
CA MET B 1571 -67.23 104.75 -46.21
C MET B 1571 -65.79 104.36 -46.44
N LEU B 1572 -65.07 105.15 -47.25
CA LEU B 1572 -63.67 104.88 -47.54
C LEU B 1572 -62.89 104.83 -46.24
N TYR B 1573 -63.22 105.70 -45.29
CA TYR B 1573 -62.49 105.71 -44.02
C TYR B 1573 -63.06 104.83 -42.91
N SER B 1574 -64.08 104.03 -43.23
CA SER B 1574 -64.72 103.12 -42.25
C SER B 1574 -64.78 101.64 -42.74
N ALA B 1575 -65.05 101.45 -44.03
CA ALA B 1575 -65.07 100.11 -44.63
C ALA B 1575 -63.83 99.24 -44.50
N LYS B 1576 -64.05 97.93 -44.39
CA LYS B 1576 -62.99 96.93 -44.28
C LYS B 1576 -62.89 96.22 -45.63
N PHE B 1577 -61.82 96.51 -46.36
CA PHE B 1577 -61.69 96.01 -47.72
C PHE B 1577 -60.97 94.67 -47.75
N MET B 1578 -61.67 93.59 -48.07
CA MET B 1578 -61.00 92.30 -48.24
C MET B 1578 -60.44 92.12 -49.64
N VAL B 1579 -59.12 91.95 -49.72
CA VAL B 1579 -58.48 91.64 -51.00
C VAL B 1579 -58.98 90.32 -51.57
N LEU B 1580 -59.52 90.36 -52.79
CA LEU B 1580 -59.99 89.13 -53.43
C LEU B 1580 -59.01 88.56 -54.46
N GLY B 1581 -58.18 89.44 -55.02
CA GLY B 1581 -57.22 89.01 -56.02
C GLY B 1581 -56.15 90.07 -56.21
N LEU B 1582 -55.06 89.73 -56.88
CA LEU B 1582 -53.98 90.69 -57.11
C LEU B 1582 -53.77 91.04 -58.59
N GLY B 1583 -53.18 92.21 -58.84
CA GLY B 1583 -52.89 92.71 -60.17
C GLY B 1583 -54.07 93.37 -60.86
N ASP B 1584 -54.88 94.07 -60.07
CA ASP B 1584 -55.93 94.96 -60.57
C ASP B 1584 -55.64 96.43 -60.30
N VAL B 1585 -54.73 97.06 -61.03
CA VAL B 1585 -54.11 96.49 -62.19
C VAL B 1585 -52.60 96.74 -62.06
N PHE B 1586 -51.81 95.68 -62.26
CA PHE B 1586 -50.33 95.66 -62.24
C PHE B 1586 -49.72 95.58 -60.85
N LEU B 1587 -48.53 94.98 -60.80
CA LEU B 1587 -47.71 94.84 -59.59
C LEU B 1587 -48.47 94.73 -58.26
N GLY B 1588 -49.25 93.66 -58.13
CA GLY B 1588 -49.95 93.34 -56.90
C GLY B 1588 -51.05 94.30 -56.49
N SER B 1589 -51.46 95.15 -57.42
CA SER B 1589 -52.63 96.00 -57.24
C SER B 1589 -53.85 95.15 -56.86
N PRO B 1590 -54.49 95.47 -55.73
CA PRO B 1590 -55.54 94.60 -55.23
C PRO B 1590 -56.89 94.85 -55.87
N CYS B 1591 -57.73 93.82 -55.90
CA CYS B 1591 -59.16 94.01 -56.07
C CYS B 1591 -59.88 93.59 -54.80
N ALA B 1592 -60.49 94.57 -54.14
CA ALA B 1592 -61.00 94.36 -52.79
C ALA B 1592 -62.48 94.71 -52.73
N VAL B 1593 -63.14 94.28 -51.67
CA VAL B 1593 -64.57 94.47 -51.56
C VAL B 1593 -64.93 94.78 -50.11
N PRO B 1594 -65.81 95.76 -49.88
CA PRO B 1594 -66.03 96.05 -48.47
C PRO B 1594 -66.68 94.85 -47.80
N LEU B 1595 -66.30 94.58 -46.55
CA LEU B 1595 -66.84 93.44 -45.83
C LEU B 1595 -68.25 93.73 -45.35
N ASP B 1596 -68.56 95.02 -45.22
CA ASP B 1596 -69.89 95.49 -44.91
C ASP B 1596 -70.68 95.68 -46.21
N PRO B 1597 -71.76 94.90 -46.40
CA PRO B 1597 -72.57 95.00 -47.62
C PRO B 1597 -73.19 96.38 -47.83
N ARG B 1598 -73.38 97.12 -46.74
CA ARG B 1598 -73.88 98.49 -46.85
C ARG B 1598 -72.80 99.47 -47.32
N HIS B 1599 -71.62 98.95 -47.63
CA HIS B 1599 -70.52 99.79 -48.11
C HIS B 1599 -70.31 99.56 -49.60
N ARG B 1600 -71.23 98.85 -50.23
CA ARG B 1600 -71.05 98.45 -51.61
C ARG B 1600 -71.93 99.45 -52.31
N TYR B 1601 -71.29 100.33 -53.08
CA TYR B 1601 -71.95 101.30 -53.93
C TYR B 1601 -72.00 100.95 -55.40
N LEU B 1602 -73.10 101.34 -56.05
CA LEU B 1602 -73.20 101.27 -57.50
C LEU B 1602 -72.16 102.17 -58.11
N GLY B 1603 -71.91 102.00 -59.39
CA GLY B 1603 -70.85 102.73 -60.05
C GLY B 1603 -70.69 102.24 -61.48
N THR B 1604 -69.50 102.43 -62.01
CA THR B 1604 -69.14 101.93 -63.33
C THR B 1604 -67.64 102.11 -63.54
N LYS B 1605 -67.10 101.39 -64.50
CA LYS B 1605 -65.70 101.53 -64.84
C LYS B 1605 -65.71 102.44 -66.06
N TYR B 1606 -64.59 103.09 -66.34
CA TYR B 1606 -64.57 104.09 -67.41
C TYR B 1606 -64.92 103.49 -68.75
N ASN B 1607 -65.48 104.30 -69.63
CA ASN B 1607 -65.77 103.90 -71.01
C ASN B 1607 -65.34 105.02 -71.96
N PRO B 1608 -64.16 104.90 -72.59
CA PRO B 1608 -63.16 103.85 -72.44
C PRO B 1608 -62.25 104.12 -71.25
N SER B 1609 -61.33 103.20 -70.95
CA SER B 1609 -60.44 103.37 -69.81
C SER B 1609 -59.42 104.50 -70.03
N ARG B 1610 -58.87 104.99 -68.93
CA ARG B 1610 -57.79 105.96 -68.97
C ARG B 1610 -56.54 105.33 -69.52
N THR B 1611 -55.58 106.13 -69.96
CA THR B 1611 -54.30 105.55 -70.34
C THR B 1611 -53.28 105.79 -69.23
N TYR B 1612 -53.66 106.65 -68.30
CA TYR B 1612 -52.74 107.08 -67.26
C TYR B 1612 -53.41 107.20 -65.92
N THR B 1613 -52.72 106.73 -64.89
CA THR B 1613 -53.16 106.86 -63.52
C THR B 1613 -51.94 107.03 -62.62
N ALA B 1614 -52.10 107.72 -61.50
CA ALA B 1614 -50.95 108.08 -60.69
C ALA B 1614 -50.69 106.97 -59.69
N ARG B 1615 -49.43 106.79 -59.31
CA ARG B 1615 -49.06 105.80 -58.32
C ARG B 1615 -49.75 106.04 -56.97
N GLY B 1616 -50.38 104.99 -56.46
CA GLY B 1616 -51.02 105.04 -55.16
C GLY B 1616 -52.47 105.50 -55.17
N VAL B 1617 -52.96 105.96 -56.32
CA VAL B 1617 -54.36 106.34 -56.48
C VAL B 1617 -55.30 105.21 -56.05
N VAL B 1618 -56.33 105.54 -55.28
CA VAL B 1618 -57.34 104.57 -54.87
C VAL B 1618 -58.58 104.68 -55.73
N GLY B 1619 -59.08 103.53 -56.19
CA GLY B 1619 -60.25 103.54 -57.05
C GLY B 1619 -61.43 102.74 -56.56
N ILE B 1620 -62.58 103.03 -57.16
CA ILE B 1620 -63.81 102.30 -56.89
C ILE B 1620 -64.43 101.99 -58.24
N GLY B 1621 -64.58 100.69 -58.50
CA GLY B 1621 -65.09 100.18 -59.76
C GLY B 1621 -66.26 99.31 -59.44
N GLY B 1622 -67.45 99.80 -59.77
CA GLY B 1622 -68.68 99.21 -59.29
C GLY B 1622 -68.57 99.22 -57.78
N MET B 1623 -68.69 98.07 -57.15
CA MET B 1623 -68.52 98.00 -55.70
C MET B 1623 -67.09 97.68 -55.25
N TYR B 1624 -66.17 97.53 -56.19
CA TYR B 1624 -64.84 97.06 -55.81
C TYR B 1624 -63.88 98.23 -55.64
N MET B 1625 -62.86 98.00 -54.82
CA MET B 1625 -61.84 99.00 -54.55
C MET B 1625 -60.46 98.54 -55.07
N CYS B 1626 -59.70 99.46 -55.66
CA CYS B 1626 -58.32 99.10 -56.04
C CYS B 1626 -57.33 100.18 -55.65
N ILE B 1627 -56.08 99.78 -55.47
CA ILE B 1627 -54.96 100.70 -55.31
C ILE B 1627 -54.04 100.48 -56.50
N TYR B 1628 -53.80 101.54 -57.26
CA TYR B 1628 -52.95 101.41 -58.42
C TYR B 1628 -51.51 101.41 -57.93
N ASN B 1629 -50.89 100.24 -57.81
CA ASN B 1629 -49.53 100.18 -57.26
C ASN B 1629 -48.45 100.75 -58.15
N ALA B 1630 -48.75 100.94 -59.42
CA ALA B 1630 -47.73 101.44 -60.34
C ALA B 1630 -48.01 102.83 -60.95
N GLU B 1631 -46.93 103.58 -61.14
CA GLU B 1631 -47.01 104.91 -61.75
C GLU B 1631 -47.21 104.85 -63.26
N GLY B 1632 -48.24 105.54 -63.75
CA GLY B 1632 -48.47 105.61 -65.17
C GLY B 1632 -49.17 104.40 -65.74
N SER B 1633 -50.13 103.85 -65.00
CA SER B 1633 -50.86 102.69 -65.51
C SER B 1633 -52.24 103.04 -66.00
N PRO B 1634 -52.66 102.38 -67.10
CA PRO B 1634 -54.03 102.52 -67.58
C PRO B 1634 -54.95 102.12 -66.45
N GLY B 1635 -56.19 102.61 -66.46
CA GLY B 1635 -57.07 102.39 -65.35
C GLY B 1635 -58.48 102.80 -65.70
N GLY B 1636 -59.43 102.19 -65.02
CA GLY B 1636 -60.82 102.35 -65.40
C GLY B 1636 -61.70 102.60 -64.20
N TYR B 1637 -61.16 102.43 -63.01
CA TYR B 1637 -61.93 102.66 -61.80
C TYR B 1637 -62.17 104.16 -61.58
N GLN B 1638 -63.27 104.47 -60.88
CA GLN B 1638 -63.58 105.81 -60.42
C GLN B 1638 -62.58 106.26 -59.37
N LEU B 1639 -61.97 107.42 -59.59
CA LEU B 1639 -60.86 107.86 -58.75
C LEU B 1639 -61.33 108.72 -57.59
N VAL B 1640 -60.76 108.41 -56.44
CA VAL B 1640 -61.31 108.75 -55.15
C VAL B 1640 -60.32 109.35 -54.15
N GLY B 1641 -59.05 109.05 -54.31
CA GLY B 1641 -58.02 109.51 -53.39
C GLY B 1641 -56.71 108.75 -53.59
N ARG B 1642 -55.75 108.94 -52.70
CA ARG B 1642 -54.44 108.32 -52.90
C ARG B 1642 -53.76 107.85 -51.60
N THR B 1643 -53.20 106.63 -51.67
CA THR B 1643 -52.38 106.00 -50.65
C THR B 1643 -50.92 105.92 -51.07
N ILE B 1644 -50.23 104.97 -50.43
CA ILE B 1644 -48.90 104.56 -50.83
C ILE B 1644 -49.05 103.30 -51.65
N THR B 1645 -48.15 103.11 -52.60
CA THR B 1645 -48.14 101.89 -53.39
C THR B 1645 -48.00 100.64 -52.50
N ALA B 1646 -48.76 99.59 -52.82
CA ALA B 1646 -48.61 98.32 -52.11
C ALA B 1646 -47.71 97.41 -52.93
N TRP B 1647 -46.75 98.03 -53.61
CA TRP B 1647 -45.68 97.29 -54.27
C TRP B 1647 -44.33 97.88 -53.88
N ASP B 1648 -43.48 97.02 -53.33
CA ASP B 1648 -42.22 97.46 -52.78
C ASP B 1648 -41.16 96.80 -53.63
N LYS B 1649 -40.88 97.40 -54.79
CA LYS B 1649 -39.99 96.83 -55.81
C LYS B 1649 -38.72 96.20 -55.25
N LEU B 1650 -38.06 96.89 -54.32
CA LEU B 1650 -36.80 96.40 -53.78
C LEU B 1650 -36.93 95.77 -52.41
N VAL B 1651 -38.17 95.56 -51.98
CA VAL B 1651 -38.47 94.90 -50.71
C VAL B 1651 -37.67 95.60 -49.62
N ILE B 1652 -37.65 96.93 -49.66
CA ILE B 1652 -36.92 97.66 -48.65
C ILE B 1652 -37.84 98.31 -47.63
N GLY B 1653 -39.15 98.13 -47.80
CA GLY B 1653 -40.11 98.86 -47.00
C GLY B 1653 -39.99 98.43 -45.55
N ASP B 1654 -40.66 99.13 -44.63
CA ASP B 1654 -40.59 98.75 -43.23
C ASP B 1654 -41.85 97.96 -42.91
N HIS B 1655 -41.80 96.67 -43.19
CA HIS B 1655 -42.95 95.78 -43.05
C HIS B 1655 -42.42 94.35 -42.95
N PRO B 1656 -43.26 93.39 -42.57
CA PRO B 1656 -42.70 92.04 -42.57
C PRO B 1656 -43.00 91.20 -43.82
N ILE B 1657 -43.10 91.82 -44.99
CA ILE B 1657 -43.40 91.03 -46.18
C ILE B 1657 -42.12 90.72 -46.95
N ASP B 1658 -41.99 89.47 -47.40
CA ASP B 1658 -40.75 88.98 -47.99
C ASP B 1658 -40.62 89.10 -49.51
N HIS B 1659 -41.73 89.40 -50.19
CA HIS B 1659 -41.67 89.72 -51.63
C HIS B 1659 -42.24 91.14 -51.94
N PRO B 1660 -42.06 91.65 -53.19
CA PRO B 1660 -42.58 92.99 -53.54
C PRO B 1660 -44.09 93.25 -53.39
N TRP B 1661 -44.94 92.27 -53.67
CA TRP B 1661 -46.37 92.50 -53.52
C TRP B 1661 -46.75 92.36 -52.05
N LEU B 1662 -47.21 93.46 -51.46
CA LEU B 1662 -47.43 93.50 -50.01
C LEU B 1662 -48.70 92.76 -49.60
N LEU B 1663 -49.67 92.68 -50.51
CA LEU B 1663 -50.95 92.07 -50.16
C LEU B 1663 -51.13 90.63 -50.64
N THR B 1664 -52.06 89.93 -50.01
CA THR B 1664 -52.43 88.56 -50.38
C THR B 1664 -53.96 88.50 -50.36
N PRO B 1665 -54.56 87.66 -51.23
CA PRO B 1665 -56.02 87.49 -51.13
C PRO B 1665 -56.45 87.11 -49.73
N PHE B 1666 -57.58 87.65 -49.27
CA PHE B 1666 -58.11 87.50 -47.90
C PHE B 1666 -57.52 88.49 -46.88
N ASP B 1667 -56.42 89.15 -47.24
CA ASP B 1667 -56.00 90.32 -46.45
C ASP B 1667 -57.05 91.41 -46.40
N GLN B 1668 -56.87 92.31 -45.45
CA GLN B 1668 -57.78 93.44 -45.27
C GLN B 1668 -57.05 94.77 -45.30
N VAL B 1669 -57.63 95.72 -46.04
CA VAL B 1669 -57.09 97.07 -46.11
C VAL B 1669 -58.10 98.01 -45.48
N GLU B 1670 -57.66 98.82 -44.52
CA GLU B 1670 -58.47 99.90 -43.97
C GLU B 1670 -57.79 101.24 -44.25
N PHE B 1671 -58.56 102.26 -44.60
CA PHE B 1671 -57.99 103.59 -44.81
C PHE B 1671 -58.18 104.52 -43.60
N TYR B 1672 -57.15 105.32 -43.33
CA TYR B 1672 -57.24 106.42 -42.38
C TYR B 1672 -56.83 107.75 -43.03
N PRO B 1673 -57.49 108.85 -42.63
CA PRO B 1673 -57.31 110.18 -43.23
C PRO B 1673 -55.97 110.89 -42.98
N VAL B 1674 -55.31 111.26 -44.07
CA VAL B 1674 -54.24 112.25 -44.02
C VAL B 1674 -54.43 113.34 -45.04
N THR B 1675 -53.72 114.45 -44.80
CA THR B 1675 -53.65 115.61 -45.69
C THR B 1675 -52.78 115.26 -46.91
N GLU B 1676 -52.99 115.90 -48.06
CA GLU B 1676 -52.11 115.68 -49.22
C GLU B 1676 -50.63 115.86 -48.86
N GLU B 1677 -50.29 116.96 -48.20
CA GLU B 1677 -48.89 117.21 -47.82
C GLU B 1677 -48.41 116.17 -46.79
N GLU B 1678 -49.27 115.73 -45.87
CA GLU B 1678 -48.89 114.68 -44.92
C GLU B 1678 -48.62 113.37 -45.66
N LEU B 1679 -49.34 113.16 -46.75
CA LEU B 1679 -49.17 111.97 -47.58
C LEU B 1679 -47.88 111.99 -48.40
N GLU B 1680 -47.47 113.16 -48.90
CA GLU B 1680 -46.22 113.24 -49.63
C GLU B 1680 -45.05 113.01 -48.69
N VAL B 1681 -45.23 113.31 -47.40
CA VAL B 1681 -44.15 113.09 -46.46
C VAL B 1681 -44.01 111.58 -46.31
N ILE B 1682 -45.13 110.93 -45.99
CA ILE B 1682 -45.20 109.47 -45.87
C ILE B 1682 -44.68 108.73 -47.10
N ILE B 1683 -45.04 109.22 -48.28
CA ILE B 1683 -44.67 108.58 -49.54
C ILE B 1683 -43.14 108.55 -49.71
N GLU B 1684 -42.47 109.70 -49.54
CA GLU B 1684 -41.01 109.76 -49.58
C GLU B 1684 -40.37 108.87 -48.50
N ASP B 1685 -40.90 108.94 -47.28
CA ASP B 1685 -40.38 108.11 -46.19
C ASP B 1685 -40.50 106.62 -46.54
N ASN B 1686 -41.60 106.24 -47.14
CA ASN B 1686 -41.85 104.84 -47.43
C ASN B 1686 -40.99 104.33 -48.59
N ASP B 1687 -40.67 105.21 -49.54
CA ASP B 1687 -39.79 104.85 -50.67
C ASP B 1687 -38.37 104.59 -50.22
N ASN B 1688 -38.05 105.05 -49.02
CA ASN B 1688 -36.71 104.89 -48.48
C ASN B 1688 -36.75 103.98 -47.26
N GLY B 1689 -37.87 103.29 -47.08
CA GLY B 1689 -38.04 102.35 -45.99
C GLY B 1689 -38.07 102.95 -44.60
N LYS B 1690 -38.33 104.24 -44.52
CA LYS B 1690 -38.45 104.89 -43.21
C LYS B 1690 -39.89 105.10 -42.77
N PHE B 1691 -40.83 104.42 -43.41
CA PHE B 1691 -42.22 104.52 -42.96
C PHE B 1691 -42.74 103.17 -42.51
N LYS B 1692 -43.31 103.15 -41.29
CA LYS B 1692 -43.70 101.91 -40.60
C LYS B 1692 -45.14 101.58 -40.93
N ILE B 1693 -45.31 100.74 -41.94
CA ILE B 1693 -46.62 100.24 -42.33
C ILE B 1693 -47.30 99.49 -41.19
N ASP B 1694 -48.56 99.82 -40.94
CA ASP B 1694 -49.28 99.25 -39.82
C ASP B 1694 -49.89 97.95 -40.33
N VAL B 1695 -49.25 96.85 -40.01
CA VAL B 1695 -49.72 95.53 -40.41
C VAL B 1695 -49.81 94.61 -39.22
N GLU B 1696 -50.95 93.94 -39.09
CA GLU B 1696 -51.10 92.92 -38.07
C GLU B 1696 -51.50 91.59 -38.68
N GLU B 1697 -50.77 90.53 -38.35
CA GLU B 1697 -51.19 89.17 -38.69
C GLU B 1697 -52.42 88.83 -37.89
N SER B 1698 -53.51 88.43 -38.53
CA SER B 1698 -54.59 87.76 -37.81
C SER B 1698 -55.31 86.70 -38.65
N ILE B 1699 -56.57 86.44 -38.29
CA ILE B 1699 -57.33 85.34 -38.86
C ILE B 1699 -58.74 85.83 -39.22
N PHE B 1700 -59.15 85.67 -40.47
CA PHE B 1700 -60.55 85.93 -40.79
C PHE B 1700 -61.41 84.69 -40.65
N ASP B 1701 -62.46 84.82 -39.85
CA ASP B 1701 -63.28 83.69 -39.43
C ASP B 1701 -64.66 83.87 -40.06
N HIS B 1702 -65.02 82.96 -40.97
CA HIS B 1702 -66.20 83.15 -41.81
C HIS B 1702 -67.35 82.97 -40.79
N LYS B 1703 -67.28 81.97 -39.88
CA LYS B 1703 -68.36 81.76 -38.89
C LYS B 1703 -68.55 82.99 -37.98
N GLU B 1704 -67.52 83.79 -37.79
CA GLU B 1704 -67.69 84.98 -36.97
C GLU B 1704 -68.36 86.09 -37.80
N TYR B 1705 -67.98 86.13 -39.06
CA TYR B 1705 -68.60 87.00 -40.05
C TYR B 1705 -70.07 86.72 -40.37
N LEU B 1706 -70.46 85.46 -40.46
CA LEU B 1706 -71.86 85.11 -40.69
C LEU B 1706 -72.71 85.65 -39.54
N ALA B 1707 -72.13 85.51 -38.35
CA ALA B 1707 -72.64 85.95 -37.04
C ALA B 1707 -72.91 87.44 -37.11
N TRP B 1708 -71.86 88.17 -37.45
CA TRP B 1708 -71.95 89.60 -37.60
C TRP B 1708 -73.01 89.93 -38.63
N ILE B 1709 -73.18 89.14 -39.68
CA ILE B 1709 -74.15 89.57 -40.68
C ILE B 1709 -75.50 89.53 -39.97
N ASN B 1710 -75.86 88.42 -39.32
CA ASN B 1710 -77.13 88.40 -38.61
C ASN B 1710 -77.43 89.57 -37.66
N GLU B 1711 -76.39 90.02 -36.91
CA GLU B 1711 -76.57 91.08 -35.88
C GLU B 1711 -76.79 92.40 -36.58
N ASN B 1712 -76.82 92.34 -37.91
CA ASN B 1712 -77.11 93.47 -38.74
C ASN B 1712 -77.83 93.12 -40.03
N ILE B 1713 -78.48 91.96 -40.06
CA ILE B 1713 -79.25 91.50 -41.20
C ILE B 1713 -80.30 92.54 -41.59
N ASP B 1714 -81.00 93.11 -40.63
CA ASP B 1714 -82.10 94.00 -40.98
C ASP B 1714 -81.62 95.29 -41.65
N SER B 1715 -80.65 95.99 -41.05
CA SER B 1715 -79.93 97.09 -41.72
C SER B 1715 -79.44 96.79 -43.14
N ILE B 1716 -78.75 95.66 -43.28
CA ILE B 1716 -78.22 95.18 -44.56
C ILE B 1716 -79.31 95.01 -45.64
N VAL B 1717 -80.42 94.38 -45.27
CA VAL B 1717 -81.49 94.09 -46.22
C VAL B 1717 -82.15 95.39 -46.62
N ALA B 1718 -82.34 96.30 -45.66
CA ALA B 1718 -83.03 97.55 -45.94
C ALA B 1718 -82.14 98.31 -46.92
N PHE B 1719 -80.85 98.36 -46.66
CA PHE B 1719 -79.90 98.97 -47.61
C PHE B 1719 -80.00 98.34 -48.99
N GLN B 1720 -80.04 97.01 -49.06
CA GLN B 1720 -80.01 96.31 -50.35
C GLN B 1720 -81.27 96.50 -51.19
N GLU B 1721 -82.44 96.46 -50.54
CA GLU B 1721 -83.69 96.54 -51.27
C GLU B 1721 -83.81 97.91 -51.90
N ALA B 1722 -83.24 98.91 -51.23
CA ALA B 1722 -83.34 100.30 -51.66
C ALA B 1722 -82.16 100.84 -52.48
N GLN B 1723 -81.50 100.02 -53.29
CA GLN B 1723 -80.26 100.50 -53.89
C GLN B 1723 -80.41 101.03 -55.32
N GLY B 1724 -81.05 100.26 -56.20
CA GLY B 1724 -81.20 100.71 -57.57
C GLY B 1724 -82.49 101.46 -57.81
N GLY B 1725 -82.99 101.41 -59.04
CA GLY B 1725 -84.22 102.10 -59.38
C GLY B 1725 -84.14 102.74 -60.74
N GLU B 1726 -85.08 103.63 -61.04
CA GLU B 1726 -85.09 104.29 -62.34
C GLU B 1726 -83.88 105.20 -62.54
N LYS B 1727 -83.39 105.79 -61.45
CA LYS B 1727 -82.28 106.72 -61.54
C LYS B 1727 -80.98 106.03 -61.94
N ALA B 1728 -80.69 104.92 -61.28
CA ALA B 1728 -79.56 104.09 -61.67
C ALA B 1728 -79.66 103.60 -63.12
N ASP B 1729 -80.86 103.27 -63.58
CA ASP B 1729 -81.06 102.83 -64.96
C ASP B 1729 -80.83 103.92 -66.01
N GLU B 1730 -81.21 105.15 -65.72
CA GLU B 1730 -80.92 106.24 -66.65
C GLU B 1730 -79.41 106.36 -66.75
N PHE B 1731 -78.74 106.29 -65.60
CA PHE B 1731 -77.28 106.27 -65.59
C PHE B 1731 -76.74 105.14 -66.44
N ALA B 1732 -77.24 103.92 -66.24
CA ALA B 1732 -76.77 102.78 -67.01
C ALA B 1732 -76.98 102.99 -68.50
N ARG B 1733 -78.08 103.67 -68.84
CA ARG B 1733 -78.37 104.00 -70.22
C ARG B 1733 -77.36 105.03 -70.76
N LEU B 1734 -77.22 106.17 -70.09
CA LEU B 1734 -76.23 107.19 -70.47
C LEU B 1734 -74.79 106.65 -70.56
N ILE B 1735 -74.39 105.85 -69.55
CA ILE B 1735 -73.03 105.31 -69.41
C ILE B 1735 -72.65 104.50 -70.66
N GLN B 1736 -73.67 103.88 -71.27
CA GLN B 1736 -73.54 103.00 -72.44
C GLN B 1736 -73.32 103.70 -73.79
N VAL B 1737 -73.35 105.02 -73.82
CA VAL B 1737 -73.18 105.74 -75.09
C VAL B 1737 -71.73 105.72 -75.53
N MET C 1 -20.83 -68.44 52.39
CA MET C 1 -20.36 -68.56 51.02
C MET C 1 -19.39 -69.71 50.78
N GLU C 2 -18.18 -69.39 50.35
CA GLU C 2 -17.31 -70.32 49.62
C GLU C 2 -15.89 -70.38 50.17
N SER C 3 -15.34 -71.59 50.28
CA SER C 3 -14.01 -71.76 50.86
C SER C 3 -12.87 -71.30 49.96
N THR C 4 -11.94 -70.62 50.60
CA THR C 4 -10.89 -69.86 49.94
C THR C 4 -9.51 -70.42 50.29
N LEU C 5 -9.46 -71.26 51.32
CA LEU C 5 -8.24 -71.93 51.79
C LEU C 5 -7.52 -72.76 50.72
N GLY C 6 -6.31 -72.36 50.35
CA GLY C 6 -5.50 -73.16 49.44
C GLY C 6 -5.69 -72.78 47.99
N TRP C 7 -6.25 -71.60 47.77
CA TRP C 7 -6.36 -71.05 46.43
C TRP C 7 -5.01 -70.57 45.92
N SER C 8 -4.65 -70.99 44.70
CA SER C 8 -3.59 -70.33 43.93
C SER C 8 -3.93 -68.87 43.62
N VAL C 9 -2.92 -68.09 43.25
CA VAL C 9 -3.15 -66.77 42.64
C VAL C 9 -4.19 -66.82 41.52
N GLN C 10 -4.09 -67.82 40.65
CA GLN C 10 -5.00 -67.94 39.50
C GLN C 10 -6.44 -68.17 39.97
N ASP C 11 -6.61 -69.03 40.97
CA ASP C 11 -7.93 -69.25 41.58
C ASP C 11 -8.55 -67.92 42.01
N TRP C 12 -7.78 -67.10 42.72
CA TRP C 12 -8.23 -65.78 43.13
C TRP C 12 -8.60 -64.87 41.96
N LEU C 13 -7.78 -64.85 40.91
CA LEU C 13 -8.03 -63.97 39.77
C LEU C 13 -9.29 -64.40 39.03
N SER C 14 -9.46 -65.71 38.89
CA SER C 14 -10.65 -66.23 38.24
C SER C 14 -11.90 -65.77 38.98
N PHE C 15 -11.92 -65.91 40.31
CA PHE C 15 -13.05 -65.39 41.07
C PHE C 15 -13.36 -63.93 40.77
N HIS C 16 -12.33 -63.09 40.80
CA HIS C 16 -12.54 -61.65 40.63
C HIS C 16 -13.12 -61.31 39.27
N SER C 17 -12.68 -62.00 38.23
CA SER C 17 -13.15 -61.69 36.89
C SER C 17 -14.64 -61.96 36.74
N LYS C 18 -15.05 -63.18 37.05
CA LYS C 18 -16.47 -63.54 37.03
C LYS C 18 -17.31 -63.00 38.19
N SER C 19 -16.70 -62.34 39.17
CA SER C 19 -17.52 -61.73 40.23
C SER C 19 -17.63 -60.23 40.10
N THR C 20 -18.36 -59.64 41.04
CA THR C 20 -18.65 -58.21 41.00
C THR C 20 -17.71 -57.59 42.01
N PRO C 21 -17.34 -56.32 41.81
CA PRO C 21 -16.57 -55.58 42.81
C PRO C 21 -17.08 -55.73 44.25
N THR C 22 -18.34 -56.06 44.47
CA THR C 22 -18.83 -56.11 45.86
C THR C 22 -18.72 -57.50 46.44
N LYS C 23 -19.09 -58.51 45.68
CA LYS C 23 -18.93 -59.88 46.14
C LYS C 23 -17.48 -60.34 46.20
N SER C 24 -16.60 -59.72 45.42
CA SER C 24 -15.18 -59.99 45.63
C SER C 24 -14.62 -59.24 46.83
N LEU C 25 -15.05 -58.00 47.09
CA LEU C 25 -14.70 -57.36 48.38
C LEU C 25 -15.16 -58.21 49.57
N GLU C 26 -16.31 -58.87 49.45
CA GLU C 26 -16.85 -59.61 50.59
C GLU C 26 -15.98 -60.82 50.89
N LEU C 27 -15.50 -61.48 49.84
CA LEU C 27 -14.64 -62.65 49.99
C LEU C 27 -13.36 -62.34 50.79
N LEU C 28 -12.81 -61.14 50.58
CA LEU C 28 -11.59 -60.73 51.28
C LEU C 28 -11.92 -60.30 52.72
N GLU C 29 -13.04 -59.59 52.87
CA GLU C 29 -13.53 -59.24 54.21
C GLU C 29 -13.77 -60.50 55.03
N ASN C 30 -14.32 -61.53 54.38
CA ASN C 30 -14.57 -62.80 55.01
C ASN C 30 -13.29 -63.54 55.37
N LEU C 31 -12.34 -63.56 54.44
CA LEU C 31 -11.01 -64.07 54.75
C LEU C 31 -10.40 -63.33 55.95
N LEU C 32 -10.41 -62.00 55.92
CA LEU C 32 -9.87 -61.21 57.03
C LEU C 32 -10.54 -61.56 58.39
N LYS C 33 -11.87 -61.68 58.40
CA LYS C 33 -12.57 -62.07 59.63
C LYS C 33 -12.13 -63.41 60.25
N SER C 34 -11.81 -64.40 59.43
CA SER C 34 -11.41 -65.71 59.94
C SER C 34 -10.02 -65.76 60.56
N GLN C 35 -9.24 -64.69 60.41
CA GLN C 35 -7.88 -64.66 60.95
C GLN C 35 -7.84 -64.03 62.33
N LYS C 36 -6.96 -64.54 63.17
CA LYS C 36 -6.84 -64.04 64.53
C LYS C 36 -5.39 -63.67 64.81
N PRO C 37 -5.18 -62.56 65.52
CA PRO C 37 -3.82 -62.04 65.75
C PRO C 37 -3.05 -62.61 66.93
N ALA C 38 -2.08 -61.81 67.37
CA ALA C 38 -1.57 -61.82 68.73
C ALA C 38 -1.19 -63.26 69.27
N PRO C 39 -1.59 -63.71 70.51
CA PRO C 39 -1.10 -65.07 70.76
C PRO C 39 -2.06 -66.17 70.29
N GLU C 40 -3.30 -65.80 69.95
CA GLU C 40 -4.29 -66.79 69.55
C GLU C 40 -3.81 -67.51 68.30
N ASP C 41 -3.45 -66.77 67.27
CA ASP C 41 -2.72 -67.37 66.17
C ASP C 41 -1.31 -66.77 66.18
N PRO C 42 -0.32 -67.57 66.58
CA PRO C 42 1.07 -67.07 66.64
C PRO C 42 1.61 -66.61 65.28
N ALA C 43 1.06 -67.13 64.18
CA ALA C 43 1.49 -66.74 62.82
C ALA C 43 1.33 -65.24 62.50
N TRP C 44 0.36 -64.57 63.11
CA TRP C 44 0.10 -63.17 62.82
C TRP C 44 0.52 -62.29 63.99
N ILE C 45 1.43 -61.35 63.75
CA ILE C 45 1.71 -60.35 64.76
C ILE C 45 0.55 -59.35 64.73
N SER C 46 0.17 -58.94 63.52
CA SER C 46 -0.96 -58.02 63.36
C SER C 46 -1.74 -58.23 62.05
N LEU C 47 -2.97 -57.74 62.02
CA LEU C 47 -3.87 -57.96 60.91
C LEU C 47 -4.47 -56.59 60.58
N ILE C 48 -4.79 -56.35 59.32
CA ILE C 48 -5.40 -55.06 58.95
C ILE C 48 -6.81 -54.88 59.49
N PRO C 49 -7.16 -53.63 59.83
CA PRO C 49 -8.54 -53.26 60.14
C PRO C 49 -9.41 -53.34 58.90
N VAL C 50 -10.71 -53.50 59.11
CA VAL C 50 -11.64 -53.59 58.01
C VAL C 50 -11.59 -52.28 57.21
N GLU C 51 -11.41 -51.16 57.90
CA GLU C 51 -11.27 -49.88 57.19
C GLU C 51 -10.11 -49.90 56.20
N ASP C 52 -8.96 -50.39 56.65
CA ASP C 52 -7.81 -50.52 55.77
C ASP C 52 -8.04 -51.43 54.56
N LEU C 53 -8.71 -52.56 54.76
CA LEU C 53 -9.11 -53.39 53.62
C LEU C 53 -9.95 -52.61 52.61
N HIS C 54 -10.87 -51.79 53.10
CA HIS C 54 -11.63 -50.91 52.21
C HIS C 54 -10.72 -49.93 51.46
N HIS C 55 -9.86 -49.25 52.20
CA HIS C 55 -8.88 -48.32 51.63
C HIS C 55 -8.08 -48.93 50.49
N GLN C 56 -7.49 -50.10 50.73
CA GLN C 56 -6.69 -50.78 49.72
C GLN C 56 -7.54 -51.10 48.52
N TRP C 57 -8.78 -51.51 48.79
CA TRP C 57 -9.71 -51.90 47.73
C TRP C 57 -10.28 -50.73 46.90
N ASN C 58 -10.49 -49.57 47.51
CA ASN C 58 -10.87 -48.37 46.78
C ASN C 58 -9.74 -48.00 45.85
N ILE C 59 -8.57 -47.87 46.46
CA ILE C 59 -7.31 -47.79 45.76
C ILE C 59 -7.16 -48.63 44.52
N LEU C 60 -7.47 -49.89 44.71
CA LEU C 60 -7.49 -50.87 43.67
C LEU C 60 -8.47 -50.60 42.52
N GLN C 61 -9.68 -50.20 42.89
CA GLN C 61 -10.75 -49.90 41.92
C GLN C 61 -10.36 -48.77 41.08
N SER C 62 -9.64 -47.87 41.71
CA SER C 62 -9.02 -46.77 41.03
C SER C 62 -8.17 -47.30 39.90
N LYS C 63 -7.70 -48.55 39.90
CA LYS C 63 -6.78 -48.79 38.80
C LYS C 63 -7.56 -49.11 37.46
N SER C 64 -7.05 -48.62 36.31
CA SER C 64 -7.91 -48.56 35.08
C SER C 64 -7.49 -49.51 34.00
N ASN C 65 -6.95 -50.64 34.42
CA ASN C 65 -6.41 -51.62 33.50
C ASN C 65 -6.31 -52.90 34.28
N LYS C 66 -7.12 -53.00 35.33
CA LYS C 66 -7.30 -54.22 36.07
C LYS C 66 -7.59 -55.25 35.00
N GLU C 67 -7.12 -56.48 35.18
CA GLU C 67 -7.22 -57.55 34.16
C GLU C 67 -5.96 -57.39 33.31
N GLU C 68 -4.97 -56.71 33.87
CA GLU C 68 -3.61 -56.61 33.34
C GLU C 68 -2.70 -56.52 34.53
N LEU C 69 -3.33 -56.53 35.69
CA LEU C 69 -2.64 -56.49 36.96
C LEU C 69 -2.48 -57.93 37.42
N PRO C 70 -1.25 -58.45 37.42
CA PRO C 70 -1.11 -59.91 37.58
C PRO C 70 -1.43 -60.42 39.00
N LEU C 71 -1.58 -59.51 39.96
CA LEU C 71 -2.02 -59.90 41.30
C LEU C 71 -3.29 -59.19 41.77
N TYR C 72 -4.19 -58.87 40.83
CA TYR C 72 -5.43 -58.15 41.14
C TYR C 72 -6.21 -58.76 42.30
N GLY C 73 -6.35 -57.99 43.37
CA GLY C 73 -7.12 -58.37 44.53
C GLY C 73 -6.71 -59.68 45.17
N VAL C 74 -5.41 -59.97 45.12
CA VAL C 74 -4.88 -61.23 45.63
C VAL C 74 -4.29 -60.99 47.01
N PRO C 75 -4.76 -61.73 48.01
CA PRO C 75 -4.24 -61.37 49.33
C PRO C 75 -2.85 -61.93 49.58
N ILE C 76 -2.03 -61.20 50.35
CA ILE C 76 -0.67 -61.63 50.69
C ILE C 76 -0.33 -61.31 52.14
N ALA C 77 0.57 -62.07 52.75
CA ALA C 77 1.08 -61.72 54.08
C ALA C 77 2.49 -61.16 53.93
N VAL C 78 2.90 -60.25 54.80
CA VAL C 78 4.29 -59.81 54.82
C VAL C 78 4.97 -59.86 56.19
N LYS C 79 6.13 -60.48 56.21
CA LYS C 79 6.97 -60.60 57.40
C LYS C 79 7.06 -59.26 58.11
N ASP C 80 6.87 -59.26 59.42
CA ASP C 80 6.81 -58.04 60.21
C ASP C 80 8.20 -57.42 60.38
N ASN C 81 8.88 -57.39 59.24
CA ASN C 81 10.29 -57.19 59.03
C ASN C 81 10.36 -56.10 57.98
N ILE C 82 9.25 -56.01 57.27
CA ILE C 82 9.13 -55.35 56.00
C ILE C 82 7.99 -54.34 56.12
N ASP C 83 8.22 -53.09 55.73
CA ASP C 83 7.19 -52.09 55.98
C ASP C 83 5.98 -52.20 55.05
N TYR C 84 4.82 -52.17 55.67
CA TYR C 84 3.58 -51.81 54.99
C TYR C 84 3.00 -50.65 55.76
N LYS C 85 2.62 -49.59 55.05
CA LYS C 85 2.23 -48.35 55.70
C LYS C 85 0.92 -48.44 56.49
N GLY C 86 -0.02 -49.26 56.03
CA GLY C 86 -1.23 -49.55 56.78
C GLY C 86 -1.12 -50.24 58.14
N LEU C 87 0.05 -50.77 58.47
CA LEU C 87 0.23 -51.49 59.74
C LEU C 87 1.55 -51.13 60.44
N PRO C 88 1.64 -51.37 61.76
CA PRO C 88 2.96 -51.11 62.36
C PRO C 88 4.02 -52.14 61.96
N THR C 89 5.29 -51.78 62.15
CA THR C 89 6.39 -52.72 61.92
C THR C 89 7.09 -52.98 63.24
N THR C 90 7.38 -54.24 63.50
CA THR C 90 7.71 -54.67 64.85
C THR C 90 9.06 -55.45 64.94
N ALA C 91 9.41 -56.22 63.91
CA ALA C 91 10.59 -57.15 63.93
C ALA C 91 10.48 -58.18 65.04
N ALA C 92 9.24 -58.55 65.35
CA ALA C 92 8.89 -59.43 66.46
C ALA C 92 9.41 -58.88 67.79
N CYS C 93 9.46 -57.56 67.93
CA CYS C 93 9.88 -56.94 69.20
C CYS C 93 8.92 -55.84 69.63
N PRO C 94 8.03 -56.13 70.60
CA PRO C 94 6.98 -55.20 71.04
C PRO C 94 7.43 -53.74 71.29
N SER C 95 8.50 -53.46 72.04
CA SER C 95 8.94 -52.07 72.26
C SER C 95 9.74 -51.49 71.09
N TYR C 96 10.01 -52.29 70.05
CA TYR C 96 10.75 -51.78 68.89
C TYR C 96 9.75 -51.17 67.92
N LEU C 97 8.47 -51.51 68.11
CA LEU C 97 7.36 -51.12 67.23
C LEU C 97 7.49 -49.70 66.69
N TYR C 98 7.22 -49.54 65.40
CA TYR C 98 7.18 -48.21 64.80
C TYR C 98 6.20 -48.21 63.64
N GLN C 99 5.72 -47.04 63.30
CA GLN C 99 4.77 -46.90 62.21
C GLN C 99 5.44 -46.32 60.99
N PRO C 100 5.62 -47.17 59.97
CA PRO C 100 6.23 -46.60 58.77
C PRO C 100 5.23 -45.73 58.05
N THR C 101 5.73 -44.66 57.49
CA THR C 101 4.87 -43.73 56.80
C THR C 101 4.86 -44.05 55.33
N ARG C 102 5.48 -45.16 54.96
CA ARG C 102 5.74 -45.44 53.55
C ARG C 102 5.85 -46.95 53.33
N ASP C 103 5.49 -47.43 52.15
CA ASP C 103 5.60 -48.87 51.87
C ASP C 103 7.05 -49.24 51.56
N SER C 104 7.50 -50.42 52.02
CA SER C 104 8.59 -51.14 51.36
C SER C 104 8.49 -50.94 49.86
N TYR C 105 9.62 -50.88 49.17
CA TYR C 105 9.56 -50.74 47.73
C TYR C 105 8.95 -51.96 47.15
N VAL C 106 9.28 -53.04 47.85
CA VAL C 106 8.87 -54.37 47.50
C VAL C 106 7.35 -54.51 47.63
N VAL C 107 6.79 -54.08 48.77
CA VAL C 107 5.34 -54.03 49.02
C VAL C 107 4.59 -53.15 48.04
N GLU C 108 5.15 -51.97 47.84
CA GLU C 108 4.63 -51.00 46.91
C GLU C 108 4.51 -51.59 45.51
N LEU C 109 5.54 -52.33 45.09
CA LEU C 109 5.48 -53.02 43.80
C LEU C 109 4.35 -54.05 43.73
N LEU C 110 4.17 -54.84 44.79
CA LEU C 110 3.13 -55.86 44.77
C LEU C 110 1.74 -55.24 44.74
N ARG C 111 1.56 -54.18 45.51
CA ARG C 111 0.33 -53.38 45.44
C ARG C 111 0.07 -52.79 44.06
N ASP C 112 1.10 -52.18 43.45
CA ASP C 112 1.00 -51.73 42.06
C ASP C 112 0.52 -52.84 41.14
N ALA C 113 0.82 -54.08 41.52
CA ALA C 113 0.46 -55.21 40.70
C ALA C 113 -0.88 -55.77 41.16
N GLY C 114 -1.47 -55.13 42.16
CA GLY C 114 -2.84 -55.44 42.54
C GLY C 114 -3.06 -56.19 43.84
N ALA C 115 -1.99 -56.55 44.55
CA ALA C 115 -2.16 -57.39 45.73
C ALA C 115 -2.68 -56.58 46.90
N VAL C 116 -3.34 -57.25 47.83
CA VAL C 116 -3.76 -56.64 49.10
C VAL C 116 -3.11 -57.33 50.30
N VAL C 117 -2.46 -56.52 51.13
CA VAL C 117 -1.77 -56.95 52.34
C VAL C 117 -2.80 -57.24 53.43
N ILE C 118 -2.69 -58.40 54.08
CA ILE C 118 -3.69 -58.76 55.07
C ILE C 118 -3.17 -58.59 56.49
N GLY C 119 -1.87 -58.72 56.67
CA GLY C 119 -1.31 -58.58 58.00
C GLY C 119 0.19 -58.66 57.99
N LYS C 120 0.78 -58.33 59.13
CA LYS C 120 2.21 -58.56 59.31
C LYS C 120 2.38 -59.89 60.01
N THR C 121 3.45 -60.60 59.69
CA THR C 121 3.54 -62.01 60.06
C THR C 121 4.71 -62.23 61.01
N ASN C 122 4.58 -63.19 61.92
CA ASN C 122 5.53 -63.34 63.03
C ASN C 122 6.85 -63.96 62.57
N LEU C 123 7.91 -63.73 63.34
CA LEU C 123 9.26 -64.11 62.94
C LEU C 123 10.12 -64.23 64.18
N ASP C 124 11.20 -65.01 64.12
CA ASP C 124 12.26 -64.86 65.10
C ASP C 124 12.62 -63.40 65.26
N GLN C 125 12.79 -62.97 66.51
CA GLN C 125 13.04 -61.56 66.79
C GLN C 125 14.28 -61.06 66.03
N PHE C 126 14.11 -59.92 65.39
CA PHE C 126 15.10 -59.30 64.50
C PHE C 126 15.62 -60.26 63.42
N ALA C 127 14.73 -61.15 62.97
CA ALA C 127 15.02 -62.10 61.88
C ALA C 127 16.24 -62.97 62.18
N THR C 128 16.49 -63.20 63.46
CA THR C 128 17.65 -63.97 63.87
C THR C 128 17.33 -65.41 64.29
N GLY C 129 17.51 -66.35 63.37
CA GLY C 129 17.31 -67.75 63.68
C GLY C 129 16.70 -68.54 62.55
N LEU C 130 16.75 -69.86 62.67
CA LEU C 130 16.16 -70.73 61.64
C LEU C 130 15.06 -71.64 62.21
N VAL C 131 14.59 -71.31 63.41
CA VAL C 131 13.69 -72.17 64.16
C VAL C 131 12.28 -71.61 64.28
N GLY C 132 12.14 -70.30 64.42
CA GLY C 132 10.81 -69.72 64.50
C GLY C 132 10.21 -69.66 65.90
N THR C 133 10.99 -70.09 66.88
CA THR C 133 10.56 -70.08 68.28
C THR C 133 10.91 -68.83 69.07
N ARG C 134 11.63 -67.91 68.45
CA ARG C 134 12.32 -66.88 69.22
C ARG C 134 11.56 -65.58 69.11
N SER C 135 10.26 -65.65 69.42
CA SER C 135 9.38 -64.49 69.35
C SER C 135 8.58 -64.34 70.64
N PRO C 136 8.54 -63.13 71.20
CA PRO C 136 7.64 -63.01 72.36
C PRO C 136 6.15 -63.04 71.96
N TYR C 137 5.84 -62.88 70.69
CA TYR C 137 4.48 -63.08 70.14
C TYR C 137 3.98 -64.53 70.12
N GLY C 138 4.88 -65.49 70.34
CA GLY C 138 4.51 -66.90 70.37
C GLY C 138 5.18 -67.79 69.33
N LYS C 139 5.35 -69.08 69.63
CA LYS C 139 6.03 -69.96 68.69
C LYS C 139 5.07 -70.47 67.59
N THR C 140 5.44 -70.32 66.32
CA THR C 140 4.54 -70.81 65.29
C THR C 140 4.83 -72.30 65.08
N PRO C 141 3.82 -73.19 65.28
CA PRO C 141 3.86 -74.60 64.86
C PRO C 141 4.12 -74.89 63.38
N CYS C 142 4.76 -76.03 63.12
CA CYS C 142 4.71 -76.69 61.83
C CYS C 142 3.24 -76.84 61.40
N VAL C 143 2.95 -76.48 60.16
CA VAL C 143 1.60 -76.52 59.58
C VAL C 143 0.95 -77.92 59.59
N PHE C 144 1.76 -78.95 59.89
CA PHE C 144 1.34 -80.36 59.80
C PHE C 144 1.14 -81.04 61.16
N ASN C 145 1.78 -80.53 62.20
CA ASN C 145 1.87 -81.21 63.48
C ASN C 145 2.37 -80.21 64.51
N ASP C 146 1.52 -79.86 65.46
CA ASP C 146 1.85 -78.79 66.39
C ASP C 146 2.89 -79.14 67.45
N LYS C 147 3.43 -80.34 67.41
CA LYS C 147 4.58 -80.68 68.25
C LYS C 147 5.85 -80.09 67.65
N TYR C 148 5.81 -79.87 66.33
CA TYR C 148 6.96 -79.39 65.57
C TYR C 148 7.01 -77.89 65.26
N VAL C 149 8.25 -77.42 65.16
CA VAL C 149 8.63 -76.07 64.76
C VAL C 149 8.27 -75.74 63.32
N SER C 150 7.95 -74.47 63.08
CA SER C 150 7.59 -74.06 61.74
C SER C 150 8.82 -73.75 60.90
N GLY C 151 9.94 -73.50 61.56
CA GLY C 151 11.14 -73.08 60.86
C GLY C 151 11.17 -71.57 60.89
N GLY C 152 12.35 -70.98 60.81
CA GLY C 152 12.43 -69.53 60.75
C GLY C 152 13.53 -69.05 59.82
N SER C 153 13.84 -67.76 59.92
CA SER C 153 13.15 -66.82 60.80
C SER C 153 11.77 -66.38 60.29
N SER C 154 11.45 -66.71 59.05
CA SER C 154 10.18 -66.29 58.43
C SER C 154 8.99 -67.16 58.82
N ALA C 155 8.77 -67.36 60.12
CA ALA C 155 7.84 -68.38 60.60
C ALA C 155 6.37 -68.16 60.25
N GLY C 156 5.87 -66.97 60.55
CA GLY C 156 4.51 -66.62 60.19
C GLY C 156 4.23 -66.82 58.71
N SER C 157 5.14 -66.37 57.86
CA SER C 157 4.91 -66.38 56.40
C SER C 157 4.78 -67.79 55.84
N ALA C 158 5.52 -68.72 56.41
CA ALA C 158 5.43 -70.10 55.99
C ALA C 158 4.12 -70.73 56.42
N SER C 159 3.80 -70.55 57.70
CA SER C 159 2.59 -71.09 58.31
C SER C 159 1.38 -70.71 57.48
N VAL C 160 1.19 -69.40 57.40
CA VAL C 160 0.14 -68.77 56.63
C VAL C 160 -0.03 -69.25 55.18
N VAL C 161 1.06 -69.42 54.44
CA VAL C 161 0.98 -69.96 53.09
C VAL C 161 0.70 -71.48 53.12
N GLY C 162 1.48 -72.21 53.92
CA GLY C 162 1.27 -73.64 54.11
C GLY C 162 -0.15 -74.15 54.34
N ARG C 163 -1.00 -73.37 54.99
CA ARG C 163 -2.40 -73.75 55.20
C ARG C 163 -3.34 -72.97 54.26
N GLY C 164 -2.77 -72.18 53.36
CA GLY C 164 -3.51 -71.61 52.24
C GLY C 164 -4.46 -70.47 52.53
N ILE C 165 -4.19 -69.79 53.64
CA ILE C 165 -4.88 -68.55 53.98
C ILE C 165 -4.66 -67.57 52.83
N VAL C 166 -3.44 -67.63 52.32
CA VAL C 166 -2.91 -66.64 51.39
C VAL C 166 -1.96 -67.38 50.42
N PRO C 167 -2.03 -67.06 49.11
CA PRO C 167 -1.22 -67.88 48.20
C PRO C 167 0.23 -67.44 48.08
N LEU C 168 0.56 -66.26 48.60
CA LEU C 168 1.94 -65.78 48.56
C LEU C 168 2.30 -65.05 49.84
N SER C 169 3.52 -65.20 50.31
CA SER C 169 3.98 -64.36 51.40
C SER C 169 5.44 -63.96 51.26
N LEU C 170 5.78 -62.83 51.88
CA LEU C 170 7.15 -62.33 51.91
C LEU C 170 7.92 -62.75 53.16
N GLY C 171 9.15 -63.19 52.96
CA GLY C 171 10.07 -63.36 54.07
C GLY C 171 11.37 -62.63 53.77
N THR C 172 12.40 -62.98 54.54
CA THR C 172 13.74 -62.46 54.32
C THR C 172 14.71 -63.61 54.55
N ASP C 173 15.90 -63.53 53.97
CA ASP C 173 16.85 -64.62 54.04
C ASP C 173 18.27 -64.08 53.99
N THR C 174 18.97 -64.29 55.10
CA THR C 174 20.39 -63.99 55.15
C THR C 174 21.13 -65.31 55.01
N ALA C 175 20.72 -66.27 55.81
CA ALA C 175 21.43 -67.54 55.92
C ALA C 175 20.44 -68.68 56.12
N GLY C 176 19.30 -68.62 55.45
CA GLY C 176 18.35 -69.72 55.50
C GLY C 176 16.89 -69.43 55.74
N SER C 177 16.57 -68.21 56.16
CA SER C 177 15.25 -67.88 56.68
C SER C 177 14.11 -67.91 55.64
N GLY C 178 14.45 -68.07 54.37
CA GLY C 178 13.41 -68.20 53.36
C GLY C 178 13.43 -69.58 52.72
N ARG C 179 14.34 -70.42 53.19
CA ARG C 179 14.46 -71.78 52.68
C ARG C 179 14.03 -72.86 53.67
N VAL C 180 14.51 -72.78 54.91
CA VAL C 180 14.19 -73.80 55.91
C VAL C 180 12.67 -73.90 56.15
N PRO C 181 11.97 -72.77 56.37
CA PRO C 181 10.53 -72.91 56.58
C PRO C 181 9.75 -73.45 55.37
N ALA C 182 10.34 -73.42 54.17
CA ALA C 182 9.65 -73.95 53.00
C ALA C 182 9.68 -75.48 53.08
N ALA C 183 10.83 -76.02 53.46
CA ALA C 183 10.98 -77.46 53.57
C ALA C 183 10.04 -78.03 54.63
N LEU C 184 10.03 -77.41 55.82
CA LEU C 184 9.22 -77.90 56.93
C LEU C 184 7.72 -77.73 56.75
N ASN C 185 7.30 -77.09 55.66
CA ASN C 185 5.89 -76.79 55.46
C ASN C 185 5.37 -77.12 54.05
N ASN C 186 6.17 -77.86 53.29
CA ASN C 186 5.78 -78.30 51.96
C ASN C 186 5.50 -77.14 51.02
N LEU C 187 6.35 -76.12 51.08
CA LEU C 187 6.22 -74.95 50.23
C LEU C 187 7.33 -74.79 49.20
N ILE C 188 7.12 -73.90 48.22
CA ILE C 188 8.20 -73.31 47.42
C ILE C 188 8.74 -72.06 48.10
N GLY C 189 10.05 -72.06 48.32
CA GLY C 189 10.73 -70.93 48.90
C GLY C 189 11.75 -70.37 47.95
N LEU C 190 11.51 -69.16 47.47
CA LEU C 190 12.39 -68.57 46.49
C LEU C 190 13.27 -67.53 47.16
N LYS C 191 14.57 -67.74 47.05
CA LYS C 191 15.56 -66.83 47.61
C LYS C 191 16.31 -66.21 46.44
N PRO C 192 15.91 -64.99 46.03
CA PRO C 192 16.37 -64.48 44.74
C PRO C 192 17.83 -64.03 44.77
N THR C 193 18.43 -63.85 43.62
CA THR C 193 19.77 -63.27 43.51
C THR C 193 19.85 -61.99 44.35
N LYS C 194 20.94 -61.82 45.09
CA LYS C 194 21.11 -60.65 45.95
C LYS C 194 20.83 -59.36 45.19
N GLY C 195 20.11 -58.43 45.82
CA GLY C 195 19.94 -57.11 45.24
C GLY C 195 18.88 -57.00 44.15
N ALA C 196 18.37 -58.14 43.71
CA ALA C 196 17.25 -58.21 42.79
C ALA C 196 15.96 -57.59 43.34
N PHE C 197 15.59 -58.00 44.54
CA PHE C 197 14.47 -57.37 45.25
C PHE C 197 15.06 -56.25 46.11
N SER C 198 14.48 -55.06 46.05
CA SER C 198 14.91 -53.97 46.92
C SER C 198 14.72 -54.29 48.40
N CYS C 199 15.61 -53.77 49.25
CA CYS C 199 15.46 -53.86 50.70
C CYS C 199 15.08 -52.52 51.32
N ARG C 200 14.75 -51.56 50.47
CA ARG C 200 14.17 -50.33 50.96
C ARG C 200 12.93 -50.63 51.76
N GLY C 201 12.91 -50.14 52.99
CA GLY C 201 11.82 -50.38 53.89
C GLY C 201 11.76 -51.72 54.58
N VAL C 202 12.86 -52.45 54.59
CA VAL C 202 12.93 -53.60 55.47
C VAL C 202 13.95 -53.20 56.52
N VAL C 203 13.74 -53.65 57.76
CA VAL C 203 14.66 -53.29 58.86
C VAL C 203 15.95 -54.05 58.63
N PRO C 204 17.07 -53.31 58.55
CA PRO C 204 18.37 -53.94 58.29
C PRO C 204 18.75 -54.91 59.38
N ALA C 205 19.23 -56.07 58.95
CA ALA C 205 19.75 -57.08 59.85
C ALA C 205 20.79 -57.97 59.15
N CYS C 206 22.00 -57.46 58.89
CA CYS C 206 22.99 -58.07 57.96
C CYS C 206 22.72 -57.51 56.58
N LYS C 207 22.61 -56.20 56.53
CA LYS C 207 22.36 -55.46 55.30
C LYS C 207 23.17 -55.98 54.11
N SER C 208 24.47 -56.22 54.28
CA SER C 208 25.29 -56.64 53.15
C SER C 208 24.95 -58.03 52.60
N LEU C 209 24.19 -58.83 53.34
CA LEU C 209 23.93 -60.20 52.92
C LEU C 209 22.44 -60.47 52.65
N ASP C 210 21.60 -59.63 53.22
CA ASP C 210 20.16 -59.89 53.33
C ASP C 210 19.38 -59.87 51.99
N CYS C 211 18.40 -60.77 51.87
CA CYS C 211 17.46 -60.73 50.74
C CYS C 211 16.00 -60.81 51.19
N VAL C 212 15.12 -60.11 50.48
CA VAL C 212 13.70 -60.37 50.58
C VAL C 212 13.43 -61.70 49.86
N SER C 213 12.44 -62.46 50.33
CA SER C 213 12.21 -63.79 49.81
C SER C 213 10.73 -64.04 49.66
N VAL C 214 10.37 -65.11 48.94
CA VAL C 214 8.96 -65.40 48.71
C VAL C 214 8.60 -66.84 49.05
N PHE C 215 7.43 -66.99 49.65
CA PHE C 215 6.82 -68.29 49.77
C PHE C 215 5.60 -68.44 48.87
N ALA C 216 5.43 -69.63 48.30
CA ALA C 216 4.32 -69.90 47.42
C ALA C 216 3.97 -71.38 47.52
N LEU C 217 2.81 -71.76 47.01
CA LEU C 217 2.42 -73.16 47.01
C LEU C 217 2.89 -73.84 45.75
N ASN C 218 3.14 -73.04 44.73
CA ASN C 218 3.47 -73.56 43.43
C ASN C 218 4.44 -72.68 42.66
N LEU C 219 5.10 -73.27 41.66
CA LEU C 219 6.07 -72.55 40.82
C LEU C 219 5.47 -71.33 40.13
N SER C 220 4.28 -71.49 39.53
CA SER C 220 3.60 -70.40 38.82
C SER C 220 3.51 -69.11 39.64
N ASP C 221 3.17 -69.24 40.93
CA ASP C 221 2.88 -68.07 41.74
C ASP C 221 4.19 -67.41 42.19
N ALA C 222 5.15 -68.24 42.58
CA ALA C 222 6.51 -67.79 42.85
C ALA C 222 7.10 -67.00 41.67
N GLU C 223 6.88 -67.50 40.46
CA GLU C 223 7.30 -66.78 39.26
C GLU C 223 6.62 -65.42 39.11
N ILE C 224 5.31 -65.37 39.22
CA ILE C 224 4.62 -64.09 39.09
C ILE C 224 5.15 -63.11 40.14
N ALA C 225 5.32 -63.58 41.38
CA ALA C 225 5.85 -62.73 42.45
C ALA C 225 7.26 -62.23 42.16
N PHE C 226 8.10 -63.12 41.65
CA PHE C 226 9.44 -62.75 41.22
C PHE C 226 9.43 -61.67 40.15
N LYS C 227 8.62 -61.86 39.10
CA LYS C 227 8.55 -60.88 38.02
C LYS C 227 8.14 -59.52 38.57
N VAL C 228 7.15 -59.50 39.47
CA VAL C 228 6.74 -58.25 40.10
C VAL C 228 7.84 -57.55 40.93
N MET C 229 8.56 -58.27 41.79
CA MET C 229 9.47 -57.58 42.70
C MET C 229 10.90 -57.44 42.23
N ASN C 230 11.25 -58.11 41.14
CA ASN C 230 12.62 -58.03 40.63
C ASN C 230 12.79 -56.73 39.88
N LYS C 231 13.17 -55.68 40.62
CA LYS C 231 13.17 -54.31 40.13
C LYS C 231 14.29 -53.55 40.83
N PRO C 232 15.03 -52.74 40.05
CA PRO C 232 16.13 -51.97 40.65
C PRO C 232 15.60 -50.81 41.47
N ASP C 233 16.48 -50.29 42.33
CA ASP C 233 16.12 -49.26 43.32
C ASP C 233 17.43 -48.70 43.84
N LEU C 234 18.28 -48.30 42.90
CA LEU C 234 19.70 -48.10 43.18
C LEU C 234 19.92 -46.97 44.20
N LEU C 235 19.20 -45.87 44.04
CA LEU C 235 19.45 -44.67 44.84
C LEU C 235 18.85 -44.75 46.23
N GLU C 236 18.07 -45.79 46.52
CA GLU C 236 17.44 -45.85 47.84
C GLU C 236 17.81 -47.11 48.63
N ASP C 237 18.49 -48.04 47.97
CA ASP C 237 18.95 -49.26 48.64
C ASP C 237 20.39 -49.46 48.19
N GLU C 238 21.35 -49.28 49.09
CA GLU C 238 22.76 -49.33 48.68
C GLU C 238 23.19 -50.69 48.11
N TYR C 239 22.44 -51.76 48.39
CA TYR C 239 22.79 -53.08 47.84
C TYR C 239 21.90 -53.54 46.69
N SER C 240 21.12 -52.64 46.10
CA SER C 240 20.24 -53.00 45.00
C SER C 240 21.12 -53.21 43.77
N ARG C 241 20.77 -54.19 42.94
CA ARG C 241 21.41 -54.28 41.64
C ARG C 241 20.55 -54.89 40.54
N GLU C 242 20.61 -54.22 39.39
CA GLU C 242 19.75 -54.47 38.25
C GLU C 242 20.07 -55.82 37.64
N PHE C 243 19.02 -56.55 37.32
CA PHE C 243 19.14 -57.84 36.66
C PHE C 243 19.71 -57.55 35.28
N PRO C 244 20.56 -58.44 34.76
CA PRO C 244 21.04 -58.06 33.43
C PRO C 244 20.05 -58.50 32.36
N LYS C 245 20.28 -58.08 31.12
CA LYS C 245 19.44 -58.49 30.01
C LYS C 245 19.71 -59.94 29.58
N ASN C 246 18.74 -60.54 28.89
CA ASN C 246 18.85 -61.93 28.42
C ASN C 246 19.13 -62.96 29.53
N PRO C 247 18.40 -62.88 30.66
CA PRO C 247 18.56 -63.90 31.71
C PRO C 247 18.30 -65.30 31.18
N ILE C 248 19.10 -66.28 31.58
CA ILE C 248 18.88 -67.64 31.12
C ILE C 248 17.51 -68.08 31.64
N SER C 249 16.84 -68.95 30.89
CA SER C 249 15.49 -69.38 31.23
C SER C 249 15.38 -70.88 31.42
N GLN C 250 16.35 -71.60 30.90
CA GLN C 250 16.40 -73.05 31.06
C GLN C 250 17.86 -73.49 31.13
N TYR C 251 18.17 -74.34 32.10
CA TYR C 251 19.42 -75.10 32.03
C TYR C 251 19.32 -76.15 30.96
N PRO C 252 20.48 -76.57 30.44
CA PRO C 252 20.38 -77.68 29.51
C PRO C 252 19.93 -78.91 30.29
N LYS C 253 19.29 -79.83 29.57
CA LYS C 253 18.90 -81.15 30.07
C LYS C 253 20.15 -81.81 30.64
N ASP C 254 21.29 -81.40 30.05
CA ASP C 254 22.63 -81.88 30.32
C ASP C 254 23.33 -81.38 31.57
N LEU C 255 22.70 -80.45 32.28
CA LEU C 255 23.44 -79.63 33.22
C LEU C 255 24.20 -80.42 34.26
N THR C 256 25.28 -79.81 34.75
CA THR C 256 26.07 -80.41 35.80
C THR C 256 25.48 -79.97 37.13
N ILE C 257 24.92 -80.93 37.86
CA ILE C 257 24.45 -80.72 39.22
C ILE C 257 25.46 -81.35 40.20
N ALA C 258 26.11 -80.51 40.99
CA ALA C 258 26.98 -80.95 42.07
C ALA C 258 26.22 -81.30 43.35
N ILE C 259 26.62 -82.40 43.99
CA ILE C 259 26.10 -82.73 45.31
C ILE C 259 27.28 -82.92 46.26
N PRO C 260 27.05 -82.81 47.58
CA PRO C 260 28.21 -82.88 48.50
C PRO C 260 28.73 -84.30 48.72
N LYS C 261 30.05 -84.41 48.87
CA LYS C 261 30.72 -85.69 49.16
C LYS C 261 30.33 -86.22 50.53
N GLU C 262 30.23 -85.31 51.51
CA GLU C 262 29.90 -85.69 52.86
C GLU C 262 28.61 -84.98 53.27
N VAL C 263 27.61 -85.78 53.63
CA VAL C 263 26.32 -85.24 54.01
C VAL C 263 25.98 -85.53 55.46
N PRO C 264 26.31 -84.62 56.39
CA PRO C 264 26.00 -84.95 57.79
C PRO C 264 24.50 -84.87 58.11
N TRP C 265 23.96 -85.87 58.82
CA TRP C 265 22.53 -85.90 59.15
C TRP C 265 22.24 -85.76 60.64
N PHE C 266 23.31 -85.81 61.40
CA PHE C 266 23.30 -85.58 62.83
C PHE C 266 22.35 -86.53 63.57
N GLY C 267 22.31 -87.79 63.15
CA GLY C 267 21.50 -88.78 63.85
C GLY C 267 20.16 -89.05 63.18
N GLU C 268 19.72 -88.10 62.37
CA GLU C 268 18.44 -88.18 61.66
C GLU C 268 18.42 -89.26 60.57
N THR C 269 17.38 -90.11 60.57
CA THR C 269 17.33 -91.25 59.65
C THR C 269 16.28 -91.17 58.54
N GLU C 270 15.21 -90.40 58.74
CA GLU C 270 14.16 -90.35 57.73
C GLU C 270 14.54 -89.45 56.55
N ASN C 271 14.91 -88.20 56.83
CA ASN C 271 15.32 -87.26 55.78
C ASN C 271 16.37 -87.74 54.75
N PRO C 272 17.42 -88.49 55.17
CA PRO C 272 18.30 -89.06 54.14
C PRO C 272 17.58 -89.80 52.99
N LYS C 273 16.44 -90.42 53.28
CA LYS C 273 15.72 -91.23 52.30
C LYS C 273 15.13 -90.33 51.22
N LEU C 274 14.63 -89.17 51.64
CA LEU C 274 14.03 -88.22 50.70
C LEU C 274 15.09 -87.64 49.79
N TYR C 275 16.27 -87.40 50.34
CA TYR C 275 17.39 -86.80 49.61
C TYR C 275 17.96 -87.70 48.53
N THR C 276 18.39 -88.88 48.95
CA THR C 276 18.75 -89.95 48.04
C THR C 276 17.77 -90.10 46.88
N LYS C 277 16.48 -90.09 47.18
CA LYS C 277 15.44 -90.33 46.18
C LYS C 277 15.35 -89.13 45.24
N ALA C 278 15.50 -87.94 45.82
CA ALA C 278 15.47 -86.69 45.09
C ALA C 278 16.62 -86.59 44.09
N VAL C 279 17.80 -87.10 44.50
CA VAL C 279 18.98 -87.13 43.65
C VAL C 279 18.80 -88.10 42.49
N ALA C 280 18.20 -89.24 42.80
CA ALA C 280 17.80 -90.20 41.78
C ALA C 280 16.89 -89.56 40.74
N SER C 281 15.90 -88.81 41.21
CA SER C 281 14.96 -88.11 40.34
C SER C 281 15.62 -87.07 39.43
N LEU C 282 16.52 -86.25 39.97
CA LEU C 282 17.28 -85.33 39.12
C LEU C 282 18.04 -86.07 38.01
N LYS C 283 18.80 -87.10 38.39
CA LYS C 283 19.50 -87.93 37.42
C LYS C 283 18.52 -88.29 36.28
N ASN C 284 17.31 -88.72 36.63
CA ASN C 284 16.28 -89.11 35.64
C ASN C 284 15.74 -87.97 34.76
N THR C 285 16.03 -86.72 35.08
CA THR C 285 15.64 -85.62 34.19
C THR C 285 16.66 -85.53 33.06
N GLY C 286 17.76 -86.27 33.21
CA GLY C 286 18.87 -86.24 32.30
C GLY C 286 20.07 -85.41 32.73
N ALA C 287 20.00 -84.86 33.93
CA ALA C 287 21.09 -84.06 34.50
C ALA C 287 22.34 -84.90 34.76
N LYS C 288 23.52 -84.31 34.59
CA LYS C 288 24.75 -84.99 35.03
C LYS C 288 24.94 -84.66 36.50
N ILE C 289 24.93 -85.71 37.31
CA ILE C 289 25.14 -85.58 38.74
C ILE C 289 26.61 -85.82 39.06
N VAL C 290 27.23 -84.87 39.75
CA VAL C 290 28.63 -84.98 40.06
C VAL C 290 28.82 -84.82 41.56
N VAL C 291 29.66 -85.65 42.15
CA VAL C 291 29.85 -85.60 43.58
C VAL C 291 31.08 -84.77 43.89
N VAL C 292 30.95 -83.81 44.78
CA VAL C 292 31.98 -82.79 44.87
C VAL C 292 32.26 -82.46 46.33
N ASP C 293 33.53 -82.20 46.64
CA ASP C 293 33.88 -81.88 48.01
C ASP C 293 33.48 -80.43 48.27
N PHE C 294 32.54 -80.25 49.20
CA PHE C 294 32.04 -78.91 49.52
C PHE C 294 32.89 -78.17 50.55
N GLU C 295 34.12 -78.66 50.78
CA GLU C 295 35.05 -78.01 51.71
C GLU C 295 35.07 -76.47 51.63
N PRO C 296 35.46 -75.90 50.47
CA PRO C 296 35.51 -74.43 50.42
C PRO C 296 34.20 -73.74 50.82
N LEU C 297 33.06 -74.32 50.45
CA LEU C 297 31.76 -73.73 50.80
C LEU C 297 31.50 -73.79 52.29
N LEU C 298 31.95 -74.87 52.93
CA LEU C 298 31.79 -74.99 54.38
C LEU C 298 32.78 -74.10 55.11
N GLU C 299 33.98 -73.91 54.54
CA GLU C 299 34.91 -72.91 55.07
C GLU C 299 34.24 -71.54 55.04
N LEU C 300 33.55 -71.25 53.94
CA LEU C 300 32.82 -70.00 53.81
C LEU C 300 31.72 -69.89 54.87
N ALA C 301 30.95 -70.95 55.07
CA ALA C 301 29.93 -70.97 56.12
C ALA C 301 30.55 -70.71 57.50
N ARG C 302 31.69 -71.34 57.78
CA ARG C 302 32.36 -71.17 59.06
C ARG C 302 32.84 -69.74 59.24
N CYS C 303 33.26 -69.12 58.14
CA CYS C 303 33.70 -67.74 58.16
C CYS C 303 32.52 -66.87 58.63
N LEU C 304 31.31 -67.21 58.20
CA LEU C 304 30.10 -66.49 58.62
C LEU C 304 29.94 -66.57 60.13
N TYR C 305 30.03 -67.79 60.63
CA TYR C 305 29.80 -68.08 62.04
C TYR C 305 30.92 -67.53 62.92
N GLU C 306 32.18 -67.67 62.47
CA GLU C 306 33.34 -67.18 63.22
C GLU C 306 33.52 -65.68 63.16
N GLY C 307 33.02 -65.06 62.11
CA GLY C 307 33.39 -63.70 61.77
C GLY C 307 32.62 -62.61 62.49
N ALA C 308 32.71 -61.41 61.93
CA ALA C 308 32.09 -60.26 62.55
C ALA C 308 30.76 -59.83 61.91
N TRP C 309 30.22 -60.65 61.03
CA TRP C 309 28.93 -60.32 60.41
C TRP C 309 27.82 -60.08 61.45
N VAL C 310 27.94 -60.69 62.63
CA VAL C 310 26.99 -60.36 63.71
C VAL C 310 26.95 -58.87 64.00
N ALA C 311 28.04 -58.16 63.68
CA ALA C 311 28.10 -56.72 63.93
C ALA C 311 27.16 -55.95 63.02
N GLU C 312 26.74 -56.58 61.94
CA GLU C 312 25.72 -55.98 61.11
C GLU C 312 24.39 -55.90 61.84
N ARG C 313 23.97 -57.01 62.46
CA ARG C 313 22.76 -56.99 63.29
C ARG C 313 22.89 -55.99 64.43
N TYR C 314 24.04 -56.00 65.09
CA TYR C 314 24.33 -55.06 66.17
C TYR C 314 24.31 -53.62 65.71
N CYS C 315 24.79 -53.40 64.48
CA CYS C 315 24.88 -52.05 63.95
C CYS C 315 23.47 -51.53 63.77
N ALA C 316 22.56 -52.40 63.34
CA ALA C 316 21.16 -52.04 63.12
C ALA C 316 20.34 -51.89 64.41
N THR C 317 20.85 -52.42 65.53
CA THR C 317 20.06 -52.41 66.77
C THR C 317 20.66 -51.78 68.02
N ARG C 318 21.93 -51.37 68.00
CA ARG C 318 22.61 -50.97 69.23
C ARG C 318 22.01 -49.71 69.84
N ASP C 319 21.65 -48.73 69.00
CA ASP C 319 21.01 -47.51 69.49
C ASP C 319 19.76 -47.88 70.26
N PHE C 320 19.04 -48.85 69.72
CA PHE C 320 17.80 -49.32 70.32
C PHE C 320 18.08 -50.08 71.61
N LEU C 321 19.08 -50.94 71.59
CA LEU C 321 19.36 -51.76 72.77
C LEU C 321 19.77 -50.88 73.95
N ALA C 322 20.42 -49.76 73.64
CA ALA C 322 20.94 -48.87 74.66
C ALA C 322 19.80 -48.07 75.27
N THR C 323 18.68 -47.99 74.55
CA THR C 323 17.42 -47.50 75.11
C THR C 323 16.92 -48.23 76.35
N ASN C 324 17.59 -49.35 76.66
CA ASN C 324 17.14 -50.30 77.66
C ASN C 324 15.61 -50.42 77.74
N PRO C 325 15.04 -51.21 76.82
CA PRO C 325 13.61 -51.50 76.77
C PRO C 325 13.29 -52.66 77.71
N PRO C 326 12.03 -52.83 78.12
CA PRO C 326 11.60 -53.88 79.07
C PRO C 326 12.13 -55.24 78.65
N GLU C 327 12.72 -56.00 79.57
CA GLU C 327 13.26 -57.34 79.28
C GLU C 327 12.23 -58.28 78.62
N SER C 328 10.95 -58.08 78.91
CA SER C 328 9.92 -59.02 78.47
C SER C 328 9.67 -58.84 76.97
N SER C 329 10.06 -57.69 76.47
CA SER C 329 10.03 -57.40 75.04
C SER C 329 11.06 -58.18 74.23
N LEU C 330 12.07 -58.69 74.92
CA LEU C 330 13.23 -59.29 74.24
C LEU C 330 13.26 -60.82 74.23
N ASP C 331 13.85 -61.37 73.17
CA ASP C 331 14.26 -62.78 73.20
C ASP C 331 15.72 -62.79 73.59
N GLU C 332 16.02 -63.54 74.64
CA GLU C 332 17.34 -63.48 75.24
C GLU C 332 18.38 -64.15 74.36
N THR C 333 17.98 -65.20 73.63
CA THR C 333 18.92 -65.90 72.75
C THR C 333 19.37 -64.99 71.62
N VAL C 334 18.40 -64.35 70.98
CA VAL C 334 18.67 -63.35 69.94
C VAL C 334 19.59 -62.27 70.49
N VAL C 335 19.18 -61.59 71.56
CA VAL C 335 19.97 -60.50 72.13
C VAL C 335 21.39 -60.93 72.53
N ASN C 336 21.56 -62.10 73.13
CA ASN C 336 22.92 -62.55 73.44
C ASN C 336 23.77 -62.73 72.19
N ILE C 337 23.16 -63.26 71.13
CA ILE C 337 23.86 -63.42 69.85
C ILE C 337 24.32 -62.05 69.34
N ILE C 338 23.37 -61.13 69.19
CA ILE C 338 23.64 -59.78 68.69
C ILE C 338 24.72 -59.03 69.51
N LYS C 339 24.82 -59.28 70.81
CA LYS C 339 25.79 -58.56 71.64
C LYS C 339 27.17 -59.18 71.56
N GLY C 340 27.23 -60.42 71.07
CA GLY C 340 28.50 -61.00 70.66
C GLY C 340 29.32 -60.12 69.74
N ALA C 341 28.65 -59.17 69.10
CA ALA C 341 29.30 -58.23 68.22
C ALA C 341 30.22 -57.22 68.93
N VAL C 342 29.94 -56.94 70.20
CA VAL C 342 30.76 -56.02 70.97
C VAL C 342 32.24 -56.43 71.05
N LYS C 343 32.53 -57.72 71.10
CA LYS C 343 33.93 -58.15 71.14
C LYS C 343 34.73 -58.06 69.83
N PHE C 344 34.19 -57.41 68.79
CA PHE C 344 34.90 -57.31 67.52
C PHE C 344 35.16 -55.85 67.18
N ASP C 345 36.43 -55.47 67.01
CA ASP C 345 36.69 -54.11 66.54
C ASP C 345 36.66 -54.08 65.01
N ALA C 346 36.80 -52.88 64.44
CA ALA C 346 36.97 -52.68 63.01
C ALA C 346 38.10 -53.53 62.40
N ALA C 347 39.27 -53.49 63.02
CA ALA C 347 40.37 -54.37 62.62
C ALA C 347 39.93 -55.83 62.50
N ASP C 348 39.13 -56.32 63.45
CA ASP C 348 38.64 -57.70 63.37
C ASP C 348 37.76 -57.93 62.14
N ALA C 349 36.88 -56.97 61.86
CA ALA C 349 35.90 -57.13 60.79
C ALA C 349 36.63 -57.33 59.45
N PHE C 350 37.65 -56.50 59.24
CA PHE C 350 38.53 -56.63 58.07
C PHE C 350 39.26 -57.99 58.00
N LYS C 351 39.90 -58.41 59.10
CA LYS C 351 40.64 -59.67 59.10
C LYS C 351 39.76 -60.80 58.56
N PHE C 352 38.47 -60.74 58.88
CA PHE C 352 37.59 -61.83 58.52
C PHE C 352 37.12 -61.62 57.10
N GLU C 353 36.97 -60.35 56.70
CA GLU C 353 36.65 -60.02 55.31
C GLU C 353 37.78 -60.52 54.37
N TYR C 354 39.02 -60.36 54.82
CA TYR C 354 40.16 -60.89 54.07
C TYR C 354 40.02 -62.38 53.87
N LYS C 355 39.80 -63.10 54.96
CA LYS C 355 39.67 -64.56 54.93
C LYS C 355 38.52 -65.01 54.02
N ARG C 356 37.39 -64.30 54.12
CA ARG C 356 36.23 -64.52 53.25
C ARG C 356 36.56 -64.39 51.75
N GLN C 357 37.22 -63.31 51.37
CA GLN C 357 37.72 -63.14 49.99
C GLN C 357 38.66 -64.26 49.54
N GLY C 358 39.49 -64.73 50.46
CA GLY C 358 40.40 -65.82 50.14
C GLY C 358 39.64 -67.10 49.89
N ILE C 359 38.61 -67.35 50.68
CA ILE C 359 37.79 -68.54 50.51
C ILE C 359 37.05 -68.47 49.17
N LEU C 360 36.51 -67.30 48.83
CA LEU C 360 35.77 -67.11 47.58
C LEU C 360 36.60 -67.41 46.33
N GLN C 361 37.89 -67.08 46.35
CA GLN C 361 38.79 -67.48 45.27
C GLN C 361 38.63 -68.97 45.02
N LYS C 362 38.62 -69.72 46.11
CA LYS C 362 38.56 -71.18 46.06
C LYS C 362 37.18 -71.59 45.60
N VAL C 363 36.16 -70.93 46.16
CA VAL C 363 34.79 -71.20 45.78
C VAL C 363 34.53 -70.90 44.31
N ASN C 364 35.09 -69.82 43.76
CA ASN C 364 34.86 -69.50 42.34
C ASN C 364 35.61 -70.46 41.41
N LEU C 365 36.71 -71.03 41.88
CA LEU C 365 37.42 -72.00 41.06
C LEU C 365 36.59 -73.28 41.00
N LEU C 366 36.06 -73.68 42.15
CA LEU C 366 35.16 -74.82 42.28
C LEU C 366 33.90 -74.78 41.42
N LEU C 367 33.28 -73.62 41.32
CA LEU C 367 31.99 -73.53 40.65
C LEU C 367 32.12 -73.32 39.16
N LYS C 368 33.34 -73.05 38.68
CA LYS C 368 33.55 -72.74 37.28
C LYS C 368 32.93 -73.78 36.33
N ASP C 369 33.03 -75.06 36.66
CA ASP C 369 32.50 -76.10 35.77
C ASP C 369 31.21 -76.78 36.29
N ILE C 370 30.49 -76.10 37.16
CA ILE C 370 29.28 -76.64 37.77
C ILE C 370 28.14 -75.69 37.43
N ASP C 371 26.96 -76.23 37.15
CA ASP C 371 25.82 -75.36 36.85
C ASP C 371 24.99 -75.09 38.09
N VAL C 372 24.77 -76.14 38.89
CA VAL C 372 23.82 -76.07 40.00
C VAL C 372 24.31 -76.95 41.16
N LEU C 373 24.08 -76.50 42.39
CA LEU C 373 24.23 -77.36 43.55
C LEU C 373 22.89 -77.89 43.98
N CYS C 374 22.84 -79.18 44.32
CA CYS C 374 21.63 -79.71 44.93
C CYS C 374 21.92 -80.21 46.32
N VAL C 375 21.22 -79.61 47.26
CA VAL C 375 21.55 -79.66 48.67
C VAL C 375 20.28 -79.96 49.45
N PRO C 376 20.39 -80.76 50.54
CA PRO C 376 19.20 -80.89 51.39
C PRO C 376 18.85 -79.53 51.94
N THR C 377 17.57 -79.20 52.00
CA THR C 377 17.23 -77.89 52.50
C THR C 377 17.72 -77.71 53.93
N CYS C 378 17.47 -78.72 54.75
CA CYS C 378 17.92 -78.73 56.13
C CYS C 378 18.01 -80.18 56.59
N PRO C 379 18.93 -80.50 57.51
CA PRO C 379 18.98 -81.89 57.99
C PRO C 379 17.82 -82.33 58.89
N LEU C 380 17.16 -81.44 59.63
CA LEU C 380 16.16 -81.87 60.62
C LEU C 380 14.74 -81.34 60.40
N ASN C 381 13.78 -82.04 60.99
CA ASN C 381 12.45 -81.50 61.29
C ASN C 381 12.32 -81.32 62.78
N PRO C 382 12.85 -80.23 63.34
CA PRO C 382 12.92 -80.14 64.81
C PRO C 382 11.57 -80.10 65.54
N LYS C 383 11.53 -80.75 66.71
CA LYS C 383 10.37 -80.74 67.60
C LYS C 383 10.45 -79.45 68.40
N LEU C 384 9.31 -78.82 68.68
CA LEU C 384 9.28 -77.64 69.55
C LEU C 384 10.09 -77.78 70.83
N GLU C 385 10.07 -78.98 71.41
CA GLU C 385 10.71 -79.18 72.69
C GLU C 385 12.20 -79.41 72.45
N GLU C 386 12.57 -79.94 71.28
CA GLU C 386 13.97 -80.18 70.98
C GLU C 386 14.80 -78.88 70.95
N VAL C 387 14.22 -77.81 70.42
CA VAL C 387 14.93 -76.55 70.33
C VAL C 387 14.80 -75.82 71.68
N ALA C 388 13.79 -76.18 72.47
CA ALA C 388 13.76 -75.66 73.84
C ALA C 388 14.92 -76.23 74.64
N GLN C 389 15.22 -77.51 74.42
CA GLN C 389 16.32 -78.16 75.12
C GLN C 389 17.68 -77.62 74.68
N GLU C 390 17.88 -77.53 73.37
CA GLU C 390 19.17 -77.11 72.82
C GLU C 390 18.91 -75.94 71.89
N PRO C 391 18.79 -74.74 72.47
CA PRO C 391 18.29 -73.58 71.73
C PRO C 391 19.28 -72.95 70.75
N VAL C 392 20.47 -73.51 70.64
CA VAL C 392 21.48 -72.95 69.76
C VAL C 392 21.99 -74.01 68.80
N LEU C 393 22.21 -75.21 69.31
CA LEU C 393 22.79 -76.30 68.54
C LEU C 393 21.87 -76.77 67.41
N VAL C 394 20.56 -76.70 67.61
CA VAL C 394 19.59 -77.11 66.59
C VAL C 394 19.64 -76.11 65.43
N ASN C 395 19.62 -74.82 65.81
CA ASN C 395 19.83 -73.70 64.89
C ASN C 395 21.08 -73.89 64.02
N SER C 396 22.23 -74.16 64.64
CA SER C 396 23.49 -74.31 63.91
C SER C 396 23.35 -75.39 62.83
N ARG C 397 22.74 -76.51 63.22
CA ARG C 397 22.57 -77.65 62.33
C ARG C 397 21.59 -77.37 61.20
N GLN C 398 20.62 -76.51 61.46
CA GLN C 398 19.62 -76.22 60.43
C GLN C 398 20.21 -75.31 59.37
N GLY C 399 21.35 -74.71 59.68
CA GLY C 399 22.09 -73.89 58.72
C GLY C 399 23.22 -74.59 58.00
N THR C 400 23.25 -75.92 58.05
CA THR C 400 24.33 -76.69 57.44
C THR C 400 24.43 -76.37 55.95
N TRP C 401 23.28 -76.35 55.30
CA TRP C 401 23.24 -76.17 53.87
C TRP C 401 22.86 -74.79 53.39
N THR C 402 22.65 -73.85 54.30
CA THR C 402 22.10 -72.55 53.90
C THR C 402 23.08 -71.37 54.06
N ASN C 403 24.02 -71.48 54.99
CA ASN C 403 24.86 -70.35 55.39
C ASN C 403 25.80 -69.76 54.34
N PHE C 404 26.19 -70.54 53.33
CA PHE C 404 27.18 -70.02 52.38
C PHE C 404 26.61 -69.37 51.12
N VAL C 405 25.29 -69.44 50.93
CA VAL C 405 24.70 -68.98 49.67
C VAL C 405 24.86 -67.49 49.41
N ASN C 406 24.34 -66.65 50.30
CA ASN C 406 24.54 -65.21 50.15
C ASN C 406 25.99 -64.70 50.18
N LEU C 407 26.87 -65.34 50.93
CA LEU C 407 28.26 -64.88 50.95
C LEU C 407 28.92 -65.11 49.60
N ALA C 408 28.37 -66.06 48.84
CA ALA C 408 28.95 -66.52 47.56
C ALA C 408 28.20 -65.93 46.37
N ASP C 409 27.29 -65.00 46.66
CA ASP C 409 26.46 -64.33 45.66
C ASP C 409 25.71 -65.33 44.76
N LEU C 410 25.07 -66.31 45.41
CA LEU C 410 24.31 -67.31 44.68
C LEU C 410 22.80 -67.10 44.85
N ALA C 411 22.02 -67.75 44.00
CA ALA C 411 20.57 -67.78 44.17
C ALA C 411 20.12 -69.18 44.53
N ALA C 412 18.85 -69.32 44.93
CA ALA C 412 18.41 -70.55 45.57
C ALA C 412 16.90 -70.70 45.57
N LEU C 413 16.46 -71.96 45.49
CA LEU C 413 15.05 -72.27 45.41
C LEU C 413 14.86 -73.53 46.22
N ALA C 414 14.09 -73.40 47.29
CA ALA C 414 13.76 -74.52 48.15
C ALA C 414 12.45 -75.13 47.70
N VAL C 415 12.47 -76.43 47.47
CA VAL C 415 11.42 -77.11 46.72
C VAL C 415 11.17 -78.49 47.36
N PRO C 416 9.88 -78.88 47.49
CA PRO C 416 9.55 -80.16 48.16
C PRO C 416 10.18 -81.41 47.52
N SER C 417 10.50 -82.42 48.32
CA SER C 417 10.92 -83.72 47.78
C SER C 417 10.05 -84.89 48.25
N GLY C 418 9.06 -84.60 49.08
CA GLY C 418 8.15 -85.62 49.56
C GLY C 418 8.01 -85.70 51.07
N PHE C 419 7.54 -86.85 51.55
CA PHE C 419 7.18 -87.00 52.95
C PHE C 419 7.93 -88.15 53.63
N ARG C 420 8.28 -87.94 54.90
CA ARG C 420 8.87 -88.98 55.72
C ARG C 420 7.79 -89.93 56.23
N SER C 421 8.20 -91.05 56.86
CA SER C 421 7.25 -92.00 57.45
C SER C 421 6.17 -91.37 58.33
N ASP C 422 6.56 -90.37 59.11
CA ASP C 422 5.65 -89.76 60.10
C ASP C 422 4.79 -88.64 59.52
N GLY C 423 4.71 -88.57 58.19
CA GLY C 423 3.87 -87.59 57.51
C GLY C 423 4.27 -86.13 57.51
N LEU C 424 5.47 -85.82 58.01
CA LEU C 424 6.06 -84.50 57.83
C LEU C 424 6.79 -84.36 56.49
N PRO C 425 6.84 -83.14 55.95
CA PRO C 425 7.55 -82.98 54.68
C PRO C 425 9.02 -82.58 54.83
N ASN C 426 9.80 -82.73 53.76
CA ASN C 426 11.05 -82.01 53.62
C ASN C 426 11.35 -81.82 52.14
N GLY C 427 12.55 -81.39 51.80
CA GLY C 427 12.87 -81.19 50.40
C GLY C 427 14.28 -80.73 50.12
N ILE C 428 14.51 -80.30 48.89
CA ILE C 428 15.85 -79.97 48.43
C ILE C 428 15.82 -78.48 48.10
N THR C 429 16.95 -77.81 48.25
CA THR C 429 17.18 -76.50 47.63
C THR C 429 18.22 -76.62 46.53
N LEU C 430 17.90 -75.99 45.40
CA LEU C 430 18.73 -75.97 44.20
C LEU C 430 19.38 -74.61 44.20
N ILE C 431 20.70 -74.62 44.11
CA ILE C 431 21.47 -73.41 44.22
C ILE C 431 22.14 -73.08 42.90
N GLY C 432 21.84 -71.89 42.38
CA GLY C 432 22.38 -71.47 41.10
C GLY C 432 23.20 -70.21 41.21
N LYS C 433 23.93 -69.89 40.15
CA LYS C 433 24.79 -68.71 40.13
C LYS C 433 23.93 -67.47 39.96
N LYS C 434 24.53 -66.32 40.24
CA LYS C 434 23.96 -65.00 39.94
C LYS C 434 22.98 -64.97 38.77
N PHE C 435 21.76 -64.50 39.03
CA PHE C 435 20.79 -64.29 37.97
C PHE C 435 20.19 -65.54 37.31
N SER C 436 20.28 -66.70 37.96
CA SER C 436 19.70 -67.91 37.39
C SER C 436 18.28 -68.23 37.82
N ASP C 437 17.66 -67.31 38.53
CA ASP C 437 16.40 -67.52 39.22
C ASP C 437 15.32 -68.15 38.33
N TYR C 438 15.23 -67.67 37.08
CA TYR C 438 14.28 -68.22 36.12
C TYR C 438 14.59 -69.67 35.77
N ALA C 439 15.86 -69.97 35.60
CA ALA C 439 16.26 -71.33 35.27
C ALA C 439 16.08 -72.29 36.44
N LEU C 440 16.33 -71.82 37.66
CA LEU C 440 16.05 -72.64 38.83
C LEU C 440 14.59 -73.06 38.86
N LEU C 441 13.70 -72.11 38.57
CA LEU C 441 12.27 -72.39 38.63
C LEU C 441 11.97 -73.52 37.66
N ASP C 442 12.53 -73.42 36.45
CA ASP C 442 12.24 -74.37 35.38
C ASP C 442 12.85 -75.73 35.77
N LEU C 443 13.98 -75.70 36.45
CA LEU C 443 14.66 -76.94 36.82
C LEU C 443 13.81 -77.66 37.85
N ALA C 444 13.18 -76.87 38.74
CA ALA C 444 12.22 -77.41 39.70
C ALA C 444 11.07 -78.09 38.96
N LYS C 445 10.57 -77.40 37.92
CA LYS C 445 9.45 -77.89 37.11
C LYS C 445 9.82 -79.27 36.59
N ARG C 446 11.02 -79.38 36.06
CA ARG C 446 11.50 -80.63 35.48
C ARG C 446 11.73 -81.70 36.55
N PHE C 447 12.37 -81.33 37.67
CA PHE C 447 12.43 -82.20 38.85
C PHE C 447 11.05 -82.70 39.31
N PHE C 448 10.08 -81.79 39.43
CA PHE C 448 8.73 -82.18 39.87
C PHE C 448 8.09 -83.25 39.00
N SER C 449 8.17 -83.08 37.68
CA SER C 449 7.52 -83.99 36.74
C SER C 449 8.07 -85.43 36.83
N VAL C 450 9.29 -85.59 37.35
CA VAL C 450 9.80 -86.93 37.65
C VAL C 450 9.50 -87.39 39.08
N ALA C 451 9.78 -86.52 40.04
CA ALA C 451 9.60 -86.87 41.44
C ALA C 451 8.13 -86.99 41.80
N PHE C 452 7.28 -86.32 41.05
CA PHE C 452 5.85 -86.35 41.32
C PHE C 452 5.08 -86.61 40.04
N PRO C 453 5.29 -87.82 39.48
CA PRO C 453 4.75 -88.19 38.18
C PRO C 453 3.23 -88.26 38.24
N ASN C 454 2.58 -88.15 37.09
CA ASN C 454 1.12 -88.30 36.99
C ASN C 454 0.40 -87.23 37.80
N ASN C 455 0.96 -86.02 37.84
CA ASN C 455 0.36 -84.91 38.57
C ASN C 455 0.08 -85.23 40.05
N SER C 456 0.98 -85.97 40.67
CA SER C 456 0.79 -86.42 42.04
C SER C 456 1.37 -85.46 43.07
N ARG C 457 1.61 -84.20 42.69
CA ARG C 457 2.27 -83.29 43.64
C ARG C 457 1.32 -82.58 44.59
N THR C 458 1.62 -82.72 45.89
CA THR C 458 0.94 -82.07 47.01
C THR C 458 1.47 -80.64 47.20
N TYR C 459 0.75 -79.82 47.97
CA TYR C 459 1.23 -78.49 48.32
C TYR C 459 0.68 -78.03 49.68
N GLY C 460 1.51 -77.32 50.44
CA GLY C 460 1.15 -76.92 51.80
C GLY C 460 0.66 -78.09 52.63
N LYS C 461 -0.29 -77.81 53.54
CA LYS C 461 -0.95 -78.88 54.30
C LYS C 461 -1.92 -79.72 53.47
N PHE C 462 -2.17 -79.30 52.23
CA PHE C 462 -3.21 -79.91 51.38
C PHE C 462 -2.76 -81.20 50.74
N VAL C 463 -2.57 -82.18 51.62
CA VAL C 463 -2.02 -83.51 51.34
C VAL C 463 -2.86 -84.35 50.38
N ASP C 464 -4.10 -83.94 50.11
CA ASP C 464 -4.95 -84.68 49.18
C ASP C 464 -5.48 -83.84 48.02
N ARG C 465 -4.87 -82.66 47.79
CA ARG C 465 -5.01 -81.98 46.51
C ARG C 465 -3.78 -82.21 45.63
N ARG C 466 -3.94 -82.04 44.31
CA ARG C 466 -2.90 -82.34 43.33
C ARG C 466 -2.58 -81.12 42.48
N ILE C 467 -1.29 -80.91 42.19
CA ILE C 467 -0.92 -79.88 41.25
C ILE C 467 -1.33 -80.38 39.87
N THR C 468 -2.11 -79.58 39.14
CA THR C 468 -2.38 -79.88 37.74
C THR C 468 -1.56 -78.97 36.84
N VAL C 469 -1.90 -77.70 36.91
CA VAL C 469 -1.52 -76.70 35.93
C VAL C 469 -0.67 -75.62 36.59
N GLU C 470 -0.71 -75.60 37.92
CA GLU C 470 -0.13 -74.51 38.72
C GLU C 470 1.40 -74.48 38.84
N ASP C 471 2.11 -75.53 38.43
CA ASP C 471 3.57 -75.47 38.44
C ASP C 471 4.19 -75.02 37.11
N GLU C 472 3.34 -74.79 36.11
CA GLU C 472 3.82 -74.30 34.83
C GLU C 472 4.31 -72.85 34.87
N LEU C 473 5.26 -72.56 34.00
CA LEU C 473 5.97 -71.29 33.98
C LEU C 473 5.86 -70.56 32.63
N ASP C 474 5.78 -69.23 32.66
CA ASP C 474 5.86 -68.42 31.44
C ASP C 474 7.30 -68.24 30.94
N GLY C 475 8.27 -68.39 31.83
CA GLY C 475 9.63 -67.99 31.55
C GLY C 475 9.76 -66.49 31.66
N PRO C 476 10.96 -65.95 31.39
CA PRO C 476 11.14 -64.50 31.44
C PRO C 476 10.39 -63.81 30.31
N SER C 477 9.86 -62.63 30.60
CA SER C 477 9.05 -61.91 29.64
C SER C 477 9.96 -61.22 28.62
N LYS C 478 9.40 -60.96 27.45
CA LYS C 478 10.13 -60.34 26.33
C LYS C 478 10.76 -58.99 26.73
N ASP C 479 10.13 -58.28 27.66
CA ASP C 479 10.76 -57.19 28.44
C ASP C 479 12.27 -57.26 28.59
N THR C 480 12.76 -58.48 28.77
CA THR C 480 14.11 -58.73 29.23
C THR C 480 15.08 -59.02 28.12
N LEU C 481 14.58 -59.20 26.91
CA LEU C 481 15.47 -59.46 25.81
C LEU C 481 16.23 -58.24 25.31
N ASN C 482 17.36 -58.53 24.69
CA ASN C 482 18.20 -57.54 24.05
C ASN C 482 19.15 -58.35 23.21
N GLY C 483 18.71 -58.60 21.98
CA GLY C 483 19.47 -59.42 21.07
C GLY C 483 19.13 -59.13 19.64
N VAL C 484 19.78 -59.87 18.74
CA VAL C 484 19.57 -59.68 17.33
C VAL C 484 18.35 -60.52 16.98
N LYS C 485 17.44 -59.95 16.20
CA LYS C 485 16.34 -60.75 15.69
C LYS C 485 16.87 -61.56 14.52
N LEU C 486 16.89 -62.88 14.66
CA LEU C 486 17.52 -63.69 13.62
C LEU C 486 16.54 -64.72 13.05
N ALA C 487 16.45 -64.75 11.73
CA ALA C 487 15.60 -65.70 11.04
C ALA C 487 16.45 -66.88 10.60
N VAL C 488 16.01 -68.09 10.92
CA VAL C 488 16.65 -69.29 10.43
C VAL C 488 15.69 -69.97 9.45
N VAL C 489 16.24 -70.64 8.45
CA VAL C 489 15.43 -71.27 7.42
C VAL C 489 15.73 -72.76 7.32
N GLY C 490 16.91 -73.14 7.80
CA GLY C 490 17.39 -74.49 7.58
C GLY C 490 17.55 -75.41 8.77
N ALA C 491 18.77 -75.92 8.90
CA ALA C 491 19.05 -76.94 9.89
C ALA C 491 18.94 -76.43 11.33
N HIS C 492 18.76 -75.13 11.48
CA HIS C 492 18.55 -74.54 12.81
C HIS C 492 17.09 -74.44 13.24
N LEU C 493 16.18 -74.91 12.40
CA LEU C 493 14.76 -74.89 12.73
C LEU C 493 14.51 -75.88 13.86
N LYS C 494 13.55 -75.56 14.73
CA LYS C 494 13.01 -76.51 15.71
C LYS C 494 12.90 -77.93 15.15
N GLY C 495 13.50 -78.90 15.82
CA GLY C 495 13.42 -80.30 15.41
C GLY C 495 14.47 -80.85 14.45
N LEU C 496 15.22 -79.96 13.81
CA LEU C 496 16.27 -80.35 12.86
C LEU C 496 17.62 -80.38 13.60
N PRO C 497 18.67 -81.02 13.01
CA PRO C 497 19.82 -81.29 13.89
C PRO C 497 20.79 -80.13 14.21
N LEU C 498 20.43 -78.87 14.02
CA LEU C 498 21.29 -77.78 14.50
C LEU C 498 20.55 -76.80 15.40
N HIS C 499 19.32 -77.13 15.77
CA HIS C 499 18.55 -76.31 16.70
C HIS C 499 19.34 -76.05 17.98
N TRP C 500 20.11 -77.04 18.42
CA TRP C 500 20.83 -76.97 19.69
C TRP C 500 21.74 -75.76 19.75
N GLN C 501 22.33 -75.45 18.60
CA GLN C 501 23.20 -74.28 18.48
C GLN C 501 22.53 -72.98 18.90
N LEU C 502 21.23 -72.88 18.66
CA LEU C 502 20.49 -71.74 19.18
C LEU C 502 20.35 -71.80 20.69
N GLN C 503 20.13 -72.99 21.24
CA GLN C 503 19.94 -73.11 22.67
C GLN C 503 21.25 -72.82 23.41
N LYS C 504 22.36 -73.32 22.86
CA LYS C 504 23.70 -73.07 23.40
C LYS C 504 23.99 -71.57 23.54
N CYS C 505 23.51 -70.78 22.59
CA CYS C 505 23.72 -69.34 22.65
C CYS C 505 22.55 -68.62 23.27
N ASN C 506 21.68 -69.36 23.97
CA ASN C 506 20.67 -68.74 24.81
C ASN C 506 19.67 -67.92 23.98
N ALA C 507 19.41 -68.38 22.77
CA ALA C 507 18.37 -67.79 21.92
C ALA C 507 16.96 -67.92 22.52
N THR C 508 16.05 -67.07 22.06
CA THR C 508 14.67 -67.13 22.49
C THR C 508 13.75 -67.09 21.28
N TYR C 509 12.84 -68.05 21.20
CA TYR C 509 11.89 -68.08 20.09
C TYR C 509 10.98 -66.84 20.12
N LEU C 510 10.89 -66.15 18.99
CA LEU C 510 9.99 -65.02 18.88
C LEU C 510 8.71 -65.32 18.11
N SER C 511 8.85 -65.92 16.94
CA SER C 511 7.73 -66.10 16.01
C SER C 511 8.14 -66.95 14.81
N SER C 512 7.17 -67.28 13.96
CA SER C 512 7.42 -68.08 12.76
C SER C 512 6.84 -67.53 11.47
N PRO C 513 7.32 -66.35 11.03
CA PRO C 513 6.71 -65.73 9.85
C PRO C 513 7.32 -66.23 8.54
N LYS C 514 6.80 -65.73 7.43
CA LYS C 514 7.32 -66.07 6.11
C LYS C 514 8.01 -64.86 5.51
N THR C 515 8.92 -65.13 4.58
CA THR C 515 9.50 -64.07 3.76
C THR C 515 8.42 -63.38 2.94
N SER C 516 8.81 -62.28 2.31
CA SER C 516 7.95 -61.66 1.30
C SER C 516 8.01 -62.53 0.04
N ASN C 517 7.30 -62.11 -1.00
CA ASN C 517 7.21 -62.87 -2.25
C ASN C 517 8.49 -62.95 -3.09
N ASN C 518 9.65 -62.83 -2.47
CA ASN C 518 10.87 -62.53 -3.22
C ASN C 518 11.97 -63.58 -3.19
N TYR C 519 11.66 -64.79 -2.73
CA TYR C 519 12.71 -65.72 -2.35
C TYR C 519 12.52 -67.10 -2.96
N LYS C 520 13.64 -67.70 -3.35
CA LYS C 520 13.73 -69.11 -3.69
C LYS C 520 14.49 -69.83 -2.60
N LEU C 521 14.29 -71.15 -2.50
CA LEU C 521 15.01 -71.94 -1.51
C LEU C 521 15.60 -73.18 -2.16
N TYR C 522 16.87 -73.44 -1.84
CA TYR C 522 17.59 -74.54 -2.46
C TYR C 522 17.98 -75.59 -1.43
N ALA C 523 18.17 -76.82 -1.89
CA ALA C 523 18.85 -77.79 -1.07
C ALA C 523 20.24 -77.89 -1.69
N LEU C 524 21.26 -77.75 -0.86
CA LEU C 524 22.63 -77.78 -1.35
C LEU C 524 23.15 -79.20 -1.37
N PRO C 525 24.16 -79.49 -2.22
CA PRO C 525 24.76 -80.83 -2.17
C PRO C 525 25.20 -81.21 -0.76
N LYS C 526 24.71 -82.32 -0.25
CA LYS C 526 25.08 -82.81 1.08
C LYS C 526 26.51 -83.30 1.10
N VAL C 527 27.29 -82.80 2.05
CA VAL C 527 28.66 -83.26 2.23
C VAL C 527 28.83 -83.89 3.61
N GLY C 528 28.49 -83.14 4.66
CA GLY C 528 28.38 -83.70 6.00
C GLY C 528 27.18 -84.64 6.07
N PRO C 529 26.90 -85.20 7.26
CA PRO C 529 25.64 -85.95 7.35
C PRO C 529 24.42 -85.06 7.62
N VAL C 530 24.58 -83.76 7.45
CA VAL C 530 23.47 -82.83 7.54
C VAL C 530 23.26 -82.17 6.18
N LEU C 531 22.02 -82.16 5.72
CA LEU C 531 21.67 -81.44 4.49
C LEU C 531 21.37 -79.97 4.81
N LYS C 532 21.77 -79.07 3.91
CA LYS C 532 21.70 -77.63 4.20
C LYS C 532 21.11 -76.78 3.07
N PRO C 533 20.07 -76.02 3.38
CA PRO C 533 19.40 -75.06 2.49
C PRO C 533 20.13 -73.72 2.38
N GLY C 534 19.93 -73.05 1.26
CA GLY C 534 20.31 -71.66 1.10
C GLY C 534 19.18 -70.81 0.56
N LEU C 535 18.95 -69.66 1.20
CA LEU C 535 17.98 -68.67 0.74
C LEU C 535 18.52 -67.79 -0.38
N ARG C 536 17.67 -67.42 -1.33
CA ARG C 536 18.10 -66.53 -2.41
C ARG C 536 17.09 -65.41 -2.62
N ARG C 537 17.50 -64.16 -2.41
CA ARG C 537 16.63 -63.08 -2.79
C ARG C 537 16.75 -62.90 -4.29
N VAL C 538 15.59 -62.72 -4.91
CA VAL C 538 15.39 -62.83 -6.34
C VAL C 538 14.59 -61.62 -6.80
N ASN C 539 14.90 -61.09 -7.97
CA ASN C 539 13.88 -60.28 -8.64
C ASN C 539 14.00 -60.22 -10.15
N ASP C 540 13.72 -61.36 -10.73
CA ASP C 540 13.09 -61.42 -12.02
C ASP C 540 11.62 -61.17 -11.73
N GLY C 541 11.10 -61.88 -10.73
CA GLY C 541 9.76 -61.69 -10.22
C GLY C 541 9.27 -62.95 -9.54
N THR C 542 9.92 -64.06 -9.90
CA THR C 542 9.39 -65.40 -9.70
C THR C 542 9.66 -66.03 -8.34
N GLY C 543 9.64 -65.21 -7.30
CA GLY C 543 9.83 -65.65 -5.92
C GLY C 543 8.60 -66.22 -5.19
N SER C 544 8.81 -67.02 -4.15
CA SER C 544 7.71 -67.43 -3.28
C SER C 544 7.96 -66.91 -1.87
N GLN C 545 6.99 -67.15 -0.99
CA GLN C 545 7.13 -66.86 0.42
C GLN C 545 7.75 -68.10 1.08
N ILE C 546 8.96 -67.96 1.61
CA ILE C 546 9.59 -69.07 2.31
C ILE C 546 9.38 -68.99 3.82
N GLN C 547 9.09 -70.14 4.42
CA GLN C 547 8.84 -70.26 5.85
C GLN C 547 10.10 -70.09 6.72
N LEU C 548 9.94 -69.35 7.81
CA LEU C 548 11.04 -69.01 8.72
C LEU C 548 10.70 -69.18 10.19
N GLU C 549 11.72 -69.37 11.02
CA GLU C 549 11.54 -69.21 12.46
C GLU C 549 12.44 -68.05 12.88
N VAL C 550 11.95 -67.19 13.77
CA VAL C 550 12.73 -66.03 14.17
C VAL C 550 13.07 -66.07 15.64
N TYR C 551 14.35 -65.85 15.94
CA TYR C 551 14.86 -65.93 17.29
C TYR C 551 15.56 -64.66 17.74
N SER C 552 15.40 -64.32 19.01
CA SER C 552 16.26 -63.31 19.62
C SER C 552 17.53 -63.93 20.15
N VAL C 553 18.66 -63.52 19.57
CA VAL C 553 19.96 -63.99 19.99
C VAL C 553 20.72 -62.88 20.72
N PRO C 554 20.98 -63.05 22.03
CA PRO C 554 21.60 -62.00 22.85
C PRO C 554 22.83 -61.42 22.17
N TYR C 555 23.03 -60.12 22.29
CA TYR C 555 24.17 -59.48 21.62
C TYR C 555 25.55 -60.02 22.00
N ASP C 556 25.78 -60.26 23.28
CA ASP C 556 27.09 -60.75 23.70
C ASP C 556 27.36 -62.20 23.27
N ARG C 557 26.35 -62.86 22.69
CA ARG C 557 26.43 -64.28 22.38
C ARG C 557 26.44 -64.53 20.90
N PHE C 558 26.17 -63.49 20.11
CA PHE C 558 26.02 -63.65 18.66
C PHE C 558 27.33 -64.09 18.04
N GLY C 559 28.44 -63.63 18.60
CA GLY C 559 29.76 -64.08 18.20
C GLY C 559 29.89 -65.58 18.26
N ASP C 560 29.41 -66.18 19.34
CA ASP C 560 29.49 -67.62 19.51
C ASP C 560 28.66 -68.36 18.47
N PHE C 561 27.52 -67.77 18.10
CA PHE C 561 26.65 -68.44 17.14
C PHE C 561 27.20 -68.37 15.72
N ILE C 562 27.62 -67.19 15.28
CA ILE C 562 28.12 -67.06 13.91
C ILE C 562 29.40 -67.83 13.69
N ALA C 563 30.13 -68.11 14.77
CA ALA C 563 31.39 -68.83 14.64
C ALA C 563 31.11 -70.27 14.23
N MET C 564 29.87 -70.70 14.41
CA MET C 564 29.49 -72.06 14.05
C MET C 564 28.94 -72.18 12.62
N VAL C 565 29.00 -71.08 11.87
CA VAL C 565 28.37 -71.00 10.56
C VAL C 565 29.39 -71.02 9.42
N PRO C 566 29.51 -72.17 8.76
CA PRO C 566 30.52 -72.42 7.73
C PRO C 566 30.08 -71.93 6.37
N GLU C 567 31.05 -71.67 5.50
CA GLU C 567 30.79 -71.49 4.09
C GLU C 567 29.88 -72.63 3.60
N PRO C 568 28.93 -72.33 2.69
CA PRO C 568 28.69 -71.10 1.94
C PRO C 568 27.60 -70.24 2.57
N LEU C 569 27.15 -70.58 3.77
CA LEU C 569 26.11 -69.80 4.43
C LEU C 569 26.74 -68.58 5.07
N GLY C 570 25.88 -67.67 5.51
CA GLY C 570 26.33 -66.46 6.17
C GLY C 570 25.13 -65.79 6.78
N ILE C 571 25.37 -64.76 7.58
CA ILE C 571 24.27 -64.02 8.15
C ILE C 571 24.22 -62.64 7.54
N GLY C 572 23.12 -62.40 6.86
CA GLY C 572 22.76 -61.11 6.30
C GLY C 572 21.38 -60.69 6.77
N SER C 573 20.63 -60.04 5.88
CA SER C 573 19.28 -59.60 6.23
C SER C 573 18.27 -60.23 5.27
N VAL C 574 17.03 -60.35 5.73
CA VAL C 574 15.95 -60.88 4.90
C VAL C 574 14.67 -60.08 5.10
N GLU C 575 13.81 -60.08 4.09
CA GLU C 575 12.55 -59.35 4.16
C GLU C 575 11.40 -60.29 4.48
N LEU C 576 10.68 -59.98 5.55
CA LEU C 576 9.52 -60.77 5.95
C LEU C 576 8.28 -60.34 5.20
N GLU C 577 7.25 -61.17 5.27
CA GLU C 577 5.94 -60.89 4.69
C GLU C 577 5.49 -59.47 5.03
N SER C 578 5.61 -59.10 6.30
CA SER C 578 5.12 -57.82 6.79
C SER C 578 5.95 -56.62 6.34
N GLY C 579 7.06 -56.86 5.64
CA GLY C 579 7.92 -55.77 5.25
C GLY C 579 9.09 -55.42 6.17
N GLU C 580 9.03 -55.88 7.42
CA GLU C 580 10.19 -55.76 8.30
C GLU C 580 11.40 -56.50 7.77
N TRP C 581 12.57 -55.87 7.88
CA TRP C 581 13.83 -56.56 7.66
C TRP C 581 14.39 -57.05 8.96
N VAL C 582 15.06 -58.19 8.88
CA VAL C 582 15.46 -58.94 10.04
C VAL C 582 16.71 -59.72 9.63
N LYS C 583 17.69 -59.81 10.52
CA LYS C 583 18.88 -60.63 10.24
C LYS C 583 18.48 -62.06 9.90
N SER C 584 19.27 -62.71 9.05
CA SER C 584 18.90 -64.05 8.60
C SER C 584 20.04 -64.79 7.95
N PHE C 585 19.86 -66.10 7.81
CA PHE C 585 20.80 -66.89 7.04
C PHE C 585 20.64 -66.50 5.58
N ILE C 586 21.77 -66.34 4.92
CA ILE C 586 21.79 -66.17 3.48
C ILE C 586 22.77 -67.18 2.92
N CYS C 587 23.02 -67.10 1.63
CA CYS C 587 23.88 -68.06 0.95
C CYS C 587 24.62 -67.37 -0.18
N GLU C 588 25.94 -67.57 -0.21
CA GLU C 588 26.73 -67.13 -1.35
C GLU C 588 26.16 -67.73 -2.61
N GLU C 589 26.17 -66.98 -3.70
CA GLU C 589 25.69 -67.50 -4.96
C GLU C 589 26.37 -68.80 -5.31
N PHE C 590 27.70 -68.86 -5.14
CA PHE C 590 28.47 -70.09 -5.35
C PHE C 590 27.84 -71.33 -4.68
N GLY C 591 27.11 -71.10 -3.59
CA GLY C 591 26.59 -72.19 -2.78
C GLY C 591 25.53 -72.98 -3.52
N TYR C 592 24.50 -72.28 -3.99
CA TYR C 592 23.37 -72.92 -4.67
C TYR C 592 23.56 -72.96 -6.18
N THR C 593 24.81 -72.89 -6.61
CA THR C 593 25.16 -72.79 -8.02
C THR C 593 26.14 -73.95 -8.35
N GLN C 594 26.18 -74.90 -7.44
CA GLN C 594 26.92 -76.15 -7.62
C GLN C 594 26.10 -77.24 -8.32
N GLN C 595 26.78 -78.21 -8.94
CA GLN C 595 26.10 -79.44 -9.35
C GLN C 595 25.59 -80.14 -8.10
N GLY C 596 24.30 -80.45 -8.08
CA GLY C 596 23.73 -81.21 -6.98
C GLY C 596 22.67 -80.36 -6.31
N THR C 597 22.68 -79.07 -6.62
CA THR C 597 21.71 -78.13 -6.06
C THR C 597 20.32 -78.42 -6.62
N VAL C 598 19.32 -78.32 -5.75
CA VAL C 598 17.96 -78.72 -6.06
C VAL C 598 17.06 -77.54 -5.71
N ASP C 599 16.26 -77.05 -6.67
CA ASP C 599 15.32 -75.96 -6.36
C ASP C 599 14.14 -76.48 -5.56
N ILE C 600 13.99 -75.94 -4.36
CA ILE C 600 13.12 -76.51 -3.33
C ILE C 600 11.97 -75.56 -2.98
N THR C 601 12.01 -74.37 -3.57
CA THR C 601 11.00 -73.33 -3.38
C THR C 601 9.55 -73.85 -3.32
N LYS C 602 9.23 -74.81 -4.17
CA LYS C 602 7.94 -75.51 -4.20
C LYS C 602 7.29 -75.76 -2.83
N PHE C 603 8.09 -76.25 -1.90
CA PHE C 603 7.60 -76.70 -0.61
C PHE C 603 7.32 -75.56 0.36
N GLY C 604 7.72 -74.35 -0.02
CA GLY C 604 7.49 -73.17 0.81
C GLY C 604 8.30 -73.11 2.09
N GLY C 605 8.94 -74.23 2.44
CA GLY C 605 9.78 -74.31 3.63
C GLY C 605 10.75 -75.48 3.55
N PHE C 606 11.61 -75.62 4.56
CA PHE C 606 12.61 -76.66 4.57
C PHE C 606 12.09 -77.92 5.29
N LYS C 607 11.18 -77.77 6.25
CA LYS C 607 10.57 -78.94 6.89
C LYS C 607 9.88 -79.83 5.84
N PRO C 608 8.78 -79.36 5.18
CA PRO C 608 8.13 -80.15 4.13
C PRO C 608 9.04 -81.02 3.29
N TYR C 609 10.17 -80.44 2.87
CA TYR C 609 11.12 -81.13 2.02
C TYR C 609 11.92 -82.23 2.73
N ILE C 610 12.28 -82.04 4.00
CA ILE C 610 13.03 -83.08 4.71
C ILE C 610 12.09 -84.16 5.27
N GLU C 611 10.84 -84.15 4.82
CA GLU C 611 9.88 -85.19 5.13
C GLU C 611 9.57 -86.01 3.88
N HIS C 612 9.53 -85.35 2.72
CA HIS C 612 9.47 -86.07 1.45
C HIS C 612 10.76 -86.84 1.14
N ILE C 613 11.51 -87.17 2.18
CA ILE C 613 12.67 -88.05 2.09
C ILE C 613 12.66 -89.04 3.25
N GLN C 614 12.56 -88.52 4.47
CA GLN C 614 12.46 -89.35 5.66
C GLN C 614 11.49 -88.76 6.67
N LYS C 621 11.57 -101.21 8.31
CA LYS C 621 12.78 -101.08 7.50
C LYS C 621 14.05 -101.45 8.27
N LYS C 622 13.90 -102.26 9.32
CA LYS C 622 15.03 -102.99 9.91
C LYS C 622 14.87 -104.49 9.65
N PRO C 623 15.68 -105.03 8.71
CA PRO C 623 15.60 -106.43 8.26
C PRO C 623 15.70 -107.43 9.42
N PHE C 624 16.59 -107.18 10.36
CA PHE C 624 16.86 -108.11 11.47
C PHE C 624 17.24 -107.31 12.71
N GLU C 625 17.04 -107.91 13.89
CA GLU C 625 17.23 -107.19 15.14
C GLU C 625 18.65 -107.43 15.61
N THR C 626 19.02 -108.72 15.67
CA THR C 626 20.39 -109.11 15.94
C THR C 626 20.86 -110.10 14.85
N VAL C 627 22.11 -109.96 14.43
CA VAL C 627 22.72 -110.74 13.34
C VAL C 627 24.09 -111.29 13.77
N LEU C 628 24.33 -112.59 13.57
CA LEU C 628 25.63 -113.18 13.88
C LEU C 628 26.57 -113.27 12.66
N ILE C 629 27.87 -113.05 12.89
CA ILE C 629 28.81 -113.14 11.78
C ILE C 629 29.58 -114.45 11.86
N ALA C 630 29.35 -115.35 10.93
CA ALA C 630 30.09 -116.61 10.92
C ALA C 630 31.47 -116.39 10.30
N ASN C 631 32.24 -115.44 10.83
CA ASN C 631 33.55 -115.12 10.28
C ASN C 631 34.46 -114.32 11.23
N ARG C 632 35.66 -114.06 10.74
CA ARG C 632 36.70 -113.42 11.54
C ARG C 632 37.31 -112.32 10.72
N GLY C 633 38.41 -111.76 11.22
CA GLY C 633 39.18 -110.81 10.44
C GLY C 633 38.46 -109.61 9.88
N GLU C 634 38.82 -109.29 8.65
CA GLU C 634 38.55 -108.04 7.99
C GLU C 634 37.11 -107.96 7.50
N ILE C 635 36.61 -109.04 6.93
CA ILE C 635 35.20 -109.10 6.56
C ILE C 635 34.25 -108.96 7.76
N ALA C 636 34.62 -109.54 8.91
CA ALA C 636 33.79 -109.46 10.09
C ALA C 636 33.69 -107.99 10.49
N VAL C 637 34.83 -107.30 10.52
CA VAL C 637 34.85 -105.89 10.88
C VAL C 637 34.02 -105.03 9.92
N ARG C 638 34.10 -105.34 8.62
CA ARG C 638 33.40 -104.56 7.62
C ARG C 638 31.89 -104.83 7.69
N ILE C 639 31.51 -106.06 7.99
CA ILE C 639 30.09 -106.38 8.02
C ILE C 639 29.49 -105.63 9.22
N MET C 640 30.20 -105.64 10.33
CA MET C 640 29.76 -104.93 11.54
C MET C 640 29.61 -103.41 11.39
N LYS C 641 30.38 -102.77 10.51
CA LYS C 641 30.22 -101.31 10.34
C LYS C 641 28.84 -101.06 9.79
N THR C 642 28.42 -101.91 8.85
CA THR C 642 27.16 -101.74 8.18
C THR C 642 26.09 -102.00 9.22
N LEU C 643 26.26 -103.09 9.98
CA LEU C 643 25.27 -103.49 10.97
C LEU C 643 25.06 -102.34 11.94
N LYS C 644 26.15 -101.87 12.55
CA LYS C 644 26.13 -100.69 13.42
C LYS C 644 25.31 -99.57 12.78
N ARG C 645 25.71 -99.14 11.58
CA ARG C 645 25.05 -98.00 10.92
C ARG C 645 23.56 -98.28 10.77
N MET C 646 23.19 -99.55 10.62
CA MET C 646 21.80 -99.92 10.45
C MET C 646 21.06 -100.12 11.78
N GLY C 647 21.76 -100.02 12.90
CA GLY C 647 21.13 -100.11 14.20
C GLY C 647 20.78 -101.55 14.51
N ILE C 648 21.49 -102.46 13.84
CA ILE C 648 21.32 -103.89 14.05
C ILE C 648 22.36 -104.42 14.99
N LYS C 649 21.93 -105.17 16.01
CA LYS C 649 22.87 -105.63 17.03
C LYS C 649 23.69 -106.73 16.36
N SER C 650 24.99 -106.76 16.63
CA SER C 650 25.87 -107.75 15.99
C SER C 650 26.47 -108.74 16.97
N VAL C 651 26.75 -109.95 16.48
CA VAL C 651 27.34 -110.98 17.32
C VAL C 651 28.61 -111.53 16.67
N ALA C 652 29.71 -111.42 17.41
CA ALA C 652 30.97 -112.04 17.01
C ALA C 652 31.05 -113.52 17.40
N VAL C 653 31.88 -114.27 16.68
CA VAL C 653 32.37 -115.57 17.14
C VAL C 653 33.88 -115.62 16.94
N TYR C 654 34.59 -116.22 17.88
CA TYR C 654 36.04 -116.26 17.75
C TYR C 654 36.68 -117.54 18.22
N SER C 655 37.75 -117.91 17.54
CA SER C 655 38.65 -118.91 18.05
C SER C 655 39.42 -118.35 19.25
N ASP C 656 40.35 -119.14 19.78
CA ASP C 656 41.18 -118.66 20.87
C ASP C 656 42.30 -117.70 20.43
N PRO C 657 43.01 -117.99 19.32
CA PRO C 657 43.93 -116.92 18.91
C PRO C 657 43.24 -115.60 18.56
N ASP C 658 41.98 -115.64 18.17
CA ASP C 658 41.27 -114.41 17.82
C ASP C 658 40.59 -113.71 18.99
N LYS C 659 40.72 -114.20 20.23
CA LYS C 659 39.95 -113.63 21.33
C LYS C 659 40.23 -112.13 21.54
N TYR C 660 41.34 -111.63 21.00
CA TYR C 660 41.68 -110.22 21.10
C TYR C 660 41.52 -109.40 19.81
N SER C 661 40.83 -109.94 18.80
CA SER C 661 40.76 -109.26 17.48
C SER C 661 39.66 -108.20 17.39
N GLN C 662 39.89 -107.21 16.54
CA GLN C 662 39.00 -106.08 16.25
C GLN C 662 37.51 -106.45 16.23
N HIS C 663 37.19 -107.54 15.53
CA HIS C 663 35.79 -107.90 15.28
C HIS C 663 35.09 -108.35 16.58
N VAL C 664 35.89 -108.85 17.53
CA VAL C 664 35.38 -109.21 18.85
C VAL C 664 35.07 -107.95 19.65
N THR C 665 36.02 -107.03 19.66
CA THR C 665 35.80 -105.69 20.20
C THR C 665 34.60 -104.96 19.59
N ASP C 666 34.51 -104.89 18.27
CA ASP C 666 33.47 -104.09 17.59
C ASP C 666 32.05 -104.56 17.83
N ALA C 667 31.88 -105.84 18.07
CA ALA C 667 30.55 -106.44 18.15
C ALA C 667 29.82 -106.03 19.42
N ASP C 668 28.49 -106.12 19.41
CA ASP C 668 27.69 -105.89 20.61
C ASP C 668 27.77 -107.08 21.55
N PHE C 669 27.81 -108.28 20.98
CA PHE C 669 27.95 -109.50 21.77
C PHE C 669 28.95 -110.42 21.10
N SER C 670 29.39 -111.44 21.82
CA SER C 670 30.39 -112.37 21.28
C SER C 670 30.33 -113.71 21.97
N VAL C 671 30.77 -114.74 21.25
CA VAL C 671 30.72 -116.09 21.76
C VAL C 671 32.06 -116.71 21.46
N ALA C 672 32.72 -117.13 22.52
CA ALA C 672 33.92 -117.91 22.36
C ALA C 672 33.56 -119.27 21.83
N LEU C 673 34.15 -119.60 20.68
CA LEU C 673 34.18 -120.97 20.27
C LEU C 673 35.48 -121.38 20.93
N HIS C 674 35.65 -122.62 21.31
CA HIS C 674 36.90 -122.96 21.98
C HIS C 674 37.78 -123.82 21.07
N GLY C 675 39.05 -123.42 20.95
CA GLY C 675 40.01 -124.12 20.13
C GLY C 675 40.85 -123.18 19.27
N ARG C 676 41.70 -123.76 18.44
CA ARG C 676 42.68 -122.98 17.70
C ARG C 676 42.43 -123.07 16.19
N THR C 677 42.23 -124.27 15.66
CA THR C 677 42.24 -124.47 14.20
C THR C 677 40.93 -124.02 13.54
N ALA C 678 41.00 -123.73 12.24
CA ALA C 678 39.82 -123.50 11.41
C ALA C 678 38.72 -124.55 11.63
N ALA C 679 39.13 -125.82 11.68
CA ALA C 679 38.20 -126.93 11.80
C ALA C 679 37.57 -126.97 13.20
N GLU C 680 38.40 -126.65 14.19
CA GLU C 680 38.00 -126.67 15.59
C GLU C 680 36.93 -125.62 15.94
N THR C 681 36.86 -124.56 15.14
CA THR C 681 36.06 -123.39 15.51
C THR C 681 35.15 -122.86 14.41
N TYR C 682 35.66 -121.96 13.56
CA TYR C 682 34.84 -121.32 12.52
C TYR C 682 34.10 -122.31 11.61
N LEU C 683 34.68 -123.48 11.40
CA LEU C 683 34.10 -124.48 10.48
C LEU C 683 33.11 -125.43 11.15
N ASP C 684 33.00 -125.37 12.48
CA ASP C 684 32.20 -126.34 13.23
C ASP C 684 30.76 -125.81 13.27
N ILE C 685 29.92 -126.33 12.36
CA ILE C 685 28.54 -125.87 12.23
C ILE C 685 27.76 -125.91 13.55
N ASP C 686 28.04 -126.91 14.37
CA ASP C 686 27.24 -127.15 15.55
C ASP C 686 27.47 -125.98 16.50
N LYS C 687 28.75 -125.66 16.69
CA LYS C 687 29.16 -124.52 17.52
C LYS C 687 28.55 -123.20 17.04
N ILE C 688 28.69 -122.91 15.75
CA ILE C 688 28.16 -121.69 15.16
C ILE C 688 26.67 -121.53 15.44
N ILE C 689 25.92 -122.59 15.15
CA ILE C 689 24.46 -122.56 15.26
C ILE C 689 24.04 -122.43 16.73
N ASN C 690 24.78 -123.09 17.61
CA ASN C 690 24.59 -122.92 19.04
C ASN C 690 24.88 -121.47 19.48
N ALA C 691 25.94 -120.90 18.93
CA ALA C 691 26.27 -119.48 19.14
C ALA C 691 25.14 -118.54 18.76
N ALA C 692 24.47 -118.80 17.64
CA ALA C 692 23.39 -117.93 17.19
C ALA C 692 22.15 -118.15 18.06
N LYS C 693 21.97 -119.38 18.49
CA LYS C 693 20.92 -119.75 19.43
C LYS C 693 21.07 -118.97 20.73
N LYS C 694 22.23 -119.20 21.33
CA LYS C 694 22.65 -118.65 22.61
C LYS C 694 22.50 -117.12 22.70
N THR C 695 22.61 -116.42 21.56
CA THR C 695 22.55 -114.95 21.55
C THR C 695 21.25 -114.41 20.96
N GLY C 696 20.34 -115.34 20.64
CA GLY C 696 19.13 -115.03 19.89
C GLY C 696 19.27 -114.26 18.59
N ALA C 697 20.22 -114.68 17.76
CA ALA C 697 20.40 -114.07 16.45
C ALA C 697 19.37 -114.62 15.48
N GLN C 698 18.57 -113.76 14.84
CA GLN C 698 17.62 -114.23 13.83
C GLN C 698 18.30 -114.60 12.52
N ALA C 699 19.52 -114.11 12.31
CA ALA C 699 20.17 -114.36 11.02
C ALA C 699 21.68 -114.58 11.18
N ILE C 700 22.26 -115.32 10.25
CA ILE C 700 23.70 -115.49 10.16
C ILE C 700 24.23 -115.04 8.82
N ILE C 701 25.25 -114.18 8.83
CA ILE C 701 25.87 -113.75 7.58
C ILE C 701 27.29 -114.31 7.62
N PRO C 702 27.67 -115.02 6.56
CA PRO C 702 28.87 -115.88 6.59
C PRO C 702 30.16 -115.23 6.10
N GLY C 703 30.06 -114.14 5.36
CA GLY C 703 31.25 -113.61 4.72
C GLY C 703 31.67 -114.42 3.50
N TYR C 704 32.98 -114.61 3.39
CA TYR C 704 33.57 -115.50 2.41
C TYR C 704 34.67 -116.35 3.06
N GLY C 705 34.95 -117.51 2.48
CA GLY C 705 35.69 -118.55 3.15
C GLY C 705 34.80 -119.33 4.11
N PHE C 706 35.38 -120.25 4.87
CA PHE C 706 34.65 -120.94 5.94
C PHE C 706 33.30 -121.50 5.48
N LEU C 707 32.24 -121.30 6.27
CA LEU C 707 30.97 -121.97 5.96
C LEU C 707 30.16 -121.28 4.85
N SER C 708 30.80 -120.35 4.14
CA SER C 708 30.14 -119.42 3.21
C SER C 708 29.41 -120.13 2.07
N GLU C 709 30.16 -120.98 1.37
CA GLU C 709 29.65 -121.80 0.29
C GLU C 709 29.41 -123.25 0.70
N ASN C 710 29.05 -123.45 1.96
CA ASN C 710 28.76 -124.79 2.49
C ASN C 710 27.25 -125.00 2.59
N ALA C 711 26.71 -125.89 1.76
CA ALA C 711 25.27 -126.03 1.62
C ALA C 711 24.61 -126.78 2.77
N ASP C 712 25.33 -127.68 3.42
CA ASP C 712 24.79 -128.32 4.62
C ASP C 712 24.48 -127.24 5.63
N PHE C 713 25.46 -126.36 5.83
CA PHE C 713 25.30 -125.20 6.69
C PHE C 713 24.11 -124.31 6.33
N SER C 714 24.00 -123.91 5.06
CA SER C 714 22.84 -123.10 4.64
C SER C 714 21.55 -123.84 5.02
N ASP C 715 21.53 -125.14 4.77
CA ASP C 715 20.38 -125.96 5.12
C ASP C 715 20.14 -126.10 6.62
N ARG C 716 21.19 -126.33 7.41
CA ARG C 716 21.10 -126.26 8.87
C ARG C 716 20.46 -124.98 9.39
N CYS C 717 20.88 -123.83 8.87
CA CYS C 717 20.25 -122.57 9.25
C CYS C 717 18.74 -122.64 9.00
N SER C 718 18.36 -123.01 7.78
CA SER C 718 16.95 -123.09 7.42
C SER C 718 16.20 -124.05 8.36
N GLN C 719 16.75 -125.24 8.56
CA GLN C 719 16.05 -126.25 9.36
C GLN C 719 16.08 -125.88 10.85
N GLU C 720 16.67 -124.72 11.17
CA GLU C 720 16.80 -124.26 12.55
C GLU C 720 16.08 -122.94 12.84
N ASN C 721 15.40 -122.39 11.83
CA ASN C 721 14.75 -121.07 11.91
C ASN C 721 15.73 -119.91 12.14
N ILE C 722 16.94 -120.07 11.63
CA ILE C 722 17.89 -118.96 11.50
C ILE C 722 18.11 -118.64 10.01
N VAL C 723 17.89 -117.38 9.63
CA VAL C 723 18.05 -116.93 8.24
C VAL C 723 19.51 -116.78 7.80
N PHE C 724 19.97 -117.75 7.01
CA PHE C 724 21.24 -117.65 6.29
C PHE C 724 21.28 -116.51 5.27
N VAL C 725 22.14 -115.52 5.52
CA VAL C 725 22.23 -114.40 4.58
C VAL C 725 23.11 -114.85 3.43
N GLY C 726 22.48 -115.49 2.45
CA GLY C 726 23.19 -116.10 1.34
C GLY C 726 22.20 -116.90 0.54
N PRO C 727 22.66 -117.53 -0.54
CA PRO C 727 21.76 -118.37 -1.35
C PRO C 727 21.44 -119.72 -0.72
N SER C 728 20.42 -120.38 -1.26
CA SER C 728 19.96 -121.68 -0.77
C SER C 728 21.01 -122.80 -0.85
N GLY C 729 20.87 -123.81 0.01
CA GLY C 729 21.77 -124.94 0.02
C GLY C 729 21.79 -125.63 -1.33
N ASP C 730 20.68 -125.54 -2.04
CA ASP C 730 20.55 -126.14 -3.36
C ASP C 730 21.39 -125.45 -4.42
N ALA C 731 21.14 -124.15 -4.59
CA ALA C 731 21.96 -123.29 -5.44
C ALA C 731 23.44 -123.52 -5.20
N ILE C 732 23.85 -123.54 -3.94
CA ILE C 732 25.25 -123.82 -3.61
C ILE C 732 25.74 -125.19 -4.08
N ARG C 733 24.96 -126.24 -3.87
CA ARG C 733 25.24 -127.56 -4.45
C ARG C 733 25.32 -127.54 -5.97
N LYS C 734 24.27 -127.02 -6.58
CA LYS C 734 24.21 -126.83 -8.01
C LYS C 734 25.39 -126.02 -8.59
N LEU C 735 25.98 -125.12 -7.80
CA LEU C 735 27.14 -124.35 -8.25
C LEU C 735 28.49 -124.93 -7.79
N GLY C 736 28.47 -125.81 -6.79
CA GLY C 736 29.70 -126.40 -6.28
C GLY C 736 30.42 -127.37 -7.20
N LEU C 737 29.64 -128.12 -7.97
CA LEU C 737 30.21 -129.13 -8.85
C LEU C 737 30.47 -128.54 -10.22
N LYS C 738 31.69 -128.69 -10.71
CA LYS C 738 32.14 -128.03 -11.92
C LYS C 738 31.21 -128.26 -13.13
N HIS C 739 30.46 -129.35 -13.12
CA HIS C 739 29.69 -129.77 -14.29
C HIS C 739 28.20 -129.46 -14.21
N SER C 740 27.61 -129.55 -13.02
CA SER C 740 26.25 -129.06 -12.83
C SER C 740 26.22 -127.56 -13.12
N ALA C 741 27.28 -126.86 -12.72
CA ALA C 741 27.40 -125.43 -12.97
C ALA C 741 27.45 -125.10 -14.47
N ARG C 742 28.07 -125.95 -15.27
CA ARG C 742 28.13 -125.73 -16.73
C ARG C 742 26.75 -125.85 -17.39
N GLU C 743 25.92 -126.82 -16.98
CA GLU C 743 24.57 -126.98 -17.53
C GLU C 743 23.71 -125.72 -17.31
N ILE C 744 23.63 -125.25 -16.07
CA ILE C 744 22.89 -124.02 -15.72
C ILE C 744 23.31 -122.88 -16.62
N ALA C 745 24.63 -122.72 -16.75
CA ALA C 745 25.23 -121.73 -17.63
C ALA C 745 24.76 -121.88 -19.07
N GLU C 746 24.84 -123.10 -19.57
CA GLU C 746 24.34 -123.44 -20.91
C GLU C 746 22.89 -123.02 -21.07
N ARG C 747 22.02 -123.62 -20.25
CA ARG C 747 20.60 -123.26 -20.19
C ARG C 747 20.31 -121.75 -20.05
N ALA C 748 21.19 -121.04 -19.35
CA ALA C 748 21.09 -119.59 -19.19
C ALA C 748 21.59 -118.78 -20.39
N LYS C 749 22.15 -119.46 -21.38
CA LYS C 749 22.64 -118.84 -22.63
C LYS C 749 23.86 -118.00 -22.32
N VAL C 750 24.82 -118.63 -21.66
CA VAL C 750 26.06 -117.99 -21.24
C VAL C 750 27.20 -118.64 -22.02
N PRO C 751 27.91 -117.85 -22.86
CA PRO C 751 28.94 -118.45 -23.73
C PRO C 751 30.01 -119.17 -22.91
N LEU C 752 30.22 -120.45 -23.20
CA LEU C 752 31.24 -121.23 -22.51
C LEU C 752 32.44 -121.56 -23.42
N VAL C 753 33.54 -121.99 -22.80
CA VAL C 753 34.72 -122.45 -23.53
C VAL C 753 34.41 -123.68 -24.36
N PRO C 754 34.48 -123.56 -25.69
CA PRO C 754 34.09 -124.68 -26.55
C PRO C 754 35.21 -125.70 -26.70
N ASN C 826 46.18 -115.35 -24.03
CA ASN C 826 46.65 -114.67 -22.83
C ASN C 826 45.52 -114.03 -22.03
N ALA C 827 44.99 -114.82 -21.11
CA ALA C 827 43.63 -114.71 -20.60
C ALA C 827 43.47 -113.75 -19.44
N ARG C 828 42.44 -112.91 -19.52
CA ARG C 828 42.03 -112.05 -18.42
C ARG C 828 40.92 -112.69 -17.56
N HIS C 829 40.67 -112.08 -16.41
CA HIS C 829 39.64 -112.56 -15.49
C HIS C 829 38.68 -111.43 -15.21
N VAL C 830 37.53 -111.45 -15.88
CA VAL C 830 36.53 -110.40 -15.71
C VAL C 830 35.33 -111.06 -15.05
N GLU C 831 34.89 -110.51 -13.94
CA GLU C 831 33.77 -111.10 -13.22
C GLU C 831 32.66 -110.08 -13.07
N ILE C 832 31.44 -110.56 -12.93
CA ILE C 832 30.29 -109.69 -12.76
C ILE C 832 29.75 -109.86 -11.36
N GLN C 833 29.55 -108.75 -10.68
CA GLN C 833 28.93 -108.79 -9.38
C GLN C 833 27.43 -108.73 -9.61
N MET C 834 26.72 -109.74 -9.14
CA MET C 834 25.29 -109.78 -9.40
C MET C 834 24.54 -109.87 -8.05
N MET C 835 23.32 -109.35 -8.02
CA MET C 835 22.43 -109.48 -6.87
C MET C 835 21.15 -110.20 -7.32
N GLY C 836 20.70 -111.15 -6.51
CA GLY C 836 19.45 -111.86 -6.78
C GLY C 836 18.51 -111.75 -5.59
N ASP C 837 17.20 -111.73 -5.83
CA ASP C 837 16.26 -111.51 -4.73
C ASP C 837 15.65 -112.82 -4.19
N GLY C 838 16.05 -113.94 -4.79
CA GLY C 838 15.60 -115.24 -4.31
C GLY C 838 14.27 -115.63 -4.88
N PHE C 839 13.79 -114.86 -5.86
CA PHE C 839 12.45 -115.03 -6.40
C PHE C 839 12.43 -114.80 -7.91
N GLY C 840 13.59 -114.98 -8.53
CA GLY C 840 13.70 -114.91 -9.97
C GLY C 840 14.25 -113.62 -10.55
N LYS C 841 14.25 -112.56 -9.75
CA LYS C 841 14.86 -111.31 -10.18
C LYS C 841 16.36 -111.28 -9.89
N ALA C 842 17.13 -110.77 -10.85
CA ALA C 842 18.57 -110.67 -10.72
C ALA C 842 19.05 -109.39 -11.39
N ILE C 843 20.12 -108.81 -10.87
CA ILE C 843 20.63 -107.54 -11.40
C ILE C 843 22.15 -107.52 -11.41
N ALA C 844 22.74 -107.01 -12.50
CA ALA C 844 24.18 -106.98 -12.62
C ALA C 844 24.64 -105.61 -12.15
N ILE C 845 25.52 -105.58 -11.16
CA ILE C 845 25.85 -104.34 -10.46
C ILE C 845 27.10 -103.72 -11.10
N GLY C 846 27.94 -104.57 -11.71
CA GLY C 846 29.12 -104.11 -12.39
C GLY C 846 30.11 -105.22 -12.64
N GLU C 847 31.23 -104.90 -13.28
CA GLU C 847 32.23 -105.92 -13.53
C GLU C 847 33.58 -105.52 -12.94
N ARG C 848 34.38 -106.51 -12.63
CA ARG C 848 35.67 -106.26 -12.01
C ARG C 848 36.68 -107.07 -12.81
N ASP C 849 37.87 -106.51 -12.96
CA ASP C 849 38.99 -107.26 -13.52
C ASP C 849 39.87 -107.76 -12.39
N CYS C 850 40.18 -109.06 -12.41
CA CYS C 850 40.90 -109.69 -11.31
C CYS C 850 42.03 -110.52 -11.88
N SER C 851 42.56 -110.05 -13.01
CA SER C 851 43.68 -110.68 -13.70
C SER C 851 45.00 -110.77 -12.93
N LEU C 852 45.29 -109.79 -12.07
CA LEU C 852 46.60 -109.76 -11.44
C LEU C 852 46.67 -110.76 -10.29
N GLN C 853 46.90 -112.02 -10.67
CA GLN C 853 46.90 -113.16 -9.76
C GLN C 853 48.28 -113.82 -9.73
N ARG C 854 48.69 -114.33 -8.57
CA ARG C 854 49.97 -115.02 -8.42
C ARG C 854 49.69 -116.46 -8.05
N ARG C 855 50.15 -117.40 -8.87
CA ARG C 855 49.81 -118.82 -8.71
C ARG C 855 48.33 -118.91 -8.36
N ASN C 856 47.53 -118.14 -9.09
CA ASN C 856 46.07 -118.07 -8.96
C ASN C 856 45.49 -117.35 -7.74
N GLN C 857 46.32 -116.64 -6.97
CA GLN C 857 45.81 -115.95 -5.79
C GLN C 857 45.81 -114.45 -6.02
N LYS C 858 44.63 -113.84 -5.98
CA LYS C 858 44.45 -112.45 -6.39
C LYS C 858 45.20 -111.50 -5.45
N VAL C 859 45.80 -110.45 -5.99
CA VAL C 859 46.51 -109.44 -5.18
C VAL C 859 46.03 -108.01 -5.48
N ILE C 860 45.75 -107.75 -6.76
CA ILE C 860 45.17 -106.48 -7.15
C ILE C 860 43.94 -106.64 -8.07
N GLU C 861 42.88 -105.89 -7.76
CA GLU C 861 41.66 -105.86 -8.58
C GLU C 861 41.20 -104.44 -8.94
N GLU C 862 40.44 -104.30 -10.01
CA GLU C 862 40.00 -102.99 -10.47
C GLU C 862 38.65 -102.99 -11.18
N THR C 863 38.03 -101.81 -11.23
CA THR C 863 36.74 -101.60 -11.89
C THR C 863 36.72 -100.13 -12.37
N PRO C 864 36.11 -99.87 -13.55
CA PRO C 864 35.65 -100.84 -14.55
C PRO C 864 36.81 -101.67 -15.11
N ALA C 865 36.50 -102.80 -15.75
CA ALA C 865 37.52 -103.56 -16.49
C ALA C 865 38.11 -102.65 -17.55
N PRO C 866 39.45 -102.63 -17.67
CA PRO C 866 40.07 -101.88 -18.76
C PRO C 866 39.90 -102.58 -20.11
N ASN C 867 39.93 -101.81 -21.19
CA ASN C 867 39.96 -102.37 -22.54
C ASN C 867 38.86 -103.39 -22.77
N LEU C 868 37.64 -102.98 -22.46
CA LEU C 868 36.48 -103.83 -22.67
C LEU C 868 35.37 -102.96 -23.26
N PRO C 869 34.90 -103.32 -24.46
CA PRO C 869 33.82 -102.58 -25.13
C PRO C 869 32.45 -102.86 -24.53
N GLU C 870 31.63 -101.81 -24.42
CA GLU C 870 30.22 -101.91 -24.07
C GLU C 870 29.45 -103.10 -24.65
N ALA C 871 29.55 -103.32 -25.95
CA ALA C 871 28.91 -104.49 -26.58
C ALA C 871 29.10 -105.78 -25.78
N THR C 872 30.33 -106.02 -25.32
CA THR C 872 30.67 -107.25 -24.64
C THR C 872 30.47 -107.12 -23.11
N ARG C 873 30.64 -105.93 -22.53
CA ARG C 873 30.24 -105.71 -21.12
C ARG C 873 28.73 -105.87 -20.89
N ALA C 874 27.92 -105.20 -21.71
CA ALA C 874 26.46 -105.28 -21.57
C ALA C 874 25.91 -106.71 -21.74
N LYS C 875 26.64 -107.55 -22.48
CA LYS C 875 26.24 -108.94 -22.70
C LYS C 875 26.89 -109.87 -21.67
N MET C 876 27.82 -109.34 -20.90
CA MET C 876 28.31 -110.05 -19.74
C MET C 876 27.28 -109.86 -18.63
N ARG C 877 26.79 -108.62 -18.50
CA ARG C 877 25.74 -108.28 -17.55
C ARG C 877 24.51 -109.15 -17.78
N ALA C 878 23.92 -109.06 -18.96
CA ALA C 878 22.67 -109.75 -19.26
C ALA C 878 22.78 -111.27 -19.08
N ALA C 879 23.95 -111.83 -19.37
CA ALA C 879 24.15 -113.27 -19.24
C ALA C 879 24.15 -113.65 -17.77
N SER C 880 24.78 -112.81 -16.97
CA SER C 880 24.82 -112.97 -15.51
C SER C 880 23.43 -112.88 -14.90
N GLU C 881 22.60 -111.96 -15.39
CA GLU C 881 21.25 -111.83 -14.87
C GLU C 881 20.38 -113.03 -15.24
N ARG C 882 20.65 -113.66 -16.38
CA ARG C 882 19.86 -114.82 -16.80
C ARG C 882 20.22 -115.99 -15.90
N LEU C 883 21.52 -116.12 -15.62
CA LEU C 883 22.01 -117.19 -14.77
C LEU C 883 21.43 -117.02 -13.37
N GLY C 884 21.42 -115.79 -12.86
CA GLY C 884 20.93 -115.52 -11.52
C GLY C 884 19.42 -115.67 -11.42
N SER C 885 18.73 -115.22 -12.45
CA SER C 885 17.28 -115.38 -12.57
C SER C 885 16.87 -116.86 -12.61
N LEU C 886 17.51 -117.61 -13.51
CA LEU C 886 17.23 -119.04 -13.67
C LEU C 886 17.29 -119.79 -12.34
N LEU C 887 18.34 -119.56 -11.56
CA LEU C 887 18.47 -120.21 -10.25
C LEU C 887 17.47 -119.72 -9.19
N LYS C 888 16.78 -118.62 -9.46
CA LYS C 888 16.08 -117.87 -8.40
C LYS C 888 17.13 -117.57 -7.34
N TYR C 889 18.31 -117.11 -7.77
CA TYR C 889 19.42 -116.83 -6.87
C TYR C 889 19.10 -115.78 -5.81
N LYS C 890 19.57 -116.03 -4.59
CA LYS C 890 19.36 -115.11 -3.47
C LYS C 890 20.62 -114.50 -2.86
N CYS C 891 20.59 -113.17 -2.70
CA CYS C 891 21.66 -112.32 -2.17
C CYS C 891 22.78 -112.04 -3.18
N ALA C 892 24.04 -112.13 -2.75
CA ALA C 892 25.16 -111.80 -3.62
C ALA C 892 25.95 -113.00 -4.18
N GLY C 893 26.26 -112.90 -5.46
CA GLY C 893 26.77 -113.92 -6.34
C GLY C 893 27.70 -113.33 -7.40
N THR C 894 28.85 -113.95 -7.66
CA THR C 894 29.58 -113.36 -8.75
C THR C 894 29.62 -114.35 -9.87
N VAL C 895 29.85 -113.89 -11.08
CA VAL C 895 29.96 -114.81 -12.18
C VAL C 895 31.33 -114.43 -12.69
N GLU C 896 32.16 -115.42 -12.87
CA GLU C 896 33.50 -115.32 -13.40
C GLU C 896 33.70 -115.78 -14.84
N PHE C 897 34.12 -114.84 -15.69
CA PHE C 897 34.49 -115.10 -17.09
C PHE C 897 35.96 -114.95 -17.46
N ILE C 898 36.39 -115.85 -18.33
CA ILE C 898 37.70 -115.74 -18.92
C ILE C 898 37.34 -114.65 -19.95
N TYR C 899 38.32 -113.82 -20.31
CA TYR C 899 38.23 -112.89 -21.45
C TYR C 899 39.46 -112.91 -22.36
N ASP C 900 39.25 -112.71 -23.65
CA ASP C 900 40.33 -112.75 -24.60
C ASP C 900 40.11 -111.45 -25.31
N GLU C 901 40.97 -110.55 -24.87
CA GLU C 901 40.98 -109.15 -25.15
C GLU C 901 41.06 -108.93 -26.64
N GLN C 902 41.95 -109.70 -27.27
CA GLN C 902 42.17 -109.63 -28.70
C GLN C 902 40.94 -110.07 -29.49
N ARG C 903 40.52 -111.32 -29.26
CA ARG C 903 39.35 -111.89 -29.93
C ARG C 903 38.03 -111.19 -29.55
N ASP C 904 38.06 -110.36 -28.49
CA ASP C 904 36.87 -109.75 -27.87
C ASP C 904 35.79 -110.76 -27.44
N GLU C 905 36.21 -111.87 -26.86
CA GLU C 905 35.29 -112.93 -26.43
C GLU C 905 35.41 -113.24 -24.93
N PHE C 906 34.31 -113.64 -24.29
CA PHE C 906 34.34 -114.08 -22.90
C PHE C 906 33.70 -115.44 -22.74
N TYR C 907 34.14 -116.21 -21.74
CA TYR C 907 33.65 -117.56 -21.51
C TYR C 907 33.47 -117.90 -20.03
N PHE C 908 32.29 -118.44 -19.68
CA PHE C 908 31.96 -118.89 -18.32
C PHE C 908 33.12 -119.60 -17.64
N LEU C 909 33.37 -119.26 -16.38
CA LEU C 909 34.39 -119.94 -15.61
C LEU C 909 33.72 -120.61 -14.39
N GLU C 910 33.03 -119.81 -13.58
CA GLU C 910 32.37 -120.31 -12.38
C GLU C 910 31.52 -119.22 -11.72
N VAL C 911 30.59 -119.64 -10.87
CA VAL C 911 29.89 -118.71 -10.00
C VAL C 911 30.40 -118.89 -8.57
N ASN C 912 30.80 -117.79 -7.93
CA ASN C 912 31.00 -117.82 -6.48
C ASN C 912 29.70 -117.49 -5.79
N ALA C 913 29.22 -118.42 -4.97
CA ALA C 913 27.89 -118.33 -4.41
C ALA C 913 27.95 -117.61 -3.08
N ARG C 914 28.49 -116.40 -3.11
CA ARG C 914 28.83 -115.67 -1.89
C ARG C 914 29.31 -114.27 -2.26
N LEU C 915 29.48 -113.42 -1.25
CA LEU C 915 30.19 -112.15 -1.43
C LEU C 915 31.66 -112.46 -1.65
N GLN C 916 32.38 -111.53 -2.25
CA GLN C 916 33.80 -111.74 -2.52
C GLN C 916 34.67 -110.69 -1.88
N VAL C 917 35.91 -111.07 -1.57
CA VAL C 917 36.89 -110.17 -1.01
C VAL C 917 36.98 -108.82 -1.74
N GLU C 918 37.05 -108.84 -3.07
CA GLU C 918 37.18 -107.60 -3.84
C GLU C 918 35.93 -106.74 -3.94
N HIS C 919 34.84 -107.10 -3.28
CA HIS C 919 33.58 -106.37 -3.43
C HIS C 919 33.66 -104.84 -3.17
N PRO C 920 34.61 -104.35 -2.31
CA PRO C 920 34.57 -102.89 -2.11
C PRO C 920 34.83 -101.96 -3.30
N ILE C 921 35.54 -102.38 -4.34
CA ILE C 921 35.76 -101.46 -5.46
C ILE C 921 34.43 -101.20 -6.17
N THR C 922 33.62 -102.25 -6.30
CA THR C 922 32.25 -102.11 -6.79
C THR C 922 31.47 -101.09 -5.98
N GLU C 923 31.62 -101.17 -4.65
CA GLU C 923 30.94 -100.24 -3.74
C GLU C 923 31.42 -98.80 -3.94
N MET C 924 32.64 -98.62 -4.44
CA MET C 924 33.17 -97.26 -4.53
C MET C 924 32.49 -96.57 -5.71
N VAL C 925 32.47 -97.26 -6.85
CA VAL C 925 31.98 -96.69 -8.11
C VAL C 925 30.44 -96.58 -8.18
N THR C 926 29.73 -97.26 -7.26
CA THR C 926 28.27 -97.25 -7.33
C THR C 926 27.64 -96.58 -6.11
N GLY C 927 28.38 -96.55 -5.01
CA GLY C 927 27.90 -95.98 -3.77
C GLY C 927 26.94 -96.90 -3.04
N LEU C 928 26.91 -98.16 -3.44
CA LEU C 928 26.03 -99.14 -2.82
C LEU C 928 26.75 -99.80 -1.65
N ASP C 929 26.02 -100.11 -0.58
CA ASP C 929 26.57 -100.95 0.47
C ASP C 929 25.99 -102.34 0.19
N LEU C 930 26.81 -103.22 -0.38
CA LEU C 930 26.39 -104.57 -0.74
C LEU C 930 25.93 -105.45 0.42
N VAL C 931 26.67 -105.43 1.54
CA VAL C 931 26.19 -106.05 2.78
C VAL C 931 24.78 -105.57 3.17
N GLU C 932 24.51 -104.27 3.01
CA GLU C 932 23.20 -103.75 3.38
C GLU C 932 22.15 -104.43 2.53
N TRP C 933 22.37 -104.38 1.21
CA TRP C 933 21.56 -105.10 0.24
C TRP C 933 21.34 -106.56 0.58
N MET C 934 22.42 -107.31 0.82
CA MET C 934 22.32 -108.71 1.22
C MET C 934 21.34 -108.87 2.39
N LEU C 935 21.51 -108.05 3.42
CA LEU C 935 20.70 -108.17 4.63
C LEU C 935 19.24 -107.93 4.28
N ARG C 936 18.99 -106.92 3.45
CA ARG C 936 17.62 -106.52 3.17
C ARG C 936 16.94 -107.60 2.32
N ILE C 937 17.69 -108.17 1.37
CA ILE C 937 17.16 -109.21 0.47
C ILE C 937 16.85 -110.49 1.26
N ALA C 938 17.75 -110.81 2.19
CA ALA C 938 17.67 -112.05 2.96
C ALA C 938 16.45 -112.05 3.88
N ALA C 939 15.88 -110.86 4.11
CA ALA C 939 14.73 -110.71 5.00
C ALA C 939 13.49 -110.37 4.19
N ASN C 940 13.58 -110.58 2.88
CA ASN C 940 12.45 -110.42 1.95
C ASN C 940 11.92 -108.98 1.90
N ASP C 941 12.82 -108.03 2.08
CA ASP C 941 12.50 -106.59 2.00
C ASP C 941 13.49 -106.07 0.95
N SER C 942 13.51 -106.77 -0.17
CA SER C 942 14.44 -106.49 -1.27
C SER C 942 14.17 -105.13 -1.90
N PRO C 943 15.26 -104.45 -2.32
CA PRO C 943 15.14 -103.29 -3.20
C PRO C 943 14.31 -103.71 -4.40
N ASP C 944 13.47 -102.82 -4.89
CA ASP C 944 12.65 -103.11 -6.05
C ASP C 944 13.54 -103.04 -7.31
N PHE C 945 13.95 -104.22 -7.80
CA PHE C 945 14.99 -104.38 -8.83
C PHE C 945 14.74 -103.70 -10.16
N ASP C 946 13.51 -103.80 -10.65
CA ASP C 946 13.20 -103.29 -11.98
C ASP C 946 13.27 -101.77 -11.99
N ASN C 947 13.29 -101.17 -10.81
CA ASN C 947 13.27 -99.73 -10.71
C ASN C 947 14.53 -99.16 -10.08
N THR C 948 15.56 -100.00 -10.06
CA THR C 948 16.82 -99.63 -9.46
C THR C 948 17.79 -99.26 -10.57
N LYS C 949 18.20 -97.99 -10.57
CA LYS C 949 19.13 -97.44 -11.54
C LYS C 949 20.53 -97.40 -10.94
N ILE C 950 21.43 -98.24 -11.44
CA ILE C 950 22.79 -98.21 -10.96
C ILE C 950 23.71 -97.33 -11.85
N GLU C 951 24.27 -96.28 -11.25
CA GLU C 951 25.27 -95.45 -11.92
C GLU C 951 26.68 -95.68 -11.41
N VAL C 952 27.56 -96.05 -12.34
CA VAL C 952 28.97 -96.28 -12.08
C VAL C 952 29.71 -94.98 -12.32
N SER C 953 30.62 -94.63 -11.42
CA SER C 953 31.12 -93.26 -11.28
C SER C 953 32.59 -93.32 -10.92
N GLY C 954 33.40 -92.98 -11.91
CA GLY C 954 34.84 -93.01 -11.77
C GLY C 954 35.39 -94.42 -11.91
N ALA C 955 36.56 -94.65 -11.32
CA ALA C 955 37.19 -95.95 -11.33
C ALA C 955 37.81 -96.21 -9.97
N SER C 956 37.96 -97.48 -9.59
CA SER C 956 38.38 -97.81 -8.23
C SER C 956 39.22 -99.08 -8.25
N ILE C 957 40.26 -99.10 -7.44
CA ILE C 957 41.15 -100.25 -7.40
C ILE C 957 41.58 -100.59 -5.97
N GLU C 958 41.86 -101.87 -5.74
CA GLU C 958 42.10 -102.46 -4.43
C GLU C 958 43.40 -103.23 -4.46
N ALA C 959 44.19 -103.07 -3.40
CA ALA C 959 45.40 -103.87 -3.23
C ALA C 959 45.28 -104.63 -1.94
N ARG C 960 45.76 -105.86 -1.92
CA ARG C 960 45.63 -106.72 -0.75
C ARG C 960 46.94 -106.79 0.05
N LEU C 961 46.95 -106.15 1.21
CA LEU C 961 48.12 -106.23 2.10
C LEU C 961 48.12 -107.53 2.88
N TYR C 962 49.12 -108.36 2.60
CA TYR C 962 49.30 -109.63 3.29
C TYR C 962 50.52 -109.63 4.21
N ALA C 963 50.38 -110.31 5.34
CA ALA C 963 51.53 -110.64 6.17
C ALA C 963 52.28 -111.79 5.50
N GLU C 964 53.13 -111.44 4.54
CA GLU C 964 53.84 -112.42 3.74
C GLU C 964 55.22 -111.90 3.37
N ASN C 965 56.13 -112.81 3.04
CA ASN C 965 57.45 -112.43 2.55
C ASN C 965 57.60 -112.70 1.05
N PRO C 966 57.48 -111.67 0.20
CA PRO C 966 57.68 -111.86 -1.24
C PRO C 966 59.07 -112.39 -1.63
N VAL C 967 60.09 -112.13 -0.80
CA VAL C 967 61.46 -112.56 -1.09
C VAL C 967 61.73 -114.05 -0.81
N LYS C 968 61.04 -114.60 0.19
CA LYS C 968 61.11 -116.02 0.49
C LYS C 968 59.80 -116.75 0.22
N ASP C 969 59.32 -116.67 -1.02
CA ASP C 969 58.22 -117.51 -1.52
C ASP C 969 56.84 -117.22 -0.95
N PHE C 970 56.61 -115.98 -0.50
CA PHE C 970 55.31 -115.58 0.04
C PHE C 970 54.92 -116.46 1.22
N ARG C 971 55.94 -116.75 2.02
CA ARG C 971 55.85 -117.49 3.27
C ARG C 971 55.21 -116.57 4.31
N PRO C 972 54.17 -117.06 4.99
CA PRO C 972 53.43 -116.26 5.97
C PRO C 972 54.34 -115.74 7.06
N SER C 973 54.09 -114.52 7.52
CA SER C 973 54.98 -113.86 8.46
C SER C 973 54.21 -113.41 9.69
N PRO C 974 54.16 -114.27 10.72
CA PRO C 974 53.45 -113.95 11.96
C PRO C 974 54.22 -112.98 12.85
N GLY C 975 53.52 -112.39 13.82
CA GLY C 975 54.15 -111.51 14.79
C GLY C 975 53.30 -110.33 15.22
N GLN C 976 53.80 -109.57 16.19
CA GLN C 976 53.11 -108.38 16.67
C GLN C 976 53.36 -107.12 15.85
N LEU C 977 52.29 -106.46 15.41
CA LEU C 977 52.43 -105.19 14.70
C LEU C 977 52.81 -104.12 15.70
N THR C 978 53.75 -103.28 15.29
CA THR C 978 54.50 -102.45 16.20
C THR C 978 54.17 -101.00 15.93
N SER C 979 53.66 -100.77 14.73
CA SER C 979 53.25 -99.46 14.28
C SER C 979 52.40 -99.71 13.04
N VAL C 980 51.25 -99.06 12.96
CA VAL C 980 50.31 -99.30 11.88
C VAL C 980 49.72 -97.99 11.44
N SER C 981 50.10 -97.53 10.25
CA SER C 981 49.49 -96.33 9.68
C SER C 981 48.93 -96.52 8.27
N PHE C 982 47.71 -96.02 8.07
CA PHE C 982 47.02 -96.06 6.77
C PHE C 982 46.59 -94.67 6.31
N PRO C 983 46.61 -94.42 4.99
CA PRO C 983 46.05 -93.17 4.48
C PRO C 983 44.59 -93.07 4.91
N SER C 984 44.24 -91.98 5.60
CA SER C 984 42.87 -91.83 6.08
C SER C 984 41.88 -91.46 4.98
N TRP C 985 42.39 -91.13 3.81
CA TRP C 985 41.53 -90.63 2.74
C TRP C 985 41.09 -91.73 1.79
N ALA C 986 41.84 -92.83 1.78
CA ALA C 986 41.38 -94.03 1.10
C ALA C 986 40.41 -94.80 1.97
N ARG C 987 39.73 -95.77 1.39
CA ARG C 987 39.01 -96.72 2.20
C ARG C 987 39.94 -97.87 2.44
N VAL C 988 40.14 -98.22 3.69
CA VAL C 988 40.93 -99.40 3.98
C VAL C 988 40.11 -100.29 4.90
N ASP C 989 39.84 -101.50 4.43
CA ASP C 989 39.10 -102.48 5.21
C ASP C 989 40.18 -103.34 5.83
N THR C 990 40.25 -103.30 7.15
CA THR C 990 41.27 -104.01 7.90
C THR C 990 40.72 -104.47 9.23
N TRP C 991 41.55 -105.11 10.03
CA TRP C 991 41.15 -105.55 11.35
C TRP C 991 42.32 -105.42 12.32
N VAL C 992 43.30 -104.64 11.90
CA VAL C 992 44.54 -104.51 12.65
C VAL C 992 44.90 -103.06 13.00
N LYS C 993 45.69 -102.94 14.06
CA LYS C 993 46.26 -101.67 14.50
C LYS C 993 47.55 -101.90 15.27
N LYS C 994 48.19 -100.82 15.72
CA LYS C 994 49.35 -100.91 16.59
C LYS C 994 48.95 -101.90 17.67
N GLY C 995 49.73 -102.96 17.88
CA GLY C 995 49.41 -103.86 18.98
C GLY C 995 48.97 -105.27 18.60
N THR C 996 48.19 -105.35 17.51
CA THR C 996 47.66 -106.62 17.00
C THR C 996 48.72 -107.71 16.79
N ASN C 997 48.41 -108.91 17.28
CA ASN C 997 49.20 -110.11 17.01
C ASN C 997 48.71 -110.87 15.80
N VAL C 998 49.54 -110.93 14.77
CA VAL C 998 49.15 -111.58 13.52
C VAL C 998 49.70 -113.00 13.52
N SER C 999 48.79 -113.98 13.47
CA SER C 999 49.20 -115.38 13.49
C SER C 999 49.23 -116.01 12.10
N ALA C 1000 49.81 -117.19 12.01
CA ALA C 1000 49.98 -117.89 10.73
C ALA C 1000 48.84 -118.86 10.49
N GLU C 1001 47.95 -118.99 11.47
CA GLU C 1001 46.87 -119.98 11.43
C GLU C 1001 45.93 -119.90 10.22
N TYR C 1002 45.24 -118.76 10.04
CA TYR C 1002 44.04 -118.75 9.19
C TYR C 1002 44.28 -118.29 7.76
N ASP C 1003 45.01 -117.21 7.58
CA ASP C 1003 45.03 -116.42 6.34
C ASP C 1003 45.73 -115.11 6.66
N PRO C 1004 46.74 -114.74 5.85
CA PRO C 1004 47.56 -113.62 6.30
C PRO C 1004 47.10 -112.24 5.84
N THR C 1005 45.83 -112.07 5.50
CA THR C 1005 45.30 -110.76 5.13
C THR C 1005 45.43 -109.78 6.29
N LEU C 1006 45.99 -108.61 6.01
CA LEU C 1006 46.14 -107.56 7.00
C LEU C 1006 45.09 -106.50 6.78
N ALA C 1007 44.92 -106.13 5.51
CA ALA C 1007 44.21 -104.92 5.14
C ALA C 1007 43.93 -104.92 3.66
N LYS C 1008 42.87 -104.22 3.27
CA LYS C 1008 42.59 -104.03 1.86
C LYS C 1008 42.54 -102.53 1.66
N ILE C 1009 43.36 -102.07 0.73
CA ILE C 1009 43.54 -100.64 0.52
C ILE C 1009 42.80 -100.28 -0.75
N ILE C 1010 41.75 -99.48 -0.58
CA ILE C 1010 40.83 -99.19 -1.65
C ILE C 1010 40.73 -97.71 -1.98
N VAL C 1011 40.95 -97.41 -3.26
CA VAL C 1011 41.09 -96.06 -3.79
C VAL C 1011 40.04 -95.75 -4.88
N HIS C 1012 39.58 -94.51 -4.95
CA HIS C 1012 38.49 -94.12 -5.85
C HIS C 1012 38.92 -92.89 -6.63
N GLY C 1013 39.11 -93.06 -7.93
CA GLY C 1013 39.51 -91.96 -8.78
C GLY C 1013 38.53 -91.60 -9.88
N LYS C 1014 38.78 -90.47 -10.53
CA LYS C 1014 37.94 -89.98 -11.61
C LYS C 1014 37.92 -90.93 -12.80
N ASP C 1015 39.02 -91.66 -12.98
CA ASP C 1015 39.18 -92.62 -14.07
C ASP C 1015 40.41 -93.47 -13.79
N ARG C 1016 40.65 -94.51 -14.60
CA ARG C 1016 41.76 -95.45 -14.37
C ARG C 1016 43.09 -94.77 -13.99
N ASN C 1017 43.51 -93.76 -14.74
CA ASN C 1017 44.81 -93.12 -14.46
C ASN C 1017 44.82 -92.41 -13.11
N ASP C 1018 43.73 -91.72 -12.79
CA ASP C 1018 43.62 -91.02 -11.51
C ASP C 1018 43.69 -92.03 -10.37
N ALA C 1019 43.14 -93.22 -10.61
CA ALA C 1019 43.03 -94.25 -9.58
C ALA C 1019 44.37 -94.95 -9.35
N ILE C 1020 45.12 -95.13 -10.43
CA ILE C 1020 46.43 -95.75 -10.37
C ILE C 1020 47.40 -94.85 -9.61
N MET C 1021 47.28 -93.55 -9.83
CA MET C 1021 48.11 -92.61 -9.10
C MET C 1021 47.69 -92.62 -7.64
N LYS C 1022 46.39 -92.58 -7.38
CA LYS C 1022 45.90 -92.59 -6.00
C LYS C 1022 46.36 -93.84 -5.28
N LEU C 1023 46.49 -94.93 -6.04
CA LEU C 1023 46.74 -96.20 -5.40
C LEU C 1023 48.20 -96.20 -5.02
N ASN C 1024 49.04 -95.67 -5.89
CA ASN C 1024 50.45 -95.54 -5.56
C ASN C 1024 50.65 -94.66 -4.32
N GLN C 1025 50.01 -93.49 -4.26
CA GLN C 1025 50.18 -92.63 -3.08
C GLN C 1025 49.72 -93.42 -1.83
N ALA C 1026 48.54 -94.04 -1.89
CA ALA C 1026 48.04 -94.83 -0.76
C ALA C 1026 49.05 -95.87 -0.26
N LEU C 1027 49.60 -96.66 -1.18
CA LEU C 1027 50.62 -97.67 -0.86
C LEU C 1027 51.87 -97.04 -0.20
N ASN C 1028 52.24 -95.85 -0.69
CA ASN C 1028 53.39 -95.10 -0.20
C ASN C 1028 53.18 -94.64 1.22
N GLU C 1029 51.90 -94.52 1.57
CA GLU C 1029 51.45 -93.83 2.77
C GLU C 1029 51.05 -94.89 3.78
N THR C 1030 51.22 -96.14 3.39
CA THR C 1030 50.88 -97.28 4.24
C THR C 1030 52.13 -97.74 4.98
N ALA C 1031 52.15 -97.53 6.29
CA ALA C 1031 53.27 -97.96 7.11
C ALA C 1031 52.83 -99.00 8.13
N VAL C 1032 53.19 -100.26 7.89
CA VAL C 1032 52.89 -101.37 8.79
C VAL C 1032 54.16 -102.17 9.14
N TYR C 1033 54.48 -102.25 10.43
CA TYR C 1033 55.77 -102.81 10.86
C TYR C 1033 55.58 -103.78 12.03
N GLY C 1034 56.38 -104.82 12.10
CA GLY C 1034 56.20 -105.85 13.10
C GLY C 1034 56.04 -107.21 12.46
N CYS C 1035 55.57 -107.20 11.22
CA CYS C 1035 55.50 -108.40 10.39
C CYS C 1035 56.14 -108.04 9.06
N ILE C 1036 56.65 -109.05 8.36
CA ILE C 1036 56.98 -108.83 6.96
C ILE C 1036 55.67 -108.71 6.18
N THR C 1037 55.59 -107.74 5.30
CA THR C 1037 54.38 -107.53 4.51
C THR C 1037 54.72 -107.61 3.03
N ASN C 1038 53.71 -107.44 2.18
CA ASN C 1038 53.97 -107.50 0.76
C ASN C 1038 53.86 -106.09 0.17
N ILE C 1039 54.05 -105.09 1.02
CA ILE C 1039 53.79 -103.70 0.67
C ILE C 1039 54.73 -103.28 -0.47
N ASP C 1040 56.01 -103.65 -0.35
CA ASP C 1040 57.02 -103.25 -1.34
C ASP C 1040 56.73 -103.91 -2.67
N TYR C 1041 56.43 -105.21 -2.60
CA TYR C 1041 55.93 -105.98 -3.75
C TYR C 1041 54.71 -105.33 -4.40
N LEU C 1042 53.72 -104.93 -3.59
CA LEU C 1042 52.55 -104.16 -4.08
C LEU C 1042 52.94 -102.88 -4.80
N ARG C 1043 53.90 -102.18 -4.21
CA ARG C 1043 54.29 -100.86 -4.65
C ARG C 1043 54.88 -100.93 -6.04
N SER C 1044 55.81 -101.86 -6.20
CA SER C 1044 56.43 -102.20 -7.48
C SER C 1044 55.40 -102.54 -8.58
N ILE C 1045 54.44 -103.40 -8.26
CA ILE C 1045 53.37 -103.71 -9.21
C ILE C 1045 52.53 -102.48 -9.54
N ALA C 1046 51.88 -101.90 -8.54
CA ALA C 1046 51.14 -100.65 -8.71
C ALA C 1046 51.90 -99.59 -9.51
N SER C 1047 53.23 -99.70 -9.52
CA SER C 1047 54.11 -98.71 -10.15
C SER C 1047 54.53 -99.12 -11.57
N SER C 1048 54.36 -100.40 -11.92
CA SER C 1048 54.94 -100.94 -13.15
C SER C 1048 54.40 -100.26 -14.41
N LYS C 1049 55.17 -100.38 -15.50
CA LYS C 1049 54.76 -99.89 -16.82
C LYS C 1049 53.61 -100.79 -17.24
N MET C 1050 53.79 -102.10 -17.01
CA MET C 1050 52.76 -103.11 -17.21
C MET C 1050 51.38 -102.65 -16.73
N PHE C 1051 51.22 -102.51 -15.41
CA PHE C 1051 49.91 -102.18 -14.84
C PHE C 1051 49.32 -100.92 -15.48
N LYS C 1052 50.16 -99.91 -15.72
CA LYS C 1052 49.65 -98.65 -16.24
C LYS C 1052 49.16 -98.77 -17.67
N GLU C 1053 49.89 -99.50 -18.50
CA GLU C 1053 49.52 -99.65 -19.90
C GLU C 1053 48.39 -100.67 -20.03
N ALA C 1054 48.09 -101.31 -18.90
CA ALA C 1054 46.98 -102.26 -18.74
C ALA C 1054 47.24 -103.60 -19.42
N LYS C 1055 48.50 -103.91 -19.69
CA LYS C 1055 48.85 -105.21 -20.26
C LYS C 1055 48.81 -106.29 -19.16
N VAL C 1056 47.63 -106.40 -18.54
CA VAL C 1056 47.36 -107.31 -17.44
C VAL C 1056 46.77 -108.64 -17.95
N ALA C 1057 47.23 -109.74 -17.37
CA ALA C 1057 46.65 -111.05 -17.67
C ALA C 1057 46.84 -112.00 -16.48
N THR C 1058 45.97 -112.99 -16.37
CA THR C 1058 46.01 -113.99 -15.29
C THR C 1058 47.42 -114.62 -15.13
N LYS C 1059 48.31 -114.32 -16.08
CA LYS C 1059 49.62 -114.96 -16.17
C LYS C 1059 50.75 -114.04 -15.72
N VAL C 1060 50.57 -112.73 -15.88
CA VAL C 1060 51.61 -111.72 -15.68
C VAL C 1060 52.42 -111.83 -14.38
N LEU C 1061 51.75 -111.76 -13.23
CA LEU C 1061 52.42 -111.80 -11.93
C LEU C 1061 53.29 -113.05 -11.70
N ASP C 1062 53.00 -114.13 -12.43
CA ASP C 1062 53.80 -115.34 -12.33
C ASP C 1062 55.18 -115.20 -12.97
N SER C 1063 55.34 -114.24 -13.87
CA SER C 1063 56.67 -113.96 -14.39
C SER C 1063 57.01 -112.50 -14.21
N PHE C 1064 56.74 -111.96 -13.02
CA PHE C 1064 56.94 -110.54 -12.74
C PHE C 1064 58.28 -110.35 -12.07
N ASP C 1065 59.09 -109.44 -12.61
CA ASP C 1065 60.42 -109.18 -12.07
C ASP C 1065 60.37 -108.31 -10.82
N TYR C 1066 60.42 -108.94 -9.65
CA TYR C 1066 60.44 -108.22 -8.39
C TYR C 1066 61.82 -108.22 -7.73
N LYS C 1067 62.42 -107.04 -7.67
CA LYS C 1067 63.68 -106.84 -6.97
C LYS C 1067 63.59 -105.81 -5.86
N PRO C 1068 63.65 -106.28 -4.61
CA PRO C 1068 63.71 -105.48 -3.38
C PRO C 1068 64.97 -104.63 -3.31
N CYS C 1069 64.83 -103.33 -3.11
CA CYS C 1069 65.99 -102.49 -2.87
C CYS C 1069 66.46 -102.71 -1.43
N ALA C 1070 67.21 -103.78 -1.22
CA ALA C 1070 67.35 -104.37 0.12
C ALA C 1070 68.46 -105.42 0.14
N PHE C 1071 68.92 -105.84 1.33
CA PHE C 1071 69.76 -107.05 1.40
C PHE C 1071 69.02 -108.18 2.11
N GLU C 1072 69.66 -109.34 2.18
CA GLU C 1072 69.02 -110.53 2.74
C GLU C 1072 70.04 -111.30 3.56
N VAL C 1073 69.61 -111.81 4.71
CA VAL C 1073 70.51 -112.47 5.65
C VAL C 1073 70.64 -113.96 5.38
N LEU C 1074 71.71 -114.34 4.68
CA LEU C 1074 72.00 -115.75 4.43
C LEU C 1074 72.45 -116.45 5.71
N ALA C 1075 73.05 -115.67 6.61
CA ALA C 1075 73.46 -116.16 7.93
C ALA C 1075 73.55 -114.96 8.86
N PRO C 1076 73.19 -115.14 10.13
CA PRO C 1076 72.99 -113.96 10.99
C PRO C 1076 74.24 -113.40 11.67
N GLY C 1077 75.22 -114.24 11.99
CA GLY C 1077 76.29 -113.81 12.88
C GLY C 1077 75.81 -113.96 14.31
N ALA C 1078 76.74 -113.96 15.26
CA ALA C 1078 76.39 -114.20 16.66
C ALA C 1078 75.46 -113.16 17.32
N ASN C 1079 75.52 -111.91 16.90
CA ASN C 1079 74.75 -110.85 17.53
C ASN C 1079 74.77 -109.58 16.74
N THR C 1080 74.06 -109.60 15.62
CA THR C 1080 74.11 -108.52 14.67
C THR C 1080 72.86 -107.63 14.82
N SER C 1081 73.07 -106.34 15.10
CA SER C 1081 71.96 -105.42 15.36
C SER C 1081 72.04 -104.10 14.61
N VAL C 1082 70.89 -103.65 14.11
CA VAL C 1082 70.79 -102.29 13.64
C VAL C 1082 71.03 -101.31 14.79
N GLN C 1083 71.93 -100.36 14.58
CA GLN C 1083 72.21 -99.36 15.60
C GLN C 1083 72.33 -97.97 14.93
N ASP C 1084 72.13 -96.91 15.70
CA ASP C 1084 72.47 -95.56 15.24
C ASP C 1084 73.08 -94.71 16.35
N TYR C 1085 73.51 -93.51 16.01
CA TYR C 1085 74.34 -92.70 16.92
C TYR C 1085 73.92 -91.24 16.91
N PRO C 1086 73.72 -90.63 18.09
CA PRO C 1086 74.11 -91.09 19.44
C PRO C 1086 73.21 -92.16 20.06
N GLY C 1087 72.12 -92.52 19.40
CA GLY C 1087 71.26 -93.57 19.91
C GLY C 1087 69.98 -93.02 20.51
N ARG C 1088 69.42 -93.75 21.47
CA ARG C 1088 68.12 -93.41 22.00
C ARG C 1088 68.34 -92.46 23.16
N THR C 1089 68.65 -91.20 22.85
CA THR C 1089 68.94 -90.25 23.92
C THR C 1089 67.64 -89.57 24.31
N GLY C 1090 67.62 -88.98 25.50
CA GLY C 1090 66.49 -88.18 25.91
C GLY C 1090 65.76 -88.73 27.13
N TYR C 1091 66.10 -89.94 27.56
CA TYR C 1091 65.23 -90.71 28.45
C TYR C 1091 65.97 -91.50 29.53
N TRP C 1092 67.20 -91.14 29.83
CA TRP C 1092 67.95 -91.81 30.91
C TRP C 1092 67.27 -91.71 32.29
N ARG C 1093 66.54 -90.62 32.55
CA ARG C 1093 65.84 -90.43 33.82
C ARG C 1093 64.73 -91.47 33.96
N ILE C 1094 64.31 -92.03 32.83
CA ILE C 1094 63.31 -93.10 32.81
C ILE C 1094 63.95 -94.47 32.87
N GLY C 1095 65.20 -94.56 32.45
CA GLY C 1095 65.88 -95.84 32.42
C GLY C 1095 65.71 -96.44 31.05
N VAL C 1096 65.64 -95.59 30.04
CA VAL C 1096 65.72 -96.04 28.67
C VAL C 1096 67.16 -95.78 28.28
N PRO C 1097 67.91 -96.85 27.99
CA PRO C 1097 69.31 -96.58 27.68
C PRO C 1097 69.43 -96.08 26.26
N PRO C 1098 70.58 -95.48 25.92
CA PRO C 1098 70.75 -94.97 24.56
C PRO C 1098 70.84 -96.08 23.53
N SER C 1099 71.37 -97.23 23.95
CA SER C 1099 71.69 -98.32 23.02
C SER C 1099 72.68 -97.74 22.03
N GLY C 1100 72.46 -97.93 20.74
CA GLY C 1100 73.46 -97.50 19.78
C GLY C 1100 74.71 -98.35 19.86
N PRO C 1101 75.77 -97.95 19.12
CA PRO C 1101 76.97 -98.78 19.05
C PRO C 1101 77.74 -98.80 20.37
N MET C 1102 78.26 -99.99 20.68
CA MET C 1102 79.08 -100.21 21.86
C MET C 1102 80.46 -99.56 21.76
N ASP C 1103 80.96 -99.43 20.53
CA ASP C 1103 82.20 -98.71 20.24
C ASP C 1103 81.74 -97.64 19.26
N SER C 1104 81.50 -96.43 19.74
CA SER C 1104 80.90 -95.42 18.88
C SER C 1104 81.88 -94.83 17.87
N TYR C 1105 83.17 -94.89 18.14
CA TYR C 1105 84.14 -94.33 17.20
C TYR C 1105 84.21 -95.10 15.89
N SER C 1106 84.47 -96.40 15.98
CA SER C 1106 84.44 -97.25 14.79
C SER C 1106 83.13 -97.12 14.03
N PHE C 1107 82.03 -97.00 14.77
CA PHE C 1107 80.72 -96.95 14.15
C PHE C 1107 80.66 -95.73 13.25
N ARG C 1108 81.14 -94.61 13.76
CA ARG C 1108 81.04 -93.36 13.05
C ARG C 1108 82.06 -93.27 11.94
N LEU C 1109 83.22 -93.88 12.13
CA LEU C 1109 84.16 -94.01 11.02
C LEU C 1109 83.46 -94.74 9.90
N ALA C 1110 82.88 -95.90 10.21
CA ALA C 1110 82.29 -96.73 9.17
C ALA C 1110 81.26 -95.94 8.38
N ASN C 1111 80.38 -95.24 9.09
CA ASN C 1111 79.41 -94.37 8.43
C ASN C 1111 80.10 -93.35 7.56
N ARG C 1112 81.08 -92.65 8.11
CA ARG C 1112 81.77 -91.58 7.37
C ARG C 1112 82.46 -92.10 6.10
N VAL C 1113 83.04 -93.29 6.18
CA VAL C 1113 83.83 -93.84 5.08
C VAL C 1113 82.94 -93.95 3.85
N VAL C 1114 81.64 -94.07 4.08
CA VAL C 1114 80.71 -94.27 2.99
C VAL C 1114 79.95 -92.96 2.70
N GLY C 1115 80.24 -91.93 3.47
CA GLY C 1115 79.66 -90.62 3.25
C GLY C 1115 78.25 -90.47 3.78
N ASN C 1116 77.85 -91.35 4.70
CA ASN C 1116 76.54 -91.21 5.37
C ASN C 1116 76.49 -89.99 6.26
N ASN C 1117 75.34 -89.31 6.26
CA ASN C 1117 74.93 -88.50 7.41
C ASN C 1117 75.14 -89.31 8.70
N SER C 1118 75.52 -88.64 9.79
CA SER C 1118 75.95 -89.35 11.00
C SER C 1118 74.77 -90.03 11.71
N LYS C 1119 73.56 -89.68 11.31
CA LYS C 1119 72.35 -90.29 11.87
C LYS C 1119 71.96 -91.58 11.16
N SER C 1120 72.75 -92.02 10.20
CA SER C 1120 72.40 -93.21 9.42
C SER C 1120 72.57 -94.46 10.27
N PRO C 1121 71.66 -95.43 10.10
CA PRO C 1121 71.88 -96.65 10.87
C PRO C 1121 72.76 -97.66 10.13
N ALA C 1122 73.42 -98.51 10.91
CA ALA C 1122 74.46 -99.40 10.43
C ALA C 1122 74.33 -100.69 11.23
N LEU C 1123 75.10 -101.71 10.88
CA LEU C 1123 75.06 -102.92 11.70
C LEU C 1123 76.24 -103.04 12.64
N GLU C 1124 75.93 -103.37 13.88
CA GLU C 1124 76.95 -103.76 14.84
C GLU C 1124 77.11 -105.28 14.76
N ILE C 1125 78.32 -105.69 14.43
CA ILE C 1125 78.69 -107.09 14.49
C ILE C 1125 79.43 -107.43 15.76
N THR C 1126 79.00 -108.48 16.44
CA THR C 1126 79.69 -108.90 17.65
C THR C 1126 80.27 -110.31 17.51
N LEU C 1127 81.58 -110.44 17.72
CA LEU C 1127 82.33 -111.71 17.72
C LEU C 1127 82.43 -112.43 16.36
N ASN C 1128 81.31 -112.58 15.64
CA ASN C 1128 81.41 -112.94 14.22
C ASN C 1128 80.18 -112.51 13.44
N GLY C 1129 80.39 -112.21 12.17
CA GLY C 1129 79.37 -111.52 11.41
C GLY C 1129 78.49 -112.39 10.53
N PRO C 1130 77.60 -111.74 9.77
CA PRO C 1130 76.62 -112.38 8.90
C PRO C 1130 77.18 -112.63 7.50
N LYS C 1131 76.53 -113.46 6.69
CA LYS C 1131 76.78 -113.36 5.26
C LYS C 1131 75.49 -112.83 4.66
N LEU C 1132 75.61 -111.81 3.81
CA LEU C 1132 74.45 -111.08 3.27
C LEU C 1132 74.39 -111.15 1.75
N LEU C 1133 73.19 -111.33 1.22
CA LEU C 1133 72.99 -111.27 -0.21
C LEU C 1133 72.39 -109.92 -0.54
N PHE C 1134 73.00 -109.22 -1.48
CA PHE C 1134 72.53 -107.90 -1.84
C PHE C 1134 71.67 -108.00 -3.11
N HIS C 1135 70.51 -107.37 -3.08
CA HIS C 1135 69.52 -107.52 -4.15
C HIS C 1135 69.52 -106.26 -5.01
N THR C 1136 70.42 -105.35 -4.67
CA THR C 1136 70.49 -104.04 -5.30
C THR C 1136 71.94 -103.58 -5.15
N GLU C 1137 72.25 -102.40 -5.67
CA GLU C 1137 73.63 -101.94 -5.64
C GLU C 1137 73.82 -100.84 -4.61
N THR C 1138 75.02 -100.77 -4.04
CA THR C 1138 75.33 -99.77 -3.02
C THR C 1138 76.83 -99.74 -2.70
N VAL C 1139 77.21 -98.90 -1.74
CA VAL C 1139 78.56 -98.90 -1.21
C VAL C 1139 78.56 -99.38 0.23
N ILE C 1140 79.66 -100.01 0.65
CA ILE C 1140 79.72 -100.69 1.93
C ILE C 1140 81.07 -100.37 2.57
N ALA C 1141 81.14 -100.46 3.89
CA ALA C 1141 82.43 -100.41 4.56
C ALA C 1141 82.36 -101.14 5.90
N VAL C 1142 83.52 -101.58 6.36
CA VAL C 1142 83.58 -102.25 7.64
C VAL C 1142 84.69 -101.63 8.47
N SER C 1143 84.41 -101.43 9.75
CA SER C 1143 85.36 -100.76 10.62
C SER C 1143 85.21 -101.34 12.01
N GLY C 1144 86.27 -101.23 12.81
CA GLY C 1144 86.25 -101.76 14.15
C GLY C 1144 87.35 -102.78 14.33
N GLY C 1145 86.99 -103.92 14.92
CA GLY C 1145 87.92 -105.01 15.14
C GLY C 1145 88.48 -105.56 13.84
N THR C 1146 89.50 -106.41 13.96
CA THR C 1146 90.00 -107.14 12.81
C THR C 1146 89.10 -108.33 12.51
N VAL C 1147 88.55 -108.32 11.31
CA VAL C 1147 87.68 -109.38 10.79
C VAL C 1147 88.03 -109.60 9.33
N SER C 1148 88.14 -110.85 8.93
CA SER C 1148 88.28 -111.13 7.51
C SER C 1148 86.92 -110.86 6.86
N CYS C 1149 86.91 -110.14 5.74
CA CYS C 1149 85.66 -109.79 5.07
C CYS C 1149 85.71 -110.14 3.61
N THR C 1150 84.64 -110.77 3.16
CA THR C 1150 84.54 -111.41 1.85
C THR C 1150 83.55 -110.66 0.97
N LEU C 1151 83.93 -110.39 -0.28
CA LEU C 1151 82.91 -110.08 -1.29
C LEU C 1151 83.05 -111.04 -2.45
N ASN C 1152 82.00 -111.85 -2.63
CA ASN C 1152 82.03 -112.97 -3.56
C ASN C 1152 83.36 -113.73 -3.44
N ASP C 1153 83.81 -113.88 -2.20
CA ASP C 1153 84.95 -114.72 -1.80
C ASP C 1153 86.34 -114.05 -1.91
N ALA C 1154 86.44 -112.92 -2.60
CA ALA C 1154 87.69 -112.17 -2.56
C ALA C 1154 87.74 -111.29 -1.32
N GLN C 1155 88.77 -111.47 -0.47
CA GLN C 1155 89.05 -110.54 0.62
C GLN C 1155 88.88 -109.09 0.22
N ILE C 1156 88.37 -108.32 1.17
CA ILE C 1156 87.98 -106.94 0.93
C ILE C 1156 88.59 -106.15 2.09
N ALA C 1157 88.90 -104.86 1.88
CA ALA C 1157 89.57 -104.06 2.91
C ALA C 1157 88.62 -103.38 3.90
N GLN C 1158 89.07 -103.25 5.14
CA GLN C 1158 88.38 -102.42 6.13
C GLN C 1158 88.66 -100.94 5.88
N ASN C 1159 87.70 -100.09 6.25
CA ASN C 1159 87.87 -98.64 6.26
C ASN C 1159 87.89 -98.03 4.85
N GLU C 1160 87.58 -98.84 3.84
CA GLU C 1160 87.48 -98.34 2.46
C GLU C 1160 86.06 -98.50 1.95
N PRO C 1161 85.62 -97.59 1.05
CA PRO C 1161 84.30 -97.75 0.42
C PRO C 1161 84.32 -98.85 -0.63
N ILE C 1162 83.72 -99.99 -0.30
CA ILE C 1162 83.55 -101.07 -1.27
C ILE C 1162 82.21 -100.97 -2.05
N GLU C 1163 82.33 -100.97 -3.37
CA GLU C 1163 81.19 -100.99 -4.28
C GLU C 1163 80.58 -102.39 -4.45
N VAL C 1164 79.31 -102.55 -4.13
CA VAL C 1164 78.67 -103.86 -4.11
C VAL C 1164 77.67 -103.89 -5.28
N LYS C 1165 77.54 -105.04 -5.95
CA LYS C 1165 76.85 -105.03 -7.24
C LYS C 1165 75.35 -105.37 -7.26
N ARG C 1166 74.97 -106.51 -6.67
CA ARG C 1166 73.65 -107.19 -6.84
C ARG C 1166 73.85 -108.66 -7.27
N GLY C 1167 73.43 -109.59 -6.42
CA GLY C 1167 73.93 -110.96 -6.45
C GLY C 1167 75.21 -111.12 -5.65
N ASP C 1168 75.74 -110.00 -5.16
CA ASP C 1168 76.95 -110.03 -4.36
C ASP C 1168 76.66 -110.61 -3.00
N ILE C 1169 77.57 -111.48 -2.54
CA ILE C 1169 77.53 -111.92 -1.17
C ILE C 1169 78.68 -111.33 -0.39
N LEU C 1170 78.32 -110.44 0.54
CA LEU C 1170 79.25 -109.92 1.52
C LEU C 1170 79.23 -110.84 2.72
N SER C 1171 80.40 -111.16 3.25
CA SER C 1171 80.46 -112.00 4.42
C SER C 1171 81.59 -111.53 5.32
N VAL C 1172 81.28 -111.28 6.58
CA VAL C 1172 82.30 -110.92 7.54
C VAL C 1172 82.33 -111.97 8.66
N GLY C 1173 83.53 -112.49 8.90
CA GLY C 1173 83.77 -113.71 9.66
C GLY C 1173 84.00 -113.40 11.13
N LYS C 1174 85.06 -113.97 11.68
CA LYS C 1174 85.31 -113.91 13.11
C LYS C 1174 86.14 -112.68 13.42
N VAL C 1175 85.89 -112.06 14.57
CA VAL C 1175 86.68 -110.91 15.00
C VAL C 1175 87.91 -111.43 15.74
N THR C 1176 89.06 -111.20 15.13
CA THR C 1176 90.33 -111.69 15.63
C THR C 1176 90.89 -110.79 16.73
N VAL C 1177 90.70 -109.48 16.57
CA VAL C 1177 91.28 -108.51 17.48
C VAL C 1177 90.11 -107.59 17.86
N GLY C 1178 89.85 -107.46 19.15
CA GLY C 1178 88.67 -106.74 19.61
C GLY C 1178 87.42 -107.61 19.64
N CYS C 1179 86.28 -106.98 19.92
CA CYS C 1179 85.02 -107.71 20.04
C CYS C 1179 84.05 -107.44 18.89
N ARG C 1180 84.12 -106.24 18.31
CA ARG C 1180 83.01 -105.76 17.50
C ARG C 1180 83.49 -105.03 16.25
N ALA C 1181 82.70 -105.12 15.18
CA ALA C 1181 82.94 -104.33 13.99
C ALA C 1181 81.65 -103.75 13.46
N TYR C 1182 81.76 -102.90 12.45
CA TYR C 1182 80.58 -102.17 11.99
C TYR C 1182 80.47 -102.13 10.49
N LEU C 1183 79.28 -102.46 10.02
CA LEU C 1183 79.04 -102.56 8.60
C LEU C 1183 78.06 -101.47 8.16
N SER C 1184 78.58 -100.48 7.44
CA SER C 1184 77.76 -99.37 7.01
C SER C 1184 77.36 -99.55 5.55
N ILE C 1185 76.26 -98.89 5.17
CA ILE C 1185 75.65 -99.01 3.85
C ILE C 1185 75.34 -97.59 3.44
N ARG C 1186 75.76 -97.17 2.24
CA ARG C 1186 75.46 -95.82 1.81
C ARG C 1186 73.95 -95.62 1.87
N GLY C 1187 73.54 -94.54 2.53
CA GLY C 1187 72.14 -94.25 2.67
C GLY C 1187 71.49 -94.84 3.92
N GLY C 1188 72.16 -95.78 4.58
CA GLY C 1188 71.67 -96.27 5.85
C GLY C 1188 70.64 -97.38 5.66
N ILE C 1189 70.23 -98.01 6.76
CA ILE C 1189 69.26 -99.10 6.69
C ILE C 1189 67.85 -98.60 7.06
N ASP C 1190 66.82 -99.12 6.39
CA ASP C 1190 65.49 -98.54 6.53
C ASP C 1190 64.59 -99.29 7.49
N VAL C 1191 64.51 -98.73 8.70
CA VAL C 1191 63.85 -99.38 9.81
C VAL C 1191 63.14 -98.26 10.60
N PRO C 1192 61.94 -98.53 11.15
CA PRO C 1192 61.23 -97.45 11.85
C PRO C 1192 61.90 -96.99 13.13
N GLU C 1193 61.76 -95.71 13.46
CA GLU C 1193 62.20 -95.19 14.74
C GLU C 1193 61.31 -95.64 15.89
N TYR C 1194 61.90 -95.72 17.07
CA TYR C 1194 61.12 -95.83 18.29
C TYR C 1194 61.77 -94.89 19.30
N LEU C 1195 60.95 -94.03 19.89
CA LEU C 1195 61.45 -93.02 20.83
C LEU C 1195 62.66 -92.24 20.31
N GLY C 1196 62.64 -91.87 19.03
CA GLY C 1196 63.63 -90.97 18.48
C GLY C 1196 64.80 -91.61 17.75
N SER C 1197 64.88 -92.94 17.81
CA SER C 1197 66.08 -93.63 17.38
C SER C 1197 65.77 -94.98 16.75
N ARG C 1198 66.57 -95.34 15.76
CA ARG C 1198 66.49 -96.63 15.10
C ARG C 1198 67.36 -97.69 15.78
N SER C 1199 67.88 -97.38 16.95
CA SER C 1199 68.77 -98.32 17.65
C SER C 1199 67.99 -99.50 18.25
N THR C 1200 68.60 -100.68 18.21
CA THR C 1200 68.03 -101.88 18.82
C THR C 1200 68.32 -101.99 20.30
N PHE C 1201 67.27 -102.07 21.12
CA PHE C 1201 67.41 -102.45 22.52
C PHE C 1201 66.79 -103.82 22.72
N ALA C 1202 67.61 -104.86 22.64
CA ALA C 1202 67.08 -106.22 22.48
C ALA C 1202 66.27 -106.67 23.68
N MET C 1203 66.88 -106.50 24.85
CA MET C 1203 66.21 -106.73 26.11
C MET C 1203 64.76 -106.22 26.13
N GLY C 1204 64.53 -105.04 25.56
CA GLY C 1204 63.20 -104.45 25.57
C GLY C 1204 62.43 -104.66 24.28
N ASN C 1205 62.94 -105.51 23.39
CA ASN C 1205 62.31 -105.74 22.07
C ASN C 1205 61.92 -104.44 21.39
N MET C 1206 62.86 -103.51 21.41
CA MET C 1206 62.64 -102.13 21.02
C MET C 1206 63.58 -101.73 19.89
N GLY C 1207 63.05 -101.14 18.82
CA GLY C 1207 63.89 -100.51 17.84
C GLY C 1207 64.54 -101.52 16.93
N GLY C 1208 65.48 -101.04 16.11
CA GLY C 1208 66.20 -101.87 15.16
C GLY C 1208 65.32 -102.63 14.21
N TYR C 1209 65.80 -103.80 13.79
CA TYR C 1209 64.93 -104.69 13.03
C TYR C 1209 64.01 -105.48 13.94
N ASN C 1210 62.81 -104.95 14.10
CA ASN C 1210 61.76 -105.50 14.94
C ASN C 1210 62.24 -105.97 16.32
N GLY C 1211 62.97 -105.08 16.99
CA GLY C 1211 63.36 -105.33 18.36
C GLY C 1211 64.37 -106.42 18.69
N ARG C 1212 65.09 -106.94 17.71
CA ARG C 1212 65.99 -108.05 17.99
C ARG C 1212 67.18 -108.12 17.04
N ILE C 1213 68.14 -108.97 17.38
CA ILE C 1213 69.25 -109.33 16.50
C ILE C 1213 68.74 -110.01 15.24
N LEU C 1214 69.54 -109.92 14.17
CA LEU C 1214 69.15 -110.48 12.88
C LEU C 1214 69.06 -112.01 12.91
N LYS C 1215 68.26 -112.53 12.00
CA LYS C 1215 68.02 -113.97 11.87
C LYS C 1215 68.15 -114.43 10.45
N LEU C 1216 68.48 -115.70 10.28
CA LEU C 1216 68.55 -116.31 8.96
C LEU C 1216 67.24 -116.02 8.25
N GLY C 1217 67.33 -115.47 7.04
CA GLY C 1217 66.12 -115.16 6.31
C GLY C 1217 65.63 -113.73 6.34
N ASP C 1218 66.01 -112.95 7.35
CA ASP C 1218 65.63 -111.54 7.37
C ASP C 1218 65.98 -110.79 6.09
N VAL C 1219 65.22 -109.73 5.83
CA VAL C 1219 65.35 -108.92 4.64
C VAL C 1219 65.34 -107.44 5.01
N LEU C 1220 66.47 -106.76 4.88
CA LEU C 1220 66.54 -105.35 5.28
C LEU C 1220 66.63 -104.38 4.12
N PHE C 1221 65.78 -103.34 4.18
CA PHE C 1221 65.62 -102.40 3.08
C PHE C 1221 66.57 -101.20 3.15
N LEU C 1222 67.00 -100.74 1.98
CA LEU C 1222 67.91 -99.59 1.88
C LEU C 1222 67.20 -98.35 1.38
N ASN C 1223 67.98 -97.30 1.16
CA ASN C 1223 67.43 -96.00 0.81
C ASN C 1223 68.03 -95.50 -0.52
N GLN C 1224 67.77 -96.22 -1.61
CA GLN C 1224 68.13 -95.74 -2.94
C GLN C 1224 67.21 -94.57 -3.31
N PRO C 1225 67.76 -93.35 -3.42
CA PRO C 1225 66.91 -92.17 -3.64
C PRO C 1225 65.90 -92.29 -4.80
N GLU C 1226 66.30 -92.87 -5.93
CA GLU C 1226 65.38 -93.06 -7.05
C GLU C 1226 64.32 -94.16 -6.82
N LEU C 1227 64.71 -95.31 -6.28
CA LEU C 1227 63.75 -96.39 -5.97
C LEU C 1227 63.17 -96.36 -4.54
N SER C 1228 63.16 -95.19 -3.90
CA SER C 1228 62.66 -95.08 -2.53
C SER C 1228 61.76 -93.91 -2.15
N VAL C 1229 60.79 -94.25 -1.31
CA VAL C 1229 60.06 -93.32 -0.46
C VAL C 1229 60.53 -93.62 0.97
N SER C 1230 61.43 -92.78 1.47
CA SER C 1230 62.05 -93.02 2.77
C SER C 1230 62.29 -91.72 3.54
N SER C 1231 62.29 -91.80 4.87
CA SER C 1231 62.59 -90.63 5.70
C SER C 1231 64.02 -90.62 6.26
N LEU C 1232 64.82 -91.61 5.86
CA LEU C 1232 66.25 -91.64 6.17
C LEU C 1232 67.04 -90.46 5.62
N PRO C 1233 68.01 -89.97 6.41
CA PRO C 1233 68.80 -88.83 5.91
C PRO C 1233 69.79 -89.25 4.80
N ALA C 1234 69.61 -88.65 3.62
CA ALA C 1234 70.52 -88.76 2.47
C ALA C 1234 71.98 -88.51 2.85
N PRO C 1235 72.91 -89.21 2.16
CA PRO C 1235 74.33 -89.05 2.49
C PRO C 1235 74.84 -87.64 2.27
N ASP C 1236 75.87 -87.27 3.02
CA ASP C 1236 76.38 -85.90 3.04
C ASP C 1236 77.66 -85.76 2.21
N PHE C 1237 78.35 -86.88 1.98
CA PHE C 1237 79.76 -86.83 1.62
C PHE C 1237 79.99 -87.85 0.52
N GLU C 1238 81.02 -87.64 -0.28
CA GLU C 1238 81.38 -88.65 -1.27
C GLU C 1238 82.10 -89.69 -0.43
N PRO C 1239 81.96 -90.98 -0.78
CA PRO C 1239 82.70 -91.92 0.06
C PRO C 1239 84.21 -91.69 -0.03
N GLN C 1240 84.94 -92.22 0.95
CA GLN C 1240 86.38 -92.00 1.07
C GLN C 1240 87.00 -92.93 2.11
N ALA C 1241 88.09 -93.63 1.74
CA ALA C 1241 88.87 -94.38 2.71
C ALA C 1241 89.18 -93.51 3.92
N ALA C 1242 89.02 -94.07 5.11
CA ALA C 1242 89.36 -93.33 6.32
C ALA C 1242 90.86 -93.04 6.34
N PRO C 1243 91.23 -91.76 6.53
CA PRO C 1243 92.65 -91.46 6.76
C PRO C 1243 93.15 -92.41 7.84
N LYS C 1244 94.39 -92.87 7.73
CA LYS C 1244 94.81 -93.92 8.65
C LYS C 1244 95.21 -93.38 10.01
N SER C 1245 95.55 -92.09 10.07
CA SER C 1245 95.89 -91.50 11.37
C SER C 1245 94.62 -91.35 12.23
N LEU C 1246 93.46 -91.32 11.56
CA LEU C 1246 92.18 -91.26 12.27
C LEU C 1246 91.65 -92.60 12.78
N LEU C 1247 92.29 -93.70 12.40
CA LEU C 1247 91.87 -95.00 12.93
C LEU C 1247 92.23 -95.14 14.41
N PRO C 1248 91.36 -95.79 15.19
CA PRO C 1248 91.66 -96.03 16.61
C PRO C 1248 92.71 -97.10 16.80
N THR C 1249 93.47 -97.02 17.89
CA THR C 1249 94.47 -98.03 18.16
C THR C 1249 93.88 -99.04 19.14
N LEU C 1250 93.45 -100.15 18.59
CA LEU C 1250 93.01 -101.31 19.36
C LEU C 1250 94.23 -101.95 20.01
N SER C 1251 94.06 -102.53 21.18
CA SER C 1251 95.14 -103.31 21.80
C SER C 1251 95.61 -104.43 20.88
N THR C 1252 96.80 -104.95 21.17
CA THR C 1252 97.47 -105.87 20.27
C THR C 1252 97.67 -107.21 21.00
N ASN C 1253 97.29 -107.23 22.28
CA ASN C 1253 97.69 -108.29 23.20
C ASN C 1253 96.75 -108.43 24.38
N LYS C 1254 95.46 -108.17 24.15
CA LYS C 1254 94.37 -108.44 25.10
C LYS C 1254 94.62 -107.70 26.40
N ASP C 1255 95.19 -106.49 26.29
CA ASP C 1255 95.56 -105.67 27.43
C ASP C 1255 95.43 -104.20 27.07
N TRP C 1256 94.86 -103.43 27.99
CA TRP C 1256 94.34 -102.11 27.67
C TRP C 1256 94.50 -101.11 28.80
N LYS C 1257 94.74 -99.85 28.45
CA LYS C 1257 94.69 -98.81 29.46
C LYS C 1257 93.43 -98.06 29.14
N ILE C 1258 92.62 -97.81 30.16
CA ILE C 1258 91.33 -97.22 29.92
C ILE C 1258 91.12 -96.01 30.81
N GLY C 1259 90.99 -94.83 30.20
CA GLY C 1259 90.90 -93.57 30.92
C GLY C 1259 89.55 -93.33 31.57
N VAL C 1260 89.57 -92.84 32.82
CA VAL C 1260 88.35 -92.55 33.56
C VAL C 1260 88.46 -91.24 34.34
N THR C 1261 87.31 -90.67 34.68
CA THR C 1261 87.27 -89.61 35.66
C THR C 1261 86.95 -90.22 37.01
N CYS C 1262 87.70 -89.86 38.04
CA CYS C 1262 87.43 -90.34 39.38
C CYS C 1262 86.07 -89.90 39.87
N GLY C 1263 85.37 -90.76 40.61
CA GLY C 1263 84.01 -90.45 41.02
C GLY C 1263 82.88 -91.24 40.40
N PRO C 1264 81.73 -91.31 41.09
CA PRO C 1264 81.37 -90.43 42.23
C PRO C 1264 81.91 -90.86 43.60
N HIS C 1265 82.04 -92.17 43.83
CA HIS C 1265 82.24 -92.67 45.19
C HIS C 1265 83.66 -93.13 45.52
N GLY C 1266 84.62 -92.85 44.64
CA GLY C 1266 86.01 -93.16 44.91
C GLY C 1266 86.60 -92.24 45.99
N SER C 1267 85.98 -92.26 47.18
CA SER C 1267 86.35 -91.40 48.30
C SER C 1267 86.25 -92.18 49.60
N ILE C 1268 86.88 -91.71 50.66
CA ILE C 1268 87.11 -92.57 51.82
C ILE C 1268 85.92 -92.63 52.78
N ASP C 1269 84.84 -91.92 52.45
CA ASP C 1269 83.58 -92.11 53.19
C ASP C 1269 82.97 -93.50 52.90
N LEU C 1270 83.39 -94.09 51.78
CA LEU C 1270 82.88 -95.39 51.31
C LEU C 1270 83.94 -96.50 51.16
N PHE C 1271 85.04 -96.21 50.45
CA PHE C 1271 86.16 -97.17 50.30
C PHE C 1271 87.37 -96.78 51.14
N LYS C 1272 88.09 -97.76 51.67
CA LYS C 1272 89.39 -97.46 52.27
C LYS C 1272 90.37 -96.91 51.24
N GLU C 1273 91.15 -95.91 51.66
CA GLU C 1273 92.31 -95.41 50.91
C GLU C 1273 93.07 -96.42 50.06
N GLU C 1274 93.62 -97.45 50.69
CA GLU C 1274 94.47 -98.38 49.94
C GLU C 1274 93.67 -99.08 48.83
N TYR C 1275 92.40 -99.41 49.08
CA TYR C 1275 91.62 -100.03 48.01
C TYR C 1275 91.45 -99.11 46.79
N ILE C 1276 91.21 -97.82 47.02
CA ILE C 1276 91.27 -96.83 45.94
C ILE C 1276 92.60 -96.86 45.17
N GLU C 1277 93.72 -96.91 45.90
CA GLU C 1277 95.02 -97.13 45.25
C GLU C 1277 95.00 -98.43 44.46
N GLN C 1278 94.66 -99.56 45.09
CA GLN C 1278 94.68 -100.86 44.38
C GLN C 1278 93.79 -100.82 43.14
N PHE C 1279 92.67 -100.10 43.23
CA PHE C 1279 91.71 -100.02 42.13
C PHE C 1279 92.42 -99.54 40.86
N PHE C 1280 93.29 -98.54 41.04
CA PHE C 1280 94.00 -97.93 39.91
C PHE C 1280 95.36 -98.56 39.66
N ASN C 1281 95.97 -99.19 40.68
CA ASN C 1281 97.25 -99.88 40.51
C ASN C 1281 97.17 -101.25 39.83
N ASP C 1282 96.26 -102.13 40.30
CA ASP C 1282 96.08 -103.47 39.74
C ASP C 1282 95.32 -103.51 38.42
N LYS C 1283 95.47 -104.63 37.72
CA LYS C 1283 94.78 -104.89 36.46
C LYS C 1283 93.49 -105.67 36.70
N TRP C 1284 92.54 -105.49 35.78
CA TRP C 1284 91.25 -106.12 35.90
C TRP C 1284 91.08 -107.09 34.74
N LYS C 1285 90.52 -108.26 35.03
CA LYS C 1285 90.31 -109.27 34.01
C LYS C 1285 88.85 -109.26 33.58
N VAL C 1286 88.63 -109.29 32.27
CA VAL C 1286 87.27 -109.33 31.77
C VAL C 1286 86.62 -110.68 31.98
N HIS C 1287 85.45 -110.60 32.62
CA HIS C 1287 84.69 -111.73 33.15
C HIS C 1287 83.81 -112.16 32.05
N TYR C 1288 83.52 -113.46 32.08
CA TYR C 1288 82.78 -114.08 31.04
C TYR C 1288 81.38 -113.49 30.82
N ASN C 1289 80.71 -113.11 31.91
CA ASN C 1289 79.43 -112.37 31.91
C ASN C 1289 79.48 -110.86 31.61
N SER C 1290 79.74 -110.61 30.33
CA SER C 1290 79.78 -109.27 29.78
C SER C 1290 78.96 -109.26 28.50
N ASN C 1291 78.24 -108.16 28.31
CA ASN C 1291 77.46 -107.94 27.11
C ASN C 1291 77.11 -106.47 27.11
N ARG C 1292 76.17 -106.10 26.25
CA ARG C 1292 75.81 -104.71 26.15
C ARG C 1292 75.16 -104.11 27.41
N PHE C 1293 74.75 -104.93 28.37
CA PHE C 1293 74.19 -104.34 29.60
C PHE C 1293 75.35 -103.81 30.41
N GLY C 1294 76.52 -104.39 30.17
CA GLY C 1294 77.70 -104.10 30.96
C GLY C 1294 78.78 -105.18 30.92
N VAL C 1295 80.01 -104.76 31.22
CA VAL C 1295 81.17 -105.62 31.08
C VAL C 1295 81.73 -105.90 32.48
N ARG C 1296 81.59 -107.14 32.92
CA ARG C 1296 81.93 -107.56 34.27
C ARG C 1296 83.43 -107.79 34.40
N LEU C 1297 83.97 -107.49 35.59
CA LEU C 1297 85.41 -107.47 35.79
C LEU C 1297 85.85 -108.41 36.92
N ILE C 1298 87.03 -109.03 36.78
CA ILE C 1298 87.61 -109.81 37.86
C ILE C 1298 88.87 -109.10 38.36
N GLY C 1299 88.96 -108.87 39.65
CA GLY C 1299 90.17 -108.34 40.26
C GLY C 1299 90.07 -108.20 41.77
N PRO C 1300 90.82 -107.25 42.35
CA PRO C 1300 90.95 -107.22 43.81
C PRO C 1300 89.63 -106.90 44.50
N LYS C 1301 89.43 -107.47 45.68
CA LYS C 1301 88.17 -107.33 46.39
C LYS C 1301 88.21 -106.05 47.21
N PRO C 1302 87.06 -105.37 47.35
CA PRO C 1302 87.06 -104.06 48.02
C PRO C 1302 87.24 -104.11 49.53
N LYS C 1303 87.80 -103.03 50.07
CA LYS C 1303 87.84 -102.84 51.52
C LYS C 1303 86.97 -101.63 51.78
N TRP C 1304 85.91 -101.87 52.54
CA TRP C 1304 84.84 -100.89 52.74
C TRP C 1304 85.09 -100.00 53.95
N ALA C 1305 84.68 -98.73 53.85
CA ALA C 1305 84.88 -97.76 54.90
C ALA C 1305 83.75 -97.88 55.91
N ARG C 1306 82.65 -98.49 55.48
CA ARG C 1306 81.49 -98.65 56.34
C ARG C 1306 81.32 -100.14 56.62
N SER C 1307 80.60 -100.46 57.68
CA SER C 1307 80.41 -101.84 58.09
C SER C 1307 79.21 -102.43 57.35
N ASP C 1308 78.27 -101.55 57.03
CA ASP C 1308 77.12 -101.90 56.22
C ASP C 1308 76.55 -100.64 55.54
N GLY C 1309 75.54 -100.83 54.71
CA GLY C 1309 74.87 -99.71 54.06
C GLY C 1309 73.56 -99.22 54.67
N GLY C 1310 73.27 -99.61 55.90
CA GLY C 1310 72.06 -99.20 56.59
C GLY C 1310 70.78 -99.59 55.86
N GLU C 1311 69.72 -98.81 56.04
CA GLU C 1311 68.44 -99.02 55.35
C GLU C 1311 68.46 -99.31 53.83
N ALA C 1312 69.48 -98.85 53.10
CA ALA C 1312 69.53 -99.11 51.65
C ALA C 1312 70.05 -100.50 51.31
N GLY C 1313 70.34 -101.26 52.35
CA GLY C 1313 70.86 -102.62 52.21
C GLY C 1313 72.08 -102.82 53.11
N LEU C 1314 72.29 -104.06 53.56
CA LEU C 1314 73.37 -104.33 54.52
C LEU C 1314 74.77 -104.34 53.89
N HIS C 1315 74.93 -104.80 52.66
CA HIS C 1315 76.27 -104.91 52.09
C HIS C 1315 76.84 -103.49 51.91
N PRO C 1316 78.10 -103.28 52.30
CA PRO C 1316 78.60 -101.89 52.35
C PRO C 1316 78.67 -101.14 51.01
N SER C 1317 78.54 -101.86 49.89
CA SER C 1317 78.44 -101.22 48.58
C SER C 1317 77.04 -100.71 48.28
N ASN C 1318 76.09 -101.14 49.11
CA ASN C 1318 74.70 -100.76 48.91
C ASN C 1318 74.47 -99.29 49.22
N ALA C 1319 73.66 -98.65 48.39
CA ALA C 1319 73.54 -97.20 48.42
C ALA C 1319 72.08 -96.85 48.20
N HIS C 1320 71.64 -95.75 48.80
CA HIS C 1320 70.32 -95.26 48.47
C HIS C 1320 70.33 -94.99 46.99
N ASP C 1321 69.47 -95.74 46.30
CA ASP C 1321 69.44 -95.79 44.85
C ASP C 1321 69.48 -94.40 44.24
N TYR C 1322 70.34 -94.27 43.24
CA TYR C 1322 70.68 -93.01 42.62
C TYR C 1322 71.01 -93.39 41.19
N VAL C 1323 71.08 -92.40 40.30
CA VAL C 1323 71.16 -92.69 38.88
C VAL C 1323 72.63 -92.73 38.45
N TYR C 1324 72.98 -93.70 37.61
CA TYR C 1324 74.37 -93.98 37.34
C TYR C 1324 74.79 -93.19 36.12
N SER C 1325 76.09 -93.11 35.90
CA SER C 1325 76.61 -92.49 34.69
C SER C 1325 76.94 -93.55 33.66
N LEU C 1326 76.61 -93.30 32.40
CA LEU C 1326 77.19 -94.07 31.31
C LEU C 1326 78.68 -94.20 31.55
N GLY C 1327 79.17 -95.44 31.61
CA GLY C 1327 80.59 -95.70 31.75
C GLY C 1327 81.00 -95.96 33.20
N ALA C 1328 80.06 -95.81 34.12
CA ALA C 1328 80.37 -95.92 35.54
C ALA C 1328 80.85 -97.31 35.86
N ILE C 1329 81.69 -97.41 36.88
CA ILE C 1329 82.20 -98.70 37.29
C ILE C 1329 81.50 -99.03 38.59
N ASN C 1330 80.50 -99.90 38.45
CA ASN C 1330 79.53 -100.15 39.48
C ASN C 1330 79.90 -101.36 40.29
N PHE C 1331 79.97 -101.18 41.60
CA PHE C 1331 80.30 -102.28 42.48
C PHE C 1331 79.07 -103.03 42.99
N THR C 1332 78.66 -104.06 42.27
CA THR C 1332 77.47 -104.83 42.65
C THR C 1332 77.94 -105.82 43.72
N GLY C 1333 77.85 -105.41 44.97
CA GLY C 1333 78.50 -106.14 46.04
C GLY C 1333 80.01 -105.94 45.92
N ASP C 1334 80.73 -107.04 45.88
CA ASP C 1334 82.19 -107.03 45.97
C ASP C 1334 82.87 -107.15 44.60
N GLU C 1335 82.07 -107.09 43.54
CA GLU C 1335 82.61 -107.22 42.19
C GLU C 1335 82.08 -106.08 41.33
N PRO C 1336 82.93 -105.52 40.45
CA PRO C 1336 82.52 -104.37 39.66
C PRO C 1336 82.17 -104.71 38.22
N VAL C 1337 81.46 -103.81 37.55
CA VAL C 1337 81.03 -104.03 36.18
C VAL C 1337 80.93 -102.67 35.51
N ILE C 1338 81.34 -102.56 34.26
CA ILE C 1338 81.23 -101.28 33.56
C ILE C 1338 79.87 -101.14 32.88
N ILE C 1339 79.13 -100.13 33.32
CA ILE C 1339 77.83 -99.79 32.75
C ILE C 1339 77.96 -99.30 31.31
N THR C 1340 77.42 -100.04 30.34
CA THR C 1340 77.59 -99.64 28.95
C THR C 1340 76.26 -99.22 28.32
N CYS C 1341 76.22 -99.08 26.99
CA CYS C 1341 75.08 -98.43 26.34
C CYS C 1341 73.70 -99.09 26.43
N ASP C 1342 73.63 -100.39 26.72
CA ASP C 1342 72.37 -101.04 27.04
C ASP C 1342 72.18 -101.20 28.56
N GLY C 1343 72.81 -100.32 29.33
CA GLY C 1343 73.03 -100.57 30.73
C GLY C 1343 72.02 -99.93 31.66
N PRO C 1344 72.08 -100.30 32.94
CA PRO C 1344 71.14 -99.81 33.94
C PRO C 1344 71.39 -98.35 34.34
N SER C 1345 70.38 -97.74 34.94
CA SER C 1345 70.30 -96.30 35.11
C SER C 1345 70.14 -96.02 36.60
N LEU C 1346 68.93 -96.19 37.13
CA LEU C 1346 68.71 -96.01 38.55
C LEU C 1346 69.11 -97.29 39.29
N GLY C 1347 70.11 -97.20 40.16
CA GLY C 1347 70.68 -98.40 40.71
C GLY C 1347 71.08 -98.26 42.17
N GLY C 1348 71.39 -99.40 42.80
CA GLY C 1348 71.44 -99.48 44.25
C GLY C 1348 72.82 -99.68 44.86
N PHE C 1349 73.87 -99.50 44.06
CA PHE C 1349 75.25 -99.69 44.53
C PHE C 1349 76.14 -98.50 44.23
N VAL C 1350 77.24 -98.38 44.96
CA VAL C 1350 78.18 -97.30 44.74
C VAL C 1350 78.97 -97.51 43.44
N CYS C 1351 79.36 -96.40 42.80
CA CYS C 1351 80.20 -96.43 41.61
C CYS C 1351 81.54 -95.76 41.92
N GLN C 1352 82.64 -96.36 41.48
CA GLN C 1352 83.95 -95.89 41.92
C GLN C 1352 84.43 -94.77 41.00
N ALA C 1353 84.30 -94.99 39.70
CA ALA C 1353 84.88 -94.12 38.69
C ALA C 1353 84.01 -94.24 37.44
N VAL C 1354 84.25 -93.41 36.44
CA VAL C 1354 83.48 -93.49 35.20
C VAL C 1354 84.35 -93.33 33.97
N VAL C 1355 84.31 -94.34 33.12
CA VAL C 1355 85.03 -94.31 31.86
C VAL C 1355 84.67 -93.03 31.12
N ALA C 1356 85.67 -92.40 30.53
CA ALA C 1356 85.42 -91.11 29.92
C ALA C 1356 84.65 -91.40 28.66
N GLU C 1357 83.72 -90.50 28.31
CA GLU C 1357 82.85 -90.67 27.14
C GLU C 1357 83.63 -91.28 26.00
N ALA C 1358 84.78 -90.68 25.73
CA ALA C 1358 85.53 -90.92 24.52
C ALA C 1358 86.40 -92.16 24.69
N GLU C 1359 86.49 -92.64 25.92
CA GLU C 1359 87.15 -93.92 26.19
C GLU C 1359 86.22 -95.15 26.16
N LEU C 1360 84.92 -94.93 26.22
CA LEU C 1360 83.96 -96.04 26.22
C LEU C 1360 84.12 -96.99 25.03
N TRP C 1361 84.54 -96.50 23.87
CA TRP C 1361 84.76 -97.36 22.70
C TRP C 1361 85.71 -98.52 22.99
N LYS C 1362 86.67 -98.31 23.88
CA LYS C 1362 87.57 -99.40 24.27
C LYS C 1362 86.79 -100.53 24.92
N VAL C 1363 85.88 -100.16 25.80
CA VAL C 1363 85.08 -101.13 26.54
C VAL C 1363 84.23 -101.95 25.57
N GLY C 1364 83.79 -101.31 24.48
CA GLY C 1364 83.16 -102.03 23.41
C GLY C 1364 83.99 -103.00 22.58
N GLN C 1365 85.27 -103.16 22.94
CA GLN C 1365 86.16 -104.04 22.18
C GLN C 1365 86.80 -105.07 23.09
N LEU C 1366 86.50 -104.97 24.37
CA LEU C 1366 86.89 -105.95 25.36
C LEU C 1366 86.26 -107.31 25.06
N THR C 1367 86.99 -108.39 25.34
CA THR C 1367 86.54 -109.77 25.18
C THR C 1367 86.90 -110.47 26.47
N PRO C 1368 86.20 -111.56 26.82
CA PRO C 1368 86.59 -112.21 28.08
C PRO C 1368 88.07 -112.55 28.10
N GLY C 1369 88.69 -112.43 29.26
CA GLY C 1369 90.11 -112.66 29.40
C GLY C 1369 91.00 -111.45 29.15
N ASP C 1370 90.47 -110.40 28.54
CA ASP C 1370 91.29 -109.22 28.35
C ASP C 1370 91.67 -108.69 29.73
N THR C 1371 92.80 -108.01 29.79
CA THR C 1371 93.16 -107.28 31.00
C THR C 1371 93.03 -105.79 30.75
N ILE C 1372 92.68 -105.04 31.78
CA ILE C 1372 92.56 -103.59 31.64
C ILE C 1372 93.11 -102.90 32.88
N GLN C 1373 93.45 -101.63 32.71
CA GLN C 1373 93.84 -100.80 33.83
C GLN C 1373 93.17 -99.46 33.68
N PHE C 1374 92.58 -99.01 34.76
CA PHE C 1374 91.90 -97.74 34.74
C PHE C 1374 92.88 -96.65 35.07
N VAL C 1375 92.87 -95.64 34.21
CA VAL C 1375 93.90 -94.61 34.22
C VAL C 1375 93.16 -93.29 34.52
N PRO C 1376 93.57 -92.61 35.61
CA PRO C 1376 92.85 -91.37 35.98
C PRO C 1376 93.04 -90.20 35.02
N LEU C 1377 91.99 -89.42 34.83
CA LEU C 1377 91.94 -88.43 33.79
C LEU C 1377 91.18 -87.25 34.33
N SER C 1378 91.69 -86.06 34.06
CA SER C 1378 91.04 -84.84 34.46
C SER C 1378 89.83 -84.59 33.57
N TYR C 1379 88.86 -83.83 34.08
CA TYR C 1379 87.72 -83.41 33.26
C TYR C 1379 88.17 -82.86 31.91
N GLY C 1380 89.19 -82.01 31.92
CA GLY C 1380 89.61 -81.30 30.72
C GLY C 1380 90.22 -82.21 29.66
N VAL C 1381 91.11 -83.09 30.09
CA VAL C 1381 91.75 -84.07 29.20
C VAL C 1381 90.66 -84.92 28.55
N ALA C 1382 89.64 -85.27 29.35
CA ALA C 1382 88.53 -86.09 28.90
C ALA C 1382 87.74 -85.40 27.77
N ARG C 1383 87.61 -84.08 27.87
CA ARG C 1383 86.97 -83.28 26.83
C ARG C 1383 87.82 -83.20 25.57
N GLN C 1384 89.13 -83.17 25.75
CA GLN C 1384 90.06 -83.04 24.65
C GLN C 1384 89.93 -84.25 23.73
N LEU C 1385 89.98 -85.43 24.34
CA LEU C 1385 89.84 -86.68 23.60
C LEU C 1385 88.53 -86.65 22.82
N LYS C 1386 87.45 -86.29 23.51
CA LYS C 1386 86.11 -86.32 22.93
C LYS C 1386 86.04 -85.41 21.71
N GLU C 1387 86.44 -84.15 21.89
CA GLU C 1387 86.40 -83.15 20.83
C GLU C 1387 87.26 -83.57 19.64
N SER C 1388 88.38 -84.25 19.91
CA SER C 1388 89.23 -84.77 18.83
C SER C 1388 88.52 -85.82 18.00
N GLN C 1389 87.63 -86.59 18.61
CA GLN C 1389 86.90 -87.59 17.84
C GLN C 1389 85.86 -86.89 16.95
N ASP C 1390 85.21 -85.85 17.46
CA ASP C 1390 84.22 -85.14 16.67
C ASP C 1390 84.85 -84.42 15.47
N LYS C 1391 86.01 -83.80 15.70
CA LYS C 1391 86.73 -83.11 14.62
C LYS C 1391 87.24 -84.13 13.61
N SER C 1392 87.64 -85.31 14.10
CA SER C 1392 88.14 -86.35 13.22
C SER C 1392 87.00 -86.81 12.28
N ILE C 1393 85.82 -87.06 12.83
CA ILE C 1393 84.68 -87.47 12.02
C ILE C 1393 84.14 -86.34 11.13
N ASP C 1394 84.16 -85.12 11.62
CA ASP C 1394 83.50 -84.05 10.89
C ASP C 1394 84.31 -83.59 9.69
N ASN C 1395 85.62 -83.52 9.83
CA ASN C 1395 86.47 -83.01 8.77
C ASN C 1395 87.10 -84.15 7.96
N PHE C 1396 87.52 -85.19 8.67
CA PHE C 1396 88.04 -86.42 8.08
C PHE C 1396 89.41 -86.15 7.46
N GLU C 1397 90.33 -85.68 8.29
CA GLU C 1397 91.60 -85.10 7.85
C GLU C 1397 92.74 -85.62 8.73
N GLU C 1398 93.81 -86.13 8.11
CA GLU C 1398 94.94 -86.71 8.85
C GLU C 1398 95.38 -85.91 10.08
N GLY C 1399 95.63 -86.61 11.19
CA GLY C 1399 96.28 -86.03 12.35
C GLY C 1399 95.42 -85.43 13.47
N SER C 1400 94.11 -85.39 13.28
CA SER C 1400 93.21 -84.73 14.23
C SER C 1400 92.70 -85.61 15.38
N LEU C 1401 93.08 -86.89 15.41
CA LEU C 1401 92.63 -87.77 16.48
C LEU C 1401 93.63 -87.83 17.61
N LEU C 1402 93.15 -87.52 18.81
CA LEU C 1402 93.97 -87.64 20.00
C LEU C 1402 93.66 -88.93 20.76
N GLU C 1403 94.69 -89.50 21.37
CA GLU C 1403 94.55 -90.74 22.10
C GLU C 1403 95.34 -90.65 23.40
N LEU C 1404 94.96 -91.50 24.35
CA LEU C 1404 95.68 -91.67 25.60
C LEU C 1404 97.20 -91.65 25.39
N SER C 1405 97.89 -90.88 26.22
CA SER C 1405 99.35 -90.89 26.28
C SER C 1405 99.73 -90.38 27.66
N ASP C 1406 100.89 -90.79 28.15
CA ASP C 1406 101.30 -90.53 29.53
C ASP C 1406 101.16 -89.07 30.01
N ASP C 1407 101.45 -88.10 29.14
CA ASP C 1407 101.33 -86.71 29.54
C ASP C 1407 99.87 -86.24 29.64
N LYS C 1408 98.93 -87.09 29.24
CA LYS C 1408 97.51 -86.81 29.41
C LYS C 1408 96.95 -87.32 30.75
N ILE C 1409 97.73 -88.15 31.45
CA ILE C 1409 97.24 -88.87 32.64
C ILE C 1409 97.64 -88.19 33.98
N LEU C 1410 96.64 -87.86 34.80
CA LEU C 1410 96.83 -87.49 36.21
C LEU C 1410 97.79 -88.42 36.95
N PRO C 1411 98.70 -87.84 37.75
CA PRO C 1411 99.70 -88.59 38.54
C PRO C 1411 99.07 -89.53 39.56
N LYS C 1412 97.93 -89.14 40.12
CA LYS C 1412 97.26 -89.91 41.16
C LYS C 1412 95.78 -89.64 41.05
N TYR C 1413 94.95 -90.60 41.47
CA TYR C 1413 93.51 -90.39 41.49
C TYR C 1413 93.22 -89.13 42.28
N GLU C 1414 92.18 -88.40 41.88
CA GLU C 1414 91.81 -87.20 42.60
C GLU C 1414 90.54 -87.41 43.40
N ASN C 1415 90.20 -86.41 44.20
CA ASN C 1415 89.00 -86.44 45.04
C ASN C 1415 87.73 -86.16 44.22
N PRO C 1416 86.76 -87.09 44.27
CA PRO C 1416 85.58 -86.89 43.42
C PRO C 1416 84.58 -85.87 43.98
N ILE C 1417 84.76 -85.48 45.24
CA ILE C 1417 83.85 -84.55 45.89
C ILE C 1417 84.17 -83.11 45.50
N LEU C 1418 83.30 -82.49 44.71
CA LEU C 1418 83.56 -81.20 44.09
C LEU C 1418 83.27 -80.04 45.04
N ALA C 1419 82.26 -80.23 45.88
CA ALA C 1419 81.93 -79.26 46.95
C ALA C 1419 80.90 -79.81 47.93
N VAL C 1420 80.97 -79.34 49.18
CA VAL C 1420 79.98 -79.68 50.19
C VAL C 1420 79.32 -78.42 50.75
N LEU C 1421 77.99 -78.34 50.62
CA LEU C 1421 77.22 -77.34 51.33
C LEU C 1421 76.77 -77.88 52.68
N PRO C 1422 77.00 -77.12 53.75
CA PRO C 1422 76.62 -77.62 55.07
C PRO C 1422 75.12 -77.65 55.30
N LYS C 1423 74.67 -78.47 56.24
CA LYS C 1423 73.26 -78.52 56.59
C LYS C 1423 72.89 -77.17 57.21
N LYS C 1424 71.73 -76.63 56.83
CA LYS C 1424 71.34 -75.31 57.31
C LYS C 1424 70.12 -75.46 58.19
N SER C 1425 69.16 -76.26 57.73
CA SER C 1425 67.92 -76.45 58.45
C SER C 1425 67.32 -77.82 58.15
N ASP C 1426 66.13 -78.05 58.69
CA ASP C 1426 65.47 -79.35 58.56
C ASP C 1426 65.09 -79.67 57.11
N LEU C 1427 64.59 -78.67 56.37
CA LEU C 1427 64.22 -78.88 54.97
C LEU C 1427 65.31 -78.49 53.97
N SER C 1428 66.45 -78.03 54.47
CA SER C 1428 67.53 -77.62 53.60
C SER C 1428 68.81 -78.28 54.08
N PRO C 1429 68.98 -79.57 53.71
CA PRO C 1429 70.03 -80.47 54.20
C PRO C 1429 71.36 -80.17 53.57
N LYS C 1430 72.39 -80.87 54.02
CA LYS C 1430 73.69 -80.75 53.41
C LYS C 1430 73.65 -81.27 51.98
N VAL C 1431 74.51 -80.70 51.14
CA VAL C 1431 74.51 -81.03 49.73
C VAL C 1431 75.92 -81.47 49.38
N THR C 1432 76.02 -82.61 48.70
CA THR C 1432 77.30 -83.10 48.26
C THR C 1432 77.30 -83.25 46.76
N TYR C 1433 78.26 -82.57 46.14
CA TYR C 1433 78.39 -82.55 44.69
C TYR C 1433 79.54 -83.44 44.30
N ARG C 1434 79.24 -84.48 43.54
CA ARG C 1434 80.26 -85.40 43.10
C ARG C 1434 80.41 -85.47 41.59
N GLN C 1435 81.67 -85.52 41.17
CA GLN C 1435 82.01 -85.64 39.77
C GLN C 1435 81.60 -87.05 39.36
N ALA C 1436 80.84 -87.17 38.27
CA ALA C 1436 80.34 -88.47 37.88
C ALA C 1436 80.43 -88.64 36.38
N GLY C 1437 81.64 -88.70 35.87
CA GLY C 1437 81.81 -88.80 34.45
C GLY C 1437 82.04 -87.46 33.79
N ASP C 1438 82.77 -87.58 32.70
CA ASP C 1438 82.91 -86.61 31.65
C ASP C 1438 81.68 -85.73 31.42
N ARG C 1439 80.51 -86.29 31.70
CA ARG C 1439 79.23 -85.72 31.26
C ARG C 1439 78.26 -85.36 32.38
N TYR C 1440 78.65 -85.50 33.64
CA TYR C 1440 77.66 -85.30 34.70
C TYR C 1440 78.21 -84.91 36.05
N ILE C 1441 77.34 -84.27 36.82
CA ILE C 1441 77.61 -83.97 38.21
C ILE C 1441 76.48 -84.64 38.98
N LEU C 1442 76.82 -85.43 39.99
CA LEU C 1442 75.82 -86.03 40.86
C LEU C 1442 75.56 -85.16 42.09
N VAL C 1443 74.32 -84.78 42.32
CA VAL C 1443 73.97 -83.99 43.50
C VAL C 1443 73.35 -84.88 44.56
N GLU C 1444 73.96 -84.96 45.74
CA GLU C 1444 73.44 -85.81 46.80
C GLU C 1444 72.95 -85.04 48.02
N TYR C 1445 71.67 -85.21 48.37
CA TYR C 1445 71.14 -84.59 49.58
C TYR C 1445 71.26 -85.41 50.85
N GLY C 1446 71.52 -84.70 51.95
CA GLY C 1446 71.39 -85.23 53.29
C GLY C 1446 72.58 -86.04 53.73
N GLU C 1447 72.47 -86.64 54.91
CA GLU C 1447 73.33 -87.76 55.25
C GLU C 1447 72.78 -88.99 54.52
N LEU C 1448 73.48 -90.12 54.58
CA LEU C 1448 73.06 -91.31 53.83
C LEU C 1448 71.84 -91.91 54.50
N GLU C 1449 70.67 -91.49 54.03
CA GLU C 1449 69.44 -91.46 54.82
C GLU C 1449 68.25 -91.14 53.93
N PHE C 1450 67.08 -91.71 54.23
CA PHE C 1450 65.92 -91.35 53.44
C PHE C 1450 65.12 -90.32 54.22
N ASP C 1451 64.48 -89.43 53.49
CA ASP C 1451 63.66 -88.37 54.05
C ASP C 1451 62.79 -87.92 52.89
N LEU C 1452 61.48 -88.14 52.99
CA LEU C 1452 60.56 -87.69 51.94
C LEU C 1452 60.73 -86.25 51.47
N ASN C 1453 61.07 -85.34 52.39
CA ASN C 1453 61.20 -83.93 52.04
C ASN C 1453 62.24 -83.69 50.97
N ILE C 1454 63.40 -84.33 51.14
CA ILE C 1454 64.46 -84.35 50.15
C ILE C 1454 63.98 -84.75 48.76
N CYS C 1455 62.95 -85.59 48.66
CA CYS C 1455 62.42 -85.98 47.36
C CYS C 1455 61.69 -84.79 46.71
N TYR C 1456 60.93 -84.04 47.50
CA TYR C 1456 60.25 -82.87 46.96
C TYR C 1456 61.28 -81.84 46.57
N ARG C 1457 62.35 -81.80 47.36
CA ARG C 1457 63.42 -80.83 47.17
C ARG C 1457 64.12 -81.05 45.84
N ILE C 1458 64.29 -82.31 45.49
CA ILE C 1458 64.94 -82.63 44.23
C ILE C 1458 64.05 -82.13 43.10
N ASN C 1459 62.74 -82.26 43.31
CA ASN C 1459 61.75 -81.82 42.34
C ASN C 1459 61.89 -80.31 42.20
N ARG C 1460 62.25 -79.64 43.29
CA ARG C 1460 62.31 -78.17 43.29
C ARG C 1460 63.60 -77.70 42.63
N LEU C 1461 64.71 -78.36 42.92
CA LEU C 1461 65.97 -78.12 42.21
C LEU C 1461 65.75 -78.20 40.69
N ILE C 1462 65.08 -79.25 40.25
CA ILE C 1462 64.84 -79.45 38.82
C ILE C 1462 64.05 -78.26 38.32
N HIS C 1463 63.10 -77.80 39.13
CA HIS C 1463 62.22 -76.69 38.78
C HIS C 1463 63.04 -75.40 38.68
N GLN C 1464 64.04 -75.26 39.55
CA GLN C 1464 64.90 -74.08 39.51
C GLN C 1464 65.75 -74.05 38.25
N VAL C 1465 66.16 -75.19 37.73
CA VAL C 1465 66.89 -75.15 36.46
C VAL C 1465 66.00 -74.79 35.27
N GLU C 1466 64.74 -75.21 35.30
CA GLU C 1466 63.80 -74.92 34.22
C GLU C 1466 63.42 -73.45 34.20
N ARG C 1467 63.30 -72.90 35.40
CA ARG C 1467 62.91 -71.51 35.64
C ARG C 1467 63.97 -70.66 35.09
N HIS C 1468 65.18 -71.12 35.39
CA HIS C 1468 66.37 -70.52 34.89
C HIS C 1468 66.67 -70.91 33.49
N GLN C 1469 65.98 -71.91 32.94
CA GLN C 1469 66.24 -72.25 31.55
C GLN C 1469 67.75 -72.46 31.31
N THR C 1470 68.51 -73.03 32.25
CA THR C 1470 69.99 -73.08 32.07
C THR C 1470 70.44 -73.62 30.70
N VAL C 1471 71.31 -72.87 30.01
CA VAL C 1471 71.96 -73.37 28.81
C VAL C 1471 72.99 -74.43 29.20
N GLY C 1472 73.05 -75.51 28.41
CA GLY C 1472 74.07 -76.52 28.58
C GLY C 1472 73.62 -77.81 29.26
N ILE C 1473 72.54 -77.71 30.03
CA ILE C 1473 72.04 -78.88 30.77
C ILE C 1473 71.22 -79.80 29.86
N VAL C 1474 71.60 -81.08 29.83
CA VAL C 1474 70.99 -82.03 28.92
C VAL C 1474 69.80 -82.79 29.54
N GLU C 1475 69.95 -83.24 30.78
CA GLU C 1475 68.93 -84.09 31.41
C GLU C 1475 69.20 -84.24 32.89
N MET C 1476 68.15 -84.09 33.68
CA MET C 1476 68.27 -84.28 35.11
C MET C 1476 67.48 -85.52 35.53
N SER C 1477 68.17 -86.43 36.22
CA SER C 1477 67.62 -87.74 36.56
C SER C 1477 67.39 -87.98 38.06
N GLN C 1478 66.12 -88.04 38.45
CA GLN C 1478 65.76 -88.26 39.86
C GLN C 1478 66.12 -89.61 40.46
N GLY C 1479 66.83 -89.57 41.58
CA GLY C 1479 66.97 -90.75 42.43
C GLY C 1479 66.34 -90.51 43.79
N VAL C 1480 66.67 -91.36 44.77
CA VAL C 1480 65.99 -91.34 46.07
C VAL C 1480 66.31 -90.10 46.90
N ARG C 1481 67.58 -89.70 46.88
CA ARG C 1481 68.00 -88.54 47.66
C ARG C 1481 69.01 -87.74 46.86
N SER C 1482 68.96 -87.90 45.54
CA SER C 1482 69.94 -87.35 44.64
C SER C 1482 69.32 -87.06 43.29
N VAL C 1483 70.09 -86.40 42.44
CA VAL C 1483 69.66 -86.19 41.08
C VAL C 1483 70.93 -86.12 40.25
N LEU C 1484 70.89 -86.71 39.06
CA LEU C 1484 72.09 -86.70 38.25
C LEU C 1484 71.88 -85.71 37.14
N ILE C 1485 72.87 -84.86 36.95
CA ILE C 1485 72.75 -83.78 35.98
C ILE C 1485 73.71 -83.99 34.83
N GLU C 1486 73.17 -84.17 33.64
CA GLU C 1486 74.02 -84.39 32.48
C GLU C 1486 74.21 -83.06 31.77
N PHE C 1487 75.44 -82.76 31.41
CA PHE C 1487 75.68 -81.54 30.67
C PHE C 1487 76.43 -81.72 29.35
N ASP C 1488 76.35 -80.67 28.56
CA ASP C 1488 77.08 -80.53 27.32
C ASP C 1488 78.26 -79.59 27.58
N GLY C 1489 79.44 -80.18 27.69
CA GLY C 1489 80.67 -79.45 27.97
C GLY C 1489 81.03 -78.39 26.95
N SER C 1490 80.51 -78.52 25.73
CA SER C 1490 80.68 -77.48 24.71
C SER C 1490 79.78 -76.25 24.94
N LYS C 1491 78.78 -76.38 25.82
CA LYS C 1491 77.90 -75.26 26.18
C LYS C 1491 78.11 -74.69 27.60
N ILE C 1492 78.62 -75.53 28.51
CA ILE C 1492 78.84 -75.15 29.91
C ILE C 1492 79.88 -76.11 30.46
N ASN C 1493 80.87 -75.57 31.17
CA ASN C 1493 81.89 -76.47 31.69
C ASN C 1493 81.54 -76.89 33.10
N GLN C 1494 82.29 -77.86 33.60
CA GLN C 1494 82.08 -78.44 34.92
C GLN C 1494 82.02 -77.36 36.00
N LYS C 1495 83.00 -76.47 36.02
CA LYS C 1495 83.11 -75.47 37.07
C LYS C 1495 81.89 -74.55 37.07
N ALA C 1496 81.49 -74.14 35.87
CA ALA C 1496 80.32 -73.27 35.70
C ALA C 1496 79.03 -73.88 36.16
N LEU C 1497 78.82 -75.14 35.82
CA LEU C 1497 77.60 -75.82 36.20
C LEU C 1497 77.52 -76.01 37.71
N LEU C 1498 78.65 -76.39 38.31
CA LEU C 1498 78.78 -76.47 39.77
C LEU C 1498 78.32 -75.18 40.44
N LYS C 1499 78.85 -74.05 40.03
CA LYS C 1499 78.43 -72.78 40.62
C LYS C 1499 76.96 -72.43 40.40
N CYS C 1500 76.40 -72.63 39.20
CA CYS C 1500 74.98 -72.31 39.02
C CYS C 1500 74.16 -73.16 40.00
N LEU C 1501 74.56 -74.42 40.15
CA LEU C 1501 73.83 -75.38 40.98
C LEU C 1501 73.89 -74.95 42.44
N ILE C 1502 75.09 -74.63 42.92
CA ILE C 1502 75.29 -74.14 44.29
C ILE C 1502 74.37 -72.97 44.54
N ALA C 1503 74.19 -72.19 43.49
CA ALA C 1503 73.49 -70.93 43.59
C ALA C 1503 71.99 -71.11 43.50
N TYR C 1504 71.52 -71.88 42.52
CA TYR C 1504 70.09 -72.17 42.45
C TYR C 1504 69.62 -72.87 43.72
N GLU C 1505 70.55 -73.57 44.37
CA GLU C 1505 70.22 -74.35 45.57
C GLU C 1505 69.67 -73.45 46.66
N SER C 1506 70.17 -72.23 46.74
CA SER C 1506 69.71 -71.33 47.77
C SER C 1506 68.37 -70.71 47.40
N GLU C 1507 67.89 -70.95 46.18
CA GLU C 1507 66.62 -70.35 45.75
C GLU C 1507 65.43 -71.22 46.01
N ILE C 1508 65.72 -72.45 46.38
CA ILE C 1508 64.67 -73.39 46.63
C ILE C 1508 63.97 -72.96 47.91
N GLN C 1509 62.67 -72.66 47.81
CA GLN C 1509 61.86 -72.32 48.98
C GLN C 1509 60.64 -73.22 49.03
N PHE C 1510 60.42 -73.88 50.15
CA PHE C 1510 59.17 -74.60 50.38
C PHE C 1510 59.03 -74.92 51.86
N ASP C 1511 57.82 -75.27 52.29
CA ASP C 1511 57.61 -75.64 53.68
C ASP C 1511 57.15 -77.10 53.80
N LYS C 1512 57.25 -77.63 55.01
CA LYS C 1512 56.86 -79.00 55.31
C LYS C 1512 55.46 -79.42 54.80
N ASN C 1513 54.59 -78.45 54.50
CA ASN C 1513 53.21 -78.76 54.08
C ASN C 1513 52.98 -78.94 52.56
N TRP C 1514 54.03 -79.26 51.80
CA TRP C 1514 53.92 -79.34 50.33
C TRP C 1514 52.95 -80.42 49.86
N ASN C 1515 52.46 -80.27 48.63
CA ASN C 1515 51.73 -81.36 47.95
C ASN C 1515 52.13 -81.56 46.49
N VAL C 1516 51.74 -82.72 45.94
CA VAL C 1516 52.07 -83.10 44.57
C VAL C 1516 50.95 -83.93 43.95
N LYS C 1517 50.79 -83.84 42.63
CA LYS C 1517 49.89 -84.76 41.94
C LYS C 1517 50.45 -86.16 42.13
N SER C 1518 49.59 -87.11 42.46
CA SER C 1518 50.02 -88.49 42.66
C SER C 1518 49.01 -89.49 42.11
N LYS C 1519 49.42 -90.25 41.11
CA LYS C 1519 48.62 -91.37 40.64
C LYS C 1519 48.76 -92.64 41.51
N ILE C 1520 47.61 -93.22 41.88
CA ILE C 1520 47.57 -94.41 42.73
C ILE C 1520 47.27 -95.64 41.90
N PHE C 1521 48.25 -96.53 41.81
CA PHE C 1521 48.11 -97.76 41.04
C PHE C 1521 47.80 -98.94 41.96
N LYS C 1522 46.74 -99.69 41.66
CA LYS C 1522 46.51 -100.97 42.35
C LYS C 1522 46.78 -102.16 41.42
N LEU C 1523 47.82 -102.93 41.74
CA LEU C 1523 48.37 -103.90 40.81
C LEU C 1523 48.34 -105.32 41.37
N PRO C 1524 47.87 -106.27 40.56
CA PRO C 1524 47.77 -107.67 41.02
C PRO C 1524 49.15 -108.29 41.24
N MET C 1525 49.38 -109.02 42.31
CA MET C 1525 50.68 -109.70 42.43
C MET C 1525 50.54 -111.12 42.99
N ALA C 1526 51.13 -112.08 42.26
CA ALA C 1526 51.36 -113.43 42.77
C ALA C 1526 52.56 -113.54 43.69
N PHE C 1527 52.30 -113.85 44.96
CA PHE C 1527 53.35 -114.20 45.92
C PHE C 1527 54.13 -115.45 45.58
N GLU C 1528 55.43 -115.29 45.33
CA GLU C 1528 56.39 -116.41 45.19
C GLU C 1528 55.94 -117.46 44.17
N ASP C 1529 55.63 -116.98 42.98
CA ASP C 1529 55.18 -117.84 41.91
C ASP C 1529 56.37 -118.59 41.34
N SER C 1530 56.11 -119.43 40.35
CA SER C 1530 57.17 -120.29 39.84
C SER C 1530 58.30 -119.54 39.12
N LYS C 1531 57.97 -118.45 38.43
CA LYS C 1531 58.96 -117.75 37.60
C LYS C 1531 59.86 -116.90 38.48
N THR C 1532 59.29 -116.36 39.56
CA THR C 1532 60.08 -115.65 40.57
C THR C 1532 61.07 -116.59 41.24
N LEU C 1533 60.56 -117.72 41.76
CA LEU C 1533 61.42 -118.73 42.39
C LEU C 1533 62.47 -119.25 41.41
N ASP C 1534 62.09 -119.50 40.16
CA ASP C 1534 63.06 -120.03 39.20
C ASP C 1534 64.20 -119.03 38.94
N CYS C 1535 63.98 -117.74 39.24
CA CYS C 1535 64.98 -116.71 38.94
C CYS C 1535 66.09 -116.88 39.96
N VAL C 1536 65.69 -117.19 41.19
CA VAL C 1536 66.63 -117.51 42.29
C VAL C 1536 67.34 -118.85 42.04
N THR C 1537 66.58 -119.85 41.55
CA THR C 1537 67.15 -121.15 41.23
C THR C 1537 68.30 -121.00 40.24
N ARG C 1538 68.00 -120.30 39.14
CA ARG C 1538 68.98 -120.02 38.10
C ARG C 1538 70.19 -119.34 38.71
N TYR C 1539 69.97 -118.46 39.69
CA TYR C 1539 71.06 -117.73 40.33
C TYR C 1539 71.90 -118.68 41.24
N ARG C 1540 71.25 -119.63 41.94
CA ARG C 1540 71.93 -120.64 42.77
C ARG C 1540 72.81 -121.53 41.94
N GLU C 1541 72.35 -121.82 40.73
CA GLU C 1541 73.06 -122.77 39.90
C GLU C 1541 74.03 -122.18 38.90
N THR C 1542 74.03 -120.87 38.68
CA THR C 1542 74.91 -120.29 37.66
C THR C 1542 76.01 -119.37 38.19
N ILE C 1543 75.83 -118.87 39.42
CA ILE C 1543 76.65 -117.76 39.89
C ILE C 1543 77.08 -117.95 41.34
N ARG C 1544 76.10 -118.07 42.24
CA ARG C 1544 76.35 -118.26 43.67
C ARG C 1544 75.29 -119.20 44.30
N SER C 1545 75.72 -120.38 44.78
CA SER C 1545 74.75 -121.37 45.26
C SER C 1545 74.45 -121.24 46.76
N GLU C 1546 75.32 -120.56 47.47
CA GLU C 1546 75.10 -120.24 48.88
C GLU C 1546 75.38 -118.81 49.24
N ALA C 1547 74.54 -118.25 50.09
CA ALA C 1547 74.64 -116.86 50.54
C ALA C 1547 73.64 -116.65 51.67
N PRO C 1548 73.86 -115.62 52.50
CA PRO C 1548 72.87 -115.48 53.60
C PRO C 1548 71.44 -115.16 53.12
N TRP C 1549 71.24 -114.84 51.84
CA TRP C 1549 69.92 -114.46 51.33
C TRP C 1549 69.39 -115.59 50.47
N LEU C 1550 70.09 -116.72 50.56
CA LEU C 1550 69.79 -117.90 49.78
C LEU C 1550 69.50 -118.99 50.82
N PRO C 1551 68.73 -120.01 50.45
CA PRO C 1551 68.13 -120.36 49.15
C PRO C 1551 66.85 -119.59 48.80
N ASN C 1552 66.18 -119.02 49.81
CA ASN C 1552 64.90 -118.35 49.60
C ASN C 1552 64.94 -116.91 50.07
N ASN C 1553 64.74 -115.96 49.15
CA ASN C 1553 64.90 -114.56 49.46
C ASN C 1553 63.93 -114.04 50.52
N VAL C 1554 62.69 -114.53 50.51
CA VAL C 1554 61.67 -114.01 51.44
C VAL C 1554 62.00 -114.46 52.87
N ASP C 1555 62.49 -115.69 52.99
CA ASP C 1555 62.96 -116.21 54.27
C ASP C 1555 64.10 -115.41 54.86
N PHE C 1556 65.08 -115.05 54.02
CA PHE C 1556 66.04 -114.00 54.37
C PHE C 1556 65.40 -112.71 54.90
N ILE C 1557 64.46 -112.09 54.18
CA ILE C 1557 63.81 -110.88 54.70
C ILE C 1557 63.27 -111.16 56.10
N ALA C 1558 62.48 -112.24 56.17
CA ALA C 1558 61.81 -112.64 57.39
C ALA C 1558 62.79 -112.84 58.54
N ASP C 1559 63.86 -113.59 58.28
CA ASP C 1559 64.84 -113.95 59.31
C ASP C 1559 65.66 -112.74 59.84
N VAL C 1560 66.13 -111.87 58.94
CA VAL C 1560 67.02 -110.74 59.36
C VAL C 1560 66.18 -109.69 60.08
N ASN C 1561 64.87 -109.66 59.82
CA ASN C 1561 63.93 -108.75 60.50
C ASN C 1561 63.20 -109.35 61.71
N ASP C 1562 63.45 -110.64 61.98
CA ASP C 1562 62.76 -111.38 63.05
C ASP C 1562 61.22 -111.44 62.93
N ILE C 1563 60.71 -111.74 61.74
CA ILE C 1563 59.28 -111.92 61.58
C ILE C 1563 59.01 -113.24 60.86
N ASP C 1564 57.74 -113.58 60.68
CA ASP C 1564 57.40 -114.76 59.91
C ASP C 1564 57.39 -114.36 58.44
N ARG C 1565 57.69 -115.29 57.54
CA ARG C 1565 57.60 -115.05 56.10
C ARG C 1565 56.24 -114.47 55.69
N ASN C 1566 55.17 -114.87 56.37
CA ASN C 1566 53.84 -114.38 56.02
C ASN C 1566 53.60 -112.94 56.52
N ASP C 1567 54.40 -112.48 57.49
CA ASP C 1567 54.44 -111.05 57.83
C ASP C 1567 54.96 -110.23 56.64
N VAL C 1568 55.98 -110.77 55.96
CA VAL C 1568 56.50 -110.15 54.74
C VAL C 1568 55.40 -110.10 53.68
N LYS C 1569 54.72 -111.24 53.47
CA LYS C 1569 53.65 -111.32 52.47
C LYS C 1569 52.59 -110.30 52.87
N ASN C 1570 52.30 -110.17 54.16
CA ASN C 1570 51.28 -109.23 54.61
C ASN C 1570 51.59 -107.78 54.32
N MET C 1571 52.85 -107.40 54.48
CA MET C 1571 53.22 -106.01 54.26
C MET C 1571 53.18 -105.69 52.76
N LEU C 1572 53.61 -106.62 51.91
CA LEU C 1572 53.51 -106.43 50.46
C LEU C 1572 52.06 -106.16 50.02
N TYR C 1573 51.09 -106.67 50.76
CA TYR C 1573 49.69 -106.46 50.41
C TYR C 1573 48.97 -105.41 51.25
N SER C 1574 49.69 -104.71 52.13
CA SER C 1574 49.11 -103.57 52.83
C SER C 1574 49.93 -102.27 52.74
N ALA C 1575 51.15 -102.37 52.23
CA ALA C 1575 52.03 -101.21 52.15
C ALA C 1575 51.59 -100.25 51.06
N LYS C 1576 51.94 -98.99 51.23
CA LYS C 1576 51.69 -97.99 50.21
C LYS C 1576 53.04 -97.52 49.69
N PHE C 1577 53.38 -97.96 48.49
CA PHE C 1577 54.71 -97.74 47.95
C PHE C 1577 54.76 -96.44 47.13
N MET C 1578 55.48 -95.42 47.63
CA MET C 1578 55.69 -94.20 46.86
C MET C 1578 56.88 -94.30 45.91
N VAL C 1579 56.63 -94.17 44.62
CA VAL C 1579 57.70 -94.12 43.62
C VAL C 1579 58.63 -92.92 43.87
N LEU C 1580 59.91 -93.19 44.06
CA LEU C 1580 60.88 -92.11 44.26
C LEU C 1580 61.67 -91.78 42.99
N GLY C 1581 61.80 -92.76 42.09
CA GLY C 1581 62.53 -92.58 40.86
C GLY C 1581 62.22 -93.67 39.84
N LEU C 1582 62.60 -93.48 38.58
CA LEU C 1582 62.35 -94.48 37.55
C LEU C 1582 63.62 -95.12 36.95
N GLY C 1583 63.45 -96.32 36.41
CA GLY C 1583 64.53 -97.06 35.79
C GLY C 1583 65.39 -97.81 36.79
N ASP C 1584 64.74 -98.33 37.84
CA ASP C 1584 65.35 -99.27 38.78
C ASP C 1584 64.75 -100.67 38.68
N VAL C 1585 65.08 -101.45 37.65
CA VAL C 1585 66.11 -101.14 36.69
C VAL C 1585 65.51 -101.40 35.29
N PHE C 1586 65.67 -100.41 34.40
CA PHE C 1586 65.22 -100.42 32.99
C PHE C 1586 63.76 -100.07 32.78
N LEU C 1587 63.48 -99.49 31.61
CA LEU C 1587 62.13 -99.12 31.16
C LEU C 1587 61.12 -98.74 32.25
N GLY C 1588 61.43 -97.66 32.96
CA GLY C 1588 60.53 -97.09 33.95
C GLY C 1588 60.28 -97.95 35.18
N SER C 1589 61.13 -98.96 35.37
CA SER C 1589 61.12 -99.74 36.61
C SER C 1589 61.27 -98.82 37.82
N PRO C 1590 60.33 -98.92 38.75
CA PRO C 1590 60.32 -97.95 39.86
C PRO C 1590 61.26 -98.32 40.99
N CYS C 1591 61.71 -97.30 41.69
CA CYS C 1591 62.25 -97.50 43.04
C CYS C 1591 61.34 -96.83 44.06
N ALA C 1592 60.70 -97.64 44.89
CA ALA C 1592 59.63 -97.16 45.74
C ALA C 1592 59.93 -97.46 47.20
N VAL C 1593 59.19 -96.81 48.09
CA VAL C 1593 59.44 -96.94 49.51
C VAL C 1593 58.13 -96.92 50.27
N PRO C 1594 57.99 -97.83 51.25
CA PRO C 1594 56.67 -97.82 51.87
C PRO C 1594 56.44 -96.50 52.60
N LEU C 1595 55.22 -96.00 52.55
CA LEU C 1595 54.89 -94.74 53.18
C LEU C 1595 54.80 -94.91 54.69
N ASP C 1596 54.52 -96.14 55.12
CA ASP C 1596 54.52 -96.53 56.52
C ASP C 1596 55.93 -96.96 56.94
N PRO C 1597 56.56 -96.22 57.88
CA PRO C 1597 57.93 -96.53 58.30
C PRO C 1597 58.04 -97.93 58.93
N ARG C 1598 56.93 -98.46 59.47
CA ARG C 1598 56.92 -99.82 60.00
C ARG C 1598 56.87 -100.90 58.91
N HIS C 1599 56.93 -100.48 57.66
CA HIS C 1599 56.92 -101.43 56.54
C HIS C 1599 58.30 -101.53 55.91
N ARG C 1600 59.29 -100.93 56.59
CA ARG C 1600 60.61 -100.81 55.99
C ARG C 1600 61.47 -101.83 56.71
N TYR C 1601 61.87 -102.82 55.92
CA TYR C 1601 62.55 -103.97 56.41
C TYR C 1601 64.02 -103.91 56.04
N LEU C 1602 64.86 -104.42 56.94
CA LEU C 1602 66.26 -104.61 56.62
C LEU C 1602 66.37 -105.62 55.49
N GLY C 1603 67.53 -105.69 54.87
CA GLY C 1603 67.72 -106.55 53.73
C GLY C 1603 69.10 -106.36 53.15
N THR C 1604 69.22 -106.68 51.87
CA THR C 1604 70.46 -106.45 51.14
C THR C 1604 70.19 -106.71 49.67
N LYS C 1605 71.08 -106.19 48.83
CA LYS C 1605 70.98 -106.40 47.41
C LYS C 1605 71.96 -107.53 47.15
N TYR C 1606 71.80 -108.25 46.04
CA TYR C 1606 72.63 -109.43 45.80
C TYR C 1606 74.10 -109.09 45.71
N ASN C 1607 74.94 -110.06 46.06
CA ASN C 1607 76.39 -109.94 45.92
C ASN C 1607 76.97 -111.23 45.33
N PRO C 1608 77.25 -111.24 44.02
CA PRO C 1608 77.02 -110.19 43.03
C PRO C 1608 75.59 -110.25 42.52
N SER C 1609 75.21 -109.30 41.66
CA SER C 1609 73.83 -109.26 41.13
C SER C 1609 73.55 -110.41 40.17
N ARG C 1610 72.27 -110.70 39.97
CA ARG C 1610 71.82 -111.68 38.99
C ARG C 1610 72.12 -111.17 37.59
N THR C 1611 72.10 -112.07 36.59
CA THR C 1611 72.19 -111.61 35.21
C THR C 1611 70.81 -111.64 34.55
N TYR C 1612 69.88 -112.29 35.24
CA TYR C 1612 68.56 -112.53 34.68
C TYR C 1612 67.46 -112.38 35.72
N THR C 1613 66.38 -111.72 35.30
CA THR C 1613 65.19 -111.57 36.12
C THR C 1613 63.97 -111.60 35.20
N ALA C 1614 62.83 -112.05 35.70
CA ALA C 1614 61.67 -112.28 34.85
C ALA C 1614 60.85 -111.01 34.80
N ARG C 1615 60.17 -110.80 33.68
CA ARG C 1615 59.29 -109.65 33.54
C ARG C 1615 58.18 -109.61 34.59
N GLY C 1616 58.07 -108.47 35.26
CA GLY C 1616 57.03 -108.25 36.25
C GLY C 1616 57.36 -108.66 37.68
N VAL C 1617 58.49 -109.33 37.86
CA VAL C 1617 58.98 -109.69 39.19
C VAL C 1617 59.06 -108.48 40.12
N VAL C 1618 58.57 -108.64 41.36
CA VAL C 1618 58.65 -107.60 42.37
C VAL C 1618 59.80 -107.86 43.31
N GLY C 1619 60.59 -106.83 43.58
CA GLY C 1619 61.73 -106.99 44.46
C GLY C 1619 61.76 -106.10 45.68
N ILE C 1620 62.61 -106.48 46.64
CA ILE C 1620 62.84 -105.69 47.83
C ILE C 1620 64.34 -105.63 48.04
N GLY C 1621 64.86 -104.41 48.03
CA GLY C 1621 66.28 -104.12 48.15
C GLY C 1621 66.48 -103.17 49.31
N GLY C 1622 67.04 -103.70 50.39
CA GLY C 1622 67.06 -103.01 51.65
C GLY C 1622 65.60 -102.72 51.95
N MET C 1623 65.26 -101.47 52.17
CA MET C 1623 63.86 -101.14 52.39
C MET C 1623 63.08 -100.76 51.12
N TYR C 1624 63.72 -100.81 49.96
CA TYR C 1624 63.08 -100.29 48.75
C TYR C 1624 62.42 -101.39 47.96
N MET C 1625 61.39 -101.01 47.20
CA MET C 1625 60.67 -101.96 46.36
C MET C 1625 60.85 -101.63 44.87
N CYS C 1626 61.01 -102.65 44.03
CA CYS C 1626 61.04 -102.42 42.59
C CYS C 1626 60.20 -103.42 41.81
N ILE C 1627 59.74 -103.00 40.62
CA ILE C 1627 59.11 -103.90 39.66
C ILE C 1627 60.01 -103.92 38.45
N TYR C 1628 60.46 -105.11 38.09
CA TYR C 1628 61.35 -105.24 36.95
C TYR C 1628 60.47 -105.16 35.70
N ASN C 1629 60.41 -104.00 35.06
CA ASN C 1629 59.50 -103.85 33.92
C ASN C 1629 59.93 -104.60 32.68
N ALA C 1630 61.18 -105.03 32.61
CA ALA C 1630 61.64 -105.72 31.41
C ALA C 1630 62.04 -107.20 31.60
N GLU C 1631 61.78 -108.00 30.57
CA GLU C 1631 62.12 -109.42 30.58
C GLU C 1631 63.62 -109.65 30.34
N GLY C 1632 64.26 -110.41 31.24
CA GLY C 1632 65.66 -110.75 31.08
C GLY C 1632 66.61 -109.66 31.50
N SER C 1633 66.30 -108.96 32.59
CA SER C 1633 67.18 -107.91 33.06
C SER C 1633 67.97 -108.32 34.29
N PRO C 1634 69.23 -107.88 34.35
CA PRO C 1634 70.05 -108.09 35.55
C PRO C 1634 69.32 -107.44 36.71
N GLY C 1635 69.60 -107.90 37.92
CA GLY C 1635 68.84 -107.45 39.06
C GLY C 1635 69.51 -107.88 40.33
N GLY C 1636 69.24 -107.14 41.39
CA GLY C 1636 69.97 -107.34 42.62
C GLY C 1636 69.05 -107.35 43.81
N TYR C 1637 67.80 -106.97 43.61
CA TYR C 1637 66.84 -106.96 44.71
C TYR C 1637 66.42 -108.39 45.12
N GLN C 1638 66.02 -108.53 46.38
CA GLN C 1638 65.43 -109.76 46.89
C GLN C 1638 64.06 -110.03 46.26
N LEU C 1639 63.89 -111.22 45.69
CA LEU C 1639 62.70 -111.51 44.88
C LEU C 1639 61.59 -112.11 45.73
N VAL C 1640 60.40 -111.60 45.49
CA VAL C 1640 59.29 -111.68 46.40
C VAL C 1640 57.96 -112.09 45.78
N GLY C 1641 57.80 -111.85 44.48
CA GLY C 1641 56.57 -112.15 43.75
C GLY C 1641 56.52 -111.46 42.40
N ARG C 1642 55.38 -111.49 41.72
CA ARG C 1642 55.30 -110.94 40.37
C ARG C 1642 53.97 -110.23 40.07
N THR C 1643 54.12 -109.06 39.43
CA THR C 1643 53.03 -108.28 38.85
C THR C 1643 53.07 -108.29 37.34
N ILE C 1644 52.44 -107.25 36.81
CA ILE C 1644 52.48 -106.94 35.40
C ILE C 1644 53.52 -105.85 35.24
N THR C 1645 54.19 -105.85 34.09
CA THR C 1645 55.16 -104.80 33.79
C THR C 1645 54.52 -103.41 33.82
N ALA C 1646 55.23 -102.45 34.39
CA ALA C 1646 54.75 -101.07 34.35
C ALA C 1646 55.41 -100.37 33.18
N TRP C 1647 55.67 -101.11 32.12
CA TRP C 1647 56.11 -100.53 30.85
C TRP C 1647 55.25 -101.05 29.70
N ASP C 1648 54.63 -100.14 28.98
CA ASP C 1648 53.68 -100.47 27.94
C ASP C 1648 54.30 -99.99 26.63
N LYS C 1649 55.20 -100.81 26.09
CA LYS C 1649 56.01 -100.46 24.93
C LYS C 1649 55.25 -99.74 23.82
N LEU C 1650 54.07 -100.25 23.49
CA LEU C 1650 53.28 -99.68 22.39
C LEU C 1650 52.14 -98.79 22.86
N VAL C 1651 52.13 -98.48 24.15
CA VAL C 1651 51.13 -97.59 24.74
C VAL C 1651 49.75 -98.08 24.32
N ILE C 1652 49.53 -99.39 24.38
CA ILE C 1652 48.23 -99.91 24.02
C ILE C 1652 47.42 -100.32 25.22
N GLY C 1653 48.00 -100.15 26.41
CA GLY C 1653 47.38 -100.70 27.61
C GLY C 1653 46.06 -100.00 27.86
N ASP C 1654 45.27 -100.51 28.80
CA ASP C 1654 44.00 -99.86 29.10
C ASP C 1654 44.21 -99.01 30.35
N HIS C 1655 44.70 -97.80 30.14
CA HIS C 1655 45.04 -96.90 31.23
C HIS C 1655 45.07 -95.50 30.65
N PRO C 1656 45.14 -94.47 31.50
CA PRO C 1656 45.23 -93.15 30.87
C PRO C 1656 46.63 -92.56 30.75
N ILE C 1657 47.65 -93.39 30.57
CA ILE C 1657 48.99 -92.84 30.46
C ILE C 1657 49.41 -92.72 29.00
N ASP C 1658 50.01 -91.59 28.67
CA ASP C 1658 50.29 -91.25 27.27
C ASP C 1658 51.66 -91.67 26.74
N HIS C 1659 52.57 -92.06 27.62
CA HIS C 1659 53.83 -92.67 27.20
C HIS C 1659 54.05 -94.09 27.75
N PRO C 1660 55.08 -94.83 27.26
CA PRO C 1660 55.31 -96.20 27.75
C PRO C 1660 55.57 -96.38 29.26
N TRP C 1661 56.24 -95.47 29.94
CA TRP C 1661 56.46 -95.65 31.37
C TRP C 1661 55.20 -95.22 32.13
N LEU C 1662 54.58 -96.17 32.82
CA LEU C 1662 53.27 -95.92 33.43
C LEU C 1662 53.39 -95.11 34.71
N LEU C 1663 54.52 -95.20 35.38
CA LEU C 1663 54.67 -94.52 36.67
C LEU C 1663 55.44 -93.20 36.59
N THR C 1664 55.25 -92.36 37.62
CA THR C 1664 55.95 -91.08 37.79
C THR C 1664 56.39 -90.97 39.25
N PRO C 1665 57.53 -90.31 39.52
CA PRO C 1665 57.87 -90.08 40.93
C PRO C 1665 56.73 -89.44 41.70
N PHE C 1666 56.53 -89.87 42.95
CA PHE C 1666 55.41 -89.47 43.83
C PHE C 1666 54.12 -90.26 43.62
N ASP C 1667 54.00 -90.99 42.51
CA ASP C 1667 52.95 -91.99 42.42
C ASP C 1667 53.00 -93.04 43.51
N GLN C 1668 51.89 -93.75 43.66
CA GLN C 1668 51.77 -94.80 44.67
C GLN C 1668 51.35 -96.13 44.06
N VAL C 1669 52.03 -97.19 44.47
CA VAL C 1669 51.70 -98.54 44.03
C VAL C 1669 51.22 -99.34 45.26
N GLU C 1670 50.05 -99.96 45.16
CA GLU C 1670 49.56 -100.91 46.15
C GLU C 1670 49.38 -102.28 45.52
N PHE C 1671 49.76 -103.34 46.23
CA PHE C 1671 49.55 -104.69 45.71
C PHE C 1671 48.29 -105.36 46.28
N TYR C 1672 47.61 -106.11 45.42
CA TYR C 1672 46.54 -107.00 45.84
C TYR C 1672 46.80 -108.42 45.37
N PRO C 1673 46.42 -109.42 46.18
CA PRO C 1673 46.69 -110.85 45.94
C PRO C 1673 45.95 -111.49 44.77
N VAL C 1674 46.73 -112.09 43.86
CA VAL C 1674 46.19 -113.07 42.91
C VAL C 1674 47.01 -114.35 42.87
N THR C 1675 46.38 -115.39 42.35
CA THR C 1675 47.00 -116.69 42.16
C THR C 1675 47.97 -116.57 40.96
N GLU C 1676 49.00 -117.41 40.89
CA GLU C 1676 49.86 -117.45 39.68
C GLU C 1676 49.06 -117.57 38.38
N GLU C 1677 48.14 -118.55 38.31
CA GLU C 1677 47.34 -118.74 37.10
C GLU C 1677 46.41 -117.54 36.84
N GLU C 1678 45.87 -116.91 37.90
CA GLU C 1678 45.06 -115.69 37.71
C GLU C 1678 45.90 -114.56 37.16
N LEU C 1679 47.18 -114.55 37.53
CA LEU C 1679 48.13 -113.55 37.06
C LEU C 1679 48.53 -113.75 35.59
N GLU C 1680 48.66 -114.99 35.14
CA GLU C 1680 48.99 -115.25 33.73
C GLU C 1680 47.80 -114.85 32.84
N VAL C 1681 46.59 -114.88 33.40
CA VAL C 1681 45.42 -114.50 32.62
C VAL C 1681 45.54 -112.99 32.44
N ILE C 1682 45.68 -112.29 33.56
CA ILE C 1682 45.86 -110.84 33.55
C ILE C 1682 47.01 -110.36 32.66
N ILE C 1683 48.14 -111.08 32.74
CA ILE C 1683 49.33 -110.69 31.97
C ILE C 1683 49.05 -110.72 30.48
N GLU C 1684 48.51 -111.83 29.97
CA GLU C 1684 48.11 -111.93 28.55
C GLU C 1684 47.07 -110.86 28.18
N ASP C 1685 46.05 -110.69 29.02
CA ASP C 1685 45.02 -109.67 28.77
C ASP C 1685 45.65 -108.29 28.67
N ASN C 1686 46.61 -108.01 29.55
CA ASN C 1686 47.21 -106.68 29.61
C ASN C 1686 48.17 -106.44 28.42
N ASP C 1687 48.80 -107.50 27.91
CA ASP C 1687 49.67 -107.37 26.73
C ASP C 1687 48.88 -107.04 25.46
N ASN C 1688 47.58 -107.26 25.50
CA ASN C 1688 46.72 -107.02 24.35
C ASN C 1688 45.74 -105.89 24.66
N GLY C 1689 46.01 -105.15 25.73
CA GLY C 1689 45.20 -104.00 26.12
C GLY C 1689 43.79 -104.29 26.60
N LYS C 1690 43.54 -105.55 26.97
CA LYS C 1690 42.23 -105.94 27.51
C LYS C 1690 42.19 -106.05 29.03
N PHE C 1691 43.17 -105.49 29.71
CA PHE C 1691 43.14 -105.48 31.16
C PHE C 1691 43.09 -104.06 31.70
N LYS C 1692 42.13 -103.81 32.57
CA LYS C 1692 41.82 -102.46 33.04
C LYS C 1692 42.60 -102.16 34.31
N ILE C 1693 43.75 -101.51 34.13
CA ILE C 1693 44.58 -101.08 35.24
C ILE C 1693 43.83 -100.11 36.15
N ASP C 1694 43.91 -100.37 37.45
CA ASP C 1694 43.16 -99.58 38.43
C ASP C 1694 44.07 -98.40 38.77
N VAL C 1695 43.78 -97.25 38.16
CA VAL C 1695 44.52 -96.04 38.41
C VAL C 1695 43.58 -94.91 38.76
N GLU C 1696 43.89 -94.20 39.84
CA GLU C 1696 43.16 -93.00 40.20
C GLU C 1696 44.10 -91.81 40.34
N GLU C 1697 43.78 -90.71 39.66
CA GLU C 1697 44.47 -89.45 39.87
C GLU C 1697 44.12 -88.92 41.24
N SER C 1698 45.10 -88.64 42.09
CA SER C 1698 44.86 -87.82 43.27
C SER C 1698 46.04 -86.93 43.65
N ILE C 1699 46.11 -86.59 44.94
CA ILE C 1699 47.07 -85.61 45.44
C ILE C 1699 47.71 -86.14 46.72
N PHE C 1700 49.03 -86.23 46.75
CA PHE C 1700 49.70 -86.53 48.01
C PHE C 1700 50.06 -85.27 48.78
N ASP C 1701 49.60 -85.22 50.03
CA ASP C 1701 49.68 -84.01 50.84
C ASP C 1701 50.63 -84.21 52.01
N HIS C 1702 51.77 -83.51 52.05
CA HIS C 1702 52.75 -83.81 53.08
C HIS C 1702 52.24 -83.38 54.46
N LYS C 1703 51.33 -82.40 54.46
CA LYS C 1703 50.77 -81.89 55.71
C LYS C 1703 49.93 -82.99 56.33
N GLU C 1704 49.14 -83.66 55.50
CA GLU C 1704 48.26 -84.73 55.95
C GLU C 1704 49.07 -85.92 56.41
N TYR C 1705 50.05 -86.31 55.59
CA TYR C 1705 51.02 -87.36 55.92
C TYR C 1705 51.74 -87.12 57.26
N LEU C 1706 52.24 -85.92 57.48
CA LEU C 1706 52.93 -85.62 58.73
C LEU C 1706 52.00 -85.73 59.92
N ALA C 1707 50.70 -85.56 59.68
CA ALA C 1707 49.69 -85.68 60.72
C ALA C 1707 49.42 -87.14 61.00
N TRP C 1708 49.47 -87.94 59.94
CA TRP C 1708 49.38 -89.39 60.07
C TRP C 1708 50.55 -89.98 60.84
N ILE C 1709 51.76 -89.45 60.64
CA ILE C 1709 52.91 -89.93 61.42
C ILE C 1709 52.66 -89.70 62.92
N ASN C 1710 52.13 -88.52 63.27
CA ASN C 1710 51.80 -88.23 64.66
C ASN C 1710 50.79 -89.21 65.29
N GLU C 1711 49.59 -89.36 64.73
CA GLU C 1711 48.62 -90.35 65.28
C GLU C 1711 49.13 -91.80 65.31
N ASN C 1712 50.45 -91.98 65.19
CA ASN C 1712 51.07 -93.28 65.07
C ASN C 1712 52.55 -93.22 65.46
N ILE C 1713 53.02 -92.02 65.83
CA ILE C 1713 54.43 -91.81 66.21
C ILE C 1713 54.94 -92.88 67.18
N ASP C 1714 54.07 -93.31 68.08
CA ASP C 1714 54.43 -94.19 69.18
C ASP C 1714 54.82 -95.57 68.65
N SER C 1715 53.89 -96.18 67.91
CA SER C 1715 54.11 -97.42 67.17
C SER C 1715 55.32 -97.35 66.24
N ILE C 1716 55.44 -96.24 65.49
CA ILE C 1716 56.58 -96.03 64.58
C ILE C 1716 57.92 -96.10 65.33
N VAL C 1717 58.02 -95.38 66.45
CA VAL C 1717 59.27 -95.29 67.20
C VAL C 1717 59.63 -96.63 67.86
N ALA C 1718 58.67 -97.24 68.56
CA ALA C 1718 58.80 -98.63 69.01
C ALA C 1718 59.36 -99.55 67.92
N PHE C 1719 58.75 -99.54 66.74
CA PHE C 1719 59.25 -100.34 65.62
C PHE C 1719 60.71 -100.02 65.27
N GLN C 1720 61.04 -98.72 65.19
CA GLN C 1720 62.38 -98.29 64.76
C GLN C 1720 63.47 -98.61 65.76
N GLU C 1721 63.19 -98.42 67.05
CA GLU C 1721 64.21 -98.58 68.05
C GLU C 1721 64.58 -100.07 68.08
N ALA C 1722 63.60 -100.93 67.82
CA ALA C 1722 63.77 -102.38 67.89
C ALA C 1722 64.12 -103.10 66.57
N GLN C 1723 64.85 -102.46 65.66
CA GLN C 1723 64.98 -103.05 64.33
C GLN C 1723 66.29 -103.84 64.11
N GLY C 1724 67.45 -103.26 64.42
CA GLY C 1724 68.70 -103.97 64.19
C GLY C 1724 69.18 -104.71 65.42
N GLY C 1725 70.48 -104.89 65.56
CA GLY C 1725 71.03 -105.60 66.70
C GLY C 1725 72.17 -106.49 66.30
N GLU C 1726 72.54 -107.42 67.18
CA GLU C 1726 73.63 -108.35 66.89
C GLU C 1726 73.31 -109.29 65.74
N LYS C 1727 72.04 -109.66 65.61
CA LYS C 1727 71.64 -110.61 64.58
C LYS C 1727 71.77 -110.04 63.17
N ALA C 1728 71.29 -108.82 62.99
CA ALA C 1728 71.49 -108.09 61.73
C ALA C 1728 72.97 -107.89 61.39
N ASP C 1729 73.80 -107.64 62.41
CA ASP C 1729 75.24 -107.46 62.19
C ASP C 1729 75.97 -108.74 61.76
N GLU C 1730 75.58 -109.90 62.28
CA GLU C 1730 76.18 -111.15 61.82
C GLU C 1730 75.82 -111.33 60.36
N PHE C 1731 74.55 -111.05 60.04
CA PHE C 1731 74.12 -111.06 58.64
C PHE C 1731 74.97 -110.12 57.80
N ALA C 1732 75.14 -108.88 58.26
CA ALA C 1732 75.94 -107.90 57.52
C ALA C 1732 77.38 -108.39 57.34
N ARG C 1733 77.88 -109.11 58.34
CA ARG C 1733 79.22 -109.70 58.25
C ARG C 1733 79.25 -110.83 57.21
N LEU C 1734 78.36 -111.83 57.34
CA LEU C 1734 78.25 -112.92 56.35
C LEU C 1734 78.01 -112.43 54.91
N ILE C 1735 77.11 -111.47 54.74
CA ILE C 1735 76.69 -110.93 53.42
C ILE C 1735 77.90 -110.38 52.67
N GLN C 1736 78.88 -109.86 53.42
CA GLN C 1736 80.12 -109.22 52.93
C GLN C 1736 81.20 -110.17 52.41
N VAL C 1737 80.99 -111.48 52.52
CA VAL C 1737 82.01 -112.41 52.07
C VAL C 1737 82.03 -112.49 50.56
N SER D 3 76.67 -41.38 32.61
CA SER D 3 76.48 -42.03 31.31
C SER D 3 75.20 -42.86 31.32
N THR D 4 75.06 -43.66 32.37
CA THR D 4 73.99 -44.66 32.37
C THR D 4 72.76 -44.02 32.94
N LEU D 5 73.01 -42.86 33.55
CA LEU D 5 71.99 -42.01 34.12
C LEU D 5 70.95 -41.56 33.09
N GLY D 6 69.72 -42.00 33.28
CA GLY D 6 68.62 -41.55 32.46
C GLY D 6 68.42 -42.44 31.26
N TRP D 7 68.98 -43.62 31.38
CA TRP D 7 68.76 -44.68 30.39
C TRP D 7 67.34 -45.23 30.56
N SER D 8 66.67 -45.30 29.41
CA SER D 8 65.48 -46.11 29.20
C SER D 8 65.77 -47.57 29.36
N VAL D 9 64.73 -48.37 29.56
CA VAL D 9 64.79 -49.81 29.44
C VAL D 9 65.48 -50.24 28.13
N GLN D 10 65.10 -49.61 27.01
CA GLN D 10 65.63 -49.95 25.67
C GLN D 10 67.12 -49.67 25.59
N ASP D 11 67.55 -48.53 26.14
CA ASP D 11 68.97 -48.20 26.21
C ASP D 11 69.77 -49.32 26.86
N TRP D 12 69.29 -49.79 28.02
CA TRP D 12 69.92 -50.91 28.71
C TRP D 12 69.95 -52.16 27.86
N LEU D 13 68.83 -52.47 27.18
CA LEU D 13 68.78 -53.69 26.38
C LEU D 13 69.73 -53.62 25.17
N SER D 14 69.80 -52.46 24.50
CA SER D 14 70.70 -52.26 23.35
C SER D 14 72.16 -52.42 23.80
N PHE D 15 72.55 -51.78 24.92
CA PHE D 15 73.91 -52.01 25.44
C PHE D 15 74.23 -53.49 25.63
N HIS D 16 73.34 -54.22 26.29
CA HIS D 16 73.57 -55.64 26.63
C HIS D 16 73.68 -56.47 25.36
N SER D 17 72.87 -56.17 24.32
CA SER D 17 72.87 -56.96 23.04
C SER D 17 74.19 -56.86 22.40
N LYS D 18 74.69 -55.64 22.16
CA LYS D 18 76.02 -55.42 21.54
C LYS D 18 77.25 -55.72 22.46
N SER D 19 77.01 -56.00 23.75
CA SER D 19 78.07 -56.36 24.70
C SER D 19 78.33 -57.80 25.21
N THR D 20 79.35 -57.96 26.07
CA THR D 20 79.73 -59.31 26.52
C THR D 20 79.16 -59.34 27.92
N PRO D 21 78.77 -60.54 28.43
CA PRO D 21 78.32 -60.78 29.81
C PRO D 21 79.17 -60.14 30.89
N THR D 22 80.40 -59.84 30.57
CA THR D 22 81.35 -59.29 31.55
C THR D 22 81.33 -57.78 31.60
N LYS D 23 81.26 -57.21 30.42
CA LYS D 23 81.15 -55.81 30.24
C LYS D 23 79.77 -55.31 30.68
N SER D 24 78.79 -56.23 30.65
CA SER D 24 77.49 -55.94 31.24
C SER D 24 77.40 -56.10 32.76
N LEU D 25 78.06 -57.11 33.32
CA LEU D 25 78.19 -57.17 34.76
C LEU D 25 78.89 -55.93 35.34
N GLU D 26 79.89 -55.43 34.61
CA GLU D 26 80.69 -54.34 35.12
C GLU D 26 79.88 -53.08 35.17
N LEU D 27 79.09 -52.89 34.11
CA LEU D 27 78.23 -51.73 33.96
C LEU D 27 77.23 -51.67 35.13
N LEU D 28 76.73 -52.83 35.58
CA LEU D 28 75.77 -52.88 36.73
C LEU D 28 76.53 -52.74 38.05
N GLU D 29 77.70 -53.38 38.15
CA GLU D 29 78.54 -53.20 39.33
C GLU D 29 78.93 -51.73 39.59
N ASN D 30 79.26 -51.00 38.51
CA ASN D 30 79.62 -49.59 38.64
C ASN D 30 78.45 -48.73 39.05
N LEU D 31 77.30 -48.97 38.42
CA LEU D 31 76.06 -48.35 38.88
C LEU D 31 75.82 -48.75 40.38
N LEU D 32 75.92 -50.02 40.79
CA LEU D 32 75.74 -50.39 42.24
C LEU D 32 76.72 -49.65 43.17
N LYS D 33 77.99 -49.58 42.76
CA LYS D 33 79.07 -48.85 43.46
C LYS D 33 78.84 -47.36 43.69
N SER D 34 78.23 -46.70 42.71
CA SER D 34 77.98 -45.25 42.78
C SER D 34 76.84 -44.85 43.75
N GLN D 35 76.10 -45.85 44.23
CA GLN D 35 74.98 -45.67 45.15
C GLN D 35 75.38 -45.82 46.61
N LYS D 36 74.69 -45.03 47.41
CA LYS D 36 74.84 -44.88 48.86
C LYS D 36 73.55 -45.06 49.58
N PRO D 37 73.63 -45.71 50.74
CA PRO D 37 72.28 -45.93 51.26
C PRO D 37 71.73 -44.74 52.06
N ALA D 38 70.75 -44.88 52.96
CA ALA D 38 70.51 -43.90 54.03
C ALA D 38 71.34 -44.00 55.29
N PRO D 39 71.70 -42.84 55.86
CA PRO D 39 71.24 -41.47 55.62
C PRO D 39 71.96 -40.65 54.53
N GLU D 40 73.12 -41.08 54.01
CA GLU D 40 73.81 -40.28 52.99
C GLU D 40 72.87 -40.12 51.79
N ASP D 41 72.31 -41.21 51.25
CA ASP D 41 71.19 -41.01 50.31
C ASP D 41 69.89 -41.52 50.95
N PRO D 42 68.99 -40.59 51.34
CA PRO D 42 67.73 -41.00 51.97
C PRO D 42 66.84 -41.87 51.09
N ALA D 43 66.97 -41.77 49.76
CA ALA D 43 66.16 -42.60 48.84
C ALA D 43 66.32 -44.12 48.98
N TRP D 44 67.49 -44.58 49.43
CA TRP D 44 67.77 -46.00 49.55
C TRP D 44 67.81 -46.44 51.01
N ILE D 45 66.97 -47.40 51.37
CA ILE D 45 67.10 -47.97 52.69
C ILE D 45 68.25 -48.95 52.70
N SER D 46 68.28 -49.79 51.65
CA SER D 46 69.35 -50.77 51.56
C SER D 46 69.68 -51.09 50.06
N LEU D 47 70.87 -51.62 49.82
CA LEU D 47 71.37 -51.84 48.46
C LEU D 47 71.88 -53.27 48.51
N ILE D 48 71.84 -53.98 47.40
CA ILE D 48 72.36 -55.32 47.41
C ILE D 48 73.88 -55.29 47.60
N PRO D 49 74.41 -56.31 48.30
CA PRO D 49 75.84 -56.54 48.33
C PRO D 49 76.26 -56.95 46.94
N VAL D 50 77.53 -56.76 46.61
CA VAL D 50 78.06 -57.10 45.29
C VAL D 50 77.90 -58.60 44.99
N GLU D 51 78.05 -59.45 46.00
CA GLU D 51 77.84 -60.90 45.83
C GLU D 51 76.42 -61.22 45.32
N ASP D 52 75.41 -60.58 45.91
CA ASP D 52 74.01 -60.75 45.45
C ASP D 52 73.84 -60.32 43.99
N LEU D 53 74.46 -59.21 43.60
CA LEU D 53 74.47 -58.83 42.18
C LEU D 53 75.04 -59.95 41.31
N HIS D 54 76.12 -60.57 41.74
CA HIS D 54 76.64 -61.73 41.03
C HIS D 54 75.64 -62.87 40.97
N HIS D 55 75.08 -63.23 42.14
CA HIS D 55 74.05 -64.26 42.21
C HIS D 55 72.95 -64.04 41.22
N GLN D 56 72.43 -62.83 41.22
CA GLN D 56 71.35 -62.47 40.35
C GLN D 56 71.80 -62.62 38.90
N TRP D 57 73.04 -62.22 38.63
CA TRP D 57 73.58 -62.28 37.26
C TRP D 57 73.89 -63.69 36.73
N ASN D 58 74.34 -64.58 37.59
CA ASN D 58 74.54 -66.00 37.22
C ASN D 58 73.19 -66.60 36.87
N ILE D 59 72.26 -66.45 37.81
CA ILE D 59 70.87 -66.74 37.51
C ILE D 59 70.36 -66.36 36.15
N LEU D 60 70.60 -65.10 35.82
CA LEU D 60 70.24 -64.56 34.53
C LEU D 60 70.88 -65.26 33.33
N GLN D 61 72.17 -65.56 33.44
CA GLN D 61 72.94 -66.20 32.39
C GLN D 61 72.42 -67.54 32.09
N SER D 62 71.95 -68.15 33.14
CA SER D 62 71.26 -69.38 32.99
C SER D 62 70.06 -69.39 32.04
N LYS D 63 69.41 -68.27 31.78
CA LYS D 63 68.17 -68.37 31.02
C LYS D 63 68.47 -68.53 29.53
N SER D 64 67.69 -69.34 28.82
CA SER D 64 68.23 -69.82 27.54
C SER D 64 67.62 -69.25 26.32
N ASN D 65 67.23 -68.02 26.52
CA ASN D 65 66.50 -67.36 25.48
C ASN D 65 66.55 -65.93 25.90
N LYS D 66 67.58 -65.53 26.63
CA LYS D 66 67.61 -64.11 27.02
C LYS D 66 67.12 -63.01 26.03
N GLU D 67 67.37 -63.02 24.76
CA GLU D 67 66.89 -61.85 24.04
C GLU D 67 65.34 -61.88 23.77
N GLU D 68 64.58 -62.70 24.51
CA GLU D 68 63.10 -62.69 24.52
C GLU D 68 62.63 -62.16 25.85
N LEU D 69 63.60 -61.82 26.68
CA LEU D 69 63.31 -61.31 27.99
C LEU D 69 63.28 -59.81 28.00
N PRO D 70 62.07 -59.25 28.18
CA PRO D 70 61.89 -57.83 27.89
C PRO D 70 62.55 -56.91 28.92
N LEU D 71 63.02 -57.45 30.03
CA LEU D 71 63.75 -56.64 30.98
C LEU D 71 65.14 -57.23 31.26
N TYR D 72 65.75 -57.88 30.26
CA TYR D 72 67.06 -58.52 30.41
C TYR D 72 68.12 -57.57 31.01
N GLY D 73 68.62 -57.91 32.18
CA GLY D 73 69.68 -57.14 32.80
C GLY D 73 69.40 -55.67 33.00
N VAL D 74 68.14 -55.35 33.26
CA VAL D 74 67.66 -53.99 33.42
C VAL D 74 67.55 -53.74 34.91
N PRO D 75 68.24 -52.71 35.37
CA PRO D 75 68.24 -52.56 36.82
C PRO D 75 66.93 -51.90 37.29
N ILE D 76 66.45 -52.27 38.47
CA ILE D 76 65.22 -51.69 39.02
C ILE D 76 65.30 -51.43 40.54
N ALA D 77 64.52 -50.47 41.05
CA ALA D 77 64.42 -50.31 42.49
C ALA D 77 63.05 -50.85 42.95
N VAL D 78 62.98 -51.38 44.16
CA VAL D 78 61.68 -51.76 44.76
C VAL D 78 61.48 -51.21 46.17
N LYS D 79 60.31 -50.59 46.35
CA LYS D 79 59.84 -50.04 47.61
C LYS D 79 60.05 -51.00 48.73
N ASP D 80 60.59 -50.54 49.85
CA ASP D 80 60.96 -51.40 50.98
C ASP D 80 59.71 -51.84 51.72
N ASN D 81 58.74 -52.26 50.90
CA ASN D 81 57.32 -52.48 51.17
C ASN D 81 57.08 -53.87 50.64
N ILE D 82 57.97 -54.24 49.75
CA ILE D 82 57.79 -55.33 48.81
C ILE D 82 58.99 -56.26 48.95
N ASP D 83 58.71 -57.56 49.10
CA ASP D 83 59.78 -58.52 49.38
C ASP D 83 60.62 -58.78 48.14
N TYR D 84 61.92 -58.68 48.34
CA TYR D 84 62.93 -59.31 47.50
C TYR D 84 63.74 -60.15 48.45
N LYS D 85 63.99 -61.41 48.11
CA LYS D 85 64.62 -62.34 49.05
C LYS D 85 66.08 -61.99 49.35
N GLY D 86 66.78 -61.43 48.38
CA GLY D 86 68.13 -60.94 48.65
C GLY D 86 68.33 -59.80 49.65
N LEU D 87 67.25 -59.13 50.08
CA LEU D 87 67.36 -58.00 51.02
C LEU D 87 66.27 -58.08 52.10
N PRO D 88 66.47 -57.41 53.27
CA PRO D 88 65.42 -57.37 54.28
C PRO D 88 64.26 -56.43 53.86
N THR D 89 63.12 -56.60 54.49
CA THR D 89 61.96 -55.74 54.30
C THR D 89 61.70 -55.01 55.59
N THR D 90 61.46 -53.72 55.44
CA THR D 90 61.55 -52.83 56.58
C THR D 90 60.26 -52.00 56.73
N ALA D 91 59.58 -51.63 55.64
CA ALA D 91 58.43 -50.70 55.71
C ALA D 91 58.77 -49.36 56.34
N ALA D 92 60.02 -48.98 56.19
CA ALA D 92 60.64 -47.80 56.78
C ALA D 92 60.56 -47.84 58.30
N CYS D 93 60.61 -49.04 58.88
CA CYS D 93 60.61 -49.20 60.34
C CYS D 93 61.69 -50.16 60.82
N PRO D 94 62.83 -49.62 61.27
CA PRO D 94 64.02 -50.38 61.70
C PRO D 94 63.66 -51.62 62.55
N SER D 95 62.79 -51.50 63.57
CA SER D 95 62.45 -52.67 64.39
C SER D 95 61.42 -53.56 63.76
N TYR D 96 60.92 -53.20 62.60
CA TYR D 96 59.95 -54.06 61.96
C TYR D 96 60.67 -55.06 61.07
N LEU D 97 61.95 -54.77 60.80
CA LEU D 97 62.78 -55.53 59.87
C LEU D 97 62.56 -57.03 59.93
N TYR D 98 62.45 -57.61 58.74
CA TYR D 98 62.37 -59.04 58.64
C TYR D 98 62.98 -59.46 57.31
N GLN D 99 63.40 -60.71 57.27
CA GLN D 99 64.01 -61.32 56.10
C GLN D 99 63.03 -62.30 55.43
N PRO D 100 62.53 -61.97 54.23
CA PRO D 100 61.62 -62.75 53.39
C PRO D 100 62.35 -63.93 52.81
N THR D 101 61.59 -65.02 52.66
CA THR D 101 62.20 -66.25 52.21
C THR D 101 62.10 -66.38 50.74
N ARG D 102 61.33 -65.50 50.15
CA ARG D 102 60.92 -65.62 48.77
C ARG D 102 60.58 -64.23 48.29
N ASP D 103 60.70 -64.06 46.99
CA ASP D 103 60.39 -62.79 46.40
C ASP D 103 58.85 -62.70 46.42
N SER D 104 58.34 -61.50 46.69
CA SER D 104 57.02 -61.05 46.24
C SER D 104 56.80 -61.68 44.88
N TYR D 105 55.56 -62.00 44.53
CA TYR D 105 55.28 -62.59 43.23
C TYR D 105 55.61 -61.57 42.16
N VAL D 106 55.41 -60.32 42.50
CA VAL D 106 55.60 -59.21 41.58
C VAL D 106 57.08 -59.09 41.20
N VAL D 107 57.99 -59.10 42.18
CA VAL D 107 59.44 -59.12 41.98
C VAL D 107 59.88 -60.35 41.19
N GLU D 108 59.34 -61.51 41.60
CA GLU D 108 59.64 -62.79 40.96
C GLU D 108 59.35 -62.72 39.47
N LEU D 109 58.19 -62.15 39.13
CA LEU D 109 57.86 -61.96 37.73
C LEU D 109 58.85 -61.07 37.00
N LEU D 110 59.24 -59.98 37.64
CA LEU D 110 60.17 -59.07 37.01
C LEU D 110 61.55 -59.67 36.80
N ARG D 111 62.03 -60.41 37.80
CA ARG D 111 63.26 -61.18 37.65
C ARG D 111 63.18 -62.22 36.52
N ASP D 112 62.07 -62.97 36.50
CA ASP D 112 61.79 -63.89 35.38
C ASP D 112 61.86 -63.18 34.03
N ALA D 113 61.58 -61.88 34.01
CA ALA D 113 61.56 -61.09 32.77
C ALA D 113 62.93 -60.46 32.59
N GLY D 114 63.85 -60.77 33.51
CA GLY D 114 65.23 -60.41 33.35
C GLY D 114 65.78 -59.28 34.20
N ALA D 115 64.94 -58.69 35.04
CA ALA D 115 65.39 -57.52 35.78
C ALA D 115 66.29 -57.92 36.94
N VAL D 116 67.14 -56.97 37.31
CA VAL D 116 67.94 -57.09 38.52
C VAL D 116 67.61 -56.01 39.52
N VAL D 117 67.28 -56.51 40.72
CA VAL D 117 66.94 -55.66 41.84
C VAL D 117 68.24 -55.11 42.43
N ILE D 118 68.28 -53.80 42.60
CA ILE D 118 69.48 -53.14 43.08
C ILE D 118 69.33 -52.73 44.54
N GLY D 119 68.10 -52.50 44.97
CA GLY D 119 67.90 -52.11 46.34
C GLY D 119 66.47 -51.97 46.77
N LYS D 120 66.29 -51.82 48.09
CA LYS D 120 64.99 -51.47 48.63
C LYS D 120 64.98 -49.95 48.84
N THR D 121 63.83 -49.31 48.66
CA THR D 121 63.78 -47.87 48.51
C THR D 121 62.93 -47.29 49.64
N ASN D 122 63.26 -46.10 50.11
CA ASN D 122 62.67 -45.56 51.31
C ASN D 122 61.22 -45.06 51.12
N LEU D 123 60.44 -44.96 52.21
CA LEU D 123 59.01 -44.67 52.10
C LEU D 123 58.49 -44.08 53.39
N ASP D 124 57.38 -43.33 53.35
CA ASP D 124 56.64 -43.08 54.57
C ASP D 124 56.45 -44.39 55.31
N GLN D 125 56.65 -44.38 56.63
CA GLN D 125 56.58 -45.60 57.45
C GLN D 125 55.24 -46.30 57.32
N PHE D 126 55.30 -47.60 57.09
CA PHE D 126 54.10 -48.40 56.81
C PHE D 126 53.22 -47.81 55.71
N ALA D 127 53.85 -47.19 54.71
CA ALA D 127 53.16 -46.65 53.53
C ALA D 127 52.08 -45.64 53.86
N THR D 128 52.23 -44.96 55.00
CA THR D 128 51.22 -44.00 55.42
C THR D 128 51.60 -42.52 55.21
N GLY D 129 51.23 -41.99 54.05
CA GLY D 129 51.35 -40.57 53.77
C GLY D 129 51.56 -40.26 52.29
N LEU D 130 51.45 -39.00 51.92
CA LEU D 130 51.70 -38.59 50.55
C LEU D 130 52.89 -37.63 50.44
N VAL D 131 53.67 -37.52 51.52
CA VAL D 131 54.68 -36.48 51.64
C VAL D 131 56.09 -37.05 51.52
N GLY D 132 56.31 -38.24 52.06
CA GLY D 132 57.62 -38.85 51.94
C GLY D 132 58.58 -38.44 53.04
N THR D 133 58.07 -37.63 53.98
CA THR D 133 58.85 -37.15 55.11
C THR D 133 58.83 -38.00 56.37
N ARG D 134 58.03 -39.06 56.39
CA ARG D 134 57.66 -39.70 57.65
C ARG D 134 58.45 -41.00 57.85
N SER D 135 59.76 -40.84 57.68
CA SER D 135 60.66 -41.96 57.74
C SER D 135 61.84 -41.62 58.61
N PRO D 136 62.13 -42.46 59.60
CA PRO D 136 63.38 -42.31 60.36
C PRO D 136 64.65 -42.61 59.54
N TYR D 137 64.57 -43.09 58.30
CA TYR D 137 65.79 -43.29 57.49
C TYR D 137 66.15 -42.01 56.75
N GLY D 138 65.30 -40.99 56.89
CA GLY D 138 65.53 -39.73 56.23
C GLY D 138 64.37 -39.26 55.37
N LYS D 139 64.38 -37.97 55.08
CA LYS D 139 63.38 -37.31 54.27
C LYS D 139 63.89 -37.18 52.84
N THR D 140 63.30 -37.92 51.89
CA THR D 140 63.76 -37.86 50.51
C THR D 140 63.33 -36.58 49.83
N PRO D 141 64.30 -35.88 49.24
CA PRO D 141 64.00 -34.61 48.57
C PRO D 141 63.53 -34.80 47.14
N CYS D 142 62.73 -33.82 46.73
CA CYS D 142 62.35 -33.64 45.34
C CYS D 142 63.61 -33.67 44.49
N VAL D 143 63.50 -34.41 43.40
CA VAL D 143 64.59 -34.61 42.46
C VAL D 143 65.09 -33.31 41.81
N PHE D 144 64.33 -32.22 42.00
CA PHE D 144 64.58 -30.93 41.34
C PHE D 144 65.12 -29.85 42.28
N ASN D 145 64.90 -30.02 43.59
CA ASN D 145 65.21 -28.99 44.58
C ASN D 145 65.12 -29.61 45.99
N ASP D 146 66.24 -29.78 46.68
CA ASP D 146 66.19 -30.47 47.98
C ASP D 146 65.58 -29.63 49.13
N LYS D 147 65.07 -28.44 48.83
CA LYS D 147 64.20 -27.76 49.79
C LYS D 147 62.80 -28.36 49.74
N TYR D 148 62.48 -29.00 48.61
CA TYR D 148 61.15 -29.58 48.42
C TYR D 148 61.08 -31.08 48.69
N VAL D 149 59.87 -31.48 49.12
CA VAL D 149 59.46 -32.84 49.38
C VAL D 149 59.40 -33.69 48.11
N SER D 150 59.70 -34.99 48.23
CA SER D 150 59.64 -35.81 47.04
C SER D 150 58.23 -36.33 46.76
N GLY D 151 57.40 -36.32 47.79
CA GLY D 151 56.08 -36.88 47.70
C GLY D 151 56.21 -38.31 48.20
N GLY D 152 55.12 -38.88 48.71
CA GLY D 152 55.14 -40.26 49.14
C GLY D 152 53.82 -40.98 48.83
N SER D 153 53.64 -42.17 49.40
CA SER D 153 54.62 -42.82 50.27
C SER D 153 55.81 -43.48 49.52
N SER D 154 55.72 -43.58 48.20
CA SER D 154 56.76 -44.22 47.39
C SER D 154 57.94 -43.30 47.12
N ALA D 155 58.49 -42.68 48.14
CA ALA D 155 59.44 -41.59 47.95
C ALA D 155 60.75 -42.00 47.29
N GLY D 156 61.39 -43.04 47.82
CA GLY D 156 62.60 -43.57 47.24
C GLY D 156 62.48 -43.92 45.76
N SER D 157 61.38 -44.61 45.43
CA SER D 157 61.16 -45.13 44.10
C SER D 157 61.05 -44.01 43.08
N ALA D 158 60.45 -42.89 43.52
CA ALA D 158 60.33 -41.74 42.65
C ALA D 158 61.66 -41.05 42.44
N SER D 159 62.36 -40.80 43.55
CA SER D 159 63.65 -40.13 43.57
C SER D 159 64.61 -40.79 42.61
N VAL D 160 64.87 -42.05 42.93
CA VAL D 160 65.71 -42.97 42.18
C VAL D 160 65.44 -43.00 40.69
N VAL D 161 64.17 -43.04 40.28
CA VAL D 161 63.82 -42.99 38.86
C VAL D 161 64.05 -41.56 38.32
N GLY D 162 63.49 -40.59 39.05
CA GLY D 162 63.66 -39.17 38.79
C GLY D 162 65.09 -38.74 38.50
N ARG D 163 66.08 -39.41 39.11
CA ARG D 163 67.46 -39.07 38.82
C ARG D 163 68.07 -40.07 37.87
N GLY D 164 67.25 -40.97 37.35
CA GLY D 164 67.63 -41.81 36.24
C GLY D 164 68.66 -42.83 36.69
N ILE D 165 68.73 -43.10 38.00
CA ILE D 165 69.62 -44.17 38.48
C ILE D 165 69.21 -45.45 37.82
N VAL D 166 67.91 -45.61 37.69
CA VAL D 166 67.33 -46.89 37.37
C VAL D 166 66.05 -46.52 36.59
N PRO D 167 65.73 -47.20 35.48
CA PRO D 167 64.61 -46.70 34.65
C PRO D 167 63.20 -47.12 35.13
N LEU D 168 63.14 -48.03 36.09
CA LEU D 168 61.85 -48.46 36.63
C LEU D 168 61.91 -48.68 38.13
N SER D 169 60.84 -48.34 38.84
CA SER D 169 60.77 -48.73 40.24
C SER D 169 59.36 -49.13 40.64
N LEU D 170 59.27 -49.93 41.69
CA LEU D 170 58.00 -50.34 42.23
C LEU D 170 57.60 -49.44 43.38
N GLY D 171 56.35 -49.04 43.38
CA GLY D 171 55.83 -48.44 44.58
C GLY D 171 54.56 -49.17 44.94
N THR D 172 53.77 -48.55 45.81
CA THR D 172 52.46 -49.07 46.18
C THR D 172 51.56 -47.86 46.27
N ASP D 173 50.26 -48.11 46.13
CA ASP D 173 49.28 -47.04 46.09
C ASP D 173 47.97 -47.52 46.66
N THR D 174 47.64 -46.91 47.78
CA THR D 174 46.35 -47.09 48.39
C THR D 174 45.52 -45.86 48.05
N ALA D 175 46.12 -44.69 48.30
CA ALA D 175 45.41 -43.43 48.18
C ALA D 175 46.25 -42.26 47.66
N GLY D 176 47.14 -42.56 46.72
CA GLY D 176 47.92 -41.53 46.05
C GLY D 176 49.41 -41.84 45.93
N SER D 177 49.87 -42.85 46.65
CA SER D 177 51.30 -43.10 46.83
C SER D 177 52.05 -43.53 45.56
N GLY D 178 51.33 -43.80 44.47
CA GLY D 178 52.02 -44.12 43.24
C GLY D 178 51.74 -43.04 42.22
N ARG D 179 50.97 -42.05 42.65
CA ARG D 179 50.62 -40.92 41.79
C ARG D 179 51.25 -39.61 42.17
N VAL D 180 51.16 -39.22 43.45
CA VAL D 180 51.71 -37.94 43.92
C VAL D 180 53.21 -37.80 43.67
N PRO D 181 54.02 -38.82 44.04
CA PRO D 181 55.46 -38.67 43.79
C PRO D 181 55.85 -38.61 42.32
N ALA D 182 54.97 -39.03 41.42
CA ALA D 182 55.27 -38.97 40.00
C ALA D 182 55.18 -37.54 39.51
N ALA D 183 54.14 -36.85 39.95
CA ALA D 183 53.92 -35.47 39.57
C ALA D 183 55.07 -34.59 40.03
N LEU D 184 55.45 -34.74 41.31
CA LEU D 184 56.50 -33.90 41.89
C LEU D 184 57.91 -34.16 41.37
N ASN D 185 58.06 -35.15 40.50
CA ASN D 185 59.38 -35.53 40.04
C ASN D 185 59.43 -35.72 38.54
N ASN D 186 58.36 -35.27 37.88
CA ASN D 186 58.29 -35.33 36.43
C ASN D 186 58.36 -36.76 35.89
N LEU D 187 57.67 -37.67 36.56
CA LEU D 187 57.64 -39.06 36.15
C LEU D 187 56.29 -39.50 35.60
N ILE D 188 56.29 -40.68 34.99
CA ILE D 188 55.08 -41.45 34.75
C ILE D 188 54.76 -42.35 35.96
N GLY D 189 53.56 -42.22 36.49
CA GLY D 189 53.13 -43.06 37.60
C GLY D 189 51.93 -43.89 37.23
N LEU D 190 52.10 -45.21 37.14
CA LEU D 190 51.00 -46.08 36.73
C LEU D 190 50.44 -46.79 37.95
N LYS D 191 49.16 -46.60 38.17
CA LYS D 191 48.44 -47.22 39.28
C LYS D 191 47.43 -48.17 38.68
N PRO D 192 47.76 -49.47 38.60
CA PRO D 192 47.01 -50.39 37.76
C PRO D 192 45.66 -50.76 38.36
N THR D 193 44.77 -51.31 37.55
CA THR D 193 43.53 -51.86 38.02
C THR D 193 43.77 -52.75 39.22
N LYS D 194 42.90 -52.57 40.20
CA LYS D 194 43.02 -53.32 41.44
C LYS D 194 43.20 -54.79 41.13
N GLY D 195 44.10 -55.51 41.80
CA GLY D 195 44.17 -56.97 41.67
C GLY D 195 44.89 -57.53 40.43
N ALA D 196 45.19 -56.64 39.49
CA ALA D 196 45.99 -56.96 38.32
C ALA D 196 47.40 -57.37 38.69
N PHE D 197 48.07 -56.56 39.50
CA PHE D 197 49.36 -56.96 40.05
C PHE D 197 49.08 -57.66 41.39
N SER D 198 49.68 -58.82 41.59
CA SER D 198 49.56 -59.51 42.87
C SER D 198 50.16 -58.73 44.04
N CYS D 199 49.58 -58.89 45.23
CA CYS D 199 50.15 -58.34 46.46
C CYS D 199 50.77 -59.40 47.35
N ARG D 200 50.90 -60.60 46.83
CA ARG D 200 51.67 -61.60 47.54
C ARG D 200 53.09 -61.11 47.79
N GLY D 201 53.45 -61.15 49.06
CA GLY D 201 54.75 -60.68 49.51
C GLY D 201 54.95 -59.20 49.64
N VAL D 202 53.88 -58.40 49.68
CA VAL D 202 54.05 -57.01 50.09
C VAL D 202 53.39 -56.83 51.46
N VAL D 203 53.94 -55.98 52.34
CA VAL D 203 53.35 -55.80 53.66
C VAL D 203 52.05 -55.02 53.49
N PRO D 204 50.93 -55.58 53.99
CA PRO D 204 49.57 -55.04 53.91
C PRO D 204 49.47 -53.71 54.64
N ALA D 205 48.81 -52.75 54.01
CA ALA D 205 48.50 -51.45 54.60
C ALA D 205 47.25 -50.87 53.97
N CYS D 206 46.08 -51.41 54.34
CA CYS D 206 44.81 -51.20 53.61
C CYS D 206 44.64 -52.29 52.53
N LYS D 207 44.79 -53.56 52.90
CA LYS D 207 44.65 -54.65 51.93
C LYS D 207 43.57 -54.65 50.88
N SER D 208 42.36 -54.34 51.28
CA SER D 208 41.21 -54.38 50.39
C SER D 208 41.32 -53.34 49.27
N LEU D 209 42.23 -52.40 49.47
CA LEU D 209 42.42 -51.24 48.61
C LEU D 209 43.78 -51.24 47.91
N ASP D 210 44.75 -51.99 48.41
CA ASP D 210 46.14 -51.82 48.02
C ASP D 210 46.48 -52.20 46.59
N CYS D 211 47.36 -51.42 45.97
CA CYS D 211 47.90 -51.82 44.68
C CYS D 211 49.42 -51.69 44.67
N VAL D 212 50.09 -52.61 44.00
CA VAL D 212 51.48 -52.40 43.61
C VAL D 212 51.47 -51.40 42.44
N SER D 213 52.48 -50.55 42.30
CA SER D 213 52.47 -49.48 41.30
C SER D 213 53.84 -49.35 40.64
N VAL D 214 53.93 -48.62 39.53
CA VAL D 214 55.19 -48.47 38.84
C VAL D 214 55.51 -47.01 38.55
N PHE D 215 56.78 -46.65 38.72
CA PHE D 215 57.29 -45.38 38.20
C PHE D 215 58.23 -45.63 37.04
N ALA D 216 58.15 -44.73 36.06
CA ALA D 216 58.99 -44.82 34.88
C ALA D 216 59.26 -43.45 34.28
N LEU D 217 60.20 -43.39 33.31
CA LEU D 217 60.42 -42.06 32.66
C LEU D 217 59.60 -41.87 31.43
N ASN D 218 59.09 -42.93 30.87
CA ASN D 218 58.38 -42.85 29.63
C ASN D 218 57.27 -43.87 29.53
N LEU D 219 56.31 -43.66 28.62
CA LEU D 219 55.19 -44.59 28.44
C LEU D 219 55.61 -46.02 28.12
N SER D 220 56.55 -46.20 27.18
CA SER D 220 57.04 -47.52 26.75
C SER D 220 57.46 -48.44 27.91
N ASP D 221 58.16 -47.88 28.89
CA ASP D 221 58.76 -48.70 29.95
C ASP D 221 57.68 -49.06 30.96
N ALA D 222 56.83 -48.10 31.29
CA ALA D 222 55.64 -48.37 32.08
C ALA D 222 54.77 -49.50 31.50
N GLU D 223 54.58 -49.47 30.17
CA GLU D 223 53.90 -50.55 29.45
C GLU D 223 54.61 -51.87 29.59
N ILE D 224 55.91 -51.90 29.33
CA ILE D 224 56.62 -53.17 29.46
C ILE D 224 56.47 -53.71 30.87
N ALA D 225 56.63 -52.83 31.86
CA ALA D 225 56.48 -53.21 33.27
C ALA D 225 55.09 -53.71 33.61
N PHE D 226 54.08 -53.03 33.08
CA PHE D 226 52.71 -53.47 33.23
C PHE D 226 52.47 -54.88 32.68
N LYS D 227 52.90 -55.13 31.46
CA LYS D 227 52.69 -56.43 30.84
C LYS D 227 53.30 -57.59 31.63
N VAL D 228 54.52 -57.36 32.14
CA VAL D 228 55.18 -58.34 32.98
C VAL D 228 54.39 -58.68 34.26
N MET D 229 53.92 -57.65 34.97
CA MET D 229 53.34 -57.96 36.29
C MET D 229 51.84 -58.19 36.29
N ASN D 230 51.16 -57.91 35.16
CA ASN D 230 49.72 -58.09 35.15
C ASN D 230 49.40 -59.57 34.97
N LYS D 231 49.33 -60.28 36.10
CA LYS D 231 49.27 -61.73 36.09
C LYS D 231 48.46 -62.15 37.33
N PRO D 232 47.57 -63.15 37.16
CA PRO D 232 46.75 -63.62 38.29
C PRO D 232 47.57 -64.43 39.28
N ASP D 233 47.03 -64.57 40.48
CA ASP D 233 47.72 -65.18 41.58
C ASP D 233 46.65 -65.44 42.63
N LEU D 234 45.58 -66.09 42.20
CA LEU D 234 44.30 -66.13 42.90
C LEU D 234 44.45 -66.79 44.24
N LEU D 235 45.20 -67.88 44.27
CA LEU D 235 45.27 -68.71 45.45
C LEU D 235 46.22 -68.20 46.53
N GLU D 236 46.99 -67.15 46.23
CA GLU D 236 47.96 -66.64 47.21
C GLU D 236 47.71 -65.18 47.57
N ASP D 237 46.83 -64.53 46.82
CA ASP D 237 46.47 -63.14 47.09
C ASP D 237 44.96 -63.07 46.98
N GLU D 238 44.28 -62.87 48.12
CA GLU D 238 42.83 -62.93 48.15
C GLU D 238 42.18 -61.84 47.28
N TYR D 239 42.94 -60.80 46.95
CA TYR D 239 42.40 -59.75 46.08
C TYR D 239 42.93 -59.78 44.66
N SER D 240 43.57 -60.87 44.26
CA SER D 240 44.11 -60.97 42.91
C SER D 240 42.89 -61.17 42.03
N ARG D 241 42.89 -60.56 40.85
CA ARG D 241 41.89 -60.89 39.85
C ARG D 241 42.33 -60.78 38.40
N GLU D 242 41.99 -61.80 37.62
CA GLU D 242 42.48 -61.94 36.25
C GLU D 242 41.89 -60.87 35.34
N PHE D 243 42.74 -60.29 34.51
CA PHE D 243 42.33 -59.30 33.53
C PHE D 243 41.44 -60.07 32.55
N PRO D 244 40.37 -59.45 32.01
CA PRO D 244 39.60 -60.29 31.09
C PRO D 244 40.23 -60.25 29.70
N LYS D 245 39.73 -61.06 28.77
CA LYS D 245 40.22 -61.03 27.39
C LYS D 245 39.72 -59.80 26.65
N ASN D 246 40.44 -59.48 25.59
CA ASN D 246 40.18 -58.30 24.77
C ASN D 246 40.20 -56.97 25.53
N PRO D 247 41.24 -56.74 26.36
CA PRO D 247 41.33 -55.42 27.01
C PRO D 247 41.34 -54.32 25.96
N ILE D 248 40.60 -53.22 26.24
CA ILE D 248 40.59 -52.10 25.31
C ILE D 248 41.97 -51.59 25.24
N SER D 249 42.28 -51.06 24.09
CA SER D 249 43.63 -50.58 23.87
C SER D 249 43.71 -49.09 23.49
N GLN D 250 42.58 -48.60 23.06
CA GLN D 250 42.40 -47.20 22.67
C GLN D 250 41.02 -46.65 23.00
N TYR D 251 41.00 -45.47 23.59
CA TYR D 251 39.77 -44.68 23.64
C TYR D 251 39.50 -44.13 22.26
N PRO D 252 38.23 -43.83 21.97
CA PRO D 252 37.98 -43.17 20.69
C PRO D 252 38.56 -41.79 20.71
N LYS D 253 38.86 -41.30 19.51
CA LYS D 253 39.32 -39.96 19.30
C LYS D 253 38.20 -39.11 20.02
N ASP D 254 36.93 -39.61 20.05
CA ASP D 254 35.78 -38.96 20.64
C ASP D 254 35.61 -38.96 22.15
N LEU D 255 36.44 -39.63 22.92
CA LEU D 255 36.01 -39.99 24.28
C LEU D 255 35.55 -38.81 25.12
N THR D 256 34.71 -39.15 26.07
CA THR D 256 34.18 -38.18 27.03
C THR D 256 35.15 -38.13 28.20
N ILE D 257 35.81 -36.98 28.37
CA ILE D 257 36.64 -36.75 29.56
C ILE D 257 35.97 -35.81 30.55
N ALA D 258 35.63 -36.31 31.74
CA ALA D 258 35.11 -35.46 32.84
C ALA D 258 36.18 -34.73 33.66
N ILE D 259 35.90 -33.46 33.98
CA ILE D 259 36.72 -32.67 34.92
C ILE D 259 35.80 -32.13 36.01
N PRO D 260 36.38 -31.75 37.15
CA PRO D 260 35.50 -31.33 38.26
C PRO D 260 34.94 -29.92 38.11
N LYS D 261 33.70 -29.75 38.57
CA LYS D 261 33.03 -28.45 38.58
C LYS D 261 33.79 -27.54 39.55
N GLU D 262 34.22 -28.12 40.67
CA GLU D 262 34.95 -27.41 41.73
C GLU D 262 36.31 -28.00 41.96
N VAL D 263 37.29 -27.15 41.71
CA VAL D 263 38.71 -27.46 41.84
C VAL D 263 39.38 -26.60 42.91
N PRO D 264 39.40 -27.09 44.17
CA PRO D 264 40.04 -26.29 45.24
C PRO D 264 41.56 -26.33 45.12
N TRP D 265 42.22 -25.18 45.28
CA TRP D 265 43.69 -25.14 45.22
C TRP D 265 44.39 -24.77 46.51
N PHE D 266 43.62 -24.39 47.52
CA PHE D 266 44.16 -24.08 48.86
C PHE D 266 45.28 -23.05 48.79
N GLY D 267 45.04 -21.97 48.06
CA GLY D 267 45.99 -20.87 47.99
C GLY D 267 47.03 -20.96 46.89
N GLU D 268 47.25 -22.17 46.37
CA GLU D 268 48.28 -22.38 45.36
C GLU D 268 47.91 -21.67 44.07
N THR D 269 48.89 -20.94 43.52
CA THR D 269 48.66 -20.04 42.40
C THR D 269 49.26 -20.57 41.10
N GLU D 270 50.30 -21.41 41.23
CA GLU D 270 51.03 -21.80 40.04
C GLU D 270 50.41 -22.99 39.32
N ASN D 271 50.21 -24.09 40.07
CA ASN D 271 49.61 -25.33 39.56
C ASN D 271 48.29 -25.22 38.78
N PRO D 272 47.34 -24.36 39.22
CA PRO D 272 46.15 -24.13 38.39
C PRO D 272 46.46 -23.82 36.91
N LYS D 273 47.60 -23.18 36.62
CA LYS D 273 47.91 -22.76 35.25
C LYS D 273 48.17 -23.95 34.35
N LEU D 274 48.88 -24.93 34.91
CA LEU D 274 49.25 -26.16 34.24
C LEU D 274 48.03 -27.01 33.99
N TYR D 275 47.09 -26.98 34.93
CA TYR D 275 45.89 -27.80 34.83
C TYR D 275 45.05 -27.29 33.69
N THR D 276 44.70 -25.99 33.76
CA THR D 276 44.09 -25.26 32.65
C THR D 276 44.75 -25.58 31.30
N LYS D 277 46.09 -25.58 31.25
CA LYS D 277 46.76 -25.78 29.97
C LYS D 277 46.57 -27.21 29.51
N ALA D 278 46.64 -28.11 30.47
CA ALA D 278 46.47 -29.53 30.25
C ALA D 278 45.09 -29.90 29.71
N VAL D 279 44.07 -29.23 30.22
CA VAL D 279 42.69 -29.44 29.78
C VAL D 279 42.49 -28.94 28.35
N ALA D 280 43.11 -27.79 28.07
CA ALA D 280 43.15 -27.24 26.73
C ALA D 280 43.77 -28.25 25.77
N SER D 281 44.89 -28.85 26.19
CA SER D 281 45.55 -29.86 25.39
C SER D 281 44.67 -31.07 25.14
N LEU D 282 44.01 -31.57 26.17
CA LEU D 282 43.05 -32.65 25.96
C LEU D 282 41.96 -32.28 24.97
N LYS D 283 41.31 -31.12 25.15
CA LYS D 283 40.31 -30.67 24.17
C LYS D 283 40.82 -30.77 22.75
N ASN D 284 42.04 -30.29 22.56
CA ASN D 284 42.68 -30.26 21.26
C ASN D 284 43.03 -31.60 20.65
N THR D 285 42.93 -32.69 21.41
CA THR D 285 43.12 -34.04 20.83
C THR D 285 41.87 -34.54 20.13
N GLY D 286 40.79 -33.79 20.30
CA GLY D 286 39.45 -34.10 19.82
C GLY D 286 38.54 -34.67 20.89
N ALA D 287 39.04 -34.81 22.12
CA ALA D 287 38.21 -35.32 23.22
C ALA D 287 37.06 -34.36 23.58
N LYS D 288 35.90 -34.89 23.95
CA LYS D 288 34.84 -34.08 24.52
C LYS D 288 34.99 -33.93 26.05
N ILE D 289 35.16 -32.69 26.50
CA ILE D 289 35.26 -32.35 27.92
C ILE D 289 33.92 -31.89 28.51
N VAL D 290 33.53 -32.52 29.61
CA VAL D 290 32.26 -32.26 30.29
C VAL D 290 32.65 -31.94 31.71
N VAL D 291 31.99 -30.93 32.25
CA VAL D 291 32.25 -30.42 33.58
C VAL D 291 31.20 -31.10 34.41
N VAL D 292 31.65 -31.70 35.50
CA VAL D 292 30.85 -32.68 36.21
C VAL D 292 30.97 -32.48 37.72
N ASP D 293 29.91 -32.69 38.48
CA ASP D 293 30.03 -32.48 39.91
C ASP D 293 30.76 -33.60 40.60
N PHE D 294 31.94 -33.33 41.16
CA PHE D 294 32.62 -34.43 41.81
C PHE D 294 32.27 -34.64 43.27
N GLU D 295 31.23 -33.98 43.78
CA GLU D 295 30.85 -34.19 45.18
C GLU D 295 30.85 -35.64 45.68
N PRO D 296 30.01 -36.51 45.07
CA PRO D 296 29.96 -37.89 45.55
C PRO D 296 31.35 -38.51 45.59
N LEU D 297 32.20 -38.21 44.62
CA LEU D 297 33.55 -38.78 44.65
C LEU D 297 34.39 -38.23 45.80
N LEU D 298 34.21 -36.96 46.15
CA LEU D 298 34.97 -36.40 47.26
C LEU D 298 34.36 -36.92 48.57
N GLU D 299 33.05 -37.13 48.53
CA GLU D 299 32.33 -37.81 49.61
C GLU D 299 32.91 -39.19 49.86
N LEU D 300 33.20 -39.92 48.78
CA LEU D 300 33.85 -41.24 48.86
C LEU D 300 35.26 -41.12 49.44
N ALA D 301 36.01 -40.14 48.96
CA ALA D 301 37.37 -39.84 49.44
C ALA D 301 37.47 -39.55 50.95
N ARG D 302 36.55 -38.76 51.49
CA ARG D 302 36.60 -38.44 52.92
C ARG D 302 36.41 -39.71 53.81
N CYS D 303 35.62 -40.67 53.30
CA CYS D 303 35.33 -41.96 53.96
C CYS D 303 36.61 -42.73 54.22
N LEU D 304 37.55 -42.65 53.31
CA LEU D 304 38.81 -43.33 53.51
C LEU D 304 39.35 -42.68 54.81
N TYR D 305 39.35 -41.35 54.88
CA TYR D 305 39.90 -40.59 56.03
C TYR D 305 39.15 -40.52 57.37
N GLU D 306 37.85 -40.25 57.32
CA GLU D 306 37.00 -40.16 58.50
C GLU D 306 36.58 -41.55 58.97
N GLY D 307 36.57 -42.45 57.99
CA GLY D 307 35.92 -43.74 58.09
C GLY D 307 36.75 -44.81 58.75
N ALA D 308 36.39 -46.06 58.57
CA ALA D 308 37.17 -47.04 59.29
C ALA D 308 38.25 -47.80 58.52
N TRP D 309 38.51 -47.41 57.28
CA TRP D 309 39.59 -48.02 56.50
C TRP D 309 40.93 -47.89 57.18
N VAL D 310 41.07 -46.86 58.00
CA VAL D 310 42.26 -46.71 58.82
C VAL D 310 42.50 -47.98 59.68
N ALA D 311 41.44 -48.71 59.96
CA ALA D 311 41.49 -49.96 60.75
C ALA D 311 42.17 -51.11 59.98
N GLU D 312 42.28 -50.99 58.65
CA GLU D 312 43.02 -51.96 57.84
C GLU D 312 44.50 -51.86 58.19
N ARG D 313 45.05 -50.63 58.27
CA ARG D 313 46.43 -50.50 58.76
C ARG D 313 46.61 -51.01 60.15
N TYR D 314 45.68 -50.70 61.04
CA TYR D 314 45.82 -51.22 62.39
C TYR D 314 45.78 -52.75 62.38
N CYS D 315 44.97 -53.34 61.50
CA CYS D 315 44.85 -54.78 61.44
C CYS D 315 46.15 -55.39 60.97
N ALA D 316 46.76 -54.72 60.02
CA ALA D 316 48.03 -55.14 59.45
C ALA D 316 49.22 -54.85 60.35
N THR D 317 49.04 -53.99 61.34
CA THR D 317 50.19 -53.59 62.13
C THR D 317 50.14 -53.78 63.69
N ARG D 318 48.97 -54.16 64.25
CA ARG D 318 48.73 -54.18 65.72
C ARG D 318 49.53 -55.20 66.55
N ASP D 319 49.70 -56.42 66.03
CA ASP D 319 50.50 -57.43 66.73
C ASP D 319 51.88 -56.94 67.01
N PHE D 320 52.44 -56.23 66.04
CA PHE D 320 53.76 -55.65 66.15
C PHE D 320 53.80 -54.49 67.14
N LEU D 321 52.80 -53.62 67.05
CA LEU D 321 52.78 -52.43 67.88
C LEU D 321 52.67 -52.81 69.35
N ALA D 322 52.04 -53.94 69.62
CA ALA D 322 51.80 -54.40 70.98
C ALA D 322 53.05 -54.97 71.63
N THR D 323 54.13 -55.08 70.86
CA THR D 323 55.47 -55.37 71.38
C THR D 323 56.19 -54.10 71.91
N ASN D 324 55.51 -52.96 71.79
CA ASN D 324 56.05 -51.62 72.09
C ASN D 324 57.51 -51.45 71.68
N PRO D 325 57.77 -51.39 70.37
CA PRO D 325 59.15 -51.32 69.92
C PRO D 325 59.68 -49.90 70.21
N PRO D 326 61.00 -49.71 70.15
CA PRO D 326 61.66 -48.45 70.50
C PRO D 326 60.93 -47.25 69.87
N GLU D 327 60.64 -46.22 70.67
CA GLU D 327 59.95 -45.03 70.18
C GLU D 327 60.65 -44.43 68.99
N SER D 328 61.98 -44.60 68.93
CA SER D 328 62.75 -43.94 67.88
C SER D 328 62.73 -44.66 66.55
N SER D 329 62.42 -45.96 66.53
CA SER D 329 62.19 -46.69 65.28
C SER D 329 60.87 -46.25 64.63
N LEU D 330 60.02 -45.64 65.46
CA LEU D 330 58.67 -45.28 65.05
C LEU D 330 58.52 -43.81 64.64
N ASP D 331 57.62 -43.57 63.70
CA ASP D 331 57.26 -42.22 63.31
C ASP D 331 55.94 -41.88 64.02
N GLU D 332 55.94 -40.78 64.77
CA GLU D 332 54.86 -40.52 65.70
C GLU D 332 53.58 -40.16 64.97
N THR D 333 53.69 -39.52 63.81
CA THR D 333 52.53 -39.13 63.03
C THR D 333 51.77 -40.32 62.49
N VAL D 334 52.52 -41.22 61.87
CA VAL D 334 52.03 -42.49 61.36
C VAL D 334 51.35 -43.34 62.44
N VAL D 335 52.10 -43.66 63.50
CA VAL D 335 51.57 -44.52 64.56
C VAL D 335 50.29 -43.99 65.18
N ASN D 336 50.22 -42.67 65.41
CA ASN D 336 48.98 -42.06 65.90
C ASN D 336 47.84 -42.16 64.91
N ILE D 337 48.11 -41.99 63.62
CA ILE D 337 47.07 -42.16 62.61
C ILE D 337 46.57 -43.58 62.78
N ILE D 338 47.49 -44.54 62.69
CA ILE D 338 47.14 -45.94 62.84
C ILE D 338 46.40 -46.37 64.16
N LYS D 339 46.67 -45.69 65.27
CA LYS D 339 46.08 -46.08 66.58
C LYS D 339 44.67 -45.50 66.73
N GLY D 340 44.40 -44.51 65.90
CA GLY D 340 43.07 -43.99 65.65
C GLY D 340 41.99 -44.99 65.30
N ALA D 341 42.42 -46.16 64.84
CA ALA D 341 41.57 -47.29 64.47
C ALA D 341 40.86 -47.94 65.63
N VAL D 342 41.43 -47.81 66.82
CA VAL D 342 40.89 -48.34 68.07
C VAL D 342 39.47 -47.80 68.30
N LYS D 343 39.21 -46.58 67.83
CA LYS D 343 37.90 -45.90 67.95
C LYS D 343 36.74 -46.41 67.08
N PHE D 344 36.94 -47.53 66.43
CA PHE D 344 35.97 -48.14 65.52
C PHE D 344 35.46 -49.55 65.87
N ASP D 345 34.13 -49.72 65.95
CA ASP D 345 33.64 -51.07 66.15
C ASP D 345 33.58 -51.80 64.83
N ALA D 346 33.33 -53.09 64.95
CA ALA D 346 33.00 -53.93 63.84
C ALA D 346 31.80 -53.30 63.14
N ALA D 347 30.81 -53.04 64.01
CA ALA D 347 29.58 -52.31 63.72
C ALA D 347 29.86 -51.01 63.03
N ASP D 348 30.86 -50.28 63.50
CA ASP D 348 31.21 -49.01 62.85
C ASP D 348 31.67 -49.28 61.43
N ALA D 349 32.51 -50.30 61.26
CA ALA D 349 33.14 -50.59 59.97
C ALA D 349 32.08 -50.85 58.91
N PHE D 350 31.09 -51.65 59.29
CA PHE D 350 29.93 -51.90 58.47
C PHE D 350 29.17 -50.61 58.18
N LYS D 351 28.90 -49.81 59.20
CA LYS D 351 28.16 -48.59 58.99
C LYS D 351 28.82 -47.80 57.84
N PHE D 352 30.14 -47.85 57.78
CA PHE D 352 30.88 -47.06 56.79
C PHE D 352 30.90 -47.80 55.45
N GLU D 353 30.92 -49.13 55.50
CA GLU D 353 30.82 -49.90 54.27
C GLU D 353 29.50 -49.63 53.55
N TYR D 354 28.43 -49.51 54.33
CA TYR D 354 27.11 -49.15 53.80
C TYR D 354 27.15 -47.84 53.06
N LYS D 355 27.65 -46.81 53.73
CA LYS D 355 27.71 -45.47 53.15
C LYS D 355 28.55 -45.51 51.89
N ARG D 356 29.64 -46.26 51.92
CA ARG D 356 30.46 -46.47 50.72
C ARG D 356 29.70 -47.04 49.52
N GLN D 357 28.97 -48.14 49.74
CA GLN D 357 28.08 -48.72 48.72
C GLN D 357 27.02 -47.72 48.22
N GLY D 358 26.50 -46.88 49.11
CA GLY D 358 25.52 -45.89 48.68
C GLY D 358 26.14 -44.87 47.75
N ILE D 359 27.36 -44.41 48.05
CA ILE D 359 28.03 -43.47 47.18
C ILE D 359 28.36 -44.10 45.84
N LEU D 360 28.84 -45.34 45.87
CA LEU D 360 29.18 -46.02 44.63
C LEU D 360 27.99 -46.17 43.68
N GLN D 361 26.79 -46.40 44.21
CA GLN D 361 25.59 -46.38 43.38
C GLN D 361 25.55 -45.10 42.58
N LYS D 362 25.83 -43.99 43.27
CA LYS D 362 25.76 -42.69 42.63
C LYS D 362 26.91 -42.51 41.66
N VAL D 363 28.09 -42.91 42.10
CA VAL D 363 29.28 -42.85 41.27
C VAL D 363 29.19 -43.73 40.03
N ASN D 364 28.65 -44.94 40.15
CA ASN D 364 28.58 -45.75 38.95
C ASN D 364 27.54 -45.22 37.96
N LEU D 365 26.50 -44.52 38.42
CA LEU D 365 25.53 -43.91 37.49
C LEU D 365 26.11 -42.71 36.77
N LEU D 366 26.80 -41.90 37.57
CA LEU D 366 27.54 -40.74 37.12
C LEU D 366 28.55 -41.16 36.05
N LEU D 367 29.23 -42.32 36.23
CA LEU D 367 30.31 -42.68 35.31
C LEU D 367 29.92 -43.41 34.02
N LYS D 368 28.67 -43.86 33.97
CA LYS D 368 28.07 -44.64 32.89
C LYS D 368 28.32 -43.85 31.62
N ASP D 369 28.22 -42.52 31.72
CA ASP D 369 28.36 -41.75 30.52
C ASP D 369 29.70 -41.03 30.38
N ILE D 370 30.68 -41.54 31.09
CA ILE D 370 32.02 -40.98 31.09
C ILE D 370 33.08 -42.05 30.73
N ASP D 371 34.13 -41.69 29.97
CA ASP D 371 35.18 -42.65 29.65
C ASP D 371 36.30 -42.51 30.63
N VAL D 372 36.63 -41.26 30.95
CA VAL D 372 37.82 -40.93 31.75
C VAL D 372 37.58 -39.70 32.64
N LEU D 373 38.16 -39.72 33.83
CA LEU D 373 38.24 -38.51 34.63
C LEU D 373 39.61 -37.89 34.46
N CYS D 374 39.67 -36.56 34.32
CA CYS D 374 40.95 -35.85 34.34
C CYS D 374 41.06 -34.84 35.47
N VAL D 375 42.08 -35.09 36.28
CA VAL D 375 42.24 -34.52 37.61
C VAL D 375 43.67 -33.97 37.85
N PRO D 376 43.81 -32.86 38.59
CA PRO D 376 45.16 -32.46 38.97
C PRO D 376 45.71 -33.59 39.84
N THR D 377 46.96 -33.97 39.67
CA THR D 377 47.50 -35.07 40.45
C THR D 377 47.46 -34.76 41.94
N CYS D 378 47.88 -33.55 42.27
CA CYS D 378 47.88 -33.07 43.64
C CYS D 378 47.82 -31.57 43.51
N PRO D 379 47.21 -30.89 44.50
CA PRO D 379 47.19 -29.42 44.43
C PRO D 379 48.53 -28.70 44.68
N LEU D 380 49.45 -29.28 45.47
CA LEU D 380 50.65 -28.55 45.86
C LEU D 380 52.01 -29.15 45.47
N ASN D 381 53.03 -28.30 45.43
CA ASN D 381 54.44 -28.72 45.51
C ASN D 381 55.05 -28.28 46.84
N PRO D 382 54.78 -29.06 47.91
CA PRO D 382 55.14 -28.69 49.28
C PRO D 382 56.60 -28.74 49.72
N LYS D 383 56.95 -27.65 50.39
CA LYS D 383 58.28 -27.41 50.94
C LYS D 383 58.56 -28.38 52.09
N LEU D 384 59.77 -28.91 52.22
CA LEU D 384 60.08 -29.72 53.41
C LEU D 384 59.63 -28.98 54.69
N GLU D 385 59.86 -27.66 54.71
CA GLU D 385 59.53 -26.82 55.86
C GLU D 385 58.02 -26.65 56.05
N GLU D 386 57.28 -26.68 54.96
CA GLU D 386 55.80 -26.58 54.96
C GLU D 386 55.24 -27.77 55.66
N VAL D 387 55.88 -28.92 55.43
CA VAL D 387 55.43 -30.18 56.02
C VAL D 387 55.94 -30.40 57.44
N ALA D 388 57.01 -29.73 57.84
CA ALA D 388 57.38 -29.77 59.26
C ALA D 388 56.38 -29.05 60.16
N GLN D 389 55.92 -27.93 59.65
CA GLN D 389 54.97 -27.08 60.29
C GLN D 389 53.59 -27.75 60.32
N GLU D 390 53.16 -28.33 59.20
CA GLU D 390 51.84 -28.87 59.15
C GLU D 390 51.94 -30.33 58.78
N PRO D 391 52.23 -31.21 59.76
CA PRO D 391 52.56 -32.57 59.35
C PRO D 391 51.35 -33.46 58.95
N VAL D 392 50.16 -32.86 59.03
CA VAL D 392 48.90 -33.56 58.69
C VAL D 392 48.09 -32.76 57.67
N LEU D 393 48.00 -31.47 57.88
CA LEU D 393 47.13 -30.67 57.01
C LEU D 393 47.71 -30.64 55.52
N VAL D 394 49.03 -30.69 55.34
CA VAL D 394 49.59 -30.71 53.94
C VAL D 394 49.33 -32.06 53.24
N ASN D 395 49.58 -33.15 53.98
CA ASN D 395 49.23 -34.51 53.55
C ASN D 395 47.79 -34.73 53.04
N SER D 396 46.83 -34.34 53.87
CA SER D 396 45.42 -34.51 53.57
C SER D 396 45.13 -33.76 52.26
N ARG D 397 45.63 -32.52 52.11
CA ARG D 397 45.33 -31.69 50.91
C ARG D 397 45.96 -32.30 49.70
N GLN D 398 47.06 -32.99 49.87
CA GLN D 398 47.70 -33.58 48.71
C GLN D 398 46.90 -34.80 48.25
N GLY D 399 46.00 -35.28 49.12
CA GLY D 399 45.12 -36.37 48.74
C GLY D 399 43.70 -36.06 48.29
N THR D 400 43.42 -34.79 47.98
CA THR D 400 42.09 -34.36 47.58
C THR D 400 41.64 -35.17 46.34
N TRP D 401 42.52 -35.34 45.36
CA TRP D 401 42.14 -35.99 44.10
C TRP D 401 42.52 -37.45 43.94
N THR D 402 43.11 -38.08 44.95
CA THR D 402 43.65 -39.44 44.79
C THR D 402 42.90 -40.52 45.59
N ASN D 403 42.29 -40.09 46.69
CA ASN D 403 41.74 -40.97 47.71
C ASN D 403 40.52 -41.82 47.31
N PHE D 404 39.80 -41.43 46.27
CA PHE D 404 38.60 -42.18 45.92
C PHE D 404 38.82 -43.25 44.86
N VAL D 405 40.01 -43.33 44.27
CA VAL D 405 40.23 -44.22 43.12
C VAL D 405 40.09 -45.70 43.45
N ASN D 406 40.90 -46.19 44.37
CA ASN D 406 40.77 -47.58 44.82
C ASN D 406 39.47 -47.97 45.47
N LEU D 407 38.83 -47.06 46.20
CA LEU D 407 37.56 -47.40 46.83
C LEU D 407 36.51 -47.62 45.75
N ALA D 408 36.75 -47.02 44.60
CA ALA D 408 35.80 -47.01 43.52
C ALA D 408 36.16 -48.00 42.43
N ASP D 409 37.17 -48.80 42.71
CA ASP D 409 37.65 -49.80 41.76
C ASP D 409 38.00 -49.18 40.41
N LEU D 410 38.76 -48.09 40.41
CA LEU D 410 39.15 -47.42 39.17
C LEU D 410 40.63 -47.62 38.82
N ALA D 411 41.03 -47.33 37.58
CA ALA D 411 42.45 -47.31 37.27
C ALA D 411 42.92 -45.90 36.98
N ALA D 412 44.25 -45.75 36.89
CA ALA D 412 44.81 -44.42 36.93
C ALA D 412 46.24 -44.31 36.45
N LEU D 413 46.55 -43.17 35.84
CA LEU D 413 47.87 -42.96 35.27
C LEU D 413 48.21 -41.49 35.52
N ALA D 414 49.25 -41.27 36.31
CA ALA D 414 49.77 -39.94 36.62
C ALA D 414 50.88 -39.59 35.63
N VAL D 415 50.73 -38.42 35.00
CA VAL D 415 51.48 -38.10 33.80
C VAL D 415 51.86 -36.60 33.84
N PRO D 416 53.09 -36.25 33.44
CA PRO D 416 53.53 -34.85 33.51
C PRO D 416 52.66 -33.91 32.69
N SER D 417 52.50 -32.66 33.14
CA SER D 417 51.82 -31.61 32.35
C SER D 417 52.69 -30.39 32.11
N GLY D 418 53.91 -30.40 32.64
CA GLY D 418 54.84 -29.31 32.45
C GLY D 418 55.42 -28.73 33.74
N PHE D 419 55.93 -27.50 33.65
CA PHE D 419 56.68 -26.84 34.70
C PHE D 419 56.07 -25.47 35.10
N ARG D 420 56.15 -25.13 36.38
CA ARG D 420 55.72 -23.81 36.80
C ARG D 420 56.87 -22.88 36.38
N SER D 421 56.64 -21.57 36.49
CA SER D 421 57.62 -20.52 36.26
C SER D 421 58.84 -20.99 37.05
N ASP D 422 58.54 -21.66 38.17
CA ASP D 422 59.48 -22.02 39.21
C ASP D 422 60.31 -23.24 39.02
N GLY D 423 60.23 -23.77 37.83
CA GLY D 423 61.03 -24.88 37.42
C GLY D 423 60.72 -26.16 38.13
N LEU D 424 59.70 -26.21 39.00
CA LEU D 424 59.16 -27.45 39.52
C LEU D 424 58.13 -28.05 38.63
N PRO D 425 58.01 -29.38 38.65
CA PRO D 425 57.00 -29.96 37.78
C PRO D 425 55.66 -30.19 38.47
N ASN D 426 54.62 -30.41 37.67
CA ASN D 426 53.41 -31.08 38.13
C ASN D 426 52.76 -31.79 36.97
N GLY D 427 51.54 -32.23 37.15
CA GLY D 427 50.91 -32.92 36.07
C GLY D 427 49.50 -33.35 36.35
N ILE D 428 49.04 -34.22 35.47
CA ILE D 428 47.68 -34.62 35.50
C ILE D 428 47.69 -36.14 35.78
N THR D 429 46.68 -36.68 36.46
CA THR D 429 46.39 -38.12 36.44
C THR D 429 45.09 -38.38 35.70
N LEU D 430 45.13 -39.38 34.83
CA LEU D 430 43.99 -39.80 34.01
C LEU D 430 43.43 -41.07 34.61
N ILE D 431 42.13 -41.01 34.92
CA ILE D 431 41.45 -42.09 35.60
C ILE D 431 40.42 -42.79 34.72
N GLY D 432 40.57 -44.10 34.52
CA GLY D 432 39.66 -44.86 33.68
C GLY D 432 39.03 -45.97 34.50
N LYS D 433 37.98 -46.62 34.00
CA LYS D 433 37.41 -47.69 34.81
C LYS D 433 38.32 -48.92 34.73
N LYS D 434 38.14 -49.86 35.65
CA LYS D 434 38.76 -51.20 35.64
C LYS D 434 39.10 -51.76 34.25
N PHE D 435 40.36 -52.16 34.08
CA PHE D 435 40.94 -52.80 32.89
C PHE D 435 41.13 -51.85 31.69
N SER D 436 41.14 -50.56 31.98
CA SER D 436 41.39 -49.58 30.91
C SER D 436 42.87 -49.20 30.80
N ASP D 437 43.72 -49.90 31.55
CA ASP D 437 45.11 -49.48 31.71
C ASP D 437 45.86 -49.24 30.40
N TYR D 438 45.65 -50.09 29.41
CA TYR D 438 46.27 -49.90 28.09
C TYR D 438 45.75 -48.66 27.41
N ALA D 439 44.46 -48.42 27.50
CA ALA D 439 43.91 -47.23 26.87
C ALA D 439 44.33 -45.94 27.58
N LEU D 440 44.45 -45.97 28.90
CA LEU D 440 44.99 -44.81 29.60
C LEU D 440 46.37 -44.49 29.05
N LEU D 441 47.21 -45.52 28.87
CA LEU D 441 48.58 -45.30 28.39
C LEU D 441 48.49 -44.59 27.07
N ASP D 442 47.61 -45.08 26.19
CA ASP D 442 47.48 -44.56 24.84
C ASP D 442 46.95 -43.14 24.89
N LEU D 443 46.08 -42.86 25.86
CA LEU D 443 45.48 -41.53 25.96
C LEU D 443 46.57 -40.53 26.36
N ALA D 444 47.50 -40.98 27.21
CA ALA D 444 48.67 -40.19 27.59
C ALA D 444 49.52 -39.85 26.37
N LYS D 445 49.76 -40.85 25.53
CA LYS D 445 50.54 -40.76 24.32
C LYS D 445 49.95 -39.62 23.50
N ARG D 446 48.63 -39.62 23.38
CA ARG D 446 47.88 -38.65 22.58
C ARG D 446 47.93 -37.25 23.16
N PHE D 447 47.70 -37.19 24.46
CA PHE D 447 47.89 -35.99 25.28
C PHE D 447 49.26 -35.39 25.10
N PHE D 448 50.30 -36.21 25.19
CA PHE D 448 51.69 -35.75 25.04
C PHE D 448 51.93 -35.04 23.71
N SER D 449 51.47 -35.65 22.62
CA SER D 449 51.74 -35.13 21.28
C SER D 449 51.15 -33.75 21.04
N VAL D 450 50.14 -33.37 21.83
CA VAL D 450 49.65 -31.98 21.81
C VAL D 450 50.33 -31.08 22.84
N ALA D 451 50.42 -31.55 24.09
CA ALA D 451 51.00 -30.75 25.18
C ALA D 451 52.51 -30.55 25.05
N PHE D 452 53.18 -31.49 24.39
CA PHE D 452 54.63 -31.43 24.21
C PHE D 452 55.00 -31.60 22.74
N PRO D 453 54.54 -30.68 21.87
CA PRO D 453 54.72 -30.87 20.42
C PRO D 453 56.17 -30.88 19.94
N ASN D 454 56.38 -31.49 18.77
CA ASN D 454 57.67 -31.49 18.09
C ASN D 454 58.71 -32.22 18.92
N ASN D 455 58.32 -33.34 19.51
CA ASN D 455 59.20 -34.11 20.39
C ASN D 455 59.85 -33.31 21.52
N SER D 456 59.12 -32.41 22.16
CA SER D 456 59.77 -31.66 23.23
C SER D 456 59.46 -32.11 24.66
N ARG D 457 59.26 -33.41 24.89
CA ARG D 457 58.90 -33.83 26.25
C ARG D 457 60.12 -34.19 27.09
N THR D 458 60.07 -33.73 28.33
CA THR D 458 61.17 -33.77 29.26
C THR D 458 60.88 -35.03 30.11
N TYR D 459 61.88 -35.53 30.85
CA TYR D 459 61.57 -36.61 31.79
C TYR D 459 62.52 -36.58 32.95
N GLY D 460 61.98 -36.90 34.12
CA GLY D 460 62.72 -36.83 35.36
C GLY D 460 63.34 -35.46 35.53
N LYS D 461 64.52 -35.45 36.14
CA LYS D 461 65.35 -34.26 36.29
C LYS D 461 66.00 -33.82 34.98
N PHE D 462 65.86 -34.64 33.93
CA PHE D 462 66.59 -34.41 32.68
C PHE D 462 65.94 -33.39 31.75
N VAL D 463 65.94 -32.18 32.26
CA VAL D 463 65.32 -30.98 31.70
C VAL D 463 65.93 -30.60 30.34
N ASP D 464 67.05 -31.22 29.97
CA ASP D 464 67.72 -30.93 28.70
C ASP D 464 67.83 -32.14 27.80
N ARG D 465 67.11 -33.21 28.14
CA ARG D 465 66.87 -34.26 27.17
C ARG D 465 65.43 -34.24 26.67
N ARG D 466 65.22 -34.90 25.53
CA ARG D 466 63.90 -34.94 24.92
C ARG D 466 63.44 -36.37 24.61
N ILE D 467 62.16 -36.67 24.84
CA ILE D 467 61.57 -37.94 24.44
C ILE D 467 61.55 -38.00 22.93
N THR D 468 62.11 -39.04 22.36
CA THR D 468 61.97 -39.27 20.93
C THR D 468 60.95 -40.40 20.60
N VAL D 469 61.27 -41.64 20.96
CA VAL D 469 60.61 -42.86 20.47
C VAL D 469 59.99 -43.59 21.67
N GLU D 470 60.45 -43.16 22.86
CA GLU D 470 60.19 -43.86 24.11
C GLU D 470 58.81 -43.76 24.64
N ASP D 471 58.02 -42.86 24.08
CA ASP D 471 56.63 -42.80 24.50
C ASP D 471 55.70 -43.64 23.60
N GLU D 472 56.20 -44.27 22.53
CA GLU D 472 55.38 -45.17 21.68
C GLU D 472 55.04 -46.46 22.39
N LEU D 473 53.89 -47.00 22.02
CA LEU D 473 53.31 -48.14 22.69
C LEU D 473 53.06 -49.29 21.74
N ASP D 474 53.25 -50.52 22.24
CA ASP D 474 52.87 -51.73 21.52
C ASP D 474 51.39 -52.04 21.60
N GLY D 475 50.71 -51.56 22.64
CA GLY D 475 49.37 -52.01 22.93
C GLY D 475 49.38 -53.39 23.60
N PRO D 476 48.18 -53.91 23.90
CA PRO D 476 48.15 -55.24 24.49
C PRO D 476 48.62 -56.29 23.50
N SER D 477 49.30 -57.34 23.95
CA SER D 477 49.89 -58.36 23.07
C SER D 477 48.78 -59.30 22.61
N LYS D 478 49.03 -59.94 21.47
CA LYS D 478 48.07 -60.81 20.84
C LYS D 478 47.47 -62.00 21.65
N ASP D 479 48.25 -62.65 22.51
CA ASP D 479 47.83 -63.51 23.67
C ASP D 479 46.53 -63.02 24.32
N THR D 480 46.24 -61.71 24.35
CA THR D 480 45.17 -61.28 25.26
C THR D 480 43.79 -61.15 24.62
N LEU D 481 43.76 -61.24 23.29
CA LEU D 481 42.55 -61.22 22.47
C LEU D 481 41.85 -62.60 22.48
N ASN D 482 40.57 -62.58 22.16
CA ASN D 482 39.70 -63.75 22.04
C ASN D 482 38.45 -63.34 21.30
N GLY D 483 38.55 -63.44 19.97
CA GLY D 483 37.51 -63.03 19.06
C GLY D 483 37.52 -63.73 17.70
N VAL D 484 36.56 -63.32 16.87
CA VAL D 484 36.38 -63.87 15.54
C VAL D 484 37.31 -63.16 14.62
N LYS D 485 37.95 -63.97 13.80
CA LYS D 485 38.76 -63.40 12.73
C LYS D 485 37.91 -62.92 11.55
N LEU D 486 37.88 -61.62 11.27
CA LEU D 486 36.95 -61.12 10.24
C LEU D 486 37.65 -60.37 9.11
N ALA D 487 37.37 -60.72 7.86
CA ALA D 487 37.98 -60.01 6.76
C ALA D 487 37.02 -58.94 6.23
N VAL D 488 37.50 -57.69 6.11
CA VAL D 488 36.72 -56.64 5.48
C VAL D 488 37.38 -56.29 4.14
N VAL D 489 36.54 -55.89 3.18
CA VAL D 489 36.98 -55.61 1.83
C VAL D 489 36.57 -54.17 1.46
N GLY D 490 35.58 -53.63 2.15
CA GLY D 490 35.02 -52.36 1.72
C GLY D 490 35.21 -51.15 2.61
N ALA D 491 34.11 -50.52 2.99
CA ALA D 491 34.14 -49.24 3.71
C ALA D 491 34.73 -49.31 5.12
N HIS D 492 35.01 -50.52 5.60
CA HIS D 492 35.64 -50.72 6.90
C HIS D 492 37.17 -50.76 6.86
N LEU D 493 37.76 -50.59 5.68
CA LEU D 493 39.20 -50.58 5.52
C LEU D 493 39.69 -49.31 6.21
N LYS D 494 40.86 -49.40 6.81
CA LYS D 494 41.66 -48.31 7.33
C LYS D 494 41.53 -47.09 6.40
N GLY D 495 41.02 -45.96 6.91
CA GLY D 495 40.94 -44.76 6.12
C GLY D 495 39.62 -44.57 5.39
N LEU D 496 38.77 -45.61 5.34
CA LEU D 496 37.50 -45.43 4.66
C LEU D 496 36.36 -45.10 5.60
N PRO D 497 35.17 -44.79 5.04
CA PRO D 497 34.32 -44.16 6.05
C PRO D 497 33.43 -45.00 6.98
N LEU D 498 33.64 -46.30 7.14
CA LEU D 498 32.90 -47.07 8.16
C LEU D 498 33.89 -47.78 9.04
N HIS D 499 35.18 -47.45 8.88
CA HIS D 499 36.22 -48.01 9.71
C HIS D 499 35.91 -47.83 11.19
N TRP D 500 35.28 -46.72 11.54
CA TRP D 500 35.05 -46.39 12.94
C TRP D 500 34.26 -47.50 13.62
N GLN D 501 33.34 -48.12 12.87
CA GLN D 501 32.54 -49.23 13.33
C GLN D 501 33.36 -50.41 13.85
N LEU D 502 34.54 -50.65 13.28
CA LEU D 502 35.42 -51.66 13.88
C LEU D 502 36.00 -51.19 15.22
N GLN D 503 36.35 -49.92 15.36
CA GLN D 503 36.95 -49.40 16.60
C GLN D 503 35.84 -49.43 17.64
N LYS D 504 34.61 -49.11 17.24
CA LYS D 504 33.48 -49.15 18.19
C LYS D 504 33.32 -50.48 18.87
N CYS D 505 33.56 -51.54 18.08
CA CYS D 505 33.43 -52.87 18.59
C CYS D 505 34.74 -53.45 19.08
N ASN D 506 35.75 -52.59 19.29
CA ASN D 506 36.98 -52.98 19.98
C ASN D 506 37.74 -54.06 19.19
N ALA D 507 37.62 -53.97 17.88
CA ALA D 507 38.39 -54.81 16.99
C ALA D 507 39.87 -54.54 17.08
N THR D 508 40.67 -55.51 16.66
CA THR D 508 42.11 -55.34 16.64
C THR D 508 42.67 -55.79 15.31
N TYR D 509 43.44 -54.93 14.66
CA TYR D 509 44.06 -55.30 13.39
C TYR D 509 45.05 -56.47 13.48
N LEU D 510 44.85 -57.46 12.61
CA LEU D 510 45.74 -58.60 12.50
C LEU D 510 46.71 -58.59 11.32
N SER D 511 46.19 -58.35 10.12
CA SER D 511 46.96 -58.50 8.89
C SER D 511 46.21 -58.01 7.66
N SER D 512 46.91 -58.04 6.51
CA SER D 512 46.32 -57.60 5.25
C SER D 512 46.49 -58.60 4.10
N PRO D 513 45.90 -59.79 4.25
CA PRO D 513 46.13 -60.79 3.20
C PRO D 513 45.16 -60.65 2.00
N LYS D 514 45.32 -61.48 0.98
CA LYS D 514 44.38 -61.47 -0.17
C LYS D 514 43.57 -62.76 -0.19
N THR D 515 42.41 -62.70 -0.82
CA THR D 515 41.68 -63.93 -1.12
C THR D 515 42.46 -64.86 -2.02
N SER D 516 42.01 -66.08 -2.21
CA SER D 516 42.63 -66.83 -3.30
C SER D 516 42.10 -66.33 -4.66
N ASN D 517 42.56 -66.84 -5.80
CA ASN D 517 42.03 -66.30 -7.08
C ASN D 517 40.57 -66.70 -7.37
N ASN D 518 39.66 -66.58 -6.42
CA ASN D 518 38.37 -67.24 -6.57
C ASN D 518 37.27 -66.18 -6.61
N TYR D 519 37.69 -64.93 -6.73
CA TYR D 519 36.77 -63.88 -6.40
C TYR D 519 36.66 -62.72 -7.39
N LYS D 520 35.47 -62.23 -7.54
CA LYS D 520 35.26 -60.96 -8.16
C LYS D 520 34.81 -59.90 -7.11
N LEU D 521 34.97 -58.63 -7.43
CA LEU D 521 34.54 -57.56 -6.53
C LEU D 521 33.71 -56.56 -7.29
N TYR D 522 32.57 -56.16 -6.75
CA TYR D 522 31.67 -55.27 -7.46
C TYR D 522 31.59 -53.99 -6.66
N ALA D 523 31.27 -52.89 -7.34
CA ALA D 523 30.85 -51.68 -6.66
C ALA D 523 29.35 -51.69 -6.86
N LEU D 524 28.69 -51.48 -5.74
CA LEU D 524 27.26 -51.54 -5.69
C LEU D 524 26.78 -50.15 -6.10
N PRO D 525 25.53 -50.03 -6.58
CA PRO D 525 24.89 -48.75 -6.84
C PRO D 525 25.01 -47.87 -5.61
N LYS D 526 25.70 -46.73 -5.75
CA LYS D 526 25.81 -45.77 -4.65
C LYS D 526 24.42 -45.29 -4.34
N VAL D 527 24.08 -45.27 -3.06
CA VAL D 527 22.78 -44.74 -2.68
C VAL D 527 22.94 -43.69 -1.61
N GLY D 528 23.56 -44.14 -0.54
CA GLY D 528 24.06 -43.29 0.52
C GLY D 528 25.24 -42.44 0.11
N PRO D 529 25.77 -41.66 1.07
CA PRO D 529 27.02 -41.02 0.65
C PRO D 529 28.21 -41.93 0.86
N VAL D 530 27.94 -43.20 1.11
CA VAL D 530 29.02 -44.13 1.20
C VAL D 530 28.90 -45.12 0.09
N LEU D 531 30.00 -45.30 -0.62
CA LEU D 531 30.04 -46.36 -1.62
C LEU D 531 30.51 -47.67 -1.01
N LYS D 532 29.88 -48.75 -1.49
CA LYS D 532 30.03 -50.09 -0.90
C LYS D 532 30.27 -51.19 -1.96
N PRO D 533 31.37 -51.96 -1.80
CA PRO D 533 31.75 -53.14 -2.60
C PRO D 533 31.02 -54.42 -2.17
N GLY D 534 30.86 -55.37 -3.09
CA GLY D 534 30.44 -56.70 -2.69
C GLY D 534 31.36 -57.73 -3.29
N LEU D 535 31.81 -58.66 -2.45
CA LEU D 535 32.61 -59.78 -2.96
C LEU D 535 31.80 -60.92 -3.58
N ARG D 536 32.28 -61.55 -4.66
CA ARG D 536 31.55 -62.71 -5.22
C ARG D 536 32.57 -63.85 -5.51
N ARG D 537 32.42 -64.99 -4.82
CA ARG D 537 33.20 -66.23 -5.08
C ARG D 537 32.66 -67.07 -6.32
N VAL D 538 33.53 -67.64 -7.16
CA VAL D 538 33.06 -68.15 -8.44
C VAL D 538 33.61 -69.56 -8.51
N ASN D 539 32.82 -70.46 -9.08
CA ASN D 539 33.40 -71.67 -9.59
C ASN D 539 34.04 -71.30 -10.90
N ASP D 540 35.06 -70.45 -10.84
CA ASP D 540 36.23 -70.39 -11.75
C ASP D 540 35.79 -70.43 -13.22
N GLY D 541 36.66 -70.36 -14.23
CA GLY D 541 38.07 -69.94 -14.24
C GLY D 541 38.41 -68.54 -13.78
N THR D 542 37.42 -67.66 -13.80
CA THR D 542 37.64 -66.24 -13.82
C THR D 542 37.86 -65.44 -12.53
N GLY D 543 37.99 -66.09 -11.38
CA GLY D 543 38.12 -65.30 -10.17
C GLY D 543 39.54 -64.78 -10.04
N SER D 544 39.70 -63.64 -9.39
CA SER D 544 41.01 -63.03 -9.12
C SER D 544 41.27 -62.87 -7.61
N GLN D 545 42.45 -62.38 -7.24
CA GLN D 545 42.79 -62.11 -5.84
C GLN D 545 42.45 -60.70 -5.37
N ILE D 546 41.46 -60.53 -4.51
CA ILE D 546 41.17 -59.24 -3.88
C ILE D 546 41.84 -58.96 -2.52
N GLN D 547 42.31 -57.73 -2.25
CA GLN D 547 42.93 -57.35 -0.96
C GLN D 547 41.88 -57.16 0.13
N LEU D 548 42.27 -57.62 1.31
CA LEU D 548 41.43 -57.66 2.46
C LEU D 548 42.21 -57.16 3.66
N GLU D 549 41.50 -56.68 4.67
CA GLU D 549 42.08 -56.46 5.98
C GLU D 549 41.35 -57.42 6.93
N VAL D 550 42.11 -58.04 7.84
CA VAL D 550 41.54 -59.02 8.75
C VAL D 550 41.69 -58.51 10.18
N TYR D 551 40.57 -58.58 10.89
CA TYR D 551 40.46 -58.08 12.25
C TYR D 551 39.98 -59.14 13.24
N SER D 552 40.50 -59.09 14.46
CA SER D 552 39.91 -59.84 15.57
C SER D 552 38.79 -59.07 16.22
N VAL D 553 37.59 -59.63 16.12
CA VAL D 553 36.42 -59.05 16.73
C VAL D 553 35.93 -59.82 17.92
N PRO D 554 36.00 -59.22 19.11
CA PRO D 554 35.62 -59.94 20.30
C PRO D 554 34.26 -60.61 20.07
N TYR D 555 34.16 -61.80 20.62
CA TYR D 555 33.00 -62.69 20.56
C TYR D 555 31.87 -61.89 21.16
N ASP D 556 32.28 -61.13 22.18
CA ASP D 556 31.43 -60.31 22.98
C ASP D 556 30.79 -59.10 22.37
N ARG D 557 31.35 -58.76 21.23
CA ARG D 557 31.04 -57.55 20.48
C ARG D 557 30.52 -57.78 19.08
N PHE D 558 30.61 -59.03 18.65
CA PHE D 558 30.37 -59.33 17.25
C PHE D 558 28.92 -59.02 16.94
N GLY D 559 28.07 -59.23 17.94
CA GLY D 559 26.67 -58.85 17.86
C GLY D 559 26.45 -57.38 17.54
N ASP D 560 27.21 -56.53 18.22
CA ASP D 560 27.12 -55.09 18.05
C ASP D 560 27.55 -54.74 16.65
N PHE D 561 28.52 -55.48 16.14
CA PHE D 561 29.04 -55.17 14.83
C PHE D 561 28.09 -55.53 13.70
N ILE D 562 27.54 -56.74 13.74
CA ILE D 562 26.63 -57.16 12.67
C ILE D 562 25.33 -56.33 12.64
N ALA D 563 24.96 -55.70 13.76
CA ALA D 563 23.71 -54.93 13.74
C ALA D 563 23.88 -53.72 12.85
N MET D 564 25.11 -53.37 12.54
CA MET D 564 25.39 -52.23 11.68
C MET D 564 25.53 -52.64 10.22
N VAL D 565 25.26 -53.91 9.91
CA VAL D 565 25.49 -54.46 8.58
C VAL D 565 24.16 -54.74 7.85
N PRO D 566 23.80 -53.84 6.92
CA PRO D 566 22.55 -53.77 6.18
C PRO D 566 22.50 -54.65 4.93
N GLU D 567 21.29 -54.96 4.52
CA GLU D 567 21.08 -55.51 3.20
C GLU D 567 21.83 -54.70 2.14
N PRO D 568 22.41 -55.38 1.12
CA PRO D 568 22.36 -56.78 0.68
C PRO D 568 23.59 -57.53 1.19
N LEU D 569 24.35 -56.89 2.07
CA LEU D 569 25.55 -57.48 2.62
C LEU D 569 25.28 -58.45 3.77
N GLY D 570 26.32 -59.18 4.15
CA GLY D 570 26.22 -60.14 5.23
C GLY D 570 27.59 -60.63 5.64
N ILE D 571 27.66 -61.38 6.73
CA ILE D 571 28.92 -61.97 7.15
C ILE D 571 28.84 -63.47 6.92
N GLY D 572 29.73 -63.90 6.04
CA GLY D 572 29.94 -65.31 5.74
C GLY D 572 31.42 -65.63 5.94
N SER D 573 31.90 -66.49 5.06
CA SER D 573 33.27 -66.91 5.06
C SER D 573 33.98 -66.62 3.78
N VAL D 574 35.31 -66.45 3.86
CA VAL D 574 36.11 -66.21 2.64
C VAL D 574 37.39 -67.03 2.82
N GLU D 575 37.99 -67.42 1.69
CA GLU D 575 39.21 -68.22 1.61
C GLU D 575 40.36 -67.32 1.36
N LEU D 576 41.37 -67.35 2.18
CA LEU D 576 42.52 -66.52 1.88
C LEU D 576 43.48 -67.24 0.93
N GLU D 577 44.43 -66.49 0.39
CA GLU D 577 45.52 -66.97 -0.44
C GLU D 577 46.06 -68.22 0.19
N SER D 578 46.29 -68.14 1.50
CA SER D 578 46.93 -69.26 2.20
C SER D 578 46.06 -70.50 2.39
N GLY D 579 44.80 -70.43 1.99
CA GLY D 579 43.94 -71.58 2.20
C GLY D 579 43.13 -71.59 3.49
N GLU D 580 43.52 -70.78 4.46
CA GLU D 580 42.69 -70.61 5.64
C GLU D 580 41.32 -70.03 5.28
N TRP D 581 40.26 -70.57 5.91
CA TRP D 581 38.95 -69.90 5.85
C TRP D 581 38.75 -69.02 7.05
N VAL D 582 38.02 -67.92 6.83
CA VAL D 582 37.94 -66.82 7.77
C VAL D 582 36.64 -66.08 7.57
N LYS D 583 35.99 -65.67 8.67
CA LYS D 583 34.78 -64.86 8.49
C LYS D 583 35.04 -63.59 7.67
N SER D 584 34.03 -63.17 6.92
CA SER D 584 34.19 -62.03 6.02
C SER D 584 32.85 -61.47 5.54
N PHE D 585 32.87 -60.28 4.97
CA PHE D 585 31.69 -59.75 4.30
C PHE D 585 31.43 -60.56 3.04
N ILE D 586 30.17 -60.87 2.81
CA ILE D 586 29.78 -61.44 1.55
C ILE D 586 28.65 -60.58 1.07
N CYS D 587 28.05 -60.99 -0.03
CA CYS D 587 27.00 -60.21 -0.65
C CYS D 587 25.92 -61.06 -1.34
N GLU D 588 24.65 -60.77 -1.04
CA GLU D 588 23.53 -61.41 -1.79
C GLU D 588 23.64 -61.19 -3.25
N GLU D 589 23.20 -62.24 -3.92
CA GLU D 589 23.16 -62.25 -5.36
C GLU D 589 22.47 -61.04 -5.91
N PHE D 590 21.31 -60.76 -5.33
CA PHE D 590 20.52 -59.57 -5.62
C PHE D 590 21.34 -58.30 -5.59
N GLY D 591 22.39 -58.30 -4.78
CA GLY D 591 23.18 -57.12 -4.50
C GLY D 591 23.95 -56.60 -5.68
N TYR D 592 24.75 -57.48 -6.26
CA TYR D 592 25.58 -57.12 -7.37
C TYR D 592 24.90 -57.38 -8.72
N THR D 593 23.54 -57.40 -8.69
CA THR D 593 22.71 -57.75 -9.85
C THR D 593 21.72 -56.58 -10.06
N GLN D 594 22.04 -55.48 -9.40
CA GLN D 594 21.28 -54.25 -9.62
C GLN D 594 21.87 -53.48 -10.81
N GLN D 595 21.04 -52.61 -11.37
CA GLN D 595 21.46 -51.59 -12.30
C GLN D 595 22.42 -50.67 -11.58
N GLY D 596 23.60 -50.50 -12.13
CA GLY D 596 24.55 -49.56 -11.57
C GLY D 596 25.80 -50.24 -11.07
N THR D 597 25.73 -51.57 -10.92
CA THR D 597 26.87 -52.32 -10.44
C THR D 597 28.00 -52.35 -11.48
N VAL D 598 29.22 -52.22 -10.94
CA VAL D 598 30.41 -52.06 -11.73
C VAL D 598 31.35 -53.11 -11.25
N ASP D 599 31.81 -53.89 -12.23
CA ASP D 599 32.74 -54.96 -11.97
C ASP D 599 34.11 -54.35 -11.78
N ILE D 600 34.61 -54.55 -10.58
CA ILE D 600 35.74 -53.79 -10.12
C ILE D 600 36.96 -54.63 -9.96
N THR D 601 36.80 -55.93 -10.23
CA THR D 601 37.86 -56.90 -9.96
C THR D 601 39.22 -56.49 -10.52
N LYS D 602 39.28 -55.95 -11.73
CA LYS D 602 40.53 -55.40 -12.33
C LYS D 602 41.42 -54.71 -11.31
N PHE D 603 40.83 -53.89 -10.44
CA PHE D 603 41.64 -53.05 -9.56
C PHE D 603 42.19 -53.88 -8.40
N GLY D 604 41.74 -55.12 -8.28
CA GLY D 604 42.26 -55.99 -7.23
C GLY D 604 41.93 -55.70 -5.79
N GLY D 605 41.40 -54.52 -5.55
CA GLY D 605 41.00 -54.06 -4.22
C GLY D 605 39.99 -52.94 -4.33
N PHE D 606 39.48 -52.49 -3.18
CA PHE D 606 38.47 -51.43 -3.16
C PHE D 606 39.13 -50.07 -3.01
N LYS D 607 40.29 -50.00 -2.34
CA LYS D 607 41.07 -48.78 -2.26
C LYS D 607 41.41 -48.32 -3.69
N PRO D 608 42.23 -49.09 -4.46
CA PRO D 608 42.54 -48.71 -5.86
C PRO D 608 41.47 -48.00 -6.63
N TYR D 609 40.28 -48.55 -6.51
CA TYR D 609 39.11 -48.07 -7.20
C TYR D 609 38.58 -46.74 -6.65
N ILE D 610 38.70 -46.51 -5.35
CA ILE D 610 38.21 -45.23 -4.83
C ILE D 610 39.27 -44.16 -5.03
N GLU D 611 40.32 -44.54 -5.74
CA GLU D 611 41.35 -43.57 -6.09
C GLU D 611 41.30 -43.27 -7.58
N HIS D 612 40.97 -44.29 -8.35
CA HIS D 612 40.71 -44.06 -9.77
C HIS D 612 39.46 -43.21 -10.00
N ILE D 613 38.68 -42.93 -8.95
CA ILE D 613 37.54 -41.99 -9.07
C ILE D 613 38.04 -40.57 -8.75
N GLN D 614 38.67 -40.38 -7.59
CA GLN D 614 39.20 -39.07 -7.21
C GLN D 614 40.58 -38.89 -7.79
N LYS D 621 38.58 -27.40 -9.71
CA LYS D 621 37.21 -27.75 -10.05
C LYS D 621 36.19 -27.11 -9.10
N LYS D 622 36.60 -26.02 -8.46
CA LYS D 622 35.64 -25.11 -7.85
C LYS D 622 35.61 -23.79 -8.62
N PRO D 623 34.53 -23.55 -9.39
CA PRO D 623 34.37 -22.40 -10.28
C PRO D 623 34.55 -21.05 -9.58
N PHE D 624 34.03 -20.95 -8.35
CA PHE D 624 33.99 -19.70 -7.60
C PHE D 624 34.03 -20.03 -6.11
N GLU D 625 34.49 -19.08 -5.32
CA GLU D 625 34.74 -19.32 -3.91
C GLU D 625 33.51 -18.89 -3.16
N THR D 626 33.08 -17.66 -3.43
CA THR D 626 31.82 -17.14 -2.90
C THR D 626 30.98 -16.58 -4.06
N VAL D 627 29.67 -16.82 -4.02
CA VAL D 627 28.73 -16.42 -5.07
C VAL D 627 27.50 -15.72 -4.47
N LEU D 628 27.12 -14.56 -5.01
CA LEU D 628 25.92 -13.87 -4.53
C LEU D 628 24.66 -14.17 -5.37
N ILE D 629 23.50 -14.25 -4.72
CA ILE D 629 22.27 -14.50 -5.46
C ILE D 629 21.48 -13.23 -5.58
N ALA D 630 21.38 -12.70 -6.79
CA ALA D 630 20.58 -11.49 -7.00
C ALA D 630 19.11 -11.85 -7.07
N ASN D 631 18.60 -12.55 -6.05
CA ASN D 631 17.21 -13.00 -6.06
C ASN D 631 16.68 -13.41 -4.69
N ARG D 632 15.40 -13.78 -4.67
CA ARG D 632 14.68 -14.10 -3.45
C ARG D 632 13.93 -15.39 -3.63
N GLY D 633 13.06 -15.70 -2.67
CA GLY D 633 12.17 -16.81 -2.82
C GLY D 633 12.79 -18.15 -3.13
N GLU D 634 12.12 -18.85 -4.03
CA GLU D 634 12.29 -20.28 -4.27
C GLU D 634 13.52 -20.56 -5.11
N ILE D 635 13.75 -19.75 -6.14
CA ILE D 635 14.98 -19.86 -6.91
C ILE D 635 16.24 -19.62 -6.07
N ALA D 636 16.16 -18.67 -5.14
CA ALA D 636 17.32 -18.38 -4.29
C ALA D 636 17.62 -19.64 -3.49
N VAL D 637 16.60 -20.23 -2.89
CA VAL D 637 16.79 -21.45 -2.10
C VAL D 637 17.37 -22.60 -2.92
N ARG D 638 16.89 -22.75 -4.16
CA ARG D 638 17.34 -23.83 -4.99
C ARG D 638 18.77 -23.61 -5.47
N ILE D 639 19.13 -22.36 -5.73
CA ILE D 639 20.48 -22.10 -6.21
C ILE D 639 21.45 -22.41 -5.08
N MET D 640 21.09 -22.00 -3.86
CA MET D 640 21.90 -22.27 -2.68
C MET D 640 22.10 -23.76 -2.38
N LYS D 641 21.16 -24.64 -2.72
CA LYS D 641 21.38 -26.06 -2.45
C LYS D 641 22.56 -26.53 -3.26
N THR D 642 22.62 -26.05 -4.50
CA THR D 642 23.65 -26.49 -5.41
C THR D 642 24.96 -25.92 -4.89
N LEU D 643 24.93 -24.65 -4.53
CA LEU D 643 26.14 -23.97 -4.08
C LEU D 643 26.71 -24.74 -2.89
N LYS D 644 25.87 -24.95 -1.87
CA LYS D 644 26.24 -25.77 -0.70
C LYS D 644 26.90 -27.09 -1.15
N ARG D 645 26.21 -27.86 -1.98
CA ARG D 645 26.74 -29.16 -2.38
C ARG D 645 28.11 -29.01 -3.03
N MET D 646 28.32 -27.87 -3.70
CA MET D 646 29.58 -27.61 -4.38
C MET D 646 30.66 -27.01 -3.49
N GLY D 647 30.33 -26.70 -2.24
CA GLY D 647 31.31 -26.20 -1.30
C GLY D 647 31.62 -24.73 -1.59
N ILE D 648 30.68 -24.07 -2.27
CA ILE D 648 30.79 -22.66 -2.60
C ILE D 648 30.03 -21.79 -1.61
N LYS D 649 30.67 -20.76 -1.07
CA LYS D 649 30.03 -19.98 -0.04
C LYS D 649 28.98 -19.14 -0.77
N SER D 650 27.81 -18.99 -0.16
CA SER D 650 26.71 -18.26 -0.80
C SER D 650 26.34 -16.98 -0.09
N VAL D 651 25.85 -16.00 -0.85
CA VAL D 651 25.43 -14.72 -0.28
C VAL D 651 23.98 -14.38 -0.65
N ALA D 652 23.15 -14.21 0.38
CA ALA D 652 21.79 -13.72 0.20
C ALA D 652 21.74 -12.20 0.08
N VAL D 653 20.68 -11.72 -0.54
CA VAL D 653 20.26 -10.33 -0.41
C VAL D 653 18.76 -10.30 -0.17
N TYR D 654 18.31 -9.39 0.69
CA TYR D 654 16.88 -9.35 0.99
C TYR D 654 16.32 -7.95 1.19
N SER D 655 15.08 -7.80 0.78
CA SER D 655 14.30 -6.64 1.17
C SER D 655 13.94 -6.75 2.64
N ASP D 656 13.16 -5.80 3.14
CA ASP D 656 12.72 -5.85 4.54
C ASP D 656 11.59 -6.88 4.79
N PRO D 657 10.56 -6.96 3.91
CA PRO D 657 9.64 -8.07 4.18
C PRO D 657 10.30 -9.46 4.09
N ASP D 658 11.38 -9.60 3.35
CA ASP D 658 12.06 -10.90 3.23
C ASP D 658 13.10 -11.18 4.30
N LYS D 659 13.28 -10.28 5.26
CA LYS D 659 14.38 -10.47 6.21
C LYS D 659 14.29 -11.81 6.98
N TYR D 660 13.10 -12.42 7.00
CA TYR D 660 12.91 -13.72 7.66
C TYR D 660 12.73 -14.94 6.74
N SER D 661 13.05 -14.80 5.46
CA SER D 661 12.79 -15.88 4.47
C SER D 661 13.91 -16.93 4.43
N GLN D 662 13.52 -18.15 4.05
CA GLN D 662 14.37 -19.32 3.92
C GLN D 662 15.78 -19.03 3.33
N HIS D 663 15.81 -18.25 2.25
CA HIS D 663 17.04 -18.04 1.48
C HIS D 663 18.05 -17.20 2.28
N VAL D 664 17.53 -16.39 3.19
CA VAL D 664 18.36 -15.61 4.10
C VAL D 664 18.97 -16.55 5.14
N THR D 665 18.12 -17.39 5.73
CA THR D 665 18.58 -18.47 6.59
C THR D 665 19.60 -19.40 5.94
N ASP D 666 19.30 -19.91 4.75
CA ASP D 666 20.17 -20.90 4.10
C ASP D 666 21.57 -20.44 3.76
N ALA D 667 21.69 -19.14 3.49
CA ALA D 667 22.94 -18.60 2.98
C ALA D 667 24.04 -18.57 4.05
N ASP D 668 25.30 -18.54 3.60
CA ASP D 668 26.43 -18.38 4.52
C ASP D 668 26.55 -16.94 5.00
N PHE D 669 26.24 -16.00 4.11
CA PHE D 669 26.26 -14.58 4.45
C PHE D 669 25.04 -13.90 3.85
N SER D 670 24.75 -12.69 4.28
CA SER D 670 23.58 -11.98 3.78
C SER D 670 23.73 -10.48 3.93
N VAL D 671 23.03 -9.74 3.07
CA VAL D 671 23.15 -8.29 3.05
C VAL D 671 21.74 -7.76 2.97
N ALA D 672 21.38 -6.98 3.97
CA ALA D 672 20.14 -6.25 3.93
C ALA D 672 20.22 -5.17 2.89
N LEU D 673 19.30 -5.23 1.95
CA LEU D 673 19.05 -4.08 1.12
C LEU D 673 17.96 -3.45 1.97
N HIS D 674 17.82 -2.14 1.96
CA HIS D 674 16.80 -1.58 2.82
C HIS D 674 15.63 -1.06 2.00
N GLY D 675 14.43 -1.43 2.39
CA GLY D 675 13.22 -1.02 1.70
C GLY D 675 12.25 -2.17 1.49
N ARG D 676 11.14 -1.90 0.80
CA ARG D 676 10.04 -2.85 0.68
C ARG D 676 9.85 -3.28 -0.78
N THR D 677 9.80 -2.32 -1.71
CA THR D 677 9.37 -2.62 -3.07
C THR D 677 10.45 -3.30 -3.89
N ALA D 678 10.04 -4.01 -4.94
CA ALA D 678 10.96 -4.54 -5.96
C ALA D 678 11.97 -3.50 -6.43
N ALA D 679 11.50 -2.28 -6.68
CA ALA D 679 12.36 -1.23 -7.22
C ALA D 679 13.33 -0.73 -6.17
N GLU D 680 12.86 -0.69 -4.93
CA GLU D 680 13.65 -0.21 -3.81
C GLU D 680 14.84 -1.11 -3.49
N THR D 681 14.76 -2.37 -3.88
CA THR D 681 15.72 -3.36 -3.39
C THR D 681 16.31 -4.27 -4.48
N TYR D 682 15.64 -5.38 -4.78
CA TYR D 682 16.18 -6.35 -5.73
C TYR D 682 16.55 -5.76 -7.08
N LEU D 683 15.86 -4.71 -7.50
CA LEU D 683 16.07 -4.11 -8.81
C LEU D 683 17.15 -3.02 -8.80
N ASP D 684 17.62 -2.65 -7.63
CA ASP D 684 18.54 -1.51 -7.52
C ASP D 684 19.95 -2.04 -7.73
N ILE D 685 20.45 -1.88 -8.95
CA ILE D 685 21.76 -2.39 -9.35
C ILE D 685 22.86 -1.94 -8.40
N ASP D 686 22.76 -0.70 -7.92
CA ASP D 686 23.85 -0.11 -7.18
C ASP D 686 23.98 -0.87 -5.87
N LYS D 687 22.85 -1.08 -5.21
CA LYS D 687 22.77 -1.85 -3.97
C LYS D 687 23.32 -3.28 -4.14
N ILE D 688 22.84 -3.97 -5.17
CA ILE D 688 23.26 -5.34 -5.46
C ILE D 688 24.78 -5.43 -5.61
N ILE D 689 25.34 -4.56 -6.44
CA ILE D 689 26.77 -4.60 -6.75
C ILE D 689 27.59 -4.24 -5.52
N ASN D 690 27.10 -3.30 -4.73
CA ASN D 690 27.69 -2.99 -3.44
C ASN D 690 27.64 -4.18 -2.49
N ALA D 691 26.51 -4.87 -2.49
CA ALA D 691 26.36 -6.11 -1.73
C ALA D 691 27.40 -7.15 -2.09
N ALA D 692 27.70 -7.31 -3.37
CA ALA D 692 28.68 -8.31 -3.80
C ALA D 692 30.09 -7.86 -3.47
N LYS D 693 30.31 -6.55 -3.54
CA LYS D 693 31.57 -5.94 -3.13
C LYS D 693 31.85 -6.24 -1.66
N LYS D 694 30.89 -5.78 -0.85
CA LYS D 694 30.90 -5.86 0.60
C LYS D 694 31.19 -7.27 1.15
N THR D 695 30.81 -8.31 0.39
CA THR D 695 30.96 -9.69 0.85
C THR D 695 32.08 -10.42 0.11
N GLY D 696 32.77 -9.69 -0.75
CA GLY D 696 33.75 -10.25 -1.67
C GLY D 696 33.30 -11.42 -2.54
N ALA D 697 32.12 -11.29 -3.14
CA ALA D 697 31.61 -12.31 -4.05
C ALA D 697 32.28 -12.16 -5.43
N GLN D 698 32.92 -13.20 -5.94
CA GLN D 698 33.50 -13.13 -7.29
C GLN D 698 32.44 -13.21 -8.40
N ALA D 699 31.24 -13.70 -8.08
CA ALA D 699 30.24 -13.88 -9.12
C ALA D 699 28.82 -13.58 -8.61
N ILE D 700 27.94 -13.18 -9.52
CA ILE D 700 26.52 -13.01 -9.21
C ILE D 700 25.67 -13.88 -10.11
N ILE D 701 24.76 -14.64 -9.50
CA ILE D 701 23.86 -15.45 -10.29
C ILE D 701 22.48 -14.87 -10.01
N PRO D 702 21.75 -14.54 -11.08
CA PRO D 702 20.55 -13.70 -10.98
C PRO D 702 19.23 -14.42 -10.83
N GLY D 703 19.18 -15.71 -11.16
CA GLY D 703 17.89 -16.38 -11.23
C GLY D 703 17.08 -16.00 -12.45
N TYR D 704 15.79 -15.82 -12.24
CA TYR D 704 14.87 -15.28 -13.25
C TYR D 704 13.96 -14.24 -12.61
N GLY D 705 13.46 -13.32 -13.44
CA GLY D 705 12.86 -12.09 -12.96
C GLY D 705 13.93 -11.06 -12.61
N PHE D 706 13.52 -9.92 -12.06
CA PHE D 706 14.48 -8.93 -11.55
C PHE D 706 15.61 -8.61 -12.53
N LEU D 707 16.86 -8.58 -12.08
CA LEU D 707 17.94 -8.08 -12.95
C LEU D 707 18.43 -9.12 -13.96
N SER D 708 17.67 -10.21 -14.10
CA SER D 708 18.08 -11.43 -14.82
C SER D 708 18.40 -11.17 -16.29
N GLU D 709 17.43 -10.57 -16.98
CA GLU D 709 17.55 -10.19 -18.37
C GLU D 709 17.80 -8.69 -18.56
N ASN D 710 18.50 -8.10 -17.60
CA ASN D 710 18.83 -6.69 -17.64
C ASN D 710 20.29 -6.50 -18.06
N ALA D 711 20.49 -5.95 -19.26
CA ALA D 711 21.81 -5.91 -19.85
C ALA D 711 22.73 -4.83 -19.28
N ASP D 712 22.15 -3.74 -18.79
CA ASP D 712 22.98 -2.76 -18.08
C ASP D 712 23.63 -3.46 -16.93
N PHE D 713 22.81 -4.19 -16.16
CA PHE D 713 23.30 -5.00 -15.05
C PHE D 713 24.38 -5.99 -15.45
N SER D 714 24.16 -6.78 -16.49
CA SER D 714 25.20 -7.72 -16.93
C SER D 714 26.48 -6.96 -17.20
N ASP D 715 26.34 -5.81 -17.85
CA ASP D 715 27.49 -4.96 -18.16
C ASP D 715 28.15 -4.33 -16.92
N ARG D 716 27.35 -3.82 -15.98
CA ARG D 716 27.86 -3.37 -14.67
C ARG D 716 28.71 -4.42 -13.98
N CYS D 717 28.25 -5.67 -13.96
CA CYS D 717 29.04 -6.75 -13.39
C CYS D 717 30.40 -6.80 -14.08
N SER D 718 30.40 -6.88 -15.41
CA SER D 718 31.64 -6.96 -16.17
C SER D 718 32.56 -5.77 -15.86
N GLN D 719 32.01 -4.55 -15.91
CA GLN D 719 32.84 -3.35 -15.73
C GLN D 719 33.26 -3.20 -14.27
N GLU D 720 32.88 -4.17 -13.43
CA GLU D 720 33.19 -4.14 -12.00
C GLU D 720 34.07 -5.31 -11.52
N ASN D 721 34.46 -6.19 -12.45
CA ASN D 721 35.20 -7.42 -12.14
C ASN D 721 34.42 -8.41 -11.26
N ILE D 722 33.10 -8.39 -11.41
CA ILE D 722 32.23 -9.45 -10.89
C ILE D 722 31.61 -10.25 -12.05
N VAL D 723 31.82 -11.56 -12.04
CA VAL D 723 31.28 -12.44 -13.07
C VAL D 723 29.77 -12.71 -12.98
N PHE D 724 29.03 -12.05 -13.86
CA PHE D 724 27.61 -12.33 -14.10
C PHE D 724 27.34 -13.76 -14.62
N VAL D 725 26.66 -14.58 -13.82
CA VAL D 725 26.39 -15.94 -14.26
C VAL D 725 25.18 -15.89 -15.20
N GLY D 726 25.46 -15.65 -16.46
CA GLY D 726 24.44 -15.43 -17.47
C GLY D 726 25.09 -14.97 -18.75
N PRO D 727 24.30 -14.72 -19.80
CA PRO D 727 24.86 -14.24 -21.06
C PRO D 727 25.25 -12.75 -21.05
N SER D 728 26.02 -12.33 -22.05
CA SER D 728 26.49 -10.96 -22.17
C SER D 728 25.37 -9.92 -22.30
N GLY D 729 25.70 -8.68 -21.90
CA GLY D 729 24.76 -7.58 -22.00
C GLY D 729 24.30 -7.39 -23.43
N ASP D 730 25.17 -7.75 -24.37
CA ASP D 730 24.88 -7.63 -25.79
C ASP D 730 23.82 -8.59 -26.25
N ALA D 731 24.10 -9.88 -26.04
CA ALA D 731 23.13 -10.93 -26.28
C ALA D 731 21.77 -10.61 -25.69
N ILE D 732 21.74 -10.15 -24.45
CA ILE D 732 20.49 -9.74 -23.83
C ILE D 732 19.78 -8.62 -24.57
N ARG D 733 20.51 -7.58 -24.95
CA ARG D 733 19.98 -6.53 -25.83
C ARG D 733 19.47 -7.06 -27.17
N LYS D 734 20.34 -7.79 -27.85
CA LYS D 734 20.00 -8.45 -29.09
C LYS D 734 18.75 -9.36 -28.98
N LEU D 735 18.49 -9.92 -27.81
CA LEU D 735 17.29 -10.75 -27.60
C LEU D 735 16.11 -10.00 -26.98
N GLY D 736 16.35 -8.84 -26.38
CA GLY D 736 15.27 -8.09 -25.76
C GLY D 736 14.26 -7.47 -26.69
N LEU D 737 14.71 -7.03 -27.86
CA LEU D 737 13.83 -6.38 -28.82
C LEU D 737 13.23 -7.38 -29.79
N LYS D 738 11.90 -7.36 -29.92
CA LYS D 738 11.18 -8.40 -30.66
C LYS D 738 11.70 -8.61 -32.09
N HIS D 739 12.35 -7.60 -32.65
CA HIS D 739 12.72 -7.62 -34.07
C HIS D 739 14.19 -7.93 -34.34
N SER D 740 15.10 -7.47 -33.48
CA SER D 740 16.48 -7.91 -33.56
C SER D 740 16.54 -9.41 -33.34
N ALA D 741 15.70 -9.90 -32.42
CA ALA D 741 15.62 -11.32 -32.14
C ALA D 741 15.16 -12.13 -33.35
N ARG D 742 14.26 -11.56 -34.16
CA ARG D 742 13.81 -12.24 -35.37
C ARG D 742 14.94 -12.40 -36.41
N GLU D 743 15.77 -11.38 -36.59
CA GLU D 743 16.90 -11.46 -37.54
C GLU D 743 17.87 -12.60 -37.20
N ILE D 744 18.33 -12.62 -35.95
CA ILE D 744 19.22 -13.69 -35.47
C ILE D 744 18.64 -15.06 -35.78
N ALA D 745 17.36 -15.23 -35.45
CA ALA D 745 16.61 -16.45 -35.74
C ALA D 745 16.64 -16.81 -37.21
N GLU D 746 16.33 -15.83 -38.04
CA GLU D 746 16.39 -15.98 -39.49
C GLU D 746 17.77 -16.47 -39.93
N ARG D 747 18.78 -15.65 -39.65
CA ARG D 747 20.19 -15.99 -39.90
C ARG D 747 20.61 -17.37 -39.36
N ALA D 748 20.01 -17.77 -38.24
CA ALA D 748 20.26 -19.08 -37.63
C ALA D 748 19.50 -20.23 -38.29
N LYS D 749 18.63 -19.89 -39.25
CA LYS D 749 17.85 -20.87 -40.02
C LYS D 749 16.82 -21.54 -39.12
N VAL D 750 16.03 -20.69 -38.46
CA VAL D 750 15.02 -21.12 -37.51
C VAL D 750 13.66 -20.75 -38.08
N PRO D 751 12.81 -21.77 -38.35
CA PRO D 751 11.55 -21.45 -39.02
C PRO D 751 10.72 -20.47 -38.19
N LEU D 752 10.34 -19.35 -38.80
CA LEU D 752 9.49 -18.37 -38.15
C LEU D 752 8.07 -18.32 -38.72
N VAL D 753 7.17 -17.67 -37.98
CA VAL D 753 5.80 -17.44 -38.43
C VAL D 753 5.77 -16.56 -39.69
N PRO D 754 5.33 -17.13 -40.82
CA PRO D 754 5.39 -16.37 -42.07
C PRO D 754 4.20 -15.42 -42.21
N ASN D 826 -4.78 -23.94 -33.14
CA ASN D 826 -4.84 -24.16 -31.70
C ASN D 826 -3.48 -24.53 -31.11
N ALA D 827 -2.76 -23.49 -30.70
CA ALA D 827 -1.29 -23.46 -30.60
C ALA D 827 -0.73 -24.00 -29.28
N ARG D 828 0.28 -24.84 -29.38
CA ARG D 828 1.06 -25.29 -28.23
C ARG D 828 2.30 -24.44 -28.00
N HIS D 829 2.92 -24.64 -26.85
CA HIS D 829 4.13 -23.91 -26.48
C HIS D 829 5.22 -24.91 -26.15
N VAL D 830 6.11 -25.14 -27.10
CA VAL D 830 7.19 -26.09 -26.91
C VAL D 830 8.48 -25.30 -26.89
N GLU D 831 9.25 -25.47 -25.84
CA GLU D 831 10.49 -24.71 -25.73
C GLU D 831 11.65 -25.66 -25.59
N ILE D 832 12.83 -25.20 -25.98
CA ILE D 832 14.04 -26.00 -25.88
C ILE D 832 14.96 -25.38 -24.84
N GLN D 833 15.43 -26.22 -23.92
CA GLN D 833 16.39 -25.74 -22.97
C GLN D 833 17.76 -25.91 -23.59
N MET D 834 18.49 -24.81 -23.71
CA MET D 834 19.78 -24.90 -24.36
C MET D 834 20.87 -24.37 -23.43
N MET D 835 22.08 -24.87 -23.59
CA MET D 835 23.25 -24.40 -22.86
C MET D 835 24.29 -23.91 -23.87
N GLY D 836 24.90 -22.75 -23.60
CA GLY D 836 25.95 -22.22 -24.44
C GLY D 836 27.20 -21.94 -23.62
N ASP D 837 28.39 -22.10 -24.21
CA ASP D 837 29.62 -21.96 -23.43
C ASP D 837 30.26 -20.58 -23.57
N GLY D 838 29.64 -19.70 -24.36
CA GLY D 838 30.11 -18.34 -24.50
C GLY D 838 31.20 -18.21 -25.54
N PHE D 839 31.42 -19.29 -26.29
CA PHE D 839 32.54 -19.35 -27.22
C PHE D 839 32.14 -20.08 -28.50
N GLY D 840 30.84 -20.09 -28.79
CA GLY D 840 30.35 -20.65 -30.03
C GLY D 840 29.74 -22.03 -29.97
N LYS D 841 30.02 -22.76 -28.90
CA LYS D 841 29.40 -24.06 -28.70
C LYS D 841 28.06 -23.94 -27.99
N ALA D 842 27.08 -24.72 -28.45
CA ALA D 842 25.74 -24.71 -27.87
C ALA D 842 25.19 -26.13 -27.92
N ILE D 843 24.35 -26.46 -26.94
CA ILE D 843 23.80 -27.81 -26.84
C ILE D 843 22.35 -27.81 -26.39
N ALA D 844 21.53 -28.64 -27.03
CA ALA D 844 20.12 -28.67 -26.70
C ALA D 844 19.91 -29.78 -25.69
N ILE D 845 19.36 -29.43 -24.53
CA ILE D 845 19.33 -30.34 -23.40
C ILE D 845 18.00 -31.09 -23.40
N GLY D 846 16.97 -30.47 -23.97
CA GLY D 846 15.68 -31.11 -24.09
C GLY D 846 14.58 -30.12 -24.36
N GLU D 847 13.36 -30.61 -24.50
CA GLU D 847 12.25 -29.72 -24.75
C GLU D 847 11.17 -29.87 -23.70
N ARG D 848 10.42 -28.80 -23.51
CA ARG D 848 9.39 -28.77 -22.50
C ARG D 848 8.14 -28.24 -23.17
N ASP D 849 7.00 -28.79 -22.76
CA ASP D 849 5.72 -28.24 -23.17
C ASP D 849 5.15 -27.36 -22.06
N CYS D 850 4.76 -26.14 -22.43
CA CYS D 850 4.33 -25.15 -21.44
C CYS D 850 3.02 -24.54 -21.90
N SER D 851 2.23 -25.33 -22.60
CA SER D 851 0.92 -24.93 -23.10
C SER D 851 -0.11 -24.56 -22.04
N LEU D 852 -0.08 -25.18 -20.88
CA LEU D 852 -1.14 -24.94 -19.90
C LEU D 852 -0.95 -23.63 -19.19
N GLN D 853 -1.38 -22.56 -19.86
CA GLN D 853 -1.20 -21.19 -19.43
C GLN D 853 -2.55 -20.52 -19.21
N ARG D 854 -2.64 -19.64 -18.21
CA ARG D 854 -3.87 -18.90 -17.93
C ARG D 854 -3.58 -17.42 -18.15
N ARG D 855 -4.34 -16.81 -19.05
CA ARG D 855 -4.07 -15.44 -19.48
C ARG D 855 -2.56 -15.28 -19.64
N ASN D 856 -1.95 -16.29 -20.28
CA ASN D 856 -0.52 -16.34 -20.57
C ASN D 856 0.44 -16.63 -19.42
N GLN D 857 -0.09 -17.00 -18.25
CA GLN D 857 0.79 -17.26 -17.12
C GLN D 857 0.83 -18.74 -16.82
N LYS D 858 2.01 -19.33 -16.94
CA LYS D 858 2.16 -20.78 -16.89
C LYS D 858 1.79 -21.33 -15.51
N VAL D 859 1.15 -22.49 -15.48
CA VAL D 859 0.78 -23.15 -14.22
C VAL D 859 1.25 -24.61 -14.17
N ILE D 860 1.17 -25.30 -15.31
CA ILE D 860 1.70 -26.63 -15.41
C ILE D 860 2.60 -26.83 -16.64
N GLU D 861 3.75 -27.46 -16.44
CA GLU D 861 4.68 -27.79 -17.53
C GLU D 861 5.12 -29.26 -17.51
N GLU D 862 5.54 -29.77 -18.67
CA GLU D 862 5.93 -31.18 -18.75
C GLU D 862 7.01 -31.47 -19.80
N THR D 863 7.68 -32.61 -19.62
CA THR D 863 8.72 -33.08 -20.52
C THR D 863 8.72 -34.61 -20.48
N PRO D 864 8.99 -35.26 -21.62
CA PRO D 864 9.06 -34.69 -22.98
C PRO D 864 7.74 -34.09 -23.41
N ALA D 865 7.76 -33.25 -24.43
CA ALA D 865 6.53 -32.78 -25.05
C ALA D 865 5.73 -33.98 -25.52
N PRO D 866 4.42 -34.00 -25.22
CA PRO D 866 3.57 -35.07 -25.76
C PRO D 866 3.29 -34.86 -27.25
N ASN D 867 3.01 -35.93 -27.98
CA ASN D 867 2.53 -35.86 -29.37
C ASN D 867 3.44 -35.00 -30.25
N LEU D 868 4.73 -35.31 -30.19
CA LEU D 868 5.72 -34.62 -31.00
C LEU D 868 6.67 -35.66 -31.57
N PRO D 869 6.75 -35.74 -32.90
CA PRO D 869 7.63 -36.68 -33.57
C PRO D 869 9.09 -36.23 -33.51
N GLU D 870 9.97 -37.21 -33.32
CA GLU D 870 11.42 -37.05 -33.45
C GLU D 870 11.91 -36.15 -34.60
N ALA D 871 11.42 -36.39 -35.82
CA ALA D 871 11.75 -35.53 -36.97
C ALA D 871 11.71 -34.05 -36.61
N THR D 872 10.65 -33.66 -35.92
CA THR D 872 10.43 -32.26 -35.61
C THR D 872 11.07 -31.89 -34.25
N ARG D 873 11.16 -32.82 -33.30
CA ARG D 873 11.97 -32.56 -32.08
C ARG D 873 13.46 -32.37 -32.38
N ALA D 874 14.06 -33.29 -33.13
CA ALA D 874 15.48 -33.21 -33.45
C ALA D 874 15.85 -31.93 -34.23
N LYS D 875 14.89 -31.37 -34.95
CA LYS D 875 15.12 -30.15 -35.72
C LYS D 875 14.73 -28.89 -34.92
N MET D 876 14.09 -29.09 -33.77
CA MET D 876 13.91 -28.00 -32.83
C MET D 876 15.22 -27.85 -32.09
N ARG D 877 15.81 -28.98 -31.71
CA ARG D 877 17.12 -29.03 -31.06
C ARG D 877 18.16 -28.34 -31.93
N ALA D 878 18.38 -28.85 -33.14
CA ALA D 878 19.44 -28.34 -34.00
C ALA D 878 19.28 -26.84 -34.30
N ALA D 879 18.04 -26.38 -34.40
CA ALA D 879 17.79 -24.97 -34.69
C ALA D 879 18.17 -24.11 -33.50
N SER D 880 17.85 -24.61 -32.31
CA SER D 880 18.21 -23.95 -31.07
C SER D 880 19.72 -23.87 -30.88
N GLU D 881 20.44 -24.93 -31.26
CA GLU D 881 21.90 -24.92 -31.14
C GLU D 881 22.53 -23.95 -32.14
N ARG D 882 21.90 -23.73 -33.28
CA ARG D 882 22.45 -22.81 -34.28
C ARG D 882 22.27 -21.39 -33.76
N LEU D 883 21.12 -21.14 -33.16
CA LEU D 883 20.82 -19.84 -32.61
C LEU D 883 21.79 -19.54 -31.48
N GLY D 884 22.03 -20.52 -30.63
CA GLY D 884 22.91 -20.33 -29.49
C GLY D 884 24.37 -20.19 -29.89
N SER D 885 24.78 -21.00 -30.85
CA SER D 885 26.12 -20.93 -31.44
C SER D 885 26.39 -19.57 -32.08
N LEU D 886 25.47 -19.15 -32.95
CA LEU D 886 25.59 -17.88 -33.65
C LEU D 886 25.85 -16.72 -32.67
N LEU D 887 25.09 -16.64 -31.59
CA LEU D 887 25.30 -15.59 -30.60
C LEU D 887 26.59 -15.72 -29.80
N LYS D 888 27.25 -16.86 -29.88
CA LYS D 888 28.28 -17.23 -28.89
C LYS D 888 27.60 -17.12 -27.52
N TYR D 889 26.39 -17.66 -27.41
CA TYR D 889 25.60 -17.60 -26.17
C TYR D 889 26.31 -18.24 -24.97
N LYS D 890 26.19 -17.58 -23.83
CA LYS D 890 26.77 -18.06 -22.56
C LYS D 890 25.78 -18.41 -21.44
N CYS D 891 25.96 -19.62 -20.90
CA CYS D 891 25.14 -20.21 -19.83
C CYS D 891 23.82 -20.71 -20.37
N ALA D 892 22.73 -20.41 -19.66
CA ALA D 892 21.48 -21.08 -19.96
C ALA D 892 20.50 -20.15 -20.65
N GLY D 893 19.87 -20.66 -21.70
CA GLY D 893 18.81 -19.92 -22.35
C GLY D 893 17.78 -20.88 -22.89
N THR D 894 16.60 -20.33 -23.15
CA THR D 894 15.51 -21.12 -23.70
C THR D 894 14.98 -20.55 -25.00
N VAL D 895 14.80 -21.42 -25.98
CA VAL D 895 14.23 -21.02 -27.26
C VAL D 895 12.78 -21.50 -27.24
N GLU D 896 11.83 -20.56 -27.17
CA GLU D 896 10.43 -20.93 -27.22
C GLU D 896 9.93 -21.00 -28.66
N PHE D 897 9.12 -22.01 -28.92
CA PHE D 897 8.45 -22.14 -30.21
C PHE D 897 6.94 -22.26 -30.04
N ILE D 898 6.22 -21.81 -31.07
CA ILE D 898 4.82 -22.15 -31.26
C ILE D 898 4.75 -23.48 -32.03
N TYR D 899 3.81 -24.36 -31.70
CA TYR D 899 3.74 -25.65 -32.40
C TYR D 899 2.33 -26.02 -32.87
N ASP D 900 2.17 -26.21 -34.17
CA ASP D 900 0.92 -26.70 -34.71
C ASP D 900 0.98 -28.22 -34.75
N GLU D 901 0.30 -28.84 -33.80
CA GLU D 901 0.29 -30.29 -33.61
C GLU D 901 -0.19 -30.99 -34.86
N GLN D 902 -1.28 -30.47 -35.41
CA GLN D 902 -1.89 -31.01 -36.62
C GLN D 902 -0.98 -30.88 -37.85
N ARG D 903 -0.60 -29.64 -38.17
CA ARG D 903 0.29 -29.37 -39.31
C ARG D 903 1.71 -29.97 -39.15
N ASP D 904 2.04 -30.41 -37.93
CA ASP D 904 3.41 -30.80 -37.51
C ASP D 904 4.49 -29.73 -37.76
N GLU D 905 4.17 -28.47 -37.49
CA GLU D 905 5.09 -27.36 -37.75
C GLU D 905 5.38 -26.56 -36.47
N PHE D 906 6.60 -26.01 -36.36
CA PHE D 906 6.94 -25.13 -35.24
C PHE D 906 7.51 -23.80 -35.74
N TYR D 907 7.32 -22.73 -34.97
CA TYR D 907 7.75 -21.38 -35.35
C TYR D 907 8.33 -20.57 -34.19
N PHE D 908 9.51 -19.98 -34.41
CA PHE D 908 10.19 -19.11 -33.43
C PHE D 908 9.22 -18.18 -32.72
N LEU D 909 9.36 -18.08 -31.40
CA LEU D 909 8.57 -17.15 -30.62
C LEU D 909 9.51 -16.14 -29.95
N GLU D 910 10.46 -16.65 -29.16
CA GLU D 910 11.40 -15.79 -28.43
C GLU D 910 12.48 -16.61 -27.73
N VAL D 911 13.59 -15.95 -27.39
CA VAL D 911 14.57 -16.55 -26.51
C VAL D 911 14.49 -15.89 -25.13
N ASN D 912 14.37 -16.70 -24.08
CA ASN D 912 14.60 -16.18 -22.74
C ASN D 912 16.07 -16.30 -22.40
N ALA D 913 16.69 -15.16 -22.11
CA ALA D 913 18.13 -15.10 -21.97
C ALA D 913 18.51 -15.32 -20.53
N ARG D 914 18.08 -16.46 -19.99
CA ARG D 914 18.16 -16.73 -18.56
C ARG D 914 17.70 -18.15 -18.27
N LEU D 915 17.90 -18.61 -17.04
CA LEU D 915 17.27 -19.83 -16.58
C LEU D 915 15.77 -19.59 -16.45
N GLN D 916 14.98 -20.64 -16.46
CA GLN D 916 13.54 -20.49 -16.36
C GLN D 916 12.94 -21.24 -15.18
N VAL D 917 11.83 -20.73 -14.67
CA VAL D 917 11.10 -21.37 -13.57
C VAL D 917 10.90 -22.88 -13.75
N GLU D 918 10.44 -23.31 -14.93
CA GLU D 918 10.19 -24.74 -15.17
C GLU D 918 11.41 -25.62 -15.34
N HIS D 919 12.62 -25.07 -15.19
CA HIS D 919 13.83 -25.85 -15.46
C HIS D 919 13.94 -27.19 -14.69
N PRO D 920 13.33 -27.33 -13.48
CA PRO D 920 13.53 -28.63 -12.83
C PRO D 920 13.00 -29.89 -13.52
N ILE D 921 12.00 -29.83 -14.39
CA ILE D 921 11.52 -31.06 -15.02
C ILE D 921 12.62 -31.59 -15.96
N THR D 922 13.29 -30.68 -16.66
CA THR D 922 14.46 -31.01 -17.45
C THR D 922 15.52 -31.71 -16.61
N GLU D 923 15.75 -31.20 -15.41
CA GLU D 923 16.73 -31.79 -14.50
C GLU D 923 16.32 -33.20 -14.08
N MET D 924 15.02 -33.51 -14.08
CA MET D 924 14.60 -34.82 -13.56
C MET D 924 14.95 -35.87 -14.60
N VAL D 925 14.58 -35.60 -15.85
CA VAL D 925 14.72 -36.57 -16.92
C VAL D 925 16.18 -36.74 -17.40
N THR D 926 17.07 -35.82 -17.02
CA THR D 926 18.45 -35.91 -17.52
C THR D 926 19.44 -36.16 -16.39
N GLY D 927 19.06 -35.79 -15.18
CA GLY D 927 19.92 -35.92 -14.02
C GLY D 927 20.97 -34.84 -13.94
N LEU D 928 20.81 -33.79 -14.73
CA LEU D 928 21.75 -32.67 -14.74
C LEU D 928 21.35 -31.62 -13.70
N ASP D 929 22.35 -30.99 -13.07
CA ASP D 929 22.06 -29.84 -12.24
C ASP D 929 22.43 -28.65 -13.13
N LEU D 930 21.41 -28.00 -13.69
CA LEU D 930 21.61 -26.86 -14.59
C LEU D 930 22.33 -25.65 -13.98
N VAL D 931 21.94 -25.26 -12.77
CA VAL D 931 22.72 -24.28 -12.00
C VAL D 931 24.21 -24.65 -11.92
N GLU D 932 24.52 -25.92 -11.70
CA GLU D 932 25.92 -26.33 -11.58
C GLU D 932 26.62 -26.00 -12.88
N TRP D 933 26.03 -26.48 -13.97
CA TRP D 933 26.47 -26.16 -15.33
C TRP D 933 26.67 -24.67 -15.56
N MET D 934 25.65 -23.88 -15.26
CA MET D 934 25.77 -22.43 -15.41
C MET D 934 27.03 -21.93 -14.71
N LEU D 935 27.22 -22.35 -13.45
CA LEU D 935 28.34 -21.85 -12.66
C LEU D 935 29.64 -22.23 -13.33
N ARG D 936 29.72 -23.47 -13.81
CA ARG D 936 30.98 -23.98 -14.33
C ARG D 936 31.30 -23.27 -15.65
N ILE D 937 30.27 -23.04 -16.46
CA ILE D 937 30.45 -22.39 -17.75
C ILE D 937 30.89 -20.95 -17.55
N ALA D 938 30.27 -20.30 -16.57
CA ALA D 938 30.48 -18.87 -16.31
C ALA D 938 31.91 -18.61 -15.82
N ALA D 939 32.60 -19.66 -15.40
CA ALA D 939 33.97 -19.51 -14.89
C ALA D 939 34.93 -20.13 -15.89
N ASN D 940 34.45 -20.38 -17.10
CA ASN D 940 35.25 -20.88 -18.22
C ASN D 940 35.84 -22.25 -17.96
N ASP D 941 35.10 -23.06 -17.20
CA ASP D 941 35.50 -24.42 -16.91
C ASP D 941 34.28 -25.22 -17.37
N SER D 942 33.88 -24.94 -18.61
CA SER D 942 32.71 -25.55 -19.23
C SER D 942 32.88 -27.05 -19.41
N PRO D 943 31.78 -27.82 -19.24
CA PRO D 943 31.74 -29.21 -19.70
C PRO D 943 32.17 -29.24 -21.16
N ASP D 944 32.90 -30.27 -21.54
CA ASP D 944 33.32 -30.40 -22.92
C ASP D 944 32.12 -30.85 -23.77
N PHE D 945 31.50 -29.91 -24.47
CA PHE D 945 30.20 -30.10 -25.13
C PHE D 945 30.09 -31.21 -26.19
N ASP D 946 31.12 -31.34 -27.02
CA ASP D 946 31.07 -32.28 -28.14
C ASP D 946 31.10 -33.73 -27.67
N ASN D 947 31.47 -33.91 -26.40
CA ASN D 947 31.61 -35.24 -25.82
C ASN D 947 30.63 -35.48 -24.68
N THR D 948 29.59 -34.66 -24.64
CA THR D 948 28.59 -34.74 -23.59
C THR D 948 27.37 -35.45 -24.18
N LYS D 949 27.06 -36.62 -23.63
CA LYS D 949 25.93 -37.44 -24.05
C LYS D 949 24.78 -37.23 -23.07
N ILE D 950 23.72 -36.59 -23.54
CA ILE D 950 22.55 -36.42 -22.69
C ILE D 950 21.50 -37.51 -22.92
N GLU D 951 21.21 -38.27 -21.86
CA GLU D 951 20.12 -39.23 -21.90
C GLU D 951 18.90 -38.79 -21.12
N VAL D 952 17.77 -38.74 -21.82
CA VAL D 952 16.49 -38.38 -21.23
C VAL D 952 15.80 -39.66 -20.83
N SER D 953 15.23 -39.66 -19.63
CA SER D 953 14.90 -40.88 -18.90
C SER D 953 13.58 -40.66 -18.16
N GLY D 954 12.54 -41.29 -18.69
CA GLY D 954 11.21 -41.16 -18.14
C GLY D 954 10.55 -39.86 -18.57
N ALA D 955 9.59 -39.42 -17.77
CA ALA D 955 8.89 -38.18 -18.01
C ALA D 955 8.67 -37.45 -16.70
N SER D 956 8.54 -36.14 -16.76
CA SER D 956 8.51 -35.37 -15.53
C SER D 956 7.61 -34.16 -15.71
N ILE D 957 6.86 -33.84 -14.66
CA ILE D 957 5.94 -32.72 -14.74
C ILE D 957 5.91 -31.89 -13.45
N GLU D 958 5.60 -30.60 -13.59
CA GLU D 958 5.71 -29.59 -12.54
C GLU D 958 4.39 -28.84 -12.44
N ALA D 959 3.95 -28.61 -11.22
CA ALA D 959 2.78 -27.78 -10.96
C ALA D 959 3.21 -26.63 -10.08
N ARG D 960 2.66 -25.45 -10.33
CA ARG D 960 3.07 -24.26 -9.60
C ARG D 960 2.04 -23.89 -8.52
N LEU D 961 2.42 -24.10 -7.26
CA LEU D 961 1.56 -23.69 -6.14
C LEU D 961 1.70 -22.19 -5.88
N TYR D 962 0.60 -21.48 -6.10
CA TYR D 962 0.53 -20.04 -5.85
C TYR D 962 -0.35 -19.69 -4.66
N ALA D 963 0.06 -18.67 -3.92
CA ALA D 963 -0.82 -18.07 -2.94
C ALA D 963 -1.82 -17.18 -3.70
N GLU D 964 -2.88 -17.81 -4.20
CA GLU D 964 -3.88 -17.12 -5.03
C GLU D 964 -5.27 -17.68 -4.80
N ASN D 965 -6.30 -16.89 -5.12
CA ASN D 965 -7.67 -17.37 -5.07
C ASN D 965 -8.29 -17.60 -6.45
N PRO D 966 -8.33 -18.86 -6.91
CA PRO D 966 -8.95 -19.15 -8.19
C PRO D 966 -10.43 -18.75 -8.28
N VAL D 967 -11.12 -18.71 -7.13
CA VAL D 967 -12.54 -18.39 -7.13
C VAL D 967 -12.81 -16.90 -7.30
N LYS D 968 -11.90 -16.09 -6.79
CA LYS D 968 -11.98 -14.64 -6.98
C LYS D 968 -10.87 -14.09 -7.86
N ASP D 969 -10.77 -14.60 -9.09
CA ASP D 969 -9.95 -13.99 -10.15
C ASP D 969 -8.43 -14.12 -9.93
N PHE D 970 -8.01 -15.13 -9.19
CA PHE D 970 -6.58 -15.36 -8.95
C PHE D 970 -5.94 -14.15 -8.32
N ARG D 971 -6.70 -13.58 -7.40
CA ARG D 971 -6.29 -12.46 -6.54
C ARG D 971 -5.32 -12.97 -5.49
N PRO D 972 -4.17 -12.29 -5.34
CA PRO D 972 -3.13 -12.76 -4.41
C PRO D 972 -3.64 -12.86 -2.98
N SER D 973 -3.17 -13.86 -2.25
CA SER D 973 -3.69 -14.14 -0.93
C SER D 973 -2.57 -14.17 0.10
N PRO D 974 -2.30 -13.02 0.72
CA PRO D 974 -1.25 -12.92 1.74
C PRO D 974 -1.66 -13.53 3.07
N GLY D 975 -0.66 -13.78 3.92
CA GLY D 975 -0.92 -14.26 5.27
C GLY D 975 0.11 -15.25 5.79
N GLN D 976 -0.02 -15.64 7.06
CA GLN D 976 0.87 -16.60 7.67
C GLN D 976 0.49 -18.05 7.42
N LEU D 977 1.44 -18.84 6.93
CA LEU D 977 1.18 -20.26 6.75
C LEU D 977 1.17 -20.91 8.11
N THR D 978 0.21 -21.81 8.29
CA THR D 978 -0.18 -22.27 9.61
C THR D 978 0.15 -23.75 9.74
N SER D 979 0.30 -24.39 8.59
CA SER D 979 0.66 -25.79 8.49
C SER D 979 1.08 -25.99 7.06
N VAL D 980 2.21 -26.66 6.86
CA VAL D 980 2.79 -26.83 5.55
C VAL D 980 3.32 -28.24 5.42
N SER D 981 2.66 -29.06 4.61
CA SER D 981 3.17 -30.39 4.33
C SER D 981 3.30 -30.71 2.84
N PHE D 982 4.43 -31.29 2.46
CA PHE D 982 4.70 -31.70 1.08
C PHE D 982 5.08 -33.16 0.99
N PRO D 983 4.69 -33.84 -0.10
CA PRO D 983 5.16 -35.21 -0.32
C PRO D 983 6.69 -35.22 -0.34
N SER D 984 7.30 -36.01 0.52
CA SER D 984 8.77 -36.05 0.61
C SER D 984 9.43 -36.81 -0.54
N TRP D 985 8.62 -37.50 -1.33
CA TRP D 985 9.16 -38.35 -2.37
C TRP D 985 9.25 -37.65 -3.71
N ALA D 986 8.45 -36.60 -3.87
CA ALA D 986 8.61 -35.70 -5.00
C ALA D 986 9.73 -34.72 -4.76
N ARG D 987 10.13 -34.01 -5.81
CA ARG D 987 11.00 -32.86 -5.60
C ARG D 987 10.08 -31.66 -5.50
N VAL D 988 10.22 -30.89 -4.43
CA VAL D 988 9.47 -29.66 -4.33
C VAL D 988 10.45 -28.53 -4.05
N ASP D 989 10.48 -27.57 -4.95
CA ASP D 989 11.36 -26.41 -4.79
C ASP D 989 10.45 -25.38 -4.19
N THR D 990 10.77 -24.98 -2.97
CA THR D 990 9.95 -24.03 -2.24
C THR D 990 10.84 -23.18 -1.37
N TRP D 991 10.22 -22.28 -0.63
CA TRP D 991 10.95 -21.43 0.30
C TRP D 991 10.11 -21.21 1.54
N VAL D 992 9.10 -22.06 1.71
CA VAL D 992 8.15 -21.88 2.79
C VAL D 992 8.02 -23.11 3.69
N LYS D 993 7.59 -22.84 4.92
CA LYS D 993 7.26 -23.87 5.91
C LYS D 993 6.24 -23.34 6.90
N LYS D 994 5.84 -24.18 7.85
CA LYS D 994 4.98 -23.77 8.95
C LYS D 994 5.60 -22.46 9.47
N GLY D 995 4.84 -21.38 9.55
CA GLY D 995 5.37 -20.15 10.13
C GLY D 995 5.57 -18.96 9.19
N THR D 996 6.00 -19.28 7.98
CA THR D 996 6.26 -18.28 6.95
C THR D 996 5.11 -17.31 6.70
N ASN D 997 5.48 -16.03 6.65
CA ASN D 997 4.57 -14.97 6.26
C ASN D 997 4.64 -14.69 4.77
N VAL D 998 3.54 -14.95 4.07
CA VAL D 998 3.51 -14.77 2.63
C VAL D 998 2.89 -13.41 2.29
N SER D 999 3.66 -12.54 1.65
CA SER D 999 3.17 -11.20 1.31
C SER D 999 2.69 -11.09 -0.13
N ALA D 1000 2.03 -9.98 -0.42
CA ALA D 1000 1.44 -9.76 -1.73
C ALA D 1000 2.40 -8.96 -2.60
N GLU D 1001 3.52 -8.54 -2.01
CA GLU D 1001 4.47 -7.66 -2.69
C GLU D 1001 5.02 -8.18 -4.01
N TYR D 1002 5.71 -9.31 -4.00
CA TYR D 1002 6.60 -9.64 -5.12
C TYR D 1002 5.99 -10.52 -6.19
N ASP D 1003 5.33 -11.59 -5.77
CA ASP D 1003 5.00 -12.74 -6.62
C ASP D 1003 4.53 -13.84 -5.68
N PRO D 1004 3.37 -14.44 -5.99
CA PRO D 1004 2.78 -15.33 -4.99
C PRO D 1004 3.18 -16.79 -5.08
N THR D 1005 4.31 -17.09 -5.71
CA THR D 1005 4.79 -18.47 -5.76
C THR D 1005 5.08 -19.01 -4.37
N LEU D 1006 4.53 -20.18 -4.06
CA LEU D 1006 4.74 -20.83 -2.78
C LEU D 1006 5.77 -21.94 -2.93
N ALA D 1007 5.61 -22.72 -3.99
CA ALA D 1007 6.26 -24.01 -4.12
C ALA D 1007 6.12 -24.52 -5.54
N LYS D 1008 7.07 -25.34 -5.97
CA LYS D 1008 6.96 -26.00 -7.25
C LYS D 1008 7.05 -27.48 -6.94
N ILE D 1009 6.03 -28.20 -7.39
CA ILE D 1009 5.89 -29.60 -7.07
C ILE D 1009 6.25 -30.39 -8.31
N ILE D 1010 7.36 -31.11 -8.20
CA ILE D 1010 7.93 -31.79 -9.35
C ILE D 1010 8.04 -33.29 -9.19
N VAL D 1011 7.49 -33.98 -10.17
CA VAL D 1011 7.30 -35.42 -10.15
C VAL D 1011 8.01 -36.11 -11.34
N HIS D 1012 8.53 -37.31 -11.12
CA HIS D 1012 9.34 -38.02 -12.12
C HIS D 1012 8.80 -39.44 -12.29
N GLY D 1013 8.22 -39.72 -13.44
CA GLY D 1013 7.68 -41.03 -13.73
C GLY D 1013 8.32 -41.77 -14.89
N LYS D 1014 7.97 -43.04 -15.01
CA LYS D 1014 8.49 -43.91 -16.08
C LYS D 1014 8.09 -43.42 -17.47
N ASP D 1015 6.93 -42.76 -17.53
CA ASP D 1015 6.40 -42.22 -18.79
C ASP D 1015 5.24 -41.29 -18.44
N ARG D 1016 4.71 -40.58 -19.44
CA ARG D 1016 3.67 -39.58 -19.22
C ARG D 1016 2.55 -40.05 -18.26
N ASN D 1017 2.00 -41.24 -18.47
CA ASN D 1017 0.90 -41.70 -17.62
C ASN D 1017 1.34 -41.91 -16.19
N ASP D 1018 2.51 -42.48 -15.99
CA ASP D 1018 3.03 -42.70 -14.65
C ASP D 1018 3.23 -41.35 -13.95
N ALA D 1019 3.59 -40.33 -14.73
CA ALA D 1019 3.92 -39.01 -14.17
C ALA D 1019 2.66 -38.26 -13.80
N ILE D 1020 1.62 -38.43 -14.61
CA ILE D 1020 0.33 -37.77 -14.36
C ILE D 1020 -0.30 -38.35 -13.10
N MET D 1021 -0.16 -39.66 -12.90
CA MET D 1021 -0.67 -40.26 -11.69
C MET D 1021 0.14 -39.78 -10.50
N LYS D 1022 1.46 -39.78 -10.63
CA LYS D 1022 2.32 -39.31 -9.55
C LYS D 1022 2.00 -37.87 -9.18
N LEU D 1023 1.58 -37.09 -10.16
CA LEU D 1023 1.44 -35.67 -9.94
C LEU D 1023 0.16 -35.48 -9.17
N ASN D 1024 -0.87 -36.25 -9.53
CA ASN D 1024 -2.11 -36.21 -8.78
C ASN D 1024 -1.88 -36.62 -7.32
N GLN D 1025 -1.17 -37.71 -7.07
CA GLN D 1025 -0.92 -38.12 -5.68
C GLN D 1025 -0.17 -36.98 -4.96
N ALA D 1026 0.90 -36.46 -5.57
CA ALA D 1026 1.66 -35.36 -4.97
C ALA D 1026 0.76 -34.18 -4.57
N LEU D 1027 -0.08 -33.74 -5.50
CA LEU D 1027 -1.03 -32.68 -5.24
C LEU D 1027 -1.99 -33.02 -4.10
N ASN D 1028 -2.39 -34.29 -4.02
CA ASN D 1028 -3.29 -34.79 -2.98
C ASN D 1028 -2.64 -34.75 -1.62
N GLU D 1029 -1.31 -34.77 -1.64
CA GLU D 1029 -0.50 -35.03 -0.47
C GLU D 1029 0.11 -33.70 -0.02
N THR D 1030 -0.26 -32.65 -0.72
CA THR D 1030 0.21 -31.30 -0.45
C THR D 1030 -0.80 -30.56 0.44
N ALA D 1031 -0.44 -30.32 1.69
CA ALA D 1031 -1.30 -29.58 2.61
C ALA D 1031 -0.66 -28.27 3.06
N VAL D 1032 -1.16 -27.18 2.53
CA VAL D 1032 -0.69 -25.85 2.89
C VAL D 1032 -1.85 -24.95 3.31
N TYR D 1033 -1.79 -24.42 4.54
CA TYR D 1033 -2.95 -23.72 5.13
C TYR D 1033 -2.49 -22.41 5.80
N GLY D 1034 -3.34 -21.38 5.75
CA GLY D 1034 -2.95 -20.06 6.24
C GLY D 1034 -3.09 -18.99 5.17
N CYS D 1035 -2.98 -19.43 3.92
CA CYS D 1035 -3.25 -18.59 2.76
C CYS D 1035 -4.22 -19.36 1.87
N ILE D 1036 -4.98 -18.64 1.05
CA ILE D 1036 -5.66 -19.31 -0.03
C ILE D 1036 -4.63 -19.72 -1.07
N THR D 1037 -4.74 -20.95 -1.58
CA THR D 1037 -3.79 -21.45 -2.58
C THR D 1037 -4.55 -21.87 -3.82
N ASN D 1038 -3.83 -22.34 -4.83
CA ASN D 1038 -4.48 -22.77 -6.05
C ASN D 1038 -4.46 -24.28 -6.16
N ILE D 1039 -4.32 -24.93 -5.00
CA ILE D 1039 -4.07 -26.36 -4.94
C ILE D 1039 -5.28 -27.09 -5.53
N ASP D 1040 -6.50 -26.67 -5.16
CA ASP D 1040 -7.71 -27.35 -5.62
C ASP D 1040 -7.86 -27.20 -7.12
N TYR D 1041 -7.65 -25.97 -7.57
CA TYR D 1041 -7.55 -25.64 -8.99
C TYR D 1041 -6.53 -26.51 -9.73
N LEU D 1042 -5.33 -26.64 -9.16
CA LEU D 1042 -4.31 -27.54 -9.70
C LEU D 1042 -4.80 -28.98 -9.81
N ARG D 1043 -5.49 -29.43 -8.76
CA ARG D 1043 -5.90 -30.81 -8.62
C ARG D 1043 -6.88 -31.21 -9.70
N SER D 1044 -7.88 -30.36 -9.87
CA SER D 1044 -8.86 -30.45 -10.94
C SER D 1044 -8.22 -30.52 -12.32
N ILE D 1045 -7.26 -29.63 -12.61
CA ILE D 1045 -6.53 -29.70 -13.89
C ILE D 1045 -5.74 -30.99 -14.04
N ALA D 1046 -4.79 -31.22 -13.13
CA ALA D 1046 -4.04 -32.48 -13.09
C ALA D 1046 -4.93 -33.72 -13.24
N SER D 1047 -6.21 -33.59 -12.89
CA SER D 1047 -7.17 -34.70 -12.87
C SER D 1047 -8.00 -34.79 -14.15
N SER D 1048 -8.02 -33.71 -14.93
CA SER D 1048 -8.96 -33.60 -16.03
C SER D 1048 -8.77 -34.67 -17.10
N LYS D 1049 -9.82 -34.90 -17.89
CA LYS D 1049 -9.77 -35.81 -19.01
C LYS D 1049 -8.85 -35.14 -20.03
N MET D 1050 -9.07 -33.83 -20.21
CA MET D 1050 -8.22 -32.98 -21.04
C MET D 1050 -6.74 -33.29 -20.86
N PHE D 1051 -6.18 -32.98 -19.68
CA PHE D 1051 -4.75 -33.14 -19.45
C PHE D 1051 -4.27 -34.56 -19.79
N LYS D 1052 -5.06 -35.57 -19.41
CA LYS D 1052 -4.63 -36.95 -19.62
C LYS D 1052 -4.58 -37.34 -21.10
N GLU D 1053 -5.58 -36.89 -21.87
CA GLU D 1053 -5.63 -37.24 -23.29
C GLU D 1053 -4.66 -36.35 -24.07
N ALA D 1054 -4.09 -35.38 -23.35
CA ALA D 1054 -3.06 -34.47 -23.86
C ALA D 1054 -3.60 -33.43 -24.83
N LYS D 1055 -4.92 -33.20 -24.80
CA LYS D 1055 -5.50 -32.16 -25.65
C LYS D 1055 -5.22 -30.77 -25.03
N VAL D 1056 -3.93 -30.49 -24.85
CA VAL D 1056 -3.42 -29.26 -24.26
C VAL D 1056 -3.08 -28.21 -25.30
N ALA D 1057 -3.44 -26.97 -25.02
CA ALA D 1057 -3.06 -25.85 -25.86
C ALA D 1057 -2.96 -24.56 -25.05
N THR D 1058 -2.18 -23.62 -25.54
CA THR D 1058 -1.99 -22.32 -24.89
C THR D 1058 -3.33 -21.63 -24.53
N LYS D 1059 -4.43 -22.19 -25.01
CA LYS D 1059 -5.76 -21.57 -24.92
C LYS D 1059 -6.65 -22.24 -23.87
N VAL D 1060 -6.42 -23.53 -23.66
CA VAL D 1060 -7.28 -24.38 -22.84
C VAL D 1060 -7.68 -23.80 -21.47
N LEU D 1061 -6.70 -23.51 -20.64
CA LEU D 1061 -6.97 -23.01 -19.29
C LEU D 1061 -7.81 -21.74 -19.23
N ASP D 1062 -7.84 -20.99 -20.33
CA ASP D 1062 -8.66 -19.79 -20.41
C ASP D 1062 -10.15 -20.09 -20.51
N SER D 1063 -10.50 -21.29 -20.96
CA SER D 1063 -11.90 -21.70 -20.93
C SER D 1063 -12.08 -23.01 -20.18
N PHE D 1064 -11.43 -23.12 -19.04
CA PHE D 1064 -11.46 -24.35 -18.26
C PHE D 1064 -12.53 -24.28 -17.20
N ASP D 1065 -13.39 -25.29 -17.16
CA ASP D 1065 -14.49 -25.31 -16.20
C ASP D 1065 -14.01 -25.71 -14.81
N TYR D 1066 -13.76 -24.72 -13.96
CA TYR D 1066 -13.36 -24.98 -12.58
C TYR D 1066 -14.48 -24.72 -11.59
N LYS D 1067 -14.95 -25.80 -10.96
CA LYS D 1067 -15.94 -25.71 -9.89
C LYS D 1067 -15.45 -26.31 -8.57
N PRO D 1068 -15.19 -25.43 -7.58
CA PRO D 1068 -14.85 -25.77 -6.19
C PRO D 1068 -15.97 -26.49 -5.47
N CYS D 1069 -15.66 -27.65 -4.90
CA CYS D 1069 -16.66 -28.31 -4.07
C CYS D 1069 -16.71 -27.60 -2.71
N ALA D 1070 -17.44 -26.50 -2.65
CA ALA D 1070 -17.23 -25.51 -1.60
C ALA D 1070 -18.36 -24.48 -1.59
N PHE D 1071 -18.48 -23.68 -0.53
CA PHE D 1071 -19.35 -22.50 -0.63
C PHE D 1071 -18.51 -21.21 -0.57
N GLU D 1072 -19.19 -20.06 -0.71
CA GLU D 1072 -18.52 -18.77 -0.78
C GLU D 1072 -19.32 -17.74 -0.03
N VAL D 1073 -18.62 -16.89 0.71
CA VAL D 1073 -19.25 -15.94 1.60
C VAL D 1073 -19.57 -14.63 0.89
N LEU D 1074 -20.82 -14.47 0.46
CA LEU D 1074 -21.25 -13.22 -0.15
C LEU D 1074 -21.34 -12.11 0.91
N ALA D 1075 -21.61 -12.52 2.15
CA ALA D 1075 -21.64 -11.60 3.30
C ALA D 1075 -21.39 -12.41 4.57
N PRO D 1076 -20.68 -11.82 5.53
CA PRO D 1076 -20.16 -12.65 6.62
C PRO D 1076 -21.13 -12.92 7.79
N GLY D 1077 -22.03 -12.01 8.08
CA GLY D 1077 -22.77 -12.08 9.35
C GLY D 1077 -21.90 -11.47 10.43
N ALA D 1078 -22.52 -11.11 11.56
CA ALA D 1078 -21.80 -10.42 12.65
C ALA D 1078 -20.65 -11.19 13.30
N ASN D 1079 -20.74 -12.51 13.34
CA ASN D 1079 -19.73 -13.30 14.03
C ASN D 1079 -19.88 -14.76 13.72
N THR D 1080 -19.53 -15.13 12.50
CA THR D 1080 -19.77 -16.47 12.02
C THR D 1080 -18.48 -17.28 12.08
N SER D 1081 -18.49 -18.39 12.82
CA SER D 1081 -17.30 -19.22 13.03
C SER D 1081 -17.50 -20.71 12.82
N VAL D 1082 -16.51 -21.35 12.20
CA VAL D 1082 -16.46 -22.80 12.20
C VAL D 1082 -16.28 -23.32 13.63
N GLN D 1083 -17.14 -24.26 14.04
CA GLN D 1083 -17.02 -24.85 15.36
C GLN D 1083 -17.25 -26.37 15.27
N ASP D 1084 -16.75 -27.13 16.24
CA ASP D 1084 -17.12 -28.54 16.38
C ASP D 1084 -17.30 -28.94 17.84
N TYR D 1085 -17.73 -30.17 18.05
CA TYR D 1085 -18.20 -30.59 19.37
C TYR D 1085 -17.69 -31.99 19.71
N PRO D 1086 -17.11 -32.16 20.92
CA PRO D 1086 -17.13 -31.27 22.09
C PRO D 1086 -16.19 -30.08 22.01
N GLY D 1087 -15.35 -30.02 20.98
CA GLY D 1087 -14.47 -28.88 20.83
C GLY D 1087 -13.04 -29.24 21.18
N ARG D 1088 -12.29 -28.24 21.62
CA ARG D 1088 -10.86 -28.41 21.84
C ARG D 1088 -10.68 -28.90 23.27
N THR D 1089 -10.96 -30.18 23.50
CA THR D 1089 -10.85 -30.71 24.85
C THR D 1089 -9.44 -31.25 25.05
N GLY D 1090 -9.04 -31.41 26.31
CA GLY D 1090 -7.77 -32.05 26.60
C GLY D 1090 -6.75 -31.15 27.29
N TYR D 1091 -7.05 -29.87 27.38
CA TYR D 1091 -6.02 -28.88 27.69
C TYR D 1091 -6.47 -27.75 28.60
N TRP D 1092 -7.56 -27.93 29.36
CA TRP D 1092 -8.00 -26.92 30.32
C TRP D 1092 -6.95 -26.56 31.40
N ARG D 1093 -6.11 -27.52 31.77
CA ARG D 1093 -5.06 -27.30 32.75
C ARG D 1093 -4.03 -26.31 32.21
N ILE D 1094 -4.01 -26.18 30.89
CA ILE D 1094 -3.14 -25.23 30.21
C ILE D 1094 -3.83 -23.89 30.00
N GLY D 1095 -5.16 -23.91 29.96
CA GLY D 1095 -5.89 -22.70 29.72
C GLY D 1095 -6.18 -22.58 28.24
N VAL D 1096 -6.33 -23.73 27.60
CA VAL D 1096 -6.84 -23.76 26.26
C VAL D 1096 -8.30 -24.10 26.41
N PRO D 1097 -9.17 -23.18 26.02
CA PRO D 1097 -10.58 -23.49 26.23
C PRO D 1097 -11.08 -24.45 25.16
N PRO D 1098 -12.23 -25.09 25.39
CA PRO D 1098 -12.75 -26.03 24.40
C PRO D 1098 -13.21 -25.32 23.14
N SER D 1099 -13.68 -24.08 23.28
CA SER D 1099 -14.33 -23.36 22.18
C SER D 1099 -15.53 -24.21 21.78
N GLY D 1100 -15.70 -24.46 20.48
CA GLY D 1100 -16.89 -25.16 20.08
C GLY D 1100 -18.12 -24.30 20.24
N PRO D 1101 -19.30 -24.88 20.03
CA PRO D 1101 -20.53 -24.09 20.07
C PRO D 1101 -20.89 -23.60 21.47
N MET D 1102 -21.40 -22.37 21.50
CA MET D 1102 -21.85 -21.73 22.73
C MET D 1102 -23.17 -22.33 23.27
N ASP D 1103 -23.98 -22.85 22.36
CA ASP D 1103 -25.19 -23.58 22.71
C ASP D 1103 -24.97 -24.92 22.05
N SER D 1104 -24.51 -25.92 22.80
CA SER D 1104 -24.12 -27.18 22.18
C SER D 1104 -25.31 -28.06 21.75
N TYR D 1105 -26.47 -27.87 22.35
CA TYR D 1105 -27.61 -28.69 21.97
C TYR D 1105 -28.12 -28.41 20.57
N SER D 1106 -28.44 -27.15 20.29
CA SER D 1106 -28.81 -26.75 18.92
C SER D 1106 -27.77 -27.17 17.91
N PHE D 1107 -26.51 -27.07 18.28
CA PHE D 1107 -25.42 -27.35 17.35
C PHE D 1107 -25.54 -28.81 16.94
N ARG D 1108 -25.76 -29.68 17.92
CA ARG D 1108 -25.77 -31.09 17.67
C ARG D 1108 -27.08 -31.53 17.01
N LEU D 1109 -28.16 -30.82 17.32
CA LEU D 1109 -29.39 -31.03 16.57
C LEU D 1109 -29.10 -30.74 15.11
N ALA D 1110 -28.53 -29.58 14.82
CA ALA D 1110 -28.33 -29.15 13.44
C ALA D 1110 -27.52 -30.20 12.69
N ASN D 1111 -26.42 -30.66 13.28
CA ASN D 1111 -25.62 -31.74 12.70
C ASN D 1111 -26.45 -32.99 12.46
N ARG D 1112 -27.19 -33.42 13.48
CA ARG D 1112 -27.97 -34.65 13.37
C ARG D 1112 -29.03 -34.57 12.26
N VAL D 1113 -29.65 -33.41 12.10
CA VAL D 1113 -30.76 -33.23 11.18
C VAL D 1113 -30.28 -33.58 9.77
N VAL D 1114 -28.97 -33.42 9.56
CA VAL D 1114 -28.41 -33.63 8.25
C VAL D 1114 -27.69 -34.97 8.19
N GLY D 1115 -27.68 -35.68 9.31
CA GLY D 1115 -27.08 -37.00 9.34
C GLY D 1115 -25.57 -37.01 9.46
N ASN D 1116 -24.99 -35.90 9.89
CA ASN D 1116 -23.55 -35.83 10.15
C ASN D 1116 -23.13 -36.69 11.33
N ASN D 1117 -21.99 -37.37 11.22
CA ASN D 1117 -21.22 -37.76 12.41
C ASN D 1117 -21.10 -36.57 13.36
N SER D 1118 -21.11 -36.81 14.68
CA SER D 1118 -21.22 -35.72 15.63
C SER D 1118 -19.95 -34.88 15.71
N LYS D 1119 -18.87 -35.38 15.12
CA LYS D 1119 -17.61 -34.66 15.06
C LYS D 1119 -17.52 -33.68 13.88
N SER D 1120 -18.59 -33.55 13.10
CA SER D 1120 -18.56 -32.72 11.91
C SER D 1120 -18.57 -31.24 12.29
N PRO D 1121 -17.82 -30.41 11.56
CA PRO D 1121 -17.90 -28.99 11.90
C PRO D 1121 -19.02 -28.27 11.17
N ALA D 1122 -19.48 -27.18 11.79
CA ALA D 1122 -20.68 -26.48 11.37
C ALA D 1122 -20.42 -25.00 11.62
N LEU D 1123 -21.32 -24.13 11.20
CA LEU D 1123 -21.16 -22.72 11.52
C LEU D 1123 -22.02 -22.25 12.66
N GLU D 1124 -21.40 -21.54 13.58
CA GLU D 1124 -22.11 -20.82 14.62
C GLU D 1124 -22.41 -19.42 14.09
N ILE D 1125 -23.68 -19.09 14.02
CA ILE D 1125 -24.11 -17.73 13.69
C ILE D 1125 -24.48 -16.96 14.96
N THR D 1126 -23.94 -15.75 15.10
CA THR D 1126 -24.27 -14.94 16.25
C THR D 1126 -24.96 -13.64 15.83
N LEU D 1127 -26.16 -13.42 16.37
CA LEU D 1127 -26.97 -12.20 16.16
C LEU D 1127 -27.50 -11.99 14.73
N ASN D 1128 -26.66 -12.14 13.71
CA ASN D 1128 -27.18 -12.29 12.35
C ASN D 1128 -26.20 -12.99 11.42
N GLY D 1129 -26.75 -13.70 10.44
CA GLY D 1129 -25.95 -14.65 9.69
C GLY D 1129 -25.43 -14.15 8.36
N PRO D 1130 -24.75 -15.03 7.64
CA PRO D 1130 -24.12 -14.76 6.36
C PRO D 1130 -25.07 -14.99 5.20
N LYS D 1131 -24.75 -14.49 4.01
CA LYS D 1131 -25.39 -15.05 2.83
C LYS D 1131 -24.28 -15.79 2.08
N LEU D 1132 -24.58 -17.03 1.69
CA LEU D 1132 -23.58 -17.92 1.12
C LEU D 1132 -23.97 -18.36 -0.27
N LEU D 1133 -22.99 -18.40 -1.17
CA LEU D 1133 -23.21 -18.95 -2.50
C LEU D 1133 -22.64 -20.34 -2.53
N PHE D 1134 -23.45 -21.30 -2.98
CA PHE D 1134 -23.00 -22.68 -3.01
C PHE D 1134 -22.55 -23.03 -4.42
N HIS D 1135 -21.39 -23.66 -4.53
CA HIS D 1135 -20.77 -23.90 -5.82
C HIS D 1135 -20.92 -25.37 -6.18
N THR D 1136 -21.61 -26.09 -5.31
CA THR D 1136 -21.76 -27.54 -5.42
C THR D 1136 -23.08 -27.90 -4.71
N GLU D 1137 -23.44 -29.17 -4.70
CA GLU D 1137 -24.71 -29.55 -4.11
C GLU D 1137 -24.53 -30.23 -2.77
N THR D 1138 -25.50 -30.06 -1.88
CA THR D 1138 -25.44 -30.65 -0.56
C THR D 1138 -26.77 -30.51 0.17
N VAL D 1139 -26.79 -30.96 1.43
CA VAL D 1139 -27.93 -30.73 2.31
C VAL D 1139 -27.54 -29.81 3.44
N ILE D 1140 -28.51 -29.05 3.94
CA ILE D 1140 -28.25 -27.98 4.88
C ILE D 1140 -29.33 -28.02 5.95
N ALA D 1141 -29.02 -27.50 7.13
CA ALA D 1141 -30.04 -27.27 8.15
C ALA D 1141 -29.63 -26.14 9.07
N VAL D 1142 -30.64 -25.55 9.69
CA VAL D 1142 -30.39 -24.48 10.63
C VAL D 1142 -31.16 -24.76 11.91
N SER D 1143 -30.51 -24.53 13.04
CA SER D 1143 -31.12 -24.83 14.32
C SER D 1143 -30.63 -23.82 15.34
N GLY D 1144 -31.41 -23.61 16.40
CA GLY D 1144 -31.04 -22.66 17.42
C GLY D 1144 -32.11 -21.60 17.56
N GLY D 1145 -31.68 -20.34 17.60
CA GLY D 1145 -32.59 -19.21 17.70
C GLY D 1145 -33.53 -19.10 16.53
N THR D 1146 -34.53 -18.25 16.65
CA THR D 1146 -35.40 -17.91 15.52
C THR D 1146 -34.69 -16.92 14.61
N VAL D 1147 -34.52 -17.36 13.36
CA VAL D 1147 -33.89 -16.56 12.31
C VAL D 1147 -34.65 -16.84 11.03
N SER D 1148 -34.97 -15.79 10.29
CA SER D 1148 -35.53 -16.00 8.98
C SER D 1148 -34.40 -16.52 8.09
N CYS D 1149 -34.67 -17.58 7.31
CA CYS D 1149 -33.65 -18.18 6.45
C CYS D 1149 -34.16 -18.35 5.04
N THR D 1150 -33.31 -17.94 4.11
CA THR D 1150 -33.65 -17.78 2.71
C THR D 1150 -32.90 -18.81 1.86
N LEU D 1151 -33.60 -19.47 0.95
CA LEU D 1151 -32.90 -20.13 -0.15
C LEU D 1151 -33.42 -19.60 -1.47
N ASN D 1152 -32.54 -18.93 -2.22
CA ASN D 1152 -32.92 -18.19 -3.41
C ASN D 1152 -34.21 -17.41 -3.18
N ASP D 1153 -34.30 -16.83 -1.97
CA ASP D 1153 -35.33 -15.88 -1.55
C ASP D 1153 -36.63 -16.50 -1.01
N ALA D 1154 -36.85 -17.79 -1.22
CA ALA D 1154 -37.98 -18.44 -0.56
C ALA D 1154 -37.60 -18.86 0.86
N GLN D 1155 -38.35 -18.38 1.85
CA GLN D 1155 -38.23 -18.88 3.23
C GLN D 1155 -38.08 -20.38 3.30
N ILE D 1156 -37.26 -20.79 4.25
CA ILE D 1156 -36.87 -22.17 4.37
C ILE D 1156 -37.06 -22.51 5.85
N ALA D 1157 -37.34 -23.77 6.17
CA ALA D 1157 -37.63 -24.16 7.55
C ALA D 1157 -36.39 -24.51 8.37
N GLN D 1158 -36.43 -24.19 9.66
CA GLN D 1158 -35.43 -24.66 10.61
C GLN D 1158 -35.66 -26.13 10.98
N ASN D 1159 -34.58 -26.84 11.30
CA ASN D 1159 -34.63 -28.21 11.85
C ASN D 1159 -35.01 -29.25 10.79
N GLU D 1160 -35.07 -28.84 9.53
CA GLU D 1160 -35.33 -29.76 8.43
C GLU D 1160 -34.14 -29.84 7.49
N PRO D 1161 -33.91 -31.00 6.86
CA PRO D 1161 -32.86 -31.11 5.85
C PRO D 1161 -33.26 -30.43 4.56
N ILE D 1162 -32.68 -29.27 4.30
CA ILE D 1162 -32.86 -28.59 3.02
C ILE D 1162 -31.81 -29.00 1.98
N GLU D 1163 -32.29 -29.45 0.82
CA GLU D 1163 -31.46 -29.77 -0.34
C GLU D 1163 -31.03 -28.55 -1.14
N VAL D 1164 -29.73 -28.33 -1.28
CA VAL D 1164 -29.21 -27.11 -1.90
C VAL D 1164 -28.61 -27.50 -3.25
N LYS D 1165 -28.74 -26.66 -4.26
CA LYS D 1165 -28.46 -27.11 -5.62
C LYS D 1165 -27.07 -26.83 -6.20
N ARG D 1166 -26.61 -25.57 -6.15
CA ARG D 1166 -25.46 -25.00 -6.93
C ARG D 1166 -25.87 -23.76 -7.73
N GLY D 1167 -25.29 -22.61 -7.39
CA GLY D 1167 -25.88 -21.32 -7.73
C GLY D 1167 -26.88 -20.87 -6.70
N ASP D 1168 -27.17 -21.73 -5.73
CA ASP D 1168 -28.10 -21.40 -4.65
C ASP D 1168 -27.47 -20.39 -3.71
N ILE D 1169 -28.27 -19.41 -3.31
CA ILE D 1169 -27.87 -18.53 -2.25
C ILE D 1169 -28.70 -18.79 -0.99
N LEU D 1170 -28.02 -19.33 0.02
CA LEU D 1170 -28.57 -19.44 1.34
C LEU D 1170 -28.26 -18.18 2.11
N SER D 1171 -29.25 -17.67 2.82
CA SER D 1171 -29.03 -16.49 3.62
C SER D 1171 -29.82 -16.59 4.91
N VAL D 1172 -29.14 -16.42 6.04
CA VAL D 1172 -29.83 -16.40 7.31
C VAL D 1172 -29.60 -15.05 7.96
N GLY D 1173 -30.72 -14.44 8.35
CA GLY D 1173 -30.81 -13.03 8.71
C GLY D 1173 -30.61 -12.82 10.19
N LYS D 1174 -31.50 -12.04 10.81
CA LYS D 1174 -31.32 -11.61 12.18
C LYS D 1174 -31.94 -12.64 13.10
N VAL D 1175 -31.33 -12.85 14.26
CA VAL D 1175 -31.87 -13.76 15.26
C VAL D 1175 -32.86 -13.00 16.12
N THR D 1176 -34.12 -13.38 15.99
CA THR D 1176 -35.22 -12.71 16.66
C THR D 1176 -35.38 -13.18 18.10
N VAL D 1177 -35.15 -14.46 18.35
CA VAL D 1177 -35.37 -15.04 19.66
C VAL D 1177 -34.08 -15.80 19.96
N GLY D 1178 -33.45 -15.49 21.07
CA GLY D 1178 -32.14 -16.05 21.37
C GLY D 1178 -31.00 -15.25 20.74
N CYS D 1179 -29.78 -15.78 20.87
CA CYS D 1179 -28.58 -15.10 20.36
C CYS D 1179 -27.98 -15.77 19.12
N ARG D 1180 -28.11 -17.10 19.03
CA ARG D 1180 -27.25 -17.86 18.15
C ARG D 1180 -28.02 -18.96 17.41
N ALA D 1181 -27.58 -19.26 16.19
CA ALA D 1181 -28.09 -20.40 15.46
C ALA D 1181 -26.96 -21.17 14.79
N TYR D 1182 -27.29 -22.30 14.19
CA TYR D 1182 -26.26 -23.19 13.68
C TYR D 1182 -26.58 -23.73 12.31
N LEU D 1183 -25.62 -23.61 11.42
CA LEU D 1183 -25.82 -24.01 10.04
C LEU D 1183 -24.94 -25.19 9.70
N SER D 1184 -25.57 -26.34 9.55
CA SER D 1184 -24.85 -27.56 9.28
C SER D 1184 -24.89 -27.89 7.80
N ILE D 1185 -23.91 -28.67 7.36
CA ILE D 1185 -23.73 -29.02 5.95
C ILE D 1185 -23.44 -30.51 5.97
N ARG D 1186 -24.15 -31.30 5.17
CA ARG D 1186 -23.88 -32.73 5.15
C ARG D 1186 -22.41 -32.95 4.83
N GLY D 1187 -21.74 -33.74 5.66
CA GLY D 1187 -20.34 -34.03 5.46
C GLY D 1187 -19.39 -33.08 6.18
N GLY D 1188 -19.90 -31.94 6.66
CA GLY D 1188 -19.09 -31.05 7.48
C GLY D 1188 -18.25 -30.10 6.66
N ILE D 1189 -17.58 -29.15 7.32
CA ILE D 1189 -16.76 -28.18 6.60
C ILE D 1189 -15.27 -28.55 6.66
N ASP D 1190 -14.53 -28.32 5.58
CA ASP D 1190 -13.18 -28.85 5.51
C ASP D 1190 -12.10 -27.85 5.85
N VAL D 1191 -11.63 -27.98 7.08
CA VAL D 1191 -10.73 -27.02 7.67
C VAL D 1191 -9.75 -27.84 8.53
N PRO D 1192 -8.47 -27.43 8.57
CA PRO D 1192 -7.50 -28.25 9.35
C PRO D 1192 -7.75 -28.24 10.86
N GLU D 1193 -7.42 -29.34 11.53
CA GLU D 1193 -7.44 -29.38 13.00
C GLU D 1193 -6.30 -28.60 13.62
N TYR D 1194 -6.51 -28.10 14.83
CA TYR D 1194 -5.43 -27.61 15.66
C TYR D 1194 -5.68 -28.14 17.05
N LEU D 1195 -4.66 -28.78 17.63
CA LEU D 1195 -4.80 -29.41 18.94
C LEU D 1195 -6.04 -30.29 19.09
N GLY D 1196 -6.37 -31.05 18.05
CA GLY D 1196 -7.41 -32.06 18.15
C GLY D 1196 -8.78 -31.65 17.64
N SER D 1197 -8.95 -30.38 17.29
CA SER D 1197 -10.27 -29.84 17.03
C SER D 1197 -10.24 -28.80 15.92
N ARG D 1198 -11.34 -28.75 15.17
CA ARG D 1198 -11.52 -27.75 14.13
C ARG D 1198 -12.22 -26.50 14.64
N SER D 1199 -12.37 -26.38 15.96
CA SER D 1199 -13.08 -25.23 16.52
C SER D 1199 -12.24 -23.95 16.44
N THR D 1200 -12.93 -22.85 16.18
CA THR D 1200 -12.30 -21.54 16.16
C THR D 1200 -12.16 -20.92 17.54
N PHE D 1201 -10.93 -20.60 17.94
CA PHE D 1201 -10.68 -19.76 19.11
C PHE D 1201 -10.13 -18.41 18.64
N ALA D 1202 -11.01 -17.43 18.46
CA ALA D 1202 -10.65 -16.23 17.73
C ALA D 1202 -9.57 -15.43 18.42
N MET D 1203 -9.79 -15.19 19.70
CA MET D 1203 -8.82 -14.58 20.57
C MET D 1203 -7.40 -15.10 20.32
N GLY D 1204 -7.26 -16.40 20.12
CA GLY D 1204 -5.95 -17.00 19.92
C GLY D 1204 -5.60 -17.23 18.47
N ASN D 1205 -6.40 -16.72 17.54
CA ASN D 1205 -6.19 -16.96 16.10
C ASN D 1205 -5.92 -18.43 15.81
N MET D 1206 -6.75 -19.27 16.42
CA MET D 1206 -6.55 -20.71 16.46
C MET D 1206 -7.75 -21.43 15.86
N GLY D 1207 -7.51 -22.38 14.95
CA GLY D 1207 -8.56 -23.29 14.54
C GLY D 1207 -9.52 -22.64 13.57
N GLY D 1208 -10.61 -23.33 13.27
CA GLY D 1208 -11.63 -22.83 12.35
C GLY D 1208 -11.12 -22.46 10.98
N TYR D 1209 -11.76 -21.47 10.36
CA TYR D 1209 -11.23 -20.91 9.12
C TYR D 1209 -10.13 -19.91 9.40
N ASN D 1210 -8.89 -20.39 9.36
CA ASN D 1210 -7.69 -19.60 9.61
C ASN D 1210 -7.78 -18.69 10.84
N GLY D 1211 -8.21 -19.26 11.95
CA GLY D 1211 -8.22 -18.55 13.22
C GLY D 1211 -9.17 -17.39 13.47
N ARG D 1212 -10.18 -17.21 12.63
CA ARG D 1212 -11.06 -16.05 12.77
C ARG D 1212 -12.47 -16.29 12.26
N ILE D 1213 -13.36 -15.34 12.57
CA ILE D 1213 -14.71 -15.27 12.00
C ILE D 1213 -14.63 -15.08 10.49
N LEU D 1214 -15.69 -15.50 9.80
CA LEU D 1214 -15.72 -15.42 8.34
C LEU D 1214 -15.72 -13.97 7.83
N LYS D 1215 -15.26 -13.81 6.61
CA LYS D 1215 -15.17 -12.50 5.96
C LYS D 1215 -15.74 -12.52 4.55
N LEU D 1216 -16.20 -11.37 4.09
CA LEU D 1216 -16.68 -11.23 2.72
C LEU D 1216 -15.62 -11.79 1.79
N GLY D 1217 -16.01 -12.72 0.92
CA GLY D 1217 -15.05 -13.30 0.01
C GLY D 1217 -14.46 -14.67 0.36
N ASP D 1218 -14.48 -15.05 1.64
CA ASP D 1218 -14.00 -16.39 2.01
C ASP D 1218 -14.65 -17.51 1.21
N VAL D 1219 -13.93 -18.61 1.12
CA VAL D 1219 -14.34 -19.76 0.34
C VAL D 1219 -14.12 -21.02 1.15
N LEU D 1220 -15.21 -21.66 1.59
CA LEU D 1220 -15.05 -22.84 2.44
C LEU D 1220 -15.41 -24.15 1.75
N PHE D 1221 -14.51 -25.12 1.89
CA PHE D 1221 -14.60 -26.39 1.18
C PHE D 1221 -15.40 -27.46 1.91
N LEU D 1222 -16.10 -28.28 1.15
CA LEU D 1222 -16.91 -29.36 1.71
C LEU D 1222 -16.30 -30.74 1.46
N ASN D 1223 -17.03 -31.78 1.85
CA ASN D 1223 -16.51 -33.14 1.81
C ASN D 1223 -17.43 -34.05 0.96
N GLN D 1224 -17.55 -33.75 -0.33
CA GLN D 1224 -18.24 -34.64 -1.26
C GLN D 1224 -17.38 -35.89 -1.48
N PRO D 1225 -17.84 -37.07 -1.02
CA PRO D 1225 -17.00 -38.28 -1.08
C PRO D 1225 -16.37 -38.59 -2.45
N GLU D 1226 -17.13 -38.41 -3.54
CA GLU D 1226 -16.59 -38.63 -4.89
C GLU D 1226 -15.59 -37.56 -5.36
N LEU D 1227 -15.88 -36.28 -5.14
CA LEU D 1227 -14.94 -35.20 -5.52
C LEU D 1227 -13.98 -34.77 -4.38
N SER D 1228 -13.71 -35.65 -3.42
CA SER D 1228 -12.82 -35.29 -2.30
C SER D 1228 -11.79 -36.31 -1.84
N VAL D 1229 -10.64 -35.74 -1.49
CA VAL D 1229 -9.64 -36.35 -0.63
C VAL D 1229 -9.70 -35.57 0.69
N SER D 1230 -10.35 -36.16 1.68
CA SER D 1230 -10.57 -35.49 2.95
C SER D 1230 -10.49 -36.44 4.14
N SER D 1231 -10.11 -35.91 5.30
CA SER D 1231 -10.07 -36.72 6.53
C SER D 1231 -11.27 -36.50 7.45
N LEU D 1232 -12.21 -35.68 7.01
CA LEU D 1232 -13.50 -35.50 7.69
C LEU D 1232 -14.33 -36.76 7.83
N PRO D 1233 -14.99 -36.94 8.98
CA PRO D 1233 -15.82 -38.14 9.15
C PRO D 1233 -17.10 -38.08 8.32
N ALA D 1234 -17.23 -39.04 7.41
CA ALA D 1234 -18.44 -39.28 6.62
C ALA D 1234 -19.71 -39.34 7.47
N PRO D 1235 -20.84 -38.89 6.91
CA PRO D 1235 -22.09 -38.86 7.68
C PRO D 1235 -22.54 -40.27 8.10
N ASP D 1236 -23.29 -40.33 9.19
CA ASP D 1236 -23.67 -41.60 9.80
C ASP D 1236 -25.11 -41.99 9.50
N PHE D 1237 -25.91 -41.00 9.11
CA PHE D 1237 -27.36 -41.12 9.21
C PHE D 1237 -27.97 -40.53 7.95
N GLU D 1238 -29.17 -40.95 7.60
CA GLU D 1238 -29.88 -40.32 6.50
C GLU D 1238 -30.39 -39.03 7.11
N PRO D 1239 -30.46 -37.94 6.34
CA PRO D 1239 -31.00 -36.75 6.99
C PRO D 1239 -32.45 -36.94 7.44
N GLN D 1240 -32.91 -36.11 8.36
CA GLN D 1240 -34.24 -36.24 8.96
C GLN D 1240 -34.62 -35.01 9.76
N ALA D 1241 -35.80 -34.44 9.51
CA ALA D 1241 -36.32 -33.39 10.37
C ALA D 1241 -36.21 -33.79 11.84
N ALA D 1242 -35.77 -32.86 12.67
CA ALA D 1242 -35.68 -33.14 14.10
C ALA D 1242 -37.08 -33.36 14.65
N PRO D 1243 -37.29 -34.49 15.36
CA PRO D 1243 -38.55 -34.65 16.09
C PRO D 1243 -38.79 -33.39 16.88
N LYS D 1244 -40.03 -32.94 16.99
CA LYS D 1244 -40.23 -31.64 17.60
C LYS D 1244 -40.18 -31.66 19.12
N SER D 1245 -40.39 -32.83 19.71
CA SER D 1245 -40.30 -32.94 21.17
C SER D 1245 -38.84 -32.83 21.62
N LEU D 1246 -37.92 -33.12 20.70
CA LEU D 1246 -36.48 -32.97 20.96
C LEU D 1246 -35.93 -31.56 20.82
N LEU D 1247 -36.72 -30.64 20.30
CA LEU D 1247 -36.27 -29.24 20.21
C LEU D 1247 -36.20 -28.62 21.60
N PRO D 1248 -35.21 -27.76 21.83
CA PRO D 1248 -35.09 -27.06 23.11
C PRO D 1248 -36.11 -25.94 23.23
N THR D 1249 -36.51 -25.64 24.46
CA THR D 1249 -37.46 -24.56 24.68
C THR D 1249 -36.69 -23.30 25.06
N LEU D 1250 -36.52 -22.44 24.05
CA LEU D 1250 -35.98 -21.11 24.24
C LEU D 1250 -37.00 -20.24 24.97
N SER D 1251 -36.51 -19.29 25.78
CA SER D 1251 -37.42 -18.31 26.38
C SER D 1251 -38.21 -17.57 25.33
N THR D 1252 -39.29 -16.97 25.78
CA THR D 1252 -40.26 -16.38 24.87
C THR D 1252 -40.33 -14.88 25.13
N ASN D 1253 -39.62 -14.44 26.16
CA ASN D 1253 -39.82 -13.13 26.74
C ASN D 1253 -38.59 -12.61 27.49
N LYS D 1254 -37.41 -12.98 26.98
CA LYS D 1254 -36.12 -12.45 27.43
C LYS D 1254 -35.93 -12.70 28.92
N ASP D 1255 -36.41 -13.84 29.38
CA ASP D 1255 -36.38 -14.20 30.79
C ASP D 1255 -36.26 -15.71 30.90
N TRP D 1256 -35.39 -16.15 31.80
CA TRP D 1256 -34.90 -17.52 31.79
C TRP D 1256 -34.66 -18.09 33.19
N LYS D 1257 -34.89 -19.38 33.36
CA LYS D 1257 -34.48 -20.03 34.59
C LYS D 1257 -33.31 -20.90 34.18
N ILE D 1258 -32.23 -20.82 34.93
CA ILE D 1258 -31.00 -21.50 34.53
C ILE D 1258 -30.45 -22.36 35.67
N GLY D 1259 -30.42 -23.68 35.48
CA GLY D 1259 -30.03 -24.61 36.51
C GLY D 1259 -28.53 -24.63 36.78
N VAL D 1260 -28.17 -24.67 38.06
CA VAL D 1260 -26.76 -24.71 38.45
C VAL D 1260 -26.56 -25.67 39.62
N THR D 1261 -25.33 -26.12 39.78
CA THR D 1261 -24.92 -26.80 40.99
C THR D 1261 -24.26 -25.78 41.91
N CYS D 1262 -24.66 -25.77 43.17
CA CYS D 1262 -24.04 -24.89 44.15
C CYS D 1262 -22.56 -25.19 44.32
N GLY D 1263 -21.75 -24.15 44.49
CA GLY D 1263 -20.31 -24.33 44.57
C GLY D 1263 -19.47 -23.83 43.41
N PRO D 1264 -18.18 -23.55 43.67
CA PRO D 1264 -17.44 -23.97 44.88
C PRO D 1264 -17.59 -23.09 46.13
N HIS D 1265 -17.75 -21.80 45.93
CA HIS D 1265 -17.59 -20.87 47.04
C HIS D 1265 -18.86 -20.29 47.61
N GLY D 1266 -20.00 -20.82 47.20
CA GLY D 1266 -21.28 -20.40 47.75
C GLY D 1266 -21.46 -20.87 49.20
N SER D 1267 -20.53 -20.46 50.06
CA SER D 1267 -20.50 -20.88 51.47
C SER D 1267 -20.09 -19.72 52.36
N ILE D 1268 -20.37 -19.79 53.65
CA ILE D 1268 -20.32 -18.58 54.47
C ILE D 1268 -18.91 -18.24 54.98
N ASP D 1269 -17.93 -19.04 54.60
CA ASP D 1269 -16.53 -18.66 54.83
C ASP D 1269 -16.13 -17.47 53.93
N LEU D 1270 -16.90 -17.27 52.86
CA LEU D 1270 -16.65 -16.24 51.85
C LEU D 1270 -17.79 -15.20 51.64
N PHE D 1271 -19.03 -15.66 51.43
CA PHE D 1271 -20.21 -14.78 51.31
C PHE D 1271 -21.09 -14.84 52.55
N LYS D 1272 -21.72 -13.71 52.92
CA LYS D 1272 -22.75 -13.76 53.94
C LYS D 1272 -23.94 -14.60 53.48
N GLU D 1273 -24.49 -15.38 54.42
CA GLU D 1273 -25.77 -16.06 54.25
C GLU D 1273 -26.81 -15.38 53.38
N GLU D 1274 -27.23 -14.19 53.77
CA GLU D 1274 -28.31 -13.54 53.05
C GLU D 1274 -27.92 -13.28 51.59
N TYR D 1275 -26.66 -12.92 51.32
CA TYR D 1275 -26.27 -12.72 49.92
C TYR D 1275 -26.40 -14.00 49.10
N ILE D 1276 -26.00 -15.14 49.66
CA ILE D 1276 -26.30 -16.43 49.03
C ILE D 1276 -27.79 -16.61 48.73
N GLU D 1277 -28.65 -16.29 49.69
CA GLU D 1277 -30.07 -16.26 49.42
C GLU D 1277 -30.39 -15.32 48.27
N GLN D 1278 -29.97 -14.04 48.35
CA GLN D 1278 -30.29 -13.05 47.30
C GLN D 1278 -29.80 -13.54 45.94
N PHE D 1279 -28.66 -14.22 45.92
CA PHE D 1279 -28.06 -14.71 44.68
C PHE D 1279 -29.07 -15.57 43.92
N PHE D 1280 -29.78 -16.42 44.66
CA PHE D 1280 -30.73 -17.35 44.06
C PHE D 1280 -32.15 -16.79 44.02
N ASN D 1281 -32.48 -15.83 44.90
CA ASN D 1281 -33.80 -15.21 44.89
C ASN D 1281 -34.02 -14.15 43.79
N ASP D 1282 -33.09 -13.20 43.67
CA ASP D 1282 -33.18 -12.12 42.67
C ASP D 1282 -32.84 -12.56 41.25
N LYS D 1283 -33.27 -11.73 40.31
CA LYS D 1283 -32.99 -11.92 38.90
C LYS D 1283 -31.74 -11.14 38.47
N TRP D 1284 -31.09 -11.64 37.42
CA TRP D 1284 -29.87 -11.04 36.94
C TRP D 1284 -30.11 -10.52 35.53
N LYS D 1285 -29.58 -9.35 35.25
CA LYS D 1285 -29.74 -8.74 33.94
C LYS D 1285 -28.47 -8.94 33.13
N VAL D 1286 -28.63 -9.37 31.87
CA VAL D 1286 -27.47 -9.55 31.01
C VAL D 1286 -26.88 -8.22 30.57
N HIS D 1287 -25.59 -8.12 30.84
CA HIS D 1287 -24.79 -6.91 30.73
C HIS D 1287 -24.30 -6.90 29.35
N TYR D 1288 -24.13 -5.68 28.88
CA TYR D 1288 -23.75 -5.51 27.54
C TYR D 1288 -22.46 -6.17 27.12
N ASN D 1289 -21.46 -6.15 28.01
CA ASN D 1289 -20.18 -6.85 27.85
C ASN D 1289 -20.18 -8.36 28.10
N SER D 1290 -20.79 -9.02 27.10
CA SER D 1290 -20.88 -10.45 27.02
C SER D 1290 -20.48 -10.94 25.63
N ASN D 1291 -19.77 -12.06 25.62
CA ASN D 1291 -19.36 -12.73 24.39
C ASN D 1291 -18.92 -14.12 24.78
N ARG D 1292 -18.24 -14.80 23.86
CA ARG D 1292 -17.83 -16.17 24.12
C ARG D 1292 -16.80 -16.32 25.26
N PHE D 1293 -16.17 -15.24 25.73
CA PHE D 1293 -15.26 -15.40 26.85
C PHE D 1293 -16.10 -15.61 28.09
N GLY D 1294 -17.32 -15.10 28.03
CA GLY D 1294 -18.20 -15.08 29.18
C GLY D 1294 -19.31 -14.04 29.12
N VAL D 1295 -20.37 -14.29 29.89
CA VAL D 1295 -21.57 -13.49 29.83
C VAL D 1295 -21.73 -12.74 31.15
N ARG D 1296 -21.56 -11.42 31.09
CA ARG D 1296 -21.53 -10.55 32.27
C ARG D 1296 -22.94 -10.25 32.75
N LEU D 1297 -23.09 -10.11 34.07
CA LEU D 1297 -24.41 -10.01 34.67
C LEU D 1297 -24.57 -8.73 35.53
N ILE D 1298 -25.77 -8.17 35.54
CA ILE D 1298 -26.07 -7.04 36.42
C ILE D 1298 -27.08 -7.50 37.46
N GLY D 1299 -26.78 -7.29 38.73
CA GLY D 1299 -27.74 -7.54 39.79
C GLY D 1299 -27.19 -7.15 41.15
N PRO D 1300 -27.66 -7.83 42.21
CA PRO D 1300 -27.36 -7.37 43.57
C PRO D 1300 -25.88 -7.48 43.90
N LYS D 1301 -25.39 -6.54 44.72
CA LYS D 1301 -23.97 -6.47 45.03
C LYS D 1301 -23.68 -7.41 46.20
N PRO D 1302 -22.50 -8.04 46.21
CA PRO D 1302 -22.22 -9.04 47.24
C PRO D 1302 -21.95 -8.48 48.63
N LYS D 1303 -22.25 -9.29 49.65
CA LYS D 1303 -21.86 -8.97 51.01
C LYS D 1303 -20.85 -10.05 51.38
N TRP D 1304 -19.63 -9.61 51.68
CA TRP D 1304 -18.48 -10.50 51.87
C TRP D 1304 -18.31 -10.92 53.32
N ALA D 1305 -17.85 -12.15 53.52
CA ALA D 1305 -17.67 -12.70 54.85
C ALA D 1305 -16.30 -12.28 55.37
N ARG D 1306 -15.43 -11.89 54.46
CA ARG D 1306 -14.09 -11.48 54.84
C ARG D 1306 -13.95 -9.99 54.55
N SER D 1307 -12.99 -9.37 55.20
CA SER D 1307 -12.80 -7.94 55.05
C SER D 1307 -11.90 -7.68 53.84
N ASP D 1308 -11.03 -8.66 53.57
CA ASP D 1308 -10.19 -8.63 52.39
C ASP D 1308 -9.75 -10.05 52.02
N GLY D 1309 -9.05 -10.19 50.91
CA GLY D 1309 -8.50 -11.48 50.50
C GLY D 1309 -7.04 -11.77 50.81
N GLY D 1310 -6.44 -10.99 51.70
CA GLY D 1310 -5.05 -11.17 52.09
C GLY D 1310 -4.08 -11.09 50.93
N GLU D 1311 -2.96 -11.80 51.04
CA GLU D 1311 -1.94 -11.89 49.98
C GLU D 1311 -2.44 -12.14 48.53
N ALA D 1312 -3.59 -12.78 48.33
CA ALA D 1312 -4.07 -13.03 46.97
C ALA D 1312 -4.76 -11.81 46.37
N GLY D 1313 -4.79 -10.73 47.13
CA GLY D 1313 -5.42 -9.49 46.69
C GLY D 1313 -6.33 -8.96 47.79
N LEU D 1314 -6.50 -7.64 47.84
CA LEU D 1314 -7.27 -7.01 48.91
C LEU D 1314 -8.78 -7.18 48.77
N HIS D 1315 -9.32 -7.16 47.55
CA HIS D 1315 -10.78 -7.22 47.41
C HIS D 1315 -11.29 -8.59 47.89
N PRO D 1316 -12.38 -8.62 48.67
CA PRO D 1316 -12.74 -9.89 49.32
C PRO D 1316 -13.14 -11.03 48.38
N SER D 1317 -13.39 -10.73 47.10
CA SER D 1317 -13.63 -11.77 46.12
C SER D 1317 -12.33 -12.39 45.62
N ASN D 1318 -11.21 -11.75 45.93
CA ASN D 1318 -9.91 -12.21 45.47
C ASN D 1318 -9.48 -13.49 46.16
N ALA D 1319 -8.90 -14.41 45.39
CA ALA D 1319 -8.68 -15.76 45.87
C ALA D 1319 -7.32 -16.22 45.36
N HIS D 1320 -6.64 -17.05 46.12
CA HIS D 1320 -5.44 -17.67 45.60
C HIS D 1320 -5.85 -18.42 44.37
N ASP D 1321 -5.29 -17.99 43.25
CA ASP D 1321 -5.69 -18.45 41.94
C ASP D 1321 -5.80 -19.97 41.86
N TYR D 1322 -6.90 -20.40 41.25
CA TYR D 1322 -7.33 -21.78 41.22
C TYR D 1322 -8.07 -21.89 39.91
N VAL D 1323 -8.32 -23.10 39.44
CA VAL D 1323 -8.83 -23.29 38.08
C VAL D 1323 -10.35 -23.36 38.11
N TYR D 1324 -11.00 -22.72 37.15
CA TYR D 1324 -12.43 -22.50 37.24
C TYR D 1324 -13.14 -23.64 36.52
N SER D 1325 -14.44 -23.74 36.75
CA SER D 1325 -15.24 -24.72 36.03
C SER D 1325 -15.92 -24.04 34.86
N LEU D 1326 -15.95 -24.72 33.72
CA LEU D 1326 -16.86 -24.34 32.66
C LEU D 1326 -18.22 -24.09 33.29
N GLY D 1327 -18.76 -22.90 33.08
CA GLY D 1327 -20.09 -22.57 33.54
C GLY D 1327 -20.10 -21.84 34.86
N ALA D 1328 -18.92 -21.71 35.47
CA ALA D 1328 -18.82 -21.13 36.79
C ALA D 1328 -19.29 -19.68 36.74
N ILE D 1329 -19.80 -19.21 37.88
CA ILE D 1329 -20.28 -17.84 37.96
C ILE D 1329 -19.24 -17.12 38.80
N ASN D 1330 -18.40 -16.39 38.09
CA ASN D 1330 -17.18 -15.84 38.65
C ASN D 1330 -17.40 -14.41 39.08
N PHE D 1331 -17.08 -14.11 40.34
CA PHE D 1331 -17.23 -12.77 40.86
C PHE D 1331 -15.98 -11.94 40.71
N THR D 1332 -15.85 -11.24 39.60
CA THR D 1332 -14.67 -10.44 39.34
C THR D 1332 -14.88 -9.14 40.10
N GLY D 1333 -14.40 -9.11 41.34
CA GLY D 1333 -14.78 -8.06 42.26
C GLY D 1333 -16.24 -8.21 42.65
N ASP D 1334 -17.01 -7.16 42.46
CA ASP D 1334 -18.37 -7.10 42.98
C ASP D 1334 -19.40 -7.42 41.92
N GLU D 1335 -18.95 -7.86 40.76
CA GLU D 1335 -19.85 -8.19 39.66
C GLU D 1335 -19.50 -9.56 39.12
N PRO D 1336 -20.53 -10.34 38.77
CA PRO D 1336 -20.29 -11.70 38.31
C PRO D 1336 -20.41 -11.88 36.80
N VAL D 1337 -19.85 -12.99 36.29
CA VAL D 1337 -19.86 -13.25 34.86
C VAL D 1337 -19.85 -14.76 34.69
N ILE D 1338 -20.61 -15.26 33.72
CA ILE D 1338 -20.62 -16.69 33.47
C ILE D 1338 -19.50 -17.09 32.50
N ILE D 1339 -18.60 -17.92 33.00
CA ILE D 1339 -17.50 -18.48 32.23
C ILE D 1339 -17.99 -19.42 31.14
N THR D 1340 -17.80 -19.06 29.87
CA THR D 1340 -18.35 -19.90 28.81
C THR D 1340 -17.24 -20.57 28.00
N CYS D 1341 -17.58 -21.15 26.85
CA CYS D 1341 -16.64 -22.03 26.15
C CYS D 1341 -15.35 -21.42 25.60
N ASP D 1342 -15.30 -20.09 25.42
CA ASP D 1342 -14.03 -19.40 25.11
C ASP D 1342 -13.41 -18.75 26.35
N GLY D 1343 -13.72 -19.30 27.52
CA GLY D 1343 -13.53 -18.59 28.78
C GLY D 1343 -12.25 -18.91 29.52
N PRO D 1344 -11.97 -18.13 30.56
CA PRO D 1344 -10.73 -18.29 31.33
C PRO D 1344 -10.78 -19.51 32.24
N SER D 1345 -9.59 -19.91 32.67
CA SER D 1345 -9.39 -21.23 33.27
C SER D 1345 -8.80 -20.96 34.65
N LEU D 1346 -7.50 -20.66 34.71
CA LEU D 1346 -6.88 -20.36 35.99
C LEU D 1346 -7.12 -18.88 36.32
N GLY D 1347 -7.82 -18.65 37.42
CA GLY D 1347 -8.31 -17.31 37.69
C GLY D 1347 -8.26 -16.96 39.16
N GLY D 1348 -8.44 -15.67 39.45
CA GLY D 1348 -8.08 -15.12 40.74
C GLY D 1348 -9.22 -14.68 41.63
N PHE D 1349 -10.44 -15.08 41.28
CA PHE D 1349 -11.63 -14.70 42.05
C PHE D 1349 -12.47 -15.91 42.42
N VAL D 1350 -13.30 -15.73 43.44
CA VAL D 1350 -14.19 -16.79 43.89
C VAL D 1350 -15.33 -17.02 42.90
N CYS D 1351 -15.80 -18.26 42.82
CA CYS D 1351 -16.93 -18.61 41.99
C CYS D 1351 -18.08 -19.09 42.88
N GLN D 1352 -19.29 -18.62 42.62
CA GLN D 1352 -20.40 -18.86 43.54
C GLN D 1352 -21.04 -20.21 43.24
N ALA D 1353 -21.31 -20.44 41.96
CA ALA D 1353 -22.09 -21.60 41.51
C ALA D 1353 -21.62 -21.93 40.10
N VAL D 1354 -22.08 -23.06 39.56
CA VAL D 1354 -21.70 -23.43 38.19
C VAL D 1354 -22.89 -23.96 37.42
N VAL D 1355 -23.18 -23.30 36.31
CA VAL D 1355 -24.25 -23.71 35.41
C VAL D 1355 -24.03 -25.17 35.06
N ALA D 1356 -25.11 -25.95 35.03
CA ALA D 1356 -24.96 -27.37 34.83
C ALA D 1356 -24.59 -27.56 33.37
N GLU D 1357 -23.74 -28.55 33.08
CA GLU D 1357 -23.25 -28.81 31.72
C GLU D 1357 -24.36 -28.59 30.72
N ALA D 1358 -25.50 -29.21 31.02
CA ALA D 1358 -26.57 -29.37 30.07
C ALA D 1358 -27.45 -28.12 30.08
N GLU D 1359 -27.21 -27.24 31.04
CA GLU D 1359 -27.85 -25.94 31.06
C GLU D 1359 -27.08 -24.82 30.37
N LEU D 1360 -25.79 -25.05 30.08
CA LEU D 1360 -24.96 -24.04 29.42
C LEU D 1360 -25.53 -23.53 28.09
N TRP D 1361 -26.22 -24.39 27.34
CA TRP D 1361 -26.83 -23.96 26.08
C TRP D 1361 -27.73 -22.74 26.24
N LYS D 1362 -28.38 -22.61 27.39
CA LYS D 1362 -29.21 -21.43 27.65
C LYS D 1362 -28.36 -20.18 27.62
N VAL D 1363 -27.20 -20.27 28.26
CA VAL D 1363 -26.30 -19.14 28.38
C VAL D 1363 -25.82 -18.73 26.98
N GLY D 1364 -25.68 -19.72 26.08
CA GLY D 1364 -25.44 -19.42 24.69
C GLY D 1364 -26.55 -18.74 23.88
N GLN D 1365 -27.67 -18.42 24.52
CA GLN D 1365 -28.80 -17.80 23.83
C GLN D 1365 -29.23 -16.50 24.48
N LEU D 1366 -28.56 -16.17 25.57
CA LEU D 1366 -28.73 -14.89 26.25
C LEU D 1366 -28.30 -13.73 25.35
N THR D 1367 -28.99 -12.61 25.48
CA THR D 1367 -28.69 -11.39 24.74
C THR D 1367 -28.73 -10.29 25.78
N PRO D 1368 -28.04 -9.16 25.54
CA PRO D 1368 -28.08 -8.10 26.56
C PRO D 1368 -29.52 -7.72 26.91
N GLY D 1369 -29.77 -7.43 28.18
CA GLY D 1369 -31.11 -7.12 28.63
C GLY D 1369 -31.94 -8.32 29.08
N ASP D 1370 -31.53 -9.53 28.73
CA ASP D 1370 -32.28 -10.69 29.19
C ASP D 1370 -32.22 -10.71 30.70
N THR D 1371 -33.24 -11.30 31.33
CA THR D 1371 -33.18 -11.55 32.75
C THR D 1371 -33.02 -13.04 32.97
N ILE D 1372 -32.34 -13.41 34.04
CA ILE D 1372 -32.15 -14.81 34.37
C ILE D 1372 -32.25 -15.02 35.86
N GLN D 1373 -32.53 -16.25 36.25
CA GLN D 1373 -32.52 -16.64 37.65
C GLN D 1373 -31.83 -17.98 37.77
N PHE D 1374 -30.91 -18.07 38.71
CA PHE D 1374 -30.18 -19.30 38.91
C PHE D 1374 -30.94 -20.20 39.85
N VAL D 1375 -31.11 -21.43 39.40
CA VAL D 1375 -32.01 -22.37 40.02
C VAL D 1375 -31.13 -23.53 40.50
N PRO D 1376 -31.15 -23.80 41.82
CA PRO D 1376 -30.29 -24.86 42.37
C PRO D 1376 -30.66 -26.28 41.94
N LEU D 1377 -29.65 -27.10 41.73
CA LEU D 1377 -29.84 -28.40 41.10
C LEU D 1377 -28.87 -29.36 41.77
N SER D 1378 -29.36 -30.55 42.07
CA SER D 1378 -28.53 -31.60 42.63
C SER D 1378 -27.62 -32.17 41.56
N TYR D 1379 -26.49 -32.74 41.97
CA TYR D 1379 -25.61 -33.44 41.04
C TYR D 1379 -26.40 -34.39 40.14
N GLY D 1380 -27.31 -35.16 40.74
CA GLY D 1380 -28.00 -36.22 40.01
C GLY D 1380 -28.95 -35.71 38.95
N VAL D 1381 -29.75 -34.71 39.32
CA VAL D 1381 -30.67 -34.07 38.39
C VAL D 1381 -29.87 -33.53 37.20
N ALA D 1382 -28.71 -32.96 37.50
CA ALA D 1382 -27.82 -32.37 36.49
C ALA D 1382 -27.36 -33.41 35.48
N ARG D 1383 -27.11 -34.62 35.96
CA ARG D 1383 -26.74 -35.73 35.11
C ARG D 1383 -27.90 -36.21 34.25
N GLN D 1384 -29.10 -36.14 34.81
CA GLN D 1384 -30.30 -36.61 34.13
C GLN D 1384 -30.52 -35.80 32.88
N LEU D 1385 -30.50 -34.48 33.04
CA LEU D 1385 -30.67 -33.57 31.92
C LEU D 1385 -29.63 -33.89 30.85
N LYS D 1386 -28.39 -34.03 31.27
CA LYS D 1386 -27.28 -34.24 30.34
C LYS D 1386 -27.50 -35.52 29.53
N GLU D 1387 -27.72 -36.61 30.23
CA GLU D 1387 -27.93 -37.91 29.59
C GLU D 1387 -29.12 -37.89 28.65
N SER D 1388 -30.15 -37.12 29.00
CA SER D 1388 -31.30 -36.99 28.12
C SER D 1388 -30.93 -36.30 26.82
N GLN D 1389 -29.97 -35.40 26.85
CA GLN D 1389 -29.56 -34.74 25.61
C GLN D 1389 -28.79 -35.72 24.75
N ASP D 1390 -27.94 -36.55 25.36
CA ASP D 1390 -27.18 -37.53 24.58
C ASP D 1390 -28.08 -38.58 23.95
N LYS D 1391 -29.09 -39.04 24.69
CA LYS D 1391 -30.03 -40.03 24.17
C LYS D 1391 -30.87 -39.40 23.07
N SER D 1392 -31.20 -38.13 23.24
CA SER D 1392 -31.99 -37.42 22.24
C SER D 1392 -31.22 -37.35 20.92
N ILE D 1393 -29.95 -36.95 20.96
CA ILE D 1393 -29.12 -36.86 19.75
C ILE D 1393 -28.78 -38.23 19.17
N ASP D 1394 -28.57 -39.23 20.04
CA ASP D 1394 -28.06 -40.51 19.55
C ASP D 1394 -29.15 -41.32 18.87
N ASN D 1395 -30.36 -41.28 19.41
CA ASN D 1395 -31.45 -42.09 18.87
C ASN D 1395 -32.37 -41.28 17.96
N PHE D 1396 -32.63 -40.04 18.37
CA PHE D 1396 -33.38 -39.06 17.59
C PHE D 1396 -34.86 -39.48 17.53
N GLU D 1397 -35.46 -39.62 18.70
CA GLU D 1397 -36.75 -40.29 18.86
C GLU D 1397 -37.63 -39.46 19.81
N GLU D 1398 -38.87 -39.17 19.41
CA GLU D 1398 -39.77 -38.33 20.21
C GLU D 1398 -39.80 -38.66 21.71
N GLY D 1399 -39.76 -37.63 22.55
CA GLY D 1399 -40.00 -37.78 23.97
C GLY D 1399 -38.81 -38.00 24.91
N SER D 1400 -37.60 -38.13 24.37
CA SER D 1400 -36.42 -38.46 25.18
C SER D 1400 -35.66 -37.25 25.77
N LEU D 1401 -36.12 -36.03 25.49
CA LEU D 1401 -35.44 -34.83 26.02
C LEU D 1401 -36.08 -34.36 27.32
N LEU D 1402 -35.25 -34.27 28.35
CA LEU D 1402 -35.70 -33.73 29.63
C LEU D 1402 -35.29 -32.28 29.78
N GLU D 1403 -36.14 -31.51 30.44
CA GLU D 1403 -35.88 -30.10 30.64
C GLU D 1403 -36.26 -29.73 32.05
N LEU D 1404 -35.68 -28.63 32.52
CA LEU D 1404 -36.03 -28.01 33.79
C LEU D 1404 -37.54 -28.05 34.05
N SER D 1405 -37.91 -28.46 35.26
CA SER D 1405 -39.28 -28.39 35.74
C SER D 1405 -39.22 -28.40 37.25
N ASP D 1406 -40.22 -27.81 37.90
CA ASP D 1406 -40.19 -27.59 39.36
C ASP D 1406 -39.80 -28.81 40.21
N ASP D 1407 -40.24 -30.01 39.85
CA ASP D 1407 -39.89 -31.18 40.65
C ASP D 1407 -38.44 -31.64 40.46
N LYS D 1408 -37.72 -31.01 39.53
CA LYS D 1408 -36.30 -31.26 39.37
C LYS D 1408 -35.41 -30.35 40.24
N ILE D 1409 -36.00 -29.30 40.82
CA ILE D 1409 -35.24 -28.24 41.49
C ILE D 1409 -35.18 -28.40 43.03
N LEU D 1410 -33.96 -28.46 43.58
CA LEU D 1410 -33.72 -28.34 45.03
C LEU D 1410 -34.49 -27.19 45.67
N PRO D 1411 -35.09 -27.43 46.85
CA PRO D 1411 -35.87 -26.43 47.60
C PRO D 1411 -35.05 -25.20 48.02
N LYS D 1412 -33.78 -25.42 48.32
CA LYS D 1412 -32.89 -24.36 48.78
C LYS D 1412 -31.47 -24.71 48.34
N TYR D 1413 -30.64 -23.68 48.15
CA TYR D 1413 -29.24 -23.92 47.81
C TYR D 1413 -28.66 -24.85 48.85
N GLU D 1414 -27.74 -25.70 48.42
CA GLU D 1414 -27.09 -26.59 49.35
C GLU D 1414 -25.66 -26.17 49.62
N ASN D 1415 -25.03 -26.85 50.57
CA ASN D 1415 -23.65 -26.60 50.95
C ASN D 1415 -22.65 -27.16 49.93
N PRO D 1416 -21.77 -26.31 49.38
CA PRO D 1416 -20.87 -26.82 48.34
C PRO D 1416 -19.70 -27.62 48.90
N ILE D 1417 -19.49 -27.55 50.21
CA ILE D 1417 -18.36 -28.24 50.84
C ILE D 1417 -18.70 -29.70 51.06
N LEU D 1418 -18.03 -30.57 50.30
CA LEU D 1418 -18.38 -31.99 50.25
C LEU D 1418 -17.72 -32.74 51.40
N ALA D 1419 -16.52 -32.32 51.80
CA ALA D 1419 -15.84 -32.87 52.97
C ALA D 1419 -14.60 -32.07 53.36
N VAL D 1420 -14.28 -32.09 54.66
CA VAL D 1420 -13.05 -31.47 55.16
C VAL D 1420 -12.18 -32.47 55.89
N LEU D 1421 -10.94 -32.63 55.40
CA LEU D 1421 -9.92 -33.34 56.15
C LEU D 1421 -9.14 -32.39 57.05
N PRO D 1422 -8.99 -32.75 58.33
CA PRO D 1422 -8.29 -31.84 59.23
C PRO D 1422 -6.79 -31.80 58.97
N LYS D 1423 -6.16 -30.73 59.42
CA LYS D 1423 -4.72 -30.62 59.29
C LYS D 1423 -4.09 -31.68 60.17
N LYS D 1424 -3.06 -32.35 59.67
CA LYS D 1424 -2.45 -33.43 60.42
C LYS D 1424 -1.04 -33.04 60.80
N SER D 1425 -0.31 -32.48 59.84
CA SER D 1425 1.07 -32.09 60.06
C SER D 1425 1.47 -30.94 59.16
N ASP D 1426 2.74 -30.59 59.22
CA ASP D 1426 3.24 -29.44 58.49
C ASP D 1426 3.17 -29.66 56.97
N LEU D 1427 3.50 -30.86 56.50
CA LEU D 1427 3.42 -31.15 55.05
C LEU D 1427 2.12 -31.82 54.61
N SER D 1428 1.22 -32.04 55.54
CA SER D 1428 -0.05 -32.68 55.20
C SER D 1428 -1.18 -31.86 55.79
N PRO D 1429 -1.54 -30.77 55.08
CA PRO D 1429 -2.46 -29.73 55.54
C PRO D 1429 -3.90 -30.19 55.47
N LYS D 1430 -4.79 -29.34 55.94
CA LYS D 1430 -6.21 -29.60 55.83
C LYS D 1430 -6.62 -29.61 54.36
N VAL D 1431 -7.64 -30.38 54.06
CA VAL D 1431 -8.08 -30.54 52.68
C VAL D 1431 -9.55 -30.21 52.63
N THR D 1432 -9.91 -29.37 51.69
CA THR D 1432 -11.30 -29.02 51.51
C THR D 1432 -11.75 -29.38 50.11
N TYR D 1433 -12.80 -30.20 50.06
CA TYR D 1433 -13.33 -30.70 48.80
C TYR D 1433 -14.61 -29.96 48.48
N ARG D 1434 -14.59 -29.25 47.36
CA ARG D 1434 -15.77 -28.49 46.96
C ARG D 1434 -16.37 -28.92 45.64
N GLN D 1435 -17.69 -28.98 45.62
CA GLN D 1435 -18.43 -29.30 44.42
C GLN D 1435 -18.26 -28.14 43.49
N ALA D 1436 -17.88 -28.41 42.25
CA ALA D 1436 -17.61 -27.33 41.33
C ALA D 1436 -18.14 -27.65 39.97
N GLY D 1437 -19.46 -27.73 39.88
CA GLY D 1437 -20.03 -28.12 38.61
C GLY D 1437 -20.33 -29.59 38.52
N ASP D 1438 -21.35 -29.83 37.70
CA ASP D 1438 -21.71 -31.11 37.11
C ASP D 1438 -20.54 -32.04 36.84
N ARG D 1439 -19.37 -31.46 36.56
CA ARG D 1439 -18.24 -32.16 35.97
C ARG D 1439 -16.97 -32.15 36.80
N TYR D 1440 -16.98 -31.59 38.00
CA TYR D 1440 -15.72 -31.46 38.74
C TYR D 1440 -15.82 -31.35 40.24
N ILE D 1441 -14.72 -31.72 40.88
CA ILE D 1441 -14.57 -31.53 42.31
C ILE D 1441 -13.32 -30.69 42.45
N LEU D 1442 -13.42 -29.59 43.19
CA LEU D 1442 -12.25 -28.77 43.48
C LEU D 1442 -11.59 -29.19 44.78
N VAL D 1443 -10.31 -29.51 44.73
CA VAL D 1443 -9.57 -29.87 45.95
C VAL D 1443 -8.73 -28.69 46.41
N GLU D 1444 -8.98 -28.19 47.62
CA GLU D 1444 -8.23 -27.04 48.14
C GLU D 1444 -7.35 -27.36 49.35
N TYR D 1445 -6.04 -27.13 49.23
CA TYR D 1445 -5.13 -27.33 50.36
C TYR D 1445 -4.96 -26.11 51.26
N GLY D 1446 -4.85 -26.39 52.55
CA GLY D 1446 -4.39 -25.44 53.56
C GLY D 1446 -5.45 -24.49 54.03
N GLU D 1447 -5.05 -23.53 54.86
CA GLU D 1447 -5.84 -22.33 55.06
C GLU D 1447 -5.62 -21.46 53.83
N LEU D 1448 -6.34 -20.35 53.73
CA LEU D 1448 -6.24 -19.50 52.54
C LEU D 1448 -4.91 -18.76 52.57
N GLU D 1449 -3.90 -19.35 51.95
CA GLU D 1449 -2.51 -19.14 52.30
C GLU D 1449 -1.60 -19.78 51.26
N PHE D 1450 -0.45 -19.18 50.99
CA PHE D 1450 0.46 -19.81 50.06
C PHE D 1450 1.52 -20.55 50.86
N ASP D 1451 1.98 -21.64 50.30
CA ASP D 1451 3.01 -22.48 50.91
C ASP D 1451 3.54 -23.33 49.77
N LEU D 1452 4.80 -23.14 49.39
CA LEU D 1452 5.41 -23.95 48.33
C LEU D 1452 5.21 -25.46 48.43
N ASN D 1453 5.24 -26.00 49.64
CA ASN D 1453 5.11 -27.43 49.83
C ASN D 1453 3.82 -27.99 49.26
N ILE D 1454 2.74 -27.29 49.56
CA ILE D 1454 1.44 -27.58 48.98
C ILE D 1454 1.47 -27.68 47.46
N CYS D 1455 2.37 -26.95 46.80
CA CYS D 1455 2.46 -27.06 45.34
C CYS D 1455 3.06 -28.40 44.96
N TYR D 1456 4.07 -28.86 45.69
CA TYR D 1456 4.62 -30.17 45.38
C TYR D 1456 3.60 -31.24 45.70
N ARG D 1457 2.81 -30.99 46.72
CA ARG D 1457 1.80 -31.93 47.17
C ARG D 1457 0.73 -32.16 46.12
N ILE D 1458 0.37 -31.08 45.45
CA ILE D 1458 -0.64 -31.18 44.41
C ILE D 1458 -0.08 -32.06 43.29
N ASN D 1459 1.22 -31.90 43.05
CA ASN D 1459 1.93 -32.67 42.03
C ASN D 1459 1.87 -34.13 42.46
N ARG D 1460 1.88 -34.37 43.76
CA ARG D 1460 1.94 -35.73 44.27
C ARG D 1460 0.55 -36.36 44.20
N LEU D 1461 -0.48 -35.60 44.58
CA LEU D 1461 -1.86 -36.04 44.38
C LEU D 1461 -2.10 -36.49 42.94
N ILE D 1462 -1.66 -35.68 41.98
CA ILE D 1462 -1.85 -35.99 40.57
C ILE D 1462 -1.17 -37.32 40.26
N HIS D 1463 0.01 -37.51 40.86
CA HIS D 1463 0.82 -38.69 40.66
C HIS D 1463 0.12 -39.91 41.24
N GLN D 1464 -0.57 -39.72 42.35
CA GLN D 1464 -1.32 -40.81 42.96
C GLN D 1464 -2.50 -41.22 42.10
N VAL D 1465 -3.12 -40.31 41.38
CA VAL D 1465 -4.18 -40.72 40.46
C VAL D 1465 -3.63 -41.49 39.26
N GLU D 1466 -2.44 -41.11 38.78
CA GLU D 1466 -1.85 -41.78 37.63
C GLU D 1466 -1.38 -43.17 37.99
N ARG D 1467 -0.88 -43.27 39.22
CA ARG D 1467 -0.35 -44.51 39.76
C ARG D 1467 -1.49 -45.46 39.86
N HIS D 1468 -2.58 -44.89 40.34
CA HIS D 1468 -3.79 -45.63 40.43
C HIS D 1468 -4.46 -45.64 39.09
N GLN D 1469 -4.02 -44.88 38.10
CA GLN D 1469 -4.75 -45.04 36.85
C GLN D 1469 -6.27 -44.86 37.01
N THR D 1470 -6.78 -43.97 37.84
CA THR D 1470 -8.25 -43.96 38.04
C THR D 1470 -9.15 -43.98 36.77
N VAL D 1471 -10.11 -44.91 36.72
CA VAL D 1471 -11.12 -44.85 35.67
C VAL D 1471 -12.06 -43.69 35.98
N GLY D 1472 -12.43 -42.94 34.95
CA GLY D 1472 -13.42 -41.91 35.08
C GLY D 1472 -12.87 -40.50 35.13
N ILE D 1473 -11.61 -40.36 35.52
CA ILE D 1473 -11.00 -39.04 35.66
C ILE D 1473 -10.54 -38.50 34.30
N VAL D 1474 -11.00 -37.30 33.96
CA VAL D 1474 -10.76 -36.72 32.65
C VAL D 1474 -9.51 -35.82 32.61
N GLU D 1475 -9.32 -34.96 33.62
CA GLU D 1475 -8.23 -33.99 33.59
C GLU D 1475 -8.07 -33.33 34.96
N MET D 1476 -6.83 -33.23 35.41
CA MET D 1476 -6.54 -32.56 36.66
C MET D 1476 -5.74 -31.28 36.38
N SER D 1477 -6.28 -30.17 36.89
CA SER D 1477 -5.75 -28.84 36.60
C SER D 1477 -5.12 -28.12 37.80
N GLN D 1478 -3.80 -27.97 37.78
CA GLN D 1478 -3.08 -27.30 38.87
C GLN D 1478 -3.36 -25.81 39.07
N GLY D 1479 -3.71 -25.46 40.30
CA GLY D 1479 -3.68 -24.07 40.71
C GLY D 1479 -2.68 -23.85 41.82
N VAL D 1480 -2.79 -22.72 42.50
CA VAL D 1480 -1.77 -22.31 43.46
C VAL D 1480 -1.76 -23.19 44.68
N ARG D 1481 -2.94 -23.52 45.17
CA ARG D 1481 -3.02 -24.32 46.37
C ARG D 1481 -4.13 -25.33 46.22
N SER D 1482 -4.46 -25.61 44.97
CA SER D 1482 -5.61 -26.40 44.66
C SER D 1482 -5.38 -27.16 43.37
N VAL D 1483 -6.30 -28.05 43.06
CA VAL D 1483 -6.29 -28.73 41.79
C VAL D 1483 -7.74 -29.05 41.46
N LEU D 1484 -8.10 -28.90 40.19
CA LEU D 1484 -9.47 -29.15 39.82
C LEU D 1484 -9.52 -30.46 39.09
N ILE D 1485 -10.47 -31.30 39.49
CA ILE D 1485 -10.55 -32.63 38.95
C ILE D 1485 -11.83 -32.78 38.13
N GLU D 1486 -11.67 -33.02 36.83
CA GLU D 1486 -12.83 -33.17 35.98
C GLU D 1486 -13.10 -34.65 35.85
N PHE D 1487 -14.36 -35.05 36.00
CA PHE D 1487 -14.70 -36.45 35.83
C PHE D 1487 -15.81 -36.70 34.81
N ASP D 1488 -15.89 -37.97 34.41
CA ASP D 1488 -16.94 -38.51 33.55
C ASP D 1488 -17.93 -39.28 34.43
N GLY D 1489 -19.07 -38.64 34.68
CA GLY D 1489 -20.12 -39.20 35.53
C GLY D 1489 -20.70 -40.53 35.06
N SER D 1490 -20.55 -40.82 33.77
CA SER D 1490 -20.94 -42.12 33.26
C SER D 1490 -19.92 -43.22 33.62
N LYS D 1491 -18.73 -42.82 34.06
CA LYS D 1491 -17.69 -43.77 34.49
C LYS D 1491 -17.44 -43.80 36.01
N ILE D 1492 -17.73 -42.70 36.70
CA ILE D 1492 -17.49 -42.60 38.14
C ILE D 1492 -18.40 -41.50 38.65
N ASN D 1493 -19.10 -41.72 39.76
CA ASN D 1493 -19.98 -40.67 40.23
C ASN D 1493 -19.27 -39.81 41.24
N GLN D 1494 -19.92 -38.70 41.58
CA GLN D 1494 -19.38 -37.72 42.51
C GLN D 1494 -18.93 -38.36 43.82
N LYS D 1495 -19.79 -39.17 44.42
CA LYS D 1495 -19.52 -39.75 45.73
C LYS D 1495 -18.30 -40.65 45.68
N ALA D 1496 -18.23 -41.45 44.62
CA ALA D 1496 -17.11 -42.37 44.42
C ALA D 1496 -15.78 -41.66 44.24
N LEU D 1497 -15.78 -40.60 43.45
CA LEU D 1497 -14.55 -39.86 43.21
C LEU D 1497 -14.05 -39.19 44.48
N LEU D 1498 -14.98 -38.59 45.22
CA LEU D 1498 -14.70 -38.04 46.55
C LEU D 1498 -13.98 -39.03 47.43
N LYS D 1499 -14.53 -40.23 47.59
CA LYS D 1499 -13.85 -41.22 48.41
C LYS D 1499 -12.49 -41.67 47.90
N CYS D 1500 -12.30 -41.91 46.60
CA CYS D 1500 -10.97 -42.32 46.13
C CYS D 1500 -9.97 -41.23 46.48
N LEU D 1501 -10.40 -39.98 46.32
CA LEU D 1501 -9.53 -38.83 46.52
C LEU D 1501 -9.14 -38.72 48.00
N ILE D 1502 -10.14 -38.82 48.89
CA ILE D 1502 -9.90 -38.79 50.34
C ILE D 1502 -8.87 -39.82 50.65
N ALA D 1503 -8.95 -40.90 49.87
CA ALA D 1503 -8.17 -42.08 50.14
C ALA D 1503 -6.77 -42.01 49.58
N TYR D 1504 -6.61 -41.62 48.33
CA TYR D 1504 -5.27 -41.43 47.81
C TYR D 1504 -4.52 -40.39 48.58
N GLU D 1505 -5.27 -39.48 49.17
CA GLU D 1505 -4.69 -38.35 49.89
C GLU D 1505 -3.79 -38.84 51.01
N SER D 1506 -4.15 -39.94 51.62
CA SER D 1506 -3.34 -40.45 52.71
C SER D 1506 -2.11 -41.20 52.18
N GLU D 1507 -2.00 -41.41 50.87
CA GLU D 1507 -0.87 -42.14 50.32
C GLU D 1507 0.27 -41.27 49.92
N ILE D 1508 0.00 -39.99 49.93
CA ILE D 1508 1.00 -39.05 49.52
C ILE D 1508 2.07 -39.04 50.59
N GLN D 1509 3.29 -39.38 50.20
CA GLN D 1509 4.41 -39.34 51.12
C GLN D 1509 5.53 -38.51 50.53
N PHE D 1510 6.02 -37.53 51.27
CA PHE D 1510 7.24 -36.82 50.87
C PHE D 1510 7.78 -36.02 52.04
N ASP D 1511 9.04 -35.59 51.94
CA ASP D 1511 9.61 -34.78 53.00
C ASP D 1511 9.99 -33.40 52.50
N LYS D 1512 10.21 -32.49 53.44
CA LYS D 1512 10.57 -31.11 53.13
C LYS D 1512 11.71 -30.94 52.12
N ASN D 1513 12.52 -31.98 51.90
CA ASN D 1513 13.68 -31.88 51.02
C ASN D 1513 13.45 -32.21 49.54
N TRP D 1514 12.21 -32.14 49.06
CA TRP D 1514 11.87 -32.57 47.70
C TRP D 1514 12.59 -31.73 46.63
N ASN D 1515 12.71 -32.28 45.42
CA ASN D 1515 13.14 -31.51 44.26
C ASN D 1515 12.33 -31.79 42.98
N VAL D 1516 12.45 -30.90 42.00
CA VAL D 1516 11.73 -31.00 40.74
C VAL D 1516 12.56 -30.46 39.59
N LYS D 1517 12.34 -31.00 38.39
CA LYS D 1517 12.95 -30.40 37.20
C LYS D 1517 12.37 -28.99 37.08
N SER D 1518 13.21 -28.01 36.80
CA SER D 1518 12.76 -26.63 36.65
C SER D 1518 13.50 -25.89 35.53
N LYS D 1519 12.76 -25.50 34.50
CA LYS D 1519 13.31 -24.63 33.46
C LYS D 1519 13.33 -23.13 33.86
N ILE D 1520 14.49 -22.50 33.64
CA ILE D 1520 14.69 -21.10 34.00
C ILE D 1520 14.63 -20.23 32.76
N PHE D 1521 13.60 -19.40 32.69
CA PHE D 1521 13.42 -18.51 31.55
C PHE D 1521 13.89 -17.09 31.91
N LYS D 1522 14.75 -16.51 31.09
CA LYS D 1522 15.08 -15.10 31.22
C LYS D 1522 14.48 -14.28 30.06
N LEU D 1523 13.52 -13.42 30.40
CA LEU D 1523 12.66 -12.80 29.42
C LEU D 1523 12.74 -11.29 29.43
N PRO D 1524 12.87 -10.69 28.24
CA PRO D 1524 13.00 -9.22 28.17
C PRO D 1524 11.70 -8.51 28.55
N MET D 1525 11.74 -7.45 29.34
CA MET D 1525 10.51 -6.72 29.61
C MET D 1525 10.69 -5.21 29.60
N ALA D 1526 9.86 -4.53 28.81
CA ALA D 1526 9.69 -3.08 28.89
C ALA D 1526 8.80 -2.63 30.04
N PHE D 1527 9.38 -1.92 31.00
CA PHE D 1527 8.63 -1.25 32.04
C PHE D 1527 7.68 -0.15 31.55
N GLU D 1528 6.39 -0.36 31.76
CA GLU D 1528 5.35 0.67 31.54
C GLU D 1528 5.41 1.28 30.15
N ASP D 1529 5.41 0.42 29.15
CA ASP D 1529 5.47 0.86 27.78
C ASP D 1529 4.12 1.40 27.38
N SER D 1530 4.02 1.86 26.14
CA SER D 1530 2.80 2.52 25.72
C SER D 1530 1.58 1.62 25.65
N LYS D 1531 1.78 0.36 25.29
CA LYS D 1531 0.66 -0.55 25.07
C LYS D 1531 0.12 -1.01 26.42
N THR D 1532 1.01 -1.16 27.38
CA THR D 1532 0.60 -1.46 28.74
C THR D 1532 -0.22 -0.31 29.33
N LEU D 1533 0.31 0.91 29.26
CA LEU D 1533 -0.41 2.08 29.75
C LEU D 1533 -1.73 2.28 29.03
N ASP D 1534 -1.74 2.09 27.71
CA ASP D 1534 -2.98 2.29 26.96
C ASP D 1534 -4.07 1.31 27.40
N CYS D 1535 -3.69 0.19 28.02
CA CYS D 1535 -4.66 -0.86 28.39
C CYS D 1535 -5.42 -0.31 29.58
N VAL D 1536 -4.72 0.39 30.47
CA VAL D 1536 -5.33 1.08 31.61
C VAL D 1536 -6.18 2.27 31.17
N THR D 1537 -5.67 3.01 30.18
CA THR D 1537 -6.40 4.15 29.64
C THR D 1537 -7.75 3.71 29.14
N ARG D 1538 -7.75 2.66 28.30
CA ARG D 1538 -8.96 2.08 27.75
C ARG D 1538 -9.89 1.68 28.88
N TYR D 1539 -9.33 1.17 29.98
CA TYR D 1539 -10.13 0.73 31.13
C TYR D 1539 -10.74 1.94 31.87
N ARG D 1540 -9.98 3.04 31.98
CA ARG D 1540 -10.48 4.28 32.58
C ARG D 1540 -11.62 4.86 31.77
N GLU D 1541 -11.56 4.71 30.45
CA GLU D 1541 -12.53 5.35 29.58
C GLU D 1541 -13.71 4.49 29.17
N THR D 1542 -13.68 3.18 29.44
CA THR D 1542 -14.79 2.31 28.98
C THR D 1542 -15.62 1.67 30.11
N ILE D 1543 -15.04 1.64 31.31
CA ILE D 1543 -15.59 0.79 32.35
C ILE D 1543 -15.60 1.48 33.74
N ARG D 1544 -14.42 1.87 34.21
CA ARG D 1544 -14.27 2.54 35.50
C ARG D 1544 -13.14 3.59 35.44
N SER D 1545 -13.50 4.87 35.59
CA SER D 1545 -12.51 5.94 35.41
C SER D 1545 -11.77 6.31 36.69
N GLU D 1546 -12.36 5.91 37.80
CA GLU D 1546 -11.73 6.06 39.10
C GLU D 1546 -11.79 4.85 39.99
N ALA D 1547 -10.69 4.60 40.68
CA ALA D 1547 -10.54 3.47 41.59
C ALA D 1547 -9.25 3.63 42.37
N PRO D 1548 -9.14 2.97 43.53
CA PRO D 1548 -7.88 3.17 44.26
C PRO D 1548 -6.61 2.68 43.52
N TRP D 1549 -6.77 1.94 42.43
CA TRP D 1549 -5.64 1.35 41.70
C TRP D 1549 -5.46 2.12 40.41
N LEU D 1550 -6.18 3.22 40.33
CA LEU D 1550 -6.20 4.05 39.15
C LEU D 1550 -5.69 5.42 39.63
N PRO D 1551 -5.12 6.23 38.73
CA PRO D 1551 -4.97 6.11 37.28
C PRO D 1551 -3.79 5.24 36.84
N ASN D 1552 -2.84 5.03 37.73
CA ASN D 1552 -1.63 4.29 37.39
C ASN D 1552 -1.42 3.09 38.31
N ASN D 1553 -1.43 1.88 37.74
CA ASN D 1553 -1.38 0.64 38.53
C ASN D 1553 -0.11 0.48 39.35
N VAL D 1554 1.05 0.90 38.83
CA VAL D 1554 2.33 0.71 39.52
C VAL D 1554 2.39 1.64 40.76
N ASP D 1555 1.86 2.84 40.62
CA ASP D 1555 1.75 3.78 41.72
C ASP D 1555 0.89 3.26 42.85
N PHE D 1556 -0.26 2.68 42.50
CA PHE D 1556 -1.01 1.84 43.44
C PHE D 1556 -0.16 0.78 44.14
N ILE D 1557 0.58 -0.08 43.42
CA ILE D 1557 1.43 -1.08 44.09
C ILE D 1557 2.34 -0.34 45.08
N ALA D 1558 3.03 0.67 44.56
CA ALA D 1558 3.99 1.46 45.32
C ALA D 1558 3.38 2.07 46.58
N ASP D 1559 2.22 2.70 46.41
CA ASP D 1559 1.55 3.39 47.51
C ASP D 1559 1.03 2.46 48.63
N VAL D 1560 0.37 1.35 48.28
CA VAL D 1560 -0.27 0.47 49.27
C VAL D 1560 0.81 -0.31 50.03
N ASN D 1561 1.98 -0.47 49.41
CA ASN D 1561 3.13 -1.14 50.04
C ASN D 1561 4.12 -0.15 50.70
N ASP D 1562 3.86 1.14 50.57
CA ASP D 1562 4.77 2.19 51.07
C ASP D 1562 6.20 2.17 50.49
N ILE D 1563 6.33 2.03 49.18
CA ILE D 1563 7.64 2.10 48.57
C ILE D 1563 7.58 3.09 47.41
N ASP D 1564 8.73 3.31 46.78
CA ASP D 1564 8.76 4.14 45.58
C ASP D 1564 8.39 3.27 44.40
N ARG D 1565 7.77 3.85 43.37
CA ARG D 1565 7.46 3.11 42.14
C ARG D 1565 8.69 2.39 41.55
N ASN D 1566 9.88 2.96 41.72
CA ASN D 1566 11.09 2.34 41.17
C ASN D 1566 11.57 1.15 42.01
N ASP D 1567 11.13 1.07 43.27
CA ASP D 1567 11.29 -0.15 44.06
C ASP D 1567 10.50 -1.30 43.42
N VAL D 1568 9.30 -0.99 42.94
CA VAL D 1568 8.48 -1.96 42.21
C VAL D 1568 9.23 -2.39 40.96
N LYS D 1569 9.74 -1.41 40.20
CA LYS D 1569 10.46 -1.71 38.97
C LYS D 1569 11.66 -2.58 39.33
N ASN D 1570 12.32 -2.26 40.45
CA ASN D 1570 13.48 -3.04 40.85
C ASN D 1570 13.21 -4.50 41.16
N MET D 1571 12.08 -4.79 41.81
CA MET D 1571 11.79 -6.17 42.17
C MET D 1571 11.42 -6.99 40.94
N LEU D 1572 10.69 -6.38 40.01
CA LEU D 1572 10.37 -7.05 38.75
C LEU D 1572 11.64 -7.51 38.03
N TYR D 1573 12.75 -6.78 38.23
CA TYR D 1573 13.99 -7.13 37.56
C TYR D 1573 15.00 -7.85 38.45
N SER D 1574 14.60 -8.18 39.68
CA SER D 1574 15.44 -9.03 40.51
C SER D 1574 14.72 -10.24 41.08
N ALA D 1575 13.39 -10.28 40.94
CA ALA D 1575 12.61 -11.38 41.53
C ALA D 1575 12.80 -12.67 40.74
N LYS D 1576 12.60 -13.80 41.42
CA LYS D 1576 12.62 -15.09 40.76
C LYS D 1576 11.21 -15.67 40.85
N PHE D 1577 10.51 -15.65 39.71
CA PHE D 1577 9.10 -16.00 39.69
C PHE D 1577 8.91 -17.49 39.41
N MET D 1578 8.45 -18.24 40.41
CA MET D 1578 8.11 -19.64 40.18
C MET D 1578 6.69 -19.82 39.66
N VAL D 1579 6.57 -20.38 38.46
CA VAL D 1579 5.26 -20.74 37.90
C VAL D 1579 4.54 -21.75 38.79
N LEU D 1580 3.34 -21.41 39.25
CA LEU D 1580 2.57 -22.34 40.07
C LEU D 1580 1.49 -23.07 39.28
N GLY D 1581 1.04 -22.46 38.18
CA GLY D 1581 -0.01 -23.04 37.36
C GLY D 1581 -0.07 -22.37 35.99
N LEU D 1582 -0.79 -22.97 35.04
CA LEU D 1582 -0.91 -22.36 33.71
C LEU D 1582 -2.35 -21.93 33.36
N GLY D 1583 -2.45 -20.98 32.44
CA GLY D 1583 -3.71 -20.42 31.97
C GLY D 1583 -4.32 -19.34 32.85
N ASP D 1584 -3.44 -18.52 33.43
CA ASP D 1584 -3.82 -17.30 34.12
C ASP D 1584 -3.38 -16.03 33.40
N VAL D 1585 -4.04 -15.65 32.32
CA VAL D 1585 -5.27 -16.25 31.87
C VAL D 1585 -5.11 -16.49 30.36
N PHE D 1586 -5.44 -17.72 29.94
CA PHE D 1586 -5.43 -18.22 28.54
C PHE D 1586 -4.06 -18.65 28.02
N LEU D 1587 -4.08 -19.61 27.08
CA LEU D 1587 -2.89 -20.14 26.39
C LEU D 1587 -1.58 -20.15 27.19
N GLY D 1588 -1.59 -20.93 28.27
CA GLY D 1588 -0.39 -21.15 29.08
C GLY D 1588 0.14 -19.94 29.83
N SER D 1589 -0.69 -18.89 29.91
CA SER D 1589 -0.40 -17.74 30.76
C SER D 1589 -0.13 -18.20 32.20
N PRO D 1590 1.04 -17.83 32.74
CA PRO D 1590 1.43 -18.37 34.04
C PRO D 1590 0.83 -17.61 35.22
N CYS D 1591 0.68 -18.31 36.34
CA CYS D 1591 0.54 -17.64 37.62
C CYS D 1591 1.75 -17.96 38.48
N ALA D 1592 2.55 -16.93 38.77
CA ALA D 1592 3.86 -17.14 39.35
C ALA D 1592 3.96 -16.36 40.64
N VAL D 1593 4.96 -16.69 41.44
CA VAL D 1593 5.12 -16.07 42.75
C VAL D 1593 6.58 -15.86 43.04
N PRO D 1594 6.94 -14.69 43.58
CA PRO D 1594 8.38 -14.52 43.76
C PRO D 1594 8.90 -15.52 44.78
N LEU D 1595 10.09 -16.03 44.53
CA LEU D 1595 10.68 -17.03 45.43
C LEU D 1595 11.19 -16.34 46.69
N ASP D 1596 11.49 -15.05 46.57
CA ASP D 1596 11.87 -14.23 47.71
C ASP D 1596 10.61 -13.65 48.35
N PRO D 1597 10.33 -14.00 49.61
CA PRO D 1597 9.13 -13.53 50.30
C PRO D 1597 9.11 -12.00 50.44
N ARG D 1598 10.29 -11.38 50.42
CA ARG D 1598 10.35 -9.91 50.44
C ARG D 1598 10.00 -9.27 49.11
N HIS D 1599 9.61 -10.09 48.15
CA HIS D 1599 9.23 -9.58 46.84
C HIS D 1599 7.71 -9.65 46.66
N ARG D 1600 7.01 -9.95 47.74
CA ARG D 1600 5.58 -10.21 47.63
C ARG D 1600 4.89 -8.99 48.20
N TYR D 1601 4.22 -8.31 47.29
CA TYR D 1601 3.62 -7.03 47.55
C TYR D 1601 2.13 -7.16 47.68
N LEU D 1602 1.56 -6.35 48.56
CA LEU D 1602 0.11 -6.23 48.62
C LEU D 1602 -0.39 -5.66 47.31
N GLY D 1603 -1.69 -5.77 47.07
CA GLY D 1603 -2.27 -5.36 45.81
C GLY D 1603 -3.74 -5.69 45.78
N THR D 1604 -4.25 -5.83 44.57
CA THR D 1604 -5.63 -6.26 44.34
C THR D 1604 -5.82 -6.53 42.86
N LYS D 1605 -6.87 -7.27 42.53
CA LYS D 1605 -7.19 -7.56 41.15
C LYS D 1605 -8.27 -6.55 40.83
N TYR D 1606 -8.50 -6.25 39.56
CA TYR D 1606 -9.44 -5.18 39.20
C TYR D 1606 -10.85 -5.49 39.67
N ASN D 1607 -11.63 -4.43 39.91
CA ASN D 1607 -13.05 -4.54 40.26
C ASN D 1607 -13.87 -3.49 39.46
N PRO D 1608 -14.51 -3.91 38.36
CA PRO D 1608 -14.50 -5.24 37.75
C PRO D 1608 -13.28 -5.40 36.85
N SER D 1609 -13.08 -6.59 36.29
CA SER D 1609 -11.94 -6.85 35.43
C SER D 1609 -12.03 -6.10 34.10
N ARG D 1610 -10.89 -5.94 33.45
CA ARG D 1610 -10.81 -5.36 32.12
C ARG D 1610 -11.46 -6.29 31.12
N THR D 1611 -11.79 -5.79 29.93
CA THR D 1611 -12.25 -6.69 28.87
C THR D 1611 -11.12 -6.91 27.88
N TYR D 1612 -10.08 -6.09 27.99
CA TYR D 1612 -9.00 -6.10 27.04
C TYR D 1612 -7.64 -5.91 27.67
N THR D 1613 -6.68 -6.71 27.20
CA THR D 1613 -5.30 -6.61 27.62
C THR D 1613 -4.40 -6.95 26.43
N ALA D 1614 -3.20 -6.38 26.40
CA ALA D 1614 -2.36 -6.50 25.22
C ALA D 1614 -1.51 -7.75 25.35
N ARG D 1615 -1.17 -8.36 24.23
CA ARG D 1615 -0.31 -9.53 24.22
C ARG D 1615 1.06 -9.25 24.85
N GLY D 1616 1.46 -10.09 25.80
CA GLY D 1616 2.76 -10.01 26.45
C GLY D 1616 2.83 -9.13 27.69
N VAL D 1617 1.76 -8.40 27.96
CA VAL D 1617 1.66 -7.59 29.17
C VAL D 1617 1.93 -8.41 30.42
N VAL D 1618 2.74 -7.86 31.33
CA VAL D 1618 3.03 -8.50 32.60
C VAL D 1618 2.18 -7.89 33.70
N GLY D 1619 1.58 -8.74 34.53
CA GLY D 1619 0.74 -8.25 35.60
C GLY D 1619 1.13 -8.68 36.99
N ILE D 1620 0.57 -7.97 37.97
CA ILE D 1620 0.76 -8.30 39.38
C ILE D 1620 -0.62 -8.25 40.02
N GLY D 1621 -1.03 -9.39 40.58
CA GLY D 1621 -2.34 -9.58 41.18
C GLY D 1621 -2.11 -10.07 42.59
N GLY D 1622 -2.37 -9.20 43.54
CA GLY D 1622 -1.96 -9.41 44.91
C GLY D 1622 -0.46 -9.62 44.84
N MET D 1623 0.02 -10.75 45.35
CA MET D 1623 1.44 -11.03 45.25
C MET D 1623 1.84 -11.84 44.01
N TYR D 1624 0.89 -12.16 43.16
CA TYR D 1624 1.20 -13.08 42.06
C TYR D 1624 1.51 -12.33 40.79
N MET D 1625 2.30 -12.97 39.93
CA MET D 1625 2.68 -12.39 38.65
C MET D 1625 2.12 -13.19 37.47
N CYS D 1626 1.64 -12.50 36.42
CA CYS D 1626 1.22 -13.20 35.22
C CYS D 1626 1.72 -12.55 33.94
N ILE D 1627 1.84 -13.33 32.89
CA ILE D 1627 2.11 -12.83 31.54
C ILE D 1627 0.88 -13.19 30.71
N TYR D 1628 0.26 -12.18 30.13
CA TYR D 1628 -0.93 -12.43 29.33
C TYR D 1628 -0.46 -12.96 27.98
N ASN D 1629 -0.49 -14.27 27.77
CA ASN D 1629 0.04 -14.83 26.52
C ASN D 1629 -0.79 -14.52 25.28
N ALA D 1630 -2.03 -14.09 25.48
CA ALA D 1630 -2.87 -13.83 24.31
C ALA D 1630 -3.28 -12.38 24.12
N GLU D 1631 -3.38 -11.98 22.85
CA GLU D 1631 -3.80 -10.64 22.49
C GLU D 1631 -5.31 -10.46 22.64
N GLY D 1632 -5.71 -9.43 23.37
CA GLY D 1632 -7.12 -9.12 23.52
C GLY D 1632 -7.82 -9.98 24.55
N SER D 1633 -7.16 -10.29 25.66
CA SER D 1633 -7.81 -11.09 26.69
C SER D 1633 -8.24 -10.27 27.89
N PRO D 1634 -9.41 -10.62 28.47
CA PRO D 1634 -9.86 -10.00 29.72
C PRO D 1634 -8.79 -10.22 30.76
N GLY D 1635 -8.74 -9.38 31.77
CA GLY D 1635 -7.65 -9.44 32.72
C GLY D 1635 -7.94 -8.59 33.92
N GLY D 1636 -7.33 -8.95 35.04
CA GLY D 1636 -7.68 -8.32 36.30
C GLY D 1636 -6.46 -7.93 37.08
N TYR D 1637 -5.29 -8.39 36.65
CA TYR D 1637 -4.06 -8.03 37.34
C TYR D 1637 -3.65 -6.58 37.10
N GLN D 1638 -2.92 -6.03 38.06
CA GLN D 1638 -2.27 -4.71 37.93
C GLN D 1638 -1.17 -4.72 36.88
N LEU D 1639 -1.26 -3.80 35.93
CA LEU D 1639 -0.39 -3.84 34.76
C LEU D 1639 0.87 -3.03 35.00
N VAL D 1640 1.97 -3.62 34.60
CA VAL D 1640 3.29 -3.27 35.08
C VAL D 1640 4.35 -3.12 33.99
N GLY D 1641 4.15 -3.79 32.86
CA GLY D 1641 5.10 -3.80 31.74
C GLY D 1641 4.80 -4.90 30.74
N ARG D 1642 5.70 -5.15 29.78
CA ARG D 1642 5.41 -6.13 28.72
C ARG D 1642 6.64 -6.95 28.30
N THR D 1643 6.40 -8.25 28.16
CA THR D 1643 7.33 -9.22 27.59
C THR D 1643 6.87 -9.73 26.24
N ILE D 1644 7.39 -10.90 25.91
CA ILE D 1644 6.98 -11.67 24.76
C ILE D 1644 6.00 -12.71 25.27
N THR D 1645 5.05 -13.07 24.44
CA THR D 1645 4.12 -14.12 24.79
C THR D 1645 4.83 -15.43 25.09
N ALA D 1646 4.38 -16.12 26.12
CA ALA D 1646 4.92 -17.44 26.42
C ALA D 1646 3.99 -18.49 25.80
N TRP D 1647 3.38 -18.14 24.67
CA TRP D 1647 2.64 -19.11 23.87
C TRP D 1647 3.09 -19.05 22.42
N ASP D 1648 3.53 -20.19 21.91
CA ASP D 1648 4.12 -20.24 20.59
C ASP D 1648 3.19 -21.11 19.76
N LYS D 1649 2.12 -20.49 19.27
CA LYS D 1649 1.03 -21.19 18.59
C LYS D 1649 1.50 -22.25 17.60
N LEU D 1650 2.49 -21.91 16.79
CA LEU D 1650 2.96 -22.83 15.77
C LEU D 1650 4.25 -23.55 16.14
N VAL D 1651 4.66 -23.41 17.39
CA VAL D 1651 5.85 -24.07 17.91
C VAL D 1651 7.02 -23.80 16.96
N ILE D 1652 7.15 -22.56 16.51
CA ILE D 1652 8.24 -22.22 15.62
C ILE D 1652 9.35 -21.44 16.32
N GLY D 1653 9.16 -21.18 17.60
CA GLY D 1653 10.04 -20.27 18.32
C GLY D 1653 11.44 -20.89 18.38
N ASP D 1654 12.41 -20.10 18.82
CA ASP D 1654 13.77 -20.64 18.92
C ASP D 1654 13.99 -21.02 20.40
N HIS D 1655 13.55 -22.23 20.75
CA HIS D 1655 13.59 -22.73 22.12
C HIS D 1655 13.51 -24.25 22.07
N PRO D 1656 13.76 -24.95 23.20
CA PRO D 1656 13.60 -26.40 23.09
C PRO D 1656 12.26 -26.95 23.60
N ILE D 1657 11.18 -26.21 23.47
CA ILE D 1657 9.91 -26.70 23.97
C ILE D 1657 9.10 -27.30 22.83
N ASP D 1658 8.49 -28.46 23.08
CA ASP D 1658 7.84 -29.24 22.02
C ASP D 1658 6.35 -28.98 21.81
N HIS D 1659 5.70 -28.27 22.73
CA HIS D 1659 4.32 -27.80 22.53
C HIS D 1659 4.18 -26.26 22.62
N PRO D 1660 3.01 -25.69 22.22
CA PRO D 1660 2.84 -24.22 22.28
C PRO D 1660 3.02 -23.54 23.63
N TRP D 1661 2.63 -24.16 24.74
CA TRP D 1661 2.83 -23.51 26.03
C TRP D 1661 4.27 -23.70 26.49
N LEU D 1662 5.01 -22.60 26.61
CA LEU D 1662 6.45 -22.66 26.86
C LEU D 1662 6.77 -22.99 28.31
N LEU D 1663 5.86 -22.64 29.22
CA LEU D 1663 6.13 -22.83 30.64
C LEU D 1663 5.47 -24.08 31.24
N THR D 1664 6.00 -24.52 32.37
CA THR D 1664 5.48 -25.64 33.16
C THR D 1664 5.48 -25.23 34.62
N PRO D 1665 4.52 -25.73 35.43
CA PRO D 1665 4.62 -25.45 36.87
C PRO D 1665 5.98 -25.84 37.43
N PHE D 1666 6.50 -25.02 38.35
CA PHE D 1666 7.85 -25.15 38.96
C PHE D 1666 8.98 -24.51 38.12
N ASP D 1667 8.72 -24.20 36.86
CA ASP D 1667 9.62 -23.31 36.13
C ASP D 1667 9.82 -21.95 36.78
N GLN D 1668 10.87 -21.26 36.36
CA GLN D 1668 11.19 -19.94 36.88
C GLN D 1668 11.32 -18.90 35.77
N VAL D 1669 10.70 -17.75 35.99
CA VAL D 1669 10.80 -16.65 35.05
C VAL D 1669 11.55 -15.50 35.72
N GLU D 1670 12.60 -15.01 35.07
CA GLU D 1670 13.27 -13.81 35.50
C GLU D 1670 13.16 -12.75 34.42
N PHE D 1671 12.94 -11.50 34.82
CA PHE D 1671 12.90 -10.41 33.86
C PHE D 1671 14.22 -9.61 33.77
N TYR D 1672 14.58 -9.21 32.56
CA TYR D 1672 15.67 -8.25 32.33
C TYR D 1672 15.18 -7.06 31.51
N PRO D 1673 15.70 -5.86 31.80
CA PRO D 1673 15.27 -4.59 31.18
C PRO D 1673 15.58 -4.39 29.69
N VAL D 1674 14.53 -4.11 28.92
CA VAL D 1674 14.70 -3.52 27.59
C VAL D 1674 13.81 -2.30 27.38
N THR D 1675 14.19 -1.52 26.39
CA THR D 1675 13.44 -0.34 25.98
C THR D 1675 12.18 -0.81 25.22
N GLU D 1676 11.11 0.00 25.18
CA GLU D 1676 9.94 -0.34 24.34
C GLU D 1676 10.32 -0.69 22.90
N GLU D 1677 11.11 0.16 22.23
CA GLU D 1677 11.51 -0.11 20.84
C GLU D 1677 12.40 -1.37 20.73
N GLU D 1678 13.28 -1.62 21.72
CA GLU D 1678 14.09 -2.87 21.72
C GLU D 1678 13.19 -4.09 21.86
N LEU D 1679 12.09 -3.93 22.57
CA LEU D 1679 11.12 -5.01 22.75
C LEU D 1679 10.29 -5.30 21.51
N GLU D 1680 9.94 -4.27 20.73
CA GLU D 1680 9.20 -4.50 19.49
C GLU D 1680 10.10 -5.20 18.48
N VAL D 1681 11.41 -5.01 18.61
CA VAL D 1681 12.32 -5.67 17.70
C VAL D 1681 12.28 -7.16 18.05
N ILE D 1682 12.52 -7.45 19.32
CA ILE D 1682 12.47 -8.80 19.84
C ILE D 1682 11.14 -9.52 19.54
N ILE D 1683 10.04 -8.79 19.70
CA ILE D 1683 8.71 -9.36 19.49
C ILE D 1683 8.54 -9.85 18.05
N GLU D 1684 8.84 -8.99 17.07
CA GLU D 1684 8.79 -9.38 15.66
C GLU D 1684 9.75 -10.55 15.38
N ASP D 1685 10.97 -10.47 15.89
CA ASP D 1685 11.95 -11.54 15.69
C ASP D 1685 11.42 -12.86 16.25
N ASN D 1686 10.78 -12.80 17.41
CA ASN D 1686 10.32 -14.00 18.07
C ASN D 1686 9.09 -14.61 17.37
N ASP D 1687 8.26 -13.77 16.75
CA ASP D 1687 7.10 -14.27 16.01
C ASP D 1687 7.50 -15.04 14.75
N ASN D 1688 8.76 -14.86 14.34
CA ASN D 1688 9.27 -15.49 13.15
C ASN D 1688 10.38 -16.48 13.50
N GLY D 1689 10.47 -16.81 14.79
CA GLY D 1689 11.44 -17.77 15.29
C GLY D 1689 12.91 -17.40 15.19
N LYS D 1690 13.17 -16.10 15.02
CA LYS D 1690 14.53 -15.60 14.99
C LYS D 1690 15.00 -14.98 16.29
N PHE D 1691 14.29 -15.26 17.38
CA PHE D 1691 14.75 -14.77 18.68
C PHE D 1691 15.05 -15.93 19.61
N LYS D 1692 16.24 -15.91 20.19
CA LYS D 1692 16.79 -17.02 20.96
C LYS D 1692 16.42 -16.85 22.43
N ILE D 1693 15.33 -17.47 22.81
CA ILE D 1693 14.88 -17.48 24.19
C ILE D 1693 15.93 -18.10 25.10
N ASP D 1694 16.23 -17.42 26.21
CA ASP D 1694 17.28 -17.85 27.11
C ASP D 1694 16.59 -18.82 28.09
N VAL D 1695 16.78 -20.10 27.84
CA VAL D 1695 16.22 -21.13 28.69
C VAL D 1695 17.29 -22.11 29.10
N GLU D 1696 17.35 -22.38 30.39
CA GLU D 1696 18.24 -23.41 30.90
C GLU D 1696 17.48 -24.47 31.69
N GLU D 1697 17.68 -25.74 31.34
CA GLU D 1697 17.18 -26.84 32.17
C GLU D 1697 17.95 -26.89 33.47
N SER D 1698 17.26 -26.83 34.61
CA SER D 1698 17.89 -27.22 35.88
C SER D 1698 16.93 -27.89 36.86
N ILE D 1699 17.26 -27.78 38.15
CA ILE D 1699 16.56 -28.50 39.21
C ILE D 1699 16.28 -27.56 40.37
N PHE D 1700 15.02 -27.42 40.77
CA PHE D 1700 14.73 -26.68 42.00
C PHE D 1700 14.71 -27.59 43.21
N ASP D 1701 15.52 -27.23 44.20
CA ASP D 1701 15.77 -28.09 45.35
C ASP D 1701 15.18 -27.47 46.61
N HIS D 1702 14.17 -28.08 47.20
CA HIS D 1702 13.49 -27.42 48.32
C HIS D 1702 14.41 -27.40 49.55
N LYS D 1703 15.35 -28.35 49.62
CA LYS D 1703 16.28 -28.43 50.74
C LYS D 1703 17.19 -27.21 50.69
N GLU D 1704 17.64 -26.90 49.48
CA GLU D 1704 18.53 -25.77 49.26
C GLU D 1704 17.80 -24.45 49.51
N TYR D 1705 16.59 -24.35 48.95
CA TYR D 1705 15.70 -23.21 49.17
C TYR D 1705 15.42 -22.94 50.67
N LEU D 1706 15.09 -23.99 51.42
CA LEU D 1706 14.82 -23.82 52.85
C LEU D 1706 16.05 -23.34 53.61
N ALA D 1707 17.22 -23.62 53.06
CA ALA D 1707 18.47 -23.19 53.66
C ALA D 1707 18.71 -21.73 53.35
N TRP D 1708 18.29 -21.33 52.15
CA TRP D 1708 18.33 -19.93 51.75
C TRP D 1708 17.39 -19.08 52.60
N ILE D 1709 16.21 -19.61 52.95
CA ILE D 1709 15.31 -18.87 53.83
C ILE D 1709 16.00 -18.60 55.16
N ASN D 1710 16.68 -19.60 55.70
CA ASN D 1710 17.43 -19.41 56.93
C ASN D 1710 18.47 -18.31 56.88
N GLU D 1711 19.46 -18.38 55.98
CA GLU D 1711 20.46 -17.29 55.87
C GLU D 1711 19.87 -15.91 55.57
N ASN D 1712 18.57 -15.73 55.80
CA ASN D 1712 17.85 -14.52 55.44
C ASN D 1712 16.56 -14.41 56.25
N ILE D 1713 16.30 -15.39 57.11
CA ILE D 1713 15.08 -15.43 57.93
C ILE D 1713 14.80 -14.08 58.61
N ASP D 1714 15.88 -13.39 59.02
CA ASP D 1714 15.78 -12.19 59.81
C ASP D 1714 15.14 -11.07 59.00
N SER D 1715 15.78 -10.79 57.87
CA SER D 1715 15.26 -9.87 56.86
C SER D 1715 13.85 -10.21 56.39
N ILE D 1716 13.60 -11.49 56.13
CA ILE D 1716 12.27 -11.95 55.73
C ILE D 1716 11.20 -11.59 56.76
N VAL D 1717 11.47 -11.89 58.04
CA VAL D 1717 10.49 -11.68 59.10
C VAL D 1717 10.23 -10.19 59.37
N ALA D 1718 11.31 -9.41 59.50
CA ALA D 1718 11.20 -7.95 59.48
C ALA D 1718 10.29 -7.42 58.37
N PHE D 1719 10.53 -7.84 57.13
CA PHE D 1719 9.68 -7.45 56.02
C PHE D 1719 8.21 -7.82 56.24
N GLN D 1720 7.98 -9.06 56.69
CA GLN D 1720 6.62 -9.56 56.85
C GLN D 1720 5.85 -8.90 57.97
N GLU D 1721 6.49 -8.64 59.10
CA GLU D 1721 5.79 -8.11 60.25
C GLU D 1721 5.33 -6.70 59.90
N ALA D 1722 6.14 -6.02 59.09
CA ALA D 1722 5.88 -4.63 58.72
C ALA D 1722 5.10 -4.40 57.41
N GLN D 1723 4.19 -5.29 57.02
CA GLN D 1723 3.64 -5.17 55.66
C GLN D 1723 2.27 -4.46 55.60
N GLY D 1724 1.30 -4.88 56.41
CA GLY D 1724 -0.01 -4.24 56.32
C GLY D 1724 -0.16 -3.11 57.33
N GLY D 1725 -1.38 -2.86 57.78
CA GLY D 1725 -1.62 -1.78 58.73
C GLY D 1725 -2.90 -1.03 58.42
N GLU D 1726 -3.05 0.15 59.01
CA GLU D 1726 -4.25 0.95 58.78
C GLU D 1726 -4.36 1.45 57.34
N LYS D 1727 -3.22 1.72 56.71
CA LYS D 1727 -3.20 2.26 55.35
C LYS D 1727 -3.70 1.25 54.32
N ALA D 1728 -3.19 0.03 54.41
CA ALA D 1728 -3.68 -1.08 53.58
C ALA D 1728 -5.17 -1.35 53.80
N ASP D 1729 -5.65 -1.21 55.03
CA ASP D 1729 -7.07 -1.41 55.32
C ASP D 1729 -7.98 -0.33 54.72
N GLU D 1730 -7.53 0.92 54.70
CA GLU D 1730 -8.32 1.97 54.04
C GLU D 1730 -8.43 1.63 52.56
N PHE D 1731 -7.30 1.22 51.99
CA PHE D 1731 -7.29 0.75 50.62
C PHE D 1731 -8.27 -0.39 50.42
N ALA D 1732 -8.22 -1.39 51.29
CA ALA D 1732 -9.12 -2.54 51.18
C ALA D 1732 -10.58 -2.09 51.28
N ARG D 1733 -10.82 -1.07 52.09
CA ARG D 1733 -12.17 -0.50 52.22
C ARG D 1733 -12.58 0.21 50.91
N LEU D 1734 -11.76 1.16 50.44
CA LEU D 1734 -12.03 1.85 49.17
C LEU D 1734 -12.18 0.89 47.97
N ILE D 1735 -11.29 -0.11 47.87
CA ILE D 1735 -11.23 -1.07 46.75
C ILE D 1735 -12.57 -1.81 46.62
N GLN D 1736 -13.26 -2.00 47.76
CA GLN D 1736 -14.53 -2.75 47.88
C GLN D 1736 -15.77 -1.99 47.40
N VAL D 1737 -15.64 -0.74 47.01
CA VAL D 1737 -16.81 0.04 46.59
C VAL D 1737 -17.25 -0.40 45.19
#